data_7CPY
#
_entry.id   7CPY
#
loop_
_entity.id
_entity.type
_entity.pdbx_description
1 polymer 'Lovastatin nonaketide synthase, enoyl reductase component lovC'
2 polymer 'Lovastatin nonaketide synthase, polyketide synthase component'
3 non-polymer 'NADP NICOTINAMIDE-ADENINE-DINUCLEOTIDE PHOSPHATE'
#
loop_
_entity_poly.entity_id
_entity_poly.type
_entity_poly.pdbx_seq_one_letter_code
_entity_poly.pdbx_strand_id
1 'polypeptide(L)'
;MGDQPFIPPPQQTALTVNDHDEVTVWNAAPCPMLPRDQVYVRVEAVAINPSDTKMRGQFATPWAFLGTDYAGTVVAVGSD
VTHIQVGDRVYGAQNEMCPRTPDQGAFSQYTVTRGRVWAKIPKGLSFEQAAALPAGISTAGLAMKLLGLPLPSPSADQPP
THSKPVYVLVYGGSTATATVTMQMLRLSGYIPIATCSPHNFDLAKSRGAEEVFDYRAPNLAQTIRTYTKNNLRYALDCIT
NVESTTFCFAAIGRAGGHYVSLNPFPEHAATRKMVTTDWTLGPTIFGEGSTWPAPYGRPGSEEERQFGEDLWRIAGQLVE
DGRLVHHPLRVVQGGFDHIKQGMELVRKGELSGEKLVVRLEGPLEHHHHHH
;
C,D
2 'polypeptide(L)'
;MAQSMYPNEPIVVVGSGCRFPGDANTPSKLWELLQHPRDVQSRIPKERFDVDTFYHPDGKHHGRTNAPYAYVLQDDLGAF
DAAFFNIQAGEAESMDPQHRLLLETVYEAVTNAGMRIQDLQGTSTAVYVGVMTHDYETVSTRDLESIPTYSATGVAVSVA
SNRISYFFDWHGPSMTIDTACSSSLVAVHLAVQQLRTGQSSMAIAAGANLILGPMTFVLESKLSMLSPSGRSRMWDAGAD
GYARGEAVCSVVLKTLSQALRDGDTIECVIRETGVNQDGRTTGITMPNHSAQEALIKATYAQAGLDITKAEDRCQFFEAH
GTGTPAGDPQEAEAIATAFFGHEQVARSDGNERAPLFVGSAKTVVGHTEGTAGLAGLMKASFAVRHGVIPPNLLFDKISP
RVAPFYKNLRIPTEATQWPALPPGQPRRASVNSFGFGGTNAHAIIEEYMEPEQNQLRVSNNEDCPPMTGVLSLPLVLSAK
SQRSLKIMMEEMLQFLQSHPEIHLHDLTWSLLRKRSVLPFRRAIVGHSHETIRRALEDAIEDGIVSSDFTTEVRGQPSVL
GIFTGQGAQWPGMLKNLIEASPYVRNIVRELDDSLQSLPEKYRPSWTLLDQFMLEGEASNVQYATFSQPLCCAVQIVLVR
LLEAARIRFTAVVGHSSGEIACAFAAGLISASLAIRIAYLRGVVSAGGARGTPGAMLAAGMSFEEAQEICELDAFEGRIC
VAASNSPDSVTFSGDANAIDHLKGMLEDESTFARLLKVDTAYHSHHMLPCADPYMQALEECGCAVADAGSPAGSVPWYSS
VDAENRQMAARDVTAKYWKDNLVSPVLFSHAVQRAVVTHKALDIGIEVGCHPALKSPCVATIKDVLSGVDLAYTGCLERG
KNDLDSFSRALAYLWERFGASSFDADEFMRAVAPDRPCMSVSKLLPAYPWDRSRRYWVESRATRHHLRGPKPHLLLGKLS
EYSTPLSFQWLNFVRPRDIEWLDGHALQGQTVFPAAGYIVMAMEAALMIAGTHAKQVKLLEILDMSIDKAVIFDDEDSLV
ELNLTADVSRNAGEAGSMTISFKIDSCLSKEGNLSLSAKGQLALTIEDVNPRTTSASDQHHLPPPEEEHPHMNRVNINAF
YHELGLMGYNYSKDFRRLHNMQRADLRASGTLDFIPLMDEGNGCPLLLHPASLDVAFQTVIGAYSSPGDRRLRCLYVPTH
VDRITLVPSLCLATAESGCEKVAFNTINTYDKGDYLSGDIVVFDAEQTTLFQVENITFKPFSPPDASTDHAMFARWSWGP
LTPDSLLDNPEYWATAQDKEAIPIIERIVYFYIRSFLSQLTLEERQQAAFHLQKQIEWLEQVLASAKEGRHLWYDPGWEN
DTEAQIEHLCTANSYHPHVRLVQRVGQHLLPTVRSNGNPFDLLDHDGLLTEFYTNTLSFGPALHYARELVAQIAHRYQSM
DILEIGAGTGGATKYVLATPQLGFNSYTYTDISTGFFEQAREQFAPFEDRMVFEPLDIRRSPAEQGFEPHAYDLIIASNV
LHATPDLEKTMAHARSLLKPGGQMVILEITHKEHTRLGFIFGLFADWWAGVDDGRCTEPFVSFDRWDAILKRVGFSGVDS
RTTDRDANLFPTSVFSTHAIDATVEYLDAPLASSGTVKDSYPPLVVVGGQTPQSQRLLNDIKAIMPPRPLQTYKRLVDLL
DAEELPMKSTFVMLTELDEELFAGLTEETFEATKLLLTYASNTVWLTENAWVQHPHQASTIGMLRSIRREHPDLGVHVLD
VDAVETFDATFLVEQVLRLEEHTDELASSTTWTQEPEVSWCKGRPWIPRLKRDLARNNRMNSSRRPIYEMIDSSRAPVAL
QTARDSSSYFLESAETWFVPESVQQMETKTIYVHFSCPHALRVQALGFFYLVQGHVQEGNREVPVVALAERNASIVHVRP
DYIYTEADNNLSEGGGSLMVTVLAAAVLAETVISTAKCLGVTDSILVLNPPSICGQMLLHAGEEIGLQVHLATTSGNRSS
VSAGDAKSWLTLHARDTDWHLRRVLPRGVQALVDLSADQSCEGLTQRMMKVLMPGCAHYRAADLFTDTVSTELHSGSRHQ
ASLPAAYWEHVVSLARQGLPSVSEGWEVMPCTQFAAHADKTRPDLSTVISWPRESDEATLPTRVRSIDAETLFAADKTYL
LVGLTGDLGRSLGRWMVQHGACHIVLTSRNPQVNPKWLAHVEELGGRVTVLSMDVTSQNSVEAGLAKLKDLHLPPVGGIA
FGPLVLQDVMLNNMELPMMEMVLNPKVEGVRILHEKFSDPTSSNPLDFFVMFSSIVAVMGNPGQANYSAANCYLQALAQQ
RVASGLAASTIDIGAVYGVGFVTRAELEEDFNAIRFMFDSVEEHELHTLFAEAVVAGRRAVHQQEQQRKFATVLDMADLE
LTTGIPPLDPALKDRITFFDDPRIGNLKIPEYRGAKAGEGAAGSKGSVKEQLLQATNLDQVRQIVIDGLSAKLQVTLQIP
DGESVHPTIPLIDQGVDSLGAVTVGTWFSKQLYLDLPLLKVLGGASITDLANEAAARLPPSSIPLVAATDGGAESTDNTS
ENEVSGREDTDLSAAATITEPSSADEDDTEPGDEDVPRSHHPLSLGQEYSWRIQQGAEDPTVFNNTIGMFMKGSIDLKRL
YKALRAVLRRHEIFRTGFANVDENGMAQLVFGQTKNKVQTIQVSDRAGAEEGYRQLVQTRYNPAAGDTLRLVDFFWGQDD
HLLVVAYHRLVGDGSTTENIFVEAGQLYDGTSLSPHVPQFADLAARQRAMLEDGRMEEDLAYWKKMHYRPSSIPVLPLMR
PLVGNSSRSDTPNFQHCGPWQQHEAVARLDPMVAFRIKERSRKHKATPMQFYLAAYQVLLARLTDSTDLTVGLADTNRAT
VDEMAAMGFFANLLPLRFRDFRPHITFGEHLIATRDLVREALQHARVPYGVLLDQLGLEVPVPTSNQPAPLFQAVFDYKQ
GQAESGTIGGAKITEVIATRERTPYDVVLEMSDDPTKDPLLTAKLQSSRYEAHHPQAFLESYMSLLSMFSMNPALKLAHV
HHHHHH
;
A,B
#
# COMPACT_ATOMS: atom_id res chain seq x y z
N GLN A 4 -150.90 -22.57 -17.47
CA GLN A 4 -150.34 -21.93 -16.24
C GLN A 4 -148.98 -22.54 -15.82
N PRO A 5 -148.82 -23.89 -15.84
CA PRO A 5 -147.43 -24.38 -15.83
C PRO A 5 -146.68 -23.96 -17.09
N PHE A 6 -145.40 -23.65 -16.92
CA PHE A 6 -144.58 -23.22 -18.03
C PHE A 6 -143.75 -24.38 -18.61
N ILE A 7 -143.76 -24.48 -19.92
CA ILE A 7 -143.02 -25.48 -20.65
C ILE A 7 -142.08 -24.71 -21.55
N PRO A 8 -140.76 -24.82 -21.32
CA PRO A 8 -139.80 -24.13 -22.18
C PRO A 8 -139.81 -24.66 -23.60
N PRO A 9 -139.50 -23.79 -24.59
CA PRO A 9 -139.42 -24.25 -25.97
C PRO A 9 -138.47 -25.45 -26.07
N PRO A 10 -138.67 -26.32 -27.08
CA PRO A 10 -137.85 -27.53 -27.25
C PRO A 10 -136.38 -27.29 -27.62
N GLN A 11 -136.10 -26.19 -28.32
CA GLN A 11 -134.74 -25.81 -28.68
C GLN A 11 -134.72 -24.31 -28.94
N GLN A 12 -133.50 -23.75 -29.07
CA GLN A 12 -133.37 -22.32 -29.38
C GLN A 12 -132.07 -22.04 -30.11
N THR A 13 -131.86 -20.77 -30.45
CA THR A 13 -130.56 -20.27 -30.94
C THR A 13 -129.79 -19.66 -29.77
N ALA A 14 -128.51 -20.00 -29.72
CA ALA A 14 -127.62 -19.49 -28.67
C ALA A 14 -126.24 -19.36 -29.30
N LEU A 15 -125.39 -18.49 -28.74
CA LEU A 15 -124.04 -18.33 -29.27
C LEU A 15 -123.10 -19.15 -28.38
N THR A 16 -122.23 -19.95 -29.00
CA THR A 16 -121.38 -20.86 -28.23
C THR A 16 -120.00 -20.97 -28.86
N VAL A 17 -119.21 -21.90 -28.34
CA VAL A 17 -117.95 -22.24 -28.97
C VAL A 17 -117.99 -23.73 -29.37
N ASN A 18 -117.46 -23.98 -30.58
CA ASN A 18 -117.21 -25.28 -31.21
C ASN A 18 -116.34 -26.28 -30.49
N ASP A 19 -116.22 -27.44 -31.12
CA ASP A 19 -115.18 -28.39 -30.80
C ASP A 19 -113.84 -27.97 -31.42
N HIS A 20 -113.89 -27.00 -32.34
CA HIS A 20 -112.70 -26.50 -33.03
C HIS A 20 -112.39 -25.04 -32.71
N ASP A 21 -112.78 -24.61 -31.50
CA ASP A 21 -112.46 -23.27 -30.96
C ASP A 21 -112.92 -22.12 -31.86
N GLU A 22 -114.09 -22.26 -32.47
CA GLU A 22 -114.66 -21.18 -33.23
C GLU A 22 -115.97 -20.78 -32.59
N VAL A 23 -116.22 -19.48 -32.56
CA VAL A 23 -117.48 -18.94 -32.08
C VAL A 23 -118.54 -19.30 -33.12
N THR A 24 -119.64 -19.89 -32.64
CA THR A 24 -120.65 -20.49 -33.51
C THR A 24 -122.09 -20.21 -33.06
N VAL A 25 -122.91 -19.75 -34.01
CA VAL A 25 -124.36 -19.67 -33.84
C VAL A 25 -124.95 -21.09 -33.91
N TRP A 26 -125.65 -21.49 -32.86
CA TRP A 26 -126.17 -22.85 -32.76
C TRP A 26 -127.70 -22.78 -32.70
N ASN A 27 -128.36 -23.29 -33.75
CA ASN A 27 -129.82 -23.10 -33.90
C ASN A 27 -130.69 -24.20 -33.29
N ALA A 28 -130.03 -25.17 -32.66
CA ALA A 28 -130.67 -26.30 -32.02
C ALA A 28 -130.15 -26.47 -30.56
N ALA A 29 -129.82 -25.33 -29.94
CA ALA A 29 -129.33 -25.30 -28.56
C ALA A 29 -130.49 -25.59 -27.58
N PRO A 30 -130.18 -26.17 -26.41
CA PRO A 30 -131.23 -26.43 -25.40
C PRO A 30 -131.77 -25.15 -24.77
N CYS A 31 -133.00 -25.22 -24.25
CA CYS A 31 -133.52 -24.17 -23.37
C CYS A 31 -133.38 -24.61 -21.91
N PRO A 32 -132.99 -23.68 -21.00
CA PRO A 32 -132.84 -24.00 -19.59
C PRO A 32 -134.18 -24.38 -18.94
N MET A 33 -134.11 -25.13 -17.84
CA MET A 33 -135.28 -25.43 -17.04
C MET A 33 -135.46 -24.27 -16.06
N LEU A 34 -136.67 -24.05 -15.57
CA LEU A 34 -136.98 -22.92 -14.72
C LEU A 34 -136.81 -23.23 -13.22
N PRO A 35 -135.79 -22.66 -12.56
CA PRO A 35 -135.71 -22.82 -11.09
C PRO A 35 -136.91 -22.19 -10.35
N ARG A 36 -137.30 -22.79 -9.23
CA ARG A 36 -138.43 -22.30 -8.40
C ARG A 36 -138.21 -20.86 -7.94
N ASP A 37 -136.96 -20.50 -7.70
CA ASP A 37 -136.60 -19.18 -7.18
C ASP A 37 -136.11 -18.16 -8.25
N GLN A 38 -136.34 -18.47 -9.53
CA GLN A 38 -135.91 -17.58 -10.63
C GLN A 38 -137.05 -17.33 -11.60
N VAL A 39 -136.81 -16.46 -12.59
CA VAL A 39 -137.82 -16.14 -13.59
C VAL A 39 -137.29 -16.49 -14.98
N TYR A 40 -138.21 -16.74 -15.91
CA TYR A 40 -137.79 -17.11 -17.25
C TYR A 40 -137.81 -15.87 -18.11
N VAL A 41 -136.73 -15.66 -18.86
CA VAL A 41 -136.54 -14.44 -19.61
C VAL A 41 -136.40 -14.67 -21.12
N ARG A 42 -137.27 -14.03 -21.88
CA ARG A 42 -137.10 -13.88 -23.29
C ARG A 42 -136.15 -12.71 -23.48
N VAL A 43 -134.94 -13.01 -23.94
CA VAL A 43 -133.88 -12.00 -24.08
C VAL A 43 -134.18 -11.04 -25.20
N GLU A 44 -134.15 -9.76 -24.87
CA GLU A 44 -134.45 -8.67 -25.79
C GLU A 44 -133.20 -7.91 -26.26
N ALA A 45 -132.25 -7.66 -25.34
CA ALA A 45 -130.99 -7.07 -25.71
C ALA A 45 -129.84 -7.73 -24.93
N VAL A 46 -128.64 -7.72 -25.55
CA VAL A 46 -127.40 -8.19 -24.90
C VAL A 46 -126.27 -7.18 -25.12
N ALA A 47 -125.31 -7.14 -24.19
CA ALA A 47 -124.10 -6.34 -24.36
C ALA A 47 -122.90 -7.26 -24.50
N ILE A 48 -121.92 -6.78 -25.25
CA ILE A 48 -120.72 -7.50 -25.49
C ILE A 48 -119.65 -7.03 -24.47
N ASN A 49 -118.93 -7.99 -23.91
CA ASN A 49 -117.85 -7.69 -22.98
C ASN A 49 -116.57 -8.31 -23.44
N PRO A 50 -115.40 -7.68 -23.15
CA PRO A 50 -114.13 -8.33 -23.51
C PRO A 50 -114.00 -9.75 -22.96
N SER A 51 -114.53 -9.98 -21.77
CA SER A 51 -114.44 -11.32 -21.21
C SER A 51 -115.11 -12.42 -22.07
N ASP A 52 -116.22 -12.08 -22.76
CA ASP A 52 -116.83 -12.98 -23.79
C ASP A 52 -115.77 -13.44 -24.82
N THR A 53 -114.98 -12.47 -25.30
CA THR A 53 -114.05 -12.71 -26.40
C THR A 53 -112.84 -13.54 -25.96
N LYS A 54 -112.65 -13.70 -24.65
CA LYS A 54 -111.53 -14.49 -24.13
C LYS A 54 -111.90 -15.94 -23.82
N MET A 55 -113.16 -16.31 -24.05
CA MET A 55 -113.66 -17.69 -23.81
C MET A 55 -113.29 -18.58 -25.01
N ARG A 56 -112.07 -19.11 -24.99
CA ARG A 56 -111.42 -19.67 -26.17
C ARG A 56 -110.20 -20.38 -25.68
N GLY A 57 -109.78 -21.46 -26.34
CA GLY A 57 -108.72 -22.32 -25.78
C GLY A 57 -109.34 -23.08 -24.62
N GLN A 58 -108.57 -23.35 -23.56
CA GLN A 58 -109.15 -24.14 -22.45
C GLN A 58 -109.93 -23.30 -21.45
N PHE A 59 -110.22 -22.06 -21.81
CA PHE A 59 -111.21 -21.29 -21.04
C PHE A 59 -112.61 -21.59 -21.57
N ALA A 60 -112.66 -22.11 -22.79
CA ALA A 60 -113.90 -22.45 -23.48
C ALA A 60 -114.35 -23.88 -23.17
N THR A 61 -115.63 -24.01 -22.83
CA THR A 61 -116.34 -25.26 -22.67
C THR A 61 -117.21 -25.39 -23.94
N PRO A 62 -116.84 -26.32 -24.87
CA PRO A 62 -117.64 -26.45 -26.10
C PRO A 62 -119.12 -26.65 -25.82
N TRP A 63 -119.96 -25.95 -26.57
CA TRP A 63 -121.43 -26.08 -26.50
C TRP A 63 -122.06 -25.39 -25.30
N ALA A 64 -121.25 -24.91 -24.35
CA ALA A 64 -121.76 -24.05 -23.28
C ALA A 64 -122.00 -22.62 -23.82
N PHE A 65 -123.03 -21.95 -23.30
CA PHE A 65 -123.46 -20.66 -23.87
C PHE A 65 -122.51 -19.51 -23.45
N LEU A 66 -122.28 -18.60 -24.38
CA LEU A 66 -121.47 -17.40 -24.13
C LEU A 66 -122.35 -16.28 -23.57
N GLY A 67 -121.73 -15.21 -23.06
CA GLY A 67 -122.48 -14.00 -22.77
C GLY A 67 -122.80 -13.74 -21.31
N THR A 68 -122.56 -12.49 -20.90
CA THR A 68 -122.83 -12.03 -19.53
C THR A 68 -124.06 -11.18 -19.39
N ASP A 69 -124.13 -10.08 -20.16
CA ASP A 69 -125.09 -9.00 -19.94
C ASP A 69 -126.36 -9.28 -20.73
N TYR A 70 -127.51 -9.39 -20.07
CA TYR A 70 -128.78 -9.54 -20.80
C TYR A 70 -129.84 -8.63 -20.22
N ALA A 71 -130.89 -8.37 -21.00
CA ALA A 71 -132.06 -7.72 -20.48
C ALA A 71 -133.24 -8.27 -21.29
N GLY A 72 -134.37 -8.47 -20.64
CA GLY A 72 -135.44 -9.14 -21.35
C GLY A 72 -136.77 -9.08 -20.67
N THR A 73 -137.71 -9.82 -21.27
CA THR A 73 -139.09 -9.86 -20.78
C THR A 73 -139.31 -11.17 -20.02
N VAL A 74 -139.89 -11.05 -18.82
CA VAL A 74 -140.27 -12.22 -18.06
C VAL A 74 -141.45 -12.91 -18.80
N VAL A 75 -141.30 -14.21 -19.05
CA VAL A 75 -142.35 -15.01 -19.73
C VAL A 75 -142.89 -16.10 -18.81
N ALA A 76 -142.24 -16.29 -17.68
CA ALA A 76 -142.65 -17.26 -16.67
C ALA A 76 -141.94 -16.97 -15.35
N VAL A 77 -142.59 -17.33 -14.24
CA VAL A 77 -142.10 -16.99 -12.91
C VAL A 77 -142.03 -18.25 -12.04
N GLY A 78 -140.87 -18.51 -11.44
CA GLY A 78 -140.71 -19.62 -10.53
C GLY A 78 -141.75 -19.56 -9.42
N SER A 79 -142.07 -20.72 -8.83
CA SER A 79 -143.11 -20.82 -7.80
C SER A 79 -142.73 -20.10 -6.49
N ASP A 80 -141.45 -20.13 -6.16
CA ASP A 80 -140.92 -19.48 -4.95
C ASP A 80 -140.56 -17.97 -5.11
N VAL A 81 -141.05 -17.34 -6.18
CA VAL A 81 -140.74 -15.94 -6.49
C VAL A 81 -141.97 -15.05 -6.31
N THR A 82 -141.81 -13.98 -5.52
CA THR A 82 -142.84 -12.95 -5.44
C THR A 82 -142.25 -11.58 -5.80
N HIS A 83 -143.12 -10.64 -6.15
CA HIS A 83 -142.76 -9.27 -6.54
C HIS A 83 -142.49 -9.12 -8.05
N ILE A 84 -142.35 -10.23 -8.77
CA ILE A 84 -142.21 -10.20 -10.22
C ILE A 84 -143.37 -10.92 -10.91
N GLN A 85 -143.88 -10.32 -11.98
CA GLN A 85 -144.92 -10.97 -12.77
C GLN A 85 -144.54 -11.09 -14.26
N VAL A 86 -145.20 -12.02 -14.94
CA VAL A 86 -145.01 -12.21 -16.36
C VAL A 86 -145.28 -10.87 -17.02
N GLY A 87 -144.49 -10.53 -18.03
CA GLY A 87 -144.58 -9.20 -18.65
C GLY A 87 -143.62 -8.16 -18.05
N ASP A 88 -143.08 -8.43 -16.86
CA ASP A 88 -142.08 -7.52 -16.26
C ASP A 88 -140.81 -7.49 -17.13
N ARG A 89 -139.99 -6.46 -16.96
CA ARG A 89 -138.73 -6.40 -17.70
C ARG A 89 -137.59 -6.49 -16.69
N VAL A 90 -136.61 -7.35 -16.95
CA VAL A 90 -135.46 -7.51 -16.04
C VAL A 90 -134.13 -7.40 -16.76
N TYR A 91 -133.08 -7.07 -16.01
CA TYR A 91 -131.73 -7.08 -16.57
C TYR A 91 -130.81 -7.71 -15.54
N GLY A 92 -129.73 -8.34 -15.99
CA GLY A 92 -128.83 -8.99 -15.04
C GLY A 92 -127.64 -9.63 -15.70
N ALA A 93 -126.82 -10.33 -14.91
CA ALA A 93 -125.67 -11.04 -15.42
C ALA A 93 -125.87 -12.57 -15.40
N GLN A 94 -125.42 -13.23 -16.45
CA GLN A 94 -125.26 -14.66 -16.44
C GLN A 94 -123.81 -15.02 -16.20
N ASN A 95 -123.55 -16.28 -15.87
CA ASN A 95 -122.20 -16.77 -15.59
C ASN A 95 -121.76 -17.60 -16.79
N GLU A 96 -121.15 -16.95 -17.77
CA GLU A 96 -120.93 -17.57 -19.05
C GLU A 96 -119.96 -18.73 -19.02
N MET A 97 -120.23 -19.71 -19.90
CA MET A 97 -119.34 -20.85 -20.07
C MET A 97 -119.07 -21.62 -18.78
N CYS A 98 -120.11 -21.78 -17.97
CA CYS A 98 -119.95 -22.56 -16.72
C CYS A 98 -120.37 -23.99 -17.05
N PRO A 99 -119.45 -24.95 -16.88
CA PRO A 99 -119.62 -26.34 -17.31
C PRO A 99 -120.77 -27.07 -16.64
N ARG A 100 -121.14 -26.70 -15.42
CA ARG A 100 -122.31 -27.31 -14.78
C ARG A 100 -123.65 -26.65 -15.14
N THR A 101 -123.61 -25.50 -15.83
CA THR A 101 -124.85 -24.86 -16.29
C THR A 101 -124.71 -24.38 -17.74
N PRO A 102 -124.46 -25.32 -18.68
CA PRO A 102 -124.11 -25.00 -20.07
C PRO A 102 -125.25 -24.34 -20.84
N ASP A 103 -126.47 -24.51 -20.36
CA ASP A 103 -127.68 -23.95 -20.97
C ASP A 103 -128.06 -22.56 -20.42
N GLN A 104 -127.14 -21.97 -19.62
CA GLN A 104 -127.30 -20.60 -19.10
C GLN A 104 -126.20 -19.62 -19.63
N GLY A 105 -126.62 -18.60 -20.37
CA GLY A 105 -125.72 -17.53 -20.80
C GLY A 105 -126.59 -16.45 -21.44
N ALA A 106 -126.06 -15.21 -21.47
CA ALA A 106 -126.82 -14.10 -21.97
C ALA A 106 -127.11 -14.22 -23.47
N PHE A 107 -126.23 -14.88 -24.20
CA PHE A 107 -126.32 -14.99 -25.66
C PHE A 107 -127.20 -16.19 -26.07
N SER A 108 -128.44 -16.08 -25.70
CA SER A 108 -129.46 -17.08 -26.03
C SER A 108 -130.80 -16.38 -26.21
N GLN A 109 -131.75 -17.00 -26.93
CA GLN A 109 -133.09 -16.42 -26.97
C GLN A 109 -133.83 -16.51 -25.62
N TYR A 110 -133.58 -17.55 -24.86
CA TYR A 110 -134.19 -17.76 -23.54
C TYR A 110 -133.18 -18.12 -22.49
N THR A 111 -133.22 -17.38 -21.39
CA THR A 111 -132.35 -17.67 -20.28
C THR A 111 -133.17 -17.57 -19.01
N VAL A 112 -132.52 -17.84 -17.90
CA VAL A 112 -133.15 -17.68 -16.60
C VAL A 112 -132.31 -16.68 -15.81
N THR A 113 -132.96 -15.92 -14.94
CA THR A 113 -132.19 -15.14 -13.94
C THR A 113 -131.26 -16.01 -13.07
N ARG A 114 -130.18 -15.42 -12.59
CA ARG A 114 -129.23 -16.18 -11.80
C ARG A 114 -128.98 -15.53 -10.46
N GLY A 115 -129.10 -16.34 -9.40
CA GLY A 115 -128.92 -15.83 -8.03
C GLY A 115 -129.87 -14.69 -7.75
N ARG A 116 -129.35 -13.60 -7.17
CA ARG A 116 -130.09 -12.33 -7.15
C ARG A 116 -129.25 -11.24 -7.82
N VAL A 117 -128.54 -11.64 -8.87
CA VAL A 117 -127.69 -10.75 -9.67
C VAL A 117 -128.48 -10.30 -10.87
N TRP A 118 -129.54 -9.56 -10.57
CA TRP A 118 -130.48 -9.05 -11.54
C TRP A 118 -131.43 -8.11 -10.81
N ALA A 119 -132.13 -7.31 -11.58
CA ALA A 119 -133.13 -6.38 -11.07
C ALA A 119 -134.17 -6.09 -12.16
N LYS A 120 -135.26 -5.45 -11.77
CA LYS A 120 -136.28 -5.05 -12.72
C LYS A 120 -135.77 -3.79 -13.41
N ILE A 121 -135.98 -3.69 -14.72
CA ILE A 121 -135.60 -2.49 -15.47
C ILE A 121 -136.48 -1.32 -15.02
N PRO A 122 -135.88 -0.17 -14.62
CA PRO A 122 -136.72 1.00 -14.29
C PRO A 122 -137.55 1.44 -15.50
N LYS A 123 -138.76 1.93 -15.21
CA LYS A 123 -139.69 2.41 -16.26
C LYS A 123 -139.01 3.23 -17.37
N GLY A 124 -138.09 4.13 -16.97
CA GLY A 124 -137.42 5.06 -17.89
C GLY A 124 -136.24 4.58 -18.73
N LEU A 125 -135.84 3.32 -18.57
CA LEU A 125 -134.75 2.77 -19.37
C LEU A 125 -135.24 1.80 -20.44
N SER A 126 -134.52 1.74 -21.55
CA SER A 126 -134.76 0.73 -22.58
C SER A 126 -134.06 -0.59 -22.28
N PHE A 127 -134.43 -1.65 -23.02
CA PHE A 127 -133.69 -2.91 -22.89
C PHE A 127 -132.22 -2.66 -23.19
N GLU A 128 -131.93 -1.88 -24.22
CA GLU A 128 -130.54 -1.57 -24.63
C GLU A 128 -129.75 -0.85 -23.54
N GLN A 129 -130.31 0.18 -22.92
CA GLN A 129 -129.63 0.84 -21.78
C GLN A 129 -129.38 -0.10 -20.61
N ALA A 130 -130.40 -0.89 -20.27
CA ALA A 130 -130.31 -1.84 -19.16
C ALA A 130 -129.31 -2.97 -19.42
N ALA A 131 -129.27 -3.51 -20.65
CA ALA A 131 -128.31 -4.58 -21.01
C ALA A 131 -126.85 -4.14 -20.84
N ALA A 132 -126.61 -2.82 -20.92
CA ALA A 132 -125.23 -2.29 -20.92
C ALA A 132 -124.65 -2.29 -19.54
N LEU A 133 -125.51 -2.48 -18.54
CA LEU A 133 -125.20 -2.33 -17.11
C LEU A 133 -124.60 -3.52 -16.32
N PRO A 134 -125.15 -4.74 -16.49
CA PRO A 134 -124.81 -5.75 -15.47
C PRO A 134 -123.35 -6.04 -15.14
N ALA A 135 -122.50 -6.36 -16.12
CA ALA A 135 -121.10 -6.64 -15.83
C ALA A 135 -120.45 -5.40 -15.18
N GLY A 136 -120.81 -4.20 -15.62
CA GLY A 136 -120.26 -2.96 -15.05
C GLY A 136 -120.59 -2.81 -13.55
N ILE A 137 -121.87 -2.96 -13.21
CA ILE A 137 -122.30 -2.92 -11.81
C ILE A 137 -121.58 -3.98 -10.98
N SER A 138 -121.56 -5.23 -11.45
CA SER A 138 -121.00 -6.35 -10.72
C SER A 138 -119.49 -6.15 -10.52
N THR A 139 -118.81 -5.74 -11.56
CA THR A 139 -117.36 -5.51 -11.44
C THR A 139 -117.00 -4.32 -10.55
N ALA A 140 -117.78 -3.25 -10.67
CA ALA A 140 -117.57 -2.04 -9.85
C ALA A 140 -117.68 -2.41 -8.37
N GLY A 141 -118.73 -3.15 -8.04
CA GLY A 141 -118.87 -3.59 -6.63
C GLY A 141 -117.76 -4.52 -6.19
N LEU A 142 -117.35 -5.48 -7.04
CA LEU A 142 -116.29 -6.37 -6.64
C LEU A 142 -114.98 -5.60 -6.47
N ALA A 143 -114.72 -4.63 -7.36
CA ALA A 143 -113.45 -3.85 -7.26
C ALA A 143 -113.42 -3.04 -5.91
N MET A 144 -114.53 -2.40 -5.57
CA MET A 144 -114.60 -1.57 -4.35
C MET A 144 -114.45 -2.44 -3.10
N LYS A 145 -115.06 -3.64 -3.17
CA LYS A 145 -114.93 -4.60 -2.08
C LYS A 145 -113.47 -4.94 -1.88
N LEU A 146 -112.76 -5.27 -2.98
CA LEU A 146 -111.38 -5.67 -2.88
C LEU A 146 -110.47 -4.52 -2.37
N LEU A 147 -110.77 -3.30 -2.81
CA LEU A 147 -110.04 -2.12 -2.40
C LEU A 147 -110.31 -1.76 -0.95
N GLY A 148 -111.40 -2.28 -0.40
CA GLY A 148 -111.76 -2.07 1.02
C GLY A 148 -112.59 -0.82 1.24
N LEU A 149 -113.46 -0.55 0.27
CA LEU A 149 -114.25 0.65 0.24
C LEU A 149 -115.71 0.28 0.34
N PRO A 150 -116.46 1.01 1.19
CA PRO A 150 -117.86 0.66 1.39
C PRO A 150 -118.73 1.00 0.16
N LEU A 151 -119.72 0.18 -0.13
CA LEU A 151 -120.67 0.50 -1.20
C LEU A 151 -121.46 1.72 -0.78
N PRO A 152 -121.96 2.49 -1.79
CA PRO A 152 -122.82 3.65 -1.54
C PRO A 152 -124.07 3.23 -0.76
N SER A 153 -124.60 4.17 0.02
CA SER A 153 -125.92 3.98 0.62
C SER A 153 -126.98 4.43 -0.39
N PRO A 154 -127.98 3.59 -0.65
CA PRO A 154 -128.98 4.02 -1.60
C PRO A 154 -129.92 5.11 -1.04
N SER A 155 -129.92 5.29 0.28
CA SER A 155 -130.84 6.18 0.95
C SER A 155 -130.19 7.45 1.51
N ALA A 156 -128.86 7.55 1.43
CA ALA A 156 -128.13 8.76 1.83
C ALA A 156 -128.49 9.94 0.95
N ASP A 157 -128.38 11.16 1.49
CA ASP A 157 -128.68 12.36 0.71
C ASP A 157 -127.46 13.01 0.10
N GLN A 158 -126.28 12.60 0.56
CA GLN A 158 -125.03 13.09 -0.03
C GLN A 158 -123.92 12.13 0.33
N PRO A 159 -122.80 12.15 -0.43
CA PRO A 159 -121.67 11.27 -0.11
C PRO A 159 -121.10 11.59 1.28
N PRO A 160 -120.50 10.61 1.95
CA PRO A 160 -119.74 10.84 3.18
C PRO A 160 -118.71 11.93 2.95
N THR A 161 -118.49 12.77 3.96
CA THR A 161 -117.60 13.92 3.84
C THR A 161 -116.15 13.55 4.17
N HIS A 162 -115.17 14.13 3.46
CA HIS A 162 -113.75 13.96 3.82
C HIS A 162 -113.04 15.29 3.59
N SER A 163 -112.74 16.03 4.67
CA SER A 163 -112.04 17.34 4.52
C SER A 163 -110.70 17.22 3.79
N LYS A 164 -109.99 16.13 4.04
CA LYS A 164 -108.83 15.78 3.24
C LYS A 164 -109.24 14.67 2.26
N PRO A 165 -109.21 14.99 0.96
CA PRO A 165 -109.67 14.10 -0.12
C PRO A 165 -109.02 12.73 -0.04
N VAL A 166 -109.78 11.69 -0.36
CA VAL A 166 -109.26 10.36 -0.43
C VAL A 166 -109.29 9.98 -1.91
N TYR A 167 -108.12 9.98 -2.51
CA TYR A 167 -108.04 9.79 -3.96
C TYR A 167 -108.01 8.32 -4.34
N VAL A 168 -108.53 8.00 -5.54
CA VAL A 168 -108.45 6.64 -6.08
C VAL A 168 -108.04 6.78 -7.51
N LEU A 169 -106.87 6.25 -7.89
CA LEU A 169 -106.49 6.28 -9.30
C LEU A 169 -107.28 5.22 -10.09
N VAL A 170 -107.87 5.61 -11.24
CA VAL A 170 -108.55 4.66 -12.09
C VAL A 170 -107.77 4.66 -13.42
N TYR A 171 -106.96 3.62 -13.65
CA TYR A 171 -106.19 3.55 -14.88
C TYR A 171 -107.10 2.95 -15.96
N GLY A 172 -107.40 3.74 -16.98
CA GLY A 172 -108.37 3.29 -18.01
C GLY A 172 -109.72 3.83 -17.65
N GLY A 173 -109.79 5.16 -17.52
CA GLY A 173 -111.01 5.89 -17.16
C GLY A 173 -112.17 5.87 -18.14
N SER A 174 -111.94 5.45 -19.38
CA SER A 174 -113.03 5.40 -20.34
C SER A 174 -113.55 3.95 -20.56
N THR A 175 -112.98 2.98 -19.84
CA THR A 175 -113.46 1.59 -19.93
C THR A 175 -114.87 1.52 -19.41
N ALA A 176 -115.66 0.59 -19.96
CA ALA A 176 -117.03 0.34 -19.47
C ALA A 176 -117.01 0.15 -17.91
N THR A 177 -116.03 -0.57 -17.41
CA THR A 177 -116.00 -0.82 -15.94
C THR A 177 -115.76 0.53 -15.22
N ALA A 178 -114.79 1.30 -15.68
CA ALA A 178 -114.42 2.54 -14.92
C ALA A 178 -115.53 3.54 -14.89
N THR A 179 -116.33 3.68 -15.95
CA THR A 179 -117.34 4.73 -15.92
C THR A 179 -118.44 4.45 -14.86
N VAL A 180 -118.79 3.18 -14.69
CA VAL A 180 -119.74 2.78 -13.62
C VAL A 180 -119.05 2.87 -12.25
N THR A 181 -117.83 2.33 -12.17
CA THR A 181 -117.11 2.38 -10.89
C THR A 181 -116.88 3.81 -10.37
N MET A 182 -116.45 4.73 -11.23
CA MET A 182 -116.21 6.10 -10.77
C MET A 182 -117.45 6.79 -10.17
N GLN A 183 -118.64 6.54 -10.75
CA GLN A 183 -119.89 7.03 -10.16
C GLN A 183 -120.12 6.45 -8.79
N MET A 184 -119.88 5.15 -8.64
CA MET A 184 -119.98 4.50 -7.32
C MET A 184 -118.94 5.00 -6.30
N LEU A 185 -117.72 5.22 -6.76
CA LEU A 185 -116.70 5.79 -5.88
C LEU A 185 -117.14 7.18 -5.40
N ARG A 186 -117.61 8.03 -6.30
CA ARG A 186 -118.15 9.36 -5.93
C ARG A 186 -119.30 9.28 -4.91
N LEU A 187 -120.20 8.32 -5.11
CA LEU A 187 -121.31 8.15 -4.18
C LEU A 187 -120.84 7.76 -2.78
N SER A 188 -119.70 7.08 -2.67
CA SER A 188 -119.17 6.65 -1.36
C SER A 188 -118.21 7.68 -0.73
N GLY A 189 -118.06 8.81 -1.40
CA GLY A 189 -117.24 9.91 -0.91
C GLY A 189 -115.79 9.91 -1.34
N TYR A 190 -115.42 9.12 -2.36
CA TYR A 190 -114.03 9.08 -2.85
C TYR A 190 -113.86 9.99 -4.07
N ILE A 191 -112.63 10.35 -4.40
CA ILE A 191 -112.39 11.25 -5.51
C ILE A 191 -111.53 10.51 -6.54
N PRO A 192 -112.16 10.04 -7.64
CA PRO A 192 -111.42 9.31 -8.68
C PRO A 192 -110.56 10.26 -9.52
N ILE A 193 -109.31 9.87 -9.81
CA ILE A 193 -108.55 10.57 -10.84
C ILE A 193 -108.24 9.55 -11.96
N ALA A 194 -108.45 9.93 -13.20
CA ALA A 194 -108.48 8.91 -14.27
C ALA A 194 -107.43 9.12 -15.35
N THR A 195 -107.00 8.04 -16.00
CA THR A 195 -106.12 8.16 -17.17
C THR A 195 -106.84 7.50 -18.31
N CYS A 196 -106.83 8.15 -19.49
CA CYS A 196 -107.42 7.55 -20.67
C CYS A 196 -106.97 8.39 -21.87
N SER A 197 -107.57 8.19 -23.05
CA SER A 197 -107.14 9.01 -24.22
C SER A 197 -107.88 10.33 -24.23
N PRO A 198 -107.23 11.42 -24.72
CA PRO A 198 -107.87 12.75 -24.73
C PRO A 198 -109.29 12.82 -25.26
N HIS A 199 -109.63 12.03 -26.27
CA HIS A 199 -111.00 12.12 -26.82
C HIS A 199 -112.09 11.63 -25.86
N ASN A 200 -111.69 10.87 -24.84
CA ASN A 200 -112.61 10.48 -23.77
C ASN A 200 -112.56 11.28 -22.46
N PHE A 201 -111.87 12.43 -22.47
CA PHE A 201 -111.72 13.22 -21.22
C PHE A 201 -113.07 13.68 -20.68
N ASP A 202 -113.93 14.16 -21.59
CA ASP A 202 -115.25 14.69 -21.21
C ASP A 202 -116.09 13.57 -20.59
N LEU A 203 -116.04 12.41 -21.23
CA LEU A 203 -116.72 11.20 -20.71
C LEU A 203 -116.29 10.86 -19.30
N ALA A 204 -114.97 10.71 -19.11
CA ALA A 204 -114.44 10.41 -17.78
C ALA A 204 -114.89 11.39 -16.67
N LYS A 205 -114.71 12.69 -16.91
CA LYS A 205 -115.19 13.72 -15.98
C LYS A 205 -116.70 13.66 -15.75
N SER A 206 -117.48 13.41 -16.80
CA SER A 206 -118.93 13.32 -16.62
C SER A 206 -119.28 12.14 -15.69
N ARG A 207 -118.38 11.18 -15.57
CA ARG A 207 -118.67 9.97 -14.77
C ARG A 207 -117.99 9.97 -13.42
N GLY A 208 -117.35 11.09 -13.04
CA GLY A 208 -116.92 11.24 -11.67
C GLY A 208 -115.45 11.59 -11.48
N ALA A 209 -114.64 11.54 -12.54
CA ALA A 209 -113.21 11.87 -12.41
C ALA A 209 -113.07 13.36 -12.11
N GLU A 210 -112.37 13.66 -11.01
CA GLU A 210 -112.01 15.02 -10.60
C GLU A 210 -111.08 15.62 -11.63
N GLU A 211 -110.13 14.81 -12.09
CA GLU A 211 -109.20 15.19 -13.15
C GLU A 211 -108.85 13.93 -13.95
N VAL A 212 -108.51 14.14 -15.21
CA VAL A 212 -108.22 13.08 -16.12
C VAL A 212 -106.92 13.43 -16.86
N PHE A 213 -106.13 12.42 -17.18
CA PHE A 213 -104.81 12.58 -17.80
C PHE A 213 -104.65 11.59 -18.95
N ASP A 214 -103.92 12.01 -19.99
CA ASP A 214 -103.51 11.09 -21.06
C ASP A 214 -102.45 10.13 -20.52
N TYR A 215 -102.72 8.81 -20.52
CA TYR A 215 -101.77 7.85 -19.96
C TYR A 215 -100.39 7.81 -20.68
N ARG A 216 -100.35 8.33 -21.90
CA ARG A 216 -99.12 8.39 -22.71
C ARG A 216 -98.20 9.56 -22.28
N ALA A 217 -98.71 10.49 -21.46
CA ALA A 217 -97.96 11.70 -21.08
C ALA A 217 -96.65 11.41 -20.34
N PRO A 218 -95.54 12.07 -20.77
CA PRO A 218 -94.26 11.69 -20.15
C PRO A 218 -94.15 12.01 -18.68
N ASN A 219 -93.62 11.05 -17.92
CA ASN A 219 -93.46 11.17 -16.45
C ASN A 219 -94.75 11.46 -15.70
N LEU A 220 -95.85 10.95 -16.26
CA LEU A 220 -97.18 11.23 -15.71
C LEU A 220 -97.33 10.69 -14.27
N ALA A 221 -96.70 9.56 -13.93
CA ALA A 221 -96.88 9.08 -12.52
C ALA A 221 -96.32 10.05 -11.46
N GLN A 222 -95.28 10.84 -11.82
CA GLN A 222 -94.78 11.90 -10.96
C GLN A 222 -95.81 13.00 -10.79
N THR A 223 -96.45 13.35 -11.90
CA THR A 223 -97.56 14.29 -11.84
C THR A 223 -98.64 13.80 -10.86
N ILE A 224 -99.10 12.56 -11.06
CA ILE A 224 -100.09 11.97 -10.14
C ILE A 224 -99.61 11.91 -8.70
N ARG A 225 -98.37 11.49 -8.47
CA ARG A 225 -97.82 11.43 -7.11
C ARG A 225 -97.93 12.77 -6.44
N THR A 226 -97.52 13.82 -7.18
CA THR A 226 -97.59 15.18 -6.67
C THR A 226 -98.99 15.65 -6.40
N TYR A 227 -99.90 15.40 -7.35
CA TYR A 227 -101.31 15.71 -7.22
C TYR A 227 -101.87 15.10 -5.95
N THR A 228 -101.47 13.87 -5.66
CA THR A 228 -102.04 13.11 -4.53
C THR A 228 -101.19 13.25 -3.27
N LYS A 229 -100.31 14.27 -3.23
CA LYS A 229 -99.43 14.56 -2.09
C LYS A 229 -98.65 13.37 -1.64
N ASN A 230 -98.21 12.56 -2.60
CA ASN A 230 -97.42 11.39 -2.28
C ASN A 230 -98.03 10.43 -1.27
N ASN A 231 -99.34 10.40 -1.26
CA ASN A 231 -100.12 9.48 -0.40
C ASN A 231 -101.30 8.82 -1.11
N LEU A 232 -101.19 8.55 -2.41
CA LEU A 232 -102.22 7.80 -3.07
C LEU A 232 -102.22 6.36 -2.52
N ARG A 233 -103.34 5.86 -2.01
CA ARG A 233 -103.35 4.52 -1.41
C ARG A 233 -104.22 3.51 -2.18
N TYR A 234 -104.90 3.95 -3.22
CA TYR A 234 -105.78 3.08 -3.97
C TYR A 234 -105.56 3.23 -5.45
N ALA A 235 -105.30 2.12 -6.14
CA ALA A 235 -105.28 2.16 -7.59
C ALA A 235 -106.13 1.05 -8.16
N LEU A 236 -107.01 1.40 -9.08
CA LEU A 236 -107.83 0.41 -9.80
C LEU A 236 -107.42 0.40 -11.24
N ASP A 237 -106.88 -0.75 -11.69
CA ASP A 237 -106.35 -0.90 -13.02
C ASP A 237 -107.35 -1.65 -13.91
N CYS A 238 -107.95 -0.90 -14.82
CA CYS A 238 -109.00 -1.42 -15.70
C CYS A 238 -108.46 -1.91 -17.01
N ILE A 239 -107.13 -1.88 -17.17
CA ILE A 239 -106.46 -2.32 -18.40
C ILE A 239 -105.73 -3.64 -18.16
N THR A 240 -104.89 -3.65 -17.12
CA THR A 240 -104.08 -4.81 -16.67
C THR A 240 -103.12 -5.41 -17.71
N ASN A 241 -102.07 -4.65 -18.03
CA ASN A 241 -100.95 -5.15 -18.83
C ASN A 241 -99.70 -4.70 -18.15
N VAL A 242 -98.56 -5.01 -18.78
CA VAL A 242 -97.31 -4.71 -18.17
C VAL A 242 -97.18 -3.20 -17.89
N GLU A 243 -97.64 -2.37 -18.83
CA GLU A 243 -97.51 -0.92 -18.64
C GLU A 243 -98.41 -0.34 -17.55
N SER A 244 -99.69 -0.78 -17.52
CA SER A 244 -100.67 -0.24 -16.52
C SER A 244 -100.21 -0.60 -15.10
N THR A 245 -99.70 -1.82 -14.91
CA THR A 245 -99.22 -2.26 -13.61
C THR A 245 -98.02 -1.42 -13.12
N THR A 246 -97.05 -1.22 -14.01
CA THR A 246 -95.90 -0.35 -13.71
C THR A 246 -96.35 1.01 -13.31
N PHE A 247 -97.25 1.59 -14.10
CA PHE A 247 -97.69 2.94 -13.89
C PHE A 247 -98.38 3.07 -12.51
N CYS A 248 -99.27 2.11 -12.20
CA CYS A 248 -100.02 2.18 -10.96
C CYS A 248 -99.12 2.10 -9.76
N PHE A 249 -98.19 1.15 -9.77
CA PHE A 249 -97.18 1.03 -8.74
C PHE A 249 -96.36 2.29 -8.51
N ALA A 250 -96.08 3.01 -9.61
CA ALA A 250 -95.24 4.22 -9.57
C ALA A 250 -96.02 5.37 -8.98
N ALA A 251 -97.33 5.41 -9.20
CA ALA A 251 -98.21 6.48 -8.72
C ALA A 251 -98.59 6.39 -7.23
N ILE A 252 -98.60 5.17 -6.72
CA ILE A 252 -98.96 4.89 -5.32
C ILE A 252 -97.95 5.60 -4.41
N GLY A 253 -98.46 6.15 -3.30
CA GLY A 253 -97.65 6.97 -2.35
C GLY A 253 -96.49 6.28 -1.68
N ARG A 254 -95.62 7.06 -1.03
CA ARG A 254 -94.41 6.53 -0.40
C ARG A 254 -94.70 5.60 0.80
N ALA A 255 -95.86 5.73 1.43
CA ALA A 255 -96.20 4.89 2.58
C ALA A 255 -96.90 3.56 2.19
N GLY A 256 -97.21 3.42 0.90
CA GLY A 256 -97.82 2.19 0.35
C GLY A 256 -99.23 2.41 -0.10
N GLY A 257 -99.86 1.33 -0.56
CA GLY A 257 -101.22 1.44 -1.00
C GLY A 257 -101.72 0.11 -1.53
N HIS A 258 -102.86 0.14 -2.20
CA HIS A 258 -103.53 -1.10 -2.61
C HIS A 258 -103.84 -1.03 -4.12
N TYR A 259 -103.38 -2.05 -4.83
CA TYR A 259 -103.61 -2.14 -6.27
C TYR A 259 -104.59 -3.25 -6.55
N VAL A 260 -105.65 -2.95 -7.28
CA VAL A 260 -106.66 -3.95 -7.63
C VAL A 260 -106.78 -3.92 -9.17
N SER A 261 -106.65 -5.07 -9.83
CA SER A 261 -106.80 -5.11 -11.29
C SER A 261 -108.03 -5.93 -11.67
N LEU A 262 -108.50 -5.76 -12.91
CA LEU A 262 -109.75 -6.49 -13.32
C LEU A 262 -109.42 -7.88 -13.90
N ASN A 263 -108.15 -8.10 -14.24
CA ASN A 263 -107.64 -9.38 -14.74
C ASN A 263 -106.46 -9.82 -13.84
N PRO A 264 -106.06 -11.12 -13.86
CA PRO A 264 -104.82 -11.56 -13.21
C PRO A 264 -103.65 -10.77 -13.76
N PHE A 265 -102.74 -10.33 -12.92
CA PHE A 265 -101.74 -9.44 -13.51
C PHE A 265 -100.48 -10.10 -13.96
N PRO A 266 -99.78 -9.45 -14.93
CA PRO A 266 -98.71 -10.05 -15.71
C PRO A 266 -97.56 -10.55 -14.84
N GLU A 267 -96.86 -11.58 -15.34
CA GLU A 267 -95.55 -12.05 -14.82
C GLU A 267 -94.62 -10.93 -14.31
N THR A 271 -92.56 -5.87 -6.21
CA THR A 271 -91.39 -5.14 -5.71
C THR A 271 -91.17 -5.41 -4.23
N ARG A 272 -90.33 -4.54 -3.64
CA ARG A 272 -90.31 -4.29 -2.19
C ARG A 272 -91.36 -3.24 -1.80
N LYS A 273 -91.88 -2.53 -2.80
CA LYS A 273 -92.86 -1.47 -2.57
C LYS A 273 -94.05 -2.05 -1.81
N MET A 274 -94.50 -1.31 -0.80
CA MET A 274 -95.45 -1.77 0.27
C MET A 274 -96.90 -1.79 -0.20
N VAL A 275 -97.14 -2.59 -1.22
CA VAL A 275 -98.42 -2.59 -1.92
C VAL A 275 -99.08 -3.95 -1.82
N THR A 276 -100.31 -3.97 -1.31
CA THR A 276 -101.16 -5.17 -1.30
C THR A 276 -101.84 -5.24 -2.68
N THR A 277 -102.10 -6.47 -3.15
CA THR A 277 -102.67 -6.67 -4.50
C THR A 277 -103.78 -7.68 -4.51
N ASP A 278 -104.79 -7.43 -5.34
CA ASP A 278 -105.90 -8.36 -5.56
C ASP A 278 -106.37 -8.18 -7.00
N TRP A 279 -107.16 -9.14 -7.51
CA TRP A 279 -107.83 -9.00 -8.82
C TRP A 279 -109.25 -9.57 -8.77
N THR A 280 -110.17 -8.96 -9.51
CA THR A 280 -111.55 -9.35 -9.48
C THR A 280 -111.77 -10.66 -10.25
N LEU A 281 -112.43 -11.62 -9.58
CA LEU A 281 -112.82 -12.89 -10.21
C LEU A 281 -114.33 -12.83 -10.47
N GLY A 282 -114.68 -12.72 -11.74
CA GLY A 282 -116.03 -12.34 -12.14
C GLY A 282 -117.11 -13.24 -11.57
N PRO A 283 -116.94 -14.56 -11.70
CA PRO A 283 -117.99 -15.49 -11.17
C PRO A 283 -118.28 -15.38 -9.68
N THR A 284 -117.36 -14.79 -8.91
CA THR A 284 -117.61 -14.62 -7.47
C THR A 284 -118.80 -13.71 -7.19
N ILE A 285 -119.24 -12.87 -8.15
CA ILE A 285 -120.47 -12.11 -7.90
C ILE A 285 -121.71 -13.02 -7.60
N PHE A 286 -121.68 -14.25 -8.11
CA PHE A 286 -122.80 -15.23 -7.91
C PHE A 286 -122.58 -16.06 -6.63
N GLY A 287 -121.39 -15.91 -6.05
CA GLY A 287 -120.94 -16.75 -4.93
C GLY A 287 -120.80 -18.21 -5.32
N GLU A 288 -120.42 -18.46 -6.57
CA GLU A 288 -120.50 -19.80 -7.16
C GLU A 288 -119.18 -20.55 -7.23
N GLY A 289 -118.09 -19.79 -7.29
CA GLY A 289 -116.78 -20.36 -7.56
C GLY A 289 -116.47 -20.48 -9.04
N SER A 290 -115.28 -20.99 -9.33
CA SER A 290 -114.79 -21.10 -10.69
C SER A 290 -113.88 -22.31 -10.77
N THR A 291 -113.50 -22.70 -12.00
CA THR A 291 -112.41 -23.69 -12.18
C THR A 291 -111.00 -23.11 -12.50
N TRP A 292 -110.84 -21.78 -12.46
CA TRP A 292 -109.53 -21.11 -12.37
C TRP A 292 -109.58 -20.04 -11.24
N PRO A 293 -108.40 -19.55 -10.78
CA PRO A 293 -107.04 -19.96 -11.11
C PRO A 293 -106.36 -20.85 -10.04
N ALA A 294 -105.55 -21.81 -10.48
CA ALA A 294 -105.68 -22.46 -11.77
C ALA A 294 -105.70 -23.95 -11.44
N PRO A 295 -105.05 -24.36 -10.31
CA PRO A 295 -105.39 -25.62 -9.59
C PRO A 295 -106.40 -25.39 -8.43
N TYR A 296 -107.54 -26.07 -8.51
CA TYR A 296 -108.66 -25.94 -7.52
C TYR A 296 -109.64 -24.80 -7.79
N GLY A 297 -109.18 -23.76 -8.51
CA GLY A 297 -110.03 -22.63 -8.93
C GLY A 297 -110.31 -21.66 -7.80
N ARG A 298 -111.59 -21.51 -7.48
CA ARG A 298 -112.01 -20.97 -6.20
C ARG A 298 -113.32 -21.62 -5.81
N PRO A 299 -113.52 -21.91 -4.51
CA PRO A 299 -114.82 -22.42 -4.11
C PRO A 299 -115.87 -21.31 -4.08
N GLY A 300 -117.14 -21.70 -4.08
CA GLY A 300 -118.24 -20.76 -3.83
C GLY A 300 -118.37 -20.45 -2.35
N SER A 301 -119.25 -19.50 -2.03
CA SER A 301 -119.41 -19.07 -0.63
C SER A 301 -120.64 -18.21 -0.45
N GLU A 302 -121.34 -18.42 0.67
CA GLU A 302 -122.56 -17.64 0.94
C GLU A 302 -122.25 -16.16 1.14
N GLU A 303 -121.08 -15.83 1.71
CA GLU A 303 -120.74 -14.40 1.89
C GLU A 303 -120.59 -13.68 0.54
N GLU A 304 -119.98 -14.36 -0.42
CA GLU A 304 -119.86 -13.80 -1.78
C GLU A 304 -121.24 -13.72 -2.39
N ARG A 305 -122.05 -14.77 -2.16
CA ARG A 305 -123.42 -14.79 -2.65
C ARG A 305 -124.19 -13.61 -2.08
N GLN A 306 -124.09 -13.43 -0.76
CA GLN A 306 -124.83 -12.34 -0.12
C GLN A 306 -124.30 -10.97 -0.56
N PHE A 307 -122.98 -10.83 -0.73
CA PHE A 307 -122.46 -9.55 -1.25
C PHE A 307 -123.06 -9.15 -2.60
N GLY A 308 -123.04 -10.06 -3.57
CA GLY A 308 -123.65 -9.78 -4.89
C GLY A 308 -125.14 -9.41 -4.79
N GLU A 309 -125.86 -10.06 -3.88
CA GLU A 309 -127.29 -9.77 -3.73
C GLU A 309 -127.45 -8.37 -3.14
N ASP A 310 -126.63 -8.04 -2.15
CA ASP A 310 -126.66 -6.72 -1.51
C ASP A 310 -126.28 -5.64 -2.54
N LEU A 311 -125.24 -5.94 -3.31
CA LEU A 311 -124.76 -4.97 -4.33
C LEU A 311 -125.90 -4.65 -5.30
N TRP A 312 -126.58 -5.69 -5.78
CA TRP A 312 -127.62 -5.54 -6.80
C TRP A 312 -128.87 -4.85 -6.29
N ARG A 313 -129.21 -5.10 -5.02
CA ARG A 313 -130.28 -4.37 -4.34
C ARG A 313 -129.94 -2.87 -4.26
N ILE A 314 -128.72 -2.57 -3.81
CA ILE A 314 -128.23 -1.17 -3.80
C ILE A 314 -128.15 -0.56 -5.21
N ALA A 315 -127.49 -1.25 -6.13
CA ALA A 315 -127.26 -0.68 -7.47
C ALA A 315 -128.57 -0.59 -8.24
N GLY A 316 -129.45 -1.58 -8.08
CA GLY A 316 -130.77 -1.49 -8.68
C GLY A 316 -131.51 -0.20 -8.30
N GLN A 317 -131.44 0.21 -7.03
CA GLN A 317 -132.06 1.47 -6.60
C GLN A 317 -131.37 2.72 -7.17
N LEU A 318 -130.04 2.70 -7.17
CA LEU A 318 -129.25 3.81 -7.73
C LEU A 318 -129.58 4.01 -9.18
N VAL A 319 -129.72 2.89 -9.90
CA VAL A 319 -130.05 2.96 -11.33
C VAL A 319 -131.49 3.47 -11.45
N GLU A 320 -132.37 2.98 -10.57
CA GLU A 320 -133.76 3.45 -10.48
C GLU A 320 -133.83 4.98 -10.27
N ASP A 321 -133.02 5.52 -9.37
CA ASP A 321 -133.17 6.95 -9.20
C ASP A 321 -132.20 7.85 -9.93
N GLY A 322 -131.56 7.30 -10.95
CA GLY A 322 -130.77 8.11 -11.88
C GLY A 322 -129.38 8.45 -11.36
N ARG A 323 -128.97 7.80 -10.27
CA ARG A 323 -127.65 8.04 -9.67
C ARG A 323 -126.52 7.18 -10.24
N LEU A 324 -126.90 6.18 -11.04
CA LEU A 324 -125.93 5.36 -11.76
C LEU A 324 -126.41 5.22 -13.19
N VAL A 325 -125.57 5.68 -14.14
CA VAL A 325 -125.93 5.72 -15.55
C VAL A 325 -125.06 4.77 -16.40
N HIS A 326 -125.64 4.23 -17.47
CA HIS A 326 -124.94 3.26 -18.31
C HIS A 326 -123.79 3.94 -19.08
N HIS A 327 -122.84 3.11 -19.56
CA HIS A 327 -121.74 3.54 -20.42
C HIS A 327 -122.39 3.97 -21.76
N PRO A 328 -121.80 4.93 -22.51
CA PRO A 328 -122.42 5.31 -23.80
C PRO A 328 -122.59 4.09 -24.68
N LEU A 329 -123.67 4.07 -25.47
CA LEU A 329 -124.04 2.90 -26.24
C LEU A 329 -123.76 3.05 -27.71
N ARG A 330 -123.35 1.91 -28.28
CA ARG A 330 -123.37 1.68 -29.71
C ARG A 330 -124.34 0.50 -29.96
N VAL A 331 -125.54 0.83 -30.44
CA VAL A 331 -126.58 -0.18 -30.63
C VAL A 331 -126.63 -0.67 -32.07
N VAL A 332 -126.65 -1.99 -32.19
CA VAL A 332 -126.80 -2.72 -33.44
C VAL A 332 -128.17 -3.44 -33.35
N GLN A 333 -128.96 -3.37 -34.41
CA GLN A 333 -130.20 -4.17 -34.53
C GLN A 333 -129.86 -5.42 -35.33
N GLY A 334 -130.14 -6.59 -34.77
CA GLY A 334 -129.72 -7.83 -35.41
C GLY A 334 -129.98 -9.11 -34.65
N GLY A 335 -129.34 -10.19 -35.09
CA GLY A 335 -129.45 -11.47 -34.45
C GLY A 335 -128.09 -11.95 -33.99
N PHE A 336 -127.96 -13.27 -33.89
CA PHE A 336 -126.81 -13.87 -33.27
C PHE A 336 -125.50 -13.75 -34.05
N ASP A 337 -125.61 -13.60 -35.37
CA ASP A 337 -124.46 -13.23 -36.17
C ASP A 337 -123.92 -11.86 -35.83
N HIS A 338 -124.82 -10.94 -35.52
CA HIS A 338 -124.44 -9.59 -35.08
C HIS A 338 -123.70 -9.60 -33.73
N ILE A 339 -124.00 -10.60 -32.88
CA ILE A 339 -123.31 -10.77 -31.60
C ILE A 339 -121.90 -11.27 -31.86
N LYS A 340 -121.79 -12.26 -32.73
CA LYS A 340 -120.51 -12.82 -33.11
C LYS A 340 -119.62 -11.76 -33.77
N GLN A 341 -120.19 -10.93 -34.65
CA GLN A 341 -119.49 -9.78 -35.27
C GLN A 341 -119.09 -8.75 -34.20
N GLY A 342 -120.04 -8.42 -33.32
CA GLY A 342 -119.78 -7.62 -32.14
C GLY A 342 -118.57 -8.04 -31.35
N MET A 343 -118.43 -9.35 -31.07
CA MET A 343 -117.33 -9.89 -30.29
C MET A 343 -115.98 -9.68 -30.98
N GLU A 344 -115.97 -9.76 -32.30
CA GLU A 344 -114.74 -9.56 -33.03
C GLU A 344 -114.30 -8.11 -32.96
N LEU A 345 -115.25 -7.21 -33.09
CA LEU A 345 -114.99 -5.77 -32.97
C LEU A 345 -114.36 -5.46 -31.61
N VAL A 346 -114.90 -6.09 -30.57
CA VAL A 346 -114.41 -5.86 -29.22
C VAL A 346 -113.04 -6.49 -28.98
N ARG A 347 -112.87 -7.73 -29.45
CA ARG A 347 -111.60 -8.41 -29.29
C ARG A 347 -110.46 -7.64 -29.96
N LYS A 348 -110.77 -6.99 -31.08
CA LYS A 348 -109.77 -6.28 -31.91
C LYS A 348 -109.48 -4.91 -31.31
N GLY A 349 -110.10 -4.61 -30.17
CA GLY A 349 -109.87 -3.31 -29.50
C GLY A 349 -110.46 -2.14 -30.23
N GLU A 350 -111.54 -2.36 -30.97
CA GLU A 350 -112.03 -1.33 -31.89
C GLU A 350 -113.10 -0.40 -31.33
N LEU A 351 -113.48 -0.60 -30.07
CA LEU A 351 -114.43 0.29 -29.45
C LEU A 351 -113.67 1.17 -28.45
N SER A 352 -114.02 2.45 -28.43
CA SER A 352 -113.50 3.39 -27.45
C SER A 352 -114.63 4.27 -26.90
N GLY A 353 -114.78 4.26 -25.58
CA GLY A 353 -115.77 5.06 -24.89
C GLY A 353 -117.19 4.67 -25.19
N GLU A 354 -117.42 3.42 -25.60
CA GLU A 354 -118.75 2.93 -25.97
C GLU A 354 -118.89 1.48 -25.62
N LYS A 355 -120.13 1.07 -25.37
CA LYS A 355 -120.49 -0.33 -25.11
C LYS A 355 -121.30 -0.86 -26.30
N LEU A 356 -120.92 -2.01 -26.87
CA LEU A 356 -121.65 -2.56 -28.01
C LEU A 356 -122.84 -3.35 -27.46
N VAL A 357 -124.05 -2.92 -27.86
CA VAL A 357 -125.30 -3.56 -27.48
C VAL A 357 -126.04 -4.08 -28.73
N VAL A 358 -126.49 -5.35 -28.71
CA VAL A 358 -127.28 -5.89 -29.81
C VAL A 358 -128.73 -5.98 -29.38
N ARG A 359 -129.62 -5.25 -30.07
CA ARG A 359 -131.07 -5.38 -29.83
C ARG A 359 -131.57 -6.51 -30.72
N LEU A 360 -132.05 -7.60 -30.09
CA LEU A 360 -132.37 -8.83 -30.83
C LEU A 360 -133.65 -8.69 -31.63
N GLU A 361 -133.53 -8.92 -32.94
CA GLU A 361 -134.70 -8.93 -33.82
C GLU A 361 -135.36 -10.30 -33.73
N GLY A 362 -136.46 -10.38 -33.02
CA GLY A 362 -137.14 -11.67 -32.85
C GLY A 362 -138.52 -11.69 -33.48
N PRO A 363 -138.68 -12.42 -34.62
CA PRO A 363 -137.62 -13.12 -35.34
C PRO A 363 -137.02 -12.23 -36.45
N GLN B 4 116.43 58.64 82.79
CA GLN B 4 114.99 58.84 83.15
C GLN B 4 114.08 58.99 81.92
N PRO B 5 114.48 59.78 80.87
CA PRO B 5 113.78 59.58 79.60
C PRO B 5 114.03 58.17 79.05
N PHE B 6 113.01 57.61 78.42
CA PHE B 6 113.11 56.28 77.86
C PHE B 6 113.41 56.31 76.36
N ILE B 7 114.36 55.50 75.95
CA ILE B 7 114.76 55.37 74.57
C ILE B 7 114.52 53.91 74.23
N PRO B 8 113.59 53.64 73.31
CA PRO B 8 113.32 52.26 72.91
C PRO B 8 114.51 51.64 72.18
N PRO B 9 114.69 50.30 72.30
CA PRO B 9 115.75 49.64 71.56
C PRO B 9 115.68 49.97 70.07
N PRO B 10 116.81 49.93 69.36
CA PRO B 10 116.85 50.27 67.93
C PRO B 10 116.11 49.31 66.99
N GLN B 11 116.02 48.04 67.37
CA GLN B 11 115.28 47.03 66.60
C GLN B 11 114.90 45.90 67.54
N GLN B 12 114.02 45.00 67.06
CA GLN B 12 113.63 43.84 67.86
C GLN B 12 113.23 42.68 66.97
N THR B 13 112.86 41.56 67.61
CA THR B 13 112.23 40.41 66.94
C THR B 13 110.71 40.53 67.12
N ALA B 14 110.00 40.30 66.03
CA ALA B 14 108.53 40.34 66.03
C ALA B 14 108.05 39.32 65.02
N LEU B 15 106.83 38.82 65.17
CA LEU B 15 106.29 37.86 64.21
C LEU B 15 105.39 38.62 63.24
N THR B 16 105.56 38.39 61.94
CA THR B 16 104.83 39.16 60.95
C THR B 16 104.45 38.29 59.76
N VAL B 17 103.94 38.93 58.72
CA VAL B 17 103.71 38.24 57.46
C VAL B 17 104.56 38.93 56.37
N ASN B 18 105.14 38.08 55.53
CA ASN B 18 105.91 38.39 54.30
C ASN B 18 105.23 39.18 53.21
N ASP B 19 106.02 39.45 52.19
CA ASP B 19 105.50 39.88 50.90
C ASP B 19 104.93 38.69 50.12
N HIS B 20 105.24 37.48 50.57
CA HIS B 20 104.79 36.24 49.91
C HIS B 20 103.84 35.41 50.78
N ASP B 21 103.11 36.10 51.65
CA ASP B 21 102.03 35.48 52.48
C ASP B 21 102.53 34.32 53.35
N GLU B 22 103.73 34.44 53.89
CA GLU B 22 104.22 33.46 54.83
C GLU B 22 104.46 34.13 56.16
N VAL B 23 104.11 33.42 57.24
CA VAL B 23 104.37 33.89 58.57
C VAL B 23 105.88 33.82 58.80
N THR B 24 106.44 34.92 59.27
CA THR B 24 107.90 35.08 59.33
C THR B 24 108.38 35.76 60.62
N VAL B 25 109.39 35.14 61.25
CA VAL B 25 110.14 35.75 62.33
C VAL B 25 111.07 36.83 61.76
N TRP B 26 110.93 38.06 62.25
CA TRP B 26 111.67 39.18 61.70
C TRP B 26 112.56 39.75 62.81
N ASN B 27 113.88 39.62 62.64
CA ASN B 27 114.83 39.94 63.73
C ASN B 27 115.35 41.39 63.73
N ALA B 28 114.87 42.17 62.78
CA ALA B 28 115.23 43.56 62.62
C ALA B 28 113.95 44.45 62.53
N ALA B 29 112.91 44.04 63.24
CA ALA B 29 111.64 44.75 63.27
C ALA B 29 111.79 46.03 64.14
N PRO B 30 111.00 47.07 63.82
CA PRO B 30 111.05 48.31 64.63
C PRO B 30 110.48 48.14 66.04
N CYS B 31 110.91 48.99 66.96
CA CYS B 31 110.26 49.12 68.26
C CYS B 31 109.31 50.33 68.24
N PRO B 32 108.11 50.20 68.84
CA PRO B 32 107.16 51.31 68.89
C PRO B 32 107.67 52.49 69.72
N MET B 33 107.13 53.67 69.45
CA MET B 33 107.42 54.85 70.25
C MET B 33 106.44 54.83 71.41
N LEU B 34 106.77 55.49 72.51
CA LEU B 34 105.97 55.46 73.73
C LEU B 34 104.94 56.60 73.78
N PRO B 35 103.63 56.30 73.64
CA PRO B 35 102.63 57.36 73.85
C PRO B 35 102.64 57.91 75.30
N ARG B 36 102.32 59.20 75.45
CA ARG B 36 102.27 59.86 76.77
C ARG B 36 101.29 59.19 77.73
N ASP B 37 100.22 58.65 77.17
CA ASP B 37 99.15 58.01 77.96
C ASP B 37 99.23 56.47 78.04
N GLN B 38 100.36 55.89 77.66
CA GLN B 38 100.52 54.43 77.68
C GLN B 38 101.81 54.03 78.38
N VAL B 39 102.02 52.72 78.56
CA VAL B 39 103.24 52.23 79.20
C VAL B 39 104.00 51.32 78.25
N TYR B 40 105.30 51.18 78.46
CA TYR B 40 106.11 50.37 77.58
C TYR B 40 106.26 49.02 78.22
N VAL B 41 106.03 47.96 77.41
CA VAL B 41 105.98 46.61 77.93
C VAL B 41 107.03 45.68 77.29
N ARG B 42 107.87 45.09 78.12
CA ARG B 42 108.69 43.98 77.73
C ARG B 42 107.78 42.75 77.83
N VAL B 43 107.48 42.18 76.68
CA VAL B 43 106.54 41.05 76.61
C VAL B 43 107.15 39.79 77.18
N GLU B 44 106.42 39.20 78.12
CA GLU B 44 106.85 37.98 78.83
C GLU B 44 106.13 36.72 78.37
N ALA B 45 104.82 36.83 78.13
CA ALA B 45 104.07 35.72 77.57
C ALA B 45 103.05 36.22 76.54
N VAL B 46 102.72 35.37 75.56
CA VAL B 46 101.68 35.62 74.56
C VAL B 46 100.74 34.40 74.41
N ALA B 47 99.49 34.65 74.02
CA ALA B 47 98.57 33.57 73.69
C ALA B 47 98.25 33.61 72.21
N ILE B 48 97.98 32.43 71.67
CA ILE B 48 97.66 32.29 70.30
C ILE B 48 96.12 32.26 70.15
N ASN B 49 95.63 32.97 69.15
CA ASN B 49 94.20 33.01 68.86
C ASN B 49 93.95 32.60 67.43
N PRO B 50 92.79 31.96 67.13
CA PRO B 50 92.48 31.65 65.72
C PRO B 50 92.54 32.88 64.82
N SER B 51 92.13 34.02 65.33
CA SER B 51 92.17 35.21 64.50
C SER B 51 93.59 35.59 64.00
N ASP B 52 94.63 35.33 64.81
CA ASP B 52 96.06 35.44 64.33
C ASP B 52 96.27 34.64 63.04
N THR B 53 95.76 33.40 63.04
CA THR B 53 96.02 32.45 61.95
C THR B 53 95.28 32.82 60.67
N LYS B 54 94.32 33.74 60.77
CA LYS B 54 93.53 34.17 59.60
C LYS B 54 94.09 35.44 58.95
N MET B 55 95.17 36.00 59.50
CA MET B 55 95.81 37.22 58.95
C MET B 55 96.73 36.83 57.78
N ARG B 56 96.15 36.72 56.60
CA ARG B 56 96.77 36.03 55.47
C ARG B 56 95.92 36.36 54.28
N GLY B 57 96.51 36.44 53.08
CA GLY B 57 95.79 36.97 51.91
C GLY B 57 95.63 38.47 52.11
N GLN B 58 94.52 39.07 51.67
CA GLN B 58 94.41 40.52 51.82
C GLN B 58 93.89 40.97 53.19
N PHE B 59 93.87 40.04 54.14
CA PHE B 59 93.68 40.44 55.55
C PHE B 59 95.02 40.82 56.17
N ALA B 60 96.09 40.33 55.53
CA ALA B 60 97.46 40.56 55.96
C ALA B 60 98.05 41.84 55.39
N THR B 61 98.65 42.63 56.27
CA THR B 61 99.45 43.81 55.93
C THR B 61 100.92 43.36 56.10
N PRO B 62 101.66 43.18 54.99
CA PRO B 62 103.06 42.74 55.12
C PRO B 62 103.87 43.62 56.08
N TRP B 63 104.65 42.97 56.93
CA TRP B 63 105.57 43.66 57.86
C TRP B 63 104.88 44.28 59.08
N ALA B 64 103.55 44.31 59.10
CA ALA B 64 102.81 44.67 60.32
C ALA B 64 102.81 43.50 61.31
N PHE B 65 102.85 43.79 62.61
CA PHE B 65 103.04 42.76 63.64
C PHE B 65 101.75 41.95 63.87
N LEU B 66 101.91 40.65 64.08
CA LEU B 66 100.80 39.76 64.42
C LEU B 66 100.55 39.75 65.93
N GLY B 67 99.42 39.19 66.37
CA GLY B 67 99.25 38.90 67.79
C GLY B 67 98.34 39.83 68.56
N THR B 68 97.45 39.24 69.34
CA THR B 68 96.51 39.97 70.19
C THR B 68 96.87 39.97 71.66
N ASP B 69 97.04 38.79 72.26
CA ASP B 69 97.10 38.62 73.72
C ASP B 69 98.53 38.73 74.18
N TYR B 70 98.84 39.67 75.06
CA TYR B 70 100.19 39.77 75.64
C TYR B 70 100.11 39.98 77.14
N ALA B 71 101.21 39.68 77.84
CA ALA B 71 101.35 40.07 79.22
C ALA B 71 102.85 40.30 79.43
N GLY B 72 103.17 41.30 80.24
CA GLY B 72 104.58 41.64 80.33
C GLY B 72 104.91 42.57 81.46
N THR B 73 106.19 43.00 81.45
CA THR B 73 106.72 43.87 82.49
C THR B 73 106.80 45.30 81.96
N VAL B 74 106.30 46.25 82.74
CA VAL B 74 106.43 47.66 82.39
C VAL B 74 107.93 48.04 82.54
N VAL B 75 108.49 48.63 81.49
CA VAL B 75 109.89 49.08 81.49
C VAL B 75 110.01 50.60 81.35
N ALA B 76 108.87 51.24 81.07
CA ALA B 76 108.79 52.68 80.96
C ALA B 76 107.32 53.13 81.00
N VAL B 77 107.10 54.34 81.50
CA VAL B 77 105.75 54.84 81.74
C VAL B 77 105.56 56.20 81.04
N GLY B 78 104.52 56.33 80.24
CA GLY B 78 104.19 57.60 79.60
C GLY B 78 104.05 58.69 80.65
N SER B 79 104.26 59.95 80.23
CA SER B 79 104.23 61.10 81.14
C SER B 79 102.84 61.37 81.71
N ASP B 80 101.81 61.14 80.90
CA ASP B 80 100.40 61.34 81.29
C ASP B 80 99.75 60.14 82.03
N VAL B 81 100.57 59.21 82.52
CA VAL B 81 100.07 57.98 83.18
C VAL B 81 100.38 58.01 84.67
N THR B 82 99.36 57.81 85.49
CA THR B 82 99.57 57.59 86.93
C THR B 82 98.95 56.25 87.36
N HIS B 83 99.39 55.75 88.52
CA HIS B 83 98.95 54.47 89.09
C HIS B 83 99.77 53.26 88.62
N ILE B 84 100.58 53.44 87.58
CA ILE B 84 101.48 52.38 87.13
C ILE B 84 102.94 52.81 87.26
N GLN B 85 103.78 51.91 87.74
CA GLN B 85 105.22 52.17 87.80
C GLN B 85 106.04 51.10 87.08
N VAL B 86 107.27 51.48 86.73
CA VAL B 86 108.21 50.57 86.10
C VAL B 86 108.35 49.38 87.02
N GLY B 87 108.42 48.18 86.45
CA GLY B 87 108.42 46.96 87.25
C GLY B 87 107.03 46.34 87.46
N ASP B 88 105.97 47.11 87.21
CA ASP B 88 104.61 46.55 87.31
C ASP B 88 104.40 45.47 86.23
N ARG B 89 103.40 44.62 86.41
CA ARG B 89 103.10 43.62 85.40
C ARG B 89 101.72 43.91 84.82
N VAL B 90 101.60 43.92 83.50
CA VAL B 90 100.32 44.22 82.83
C VAL B 90 99.95 43.15 81.80
N TYR B 91 98.64 43.05 81.51
CA TYR B 91 98.21 42.17 80.43
C TYR B 91 97.15 42.92 79.64
N GLY B 92 97.01 42.61 78.35
CA GLY B 92 96.02 43.33 77.54
C GLY B 92 95.97 42.83 76.12
N ALA B 93 95.18 43.51 75.28
CA ALA B 93 95.07 43.17 73.89
C ALA B 93 95.74 44.24 72.98
N GLN B 94 96.44 43.78 71.95
CA GLN B 94 96.84 44.64 70.87
C GLN B 94 95.89 44.47 69.71
N ASN B 95 95.97 45.40 68.75
CA ASN B 95 95.11 45.40 67.55
C ASN B 95 95.97 44.94 66.39
N GLU B 96 96.03 43.64 66.16
CA GLU B 96 97.01 43.10 65.25
C GLU B 96 96.80 43.48 63.80
N MET B 97 97.94 43.62 63.10
CA MET B 97 97.92 43.89 61.66
C MET B 97 97.14 45.14 61.29
N CYS B 98 97.27 46.19 62.10
CA CYS B 98 96.60 47.46 61.78
C CYS B 98 97.61 48.31 61.01
N PRO B 99 97.26 48.68 59.76
CA PRO B 99 98.17 49.35 58.83
C PRO B 99 98.70 50.69 59.30
N ARG B 100 97.95 51.42 60.12
CA ARG B 100 98.46 52.68 60.67
C ARG B 100 99.29 52.52 61.94
N THR B 101 99.35 51.30 62.51
CA THR B 101 100.20 51.06 63.68
C THR B 101 100.94 49.72 63.55
N PRO B 102 101.78 49.60 62.48
CA PRO B 102 102.40 48.32 62.11
C PRO B 102 103.40 47.81 63.13
N ASP B 103 103.89 48.70 63.99
CA ASP B 103 104.86 48.39 65.04
C ASP B 103 104.21 48.03 66.37
N GLN B 104 102.88 47.84 66.36
CA GLN B 104 102.12 47.37 67.54
C GLN B 104 101.45 45.99 67.31
N GLY B 105 101.84 45.00 68.11
CA GLY B 105 101.20 43.69 68.10
C GLY B 105 101.77 42.91 69.27
N ALA B 106 101.02 41.90 69.74
CA ALA B 106 101.43 41.13 70.89
C ALA B 106 102.70 40.31 70.63
N PHE B 107 102.90 39.90 69.37
CA PHE B 107 104.00 39.03 68.99
C PHE B 107 105.26 39.85 68.66
N SER B 108 105.75 40.50 69.70
CA SER B 108 106.98 41.29 69.61
C SER B 108 107.68 41.22 70.97
N GLN B 109 108.99 41.49 71.01
CA GLN B 109 109.65 41.60 72.31
C GLN B 109 109.20 42.85 73.11
N TYR B 110 108.90 43.93 72.42
CA TYR B 110 108.44 45.18 73.04
C TYR B 110 107.21 45.73 72.37
N THR B 111 106.22 46.03 73.20
CA THR B 111 105.00 46.62 72.68
C THR B 111 104.61 47.74 73.65
N VAL B 112 103.53 48.42 73.31
CA VAL B 112 102.97 49.42 74.18
C VAL B 112 101.54 49.00 74.49
N THR B 113 101.06 49.35 75.68
CA THR B 113 99.61 49.24 75.94
C THR B 113 98.74 50.04 74.94
N ARG B 114 97.52 49.57 74.73
CA ARG B 114 96.66 50.22 73.76
C ARG B 114 95.35 50.62 74.38
N GLY B 115 94.98 51.89 74.19
CA GLY B 115 93.72 52.42 74.76
C GLY B 115 93.71 52.25 76.25
N ARG B 116 92.59 51.76 76.80
CA ARG B 116 92.58 51.24 78.17
C ARG B 116 92.12 49.78 78.16
N VAL B 117 92.55 49.06 77.14
CA VAL B 117 92.25 47.63 76.96
C VAL B 117 93.40 46.83 77.49
N TRP B 118 93.58 46.96 78.79
CA TRP B 118 94.66 46.34 79.54
C TRP B 118 94.41 46.59 81.02
N ALA B 119 95.09 45.82 81.86
CA ALA B 119 95.02 45.96 83.29
C ALA B 119 96.32 45.43 83.92
N LYS B 120 96.49 45.70 85.20
CA LYS B 120 97.63 45.19 85.92
C LYS B 120 97.33 43.74 86.25
N ILE B 121 98.34 42.87 86.13
CA ILE B 121 98.18 41.44 86.50
C ILE B 121 98.00 41.34 88.01
N PRO B 122 96.93 40.67 88.49
CA PRO B 122 96.80 40.47 89.94
C PRO B 122 97.98 39.68 90.50
N LYS B 123 98.37 40.01 91.73
CA LYS B 123 99.49 39.35 92.43
C LYS B 123 99.54 37.82 92.24
N GLY B 124 98.36 37.18 92.32
CA GLY B 124 98.24 35.71 92.27
C GLY B 124 98.26 35.01 90.91
N LEU B 125 98.37 35.77 89.82
CA LEU B 125 98.43 35.16 88.49
C LEU B 125 99.83 35.24 87.88
N SER B 126 100.17 34.27 87.06
CA SER B 126 101.40 34.30 86.28
C SER B 126 101.25 35.08 84.97
N PHE B 127 102.37 35.39 84.31
CA PHE B 127 102.29 35.99 82.98
C PHE B 127 101.47 35.08 82.07
N GLU B 128 101.72 33.78 82.14
CA GLU B 128 101.04 32.79 81.29
C GLU B 128 99.51 32.76 81.51
N GLN B 129 99.07 32.73 82.76
CA GLN B 129 97.62 32.83 83.04
C GLN B 129 96.99 34.13 82.53
N ALA B 130 97.68 35.24 82.79
CA ALA B 130 97.20 36.56 82.36
C ALA B 130 97.17 36.73 80.83
N ALA B 131 98.21 36.22 80.13
CA ALA B 131 98.23 36.30 78.65
C ALA B 131 97.05 35.58 77.99
N ALA B 132 96.47 34.61 78.70
CA ALA B 132 95.42 33.75 78.12
C ALA B 132 94.09 34.46 78.08
N LEU B 133 94.01 35.58 78.80
CA LEU B 133 92.78 36.33 79.06
C LEU B 133 92.29 37.39 78.05
N PRO B 134 93.19 38.26 77.54
CA PRO B 134 92.65 39.46 76.88
C PRO B 134 91.60 39.32 75.77
N ALA B 135 91.88 38.53 74.72
CA ALA B 135 90.90 38.38 73.64
C ALA B 135 89.59 37.78 74.21
N GLY B 136 89.70 36.86 75.15
CA GLY B 136 88.50 36.26 75.78
C GLY B 136 87.62 37.29 76.50
N ILE B 137 88.23 38.10 77.35
CA ILE B 137 87.52 39.19 78.04
C ILE B 137 86.88 40.15 77.05
N SER B 138 87.66 40.61 76.06
CA SER B 138 87.19 41.61 75.09
C SER B 138 86.05 41.05 74.25
N THR B 139 86.20 39.82 73.80
CA THR B 139 85.13 39.21 72.99
C THR B 139 83.85 38.92 73.79
N ALA B 140 84.02 38.46 75.01
CA ALA B 140 82.89 38.16 75.90
C ALA B 140 82.07 39.44 76.12
N GLY B 141 82.76 40.52 76.41
CA GLY B 141 82.04 41.81 76.58
C GLY B 141 81.38 42.27 75.30
N LEU B 142 82.07 42.15 74.14
CA LEU B 142 81.44 42.59 72.91
C LEU B 142 80.24 41.72 72.59
N ALA B 143 80.33 40.42 72.84
CA ALA B 143 79.18 39.51 72.53
C ALA B 143 77.94 39.88 73.40
N MET B 144 78.16 40.12 74.69
CA MET B 144 77.05 40.46 75.62
C MET B 144 76.43 41.79 75.24
N LYS B 145 77.29 42.72 74.83
CA LYS B 145 76.81 44.02 74.37
C LYS B 145 75.87 43.83 73.19
N LEU B 146 76.31 43.04 72.19
CA LEU B 146 75.52 42.83 71.01
C LEU B 146 74.19 42.10 71.30
N LEU B 147 74.25 41.15 72.21
CA LEU B 147 73.07 40.39 72.62
C LEU B 147 72.11 41.25 73.43
N GLY B 148 72.60 42.35 73.96
CA GLY B 148 71.76 43.32 74.72
C GLY B 148 71.67 42.99 76.20
N LEU B 149 72.79 42.49 76.73
CA LEU B 149 72.86 42.00 78.08
C LEU B 149 73.84 42.85 78.85
N PRO B 150 73.46 43.25 80.09
CA PRO B 150 74.31 44.13 80.85
C PRO B 150 75.58 43.41 81.37
N LEU B 151 76.71 44.12 81.40
CA LEU B 151 77.91 43.54 82.00
C LEU B 151 77.67 43.35 83.48
N PRO B 152 78.39 42.38 84.08
CA PRO B 152 78.34 42.13 85.53
C PRO B 152 78.73 43.39 86.30
N SER B 153 78.18 43.54 87.51
CA SER B 153 78.67 44.54 88.43
C SER B 153 79.86 43.97 89.21
N PRO B 154 80.97 44.71 89.26
CA PRO B 154 82.09 44.16 89.98
C PRO B 154 81.89 44.22 91.52
N SER B 155 80.90 44.98 91.98
CA SER B 155 80.71 45.22 93.40
C SER B 155 79.45 44.54 93.95
N ALA B 156 78.64 43.94 93.09
CA ALA B 156 77.46 43.15 93.51
C ALA B 156 77.86 41.95 94.34
N ASP B 157 76.98 41.50 95.24
CA ASP B 157 77.27 40.31 96.07
C ASP B 157 76.69 39.03 95.50
N GLN B 158 75.79 39.16 94.54
CA GLN B 158 75.24 37.98 93.86
C GLN B 158 74.65 38.43 92.54
N PRO B 159 74.46 37.47 91.59
CA PRO B 159 73.86 37.81 90.30
C PRO B 159 72.43 38.33 90.49
N PRO B 160 71.95 39.19 89.58
CA PRO B 160 70.53 39.58 89.54
C PRO B 160 69.67 38.34 89.52
N THR B 161 68.52 38.41 90.20
CA THR B 161 67.62 37.26 90.35
C THR B 161 66.63 37.17 89.18
N HIS B 162 66.30 35.96 88.72
CA HIS B 162 65.23 35.78 87.72
C HIS B 162 64.46 34.51 88.09
N SER B 163 63.26 34.64 88.67
CA SER B 163 62.45 33.46 89.03
C SER B 163 62.16 32.54 87.86
N LYS B 164 61.93 33.12 86.68
CA LYS B 164 61.90 32.37 85.44
C LYS B 164 63.23 32.56 84.73
N PRO B 165 64.00 31.47 84.58
CA PRO B 165 65.35 31.49 84.02
C PRO B 165 65.39 32.16 82.65
N VAL B 166 66.47 32.91 82.39
CA VAL B 166 66.68 33.50 81.10
C VAL B 166 67.86 32.75 80.48
N TYR B 167 67.55 31.91 79.52
CA TYR B 167 68.57 31.02 78.96
C TYR B 167 69.34 31.68 77.84
N VAL B 168 70.61 31.28 77.67
CA VAL B 168 71.43 31.75 76.55
C VAL B 168 72.11 30.54 76.00
N LEU B 169 71.84 30.19 74.73
CA LEU B 169 72.57 29.07 74.13
C LEU B 169 74.00 29.52 73.75
N VAL B 170 75.01 28.72 74.12
CA VAL B 170 76.38 29.00 73.71
C VAL B 170 76.81 27.81 72.84
N TYR B 171 76.84 28.00 71.52
CA TYR B 171 77.24 26.92 70.62
C TYR B 171 78.77 26.92 70.56
N GLY B 172 79.38 25.85 71.03
CA GLY B 172 80.86 25.80 71.13
C GLY B 172 81.25 26.23 72.52
N GLY B 173 80.72 25.48 73.51
CA GLY B 173 80.97 25.73 74.92
C GLY B 173 82.38 25.50 75.45
N SER B 174 83.25 24.85 74.68
CA SER B 174 84.61 24.66 75.16
C SER B 174 85.61 25.62 74.46
N THR B 175 85.11 26.51 73.59
CA THR B 175 85.98 27.51 72.95
C THR B 175 86.52 28.45 74.02
N ALA B 176 87.74 28.95 73.77
CA ALA B 176 88.34 29.96 74.66
C ALA B 176 87.32 31.12 74.93
N THR B 177 86.62 31.55 73.90
CA THR B 177 85.68 32.68 74.09
C THR B 177 84.55 32.23 75.02
N ALA B 178 83.97 31.06 74.77
CA ALA B 178 82.77 30.66 75.56
C ALA B 178 83.07 30.45 77.01
N THR B 179 84.25 29.95 77.37
CA THR B 179 84.48 29.68 78.79
C THR B 179 84.54 30.98 79.62
N VAL B 180 85.10 32.05 79.05
CA VAL B 180 85.10 33.37 79.70
C VAL B 180 83.69 33.98 79.64
N THR B 181 83.06 33.92 78.47
CA THR B 181 81.71 34.48 78.32
C THR B 181 80.69 33.84 79.29
N MET B 182 80.69 32.51 79.40
CA MET B 182 79.72 31.85 80.29
C MET B 182 79.83 32.29 81.77
N GLN B 183 81.05 32.51 82.25
CA GLN B 183 81.25 33.06 83.60
C GLN B 183 80.65 34.45 83.71
N MET B 184 80.88 35.29 82.70
CA MET B 184 80.25 36.62 82.67
C MET B 184 78.72 36.59 82.57
N LEU B 185 78.21 35.69 81.76
CA LEU B 185 76.75 35.54 81.68
C LEU B 185 76.18 35.14 83.04
N ARG B 186 76.79 34.17 83.72
CA ARG B 186 76.39 33.78 85.09
C ARG B 186 76.43 34.95 86.08
N LEU B 187 77.48 35.76 86.00
CA LEU B 187 77.58 36.92 86.87
C LEU B 187 76.47 37.94 86.65
N SER B 188 75.93 38.02 85.44
CA SER B 188 74.85 38.96 85.12
C SER B 188 73.45 38.38 85.33
N GLY B 189 73.40 37.15 85.81
CA GLY B 189 72.16 36.47 86.13
C GLY B 189 71.55 35.63 85.04
N TYR B 190 72.31 35.31 83.97
CA TYR B 190 71.79 34.48 82.87
C TYR B 190 72.20 33.02 83.05
N ILE B 191 71.53 32.10 82.37
CA ILE B 191 71.82 30.69 82.54
C ILE B 191 72.27 30.14 81.18
N PRO B 192 73.59 29.93 81.01
CA PRO B 192 74.11 29.42 79.74
C PRO B 192 73.80 27.94 79.57
N ILE B 193 73.37 27.51 78.38
CA ILE B 193 73.35 26.09 78.06
C ILE B 193 74.31 25.86 76.86
N ALA B 194 75.17 24.85 76.94
CA ALA B 194 76.29 24.80 75.99
C ALA B 194 76.31 23.55 75.14
N THR B 195 76.88 23.63 73.93
CA THR B 195 77.10 22.43 73.12
C THR B 195 78.58 22.35 72.86
N CYS B 196 79.15 21.15 72.99
CA CYS B 196 80.55 20.95 72.69
C CYS B 196 80.80 19.44 72.63
N SER B 197 82.05 19.00 72.61
CA SER B 197 82.31 17.53 72.56
C SER B 197 82.29 16.96 73.97
N PRO B 198 81.83 15.69 74.14
CA PRO B 198 81.75 15.07 75.48
C PRO B 198 82.97 15.21 76.38
N HIS B 199 84.18 15.16 75.80
CA HIS B 199 85.38 15.24 76.66
C HIS B 199 85.57 16.62 77.33
N ASN B 200 84.90 17.64 76.80
CA ASN B 200 84.87 18.96 77.44
C ASN B 200 83.65 19.31 78.28
N PHE B 201 82.79 18.32 78.60
CA PHE B 201 81.55 18.60 79.35
C PHE B 201 81.85 19.18 80.73
N ASP B 202 82.84 18.59 81.41
CA ASP B 202 83.22 18.99 82.77
C ASP B 202 83.71 20.45 82.75
N LEU B 203 84.54 20.73 81.76
CA LEU B 203 85.06 22.10 81.53
C LEU B 203 83.93 23.11 81.37
N ALA B 204 83.03 22.85 80.42
CA ALA B 204 81.88 23.73 80.18
C ALA B 204 81.05 24.01 81.45
N LYS B 205 80.62 22.96 82.16
CA LYS B 205 79.90 23.12 83.44
C LYS B 205 80.71 23.88 84.48
N SER B 206 82.01 23.62 84.57
CA SER B 206 82.83 24.36 85.54
C SER B 206 82.83 25.85 85.23
N ARG B 207 82.55 26.21 83.98
CA ARG B 207 82.62 27.63 83.57
C ARG B 207 81.25 28.29 83.46
N GLY B 208 80.19 27.58 83.87
CA GLY B 208 78.91 28.25 84.04
C GLY B 208 77.73 27.60 83.32
N ALA B 209 77.98 26.61 82.45
CA ALA B 209 76.88 25.95 81.72
C ALA B 209 76.03 25.16 82.73
N GLU B 210 74.73 25.45 82.74
CA GLU B 210 73.73 24.73 83.53
C GLU B 210 73.65 23.29 83.03
N GLU B 211 73.67 23.15 81.71
CA GLU B 211 73.68 21.83 81.05
C GLU B 211 74.47 21.97 79.75
N VAL B 212 75.06 20.85 79.33
CA VAL B 212 75.89 20.81 78.18
C VAL B 212 75.46 19.60 77.34
N PHE B 213 75.57 19.72 76.03
CA PHE B 213 75.11 18.70 75.07
C PHE B 213 76.16 18.50 73.99
N ASP B 214 76.27 17.25 73.50
CA ASP B 214 77.09 16.96 72.32
C ASP B 214 76.41 17.54 71.09
N TYR B 215 77.06 18.47 70.36
CA TYR B 215 76.43 19.10 69.21
C TYR B 215 76.08 18.13 68.05
N ARG B 216 76.71 16.96 68.06
CA ARG B 216 76.49 15.91 67.05
C ARG B 216 75.18 15.11 67.33
N ALA B 217 74.60 15.28 68.51
CA ALA B 217 73.44 14.47 68.93
C ALA B 217 72.21 14.66 68.03
N PRO B 218 71.57 13.53 67.60
CA PRO B 218 70.47 13.71 66.64
C PRO B 218 69.28 14.45 67.16
N ASN B 219 68.77 15.38 66.33
CA ASN B 219 67.61 16.24 66.68
C ASN B 219 67.80 17.03 67.96
N LEU B 220 69.06 17.39 68.22
CA LEU B 220 69.39 18.10 69.46
C LEU B 220 68.69 19.47 69.57
N ALA B 221 68.48 20.17 68.46
CA ALA B 221 67.79 21.50 68.62
C ALA B 221 66.35 21.38 69.17
N GLN B 222 65.67 20.25 68.90
CA GLN B 222 64.37 19.97 69.51
C GLN B 222 64.50 19.77 71.01
N THR B 223 65.53 19.04 71.40
CA THR B 223 65.85 18.90 72.82
C THR B 223 66.02 20.29 73.47
N ILE B 224 66.88 21.11 72.89
CA ILE B 224 67.09 22.47 73.40
C ILE B 224 65.82 23.30 73.41
N ARG B 225 65.03 23.26 72.33
CA ARG B 225 63.77 24.01 72.26
C ARG B 225 62.89 23.64 73.43
N THR B 226 62.75 22.33 73.66
CA THR B 226 61.96 21.84 74.78
C THR B 226 62.48 22.24 76.13
N TYR B 227 63.80 22.11 76.33
CA TYR B 227 64.47 22.53 77.55
C TYR B 227 64.16 23.98 77.85
N THR B 228 64.15 24.81 76.80
CA THR B 228 64.01 26.28 76.97
C THR B 228 62.55 26.70 76.81
N LYS B 229 61.61 25.76 76.91
CA LYS B 229 60.17 26.01 76.81
C LYS B 229 59.80 26.78 75.57
N ASN B 230 60.48 26.48 74.47
CA ASN B 230 60.20 27.13 73.21
C ASN B 230 60.23 28.67 73.24
N ASN B 231 61.05 29.19 74.12
CA ASN B 231 61.28 30.63 74.25
C ASN B 231 62.75 31.02 74.43
N LEU B 232 63.67 30.27 73.83
CA LEU B 232 65.05 30.70 73.85
C LEU B 232 65.20 31.98 73.01
N ARG B 233 65.72 33.06 73.57
CA ARG B 233 65.80 34.32 72.82
C ARG B 233 67.23 34.78 72.52
N TYR B 234 68.22 34.04 73.02
CA TYR B 234 69.61 34.42 72.84
C TYR B 234 70.43 33.25 72.41
N ALA B 235 71.16 33.40 71.29
CA ALA B 235 72.13 32.38 70.95
C ALA B 235 73.46 33.02 70.62
N LEU B 236 74.53 32.52 71.23
CA LEU B 236 75.89 32.97 70.93
C LEU B 236 76.64 31.85 70.25
N ASP B 237 77.02 32.07 69.00
CA ASP B 237 77.68 31.07 68.18
C ASP B 237 79.18 31.31 68.12
N CYS B 238 79.92 30.46 68.82
CA CYS B 238 81.37 30.60 68.94
C CYS B 238 82.12 29.81 67.90
N ILE B 239 81.39 29.18 66.98
CA ILE B 239 81.97 28.39 65.90
C ILE B 239 81.84 29.11 64.55
N THR B 240 80.60 29.50 64.25
CA THR B 240 80.20 30.24 63.02
C THR B 240 80.54 29.55 61.68
N ASN B 241 79.84 28.46 61.40
CA ASN B 241 79.88 27.82 60.09
C ASN B 241 78.46 27.52 59.71
N VAL B 242 78.29 26.86 58.55
CA VAL B 242 76.99 26.61 58.05
C VAL B 242 76.16 25.79 59.07
N GLU B 243 76.80 24.80 59.71
CA GLU B 243 76.06 23.95 60.65
C GLU B 243 75.66 24.67 61.94
N SER B 244 76.59 25.46 62.53
CA SER B 244 76.31 26.14 63.83
C SER B 244 75.17 27.16 63.65
N THR B 245 75.17 27.87 62.52
CA THR B 245 74.13 28.85 62.22
C THR B 245 72.74 28.19 62.09
N THR B 246 72.68 27.11 61.34
CA THR B 246 71.43 26.32 61.21
C THR B 246 70.94 25.89 62.55
N PHE B 247 71.84 25.33 63.36
CA PHE B 247 71.47 24.78 64.64
C PHE B 247 70.91 25.88 65.56
N CYS B 248 71.59 27.03 65.59
CA CYS B 248 71.18 28.12 66.47
C CYS B 248 69.82 28.64 66.12
N PHE B 249 69.59 28.87 64.83
CA PHE B 249 68.29 29.28 64.33
C PHE B 249 67.16 28.32 64.68
N ALA B 250 67.48 27.01 64.69
CA ALA B 250 66.50 25.96 64.95
C ALA B 250 66.16 25.92 66.42
N ALA B 251 67.11 26.25 67.28
CA ALA B 251 66.93 26.21 68.75
C ALA B 251 66.18 27.42 69.32
N ILE B 252 66.26 28.54 68.64
CA ILE B 252 65.63 29.79 69.06
C ILE B 252 64.11 29.58 69.09
N GLY B 253 63.46 30.17 70.09
CA GLY B 253 62.00 29.98 70.34
C GLY B 253 61.07 30.44 69.25
N ARG B 254 59.80 30.04 69.35
CA ARG B 254 58.78 30.35 68.32
C ARG B 254 58.48 31.86 68.20
N ALA B 255 58.72 32.64 69.25
CA ALA B 255 58.44 34.09 69.21
C ALA B 255 59.64 34.93 68.68
N GLY B 256 60.77 34.26 68.46
CA GLY B 256 61.97 34.91 67.91
C GLY B 256 63.10 34.99 68.91
N GLY B 257 64.19 35.62 68.47
CA GLY B 257 65.31 35.76 69.36
C GLY B 257 66.47 36.43 68.66
N HIS B 258 67.62 36.39 69.29
CA HIS B 258 68.79 37.15 68.81
C HIS B 258 70.00 36.21 68.67
N TYR B 259 70.59 36.21 67.49
CA TYR B 259 71.74 35.37 67.20
C TYR B 259 72.95 36.27 67.05
N VAL B 260 74.01 35.97 67.79
CA VAL B 260 75.24 36.76 67.71
C VAL B 260 76.38 35.74 67.41
N SER B 261 77.17 35.98 66.37
CA SER B 261 78.29 35.08 66.07
C SER B 261 79.62 35.80 66.25
N LEU B 262 80.71 35.04 66.37
CA LEU B 262 82.03 35.70 66.61
C LEU B 262 82.73 36.07 65.30
N ASN B 263 82.26 35.50 64.20
CA ASN B 263 82.76 35.79 62.84
C ASN B 263 81.56 36.22 61.97
N PRO B 264 81.79 36.89 60.80
CA PRO B 264 80.74 37.14 59.82
C PRO B 264 80.09 35.82 59.42
N PHE B 265 78.78 35.77 59.31
CA PHE B 265 78.24 34.42 59.09
C PHE B 265 78.02 34.06 57.64
N PRO B 266 78.02 32.74 57.36
CA PRO B 266 78.10 32.20 56.01
C PRO B 266 76.97 32.66 55.12
N GLU B 267 77.24 32.71 53.81
CA GLU B 267 76.24 32.88 52.72
C GLU B 267 74.91 32.15 52.99
N THR B 271 66.18 33.61 57.11
CA THR B 271 64.83 33.05 56.93
C THR B 271 63.76 34.14 56.99
N ARG B 272 62.52 33.68 57.15
CA ARG B 272 61.41 34.47 57.68
C ARG B 272 61.41 34.47 59.23
N LYS B 273 62.17 33.54 59.81
CA LYS B 273 62.24 33.38 61.26
C LYS B 273 62.67 34.72 61.88
N MET B 274 61.98 35.10 62.94
CA MET B 274 62.00 36.47 63.55
C MET B 274 63.24 36.72 64.42
N VAL B 275 64.38 36.63 63.77
CA VAL B 275 65.67 36.63 64.47
C VAL B 275 66.50 37.82 64.02
N THR B 276 66.91 38.64 64.98
CA THR B 276 67.87 39.72 64.75
C THR B 276 69.29 39.10 64.81
N THR B 277 70.22 39.65 64.02
CA THR B 277 71.58 39.09 63.93
C THR B 277 72.65 40.16 64.00
N ASP B 278 73.77 39.80 64.66
CA ASP B 278 74.95 40.67 64.72
C ASP B 278 76.18 39.76 64.80
N TRP B 279 77.36 40.32 64.55
CA TRP B 279 78.64 39.60 64.76
C TRP B 279 79.70 40.54 65.36
N THR B 280 80.56 40.00 66.22
CA THR B 280 81.54 40.78 66.90
C THR B 280 82.69 41.18 65.96
N LEU B 281 82.98 42.49 65.93
CA LEU B 281 84.13 43.01 65.17
C LEU B 281 85.23 43.37 66.18
N GLY B 282 86.28 42.58 66.16
CA GLY B 282 87.26 42.58 67.25
C GLY B 282 87.88 43.95 67.52
N PRO B 283 88.33 44.63 66.48
CA PRO B 283 88.96 45.97 66.69
C PRO B 283 88.07 47.01 67.35
N THR B 284 86.75 46.82 67.32
CA THR B 284 85.85 47.77 67.98
C THR B 284 86.06 47.83 69.49
N ILE B 285 86.69 46.82 70.11
CA ILE B 285 87.03 46.96 71.54
C ILE B 285 87.91 48.21 71.84
N PHE B 286 88.70 48.64 70.86
CA PHE B 286 89.61 49.82 71.00
C PHE B 286 88.89 51.12 70.62
N GLY B 287 87.69 50.98 70.05
CA GLY B 287 86.94 52.10 69.46
C GLY B 287 87.66 52.70 68.27
N GLU B 288 88.38 51.88 67.52
CA GLU B 288 89.33 52.36 66.51
C GLU B 288 88.83 52.29 65.08
N GLY B 289 87.91 51.36 64.84
CA GLY B 289 87.48 51.04 63.49
C GLY B 289 88.37 50.01 62.80
N SER B 290 88.01 49.68 61.56
CA SER B 290 88.68 48.66 60.81
C SER B 290 88.61 49.02 59.33
N THR B 291 89.36 48.30 58.49
CA THR B 291 89.17 48.40 57.03
C THR B 291 88.29 47.28 56.37
N TRP B 292 87.69 46.41 57.19
CA TRP B 292 86.56 45.55 56.76
C TRP B 292 85.42 45.63 57.81
N PRO B 293 84.19 45.20 57.46
CA PRO B 293 83.72 44.73 56.17
C PRO B 293 82.88 45.74 55.37
N ALA B 294 83.03 45.77 54.05
CA ALA B 294 84.23 45.36 53.36
C ALA B 294 84.57 46.53 52.44
N PRO B 295 83.53 47.32 52.01
CA PRO B 295 83.70 48.73 51.57
C PRO B 295 83.45 49.73 52.72
N TYR B 296 84.46 50.56 53.01
CA TYR B 296 84.42 51.55 54.12
C TYR B 296 84.82 51.01 55.52
N GLY B 297 84.64 49.70 55.71
CA GLY B 297 85.04 49.01 56.95
C GLY B 297 84.09 49.27 58.10
N ARG B 298 84.61 49.88 59.16
CA ARG B 298 83.79 50.55 60.14
C ARG B 298 84.58 51.72 60.70
N PRO B 299 83.91 52.84 60.98
CA PRO B 299 84.63 53.93 61.63
C PRO B 299 84.86 53.65 63.12
N GLY B 300 85.80 54.37 63.72
CA GLY B 300 85.96 54.36 65.17
C GLY B 300 84.91 55.21 65.86
N SER B 301 84.88 55.16 67.20
CA SER B 301 83.86 55.89 67.96
C SER B 301 84.19 55.93 69.42
N GLU B 302 83.93 57.08 70.07
CA GLU B 302 84.23 57.23 71.49
C GLU B 302 83.35 56.31 72.34
N GLU B 303 82.11 56.04 71.91
CA GLU B 303 81.24 55.12 72.71
C GLU B 303 81.82 53.70 72.74
N GLU B 304 82.37 53.25 71.61
CA GLU B 304 83.02 51.93 71.57
C GLU B 304 84.28 51.99 72.40
N ARG B 305 85.01 53.12 72.29
CA ARG B 305 86.21 53.32 73.09
C ARG B 305 85.86 53.25 74.57
N GLN B 306 84.81 53.98 74.98
CA GLN B 306 84.44 54.00 76.38
C GLN B 306 83.91 52.63 76.84
N PHE B 307 83.17 51.93 75.99
CA PHE B 307 82.71 50.57 76.37
C PHE B 307 83.88 49.64 76.70
N GLY B 308 84.88 49.55 75.82
CA GLY B 308 86.07 48.71 76.09
C GLY B 308 86.78 49.11 77.38
N GLU B 309 86.84 50.41 77.68
CA GLU B 309 87.53 50.86 78.88
C GLU B 309 86.72 50.43 80.10
N ASP B 310 85.39 50.58 80.02
CA ASP B 310 84.49 50.18 81.11
C ASP B 310 84.58 48.66 81.31
N LEU B 311 84.57 47.93 80.20
CA LEU B 311 84.63 46.46 80.27
C LEU B 311 85.89 46.02 81.02
N TRP B 312 87.02 46.62 80.65
CA TRP B 312 88.33 46.23 81.20
C TRP B 312 88.50 46.61 82.66
N ARG B 313 87.92 47.75 83.04
CA ARG B 313 87.86 48.14 84.45
C ARG B 313 87.04 47.13 85.27
N ILE B 314 85.85 46.78 84.76
CA ILE B 314 85.04 45.70 85.37
C ILE B 314 85.74 44.34 85.36
N ALA B 315 86.22 43.90 84.20
CA ALA B 315 86.79 42.56 84.09
C ALA B 315 88.10 42.47 84.85
N GLY B 316 88.91 43.54 84.82
CA GLY B 316 90.12 43.57 85.63
C GLY B 316 89.83 43.29 87.11
N GLN B 317 88.77 43.86 87.67
CA GLN B 317 88.40 43.58 89.08
C GLN B 317 87.91 42.15 89.30
N LEU B 318 87.09 41.65 88.38
CA LEU B 318 86.57 40.28 88.44
C LEU B 318 87.72 39.30 88.42
N VAL B 319 88.70 39.57 87.57
CA VAL B 319 89.87 38.70 87.48
C VAL B 319 90.67 38.84 88.78
N GLU B 320 90.79 40.07 89.28
CA GLU B 320 91.43 40.35 90.58
C GLU B 320 90.76 39.55 91.72
N ASP B 321 89.44 39.51 91.76
CA ASP B 321 88.90 38.77 92.88
C ASP B 321 88.47 37.34 92.65
N GLY B 322 88.98 36.75 91.57
CA GLY B 322 88.83 35.32 91.34
C GLY B 322 87.48 34.93 90.75
N ARG B 323 86.71 35.92 90.30
CA ARG B 323 85.38 35.69 89.72
C ARG B 323 85.39 35.42 88.22
N LEU B 324 86.54 35.64 87.59
CA LEU B 324 86.73 35.32 86.19
C LEU B 324 88.07 34.63 86.04
N VAL B 325 88.03 33.38 85.54
CA VAL B 325 89.21 32.54 85.44
C VAL B 325 89.61 32.24 83.98
N HIS B 326 90.91 32.08 83.73
CA HIS B 326 91.41 31.86 82.38
C HIS B 326 90.98 30.48 81.84
N HIS B 327 91.01 30.33 80.52
CA HIS B 327 90.77 29.06 79.83
C HIS B 327 91.95 28.13 80.21
N PRO B 328 91.75 26.79 80.27
CA PRO B 328 92.88 25.92 80.62
C PRO B 328 94.05 26.16 79.68
N LEU B 329 95.27 26.05 80.21
CA LEU B 329 96.47 26.41 79.47
C LEU B 329 97.26 25.23 78.99
N ARG B 330 97.80 25.41 77.79
CA ARG B 330 98.90 24.60 77.27
C ARG B 330 100.10 25.54 77.07
N VAL B 331 101.06 25.47 78.00
CA VAL B 331 102.20 26.36 77.97
C VAL B 331 103.41 25.73 77.31
N VAL B 332 103.98 26.49 76.37
CA VAL B 332 105.21 26.17 75.66
C VAL B 332 106.26 27.21 76.13
N GLN B 333 107.47 26.74 76.46
CA GLN B 333 108.61 27.64 76.72
C GLN B 333 109.41 27.76 75.43
N GLY B 334 109.62 28.99 74.96
CA GLY B 334 110.25 29.19 73.67
C GLY B 334 110.36 30.61 73.18
N GLY B 335 110.66 30.75 71.89
CA GLY B 335 110.75 32.05 71.26
C GLY B 335 109.76 32.14 70.11
N PHE B 336 110.08 33.00 69.16
CA PHE B 336 109.16 33.37 68.12
C PHE B 336 108.84 32.28 67.10
N ASP B 337 109.76 31.33 66.94
CA ASP B 337 109.47 30.12 66.20
C ASP B 337 108.40 29.28 66.84
N HIS B 338 108.41 29.23 68.17
CA HIS B 338 107.38 28.54 68.95
C HIS B 338 105.98 29.17 68.78
N ILE B 339 105.95 30.49 68.51
CA ILE B 339 104.69 31.21 68.26
C ILE B 339 104.18 30.82 66.90
N LYS B 340 105.07 30.82 65.91
CA LYS B 340 104.75 30.44 64.56
C LYS B 340 104.25 28.98 64.50
N GLN B 341 104.93 28.08 65.23
CA GLN B 341 104.49 26.67 65.37
C GLN B 341 103.12 26.58 66.08
N GLY B 342 102.99 27.31 67.17
CA GLY B 342 101.72 27.51 67.85
C GLY B 342 100.57 27.86 66.94
N MET B 343 100.76 28.82 66.03
CA MET B 343 99.73 29.28 65.10
C MET B 343 99.29 28.18 64.14
N GLU B 344 100.24 27.33 63.74
CA GLU B 344 99.91 26.24 62.85
C GLU B 344 99.05 25.20 63.55
N LEU B 345 99.40 24.91 64.79
CA LEU B 345 98.64 23.98 65.61
C LEU B 345 97.18 24.45 65.74
N VAL B 346 97.03 25.76 65.96
CA VAL B 346 95.70 26.34 66.13
C VAL B 346 94.92 26.39 64.83
N ARG B 347 95.59 26.78 63.74
CA ARG B 347 94.93 26.85 62.45
C ARG B 347 94.40 25.48 62.02
N LYS B 348 95.13 24.43 62.38
CA LYS B 348 94.83 23.04 61.97
C LYS B 348 93.74 22.46 62.86
N GLY B 349 93.23 23.28 63.79
CA GLY B 349 92.15 22.83 64.69
C GLY B 349 92.59 21.79 65.69
N GLU B 350 93.86 21.85 66.10
CA GLU B 350 94.42 20.77 66.90
C GLU B 350 94.37 20.96 68.40
N LEU B 351 93.80 22.07 68.85
CA LEU B 351 93.65 22.29 70.27
C LEU B 351 92.15 22.11 70.61
N SER B 352 91.89 21.45 71.73
CA SER B 352 90.54 21.31 72.27
C SER B 352 90.56 21.55 73.78
N GLY B 353 89.75 22.50 74.21
CA GLY B 353 89.57 22.83 75.62
C GLY B 353 90.83 23.42 76.25
N GLU B 354 91.69 24.02 75.44
CA GLU B 354 92.97 24.58 75.93
C GLU B 354 93.34 25.79 75.13
N LYS B 355 94.09 26.69 75.76
CA LYS B 355 94.65 27.89 75.13
C LYS B 355 96.16 27.73 75.01
N LEU B 356 96.74 27.93 73.82
CA LEU B 356 98.19 27.80 73.65
C LEU B 356 98.84 29.11 74.07
N VAL B 357 99.71 29.02 75.08
CA VAL B 357 100.47 30.16 75.60
C VAL B 357 101.98 29.92 75.43
N VAL B 358 102.70 30.91 74.88
CA VAL B 358 104.16 30.80 74.76
C VAL B 358 104.79 31.71 75.82
N ARG B 359 105.56 31.12 76.74
CA ARG B 359 106.36 31.90 77.71
C ARG B 359 107.68 32.21 77.05
N LEU B 360 107.95 33.49 76.80
CA LEU B 360 109.10 33.92 75.99
C LEU B 360 110.40 33.76 76.76
N GLU B 361 111.32 32.99 76.18
CA GLU B 361 112.66 32.83 76.74
C GLU B 361 113.50 34.01 76.29
N GLY B 362 113.74 34.97 77.17
CA GLY B 362 114.51 36.16 76.81
C GLY B 362 115.82 36.26 77.56
N PRO B 363 116.97 36.02 76.89
CA PRO B 363 117.06 35.57 75.50
C PRO B 363 117.14 34.04 75.40
N ALA C 2 -34.10 10.40 55.38
CA ALA C 2 -34.19 9.94 53.96
C ALA C 2 -32.80 9.80 53.35
N GLN C 3 -32.74 9.24 52.15
CA GLN C 3 -31.48 9.04 51.44
C GLN C 3 -31.06 10.26 50.62
N SER C 4 -31.90 11.28 50.53
CA SER C 4 -31.60 12.49 49.77
C SER C 4 -31.07 13.62 50.64
N MET C 5 -30.74 13.34 51.91
CA MET C 5 -30.27 14.35 52.84
C MET C 5 -28.75 14.53 52.81
N TYR C 6 -28.06 13.86 51.89
CA TYR C 6 -26.60 13.91 51.86
C TYR C 6 -26.12 15.29 51.44
N PRO C 7 -24.87 15.64 51.76
CA PRO C 7 -24.41 17.01 51.48
C PRO C 7 -24.57 17.42 50.03
N ASN C 8 -24.33 16.51 49.09
CA ASN C 8 -24.59 16.73 47.69
C ASN C 8 -25.72 15.80 47.25
N GLU C 9 -26.65 16.35 46.46
CA GLU C 9 -27.84 15.60 46.10
C GLU C 9 -27.44 14.29 45.43
N PRO C 10 -27.90 13.14 45.94
CA PRO C 10 -27.46 11.86 45.36
C PRO C 10 -28.06 11.64 43.98
N ILE C 11 -27.25 11.16 43.06
CA ILE C 11 -27.72 10.83 41.73
C ILE C 11 -28.16 9.37 41.68
N VAL C 12 -29.18 9.09 40.87
CA VAL C 12 -29.84 7.79 40.86
C VAL C 12 -29.88 7.27 39.44
N VAL C 13 -29.55 5.99 39.27
CA VAL C 13 -29.61 5.34 37.96
C VAL C 13 -31.04 4.88 37.72
N VAL C 14 -31.77 5.61 36.88
CA VAL C 14 -33.16 5.28 36.60
C VAL C 14 -33.29 4.20 35.52
N GLY C 15 -32.31 4.08 34.63
CA GLY C 15 -32.36 3.08 33.59
C GLY C 15 -30.97 2.83 33.04
N SER C 16 -30.85 1.72 32.32
CA SER C 16 -29.56 1.33 31.76
C SER C 16 -29.76 0.57 30.46
N GLY C 17 -28.83 0.74 29.55
CA GLY C 17 -28.82 -0.01 28.30
C GLY C 17 -27.42 -0.53 28.02
N CYS C 18 -27.34 -1.84 27.79
CA CYS C 18 -26.05 -2.52 27.76
C CYS C 18 -25.94 -3.39 26.53
N ARG C 19 -24.78 -3.32 25.87
CA ARG C 19 -24.39 -4.24 24.82
C ARG C 19 -23.04 -4.82 25.25
N PHE C 20 -23.09 -5.87 26.06
CA PHE C 20 -21.91 -6.46 26.66
C PHE C 20 -21.65 -7.84 26.07
N PRO C 21 -20.41 -8.31 26.10
CA PRO C 21 -20.07 -9.56 25.43
C PRO C 21 -20.70 -10.74 26.13
N GLY C 22 -20.91 -11.81 25.37
CA GLY C 22 -21.57 -13.00 25.88
C GLY C 22 -23.07 -12.91 25.77
N ASP C 23 -23.54 -12.31 24.68
CA ASP C 23 -24.97 -12.12 24.41
C ASP C 23 -25.62 -11.21 25.45
N ALA C 24 -24.82 -10.43 26.18
CA ALA C 24 -25.34 -9.51 27.18
C ALA C 24 -25.77 -8.20 26.52
N ASN C 25 -26.81 -8.30 25.69
CA ASN C 25 -27.34 -7.16 24.96
C ASN C 25 -28.50 -6.49 25.69
N THR C 26 -28.54 -6.59 27.02
CA THR C 26 -29.58 -5.96 27.83
C THR C 26 -29.18 -6.05 29.30
N PRO C 27 -29.61 -5.11 30.14
CA PRO C 27 -29.14 -5.13 31.54
C PRO C 27 -29.44 -6.44 32.27
N SER C 28 -30.59 -7.05 32.01
CA SER C 28 -30.92 -8.30 32.68
C SER C 28 -29.93 -9.41 32.32
N LYS C 29 -29.62 -9.53 31.02
CA LYS C 29 -28.63 -10.52 30.60
C LYS C 29 -27.26 -10.19 31.16
N LEU C 30 -26.91 -8.91 31.25
CA LEU C 30 -25.64 -8.53 31.83
C LEU C 30 -25.55 -8.96 33.29
N TRP C 31 -26.62 -8.74 34.06
CA TRP C 31 -26.61 -9.18 35.45
C TRP C 31 -26.53 -10.70 35.55
N GLU C 32 -27.29 -11.41 34.71
CA GLU C 32 -27.24 -12.86 34.73
C GLU C 32 -25.82 -13.35 34.46
N LEU C 33 -25.15 -12.75 33.48
CA LEU C 33 -23.77 -13.11 33.20
C LEU C 33 -22.86 -12.80 34.39
N LEU C 34 -23.01 -11.61 34.98
CA LEU C 34 -22.11 -11.20 36.05
C LEU C 34 -22.24 -12.11 37.26
N GLN C 35 -23.47 -12.44 37.66
CA GLN C 35 -23.64 -13.33 38.80
C GLN C 35 -23.47 -14.80 38.44
N HIS C 36 -23.49 -15.13 37.15
CA HIS C 36 -23.24 -16.49 36.67
C HIS C 36 -22.27 -16.41 35.49
N PRO C 37 -21.02 -16.03 35.75
CA PRO C 37 -20.09 -15.78 34.65
C PRO C 37 -19.72 -17.04 33.88
N ARG C 38 -19.37 -16.84 32.61
CA ARG C 38 -18.92 -17.88 31.72
C ARG C 38 -17.71 -17.38 30.94
N ASP C 39 -17.06 -18.29 30.22
CA ASP C 39 -15.87 -17.95 29.43
C ASP C 39 -16.32 -17.19 28.20
N VAL C 40 -16.66 -15.91 28.43
CA VAL C 40 -17.17 -15.08 27.35
C VAL C 40 -16.10 -14.80 26.31
N GLN C 41 -14.85 -14.63 26.75
CA GLN C 41 -13.78 -14.26 25.84
C GLN C 41 -13.62 -15.29 24.73
N SER C 42 -13.28 -14.79 23.55
CA SER C 42 -13.12 -15.65 22.38
C SER C 42 -12.09 -15.02 21.45
N ARG C 43 -11.59 -15.83 20.52
CA ARG C 43 -10.69 -15.33 19.49
C ARG C 43 -11.41 -14.24 18.70
N ILE C 44 -10.66 -13.21 18.31
CA ILE C 44 -11.24 -12.06 17.64
C ILE C 44 -11.92 -12.55 16.37
N PRO C 45 -13.21 -12.33 16.18
CA PRO C 45 -13.87 -12.84 14.98
C PRO C 45 -13.26 -12.24 13.72
N LYS C 46 -13.17 -13.06 12.67
CA LYS C 46 -12.66 -12.57 11.40
C LYS C 46 -13.53 -11.45 10.84
N GLU C 47 -14.82 -11.44 11.18
CA GLU C 47 -15.69 -10.38 10.71
C GLU C 47 -15.22 -9.02 11.21
N ARG C 48 -14.59 -8.98 12.38
CA ARG C 48 -14.03 -7.73 12.89
C ARG C 48 -12.66 -7.48 12.26
N PHE C 49 -11.71 -8.37 12.54
CA PHE C 49 -10.43 -8.38 11.85
C PHE C 49 -9.73 -9.67 12.22
N ASP C 50 -9.11 -10.31 11.22
CA ASP C 50 -8.45 -11.59 11.47
C ASP C 50 -7.19 -11.35 12.28
N VAL C 51 -7.32 -11.48 13.60
CA VAL C 51 -6.18 -11.19 14.48
C VAL C 51 -5.02 -12.12 14.19
N ASP C 52 -5.30 -13.31 13.66
CA ASP C 52 -4.21 -14.19 13.24
C ASP C 52 -3.31 -13.52 12.22
N THR C 53 -3.87 -12.59 11.43
CA THR C 53 -3.07 -11.78 10.54
C THR C 53 -2.17 -10.81 11.29
N PHE C 54 -2.43 -10.57 12.57
CA PHE C 54 -1.60 -9.68 13.38
C PHE C 54 -1.04 -10.33 14.64
N TYR C 55 -1.47 -11.54 14.98
CA TYR C 55 -1.01 -12.17 16.22
C TYR C 55 0.48 -12.50 16.13
N HIS C 56 1.16 -12.39 17.28
CA HIS C 56 2.55 -12.80 17.41
C HIS C 56 2.86 -12.90 18.90
N PRO C 57 3.57 -13.94 19.35
CA PRO C 57 3.79 -14.08 20.80
C PRO C 57 4.47 -12.87 21.41
N ASP C 58 5.40 -12.23 20.70
CA ASP C 58 6.09 -11.06 21.21
C ASP C 58 5.19 -9.83 21.01
N GLY C 59 4.73 -9.25 22.13
CA GLY C 59 3.87 -8.10 22.02
C GLY C 59 4.57 -6.90 21.40
N LYS C 60 5.86 -6.73 21.69
CA LYS C 60 6.63 -5.62 21.13
C LYS C 60 6.99 -5.83 19.67
N HIS C 61 6.58 -6.94 19.06
CA HIS C 61 6.88 -7.18 17.65
C HIS C 61 6.23 -6.10 16.80
N HIS C 62 6.93 -5.70 15.74
CA HIS C 62 6.45 -4.61 14.90
C HIS C 62 5.15 -4.98 14.21
N GLY C 63 4.14 -4.13 14.38
CA GLY C 63 2.87 -4.33 13.69
C GLY C 63 2.18 -5.63 14.05
N ARG C 64 2.30 -6.06 15.30
CA ARG C 64 1.66 -7.28 15.77
C ARG C 64 1.09 -7.05 17.16
N THR C 65 0.18 -7.93 17.56
CA THR C 65 -0.41 -7.89 18.89
C THR C 65 -0.30 -9.27 19.53
N ASN C 66 0.03 -9.29 20.81
CA ASN C 66 0.16 -10.54 21.55
C ASN C 66 -1.14 -11.00 22.19
N ALA C 67 -2.25 -10.28 21.95
CA ALA C 67 -3.54 -10.59 22.55
C ALA C 67 -4.53 -10.92 21.44
N PRO C 68 -4.58 -12.18 21.00
CA PRO C 68 -5.56 -12.58 19.98
C PRO C 68 -6.95 -12.89 20.53
N TYR C 69 -7.20 -12.60 21.80
CA TYR C 69 -8.49 -12.85 22.42
C TYR C 69 -9.07 -11.54 22.95
N ALA C 70 -10.40 -11.49 22.99
CA ALA C 70 -11.09 -10.32 23.54
C ALA C 70 -12.52 -10.73 23.87
N TYR C 71 -13.09 -10.01 24.84
CA TYR C 71 -14.48 -10.22 25.24
C TYR C 71 -15.36 -9.44 24.25
N VAL C 72 -15.53 -10.03 23.07
CA VAL C 72 -16.15 -9.36 21.94
C VAL C 72 -17.66 -9.59 21.96
N LEU C 73 -18.40 -8.63 21.45
CA LEU C 73 -19.85 -8.76 21.32
C LEU C 73 -20.19 -9.74 20.21
N GLN C 74 -21.14 -10.63 20.47
CA GLN C 74 -21.62 -11.55 19.44
C GLN C 74 -22.52 -10.87 18.43
N ASP C 75 -22.98 -9.65 18.72
CA ASP C 75 -23.82 -8.92 17.78
C ASP C 75 -23.03 -8.49 16.56
N ASP C 76 -23.73 -8.40 15.43
CA ASP C 76 -23.14 -7.88 14.20
C ASP C 76 -23.25 -6.36 14.26
N LEU C 77 -22.16 -5.71 14.63
CA LEU C 77 -22.20 -4.26 14.85
C LEU C 77 -22.53 -3.50 13.58
N GLY C 78 -22.24 -4.08 12.42
CA GLY C 78 -22.63 -3.44 11.17
C GLY C 78 -24.13 -3.27 11.04
N ALA C 79 -24.90 -4.23 11.57
CA ALA C 79 -26.34 -4.10 11.58
C ALA C 79 -26.76 -2.89 12.41
N PHE C 80 -27.80 -2.19 11.96
CA PHE C 80 -28.24 -0.97 12.62
C PHE C 80 -29.59 -0.57 12.08
N ASP C 81 -30.49 -0.17 12.98
CA ASP C 81 -31.82 0.28 12.60
C ASP C 81 -31.77 1.77 12.26
N ALA C 82 -31.17 2.07 11.11
CA ALA C 82 -31.02 3.46 10.70
C ALA C 82 -32.37 4.13 10.52
N ALA C 83 -33.36 3.41 9.99
CA ALA C 83 -34.69 3.97 9.86
C ALA C 83 -35.24 4.44 11.20
N PHE C 84 -34.84 3.78 12.29
CA PHE C 84 -35.30 4.19 13.61
C PHE C 84 -34.83 5.60 13.94
N PHE C 85 -33.58 5.92 13.62
CA PHE C 85 -32.97 7.19 13.97
C PHE C 85 -32.98 8.18 12.80
N ASN C 86 -33.70 7.87 11.73
CA ASN C 86 -33.80 8.76 10.57
C ASN C 86 -32.42 9.08 10.01
N ILE C 87 -31.54 8.09 10.02
CA ILE C 87 -30.18 8.22 9.51
C ILE C 87 -30.12 7.57 8.13
N GLN C 88 -29.55 8.29 7.17
CA GLN C 88 -29.43 7.76 5.82
C GLN C 88 -28.39 6.64 5.78
N ALA C 89 -28.47 5.82 4.73
CA ALA C 89 -27.56 4.69 4.62
C ALA C 89 -26.11 5.15 4.55
N GLY C 90 -25.83 6.21 3.79
CA GLY C 90 -24.48 6.71 3.71
C GLY C 90 -23.95 7.16 5.05
N GLU C 91 -24.77 7.92 5.79
CA GLU C 91 -24.35 8.37 7.12
C GLU C 91 -24.19 7.18 8.07
N ALA C 92 -25.10 6.20 7.99
CA ALA C 92 -25.01 5.04 8.86
C ALA C 92 -23.71 4.27 8.61
N GLU C 93 -23.34 4.10 7.34
CA GLU C 93 -22.03 3.51 7.05
C GLU C 93 -20.92 4.40 7.57
N SER C 94 -21.07 5.72 7.44
CA SER C 94 -20.10 6.65 8.00
C SER C 94 -20.03 6.54 9.52
N MET C 95 -21.14 6.20 10.16
CA MET C 95 -21.19 6.21 11.61
C MET C 95 -20.22 5.19 12.21
N ASP C 96 -19.54 5.60 13.26
CA ASP C 96 -18.74 4.66 14.03
C ASP C 96 -19.67 3.69 14.76
N PRO C 97 -19.47 2.38 14.61
CA PRO C 97 -20.32 1.44 15.35
C PRO C 97 -20.44 1.77 16.82
N GLN C 98 -19.44 2.44 17.40
CA GLN C 98 -19.57 2.91 18.77
C GLN C 98 -20.74 3.87 18.90
N HIS C 99 -20.87 4.81 17.96
CA HIS C 99 -21.97 5.77 18.02
C HIS C 99 -23.30 5.08 17.82
N ARG C 100 -23.37 4.13 16.88
CA ARG C 100 -24.63 3.44 16.61
C ARG C 100 -25.07 2.62 17.83
N LEU C 101 -24.15 1.86 18.41
CA LEU C 101 -24.50 1.11 19.61
C LEU C 101 -24.79 2.01 20.78
N LEU C 102 -24.14 3.19 20.84
CA LEU C 102 -24.49 4.16 21.88
C LEU C 102 -25.91 4.65 21.72
N LEU C 103 -26.33 4.95 20.49
CA LEU C 103 -27.71 5.34 20.26
C LEU C 103 -28.66 4.23 20.70
N GLU C 104 -28.37 2.99 20.29
CA GLU C 104 -29.24 1.88 20.64
C GLU C 104 -29.33 1.69 22.15
N THR C 105 -28.18 1.74 22.83
CA THR C 105 -28.17 1.55 24.27
C THR C 105 -28.81 2.71 25.01
N VAL C 106 -28.65 3.94 24.53
CA VAL C 106 -29.30 5.07 25.16
C VAL C 106 -30.81 4.94 25.04
N TYR C 107 -31.31 4.54 23.87
CA TYR C 107 -32.75 4.31 23.74
C TYR C 107 -33.21 3.16 24.63
N GLU C 108 -32.40 2.11 24.73
CA GLU C 108 -32.75 0.98 25.58
C GLU C 108 -32.84 1.40 27.05
N ALA C 109 -31.91 2.25 27.49
CA ALA C 109 -31.94 2.74 28.86
C ALA C 109 -33.13 3.66 29.08
N VAL C 110 -33.39 4.55 28.13
CA VAL C 110 -34.55 5.44 28.23
C VAL C 110 -35.82 4.62 28.37
N THR C 111 -35.97 3.57 27.58
CA THR C 111 -37.09 2.66 27.72
C THR C 111 -37.08 2.02 29.11
N ASN C 112 -35.93 1.48 29.52
CA ASN C 112 -35.83 0.85 30.83
C ASN C 112 -36.05 1.85 31.95
N ALA C 113 -35.63 3.10 31.74
CA ALA C 113 -35.90 4.16 32.71
C ALA C 113 -37.37 4.54 32.74
N GLY C 114 -38.17 4.05 31.80
CA GLY C 114 -39.58 4.41 31.76
C GLY C 114 -39.84 5.81 31.25
N MET C 115 -39.02 6.29 30.32
CA MET C 115 -39.13 7.65 29.80
C MET C 115 -39.39 7.59 28.31
N ARG C 116 -40.28 8.45 27.83
CA ARG C 116 -40.64 8.50 26.42
C ARG C 116 -39.75 9.49 25.69
N ILE C 117 -39.47 9.17 24.42
CA ILE C 117 -38.69 10.09 23.59
C ILE C 117 -39.39 11.43 23.49
N GLN C 118 -40.72 11.42 23.32
CA GLN C 118 -41.47 12.67 23.23
C GLN C 118 -41.36 13.46 24.53
N ASP C 119 -41.44 12.77 25.68
CA ASP C 119 -41.32 13.47 26.95
C ASP C 119 -39.97 14.15 27.08
N LEU C 120 -38.89 13.48 26.67
CA LEU C 120 -37.55 14.05 26.70
C LEU C 120 -37.21 14.82 25.44
N GLN C 121 -38.06 14.79 24.42
CA GLN C 121 -37.79 15.50 23.18
C GLN C 121 -37.80 17.01 23.43
N GLY C 122 -36.66 17.65 23.17
CA GLY C 122 -36.54 19.08 23.33
C GLY C 122 -36.16 19.55 24.72
N THR C 123 -36.00 18.64 25.67
CA THR C 123 -35.67 19.02 27.03
C THR C 123 -34.18 19.30 27.16
N SER C 124 -33.75 19.59 28.39
CA SER C 124 -32.35 19.89 28.68
C SER C 124 -31.57 18.67 29.15
N THR C 125 -31.95 17.48 28.71
CA THR C 125 -31.25 16.27 29.12
C THR C 125 -29.80 16.32 28.65
N ALA C 126 -28.90 15.93 29.54
CA ALA C 126 -27.47 15.98 29.26
C ALA C 126 -26.97 14.63 28.76
N VAL C 127 -25.81 14.66 28.12
CA VAL C 127 -25.14 13.47 27.63
C VAL C 127 -23.66 13.58 27.95
N TYR C 128 -23.08 12.48 28.43
CA TYR C 128 -21.65 12.42 28.73
C TYR C 128 -21.19 11.03 28.31
N VAL C 129 -20.52 10.94 27.17
CA VAL C 129 -20.12 9.68 26.57
C VAL C 129 -18.62 9.48 26.80
N GLY C 130 -18.26 8.31 27.34
CA GLY C 130 -16.86 7.99 27.55
C GLY C 130 -16.35 6.95 26.58
N VAL C 131 -15.54 7.37 25.61
CA VAL C 131 -14.95 6.47 24.63
C VAL C 131 -13.45 6.67 24.65
N MET C 132 -12.70 5.57 24.72
CA MET C 132 -11.25 5.61 24.65
C MET C 132 -10.73 5.28 23.24
N THR C 133 -11.46 4.47 22.49
CA THR C 133 -10.99 3.97 21.20
C THR C 133 -11.90 4.50 20.10
N HIS C 134 -11.29 4.92 18.99
CA HIS C 134 -12.01 5.35 17.81
C HIS C 134 -11.60 4.48 16.63
N ASP C 135 -11.57 3.17 16.84
CA ASP C 135 -11.02 2.26 15.84
C ASP C 135 -11.65 2.46 14.47
N TYR C 136 -12.95 2.77 14.42
CA TYR C 136 -13.61 2.92 13.14
C TYR C 136 -13.02 4.09 12.35
N GLU C 137 -12.76 5.22 13.01
CA GLU C 137 -12.19 6.44 12.46
C GLU C 137 -10.82 6.19 11.85
N THR C 138 -10.06 5.26 12.41
CA THR C 138 -8.78 4.86 11.83
C THR C 138 -8.91 3.72 10.84
N VAL C 139 -10.04 3.02 10.83
CA VAL C 139 -10.27 1.90 9.93
C VAL C 139 -10.97 2.39 8.68
N SER C 140 -12.14 3.01 8.86
CA SER C 140 -12.86 3.56 7.71
C SER C 140 -12.05 4.62 6.99
N THR C 141 -11.15 5.31 7.69
CA THR C 141 -10.36 6.38 7.10
C THR C 141 -8.92 5.97 6.82
N ARG C 142 -8.57 4.70 7.02
CA ARG C 142 -7.21 4.26 6.68
C ARG C 142 -6.94 4.45 5.20
N ASP C 143 -7.90 4.10 4.35
CA ASP C 143 -7.85 4.40 2.93
C ASP C 143 -8.65 5.68 2.69
N LEU C 144 -7.95 6.78 2.44
CA LEU C 144 -8.63 8.06 2.25
C LEU C 144 -9.64 7.98 1.12
N GLU C 145 -9.37 7.16 0.10
CA GLU C 145 -10.37 6.89 -0.91
C GLU C 145 -11.45 5.98 -0.34
N SER C 146 -12.63 6.03 -0.96
CA SER C 146 -13.83 5.32 -0.53
C SER C 146 -14.40 5.88 0.78
N ILE C 147 -13.82 6.94 1.32
CA ILE C 147 -14.39 7.54 2.53
C ILE C 147 -15.79 8.07 2.21
N PRO C 148 -16.80 7.72 2.99
CA PRO C 148 -18.15 8.21 2.70
C PRO C 148 -18.26 9.71 2.94
N THR C 149 -19.30 10.30 2.35
CA THR C 149 -19.47 11.75 2.42
C THR C 149 -19.62 12.22 3.86
N TYR C 150 -20.41 11.51 4.67
CA TYR C 150 -20.66 11.89 6.05
C TYR C 150 -19.68 11.26 7.02
N SER C 151 -18.47 10.92 6.57
CA SER C 151 -17.53 10.24 7.43
C SER C 151 -17.10 11.11 8.61
N ALA C 152 -16.91 12.41 8.38
CA ALA C 152 -16.43 13.28 9.44
C ALA C 152 -17.35 13.23 10.65
N THR C 153 -18.66 13.43 10.42
CA THR C 153 -19.60 13.40 11.53
C THR C 153 -19.93 11.99 11.99
N GLY C 154 -19.70 10.98 11.14
CA GLY C 154 -19.99 9.62 11.52
C GLY C 154 -18.93 8.99 12.40
N VAL C 155 -17.69 9.46 12.28
CA VAL C 155 -16.59 8.89 13.03
C VAL C 155 -15.99 9.87 14.04
N ALA C 156 -16.27 11.17 13.92
CA ALA C 156 -15.76 12.12 14.90
C ALA C 156 -16.22 11.76 16.30
N VAL C 157 -15.29 11.76 17.24
CA VAL C 157 -15.57 11.23 18.57
C VAL C 157 -16.70 12.03 19.24
N SER C 158 -16.63 13.35 19.16
CA SER C 158 -17.63 14.20 19.79
C SER C 158 -19.04 13.83 19.32
N VAL C 159 -19.15 13.38 18.08
CA VAL C 159 -20.46 13.04 17.56
C VAL C 159 -21.06 11.89 18.33
N ALA C 160 -20.24 11.10 19.01
CA ALA C 160 -20.76 9.99 19.83
C ALA C 160 -21.86 10.47 20.77
N SER C 161 -21.69 11.65 21.34
CA SER C 161 -22.71 12.21 22.23
C SER C 161 -23.59 13.23 21.50
N ASN C 162 -22.99 13.99 20.59
CA ASN C 162 -23.75 15.02 19.89
C ASN C 162 -24.89 14.42 19.09
N ARG C 163 -24.65 13.26 18.48
CA ARG C 163 -25.68 12.61 17.67
C ARG C 163 -26.77 12.00 18.53
N ILE C 164 -26.40 11.49 19.71
CA ILE C 164 -27.41 11.01 20.66
C ILE C 164 -28.37 12.15 20.98
N SER C 165 -27.79 13.30 21.36
CA SER C 165 -28.64 14.44 21.69
C SER C 165 -29.44 14.91 20.48
N TYR C 166 -28.83 14.89 19.30
CA TYR C 166 -29.51 15.31 18.07
C TYR C 166 -30.72 14.43 17.79
N PHE C 167 -30.55 13.10 17.90
CA PHE C 167 -31.66 12.20 17.67
C PHE C 167 -32.76 12.39 18.70
N PHE C 168 -32.38 12.53 19.98
CA PHE C 168 -33.36 12.68 21.03
C PHE C 168 -33.80 14.14 21.23
N ASP C 169 -33.31 15.05 20.40
CA ASP C 169 -33.70 16.46 20.47
C ASP C 169 -33.31 17.11 21.79
N TRP C 170 -32.36 16.51 22.51
CA TRP C 170 -31.95 17.02 23.80
C TRP C 170 -31.15 18.31 23.65
N HIS C 171 -31.15 19.11 24.71
CA HIS C 171 -30.43 20.38 24.73
C HIS C 171 -29.41 20.47 25.86
N GLY C 172 -29.22 19.41 26.63
CA GLY C 172 -28.21 19.42 27.67
C GLY C 172 -26.82 19.22 27.10
N PRO C 173 -25.82 19.38 27.97
CA PRO C 173 -24.43 19.21 27.51
C PRO C 173 -24.21 17.82 26.92
N SER C 174 -23.42 17.78 25.85
CA SER C 174 -23.11 16.55 25.13
C SER C 174 -21.59 16.42 25.04
N MET C 175 -20.99 15.80 26.04
CA MET C 175 -19.55 15.58 26.08
C MET C 175 -19.24 14.14 25.69
N THR C 176 -18.23 13.97 24.84
CA THR C 176 -17.66 12.67 24.54
C THR C 176 -16.33 12.60 25.28
N ILE C 177 -16.38 12.16 26.53
CA ILE C 177 -15.20 12.15 27.37
C ILE C 177 -14.21 11.09 26.90
N ASP C 178 -12.94 11.34 27.16
CA ASP C 178 -11.89 10.36 26.87
C ASP C 178 -10.83 10.51 27.94
N THR C 179 -10.94 9.70 29.00
CA THR C 179 -9.90 9.58 30.02
C THR C 179 -9.34 8.16 30.02
N ALA C 180 -9.29 7.53 28.85
CA ALA C 180 -8.83 6.16 28.71
C ALA C 180 -9.83 5.22 29.39
N CYS C 181 -9.33 4.28 30.21
CA CYS C 181 -10.22 3.28 30.78
C CYS C 181 -11.29 3.91 31.68
N SER C 182 -10.98 5.04 32.29
CA SER C 182 -11.92 5.69 33.21
C SER C 182 -12.93 6.58 32.49
N SER C 183 -12.79 6.77 31.18
CA SER C 183 -13.60 7.72 30.42
C SER C 183 -15.07 7.70 30.83
N SER C 184 -15.67 6.51 30.89
CA SER C 184 -17.10 6.42 31.14
C SER C 184 -17.45 6.84 32.56
N LEU C 185 -16.62 6.43 33.53
CA LEU C 185 -16.90 6.82 34.92
C LEU C 185 -16.67 8.31 35.13
N VAL C 186 -15.69 8.88 34.43
CA VAL C 186 -15.49 10.33 34.47
C VAL C 186 -16.71 11.03 33.88
N ALA C 187 -17.26 10.46 32.80
CA ALA C 187 -18.49 10.99 32.23
C ALA C 187 -19.63 10.91 33.23
N VAL C 188 -19.68 9.81 33.99
CA VAL C 188 -20.68 9.67 35.05
C VAL C 188 -20.51 10.80 36.07
N HIS C 189 -19.28 11.09 36.45
CA HIS C 189 -19.01 12.17 37.38
C HIS C 189 -19.50 13.51 36.83
N LEU C 190 -19.20 13.77 35.56
CA LEU C 190 -19.62 15.03 34.94
C LEU C 190 -21.14 15.12 34.89
N ALA C 191 -21.80 14.00 34.59
CA ALA C 191 -23.26 13.96 34.60
C ALA C 191 -23.79 14.24 36.00
N VAL C 192 -23.13 13.69 37.02
CA VAL C 192 -23.54 13.94 38.40
C VAL C 192 -23.45 15.42 38.71
N GLN C 193 -22.34 16.05 38.32
CA GLN C 193 -22.18 17.48 38.56
C GLN C 193 -23.26 18.28 37.85
N GLN C 194 -23.53 17.94 36.59
CA GLN C 194 -24.54 18.65 35.81
C GLN C 194 -25.91 18.52 36.46
N LEU C 195 -26.27 17.31 36.87
CA LEU C 195 -27.57 17.09 37.51
C LEU C 195 -27.67 17.84 38.84
N ARG C 196 -26.60 17.82 39.63
CA ARG C 196 -26.59 18.57 40.88
C ARG C 196 -26.71 20.07 40.65
N THR C 197 -26.18 20.58 39.54
CA THR C 197 -26.41 21.98 39.19
C THR C 197 -27.87 22.27 38.88
N GLY C 198 -28.65 21.26 38.53
CA GLY C 198 -30.05 21.43 38.22
C GLY C 198 -30.33 21.94 36.82
N GLN C 199 -29.30 22.17 36.00
CA GLN C 199 -29.50 22.64 34.64
C GLN C 199 -29.95 21.55 33.68
N SER C 200 -29.90 20.29 34.11
CA SER C 200 -30.32 19.17 33.27
C SER C 200 -31.19 18.24 34.11
N SER C 201 -32.45 18.08 33.69
CA SER C 201 -33.34 17.17 34.39
C SER C 201 -32.90 15.72 34.27
N MET C 202 -32.05 15.41 33.29
CA MET C 202 -31.60 14.05 33.05
C MET C 202 -30.24 14.09 32.38
N ALA C 203 -29.45 13.04 32.62
CA ALA C 203 -28.11 12.96 32.05
C ALA C 203 -27.84 11.53 31.65
N ILE C 204 -27.33 11.34 30.43
CA ILE C 204 -26.97 10.03 29.92
C ILE C 204 -25.46 9.86 30.09
N ALA C 205 -25.06 9.14 31.13
CA ALA C 205 -23.66 8.78 31.31
C ALA C 205 -23.41 7.46 30.59
N ALA C 206 -22.79 7.54 29.41
CA ALA C 206 -22.62 6.38 28.55
C ALA C 206 -21.14 6.18 28.22
N GLY C 207 -20.83 4.96 27.79
CA GLY C 207 -19.48 4.64 27.36
C GLY C 207 -19.53 3.69 26.18
N ALA C 208 -18.44 3.64 25.43
CA ALA C 208 -18.38 2.80 24.25
C ALA C 208 -16.94 2.44 23.92
N ASN C 209 -16.70 1.15 23.75
CA ASN C 209 -15.41 0.65 23.27
C ASN C 209 -15.67 -0.56 22.40
N LEU C 210 -15.20 -0.51 21.16
CA LEU C 210 -15.42 -1.58 20.21
C LEU C 210 -14.11 -1.96 19.53
N ILE C 211 -13.96 -3.24 19.23
CA ILE C 211 -12.76 -3.77 18.60
C ILE C 211 -13.08 -3.91 17.12
N LEU C 212 -12.85 -2.83 16.37
CA LEU C 212 -13.08 -2.81 14.93
C LEU C 212 -11.81 -2.85 14.11
N GLY C 213 -10.65 -2.55 14.71
CA GLY C 213 -9.39 -2.61 14.02
C GLY C 213 -8.25 -2.94 14.97
N PRO C 214 -7.12 -3.38 14.41
CA PRO C 214 -5.98 -3.76 15.26
C PRO C 214 -5.11 -2.60 15.70
N MET C 215 -5.45 -1.37 15.33
CA MET C 215 -4.63 -0.22 15.70
C MET C 215 -4.47 -0.15 17.21
N THR C 216 -5.58 -0.17 17.93
CA THR C 216 -5.52 -0.13 19.40
C THR C 216 -4.81 -1.37 19.94
N PHE C 217 -5.08 -2.54 19.36
CA PHE C 217 -4.45 -3.76 19.84
C PHE C 217 -2.94 -3.69 19.69
N VAL C 218 -2.46 -3.28 18.52
CA VAL C 218 -1.02 -3.17 18.31
C VAL C 218 -0.43 -2.12 19.24
N LEU C 219 -1.09 -0.97 19.35
CA LEU C 219 -0.58 0.09 20.21
C LEU C 219 -0.41 -0.39 21.64
N GLU C 220 -1.42 -1.07 22.19
CA GLU C 220 -1.35 -1.48 23.58
C GLU C 220 -0.40 -2.65 23.77
N SER C 221 -0.37 -3.60 22.83
CA SER C 221 0.56 -4.71 22.93
C SER C 221 2.00 -4.25 22.78
N LYS C 222 2.24 -3.11 22.15
CA LYS C 222 3.60 -2.57 22.07
C LYS C 222 4.15 -2.32 23.47
N LEU C 223 3.29 -1.96 24.41
CA LEU C 223 3.67 -1.77 25.81
C LEU C 223 3.43 -3.01 26.66
N SER C 224 2.98 -4.11 26.05
CA SER C 224 2.60 -5.32 26.78
C SER C 224 1.43 -5.08 27.73
N MET C 225 0.67 -4.01 27.50
CA MET C 225 -0.49 -3.74 28.34
C MET C 225 -1.53 -4.85 28.21
N LEU C 226 -1.76 -5.33 26.99
CA LEU C 226 -2.73 -6.39 26.79
C LEU C 226 -2.23 -7.69 27.38
N SER C 227 -3.19 -8.57 27.72
CA SER C 227 -2.86 -9.84 28.33
C SER C 227 -2.63 -10.89 27.25
N PRO C 228 -1.41 -11.44 27.11
CA PRO C 228 -1.23 -12.51 26.12
C PRO C 228 -2.11 -13.72 26.38
N SER C 229 -2.40 -14.02 27.65
CA SER C 229 -3.32 -15.10 27.97
C SER C 229 -4.73 -14.80 27.49
N GLY C 230 -5.03 -13.55 27.15
CA GLY C 230 -6.33 -13.19 26.63
C GLY C 230 -7.40 -12.94 27.66
N ARG C 231 -7.04 -12.85 28.94
CA ARG C 231 -8.01 -12.61 30.00
C ARG C 231 -7.41 -11.70 31.05
N SER C 232 -8.26 -10.89 31.68
CA SER C 232 -7.85 -9.98 32.75
C SER C 232 -7.92 -10.72 34.07
N ARG C 233 -6.82 -11.35 34.45
CA ARG C 233 -6.75 -12.13 35.69
C ARG C 233 -6.52 -11.16 36.83
N MET C 234 -7.62 -10.66 37.40
CA MET C 234 -7.54 -9.66 38.46
C MET C 234 -6.74 -10.18 39.64
N TRP C 235 -5.75 -9.39 40.07
CA TRP C 235 -4.99 -9.66 41.30
C TRP C 235 -4.53 -11.11 41.36
N ASP C 236 -4.21 -11.69 40.20
CA ASP C 236 -3.83 -13.09 40.10
C ASP C 236 -2.34 -13.20 39.75
N ALA C 237 -1.73 -14.31 40.18
CA ALA C 237 -0.33 -14.55 39.86
C ALA C 237 -0.10 -14.64 38.35
N GLY C 238 -1.15 -14.92 37.58
CA GLY C 238 -1.09 -14.90 36.13
C GLY C 238 -1.27 -13.55 35.51
N ALA C 239 -1.22 -12.48 36.32
CA ALA C 239 -1.42 -11.12 35.83
C ALA C 239 -0.33 -10.75 34.84
N ASP C 240 -0.70 -10.65 33.55
CA ASP C 240 0.22 -10.30 32.49
C ASP C 240 -0.34 -9.19 31.61
N GLY C 241 -1.32 -8.44 32.10
CA GLY C 241 -1.97 -7.39 31.37
C GLY C 241 -3.47 -7.50 31.50
N TYR C 242 -4.19 -6.85 30.59
CA TYR C 242 -5.64 -6.91 30.54
C TYR C 242 -6.10 -7.38 29.16
N ALA C 243 -7.30 -7.95 29.13
CA ALA C 243 -7.91 -8.41 27.88
C ALA C 243 -8.91 -7.37 27.42
N ARG C 244 -8.68 -6.83 26.22
CA ARG C 244 -9.60 -5.84 25.67
C ARG C 244 -11.00 -6.43 25.54
N GLY C 245 -12.00 -5.62 25.86
CA GLY C 245 -13.38 -6.04 25.75
C GLY C 245 -14.20 -5.04 24.97
N GLU C 246 -15.26 -5.53 24.36
CA GLU C 246 -16.22 -4.71 23.64
C GLU C 246 -17.44 -4.50 24.51
N ALA C 247 -17.90 -3.25 24.59
CA ALA C 247 -19.08 -2.95 25.38
C ALA C 247 -19.55 -1.54 25.06
N VAL C 248 -20.86 -1.36 25.05
CA VAL C 248 -21.48 -0.05 24.89
C VAL C 248 -22.54 0.05 25.99
N CYS C 249 -22.31 0.91 26.96
CA CYS C 249 -23.18 1.04 28.12
C CYS C 249 -23.78 2.44 28.15
N SER C 250 -25.09 2.50 28.32
CA SER C 250 -25.82 3.75 28.50
C SER C 250 -26.53 3.71 29.83
N VAL C 251 -26.28 4.71 30.67
CA VAL C 251 -26.86 4.79 32.00
C VAL C 251 -27.57 6.13 32.11
N VAL C 252 -28.87 6.09 32.39
CA VAL C 252 -29.66 7.31 32.57
C VAL C 252 -29.53 7.76 34.01
N LEU C 253 -29.11 9.01 34.20
CA LEU C 253 -28.86 9.56 35.52
C LEU C 253 -29.75 10.77 35.75
N LYS C 254 -30.33 10.83 36.95
CA LYS C 254 -31.18 11.93 37.36
C LYS C 254 -30.99 12.17 38.84
N THR C 255 -31.38 13.36 39.30
CA THR C 255 -31.35 13.64 40.72
C THR C 255 -32.40 12.79 41.43
N LEU C 256 -32.05 12.30 42.62
CA LEU C 256 -32.95 11.39 43.32
C LEU C 256 -34.34 12.00 43.47
N SER C 257 -34.42 13.27 43.87
CA SER C 257 -35.70 13.93 43.98
C SER C 257 -36.39 14.01 42.62
N GLN C 258 -35.63 14.32 41.56
CA GLN C 258 -36.20 14.40 40.22
C GLN C 258 -36.76 13.05 39.78
N ALA C 259 -36.00 11.98 40.02
CA ALA C 259 -36.48 10.66 39.66
C ALA C 259 -37.74 10.30 40.44
N LEU C 260 -37.76 10.59 41.75
CA LEU C 260 -38.92 10.24 42.55
C LEU C 260 -40.15 11.02 42.12
N ARG C 261 -40.01 12.32 41.86
CA ARG C 261 -41.16 13.09 41.39
C ARG C 261 -41.59 12.65 40.00
N ASP C 262 -40.65 12.15 39.18
CA ASP C 262 -40.98 11.60 37.87
C ASP C 262 -41.37 10.13 37.93
N GLY C 263 -41.20 9.48 39.08
CA GLY C 263 -41.63 8.09 39.22
C GLY C 263 -40.92 7.13 38.31
N ASP C 264 -39.61 7.25 38.16
CA ASP C 264 -38.83 6.33 37.36
C ASP C 264 -38.36 5.15 38.19
N THR C 265 -38.22 3.99 37.53
CA THR C 265 -37.79 2.77 38.19
C THR C 265 -36.32 2.88 38.53
N ILE C 266 -36.02 3.03 39.83
CA ILE C 266 -34.65 3.25 40.26
C ILE C 266 -33.86 1.95 40.26
N GLU C 267 -32.62 2.01 39.78
CA GLU C 267 -31.70 0.88 39.85
C GLU C 267 -30.77 0.99 41.06
N CYS C 268 -30.07 2.11 41.18
CA CYS C 268 -29.14 2.34 42.28
C CYS C 268 -28.92 3.84 42.42
N VAL C 269 -28.32 4.23 43.53
CA VAL C 269 -28.08 5.63 43.87
C VAL C 269 -26.58 5.87 43.80
N ILE C 270 -26.15 6.76 42.91
CA ILE C 270 -24.76 7.19 42.83
C ILE C 270 -24.58 8.33 43.82
N ARG C 271 -24.24 7.98 45.07
CA ARG C 271 -24.17 8.99 46.12
C ARG C 271 -23.10 10.03 45.82
N GLU C 272 -21.93 9.60 45.37
CA GLU C 272 -20.85 10.53 45.06
C GLU C 272 -19.92 9.87 44.05
N THR C 273 -19.32 10.71 43.20
CA THR C 273 -18.39 10.23 42.16
C THR C 273 -17.20 11.19 42.12
N GLY C 274 -16.16 10.86 42.87
CA GLY C 274 -14.95 11.64 42.85
C GLY C 274 -14.04 11.25 41.70
N VAL C 275 -13.26 12.22 41.22
CA VAL C 275 -12.33 12.02 40.13
C VAL C 275 -10.99 12.62 40.51
N ASN C 276 -9.92 11.85 40.37
CA ASN C 276 -8.57 12.32 40.62
C ASN C 276 -7.64 11.69 39.59
N GLN C 277 -6.41 12.18 39.57
CA GLN C 277 -5.41 11.77 38.59
C GLN C 277 -4.10 11.46 39.31
N ASP C 278 -3.36 10.49 38.76
CA ASP C 278 -2.08 10.11 39.33
C ASP C 278 -1.02 11.15 38.98
N GLY C 279 -0.15 11.43 39.94
CA GLY C 279 0.92 12.39 39.74
C GLY C 279 2.02 11.85 38.86
N ARG C 280 3.25 12.34 39.06
CA ARG C 280 4.40 11.89 38.26
C ARG C 280 4.85 10.52 38.78
N THR C 281 3.99 9.53 38.52
CA THR C 281 4.28 8.16 38.90
C THR C 281 5.51 7.65 38.16
N THR C 282 5.96 6.46 38.54
CA THR C 282 7.09 5.83 37.86
C THR C 282 6.64 5.30 36.51
N GLY C 283 6.28 6.22 35.60
CA GLY C 283 5.75 5.86 34.30
C GLY C 283 4.34 6.39 34.11
N ILE C 284 4.02 6.80 32.88
CA ILE C 284 2.69 7.35 32.62
C ILE C 284 1.63 6.28 32.85
N THR C 285 1.90 5.05 32.40
CA THR C 285 0.94 3.97 32.59
C THR C 285 0.84 3.52 34.04
N MET C 286 1.88 3.74 34.84
CA MET C 286 1.89 3.24 36.21
C MET C 286 0.89 4.02 37.05
N PRO C 287 -0.09 3.37 37.68
CA PRO C 287 -0.97 4.08 38.60
C PRO C 287 -0.28 4.36 39.93
N ASN C 288 -0.85 5.32 40.66
CA ASN C 288 -0.33 5.72 41.96
C ASN C 288 -1.31 5.26 43.04
N HIS C 289 -0.83 4.41 43.95
CA HIS C 289 -1.69 3.93 45.03
C HIS C 289 -2.09 5.07 45.95
N SER C 290 -1.16 5.98 46.26
CA SER C 290 -1.49 7.10 47.13
C SER C 290 -2.55 7.99 46.51
N ALA C 291 -2.44 8.25 45.21
CA ALA C 291 -3.42 9.10 44.53
C ALA C 291 -4.81 8.46 44.58
N GLN C 292 -4.89 7.15 44.34
CA GLN C 292 -6.18 6.47 44.36
C GLN C 292 -6.75 6.42 45.78
N GLU C 293 -5.88 6.23 46.78
CA GLU C 293 -6.33 6.28 48.17
C GLU C 293 -6.91 7.64 48.50
N ALA C 294 -6.23 8.71 48.08
CA ALA C 294 -6.75 10.05 48.31
C ALA C 294 -8.07 10.25 47.58
N LEU C 295 -8.18 9.72 46.36
CA LEU C 295 -9.45 9.80 45.63
C LEU C 295 -10.57 9.14 46.41
N ILE C 296 -10.34 7.93 46.92
CA ILE C 296 -11.38 7.21 47.64
C ILE C 296 -11.77 7.96 48.90
N LYS C 297 -10.76 8.45 49.64
CA LYS C 297 -11.04 9.18 50.88
C LYS C 297 -11.85 10.44 50.59
N ALA C 298 -11.46 11.20 49.56
CA ALA C 298 -12.18 12.42 49.23
C ALA C 298 -13.60 12.12 48.76
N THR C 299 -13.77 11.05 47.98
CA THR C 299 -15.10 10.68 47.52
C THR C 299 -16.00 10.32 48.68
N TYR C 300 -15.49 9.54 49.64
CA TYR C 300 -16.30 9.19 50.80
C TYR C 300 -16.61 10.42 51.65
N ALA C 301 -15.62 11.31 51.83
CA ALA C 301 -15.87 12.51 52.62
C ALA C 301 -16.92 13.40 51.96
N GLN C 302 -16.84 13.57 50.64
CA GLN C 302 -17.80 14.41 49.94
C GLN C 302 -19.21 13.84 50.04
N ALA C 303 -19.33 12.52 50.25
CA ALA C 303 -20.62 11.88 50.41
C ALA C 303 -21.13 11.93 51.85
N GLY C 304 -20.39 12.57 52.75
CA GLY C 304 -20.76 12.53 54.16
C GLY C 304 -20.50 11.20 54.81
N LEU C 305 -19.59 10.41 54.27
CA LEU C 305 -19.31 9.06 54.74
C LEU C 305 -17.91 9.00 55.34
N ASP C 306 -17.80 8.38 56.51
CA ASP C 306 -16.52 8.17 57.15
C ASP C 306 -15.90 6.87 56.65
N ILE C 307 -14.69 6.96 56.14
CA ILE C 307 -14.05 5.78 55.56
C ILE C 307 -13.78 4.74 56.63
N THR C 308 -13.30 5.18 57.80
CA THR C 308 -12.95 4.24 58.86
C THR C 308 -14.17 3.46 59.35
N LYS C 309 -15.29 4.15 59.53
CA LYS C 309 -16.48 3.49 60.06
C LYS C 309 -17.01 2.48 59.06
N ALA C 310 -17.33 1.28 59.55
CA ALA C 310 -17.86 0.24 58.69
C ALA C 310 -19.26 0.58 58.18
N GLU C 311 -20.06 1.27 58.99
CA GLU C 311 -21.41 1.62 58.57
C GLU C 311 -21.36 2.52 57.33
N ASP C 312 -20.50 3.54 57.34
CA ASP C 312 -20.35 4.40 56.18
C ASP C 312 -19.54 3.74 55.08
N ARG C 313 -18.64 2.82 55.43
CA ARG C 313 -17.78 2.19 54.44
C ARG C 313 -18.56 1.18 53.60
N CYS C 314 -18.19 1.09 52.33
CA CYS C 314 -18.88 0.21 51.41
C CYS C 314 -18.54 -1.25 51.69
N GLN C 315 -19.50 -2.13 51.40
CA GLN C 315 -19.29 -3.57 51.53
C GLN C 315 -18.67 -4.19 50.30
N PHE C 316 -18.86 -3.57 49.13
CA PHE C 316 -18.31 -4.07 47.87
C PHE C 316 -17.54 -2.95 47.19
N PHE C 317 -16.54 -3.33 46.40
CA PHE C 317 -15.66 -2.37 45.75
C PHE C 317 -15.31 -2.91 44.36
N GLU C 318 -16.05 -2.44 43.35
CA GLU C 318 -15.73 -2.81 41.97
C GLU C 318 -14.42 -2.15 41.59
N ALA C 319 -13.36 -2.94 41.54
CA ALA C 319 -12.01 -2.42 41.34
C ALA C 319 -11.66 -2.37 39.85
N HIS C 320 -10.70 -1.52 39.52
CA HIS C 320 -10.17 -1.47 38.17
C HIS C 320 -9.75 -2.86 37.71
N GLY C 321 -8.97 -3.56 38.53
CA GLY C 321 -8.74 -4.99 38.37
C GLY C 321 -8.53 -5.42 36.94
N THR C 322 -7.49 -4.91 36.29
CA THR C 322 -7.22 -5.20 34.89
C THR C 322 -6.27 -6.39 34.71
N GLY C 323 -5.76 -6.97 35.79
CA GLY C 323 -4.75 -7.99 35.66
C GLY C 323 -3.39 -7.47 35.28
N THR C 324 -3.17 -6.17 35.37
CA THR C 324 -1.85 -5.61 35.09
C THR C 324 -0.86 -6.05 36.15
N PRO C 325 0.37 -6.40 35.77
CA PRO C 325 1.34 -6.86 36.78
C PRO C 325 1.63 -5.81 37.84
N ALA C 326 1.59 -4.52 37.48
CA ALA C 326 1.94 -3.45 38.40
C ALA C 326 0.74 -2.62 38.86
N GLY C 327 -0.27 -2.47 38.03
CA GLY C 327 -1.43 -1.68 38.42
C GLY C 327 -2.24 -2.33 39.53
N ASP C 328 -2.41 -3.65 39.45
CA ASP C 328 -3.22 -4.34 40.45
C ASP C 328 -2.65 -4.21 41.86
N PRO C 329 -1.35 -4.42 42.10
CA PRO C 329 -0.81 -4.16 43.44
C PRO C 329 -1.05 -2.74 43.92
N GLN C 330 -0.89 -1.74 43.03
CA GLN C 330 -1.12 -0.36 43.43
C GLN C 330 -2.57 -0.15 43.84
N GLU C 331 -3.51 -0.70 43.07
CA GLU C 331 -4.93 -0.55 43.40
C GLU C 331 -5.25 -1.25 44.73
N ALA C 332 -4.71 -2.44 44.94
CA ALA C 332 -4.96 -3.15 46.18
C ALA C 332 -4.40 -2.37 47.38
N GLU C 333 -3.20 -1.82 47.23
CA GLU C 333 -2.62 -1.01 48.29
C GLU C 333 -3.47 0.22 48.57
N ALA C 334 -3.95 0.88 47.52
CA ALA C 334 -4.78 2.06 47.70
C ALA C 334 -6.06 1.70 48.45
N ILE C 335 -6.70 0.60 48.05
CA ILE C 335 -7.95 0.19 48.71
C ILE C 335 -7.70 -0.14 50.17
N ALA C 336 -6.63 -0.90 50.44
CA ALA C 336 -6.35 -1.30 51.81
C ALA C 336 -6.05 -0.09 52.68
N THR C 337 -5.24 0.85 52.17
CA THR C 337 -4.90 2.03 52.95
C THR C 337 -6.11 2.93 53.17
N ALA C 338 -6.97 3.09 52.16
CA ALA C 338 -8.16 3.91 52.34
C ALA C 338 -9.12 3.30 53.33
N PHE C 339 -9.34 2.00 53.24
CA PHE C 339 -10.30 1.32 54.11
C PHE C 339 -9.65 0.69 55.34
N PHE C 340 -8.33 0.49 55.34
CA PHE C 340 -7.64 -0.15 56.45
C PHE C 340 -6.29 0.54 56.63
N GLY C 341 -5.43 -0.08 57.44
CA GLY C 341 -4.14 0.49 57.75
C GLY C 341 -4.13 1.43 58.93
N HIS C 342 -5.31 1.77 59.47
CA HIS C 342 -5.43 2.63 60.63
C HIS C 342 -5.66 1.84 61.91
N GLU C 343 -5.62 0.52 61.85
CA GLU C 343 -5.83 -0.32 63.03
C GLU C 343 -4.57 -0.33 63.90
N ARG C 353 -13.71 -9.68 62.37
CA ARG C 353 -13.33 -8.71 61.35
C ARG C 353 -13.54 -9.31 59.96
N ALA C 354 -14.74 -9.11 59.42
CA ALA C 354 -15.05 -9.62 58.10
C ALA C 354 -14.27 -8.86 57.03
N PRO C 355 -13.95 -9.50 55.92
CA PRO C 355 -13.22 -8.82 54.85
C PRO C 355 -14.15 -7.97 53.98
N LEU C 356 -13.54 -7.16 53.13
CA LEU C 356 -14.26 -6.35 52.16
C LEU C 356 -14.17 -7.00 50.79
N PHE C 357 -15.31 -7.12 50.13
CA PHE C 357 -15.37 -7.79 48.84
C PHE C 357 -14.97 -6.84 47.72
N VAL C 358 -14.06 -7.29 46.86
CA VAL C 358 -13.59 -6.52 45.71
C VAL C 358 -13.74 -7.39 44.48
N GLY C 359 -14.56 -6.95 43.53
CA GLY C 359 -14.78 -7.69 42.31
C GLY C 359 -14.75 -6.81 41.08
N SER C 360 -13.82 -7.10 40.17
CA SER C 360 -13.64 -6.29 38.97
C SER C 360 -14.49 -6.87 37.84
N ALA C 361 -15.38 -6.03 37.28
CA ALA C 361 -16.19 -6.46 36.15
C ALA C 361 -15.34 -6.81 34.94
N LYS C 362 -14.11 -6.32 34.89
CA LYS C 362 -13.24 -6.55 33.74
C LYS C 362 -12.80 -8.00 33.62
N THR C 363 -12.99 -8.81 34.66
CA THR C 363 -12.65 -10.23 34.58
C THR C 363 -13.70 -11.00 33.81
N VAL C 364 -14.96 -10.62 33.92
CA VAL C 364 -16.06 -11.36 33.31
C VAL C 364 -16.34 -10.86 31.90
N VAL C 365 -16.59 -9.56 31.74
CA VAL C 365 -16.86 -8.99 30.42
C VAL C 365 -15.60 -8.44 29.76
N GLY C 366 -14.44 -8.57 30.38
CA GLY C 366 -13.22 -8.05 29.82
C GLY C 366 -13.04 -6.58 30.12
N HIS C 367 -11.81 -6.11 29.91
CA HIS C 367 -11.49 -4.69 30.07
C HIS C 367 -12.05 -3.94 28.87
N THR C 368 -13.21 -3.31 29.04
CA THR C 368 -13.88 -2.61 27.96
C THR C 368 -13.38 -1.17 27.81
N GLU C 369 -12.20 -0.86 28.34
CA GLU C 369 -11.56 0.42 28.10
C GLU C 369 -12.45 1.60 28.49
N GLY C 370 -12.87 2.40 27.51
CA GLY C 370 -13.59 3.63 27.81
C GLY C 370 -14.82 3.38 28.66
N THR C 371 -15.55 2.31 28.35
CA THR C 371 -16.73 1.95 29.11
C THR C 371 -16.43 0.98 30.24
N ALA C 372 -15.15 0.77 30.57
CA ALA C 372 -14.81 -0.12 31.67
C ALA C 372 -15.38 0.40 32.98
N GLY C 373 -15.29 1.72 33.18
CA GLY C 373 -15.87 2.34 34.35
C GLY C 373 -17.35 2.10 34.45
N LEU C 374 -18.07 2.28 33.34
CA LEU C 374 -19.52 2.07 33.37
C LEU C 374 -19.87 0.60 33.51
N ALA C 375 -19.01 -0.29 33.00
CA ALA C 375 -19.22 -1.72 33.20
C ALA C 375 -19.13 -2.07 34.68
N GLY C 376 -18.09 -1.56 35.34
CA GLY C 376 -17.98 -1.74 36.78
C GLY C 376 -19.14 -1.11 37.52
N LEU C 377 -19.61 0.05 37.04
CA LEU C 377 -20.73 0.72 37.67
C LEU C 377 -22.00 -0.11 37.55
N MET C 378 -22.22 -0.72 36.38
CA MET C 378 -23.37 -1.59 36.20
C MET C 378 -23.26 -2.82 37.09
N LYS C 379 -22.06 -3.39 37.20
CA LYS C 379 -21.86 -4.52 38.09
C LYS C 379 -22.23 -4.16 39.53
N ALA C 380 -21.70 -3.04 40.00
CA ALA C 380 -21.99 -2.61 41.37
C ALA C 380 -23.47 -2.29 41.54
N SER C 381 -24.07 -1.66 40.53
CA SER C 381 -25.49 -1.30 40.59
C SER C 381 -26.36 -2.53 40.74
N PHE C 382 -26.12 -3.54 39.89
CA PHE C 382 -26.91 -4.75 39.96
C PHE C 382 -26.64 -5.50 41.26
N ALA C 383 -25.38 -5.50 41.72
CA ALA C 383 -25.07 -6.17 42.98
C ALA C 383 -25.80 -5.53 44.14
N VAL C 384 -25.82 -4.21 44.20
CA VAL C 384 -26.48 -3.51 45.30
C VAL C 384 -28.00 -3.62 45.18
N ARG C 385 -28.53 -3.63 43.95
CA ARG C 385 -29.97 -3.70 43.76
C ARG C 385 -30.51 -5.08 44.10
N HIS C 386 -29.82 -6.14 43.65
CA HIS C 386 -30.21 -7.50 43.96
C HIS C 386 -29.57 -8.02 45.24
N GLY C 387 -28.67 -7.24 45.85
CA GLY C 387 -28.01 -7.68 47.06
C GLY C 387 -27.15 -8.91 46.90
N VAL C 388 -26.55 -9.10 45.73
CA VAL C 388 -25.68 -10.23 45.45
C VAL C 388 -24.35 -9.70 44.93
N ILE C 389 -23.26 -10.17 45.52
CA ILE C 389 -21.92 -9.78 45.10
C ILE C 389 -21.50 -10.71 43.96
N PRO C 390 -21.49 -10.24 42.71
CA PRO C 390 -21.10 -11.13 41.61
C PRO C 390 -19.65 -11.55 41.74
N PRO C 391 -19.30 -12.73 41.27
CA PRO C 391 -17.93 -13.22 41.39
C PRO C 391 -17.04 -12.67 40.28
N ASN C 392 -15.79 -13.13 40.29
CA ASN C 392 -14.81 -12.81 39.26
C ASN C 392 -14.30 -14.12 38.68
N LEU C 393 -14.55 -14.32 37.38
CA LEU C 393 -14.31 -15.62 36.77
C LEU C 393 -12.83 -16.01 36.84
N LEU C 394 -11.94 -15.07 36.53
CA LEU C 394 -10.50 -15.37 36.44
C LEU C 394 -9.82 -14.90 37.73
N PHE C 395 -9.81 -15.79 38.72
CA PHE C 395 -9.03 -15.59 39.93
C PHE C 395 -8.76 -16.95 40.54
N ASP C 396 -7.54 -17.46 40.34
CA ASP C 396 -7.14 -18.76 40.86
C ASP C 396 -6.22 -18.67 42.07
N LYS C 397 -5.27 -17.74 42.06
CA LYS C 397 -4.34 -17.59 43.18
C LYS C 397 -3.98 -16.11 43.32
N ILE C 398 -3.98 -15.61 44.55
CA ILE C 398 -3.68 -14.21 44.79
C ILE C 398 -2.26 -13.91 44.31
N SER C 399 -2.11 -12.77 43.64
CA SER C 399 -0.79 -12.38 43.16
C SER C 399 0.13 -12.11 44.34
N PRO C 400 1.39 -12.56 44.28
CA PRO C 400 2.31 -12.25 45.40
C PRO C 400 2.45 -10.75 45.65
N ARG C 401 2.45 -9.94 44.59
CA ARG C 401 2.55 -8.50 44.76
C ARG C 401 1.29 -7.90 45.36
N VAL C 402 0.18 -8.64 45.37
CA VAL C 402 -1.08 -8.15 45.93
C VAL C 402 -1.37 -8.74 47.30
N ALA C 403 -0.73 -9.85 47.67
CA ALA C 403 -0.99 -10.46 48.96
C ALA C 403 -0.79 -9.51 50.14
N PRO C 404 0.27 -8.69 50.19
CA PRO C 404 0.45 -7.82 51.36
C PRO C 404 -0.75 -6.92 51.62
N PHE C 405 -1.40 -6.43 50.57
CA PHE C 405 -2.56 -5.57 50.71
C PHE C 405 -3.88 -6.33 50.62
N TYR C 406 -3.83 -7.66 50.51
CA TYR C 406 -5.01 -8.49 50.40
C TYR C 406 -5.47 -9.02 51.75
N LYS C 407 -4.83 -8.61 52.85
CA LYS C 407 -5.20 -9.13 54.17
C LYS C 407 -6.65 -8.79 54.50
N ASN C 408 -7.07 -7.56 54.25
CA ASN C 408 -8.40 -7.09 54.59
C ASN C 408 -9.35 -7.10 53.40
N LEU C 409 -9.02 -7.84 52.35
CA LEU C 409 -9.82 -7.88 51.13
C LEU C 409 -10.05 -9.32 50.70
N ARG C 410 -11.18 -9.55 50.04
CA ARG C 410 -11.53 -10.85 49.51
C ARG C 410 -12.09 -10.69 48.11
N ILE C 411 -11.63 -11.52 47.19
CA ILE C 411 -12.11 -11.53 45.80
C ILE C 411 -13.13 -12.66 45.68
N PRO C 412 -14.42 -12.36 45.47
CA PRO C 412 -15.42 -13.44 45.42
C PRO C 412 -15.34 -14.22 44.12
N THR C 413 -15.20 -15.54 44.25
CA THR C 413 -15.28 -16.44 43.10
C THR C 413 -16.64 -17.12 42.99
N GLU C 414 -17.59 -16.75 43.85
CA GLU C 414 -18.95 -17.25 43.79
C GLU C 414 -19.92 -16.09 43.96
N ALA C 415 -21.18 -16.34 43.64
CA ALA C 415 -22.21 -15.31 43.80
C ALA C 415 -22.52 -15.14 45.28
N THR C 416 -21.54 -14.62 46.03
CA THR C 416 -21.69 -14.50 47.47
C THR C 416 -22.79 -13.49 47.82
N GLN C 417 -23.60 -13.85 48.81
CA GLN C 417 -24.64 -12.95 49.28
C GLN C 417 -24.01 -11.76 50.01
N TRP C 418 -24.76 -10.66 50.04
CA TRP C 418 -24.22 -9.44 50.61
C TRP C 418 -23.93 -9.64 52.09
N PRO C 419 -22.83 -9.06 52.62
CA PRO C 419 -22.53 -9.22 54.06
C PRO C 419 -23.61 -8.60 54.94
N ALA C 420 -23.46 -8.76 56.25
CA ALA C 420 -24.41 -8.18 57.19
C ALA C 420 -24.38 -6.67 57.12
N LEU C 421 -25.54 -6.07 57.37
CA LEU C 421 -25.69 -4.62 57.33
C LEU C 421 -26.41 -4.13 58.58
N PRO C 422 -26.07 -2.94 59.07
CA PRO C 422 -26.87 -2.33 60.13
C PRO C 422 -28.26 -2.01 59.61
N PRO C 423 -29.28 -2.09 60.48
CA PRO C 423 -30.64 -1.74 60.01
C PRO C 423 -30.70 -0.28 59.58
N GLY C 424 -31.44 -0.05 58.49
CA GLY C 424 -31.59 1.28 57.95
C GLY C 424 -30.45 1.76 57.09
N GLN C 425 -29.40 0.95 56.92
CA GLN C 425 -28.27 1.35 56.09
C GLN C 425 -28.36 0.64 54.75
N PRO C 426 -28.48 1.35 53.63
CA PRO C 426 -28.56 0.67 52.33
C PRO C 426 -27.24 -0.02 52.00
N ARG C 427 -27.35 -1.08 51.20
CA ARG C 427 -26.16 -1.72 50.66
C ARG C 427 -25.34 -0.68 49.90
N ARG C 428 -24.03 -0.66 50.15
CA ARG C 428 -23.14 0.33 49.58
C ARG C 428 -22.01 -0.38 48.83
N ALA C 429 -21.76 0.04 47.61
CA ALA C 429 -20.71 -0.51 46.77
C ALA C 429 -19.93 0.64 46.14
N SER C 430 -18.69 0.34 45.75
CA SER C 430 -17.78 1.32 45.17
C SER C 430 -17.36 0.87 43.79
N VAL C 431 -17.19 1.85 42.90
CA VAL C 431 -16.77 1.62 41.52
C VAL C 431 -15.48 2.40 41.29
N ASN C 432 -14.47 1.71 40.77
CA ASN C 432 -13.17 2.30 40.53
C ASN C 432 -12.71 1.97 39.12
N SER C 433 -12.16 2.97 38.43
CA SER C 433 -11.70 2.80 37.06
C SER C 433 -10.46 3.66 36.85
N PHE C 434 -9.36 3.03 36.46
CA PHE C 434 -8.09 3.71 36.22
C PHE C 434 -7.75 3.61 34.74
N GLY C 435 -7.62 4.76 34.08
CA GLY C 435 -7.19 4.81 32.70
C GLY C 435 -5.70 5.09 32.62
N PHE C 436 -5.04 4.46 31.64
CA PHE C 436 -3.61 4.70 31.47
C PHE C 436 -3.37 6.20 31.30
N GLY C 437 -2.34 6.70 31.97
CA GLY C 437 -2.19 8.11 32.25
C GLY C 437 -2.56 8.48 33.67
N GLY C 438 -3.34 7.64 34.35
CA GLY C 438 -3.58 7.77 35.77
C GLY C 438 -4.89 8.43 36.16
N THR C 439 -5.72 8.84 35.20
CA THR C 439 -7.00 9.44 35.54
C THR C 439 -7.89 8.40 36.21
N ASN C 440 -8.08 8.54 37.52
CA ASN C 440 -8.84 7.59 38.31
C ASN C 440 -10.19 8.19 38.67
N ALA C 441 -11.26 7.46 38.41
CA ALA C 441 -12.61 7.85 38.78
C ALA C 441 -13.14 6.85 39.79
N HIS C 442 -13.68 7.36 40.90
CA HIS C 442 -14.23 6.53 41.96
C HIS C 442 -15.66 6.96 42.23
N ALA C 443 -16.57 5.99 42.28
CA ALA C 443 -17.98 6.25 42.50
C ALA C 443 -18.47 5.41 43.68
N ILE C 444 -19.28 6.02 44.53
CA ILE C 444 -19.92 5.34 45.65
C ILE C 444 -21.39 5.15 45.31
N ILE C 445 -21.84 3.89 45.33
CA ILE C 445 -23.18 3.53 44.93
C ILE C 445 -23.91 2.90 46.11
N GLU C 446 -25.20 3.19 46.21
CA GLU C 446 -26.04 2.65 47.27
C GLU C 446 -27.39 2.27 46.69
N GLU C 447 -27.92 1.13 47.12
CA GLU C 447 -29.26 0.74 46.72
C GLU C 447 -30.28 1.71 47.28
N TYR C 448 -31.32 2.00 46.49
CA TYR C 448 -32.37 2.87 46.96
C TYR C 448 -33.26 2.13 47.95
N MET C 449 -33.48 2.73 49.11
CA MET C 449 -34.22 2.04 50.18
C MET C 449 -35.65 1.75 49.77
N GLU C 450 -36.29 2.69 49.06
CA GLU C 450 -37.68 2.53 48.68
C GLU C 450 -38.55 2.37 49.92
N PRO C 451 -38.65 3.40 50.77
CA PRO C 451 -39.44 3.31 52.01
C PRO C 451 -40.95 3.21 51.73
N LEU C 471 -61.05 -3.98 34.51
CA LEU C 471 -60.68 -3.02 33.48
C LEU C 471 -59.18 -2.98 33.32
N SER C 472 -58.71 -3.23 32.09
CA SER C 472 -57.30 -3.26 31.77
C SER C 472 -57.01 -2.28 30.64
N LEU C 473 -55.93 -1.53 30.79
CA LEU C 473 -55.51 -0.61 29.74
C LEU C 473 -55.08 -1.38 28.50
N PRO C 474 -55.23 -0.80 27.32
CA PRO C 474 -54.75 -1.48 26.11
C PRO C 474 -53.24 -1.68 26.15
N LEU C 475 -52.79 -2.81 25.65
CA LEU C 475 -51.37 -3.13 25.58
C LEU C 475 -50.84 -2.49 24.29
N VAL C 476 -50.23 -1.33 24.43
CA VAL C 476 -49.79 -0.53 23.28
C VAL C 476 -48.35 -0.88 22.93
N LEU C 477 -48.09 -1.04 21.63
CA LEU C 477 -46.75 -1.28 21.13
C LEU C 477 -46.53 -0.40 19.92
N SER C 478 -45.29 0.10 19.79
CA SER C 478 -44.97 1.03 18.72
C SER C 478 -43.55 0.76 18.23
N ALA C 479 -43.29 1.22 17.00
CA ALA C 479 -41.98 1.06 16.39
C ALA C 479 -41.85 2.10 15.28
N LYS C 480 -40.60 2.29 14.83
CA LYS C 480 -40.35 3.17 13.70
C LYS C 480 -40.56 2.48 12.36
N SER C 481 -40.85 1.18 12.36
CA SER C 481 -41.11 0.43 11.14
C SER C 481 -42.13 -0.66 11.43
N GLN C 482 -42.98 -0.95 10.45
CA GLN C 482 -44.01 -1.96 10.64
C GLN C 482 -43.40 -3.33 10.94
N ARG C 483 -42.28 -3.64 10.29
CA ARG C 483 -41.57 -4.88 10.62
C ARG C 483 -41.11 -4.87 12.07
N SER C 484 -40.55 -3.75 12.52
CA SER C 484 -40.14 -3.63 13.90
C SER C 484 -41.34 -3.73 14.84
N LEU C 485 -42.50 -3.24 14.42
CA LEU C 485 -43.69 -3.34 15.27
C LEU C 485 -44.17 -4.79 15.36
N LYS C 486 -44.12 -5.53 14.25
CA LYS C 486 -44.48 -6.94 14.30
C LYS C 486 -43.53 -7.72 15.20
N ILE C 487 -42.23 -7.40 15.11
CA ILE C 487 -41.26 -8.04 16.00
C ILE C 487 -41.53 -7.65 17.44
N MET C 488 -41.96 -6.40 17.66
CA MET C 488 -42.33 -5.97 19.00
C MET C 488 -43.47 -6.82 19.54
N MET C 489 -44.50 -7.04 18.73
CA MET C 489 -45.63 -7.84 19.17
C MET C 489 -45.19 -9.27 19.47
N GLU C 490 -44.36 -9.85 18.60
CA GLU C 490 -43.90 -11.22 18.82
C GLU C 490 -43.08 -11.32 20.11
N GLU C 491 -42.17 -10.38 20.32
CA GLU C 491 -41.33 -10.41 21.52
C GLU C 491 -42.16 -10.17 22.78
N MET C 492 -43.16 -9.29 22.70
CA MET C 492 -44.04 -9.08 23.85
C MET C 492 -44.84 -10.33 24.16
N LEU C 493 -45.31 -11.04 23.13
CA LEU C 493 -46.02 -12.29 23.35
C LEU C 493 -45.11 -13.32 24.02
N GLN C 494 -43.87 -13.43 23.54
CA GLN C 494 -42.93 -14.37 24.14
C GLN C 494 -42.64 -13.99 25.60
N PHE C 495 -42.47 -12.69 25.86
CA PHE C 495 -42.22 -12.24 27.23
C PHE C 495 -43.40 -12.54 28.13
N LEU C 496 -44.62 -12.31 27.65
CA LEU C 496 -45.81 -12.66 28.43
C LEU C 496 -45.86 -14.15 28.73
N GLN C 497 -45.56 -14.98 27.72
CA GLN C 497 -45.47 -16.41 27.96
C GLN C 497 -44.41 -16.73 29.00
N SER C 498 -43.33 -15.96 29.04
CA SER C 498 -42.27 -16.18 30.02
C SER C 498 -42.57 -15.52 31.36
N HIS C 499 -43.38 -14.46 31.38
CA HIS C 499 -43.71 -13.72 32.60
C HIS C 499 -45.22 -13.55 32.72
N PRO C 500 -45.96 -14.65 32.88
CA PRO C 500 -47.39 -14.53 33.18
C PRO C 500 -47.67 -13.93 34.54
N GLU C 501 -46.69 -13.92 35.44
CA GLU C 501 -46.91 -13.41 36.79
C GLU C 501 -47.04 -11.89 36.83
N ILE C 502 -46.44 -11.20 35.86
CA ILE C 502 -46.42 -9.74 35.90
C ILE C 502 -47.83 -9.20 35.78
N HIS C 503 -48.17 -8.24 36.65
CA HIS C 503 -49.50 -7.66 36.65
C HIS C 503 -49.79 -6.98 35.32
N LEU C 504 -50.97 -7.23 34.77
CA LEU C 504 -51.32 -6.70 33.46
C LEU C 504 -51.44 -5.18 33.49
N HIS C 505 -52.02 -4.62 34.56
CA HIS C 505 -52.18 -3.17 34.64
C HIS C 505 -50.83 -2.46 34.61
N ASP C 506 -49.86 -2.98 35.38
CA ASP C 506 -48.55 -2.37 35.39
C ASP C 506 -47.89 -2.44 34.02
N LEU C 507 -48.00 -3.60 33.36
CA LEU C 507 -47.41 -3.75 32.03
C LEU C 507 -48.01 -2.75 31.05
N THR C 508 -49.34 -2.66 31.02
CA THR C 508 -50.01 -1.75 30.08
C THR C 508 -49.67 -0.30 30.39
N TRP C 509 -49.65 0.08 31.67
CA TRP C 509 -49.31 1.45 32.01
C TRP C 509 -47.88 1.79 31.63
N SER C 510 -46.95 0.86 31.85
CA SER C 510 -45.56 1.09 31.45
C SER C 510 -45.46 1.24 29.94
N LEU C 511 -46.17 0.40 29.19
CA LEU C 511 -46.16 0.52 27.74
C LEU C 511 -46.84 1.79 27.26
N LEU C 512 -47.73 2.38 28.06
CA LEU C 512 -48.46 3.58 27.66
C LEU C 512 -47.71 4.85 28.02
N ARG C 513 -47.44 5.06 29.32
CA ARG C 513 -46.83 6.29 29.77
C ARG C 513 -45.31 6.18 29.90
N LYS C 514 -44.80 5.03 30.35
CA LYS C 514 -43.38 4.83 30.56
C LYS C 514 -42.69 4.21 29.35
N ARG C 515 -43.25 4.40 28.16
CA ARG C 515 -42.65 3.88 26.93
C ARG C 515 -42.90 4.86 25.79
N SER C 516 -41.93 4.93 24.88
CA SER C 516 -42.00 5.88 23.79
C SER C 516 -43.08 5.48 22.78
N VAL C 517 -43.65 6.49 22.14
CA VAL C 517 -44.62 6.29 21.05
C VAL C 517 -43.92 6.61 19.74
N LEU C 518 -44.14 5.75 18.75
CA LEU C 518 -43.40 5.79 17.49
C LEU C 518 -44.39 5.75 16.33
N PRO C 519 -43.96 6.18 15.14
CA PRO C 519 -44.92 6.36 14.03
C PRO C 519 -45.75 5.12 13.72
N PHE C 520 -45.15 3.93 13.75
CA PHE C 520 -45.89 2.70 13.53
C PHE C 520 -46.42 2.20 14.87
N ARG C 521 -47.74 2.06 14.98
CA ARG C 521 -48.41 1.79 16.24
C ARG C 521 -49.37 0.64 16.08
N ARG C 522 -49.55 -0.11 17.17
CA ARG C 522 -50.58 -1.14 17.26
C ARG C 522 -50.86 -1.41 18.72
N ALA C 523 -52.12 -1.33 19.12
CA ALA C 523 -52.55 -1.50 20.49
C ALA C 523 -53.41 -2.75 20.60
N ILE C 524 -53.12 -3.57 21.60
CA ILE C 524 -53.79 -4.86 21.78
C ILE C 524 -54.87 -4.72 22.85
N VAL C 525 -55.87 -5.60 22.77
CA VAL C 525 -57.03 -5.56 23.66
C VAL C 525 -57.16 -6.91 24.34
N GLY C 526 -57.36 -6.89 25.66
CA GLY C 526 -57.56 -8.13 26.41
C GLY C 526 -57.77 -7.89 27.88
N HIS C 527 -58.77 -8.57 28.46
CA HIS C 527 -59.04 -8.44 29.89
C HIS C 527 -57.88 -8.99 30.71
N SER C 528 -57.35 -10.16 30.34
CA SER C 528 -56.32 -10.82 31.14
C SER C 528 -55.16 -11.27 30.26
N HIS C 529 -54.20 -11.97 30.88
CA HIS C 529 -53.00 -12.36 30.15
C HIS C 529 -53.31 -13.31 29.00
N GLU C 530 -54.22 -14.26 29.21
CA GLU C 530 -54.59 -15.17 28.13
C GLU C 530 -55.26 -14.41 26.99
N THR C 531 -56.19 -13.52 27.33
CA THR C 531 -56.85 -12.72 26.30
C THR C 531 -55.85 -11.82 25.59
N ILE C 532 -54.92 -11.23 26.33
CA ILE C 532 -53.93 -10.35 25.71
C ILE C 532 -53.03 -11.15 24.77
N ARG C 533 -52.65 -12.37 25.16
CA ARG C 533 -51.83 -13.20 24.29
C ARG C 533 -52.58 -13.58 23.01
N ARG C 534 -53.85 -13.97 23.14
CA ARG C 534 -54.60 -14.32 21.95
C ARG C 534 -54.80 -13.10 21.04
N ALA C 535 -55.02 -11.93 21.64
CA ALA C 535 -55.15 -10.72 20.84
C ALA C 535 -53.82 -10.36 20.16
N LEU C 536 -52.70 -10.61 20.84
CA LEU C 536 -51.40 -10.40 20.22
C LEU C 536 -51.23 -11.33 19.02
N GLU C 537 -51.63 -12.59 19.16
CA GLU C 537 -51.56 -13.52 18.04
C GLU C 537 -52.42 -13.04 16.89
N ASP C 538 -53.64 -12.57 17.20
CA ASP C 538 -54.53 -12.07 16.15
C ASP C 538 -53.92 -10.86 15.44
N ALA C 539 -53.33 -9.94 16.21
CA ALA C 539 -52.70 -8.78 15.61
C ALA C 539 -51.52 -9.16 14.73
N ILE C 540 -50.72 -10.13 15.19
CA ILE C 540 -49.59 -10.60 14.39
C ILE C 540 -50.10 -11.19 13.08
N GLU C 541 -51.17 -11.98 13.15
CA GLU C 541 -51.74 -12.54 11.93
C GLU C 541 -52.25 -11.45 11.00
N ASP C 542 -52.89 -10.42 11.57
CA ASP C 542 -53.49 -9.36 10.76
C ASP C 542 -52.41 -8.54 10.05
N GLY C 543 -51.49 -7.96 10.83
CA GLY C 543 -50.51 -7.05 10.29
C GLY C 543 -50.99 -5.63 10.07
N ILE C 544 -52.21 -5.32 10.51
CA ILE C 544 -52.76 -3.97 10.36
C ILE C 544 -52.22 -3.10 11.48
N VAL C 545 -51.48 -2.05 11.11
CA VAL C 545 -50.82 -1.17 12.07
C VAL C 545 -50.98 0.26 11.61
N SER C 546 -51.26 1.16 12.56
CA SER C 546 -51.33 2.58 12.25
C SER C 546 -49.95 3.14 11.93
N SER C 547 -49.92 4.22 11.18
CA SER C 547 -48.68 4.87 10.77
C SER C 547 -48.77 6.37 11.01
N ASP C 548 -47.78 6.90 11.73
CA ASP C 548 -47.69 8.32 12.02
C ASP C 548 -49.03 8.90 12.46
N GLY C 555 -50.33 16.04 20.95
CA GLY C 555 -51.20 17.05 21.55
C GLY C 555 -52.54 17.16 20.85
N GLN C 556 -53.22 16.02 20.70
CA GLN C 556 -54.52 15.96 20.04
C GLN C 556 -55.47 15.14 20.90
N PRO C 557 -55.84 15.64 22.08
CA PRO C 557 -56.76 14.90 22.96
C PRO C 557 -58.25 15.18 22.71
N SER C 558 -58.58 16.20 21.93
CA SER C 558 -59.98 16.57 21.74
C SER C 558 -60.75 15.42 21.10
N VAL C 559 -61.97 15.19 21.59
CA VAL C 559 -62.86 14.17 21.05
C VAL C 559 -64.25 14.78 20.91
N LEU C 560 -65.05 14.17 20.05
CA LEU C 560 -66.45 14.54 19.86
C LEU C 560 -67.32 13.49 20.53
N GLY C 561 -67.88 13.84 21.70
CA GLY C 561 -68.73 12.93 22.42
C GLY C 561 -70.04 12.66 21.72
N ILE C 562 -70.19 11.46 21.18
CA ILE C 562 -71.40 11.02 20.50
C ILE C 562 -72.08 9.99 21.39
N PHE C 563 -73.37 10.19 21.66
CA PHE C 563 -74.09 9.43 22.66
C PHE C 563 -75.19 8.62 21.98
N THR C 564 -75.15 7.30 22.18
CA THR C 564 -76.17 6.42 21.62
C THR C 564 -77.50 6.65 22.32
N GLY C 565 -78.59 6.64 21.54
CA GLY C 565 -79.91 6.85 22.07
C GLY C 565 -80.60 5.54 22.45
N GLN C 566 -81.87 5.68 22.79
CA GLN C 566 -82.66 4.52 23.19
C GLN C 566 -82.85 3.56 22.03
N GLY C 567 -82.94 2.27 22.35
CA GLY C 567 -83.13 1.22 21.38
C GLY C 567 -81.86 0.56 20.90
N ALA C 568 -80.70 1.17 21.16
CA ALA C 568 -79.42 0.59 20.78
C ALA C 568 -78.81 -0.27 21.88
N GLN C 569 -79.43 -0.34 23.04
CA GLN C 569 -78.86 -1.10 24.15
C GLN C 569 -78.76 -2.58 23.81
N TRP C 570 -77.72 -3.22 24.30
CA TRP C 570 -77.48 -4.65 24.13
C TRP C 570 -77.63 -5.36 25.47
N PRO C 571 -77.90 -6.67 25.46
CA PRO C 571 -78.03 -7.39 26.73
C PRO C 571 -76.75 -7.33 27.55
N GLY C 572 -76.91 -7.18 28.86
CA GLY C 572 -75.80 -7.25 29.79
C GLY C 572 -74.71 -6.23 29.55
N MET C 573 -75.07 -4.97 29.34
CA MET C 573 -74.07 -3.92 29.21
C MET C 573 -73.48 -3.58 30.57
N LEU C 574 -72.19 -3.26 30.58
CA LEU C 574 -71.40 -2.91 31.76
C LEU C 574 -71.21 -4.07 32.71
N LYS C 575 -71.68 -5.28 32.38
CA LYS C 575 -71.53 -6.40 33.31
C LYS C 575 -70.07 -6.65 33.63
N ASN C 576 -69.22 -6.73 32.60
CA ASN C 576 -67.79 -6.95 32.84
C ASN C 576 -67.17 -5.77 33.56
N LEU C 577 -67.50 -4.54 33.15
CA LEU C 577 -66.93 -3.36 33.80
C LEU C 577 -67.33 -3.30 35.27
N ILE C 578 -68.61 -3.55 35.56
CA ILE C 578 -69.08 -3.49 36.94
C ILE C 578 -68.45 -4.60 37.77
N GLU C 579 -68.37 -5.81 37.22
CA GLU C 579 -67.84 -6.94 37.99
C GLU C 579 -66.32 -6.88 38.16
N ALA C 580 -65.62 -6.16 37.29
CA ALA C 580 -64.16 -6.13 37.32
C ALA C 580 -63.59 -4.86 37.92
N SER C 581 -64.23 -3.72 37.72
CA SER C 581 -63.67 -2.44 38.13
C SER C 581 -64.36 -1.95 39.40
N PRO C 582 -63.66 -1.85 40.54
CA PRO C 582 -64.31 -1.27 41.72
C PRO C 582 -64.73 0.18 41.53
N TYR C 583 -64.03 0.92 40.67
CA TYR C 583 -64.45 2.29 40.36
C TYR C 583 -65.81 2.30 39.68
N VAL C 584 -66.02 1.38 38.74
CA VAL C 584 -67.33 1.23 38.13
C VAL C 584 -68.35 0.81 39.18
N ARG C 585 -67.94 0.02 40.16
CA ARG C 585 -68.85 -0.36 41.25
C ARG C 585 -69.26 0.86 42.06
N ASN C 586 -68.33 1.77 42.32
CA ASN C 586 -68.68 3.00 43.03
C ASN C 586 -69.60 3.87 42.19
N ILE C 587 -69.38 3.90 40.87
CA ILE C 587 -70.30 4.60 40.00
C ILE C 587 -71.69 3.97 40.09
N VAL C 588 -71.74 2.64 40.19
CA VAL C 588 -73.02 1.95 40.35
C VAL C 588 -73.67 2.33 41.67
N ARG C 589 -72.86 2.50 42.72
CA ARG C 589 -73.40 2.97 43.99
C ARG C 589 -74.00 4.37 43.84
N GLU C 590 -73.33 5.23 43.09
CA GLU C 590 -73.88 6.56 42.82
C GLU C 590 -75.20 6.46 42.07
N LEU C 591 -75.27 5.56 41.09
CA LEU C 591 -76.51 5.35 40.35
C LEU C 591 -77.62 4.85 41.26
N ASP C 592 -77.28 3.96 42.19
CA ASP C 592 -78.27 3.49 43.16
C ASP C 592 -78.75 4.63 44.04
N ASP C 593 -77.84 5.51 44.47
CA ASP C 593 -78.25 6.68 45.25
C ASP C 593 -79.19 7.56 44.44
N SER C 594 -78.89 7.76 43.16
CA SER C 594 -79.79 8.54 42.30
C SER C 594 -81.16 7.88 42.19
N LEU C 595 -81.17 6.55 42.06
CA LEU C 595 -82.44 5.82 42.04
C LEU C 595 -83.23 6.06 43.31
N GLN C 596 -82.56 6.00 44.46
CA GLN C 596 -83.22 6.30 45.73
C GLN C 596 -83.69 7.74 45.78
N SER C 597 -83.05 8.64 45.04
CA SER C 597 -83.45 10.04 45.02
C SER C 597 -84.81 10.25 44.36
N LEU C 598 -85.35 9.24 43.68
CA LEU C 598 -86.64 9.38 43.03
C LEU C 598 -87.74 9.60 44.08
N PRO C 599 -88.78 10.35 43.73
CA PRO C 599 -89.94 10.44 44.63
C PRO C 599 -90.60 9.08 44.80
N GLU C 600 -91.22 8.87 45.97
CA GLU C 600 -91.86 7.60 46.26
C GLU C 600 -92.96 7.28 45.25
N LYS C 601 -93.48 8.28 44.55
CA LYS C 601 -94.48 8.02 43.52
C LYS C 601 -93.94 7.09 42.45
N TYR C 602 -92.70 7.32 42.02
CA TYR C 602 -92.04 6.48 41.02
C TYR C 602 -90.92 5.63 41.59
N ARG C 603 -90.36 5.98 42.74
CA ARG C 603 -89.26 5.22 43.30
C ARG C 603 -89.74 3.86 43.78
N PRO C 604 -88.98 2.77 43.52
CA PRO C 604 -87.78 2.68 42.69
C PRO C 604 -88.04 2.10 41.31
N SER C 605 -87.51 2.74 40.27
CA SER C 605 -87.44 2.08 38.97
C SER C 605 -86.50 0.89 39.12
N TRP C 606 -87.03 -0.32 39.01
CA TRP C 606 -86.32 -1.52 39.43
C TRP C 606 -84.87 -1.50 38.98
N THR C 607 -83.98 -1.91 39.88
CA THR C 607 -82.55 -1.74 39.70
C THR C 607 -82.00 -2.71 38.67
N LEU C 608 -81.95 -2.29 37.40
CA LEU C 608 -81.26 -3.07 36.38
C LEU C 608 -79.78 -3.23 36.71
N LEU C 609 -79.22 -2.34 37.52
CA LEU C 609 -77.82 -2.44 37.88
C LEU C 609 -77.52 -3.76 38.58
N ASP C 610 -78.50 -4.33 39.29
CA ASP C 610 -78.34 -5.59 39.99
C ASP C 610 -79.24 -6.69 39.43
N GLN C 611 -80.09 -6.37 38.44
CA GLN C 611 -80.99 -7.35 37.85
C GLN C 611 -80.61 -7.76 36.44
N PHE C 612 -80.08 -6.85 35.63
CA PHE C 612 -79.69 -7.14 34.26
C PHE C 612 -78.20 -6.98 34.00
N MET C 613 -77.51 -6.11 34.73
CA MET C 613 -76.07 -5.92 34.56
C MET C 613 -75.30 -6.98 35.36
N LEU C 614 -75.57 -8.24 35.01
CA LEU C 614 -74.95 -9.38 35.66
C LEU C 614 -74.33 -10.28 34.60
N GLU C 615 -73.09 -10.71 34.85
CA GLU C 615 -72.41 -11.59 33.91
C GLU C 615 -73.12 -12.94 33.83
N GLY C 616 -73.19 -13.47 32.63
CA GLY C 616 -73.82 -14.77 32.39
C GLY C 616 -75.29 -14.72 32.04
N GLU C 617 -76.07 -13.92 32.78
CA GLU C 617 -77.49 -13.82 32.52
C GLU C 617 -77.76 -12.94 31.29
N ALA C 618 -77.40 -11.66 31.37
CA ALA C 618 -77.54 -10.72 30.26
C ALA C 618 -78.93 -10.82 29.64
N SER C 619 -79.95 -10.70 30.48
CA SER C 619 -81.32 -10.78 30.02
C SER C 619 -81.64 -9.60 29.09
N ASN C 620 -82.56 -9.84 28.17
CA ASN C 620 -82.92 -8.81 27.20
C ASN C 620 -83.44 -7.57 27.89
N VAL C 621 -83.04 -6.40 27.39
CA VAL C 621 -83.45 -5.11 27.91
C VAL C 621 -83.86 -4.24 26.73
N GLN C 622 -85.15 -4.19 26.44
CA GLN C 622 -85.69 -3.32 25.41
C GLN C 622 -86.80 -2.45 25.98
N TYR C 623 -87.39 -2.90 27.08
CA TYR C 623 -88.45 -2.12 27.74
C TYR C 623 -87.91 -0.76 28.13
N ALA C 624 -88.74 0.27 27.98
CA ALA C 624 -88.31 1.62 28.32
C ALA C 624 -87.82 1.69 29.76
N THR C 625 -88.59 1.09 30.68
CA THR C 625 -88.27 1.19 32.11
C THR C 625 -86.83 0.77 32.40
N PHE C 626 -86.32 -0.21 31.66
CA PHE C 626 -84.95 -0.68 31.83
C PHE C 626 -84.03 -0.21 30.71
N SER C 627 -84.51 -0.16 29.47
CA SER C 627 -83.65 0.25 28.37
C SER C 627 -83.16 1.68 28.53
N GLN C 628 -84.05 2.59 28.97
CA GLN C 628 -83.64 3.99 29.10
C GLN C 628 -82.61 4.15 30.21
N PRO C 629 -82.90 3.83 31.48
CA PRO C 629 -81.88 3.99 32.53
C PRO C 629 -80.65 3.13 32.30
N LEU C 630 -80.80 1.94 31.71
CA LEU C 630 -79.62 1.11 31.44
C LEU C 630 -78.66 1.82 30.49
N CYS C 631 -79.18 2.34 29.38
CA CYS C 631 -78.34 3.06 28.43
C CYS C 631 -77.76 4.31 29.06
N CYS C 632 -78.56 5.04 29.84
CA CYS C 632 -78.07 6.26 30.48
C CYS C 632 -76.93 5.95 31.43
N ALA C 633 -77.07 4.89 32.24
CA ALA C 633 -76.01 4.50 33.15
C ALA C 633 -74.77 4.04 32.40
N VAL C 634 -74.95 3.29 31.31
CA VAL C 634 -73.83 2.85 30.51
C VAL C 634 -73.03 4.06 30.02
N GLN C 635 -73.74 5.04 29.44
CA GLN C 635 -73.06 6.20 28.89
C GLN C 635 -72.44 7.06 29.99
N ILE C 636 -73.10 7.15 31.14
CA ILE C 636 -72.54 7.91 32.26
C ILE C 636 -71.23 7.27 32.73
N VAL C 637 -71.23 5.94 32.87
CA VAL C 637 -70.01 5.25 33.29
C VAL C 637 -68.91 5.45 32.27
N LEU C 638 -69.26 5.31 30.98
CA LEU C 638 -68.25 5.46 29.93
C LEU C 638 -67.65 6.86 29.92
N VAL C 639 -68.49 7.89 30.02
CA VAL C 639 -67.98 9.26 29.97
C VAL C 639 -67.18 9.56 31.23
N ARG C 640 -67.59 9.05 32.39
CA ARG C 640 -66.81 9.24 33.60
C ARG C 640 -65.43 8.58 33.46
N LEU C 641 -65.38 7.38 32.90
CA LEU C 641 -64.09 6.73 32.70
C LEU C 641 -63.23 7.52 31.72
N LEU C 642 -63.82 8.02 30.64
CA LEU C 642 -63.06 8.79 29.67
C LEU C 642 -62.51 10.08 30.28
N GLU C 643 -63.33 10.76 31.09
CA GLU C 643 -62.84 11.94 31.79
C GLU C 643 -61.72 11.58 32.76
N ALA C 644 -61.87 10.46 33.46
CA ALA C 644 -60.79 10.00 34.33
C ALA C 644 -59.52 9.77 33.54
N ALA C 645 -59.63 9.41 32.26
CA ALA C 645 -58.49 9.31 31.38
C ALA C 645 -58.02 10.66 30.85
N ARG C 646 -58.63 11.75 31.33
CA ARG C 646 -58.26 13.10 30.91
C ARG C 646 -58.45 13.26 29.39
N ILE C 647 -59.67 13.00 28.93
CA ILE C 647 -60.05 13.18 27.54
C ILE C 647 -60.94 14.41 27.45
N ARG C 648 -60.55 15.38 26.64
CA ARG C 648 -61.33 16.60 26.48
C ARG C 648 -62.41 16.39 25.43
N PHE C 649 -63.63 16.82 25.76
CA PHE C 649 -64.82 16.46 25.00
C PHE C 649 -65.45 17.67 24.34
N THR C 650 -66.10 17.41 23.21
CA THR C 650 -67.03 18.34 22.56
C THR C 650 -68.31 17.55 22.32
N ALA C 651 -69.34 17.83 23.11
CA ALA C 651 -70.46 16.91 23.28
C ALA C 651 -71.60 17.23 22.32
N VAL C 652 -72.15 16.19 21.70
CA VAL C 652 -73.33 16.27 20.85
C VAL C 652 -74.34 15.26 21.36
N VAL C 653 -75.57 15.71 21.60
CA VAL C 653 -76.58 14.89 22.25
C VAL C 653 -77.25 13.98 21.23
N GLY C 654 -77.57 12.76 21.65
CA GLY C 654 -78.32 11.83 20.83
C GLY C 654 -79.81 11.97 21.05
N HIS C 655 -80.49 10.88 21.36
CA HIS C 655 -81.92 10.90 21.65
C HIS C 655 -82.20 10.06 22.89
N SER C 656 -83.02 10.61 23.78
CA SER C 656 -83.48 9.92 24.99
C SER C 656 -82.29 9.68 25.89
N SER C 657 -81.91 8.42 26.18
CA SER C 657 -80.80 8.17 27.10
C SER C 657 -79.51 8.82 26.61
N GLY C 658 -79.28 8.76 25.29
CA GLY C 658 -78.13 9.45 24.74
C GLY C 658 -78.15 10.94 25.02
N GLU C 659 -79.32 11.56 24.86
CA GLU C 659 -79.44 12.99 25.14
C GLU C 659 -79.14 13.29 26.60
N ILE C 660 -79.66 12.47 27.51
CA ILE C 660 -79.47 12.71 28.94
C ILE C 660 -78.00 12.53 29.31
N ALA C 661 -77.38 11.46 28.81
CA ALA C 661 -75.98 11.22 29.10
C ALA C 661 -75.10 12.33 28.54
N CYS C 662 -75.42 12.82 27.34
CA CYS C 662 -74.66 13.93 26.78
C CYS C 662 -74.84 15.19 27.62
N ALA C 663 -76.06 15.47 28.07
CA ALA C 663 -76.28 16.59 28.96
C ALA C 663 -75.42 16.47 30.21
N PHE C 664 -75.27 15.25 30.74
CA PHE C 664 -74.32 15.04 31.82
C PHE C 664 -72.90 15.37 31.40
N ALA C 665 -72.52 14.94 30.19
CA ALA C 665 -71.15 15.12 29.74
C ALA C 665 -70.76 16.59 29.60
N ALA C 666 -71.75 17.50 29.53
CA ALA C 666 -71.43 18.91 29.41
C ALA C 666 -70.66 19.44 30.61
N GLY C 667 -70.70 18.73 31.74
CA GLY C 667 -70.04 19.15 32.95
C GLY C 667 -70.87 20.05 33.84
N LEU C 668 -72.04 20.50 33.38
CA LEU C 668 -72.94 21.32 34.18
C LEU C 668 -74.05 20.52 34.83
N ILE C 669 -74.33 19.31 34.33
CA ILE C 669 -75.35 18.45 34.90
C ILE C 669 -74.65 17.34 35.69
N SER C 670 -75.09 17.14 36.93
CA SER C 670 -74.52 16.08 37.74
C SER C 670 -74.89 14.71 37.18
N ALA C 671 -73.99 13.75 37.37
CA ALA C 671 -74.26 12.38 36.91
C ALA C 671 -75.51 11.84 37.59
N SER C 672 -75.65 12.08 38.90
CA SER C 672 -76.81 11.60 39.62
C SER C 672 -78.10 12.17 39.03
N LEU C 673 -78.08 13.46 38.68
CA LEU C 673 -79.25 14.07 38.07
C LEU C 673 -79.59 13.40 36.74
N ALA C 674 -78.57 13.10 35.94
CA ALA C 674 -78.82 12.49 34.63
C ALA C 674 -79.42 11.09 34.78
N ILE C 675 -78.84 10.26 35.65
CA ILE C 675 -79.39 8.92 35.83
C ILE C 675 -80.77 9.00 36.46
N ARG C 676 -81.00 9.96 37.35
CA ARG C 676 -82.33 10.14 37.94
C ARG C 676 -83.35 10.49 36.88
N ILE C 677 -82.99 11.39 35.96
CA ILE C 677 -83.90 11.75 34.87
C ILE C 677 -84.17 10.55 33.98
N ALA C 678 -83.13 9.77 33.68
CA ALA C 678 -83.32 8.57 32.85
C ALA C 678 -84.27 7.59 33.54
N TYR C 679 -84.10 7.38 34.84
CA TYR C 679 -85.03 6.52 35.58
C TYR C 679 -86.45 7.07 35.52
N LEU C 680 -86.60 8.39 35.69
CA LEU C 680 -87.94 8.98 35.68
C LEU C 680 -88.62 8.80 34.34
N ARG C 681 -87.88 9.00 33.25
CA ARG C 681 -88.47 8.87 31.92
C ARG C 681 -88.77 7.42 31.55
N GLY C 682 -88.14 6.46 32.22
CA GLY C 682 -88.41 5.06 31.93
C GLY C 682 -89.83 4.64 32.24
N VAL C 683 -90.50 5.35 33.13
CA VAL C 683 -91.88 5.04 33.51
C VAL C 683 -92.81 6.17 33.10
N ALA C 723 -85.63 10.11 13.85
CA ALA C 723 -84.57 11.08 14.11
C ALA C 723 -83.69 11.26 12.88
N SER C 724 -83.19 12.48 12.68
CA SER C 724 -82.33 12.80 11.55
C SER C 724 -80.89 12.48 11.93
N ASN C 725 -80.55 11.19 11.84
CA ASN C 725 -79.21 10.75 12.21
C ASN C 725 -78.16 11.39 11.30
N SER C 726 -78.43 11.45 10.00
CA SER C 726 -77.50 12.03 9.05
C SER C 726 -78.31 12.63 7.92
N PRO C 727 -77.67 13.44 7.06
CA PRO C 727 -78.41 14.03 5.94
C PRO C 727 -79.05 13.01 5.03
N ASP C 728 -78.44 11.82 4.89
CA ASP C 728 -78.94 10.78 4.00
C ASP C 728 -79.41 9.55 4.77
N SER C 729 -79.65 9.67 6.07
CA SER C 729 -80.13 8.54 6.87
C SER C 729 -80.97 9.09 8.02
N VAL C 730 -82.26 8.75 8.02
CA VAL C 730 -83.18 9.17 9.07
C VAL C 730 -84.00 7.96 9.49
N THR C 731 -84.52 8.00 10.73
CA THR C 731 -85.37 6.93 11.27
C THR C 731 -86.44 7.59 12.13
N PHE C 732 -87.60 7.85 11.53
CA PHE C 732 -88.74 8.41 12.23
C PHE C 732 -89.58 7.28 12.81
N SER C 733 -89.60 7.17 14.14
CA SER C 733 -90.32 6.11 14.82
C SER C 733 -91.80 6.44 14.92
N GLY C 734 -92.59 5.41 15.19
CA GLY C 734 -94.03 5.56 15.31
C GLY C 734 -94.73 4.25 15.61
N ASP C 735 -95.88 4.03 14.98
CA ASP C 735 -96.63 2.79 15.17
C ASP C 735 -96.04 1.66 14.32
N ALA C 761 -94.29 4.94 20.02
CA ALA C 761 -92.85 5.19 19.97
C ALA C 761 -92.54 6.61 20.42
N TYR C 762 -91.34 7.08 20.12
CA TYR C 762 -90.90 8.40 20.53
C TYR C 762 -91.04 9.39 19.39
N HIS C 763 -91.08 10.67 19.73
CA HIS C 763 -91.21 11.75 18.75
C HIS C 763 -92.49 11.58 17.93
N SER C 764 -93.55 11.13 18.59
CA SER C 764 -94.83 10.91 17.94
C SER C 764 -95.94 11.16 18.96
N HIS C 765 -97.19 11.05 18.50
CA HIS C 765 -98.32 11.29 19.38
C HIS C 765 -98.42 10.24 20.47
N HIS C 766 -97.74 9.10 20.33
CA HIS C 766 -97.82 8.06 21.35
C HIS C 766 -97.25 8.55 22.68
N MET C 767 -96.06 9.13 22.66
CA MET C 767 -95.42 9.65 23.86
C MET C 767 -95.69 11.13 24.09
N LEU C 768 -96.44 11.78 23.21
CA LEU C 768 -96.73 13.20 23.39
C LEU C 768 -97.43 13.48 24.71
N PRO C 769 -98.50 12.76 25.08
CA PRO C 769 -99.14 13.03 26.38
C PRO C 769 -98.39 12.39 27.54
N CYS C 770 -97.72 11.26 27.28
CA CYS C 770 -97.03 10.55 28.35
C CYS C 770 -95.87 11.35 28.93
N ALA C 771 -95.36 12.34 28.21
CA ALA C 771 -94.23 13.12 28.70
C ALA C 771 -94.65 14.20 29.68
N ASP C 772 -95.94 14.53 29.76
CA ASP C 772 -96.39 15.54 30.71
C ASP C 772 -96.15 15.12 32.16
N PRO C 773 -96.56 13.94 32.61
CA PRO C 773 -96.26 13.55 34.00
C PRO C 773 -94.77 13.48 34.28
N TYR C 774 -93.97 13.05 33.30
CA TYR C 774 -92.51 12.99 33.37
C TYR C 774 -91.92 14.37 33.60
N MET C 775 -92.37 15.36 32.83
CA MET C 775 -91.89 16.72 33.03
C MET C 775 -92.33 17.25 34.39
N GLN C 776 -93.58 16.98 34.78
CA GLN C 776 -94.07 17.48 36.06
C GLN C 776 -93.25 16.92 37.22
N ALA C 777 -92.95 15.62 37.19
CA ALA C 777 -92.13 15.03 38.23
C ALA C 777 -90.69 15.51 38.16
N LEU C 778 -90.17 15.75 36.95
CA LEU C 778 -88.79 16.19 36.81
C LEU C 778 -88.56 17.52 37.50
N GLU C 779 -89.56 18.40 37.52
CA GLU C 779 -89.55 19.70 38.18
C GLU C 779 -89.23 19.57 39.66
N GLU C 780 -89.73 18.51 40.31
CA GLU C 780 -89.52 18.05 41.67
C GLU C 780 -88.51 16.92 41.77
N CYS C 781 -88.11 16.33 40.64
CA CYS C 781 -87.18 15.22 40.58
C CYS C 781 -85.96 15.59 39.74
N GLY C 782 -85.42 16.78 39.94
CA GLY C 782 -84.26 17.24 39.21
C GLY C 782 -84.57 17.60 37.77
N SER C 794 -69.21 23.30 31.54
CA SER C 794 -67.83 23.69 31.29
C SER C 794 -67.35 23.16 29.96
N VAL C 795 -67.89 22.02 29.54
CA VAL C 795 -67.52 21.38 28.29
C VAL C 795 -68.39 21.92 27.17
N PRO C 796 -67.85 22.18 25.98
CA PRO C 796 -68.72 22.55 24.86
C PRO C 796 -69.80 21.50 24.63
N TRP C 797 -71.02 21.97 24.39
CA TRP C 797 -72.17 21.08 24.34
C TRP C 797 -73.16 21.62 23.32
N TYR C 798 -73.57 20.76 22.39
CA TYR C 798 -74.44 21.14 21.28
C TYR C 798 -75.72 20.32 21.35
N SER C 799 -76.84 21.01 21.54
CA SER C 799 -78.14 20.35 21.58
C SER C 799 -78.60 19.95 20.19
N SER C 800 -79.34 18.84 20.13
CA SER C 800 -79.99 18.40 18.91
C SER C 800 -81.50 18.53 18.96
N VAL C 801 -82.08 18.64 20.16
CA VAL C 801 -83.50 18.91 20.28
C VAL C 801 -83.83 20.25 19.64
N ASP C 802 -82.94 21.22 19.79
CA ASP C 802 -83.06 22.53 19.16
C ASP C 802 -81.85 22.77 18.27
N ALA C 803 -82.05 23.59 17.24
CA ALA C 803 -81.03 23.83 16.22
C ALA C 803 -80.32 25.15 16.50
N GLU C 804 -79.25 25.08 17.29
CA GLU C 804 -78.35 26.21 17.48
C GLU C 804 -78.95 27.29 18.37
N ASN C 805 -80.21 27.15 18.75
CA ASN C 805 -80.87 28.17 19.57
C ASN C 805 -80.79 27.85 21.05
N ARG C 806 -80.97 26.58 21.43
CA ARG C 806 -80.87 26.16 22.82
C ARG C 806 -79.63 25.31 23.07
N GLN C 807 -78.61 25.42 22.21
CA GLN C 807 -77.32 24.77 22.45
C GLN C 807 -76.51 25.61 23.44
N MET C 808 -77.11 25.83 24.60
CA MET C 808 -76.61 26.76 25.60
C MET C 808 -76.43 26.04 26.93
N ALA C 809 -75.81 26.73 27.88
CA ALA C 809 -75.42 26.14 29.15
C ALA C 809 -76.38 26.49 30.29
N ALA C 810 -77.51 27.12 30.00
CA ALA C 810 -78.46 27.50 31.05
C ALA C 810 -79.86 27.02 30.79
N ARG C 811 -80.31 27.02 29.53
CA ARG C 811 -81.66 26.59 29.21
C ARG C 811 -81.78 25.07 29.04
N ASP C 812 -80.65 24.36 29.02
CA ASP C 812 -80.71 22.90 28.94
C ASP C 812 -81.21 22.27 30.23
N VAL C 813 -81.16 23.00 31.35
CA VAL C 813 -81.62 22.47 32.63
C VAL C 813 -83.13 22.55 32.79
N THR C 814 -83.81 23.32 31.95
CA THR C 814 -85.25 23.49 32.08
C THR C 814 -85.97 22.17 31.81
N ALA C 815 -87.00 21.89 32.60
CA ALA C 815 -87.79 20.68 32.42
C ALA C 815 -88.41 20.63 31.03
N LYS C 816 -88.66 21.79 30.42
CA LYS C 816 -89.23 21.82 29.08
C LYS C 816 -88.27 21.18 28.08
N TYR C 817 -86.97 21.46 28.20
CA TYR C 817 -86.00 20.83 27.32
C TYR C 817 -85.98 19.31 27.51
N TRP C 818 -86.04 18.85 28.76
CA TRP C 818 -86.05 17.42 29.02
C TRP C 818 -87.29 16.77 28.42
N LYS C 819 -88.45 17.44 28.52
CA LYS C 819 -89.65 16.91 27.89
C LYS C 819 -89.51 16.86 26.38
N ASP C 820 -89.02 17.96 25.78
CA ASP C 820 -88.85 18.00 24.33
C ASP C 820 -87.86 16.96 23.85
N ASN C 821 -86.94 16.51 24.71
CA ASN C 821 -86.01 15.46 24.32
C ASN C 821 -86.74 14.25 23.74
N LEU C 822 -87.87 13.88 24.33
CA LEU C 822 -88.65 12.72 23.89
C LEU C 822 -89.80 13.10 22.97
N VAL C 823 -90.05 14.39 22.73
CA VAL C 823 -91.18 14.81 21.92
C VAL C 823 -90.73 15.47 20.61
N SER C 824 -89.59 16.14 20.60
CA SER C 824 -89.17 16.82 19.37
C SER C 824 -88.39 15.85 18.47
N PRO C 825 -88.48 16.00 17.15
CA PRO C 825 -87.63 15.19 16.27
C PRO C 825 -86.16 15.54 16.42
N VAL C 826 -85.38 14.59 16.94
CA VAL C 826 -83.98 14.89 17.26
C VAL C 826 -83.24 15.29 15.99
N LEU C 827 -82.63 16.48 16.02
CA LEU C 827 -81.82 16.97 14.91
C LEU C 827 -80.36 16.61 15.11
N PHE C 828 -80.12 15.30 15.25
CA PHE C 828 -78.77 14.83 15.54
C PHE C 828 -77.79 15.22 14.45
N SER C 829 -78.21 15.12 13.19
CA SER C 829 -77.35 15.54 12.09
C SER C 829 -77.00 17.00 12.19
N HIS C 830 -77.98 17.85 12.52
CA HIS C 830 -77.71 19.29 12.64
C HIS C 830 -76.77 19.57 13.81
N ALA C 831 -76.96 18.88 14.93
CA ALA C 831 -76.07 19.08 16.08
C ALA C 831 -74.65 18.65 15.74
N VAL C 832 -74.50 17.52 15.06
CA VAL C 832 -73.17 17.06 14.65
C VAL C 832 -72.54 18.07 13.71
N GLN C 833 -73.33 18.60 12.76
CA GLN C 833 -72.82 19.61 11.84
C GLN C 833 -72.32 20.83 12.60
N ARG C 834 -73.12 21.32 13.56
CA ARG C 834 -72.71 22.48 14.35
C ARG C 834 -71.42 22.19 15.10
N ALA C 835 -71.35 21.05 15.78
CA ALA C 835 -70.19 20.75 16.60
C ALA C 835 -68.93 20.65 15.73
N VAL C 836 -69.02 19.95 14.60
CA VAL C 836 -67.82 19.74 13.79
C VAL C 836 -67.40 21.03 13.10
N VAL C 837 -68.36 21.78 12.54
CA VAL C 837 -68.00 22.99 11.82
C VAL C 837 -67.43 24.04 12.77
N THR C 838 -68.03 24.18 13.96
CA THR C 838 -67.50 25.12 14.93
C THR C 838 -66.08 24.73 15.34
N HIS C 839 -65.87 23.47 15.67
CA HIS C 839 -64.54 22.96 16.04
C HIS C 839 -63.96 22.22 14.85
N LYS C 840 -63.44 22.99 13.89
CA LYS C 840 -62.83 22.39 12.71
C LYS C 840 -61.56 21.61 13.06
N ALA C 841 -60.93 21.92 14.20
CA ALA C 841 -59.75 21.21 14.66
C ALA C 841 -60.07 19.94 15.42
N LEU C 842 -61.30 19.42 15.29
CA LEU C 842 -61.66 18.19 15.98
C LEU C 842 -60.77 17.05 15.52
N ASP C 843 -60.43 16.17 16.46
CA ASP C 843 -59.50 15.07 16.20
C ASP C 843 -60.21 13.73 15.99
N ILE C 844 -61.21 13.41 16.81
CA ILE C 844 -61.86 12.11 16.75
C ILE C 844 -63.24 12.24 17.37
N GLY C 845 -64.13 11.32 17.03
CA GLY C 845 -65.44 11.24 17.64
C GLY C 845 -65.70 9.87 18.23
N ILE C 846 -66.23 9.83 19.45
CA ILE C 846 -66.49 8.59 20.16
C ILE C 846 -67.99 8.42 20.34
N GLU C 847 -68.50 7.25 19.95
CA GLU C 847 -69.91 6.92 20.15
C GLU C 847 -70.06 6.36 21.55
N VAL C 848 -70.18 7.26 22.52
CA VAL C 848 -70.32 6.84 23.91
C VAL C 848 -71.64 6.11 24.08
N GLY C 849 -71.56 4.86 24.56
CA GLY C 849 -72.73 4.06 24.83
C GLY C 849 -72.67 2.72 24.11
N CYS C 850 -73.83 2.26 23.65
CA CYS C 850 -73.98 0.92 23.10
C CYS C 850 -73.74 0.96 21.59
N HIS C 851 -72.47 1.14 21.24
CA HIS C 851 -72.07 1.11 19.84
C HIS C 851 -72.27 -0.31 19.29
N PRO C 852 -72.66 -0.45 18.00
CA PRO C 852 -72.96 0.56 17.00
C PRO C 852 -74.40 1.05 17.02
N ALA C 853 -74.59 2.37 17.13
CA ALA C 853 -75.92 2.97 17.08
C ALA C 853 -75.94 4.14 16.12
N LEU C 854 -74.79 4.79 15.93
CA LEU C 854 -74.71 5.98 15.10
C LEU C 854 -73.44 6.02 14.25
N LYS C 855 -72.70 4.92 14.16
CA LYS C 855 -71.38 4.96 13.51
C LYS C 855 -71.51 5.46 12.07
N SER C 856 -72.21 4.70 11.23
CA SER C 856 -72.30 5.08 9.82
C SER C 856 -72.98 6.44 9.63
N PRO C 857 -74.17 6.70 10.18
CA PRO C 857 -74.78 8.01 9.95
C PRO C 857 -73.95 9.17 10.51
N CYS C 858 -73.33 8.98 11.67
CA CYS C 858 -72.56 10.07 12.28
C CYS C 858 -71.31 10.37 11.47
N VAL C 859 -70.59 9.33 11.05
CA VAL C 859 -69.38 9.56 10.26
C VAL C 859 -69.74 10.13 8.89
N ALA C 860 -70.87 9.70 8.31
CA ALA C 860 -71.32 10.28 7.07
C ALA C 860 -71.66 11.76 7.24
N THR C 861 -72.29 12.12 8.36
CA THR C 861 -72.58 13.52 8.63
C THR C 861 -71.30 14.32 8.78
N ILE C 862 -70.31 13.76 9.46
CA ILE C 862 -69.03 14.44 9.62
C ILE C 862 -68.39 14.69 8.26
N LYS C 863 -68.40 13.68 7.40
CA LYS C 863 -67.80 13.83 6.09
C LYS C 863 -68.56 14.86 5.25
N ASP C 864 -69.89 14.84 5.32
CA ASP C 864 -70.68 15.80 4.55
C ASP C 864 -70.42 17.22 5.02
N VAL C 865 -70.37 17.44 6.33
CA VAL C 865 -70.12 18.78 6.86
C VAL C 865 -68.71 19.24 6.50
N LEU C 866 -67.72 18.37 6.73
CA LEU C 866 -66.34 18.62 6.32
C LEU C 866 -66.13 17.87 5.02
N SER C 867 -66.49 18.52 3.90
CA SER C 867 -66.56 17.87 2.60
C SER C 867 -65.29 17.06 2.33
N GLY C 868 -65.46 15.75 2.17
CA GLY C 868 -64.36 14.88 1.84
C GLY C 868 -63.38 14.62 2.97
N VAL C 869 -63.71 15.01 4.20
CA VAL C 869 -62.83 14.86 5.35
C VAL C 869 -63.44 13.80 6.27
N ASP C 870 -62.72 12.71 6.49
CA ASP C 870 -63.15 11.63 7.35
C ASP C 870 -62.35 11.70 8.65
N LEU C 871 -63.05 11.86 9.77
CA LEU C 871 -62.43 11.90 11.08
C LEU C 871 -62.52 10.54 11.75
N ALA C 872 -61.64 10.31 12.72
CA ALA C 872 -61.61 9.04 13.43
C ALA C 872 -62.93 8.81 14.16
N TYR C 873 -63.36 7.55 14.19
CA TYR C 873 -64.56 7.16 14.90
C TYR C 873 -64.26 5.97 15.79
N THR C 874 -64.90 5.92 16.95
CA THR C 874 -64.62 4.90 17.94
C THR C 874 -65.87 4.61 18.77
N GLY C 875 -66.00 3.35 19.16
CA GLY C 875 -67.08 2.93 20.05
C GLY C 875 -66.53 2.20 21.26
N CYS C 876 -66.85 2.70 22.46
CA CYS C 876 -66.29 2.14 23.69
C CYS C 876 -67.09 0.97 24.24
N LEU C 877 -68.25 0.64 23.66
CA LEU C 877 -69.02 -0.53 24.06
C LEU C 877 -69.61 -1.14 22.79
N GLU C 878 -69.08 -2.29 22.39
CA GLU C 878 -69.43 -2.92 21.13
C GLU C 878 -70.63 -3.85 21.30
N ARG C 879 -71.26 -4.19 20.18
CA ARG C 879 -72.44 -5.05 20.16
C ARG C 879 -72.17 -6.40 20.81
N GLY C 880 -72.77 -6.64 21.98
CA GLY C 880 -72.68 -7.94 22.60
C GLY C 880 -71.27 -8.41 22.90
N LYS C 881 -70.31 -7.49 22.99
CA LYS C 881 -68.93 -7.84 23.26
C LYS C 881 -68.59 -7.52 24.71
N ASN C 882 -67.44 -8.01 25.15
CA ASN C 882 -66.98 -7.73 26.51
C ASN C 882 -66.78 -6.23 26.69
N ASP C 883 -67.32 -5.70 27.79
CA ASP C 883 -67.19 -4.28 28.07
C ASP C 883 -65.74 -3.88 28.24
N LEU C 884 -64.96 -4.69 28.96
CA LEU C 884 -63.54 -4.42 29.11
C LEU C 884 -62.86 -4.38 27.76
N ASP C 885 -63.15 -5.35 26.89
CA ASP C 885 -62.52 -5.38 25.58
C ASP C 885 -62.92 -4.17 24.75
N SER C 886 -64.19 -3.78 24.80
CA SER C 886 -64.65 -2.65 24.00
C SER C 886 -63.99 -1.35 24.47
N PHE C 887 -63.92 -1.13 25.78
CA PHE C 887 -63.29 0.08 26.29
C PHE C 887 -61.80 0.08 25.97
N SER C 888 -61.14 -1.07 26.13
CA SER C 888 -59.73 -1.16 25.79
C SER C 888 -59.49 -0.90 24.31
N ARG C 889 -60.41 -1.35 23.46
CA ARG C 889 -60.28 -1.12 22.03
C ARG C 889 -60.49 0.36 21.69
N ALA C 890 -61.41 1.03 22.39
CA ALA C 890 -61.57 2.46 22.19
C ALA C 890 -60.31 3.20 22.59
N LEU C 891 -59.72 2.84 23.73
CA LEU C 891 -58.46 3.45 24.15
C LEU C 891 -57.35 3.14 23.15
N ALA C 892 -57.36 1.93 22.61
CA ALA C 892 -56.35 1.55 21.61
C ALA C 892 -56.48 2.40 20.35
N TYR C 893 -57.71 2.62 19.89
CA TYR C 893 -57.92 3.50 18.74
C TYR C 893 -57.42 4.91 19.05
N LEU C 894 -57.80 5.43 20.21
CA LEU C 894 -57.35 6.78 20.59
C LEU C 894 -55.84 6.87 20.58
N TRP C 895 -55.16 5.90 21.18
CA TRP C 895 -53.71 5.94 21.26
C TRP C 895 -53.07 5.80 19.87
N GLU C 896 -53.49 4.79 19.12
CA GLU C 896 -52.92 4.58 17.79
C GLU C 896 -53.11 5.81 16.91
N ARG C 897 -54.17 6.59 17.15
CA ARG C 897 -54.40 7.76 16.32
C ARG C 897 -53.68 9.00 16.82
N PHE C 898 -53.56 9.20 18.13
CA PHE C 898 -53.05 10.47 18.65
C PHE C 898 -52.08 10.24 19.81
N GLY C 899 -51.17 9.28 19.66
CA GLY C 899 -50.07 9.14 20.60
C GLY C 899 -50.51 9.09 22.06
N ALA C 900 -49.54 9.34 22.93
CA ALA C 900 -49.81 9.42 24.36
C ALA C 900 -50.67 10.62 24.72
N SER C 901 -50.67 11.66 23.87
CA SER C 901 -51.50 12.83 24.10
C SER C 901 -52.99 12.50 24.02
N SER C 902 -53.37 11.35 23.46
CA SER C 902 -54.78 11.01 23.38
C SER C 902 -55.42 10.95 24.76
N PHE C 903 -54.74 10.32 25.72
CA PHE C 903 -55.27 10.24 27.07
C PHE C 903 -54.11 10.02 28.04
N ASP C 904 -54.38 10.25 29.32
CA ASP C 904 -53.40 10.10 30.39
C ASP C 904 -53.68 8.78 31.11
N ALA C 905 -52.86 7.77 30.83
CA ALA C 905 -53.03 6.47 31.48
C ALA C 905 -52.73 6.55 32.97
N ASP C 906 -51.76 7.39 33.36
CA ASP C 906 -51.42 7.50 34.78
C ASP C 906 -52.63 7.97 35.58
N GLU C 907 -53.31 9.02 35.12
CA GLU C 907 -54.49 9.50 35.82
C GLU C 907 -55.61 8.47 35.79
N PHE C 908 -55.74 7.74 34.67
CA PHE C 908 -56.77 6.72 34.57
C PHE C 908 -56.57 5.63 35.63
N MET C 909 -55.33 5.17 35.79
CA MET C 909 -55.05 4.19 36.83
C MET C 909 -55.16 4.80 38.22
N ARG C 910 -54.89 6.11 38.35
CA ARG C 910 -55.10 6.78 39.62
C ARG C 910 -56.57 6.74 40.02
N ALA C 911 -57.47 6.93 39.06
CA ALA C 911 -58.90 6.89 39.35
C ALA C 911 -59.44 5.46 39.37
N VAL C 912 -58.92 4.59 38.50
CA VAL C 912 -59.39 3.21 38.38
C VAL C 912 -58.38 2.30 39.05
N ALA C 913 -58.85 1.48 39.98
CA ALA C 913 -58.00 0.60 40.78
C ALA C 913 -56.90 1.40 41.48
N PRO C 914 -57.26 2.33 42.37
CA PRO C 914 -56.23 3.07 43.09
C PRO C 914 -55.28 2.18 43.87
N ASP C 915 -55.79 1.08 44.42
CA ASP C 915 -54.93 0.14 45.13
C ASP C 915 -53.89 -0.45 44.17
N ARG C 916 -52.68 -0.65 44.67
CA ARG C 916 -51.59 -1.16 43.85
C ARG C 916 -51.37 -0.23 42.67
N PRO C 917 -50.85 0.97 42.89
CA PRO C 917 -50.51 1.84 41.75
C PRO C 917 -49.51 1.15 40.83
N CYS C 918 -49.70 1.35 39.53
CA CYS C 918 -48.91 0.63 38.55
C CYS C 918 -47.43 0.88 38.74
N MET C 919 -46.65 -0.20 38.77
CA MET C 919 -45.20 -0.11 38.84
C MET C 919 -44.64 -0.06 37.42
N SER C 920 -43.65 0.81 37.21
CA SER C 920 -43.03 0.93 35.90
C SER C 920 -42.16 -0.29 35.66
N VAL C 921 -42.69 -1.26 34.92
CA VAL C 921 -42.01 -2.52 34.66
C VAL C 921 -41.23 -2.48 33.34
N SER C 922 -40.97 -1.28 32.82
CA SER C 922 -40.25 -1.18 31.55
C SER C 922 -38.90 -1.88 31.62
N LYS C 923 -38.32 -1.99 32.82
CA LYS C 923 -37.09 -2.77 32.98
C LYS C 923 -37.27 -4.19 32.44
N LEU C 924 -38.35 -4.85 32.85
CA LEU C 924 -38.58 -6.24 32.48
C LEU C 924 -39.07 -6.40 31.05
N LEU C 925 -39.66 -5.36 30.47
CA LEU C 925 -40.17 -5.47 29.12
C LEU C 925 -39.01 -5.63 28.13
N PRO C 926 -39.23 -6.36 27.03
CA PRO C 926 -38.14 -6.56 26.07
C PRO C 926 -37.72 -5.24 25.46
N ALA C 927 -36.41 -5.12 25.18
CA ALA C 927 -35.90 -3.93 24.53
C ALA C 927 -36.45 -3.83 23.11
N TYR C 928 -36.39 -2.63 22.55
CA TYR C 928 -36.90 -2.42 21.21
C TYR C 928 -36.14 -3.32 20.24
N PRO C 929 -36.83 -4.12 19.43
CA PRO C 929 -36.14 -5.01 18.48
C PRO C 929 -35.64 -4.22 17.29
N TRP C 930 -34.33 -4.00 17.23
CA TRP C 930 -33.75 -3.22 16.15
C TRP C 930 -33.79 -4.01 14.85
N ASP C 931 -34.08 -3.30 13.76
CA ASP C 931 -34.34 -3.97 12.48
C ASP C 931 -33.18 -4.88 12.09
N ARG C 932 -31.96 -4.33 12.08
CA ARG C 932 -30.75 -5.09 11.75
C ARG C 932 -30.85 -5.78 10.40
N SER C 933 -31.79 -5.38 9.55
CA SER C 933 -31.92 -6.02 8.24
C SER C 933 -30.70 -5.74 7.37
N ARG C 934 -30.19 -4.52 7.41
CA ARG C 934 -29.05 -4.12 6.59
C ARG C 934 -27.84 -3.86 7.46
N ARG C 935 -26.67 -4.19 6.93
CA ARG C 935 -25.41 -4.02 7.62
C ARG C 935 -24.71 -2.78 7.09
N TYR C 936 -24.50 -1.79 7.97
CA TYR C 936 -23.87 -0.52 7.61
C TYR C 936 -22.43 -0.54 8.08
N TRP C 937 -21.48 -0.62 7.14
CA TRP C 937 -20.07 -0.66 7.44
C TRP C 937 -19.29 -0.17 6.23
N VAL C 938 -18.04 0.19 6.45
CA VAL C 938 -17.16 0.67 5.39
C VAL C 938 -15.95 -0.26 5.38
N GLU C 939 -16.07 -1.39 4.71
CA GLU C 939 -14.97 -2.33 4.53
C GLU C 939 -14.33 -2.09 3.16
N SER C 940 -13.66 -0.94 3.04
CA SER C 940 -12.89 -0.67 1.84
C SER C 940 -11.98 -1.85 1.55
N ARG C 941 -12.01 -2.33 0.31
CA ARG C 941 -11.38 -3.61 0.01
C ARG C 941 -9.92 -3.62 0.43
N ALA C 942 -9.23 -2.48 0.30
CA ALA C 942 -7.89 -2.38 0.87
C ALA C 942 -7.94 -2.46 2.39
N THR C 943 -8.88 -1.75 3.01
CA THR C 943 -9.04 -1.83 4.45
C THR C 943 -9.43 -3.24 4.88
N ARG C 944 -10.30 -3.89 4.12
CA ARG C 944 -10.69 -5.25 4.45
C ARG C 944 -9.51 -6.20 4.35
N HIS C 945 -8.71 -6.10 3.28
CA HIS C 945 -7.52 -6.92 3.15
C HIS C 945 -6.48 -6.59 4.22
N HIS C 946 -6.55 -5.40 4.79
CA HIS C 946 -5.69 -5.06 5.93
C HIS C 946 -6.17 -5.75 7.20
N LEU C 947 -7.45 -5.55 7.56
CA LEU C 947 -8.01 -6.21 8.73
C LEU C 947 -8.00 -7.72 8.54
N ARG C 948 -8.54 -8.20 7.42
CA ARG C 948 -8.49 -9.60 7.06
C ARG C 948 -7.18 -9.87 6.31
N GLY C 949 -7.10 -11.03 5.66
CA GLY C 949 -5.99 -11.32 4.79
C GLY C 949 -5.24 -12.58 5.17
N PRO C 950 -4.14 -12.85 4.49
CA PRO C 950 -3.34 -14.04 4.78
C PRO C 950 -2.59 -13.89 6.09
N LYS C 951 -2.10 -15.02 6.59
CA LYS C 951 -1.28 -15.01 7.78
C LYS C 951 -0.04 -14.15 7.54
N PRO C 952 0.50 -13.52 8.58
CA PRO C 952 1.64 -12.63 8.36
C PRO C 952 2.91 -13.43 8.10
N HIS C 953 3.09 -13.85 6.85
CA HIS C 953 4.16 -14.76 6.51
C HIS C 953 5.51 -14.21 6.95
N LEU C 954 6.31 -15.07 7.58
CA LEU C 954 7.63 -14.65 8.04
C LEU C 954 8.53 -14.33 6.85
N LEU C 955 9.42 -13.36 7.06
CA LEU C 955 10.34 -12.91 6.03
C LEU C 955 9.63 -12.06 4.98
N LEU C 956 8.31 -11.97 5.08
CA LEU C 956 7.50 -11.23 4.11
C LEU C 956 6.53 -10.26 4.75
N GLY C 957 6.07 -10.53 5.97
CA GLY C 957 5.09 -9.67 6.58
C GLY C 957 3.71 -9.86 5.96
N LYS C 958 2.87 -8.86 6.15
CA LYS C 958 1.51 -8.90 5.64
C LYS C 958 1.47 -8.44 4.19
N LEU C 959 0.76 -9.20 3.36
CA LEU C 959 0.59 -8.82 1.97
C LEU C 959 -0.10 -7.46 1.88
N SER C 960 0.35 -6.63 0.93
CA SER C 960 -0.17 -5.29 0.83
C SER C 960 -1.66 -5.30 0.54
N GLU C 961 -2.34 -4.26 1.00
CA GLU C 961 -3.79 -4.17 0.82
C GLU C 961 -4.18 -4.14 -0.64
N TYR C 962 -3.30 -3.60 -1.49
CA TYR C 962 -3.58 -3.39 -2.91
C TYR C 962 -2.93 -4.46 -3.78
N SER C 963 -2.87 -5.69 -3.28
CA SER C 963 -2.22 -6.79 -3.98
C SER C 963 -3.28 -7.61 -4.73
N THR C 964 -3.01 -7.88 -5.98
CA THR C 964 -3.88 -8.67 -6.85
C THR C 964 -3.41 -10.11 -6.91
N PRO C 965 -4.22 -11.00 -7.47
CA PRO C 965 -3.72 -12.36 -7.78
C PRO C 965 -2.59 -12.35 -8.79
N LEU C 966 -2.43 -11.27 -9.54
CA LEU C 966 -1.34 -11.13 -10.50
C LEU C 966 -0.18 -10.30 -9.97
N SER C 967 -0.44 -9.33 -9.10
CA SER C 967 0.59 -8.49 -8.53
C SER C 967 0.52 -8.58 -7.00
N PHE C 968 1.68 -8.74 -6.37
CA PHE C 968 1.77 -8.87 -4.93
C PHE C 968 2.89 -7.97 -4.41
N GLN C 969 2.71 -7.49 -3.18
CA GLN C 969 3.71 -6.64 -2.53
C GLN C 969 3.64 -6.93 -1.03
N TRP C 970 4.49 -7.83 -0.56
CA TRP C 970 4.55 -8.16 0.85
C TRP C 970 5.34 -7.09 1.59
N LEU C 971 4.74 -6.54 2.64
CA LEU C 971 5.31 -5.44 3.39
C LEU C 971 5.79 -5.94 4.75
N ASN C 972 7.06 -5.67 5.06
CA ASN C 972 7.64 -6.12 6.32
C ASN C 972 8.68 -5.11 6.78
N PHE C 973 8.87 -5.04 8.10
CA PHE C 973 9.87 -4.18 8.73
C PHE C 973 10.73 -5.08 9.62
N VAL C 974 11.75 -5.68 9.03
CA VAL C 974 12.54 -6.70 9.71
C VAL C 974 13.50 -6.05 10.68
N ARG C 975 13.51 -6.54 11.92
CA ARG C 975 14.55 -6.22 12.88
C ARG C 975 15.14 -7.52 13.41
N PRO C 976 16.45 -7.57 13.67
CA PRO C 976 17.07 -8.86 13.99
C PRO C 976 16.46 -9.57 15.20
N ARG C 977 16.07 -8.85 16.24
CA ARG C 977 15.59 -9.53 17.44
C ARG C 977 14.24 -10.21 17.19
N ASP C 978 13.41 -9.64 16.32
CA ASP C 978 12.15 -10.30 15.99
C ASP C 978 12.39 -11.60 15.24
N ILE C 979 13.37 -11.61 14.34
CA ILE C 979 13.76 -12.82 13.62
C ILE C 979 14.89 -13.45 14.42
N GLU C 980 14.56 -14.46 15.23
CA GLU C 980 15.51 -15.01 16.18
C GLU C 980 16.82 -15.41 15.53
N TRP C 981 16.77 -15.90 14.30
CA TRP C 981 17.96 -16.43 13.63
C TRP C 981 18.75 -15.38 12.86
N LEU C 982 18.24 -14.16 12.73
CA LEU C 982 18.87 -13.19 11.83
C LEU C 982 20.17 -12.63 12.38
N ASP C 983 20.41 -12.76 13.69
CA ASP C 983 21.66 -12.26 14.26
C ASP C 983 22.87 -13.03 13.74
N GLY C 984 22.68 -14.24 13.21
CA GLY C 984 23.81 -15.05 12.81
C GLY C 984 24.57 -14.46 11.64
N HIS C 985 23.86 -13.97 10.62
CA HIS C 985 24.49 -13.46 9.40
C HIS C 985 24.95 -12.03 9.65
N ALA C 986 26.18 -11.91 10.15
CA ALA C 986 26.81 -10.63 10.42
C ALA C 986 28.03 -10.46 9.54
N LEU C 987 28.11 -9.32 8.86
CA LEU C 987 29.22 -8.99 7.99
C LEU C 987 29.89 -7.71 8.49
N GLN C 988 31.21 -7.76 8.68
CA GLN C 988 31.97 -6.64 9.21
C GLN C 988 31.42 -6.18 10.56
N GLY C 989 30.88 -7.11 11.33
CA GLY C 989 30.24 -6.82 12.60
C GLY C 989 28.78 -6.46 12.46
N GLN C 990 28.43 -5.72 11.41
CA GLN C 990 27.04 -5.38 11.17
C GLN C 990 26.22 -6.62 10.87
N THR C 991 25.02 -6.67 11.42
CA THR C 991 24.07 -7.73 11.09
C THR C 991 23.47 -7.42 9.73
N VAL C 992 23.76 -8.27 8.75
CA VAL C 992 23.35 -8.07 7.37
C VAL C 992 22.29 -9.10 7.01
N PHE C 993 21.20 -8.66 6.40
CA PHE C 993 20.20 -9.59 5.92
C PHE C 993 20.84 -10.53 4.91
N PRO C 994 20.75 -11.85 5.10
CA PRO C 994 21.46 -12.76 4.20
C PRO C 994 21.00 -12.59 2.76
N ALA C 995 21.96 -12.68 1.83
CA ALA C 995 21.61 -12.70 0.42
C ALA C 995 20.69 -13.88 0.12
N ALA C 996 20.89 -14.99 0.82
CA ALA C 996 19.96 -16.11 0.73
C ALA C 996 18.60 -15.76 1.33
N GLY C 997 18.54 -14.74 2.19
CA GLY C 997 17.25 -14.30 2.71
C GLY C 997 16.34 -13.81 1.62
N TYR C 998 16.89 -13.04 0.67
CA TYR C 998 16.08 -12.58 -0.45
C TYR C 998 15.57 -13.75 -1.28
N ILE C 999 16.41 -14.77 -1.48
CA ILE C 999 15.99 -15.94 -2.24
C ILE C 999 14.87 -16.68 -1.51
N VAL C 1000 15.00 -16.83 -0.20
CA VAL C 1000 13.95 -17.50 0.58
C VAL C 1000 12.66 -16.70 0.51
N MET C 1001 12.76 -15.37 0.61
CA MET C 1001 11.58 -14.53 0.52
C MET C 1001 10.92 -14.67 -0.85
N ALA C 1002 11.72 -14.71 -1.91
CA ALA C 1002 11.17 -14.85 -3.25
C ALA C 1002 10.48 -16.19 -3.41
N MET C 1003 11.07 -17.26 -2.89
CA MET C 1003 10.45 -18.58 -3.00
C MET C 1003 9.16 -18.66 -2.20
N GLU C 1004 9.14 -18.05 -1.02
CA GLU C 1004 7.90 -18.02 -0.24
C GLU C 1004 6.84 -17.17 -0.94
N ALA C 1005 7.25 -16.09 -1.58
CA ALA C 1005 6.32 -15.31 -2.39
C ALA C 1005 5.76 -16.14 -3.53
N ALA C 1006 6.60 -16.95 -4.17
CA ALA C 1006 6.12 -17.85 -5.20
C ALA C 1006 5.10 -18.83 -4.65
N LEU C 1007 5.37 -19.38 -3.47
CA LEU C 1007 4.42 -20.30 -2.85
C LEU C 1007 3.09 -19.61 -2.59
N MET C 1008 3.13 -18.40 -2.04
CA MET C 1008 1.89 -17.69 -1.74
C MET C 1008 1.14 -17.34 -3.01
N ILE C 1009 1.86 -16.98 -4.07
CA ILE C 1009 1.21 -16.67 -5.34
C ILE C 1009 0.53 -17.92 -5.89
N ALA C 1010 1.22 -19.05 -5.86
CA ALA C 1010 0.63 -20.29 -6.35
C ALA C 1010 -0.60 -20.66 -5.53
N GLY C 1011 -0.53 -20.49 -4.21
CA GLY C 1011 -1.69 -20.74 -3.37
C GLY C 1011 -2.84 -19.82 -3.69
N THR C 1012 -2.55 -18.56 -4.05
CA THR C 1012 -3.60 -17.63 -4.43
C THR C 1012 -4.33 -18.13 -5.67
N HIS C 1013 -3.60 -18.69 -6.63
CA HIS C 1013 -4.20 -19.29 -7.81
C HIS C 1013 -4.57 -20.75 -7.59
N ALA C 1014 -4.40 -21.27 -6.38
CA ALA C 1014 -4.66 -22.65 -6.00
C ALA C 1014 -3.64 -23.62 -6.59
N LYS C 1015 -2.65 -23.14 -7.32
CA LYS C 1015 -1.65 -23.99 -7.92
C LYS C 1015 -0.64 -24.46 -6.88
N GLN C 1016 -0.06 -25.62 -7.13
CA GLN C 1016 1.02 -26.17 -6.31
C GLN C 1016 2.29 -26.25 -7.14
N VAL C 1017 3.39 -25.75 -6.60
CA VAL C 1017 4.64 -25.64 -7.33
C VAL C 1017 5.38 -26.96 -7.27
N LYS C 1018 5.41 -27.69 -8.40
CA LYS C 1018 6.24 -28.88 -8.49
C LYS C 1018 7.72 -28.53 -8.58
N LEU C 1019 8.03 -27.37 -9.17
CA LEU C 1019 9.41 -26.93 -9.33
C LEU C 1019 9.45 -25.41 -9.20
N LEU C 1020 10.50 -24.89 -8.58
CA LEU C 1020 10.63 -23.46 -8.32
C LEU C 1020 12.00 -23.01 -8.82
N GLU C 1021 12.01 -22.25 -9.90
CA GLU C 1021 13.23 -21.71 -10.47
C GLU C 1021 13.30 -20.20 -10.24
N ILE C 1022 14.52 -19.70 -10.06
CA ILE C 1022 14.81 -18.28 -10.03
C ILE C 1022 15.77 -17.99 -11.17
N LEU C 1023 15.60 -16.83 -11.82
CA LEU C 1023 16.37 -16.49 -13.00
C LEU C 1023 16.88 -15.06 -12.91
N ASP C 1024 18.15 -14.88 -13.26
CA ASP C 1024 18.75 -13.55 -13.39
C ASP C 1024 18.55 -12.72 -12.13
N MET C 1025 18.61 -13.38 -10.97
CA MET C 1025 18.46 -12.67 -9.71
C MET C 1025 19.67 -11.78 -9.46
N SER C 1026 19.43 -10.68 -8.75
CA SER C 1026 20.47 -9.70 -8.46
C SER C 1026 20.26 -9.13 -7.08
N ILE C 1027 21.35 -8.95 -6.34
CA ILE C 1027 21.33 -8.27 -5.06
C ILE C 1027 21.97 -6.90 -5.25
N ASP C 1028 21.13 -5.89 -5.53
CA ASP C 1028 21.67 -4.57 -5.83
C ASP C 1028 22.26 -3.90 -4.59
N LYS C 1029 21.59 -4.04 -3.45
CA LYS C 1029 22.02 -3.36 -2.22
C LYS C 1029 21.77 -4.28 -1.04
N ALA C 1030 22.82 -4.51 -0.25
CA ALA C 1030 22.70 -5.32 0.95
C ALA C 1030 22.00 -4.53 2.05
N VAL C 1031 21.19 -5.23 2.84
CA VAL C 1031 20.49 -4.62 3.96
C VAL C 1031 21.39 -4.68 5.19
N ILE C 1032 21.61 -3.54 5.83
CA ILE C 1032 22.49 -3.42 6.98
C ILE C 1032 21.63 -3.07 8.19
N PHE C 1033 21.70 -3.89 9.23
CA PHE C 1033 20.99 -3.65 10.48
C PHE C 1033 21.95 -3.04 11.48
N ASP C 1034 21.69 -1.78 11.86
CA ASP C 1034 22.56 -1.11 12.82
C ASP C 1034 22.52 -1.80 14.18
N ASP C 1035 21.34 -2.24 14.61
CA ASP C 1035 21.17 -2.85 15.92
C ASP C 1035 20.05 -3.87 15.83
N GLU C 1036 20.03 -4.78 16.80
CA GLU C 1036 19.02 -5.83 16.81
C GLU C 1036 17.61 -5.29 16.87
N ASP C 1037 17.42 -4.07 17.40
CA ASP C 1037 16.11 -3.45 17.45
C ASP C 1037 15.82 -2.54 16.26
N SER C 1038 16.81 -2.31 15.39
CA SER C 1038 16.60 -1.46 14.24
C SER C 1038 15.62 -2.10 13.26
N LEU C 1039 14.69 -1.30 12.76
CA LEU C 1039 13.68 -1.76 11.82
C LEU C 1039 14.08 -1.36 10.41
N VAL C 1040 14.18 -2.36 9.53
CA VAL C 1040 14.47 -2.15 8.11
C VAL C 1040 13.27 -2.64 7.31
N GLU C 1041 12.68 -1.74 6.54
CA GLU C 1041 11.51 -2.09 5.75
C GLU C 1041 11.92 -2.95 4.55
N LEU C 1042 11.22 -4.06 4.35
CA LEU C 1042 11.41 -4.91 3.18
C LEU C 1042 10.07 -5.05 2.47
N ASN C 1043 10.04 -4.71 1.18
CA ASN C 1043 8.83 -4.76 0.37
C ASN C 1043 9.09 -5.67 -0.83
N LEU C 1044 8.63 -6.91 -0.74
CA LEU C 1044 8.81 -7.88 -1.81
C LEU C 1044 7.68 -7.72 -2.82
N THR C 1045 7.91 -6.88 -3.83
CA THR C 1045 6.99 -6.80 -4.96
C THR C 1045 7.16 -8.01 -5.85
N ALA C 1046 6.05 -8.49 -6.40
CA ALA C 1046 6.07 -9.67 -7.25
C ALA C 1046 4.93 -9.57 -8.26
N ASP C 1047 5.27 -9.39 -9.52
CA ASP C 1047 4.30 -9.36 -10.62
C ASP C 1047 4.50 -10.60 -11.47
N VAL C 1048 3.48 -11.45 -11.54
CA VAL C 1048 3.53 -12.64 -12.37
C VAL C 1048 3.35 -12.21 -13.83
N SER C 1049 4.48 -12.08 -14.54
CA SER C 1049 4.43 -11.61 -15.91
C SER C 1049 3.73 -12.59 -16.84
N ARG C 1050 3.78 -13.88 -16.51
CA ARG C 1050 3.22 -14.93 -17.37
C ARG C 1050 2.57 -15.98 -16.48
N ASN C 1051 1.26 -15.90 -16.32
CA ASN C 1051 0.48 -16.91 -15.61
C ASN C 1051 0.00 -17.92 -16.65
N ALA C 1052 0.77 -18.98 -16.83
CA ALA C 1052 0.52 -19.95 -17.89
C ALA C 1052 0.20 -21.32 -17.30
N GLY C 1053 -0.63 -21.35 -16.25
CA GLY C 1053 -1.02 -22.61 -15.67
C GLY C 1053 -1.55 -23.59 -16.67
N GLU C 1054 -2.11 -23.10 -17.79
CA GLU C 1054 -2.46 -23.97 -18.90
C GLU C 1054 -1.23 -24.69 -19.43
N ALA C 1055 -0.10 -23.97 -19.52
CA ALA C 1055 1.16 -24.55 -19.93
C ALA C 1055 1.97 -25.10 -18.77
N GLY C 1056 1.43 -25.05 -17.56
CA GLY C 1056 2.16 -25.52 -16.39
C GLY C 1056 3.39 -24.71 -16.07
N SER C 1057 3.30 -23.38 -16.16
CA SER C 1057 4.44 -22.52 -15.87
C SER C 1057 3.92 -21.20 -15.32
N MET C 1058 4.81 -20.49 -14.61
CA MET C 1058 4.47 -19.19 -14.04
C MET C 1058 5.74 -18.39 -13.88
N THR C 1059 5.87 -17.31 -14.64
CA THR C 1059 7.02 -16.42 -14.57
C THR C 1059 6.66 -15.20 -13.74
N ILE C 1060 7.45 -14.92 -12.71
CA ILE C 1060 7.16 -13.88 -11.74
C ILE C 1060 8.37 -12.99 -11.61
N SER C 1061 8.20 -11.69 -11.83
CA SER C 1061 9.26 -10.71 -11.62
C SER C 1061 9.15 -10.18 -10.20
N PHE C 1062 10.18 -10.43 -9.39
CA PHE C 1062 10.15 -10.10 -7.97
C PHE C 1062 11.26 -9.10 -7.65
N LYS C 1063 10.96 -8.21 -6.71
CA LYS C 1063 11.91 -7.19 -6.28
C LYS C 1063 11.76 -6.98 -4.78
N ILE C 1064 12.84 -7.23 -4.04
CA ILE C 1064 12.85 -7.01 -2.59
C ILE C 1064 13.41 -5.61 -2.36
N ASP C 1065 12.51 -4.64 -2.20
CA ASP C 1065 12.91 -3.28 -1.89
C ASP C 1065 13.23 -3.15 -0.40
N SER C 1066 14.20 -2.29 -0.09
CA SER C 1066 14.66 -2.12 1.28
C SER C 1066 14.82 -0.65 1.61
N CYS C 1067 14.65 -0.33 2.89
CA CYS C 1067 14.91 1.00 3.41
C CYS C 1067 15.46 0.87 4.82
N LEU C 1068 16.68 1.34 5.03
CA LEU C 1068 17.38 1.12 6.30
C LEU C 1068 16.92 2.05 7.41
N SER C 1069 16.21 3.12 7.09
CA SER C 1069 15.78 4.08 8.09
C SER C 1069 14.48 4.73 7.66
N LYS C 1070 13.68 5.16 8.63
CA LYS C 1070 12.41 5.79 8.32
C LYS C 1070 12.60 7.10 7.56
N GLU C 1071 13.76 7.75 7.71
CA GLU C 1071 14.02 8.99 6.99
C GLU C 1071 14.51 8.75 5.57
N GLY C 1072 14.93 7.52 5.25
CA GLY C 1072 15.45 7.22 3.93
C GLY C 1072 14.35 6.86 2.95
N ASN C 1073 14.73 6.86 1.67
CA ASN C 1073 13.81 6.44 0.61
C ASN C 1073 13.89 4.93 0.42
N LEU C 1074 12.82 4.38 -0.15
CA LEU C 1074 12.78 2.95 -0.43
C LEU C 1074 13.67 2.65 -1.62
N SER C 1075 14.61 1.72 -1.45
CA SER C 1075 15.60 1.39 -2.46
C SER C 1075 15.60 -0.11 -2.72
N LEU C 1076 16.07 -0.49 -3.91
CA LEU C 1076 16.12 -1.87 -4.30
C LEU C 1076 17.24 -2.59 -3.57
N SER C 1077 16.92 -3.75 -2.99
CA SER C 1077 17.92 -4.63 -2.39
C SER C 1077 18.14 -5.90 -3.19
N ALA C 1078 17.10 -6.44 -3.81
CA ALA C 1078 17.24 -7.61 -4.66
C ALA C 1078 16.14 -7.61 -5.71
N LYS C 1079 16.40 -8.31 -6.80
CA LYS C 1079 15.42 -8.44 -7.88
C LYS C 1079 15.76 -9.67 -8.70
N GLY C 1080 14.81 -10.08 -9.54
CA GLY C 1080 15.03 -11.22 -10.40
C GLY C 1080 13.73 -11.73 -10.97
N GLN C 1081 13.73 -13.00 -11.36
CA GLN C 1081 12.57 -13.67 -11.91
C GLN C 1081 12.37 -15.01 -11.21
N LEU C 1082 11.13 -15.48 -11.21
CA LEU C 1082 10.79 -16.80 -10.67
C LEU C 1082 10.00 -17.56 -11.72
N ALA C 1083 10.52 -18.70 -12.15
CA ALA C 1083 9.87 -19.56 -13.13
C ALA C 1083 9.40 -20.81 -12.39
N LEU C 1084 8.09 -20.90 -12.16
CA LEU C 1084 7.50 -21.98 -11.39
C LEU C 1084 6.88 -23.02 -12.31
N THR C 1085 7.21 -24.27 -12.09
CA THR C 1085 6.51 -25.39 -12.71
C THR C 1085 5.46 -25.89 -11.73
N ILE C 1086 4.19 -25.75 -12.09
CA ILE C 1086 3.09 -25.87 -11.14
C ILE C 1086 2.12 -26.96 -11.59
N GLU C 1087 1.38 -27.48 -10.62
CA GLU C 1087 0.28 -28.40 -10.86
C GLU C 1087 -1.01 -27.80 -10.32
N ASP C 1088 -2.14 -28.30 -10.82
CA ASP C 1088 -3.44 -27.74 -10.46
C ASP C 1088 -3.80 -27.93 -8.99
N VAL C 1089 -3.13 -28.84 -8.29
CA VAL C 1089 -3.42 -29.07 -6.88
C VAL C 1089 -2.66 -28.03 -6.04
N HIS C 1100 13.03 -35.94 -8.98
CA HIS C 1100 13.57 -36.11 -10.32
C HIS C 1100 13.42 -34.84 -11.15
N HIS C 1101 12.75 -33.84 -10.57
CA HIS C 1101 12.59 -32.57 -11.28
C HIS C 1101 13.92 -31.88 -11.51
N LEU C 1102 14.90 -32.13 -10.64
CA LEU C 1102 16.24 -31.60 -10.77
C LEU C 1102 17.21 -32.68 -11.21
N PRO C 1103 18.32 -32.32 -11.85
CA PRO C 1103 19.31 -33.32 -12.24
C PRO C 1103 19.87 -34.03 -11.01
N PRO C 1104 20.17 -35.32 -11.11
CA PRO C 1104 20.81 -36.00 -9.98
C PRO C 1104 22.13 -35.34 -9.63
N PRO C 1105 22.48 -35.27 -8.36
CA PRO C 1105 23.73 -34.60 -7.98
C PRO C 1105 24.94 -35.26 -8.62
N GLU C 1106 25.91 -34.43 -9.00
CA GLU C 1106 27.12 -34.95 -9.61
C GLU C 1106 27.82 -35.92 -8.67
N GLU C 1107 28.43 -36.96 -9.25
CA GLU C 1107 29.20 -37.89 -8.45
C GLU C 1107 30.26 -37.14 -7.65
N GLU C 1108 30.34 -37.45 -6.37
CA GLU C 1108 31.25 -36.72 -5.48
C GLU C 1108 32.67 -36.79 -6.02
N HIS C 1109 33.35 -35.67 -5.98
CA HIS C 1109 34.69 -35.59 -6.54
C HIS C 1109 35.59 -36.61 -5.84
N PRO C 1110 36.39 -37.38 -6.59
CA PRO C 1110 37.14 -38.48 -5.97
C PRO C 1110 38.03 -38.02 -4.81
N HIS C 1111 38.91 -37.06 -5.07
CA HIS C 1111 39.80 -36.53 -4.05
C HIS C 1111 39.23 -35.24 -3.49
N MET C 1112 39.18 -35.16 -2.16
CA MET C 1112 38.62 -34.01 -1.47
C MET C 1112 39.33 -33.86 -0.14
N ASN C 1113 39.97 -32.71 0.08
CA ASN C 1113 40.64 -32.44 1.34
C ASN C 1113 39.62 -32.04 2.40
N ARG C 1114 39.66 -32.70 3.55
CA ARG C 1114 38.75 -32.36 4.63
C ARG C 1114 38.98 -30.92 5.07
N VAL C 1115 37.89 -30.23 5.38
CA VAL C 1115 37.91 -28.83 5.77
C VAL C 1115 37.57 -28.74 7.24
N ASN C 1116 38.44 -28.08 8.02
CA ASN C 1116 38.17 -27.82 9.42
C ASN C 1116 37.14 -26.70 9.52
N ILE C 1117 35.90 -27.05 9.87
CA ILE C 1117 34.81 -26.09 9.81
C ILE C 1117 35.09 -24.91 10.72
N ASN C 1118 35.57 -25.18 11.94
CA ASN C 1118 35.87 -24.11 12.87
C ASN C 1118 36.94 -23.18 12.31
N ALA C 1119 38.01 -23.76 11.76
CA ALA C 1119 39.06 -22.94 11.15
C ALA C 1119 38.53 -22.18 9.94
N PHE C 1120 37.64 -22.82 9.16
CA PHE C 1120 37.07 -22.16 8.00
C PHE C 1120 36.30 -20.92 8.42
N TYR C 1121 35.44 -21.05 9.44
CA TYR C 1121 34.67 -19.89 9.89
C TYR C 1121 35.56 -18.85 10.56
N HIS C 1122 36.64 -19.29 11.22
CA HIS C 1122 37.60 -18.34 11.77
C HIS C 1122 38.23 -17.51 10.66
N GLU C 1123 38.64 -18.16 9.58
CA GLU C 1123 39.21 -17.45 8.45
C GLU C 1123 38.19 -16.48 7.86
N LEU C 1124 36.95 -16.94 7.71
CA LEU C 1124 35.91 -16.06 7.15
C LEU C 1124 35.69 -14.85 8.04
N GLY C 1125 35.67 -15.05 9.36
CA GLY C 1125 35.57 -13.92 10.28
C GLY C 1125 36.74 -12.98 10.13
N LEU C 1126 37.94 -13.52 9.91
CA LEU C 1126 39.09 -12.66 9.64
C LEU C 1126 38.86 -11.83 8.39
N MET C 1127 38.27 -12.44 7.36
CA MET C 1127 38.00 -11.70 6.12
C MET C 1127 36.88 -10.71 6.31
N GLY C 1128 35.92 -11.00 7.17
CA GLY C 1128 34.82 -10.09 7.43
C GLY C 1128 33.49 -10.76 7.69
N TYR C 1129 33.35 -12.02 7.28
CA TYR C 1129 32.09 -12.75 7.47
C TYR C 1129 31.99 -13.19 8.92
N ASN C 1130 31.17 -12.49 9.70
CA ASN C 1130 30.96 -12.85 11.10
C ASN C 1130 29.76 -13.77 11.25
N TYR C 1131 29.75 -14.88 10.51
CA TYR C 1131 28.70 -15.86 10.66
C TYR C 1131 28.67 -16.41 12.07
N SER C 1132 27.47 -16.63 12.60
CA SER C 1132 27.30 -17.06 13.97
C SER C 1132 26.11 -17.99 14.09
N LYS C 1133 26.09 -18.74 15.19
CA LYS C 1133 25.01 -19.65 15.55
C LYS C 1133 24.40 -20.36 14.35
N ASP C 1134 23.13 -20.10 14.05
CA ASP C 1134 22.40 -20.90 13.07
C ASP C 1134 22.97 -20.79 11.67
N PHE C 1135 23.77 -19.77 11.38
CA PHE C 1135 24.22 -19.57 10.01
C PHE C 1135 25.47 -20.34 9.64
N ARG C 1136 26.28 -20.77 10.62
CA ARG C 1136 27.43 -21.65 10.51
C ARG C 1136 26.99 -23.03 10.06
N ARG C 1137 26.29 -23.76 10.94
CA ARG C 1137 25.49 -24.93 10.59
C ARG C 1137 26.06 -25.72 9.41
N LEU C 1138 27.36 -26.02 9.45
CA LEU C 1138 28.03 -26.78 8.40
C LEU C 1138 28.66 -28.00 9.05
N HIS C 1139 27.95 -29.12 9.00
CA HIS C 1139 28.41 -30.33 9.69
C HIS C 1139 29.80 -30.73 9.23
N ASN C 1140 30.01 -30.78 7.92
CA ASN C 1140 31.32 -31.12 7.38
C ASN C 1140 31.40 -30.65 5.94
N MET C 1141 32.62 -30.42 5.48
CA MET C 1141 32.87 -30.03 4.10
C MET C 1141 34.29 -30.44 3.73
N GLN C 1142 34.49 -30.78 2.46
CA GLN C 1142 35.81 -31.13 1.95
C GLN C 1142 35.94 -30.55 0.55
N ARG C 1143 37.08 -29.90 0.29
CA ARG C 1143 37.30 -29.16 -0.95
C ARG C 1143 38.49 -29.73 -1.70
N ALA C 1144 38.42 -29.65 -3.03
CA ALA C 1144 39.55 -30.01 -3.89
C ALA C 1144 39.19 -29.70 -5.34
N ASP C 1145 40.22 -29.43 -6.14
CA ASP C 1145 40.06 -29.23 -7.58
C ASP C 1145 39.01 -28.15 -7.87
N LEU C 1146 39.04 -27.08 -7.09
CA LEU C 1146 38.12 -25.95 -7.20
C LEU C 1146 36.70 -26.34 -6.82
N ARG C 1147 36.49 -27.53 -6.29
CA ARG C 1147 35.17 -28.02 -5.92
C ARG C 1147 35.10 -28.24 -4.40
N ALA C 1148 33.88 -28.35 -3.91
CA ALA C 1148 33.65 -28.65 -2.50
C ALA C 1148 32.39 -29.49 -2.35
N SER C 1149 32.37 -30.31 -1.30
CA SER C 1149 31.24 -31.17 -1.02
C SER C 1149 31.27 -31.54 0.46
N GLY C 1150 30.13 -31.97 0.98
CA GLY C 1150 30.03 -32.34 2.37
C GLY C 1150 28.60 -32.47 2.86
N THR C 1151 28.36 -32.04 4.09
CA THR C 1151 27.03 -32.11 4.71
C THR C 1151 26.74 -30.80 5.40
N LEU C 1152 25.55 -30.25 5.14
CA LEU C 1152 25.09 -29.03 5.79
C LEU C 1152 23.72 -29.27 6.40
N ASP C 1153 23.42 -28.52 7.45
CA ASP C 1153 22.19 -28.70 8.21
C ASP C 1153 21.06 -27.95 7.51
N PHE C 1154 20.14 -28.70 6.90
CA PHE C 1154 18.92 -28.13 6.31
C PHE C 1154 17.92 -27.80 7.41
N ILE C 1155 18.35 -26.89 8.29
CA ILE C 1155 17.55 -26.57 9.48
C ILE C 1155 16.18 -26.06 9.03
N PRO C 1156 15.09 -26.57 9.60
CA PRO C 1156 13.76 -26.08 9.19
C PRO C 1156 13.41 -24.75 9.85
N LEU C 1157 12.64 -23.96 9.12
CA LEU C 1157 12.11 -22.70 9.62
C LEU C 1157 10.62 -22.67 9.37
N MET C 1158 9.84 -22.39 10.42
CA MET C 1158 8.38 -22.34 10.32
C MET C 1158 7.88 -21.06 10.97
N ASP C 1159 6.84 -20.47 10.37
CA ASP C 1159 6.21 -19.28 10.91
C ASP C 1159 5.06 -19.69 11.80
N GLU C 1160 5.16 -19.39 13.10
CA GLU C 1160 4.11 -19.76 14.04
C GLU C 1160 2.79 -19.09 13.67
N GLY C 1161 2.84 -17.82 13.29
CA GLY C 1161 1.63 -17.14 12.85
C GLY C 1161 0.98 -17.83 11.67
N ASN C 1162 1.79 -18.19 10.67
CA ASN C 1162 1.28 -18.91 9.51
C ASN C 1162 1.05 -20.40 9.79
N GLY C 1163 1.70 -20.93 10.83
CA GLY C 1163 1.50 -22.33 11.19
C GLY C 1163 1.87 -23.31 10.10
N CYS C 1164 2.97 -23.05 9.39
CA CYS C 1164 3.45 -23.94 8.34
C CYS C 1164 4.93 -23.74 8.17
N PRO C 1165 5.67 -24.75 7.71
CA PRO C 1165 7.11 -24.59 7.52
C PRO C 1165 7.43 -23.82 6.24
N LEU C 1166 8.64 -23.27 6.21
CA LEU C 1166 9.15 -22.58 5.03
C LEU C 1166 10.01 -23.53 4.20
N LEU C 1167 10.13 -23.21 2.92
CA LEU C 1167 10.93 -24.04 2.02
C LEU C 1167 12.38 -24.10 2.48
N LEU C 1168 12.95 -22.95 2.84
CA LEU C 1168 14.34 -22.86 3.22
C LEU C 1168 14.48 -21.96 4.44
N HIS C 1169 15.28 -22.42 5.39
CA HIS C 1169 15.81 -21.53 6.41
C HIS C 1169 17.00 -20.79 5.81
N PRO C 1170 16.94 -19.46 5.66
CA PRO C 1170 18.03 -18.74 4.98
C PRO C 1170 19.40 -19.12 5.49
N ALA C 1171 19.47 -19.66 6.70
CA ALA C 1171 20.74 -20.16 7.23
C ALA C 1171 21.29 -21.28 6.35
N SER C 1172 20.44 -22.24 5.99
CA SER C 1172 20.91 -23.37 5.19
C SER C 1172 21.37 -22.92 3.80
N LEU C 1173 20.60 -22.03 3.16
CA LEU C 1173 20.97 -21.57 1.83
C LEU C 1173 22.24 -20.71 1.88
N ASP C 1174 22.38 -19.90 2.93
CA ASP C 1174 23.61 -19.14 3.09
C ASP C 1174 24.80 -20.04 3.37
N VAL C 1175 24.58 -21.16 4.07
CA VAL C 1175 25.65 -22.14 4.24
C VAL C 1175 26.03 -22.75 2.89
N ALA C 1176 25.02 -23.08 2.09
CA ALA C 1176 25.30 -23.57 0.74
C ALA C 1176 26.14 -22.57 -0.03
N PHE C 1177 25.83 -21.28 0.11
CA PHE C 1177 26.65 -20.25 -0.52
C PHE C 1177 28.06 -20.26 0.03
N GLN C 1178 28.19 -20.39 1.35
CA GLN C 1178 29.52 -20.47 1.96
C GLN C 1178 30.31 -21.64 1.40
N THR C 1179 29.62 -22.67 0.93
CA THR C 1179 30.33 -23.78 0.30
C THR C 1179 31.15 -23.31 -0.89
N VAL C 1180 30.62 -22.35 -1.65
CA VAL C 1180 31.35 -21.81 -2.79
C VAL C 1180 32.65 -21.15 -2.32
N ILE C 1181 32.57 -20.35 -1.25
CA ILE C 1181 33.75 -19.70 -0.72
C ILE C 1181 34.75 -20.74 -0.24
N GLY C 1182 34.26 -21.76 0.45
CA GLY C 1182 35.14 -22.82 0.92
C GLY C 1182 35.88 -23.50 -0.22
N ALA C 1183 35.18 -23.78 -1.31
CA ALA C 1183 35.84 -24.32 -2.50
C ALA C 1183 36.87 -23.34 -3.02
N TYR C 1184 36.51 -22.06 -3.06
CA TYR C 1184 37.43 -21.03 -3.55
C TYR C 1184 38.64 -20.89 -2.64
N SER C 1185 38.41 -20.87 -1.33
CA SER C 1185 39.47 -20.64 -0.35
C SER C 1185 39.46 -21.75 0.68
N SER C 1186 40.61 -22.40 0.85
CA SER C 1186 40.77 -23.38 1.91
C SER C 1186 40.95 -22.67 3.25
N PRO C 1187 40.67 -23.35 4.37
CA PRO C 1187 40.84 -22.70 5.67
C PRO C 1187 42.29 -22.38 5.97
N GLY C 1188 42.56 -21.11 6.23
CA GLY C 1188 43.91 -20.67 6.57
C GLY C 1188 44.78 -20.29 5.40
N ASP C 1189 44.28 -20.37 4.17
CA ASP C 1189 45.08 -20.01 3.00
C ASP C 1189 44.97 -18.54 2.63
N ARG C 1190 43.94 -17.85 3.12
CA ARG C 1190 43.76 -16.41 2.88
C ARG C 1190 43.54 -16.10 1.41
N ARG C 1191 42.98 -17.05 0.65
CA ARG C 1191 42.61 -16.77 -0.73
C ARG C 1191 41.48 -15.73 -0.78
N LEU C 1192 40.60 -15.75 0.21
CA LEU C 1192 39.47 -14.82 0.27
C LEU C 1192 39.91 -13.50 0.87
N ARG C 1193 40.86 -12.82 0.22
CA ARG C 1193 41.46 -11.62 0.80
C ARG C 1193 40.48 -10.47 0.94
N CYS C 1194 39.32 -10.54 0.28
CA CYS C 1194 38.31 -9.50 0.40
C CYS C 1194 36.95 -10.16 0.63
N LEU C 1195 36.07 -9.40 1.27
CA LEU C 1195 34.75 -9.91 1.66
C LEU C 1195 33.85 -9.90 0.44
N TYR C 1196 33.49 -11.08 -0.04
CA TYR C 1196 32.59 -11.25 -1.18
C TYR C 1196 31.17 -11.46 -0.66
N VAL C 1197 30.21 -10.73 -1.23
CA VAL C 1197 28.80 -10.94 -0.93
C VAL C 1197 28.08 -11.21 -2.25
N PRO C 1198 27.04 -12.04 -2.26
CA PRO C 1198 26.32 -12.27 -3.52
C PRO C 1198 25.75 -10.97 -4.10
N THR C 1199 25.88 -10.84 -5.42
CA THR C 1199 25.35 -9.69 -6.14
C THR C 1199 24.56 -10.06 -7.36
N HIS C 1200 24.59 -11.33 -7.79
CA HIS C 1200 23.81 -11.79 -8.93
C HIS C 1200 23.84 -13.30 -8.95
N VAL C 1201 22.70 -13.90 -9.29
CA VAL C 1201 22.58 -15.34 -9.43
C VAL C 1201 21.93 -15.62 -10.78
N ASP C 1202 22.61 -16.39 -11.63
CA ASP C 1202 22.03 -16.74 -12.92
C ASP C 1202 20.77 -17.58 -12.73
N ARG C 1203 20.79 -18.53 -11.79
CA ARG C 1203 19.64 -19.36 -11.56
C ARG C 1203 19.71 -20.12 -10.24
N ILE C 1204 18.65 -20.01 -9.43
CA ILE C 1204 18.44 -20.86 -8.27
C ILE C 1204 17.20 -21.70 -8.54
N THR C 1205 17.33 -23.02 -8.46
CA THR C 1205 16.24 -23.94 -8.70
C THR C 1205 16.04 -24.81 -7.46
N LEU C 1206 14.82 -24.80 -6.93
CA LEU C 1206 14.48 -25.53 -5.73
C LEU C 1206 13.23 -26.37 -5.95
N VAL C 1207 13.26 -27.60 -5.46
CA VAL C 1207 12.11 -28.49 -5.50
C VAL C 1207 11.39 -28.37 -4.16
N PRO C 1208 10.32 -27.58 -4.08
CA PRO C 1208 9.71 -27.33 -2.76
C PRO C 1208 9.22 -28.58 -2.06
N SER C 1209 8.75 -29.58 -2.81
CA SER C 1209 8.26 -30.80 -2.18
C SER C 1209 9.35 -31.47 -1.36
N LEU C 1210 10.54 -31.64 -1.95
CA LEU C 1210 11.62 -32.31 -1.25
C LEU C 1210 12.11 -31.49 -0.06
N CYS C 1211 12.20 -30.17 -0.22
CA CYS C 1211 12.64 -29.32 0.89
C CYS C 1211 11.66 -29.40 2.06
N LEU C 1212 10.35 -29.34 1.77
CA LEU C 1212 9.35 -29.44 2.83
C LEU C 1212 9.40 -30.82 3.48
N ALA C 1213 9.58 -31.87 2.68
CA ALA C 1213 9.67 -33.22 3.24
C ALA C 1213 10.85 -33.34 4.18
N THR C 1214 12.01 -32.81 3.77
CA THR C 1214 13.19 -32.87 4.65
C THR C 1214 12.96 -32.05 5.92
N ALA C 1215 12.35 -30.86 5.78
CA ALA C 1215 12.12 -30.02 6.94
C ALA C 1215 11.19 -30.69 7.94
N GLU C 1216 10.11 -31.30 7.46
CA GLU C 1216 9.14 -31.92 8.36
C GLU C 1216 9.62 -33.27 8.89
N SER C 1217 10.44 -33.99 8.13
CA SER C 1217 10.89 -35.32 8.54
C SER C 1217 11.95 -35.27 9.63
N GLY C 1218 12.59 -34.13 9.84
CA GLY C 1218 13.63 -34.00 10.85
C GLY C 1218 15.02 -34.36 10.39
N CYS C 1219 15.17 -34.85 9.16
CA CYS C 1219 16.50 -35.15 8.61
C CYS C 1219 17.15 -33.89 8.03
N GLU C 1220 17.27 -32.86 8.87
CA GLU C 1220 17.80 -31.59 8.42
C GLU C 1220 19.21 -31.74 7.87
N LYS C 1221 20.02 -32.62 8.45
CA LYS C 1221 21.38 -32.85 7.98
C LYS C 1221 21.33 -33.42 6.57
N VAL C 1222 21.72 -32.61 5.58
CA VAL C 1222 21.69 -33.00 4.18
C VAL C 1222 23.06 -32.76 3.57
N ALA C 1223 23.30 -33.40 2.43
CA ALA C 1223 24.56 -33.31 1.71
C ALA C 1223 24.49 -32.18 0.68
N PHE C 1224 25.67 -31.80 0.18
CA PHE C 1224 25.77 -30.72 -0.79
C PHE C 1224 26.97 -30.94 -1.69
N ASN C 1225 26.87 -30.43 -2.91
CA ASN C 1225 28.00 -30.33 -3.82
C ASN C 1225 27.97 -28.95 -4.47
N THR C 1226 29.16 -28.39 -4.72
CA THR C 1226 29.25 -27.06 -5.30
C THR C 1226 30.47 -26.99 -6.19
N ILE C 1227 30.34 -26.22 -7.28
CA ILE C 1227 31.42 -25.98 -8.23
C ILE C 1227 31.72 -24.48 -8.20
N ASN C 1228 32.94 -24.12 -7.85
CA ASN C 1228 33.39 -22.73 -7.90
C ASN C 1228 33.84 -22.43 -9.34
N THR C 1229 32.85 -22.24 -10.21
CA THR C 1229 33.08 -22.16 -11.65
C THR C 1229 34.15 -21.11 -11.98
N TYR C 1230 33.99 -19.90 -11.44
CA TYR C 1230 34.92 -18.81 -11.69
C TYR C 1230 35.59 -18.42 -10.39
N ASP C 1231 36.92 -18.34 -10.40
CA ASP C 1231 37.68 -18.07 -9.19
C ASP C 1231 38.84 -17.11 -9.41
N LYS C 1232 38.87 -16.37 -10.52
CA LYS C 1232 39.98 -15.47 -10.78
C LYS C 1232 40.12 -14.43 -9.67
N GLY C 1233 38.99 -14.03 -9.07
CA GLY C 1233 39.03 -13.14 -7.93
C GLY C 1233 38.15 -11.91 -8.05
N ASP C 1234 37.93 -11.43 -9.28
CA ASP C 1234 37.10 -10.25 -9.45
C ASP C 1234 35.71 -10.48 -8.89
N TYR C 1235 35.12 -11.63 -9.19
CA TYR C 1235 33.89 -12.05 -8.50
C TYR C 1235 33.76 -13.57 -8.66
N LEU C 1236 33.50 -14.25 -7.55
CA LEU C 1236 33.36 -15.69 -7.58
C LEU C 1236 32.02 -16.08 -8.20
N SER C 1237 32.04 -17.15 -8.99
CA SER C 1237 30.82 -17.72 -9.58
C SER C 1237 30.71 -19.17 -9.15
N GLY C 1238 29.61 -19.50 -8.49
CA GLY C 1238 29.45 -20.83 -7.93
C GLY C 1238 28.18 -21.50 -8.41
N ASP C 1239 28.28 -22.81 -8.63
CA ASP C 1239 27.14 -23.66 -8.96
C ASP C 1239 26.98 -24.67 -7.85
N ILE C 1240 25.88 -24.58 -7.12
CA ILE C 1240 25.65 -25.39 -5.93
C ILE C 1240 24.55 -26.41 -6.20
N VAL C 1241 24.66 -27.57 -5.54
CA VAL C 1241 23.66 -28.61 -5.63
C VAL C 1241 23.49 -29.25 -4.25
N VAL C 1242 22.34 -29.02 -3.62
CA VAL C 1242 22.03 -29.57 -2.32
C VAL C 1242 21.05 -30.72 -2.52
N PHE C 1243 21.38 -31.89 -1.97
CA PHE C 1243 20.59 -33.10 -2.15
C PHE C 1243 20.43 -33.82 -0.82
N ASP C 1244 19.36 -34.61 -0.72
CA ASP C 1244 19.04 -35.36 0.48
C ASP C 1244 19.93 -36.60 0.57
N ALA C 1245 19.75 -37.37 1.64
CA ALA C 1245 20.54 -38.59 1.82
C ALA C 1245 20.37 -39.53 0.63
N GLU C 1246 19.17 -39.57 0.05
CA GLU C 1246 18.91 -40.39 -1.12
C GLU C 1246 19.34 -39.72 -2.42
N GLN C 1247 20.17 -38.69 -2.35
CA GLN C 1247 20.66 -37.96 -3.51
C GLN C 1247 19.54 -37.34 -4.34
N THR C 1248 18.41 -37.05 -3.71
CA THR C 1248 17.34 -36.28 -4.36
C THR C 1248 17.63 -34.80 -4.17
N THR C 1249 17.92 -34.10 -5.28
CA THR C 1249 18.38 -32.72 -5.20
C THR C 1249 17.28 -31.83 -4.63
N LEU C 1250 17.47 -31.37 -3.40
CA LEU C 1250 16.51 -30.45 -2.80
C LEU C 1250 16.45 -29.14 -3.58
N PHE C 1251 17.60 -28.60 -3.95
CA PHE C 1251 17.67 -27.38 -4.76
C PHE C 1251 19.08 -27.27 -5.32
N GLN C 1252 19.27 -26.33 -6.24
CA GLN C 1252 20.57 -26.09 -6.82
C GLN C 1252 20.71 -24.60 -7.11
N VAL C 1253 21.95 -24.18 -7.33
CA VAL C 1253 22.26 -22.80 -7.67
C VAL C 1253 23.23 -22.82 -8.85
N GLU C 1254 23.07 -21.83 -9.73
CA GLU C 1254 23.91 -21.71 -10.92
C GLU C 1254 24.48 -20.30 -10.98
N ASN C 1255 25.80 -20.19 -11.03
CA ASN C 1255 26.50 -18.92 -11.19
C ASN C 1255 26.01 -17.88 -10.19
N ILE C 1256 26.08 -18.24 -8.92
CA ILE C 1256 25.81 -17.29 -7.84
C ILE C 1256 27.03 -16.39 -7.74
N THR C 1257 26.94 -15.20 -8.33
CA THR C 1257 28.08 -14.30 -8.46
C THR C 1257 28.32 -13.60 -7.13
N PHE C 1258 29.26 -14.13 -6.35
CA PHE C 1258 29.74 -13.44 -5.17
C PHE C 1258 30.67 -12.31 -5.62
N LYS C 1259 30.40 -11.09 -5.17
CA LYS C 1259 31.21 -9.95 -5.54
C LYS C 1259 31.64 -9.20 -4.28
N PRO C 1260 32.81 -8.55 -4.30
CA PRO C 1260 33.29 -7.88 -3.08
C PRO C 1260 32.31 -6.83 -2.59
N PHE C 1261 32.21 -6.71 -1.26
CA PHE C 1261 31.38 -5.67 -0.66
C PHE C 1261 31.80 -4.30 -1.17
N SER C 1262 33.10 -4.08 -1.29
CA SER C 1262 33.67 -2.91 -1.91
C SER C 1262 34.72 -3.34 -2.92
N PRO C 1263 35.00 -2.52 -3.93
CA PRO C 1263 35.93 -2.95 -4.99
C PRO C 1263 37.27 -3.37 -4.42
N PRO C 1264 37.89 -4.42 -4.97
CA PRO C 1264 39.15 -4.92 -4.39
C PRO C 1264 40.34 -4.01 -4.71
N ASP C 1265 40.55 -3.03 -3.85
CA ASP C 1265 41.64 -2.09 -4.03
C ASP C 1265 42.99 -2.78 -3.85
N ALA C 1266 44.09 -2.05 -4.08
CA ALA C 1266 45.41 -2.64 -3.97
C ALA C 1266 45.72 -3.13 -2.56
N SER C 1267 45.02 -2.60 -1.55
CA SER C 1267 45.25 -3.04 -0.18
C SER C 1267 44.98 -4.53 -0.01
N THR C 1268 44.15 -5.11 -0.87
CA THR C 1268 43.84 -6.53 -0.82
C THR C 1268 44.77 -7.37 -1.67
N ASP C 1269 45.79 -6.77 -2.28
CA ASP C 1269 46.70 -7.52 -3.14
C ASP C 1269 47.51 -8.55 -2.38
N HIS C 1270 47.89 -9.62 -3.09
CA HIS C 1270 48.75 -10.67 -2.55
C HIS C 1270 50.18 -10.49 -3.07
N ALA C 1271 51.11 -10.23 -2.15
CA ALA C 1271 52.49 -9.93 -2.50
C ALA C 1271 53.41 -11.14 -2.32
N MET C 1272 52.93 -12.34 -2.62
CA MET C 1272 53.72 -13.54 -2.39
C MET C 1272 54.98 -13.53 -3.25
N PHE C 1273 54.86 -13.12 -4.51
CA PHE C 1273 56.00 -13.20 -5.42
C PHE C 1273 57.14 -12.31 -4.96
N ALA C 1274 58.37 -12.78 -5.19
CA ALA C 1274 59.57 -12.03 -4.88
C ALA C 1274 60.70 -12.52 -5.76
N ARG C 1275 61.73 -11.69 -5.92
CA ARG C 1275 62.87 -12.03 -6.76
C ARG C 1275 64.17 -11.64 -6.08
N TRP C 1276 65.24 -12.33 -6.46
CA TRP C 1276 66.58 -12.07 -5.93
C TRP C 1276 67.21 -10.89 -6.70
N SER C 1277 66.78 -9.69 -6.33
CA SER C 1277 67.33 -8.48 -6.93
C SER C 1277 68.77 -8.30 -6.42
N TRP C 1278 69.73 -8.55 -7.30
CA TRP C 1278 71.15 -8.47 -6.93
C TRP C 1278 71.67 -7.05 -7.08
N GLY C 1279 72.57 -6.67 -6.18
CA GLY C 1279 73.23 -5.38 -6.24
C GLY C 1279 74.60 -5.43 -5.60
N PRO C 1280 75.42 -4.41 -5.84
CA PRO C 1280 76.78 -4.42 -5.29
C PRO C 1280 76.77 -4.49 -3.77
N LEU C 1281 77.74 -5.23 -3.22
CA LEU C 1281 77.86 -5.32 -1.77
C LEU C 1281 78.21 -3.97 -1.15
N THR C 1282 78.83 -3.08 -1.92
CA THR C 1282 79.04 -1.70 -1.54
C THR C 1282 78.80 -0.82 -2.75
N PRO C 1283 78.38 0.43 -2.54
CA PRO C 1283 78.14 1.31 -3.69
C PRO C 1283 79.41 1.48 -4.51
N ASP C 1284 79.24 1.51 -5.83
CA ASP C 1284 80.38 1.64 -6.73
C ASP C 1284 81.13 2.93 -6.44
N SER C 1285 82.46 2.85 -6.43
CA SER C 1285 83.28 4.02 -6.14
C SER C 1285 83.05 5.13 -7.16
N LEU C 1286 82.86 4.76 -8.43
CA LEU C 1286 82.63 5.73 -9.50
C LEU C 1286 81.31 5.39 -10.18
N LEU C 1287 80.40 6.36 -10.23
CA LEU C 1287 79.12 6.20 -10.91
C LEU C 1287 79.29 6.74 -12.32
N ASP C 1288 79.79 5.88 -13.21
CA ASP C 1288 80.07 6.24 -14.60
C ASP C 1288 79.21 5.35 -15.50
N ASN C 1289 77.99 5.81 -15.78
CA ASN C 1289 77.07 5.09 -16.64
C ASN C 1289 76.98 5.80 -17.99
N PRO C 1290 77.33 5.16 -19.10
CA PRO C 1290 77.23 5.87 -20.40
C PRO C 1290 75.84 6.38 -20.69
N GLU C 1291 74.80 5.72 -20.20
CA GLU C 1291 73.44 6.20 -20.40
C GLU C 1291 73.23 7.59 -19.81
N TYR C 1292 74.04 7.98 -18.81
CA TYR C 1292 73.91 9.26 -18.14
C TYR C 1292 75.07 10.21 -18.45
N TRP C 1293 75.79 9.97 -19.54
CA TRP C 1293 76.79 10.90 -20.00
C TRP C 1293 76.14 12.05 -20.76
N ALA C 1294 76.80 13.21 -20.75
CA ALA C 1294 76.30 14.36 -21.48
C ALA C 1294 76.20 14.03 -22.96
N THR C 1295 74.99 14.13 -23.51
CA THR C 1295 74.77 13.78 -24.90
C THR C 1295 75.50 14.77 -25.82
N ALA C 1296 75.45 14.49 -27.12
CA ALA C 1296 76.08 15.37 -28.09
C ALA C 1296 75.46 16.75 -28.06
N GLN C 1297 74.13 16.83 -27.94
CA GLN C 1297 73.45 18.11 -27.93
C GLN C 1297 73.91 18.97 -26.75
N ASP C 1298 73.92 18.38 -25.55
CA ASP C 1298 74.35 19.14 -24.37
C ASP C 1298 75.85 19.38 -24.40
N LYS C 1299 76.63 18.38 -24.81
CA LYS C 1299 78.08 18.52 -24.90
C LYS C 1299 78.50 19.49 -25.98
N GLU C 1300 77.58 19.91 -26.84
CA GLU C 1300 77.82 21.01 -27.78
C GLU C 1300 77.25 22.32 -27.28
N ALA C 1301 76.12 22.29 -26.57
CA ALA C 1301 75.52 23.50 -26.03
C ALA C 1301 76.45 24.15 -25.01
N ILE C 1302 76.96 23.37 -24.06
CA ILE C 1302 77.84 23.93 -23.03
C ILE C 1302 79.10 24.52 -23.65
N PRO C 1303 79.84 23.81 -24.50
CA PRO C 1303 80.95 24.47 -25.21
C PRO C 1303 80.51 25.59 -26.13
N ILE C 1304 79.25 25.60 -26.57
CA ILE C 1304 78.77 26.71 -27.39
C ILE C 1304 78.67 27.98 -26.54
N ILE C 1305 78.08 27.87 -25.36
CA ILE C 1305 78.02 29.03 -24.48
C ILE C 1305 79.42 29.40 -24.00
N GLU C 1306 80.32 28.41 -23.89
CA GLU C 1306 81.71 28.73 -23.61
C GLU C 1306 82.32 29.56 -24.73
N ARG C 1307 82.02 29.20 -25.99
CA ARG C 1307 82.54 29.93 -27.13
C ARG C 1307 82.25 31.41 -27.02
N ILE C 1308 81.09 31.77 -26.46
CA ILE C 1308 80.74 33.17 -26.30
C ILE C 1308 81.72 33.88 -25.39
N VAL C 1309 82.31 33.16 -24.43
CA VAL C 1309 83.09 33.69 -23.31
C VAL C 1309 84.51 33.13 -23.24
N TYR C 1310 84.80 31.99 -23.87
CA TYR C 1310 86.08 31.32 -23.63
C TYR C 1310 87.27 32.17 -24.08
N PHE C 1311 87.06 33.14 -24.98
CA PHE C 1311 88.19 33.88 -25.53
C PHE C 1311 88.99 34.57 -24.43
N TYR C 1312 88.32 35.31 -23.56
CA TYR C 1312 88.97 36.09 -22.52
C TYR C 1312 88.58 35.62 -21.12
N ILE C 1313 88.45 34.30 -20.93
CA ILE C 1313 88.04 33.77 -19.64
C ILE C 1313 89.06 34.13 -18.56
N ARG C 1314 90.34 34.15 -18.92
CA ARG C 1314 91.38 34.48 -17.95
C ARG C 1314 91.14 35.85 -17.34
N SER C 1315 90.82 36.84 -18.18
CA SER C 1315 90.48 38.16 -17.67
C SER C 1315 89.12 38.16 -16.98
N PHE C 1316 88.19 37.32 -17.46
CA PHE C 1316 86.83 37.35 -16.92
C PHE C 1316 86.79 36.85 -15.48
N LEU C 1317 87.58 35.83 -15.13
CA LEU C 1317 87.39 35.12 -13.87
C LEU C 1317 87.04 36.02 -12.69
N SER C 1318 87.91 36.99 -12.39
CA SER C 1318 87.70 37.85 -11.23
C SER C 1318 86.41 38.65 -11.34
N GLN C 1319 86.15 39.23 -12.53
CA GLN C 1319 84.95 40.03 -12.72
C GLN C 1319 83.70 39.18 -12.59
N LEU C 1320 83.77 37.93 -13.07
CA LEU C 1320 82.66 37.00 -12.92
C LEU C 1320 82.39 36.73 -11.45
N THR C 1321 83.43 36.53 -10.66
CA THR C 1321 83.22 36.36 -9.22
C THR C 1321 82.60 37.62 -8.61
N LEU C 1322 83.11 38.79 -8.99
CA LEU C 1322 82.52 40.05 -8.52
C LEU C 1322 81.03 40.08 -8.79
N GLU C 1323 80.63 39.79 -10.03
CA GLU C 1323 79.22 39.74 -10.38
C GLU C 1323 78.48 38.70 -9.54
N GLU C 1324 79.10 37.56 -9.27
CA GLU C 1324 78.52 36.56 -8.39
C GLU C 1324 78.32 37.09 -6.98
N ARG C 1325 78.99 38.18 -6.61
CA ARG C 1325 78.82 38.78 -5.29
C ARG C 1325 77.63 39.74 -5.22
N GLN C 1326 76.66 39.59 -6.13
CA GLN C 1326 75.51 40.49 -6.12
C GLN C 1326 74.74 40.43 -4.81
N GLN C 1327 74.78 39.29 -4.12
CA GLN C 1327 74.03 39.13 -2.88
C GLN C 1327 74.67 39.87 -1.71
N ALA C 1328 76.00 39.96 -1.67
CA ALA C 1328 76.70 40.42 -0.48
C ALA C 1328 77.49 41.70 -0.71
N ALA C 1329 78.32 41.77 -1.75
CA ALA C 1329 79.28 42.86 -1.90
C ALA C 1329 79.30 43.53 -3.26
N PHE C 1330 78.83 42.89 -4.32
CA PHE C 1330 78.96 43.48 -5.66
C PHE C 1330 78.23 44.82 -5.75
N HIS C 1331 77.18 45.02 -4.95
CA HIS C 1331 76.46 46.28 -5.00
C HIS C 1331 77.29 47.45 -4.45
N LEU C 1332 78.43 47.17 -3.82
CA LEU C 1332 79.32 48.22 -3.32
C LEU C 1332 80.67 48.23 -4.00
N GLN C 1333 81.06 47.16 -4.70
CA GLN C 1333 82.39 47.09 -5.29
C GLN C 1333 82.62 48.23 -6.29
N LYS C 1334 81.58 48.63 -7.02
CA LYS C 1334 81.64 49.79 -7.89
C LYS C 1334 80.46 50.72 -7.63
N GLN C 1335 79.99 50.77 -6.38
CA GLN C 1335 78.80 51.55 -6.02
C GLN C 1335 77.62 51.12 -6.90
N ILE C 1336 77.38 49.81 -6.94
CA ILE C 1336 76.39 49.22 -7.82
C ILE C 1336 75.07 49.03 -7.08
N GLU C 1337 74.93 49.72 -5.95
CA GLU C 1337 73.64 49.76 -5.27
C GLU C 1337 72.75 50.88 -5.78
N TRP C 1338 73.22 51.69 -6.72
CA TRP C 1338 72.51 52.84 -7.24
C TRP C 1338 72.13 52.60 -8.71
N LEU C 1339 71.09 53.32 -9.15
CA LEU C 1339 70.47 53.02 -10.44
C LEU C 1339 71.46 53.00 -11.60
N GLU C 1340 72.27 54.05 -11.74
CA GLU C 1340 73.17 54.13 -12.89
C GLU C 1340 74.12 52.94 -12.93
N GLN C 1341 74.79 52.67 -11.81
CA GLN C 1341 75.72 51.55 -11.78
C GLN C 1341 75.01 50.22 -11.87
N VAL C 1342 73.78 50.11 -11.36
CA VAL C 1342 73.03 48.87 -11.51
C VAL C 1342 72.79 48.58 -12.98
N LEU C 1343 72.27 49.57 -13.72
CA LEU C 1343 71.99 49.38 -15.13
C LEU C 1343 73.26 49.09 -15.91
N ALA C 1344 74.34 49.81 -15.62
CA ALA C 1344 75.60 49.55 -16.32
C ALA C 1344 76.13 48.14 -16.00
N SER C 1345 76.08 47.75 -14.72
CA SER C 1345 76.74 46.54 -14.27
C SER C 1345 75.98 45.29 -14.69
N ALA C 1346 74.66 45.33 -14.79
CA ALA C 1346 73.94 44.17 -15.28
C ALA C 1346 74.45 43.76 -16.67
N LYS C 1347 74.48 44.72 -17.59
CA LYS C 1347 74.92 44.43 -18.95
C LYS C 1347 76.43 44.23 -19.00
N GLU C 1348 77.19 44.86 -18.11
CA GLU C 1348 78.63 44.58 -18.07
C GLU C 1348 78.89 43.13 -17.64
N GLY C 1349 78.13 42.64 -16.65
CA GLY C 1349 78.27 41.25 -16.25
C GLY C 1349 77.84 40.29 -17.35
N ARG C 1350 76.75 40.61 -18.05
CA ARG C 1350 76.37 39.77 -19.18
C ARG C 1350 77.41 39.80 -20.29
N HIS C 1351 78.07 40.94 -20.48
CA HIS C 1351 79.11 41.03 -21.50
C HIS C 1351 80.39 40.31 -21.06
N LEU C 1352 80.61 40.18 -19.75
CA LEU C 1352 81.71 39.33 -19.29
C LEU C 1352 81.66 37.98 -19.97
N TRP C 1353 80.46 37.53 -20.34
CA TRP C 1353 80.30 36.38 -21.21
C TRP C 1353 80.25 36.79 -22.68
N TYR C 1354 79.53 37.86 -23.00
CA TYR C 1354 79.29 38.25 -24.39
C TYR C 1354 80.33 39.20 -24.94
N ASP C 1355 81.35 39.57 -24.15
CA ASP C 1355 82.33 40.54 -24.62
C ASP C 1355 83.06 40.11 -25.88
N PRO C 1356 83.53 38.85 -26.02
CA PRO C 1356 84.39 38.53 -27.17
C PRO C 1356 83.69 38.57 -28.51
N GLY C 1357 83.26 39.76 -28.93
CA GLY C 1357 82.75 39.96 -30.28
C GLY C 1357 81.30 39.59 -30.48
N TRP C 1358 80.62 39.06 -29.47
CA TRP C 1358 79.21 38.68 -29.57
C TRP C 1358 78.29 39.74 -28.99
N GLU C 1359 78.48 40.09 -27.71
CA GLU C 1359 77.80 41.22 -27.10
C GLU C 1359 76.27 41.08 -27.21
N ASN C 1360 75.59 42.18 -27.55
CA ASN C 1360 74.13 42.18 -27.50
C ASN C 1360 73.52 41.15 -28.44
N ASP C 1361 74.16 40.86 -29.57
CA ASP C 1361 73.64 39.85 -30.47
C ASP C 1361 73.52 38.49 -29.79
N THR C 1362 74.30 38.28 -28.73
CA THR C 1362 74.18 37.03 -27.99
C THR C 1362 72.78 36.84 -27.43
N GLU C 1363 72.04 37.94 -27.24
CA GLU C 1363 70.67 37.82 -26.76
C GLU C 1363 69.82 37.01 -27.73
N ALA C 1364 69.94 37.28 -29.03
CA ALA C 1364 69.21 36.51 -30.03
C ALA C 1364 69.87 35.16 -30.27
N GLN C 1365 71.20 35.10 -30.20
CA GLN C 1365 71.89 33.83 -30.39
C GLN C 1365 71.47 32.82 -29.34
N ILE C 1366 71.22 33.29 -28.11
CA ILE C 1366 70.81 32.40 -27.03
C ILE C 1366 69.47 31.76 -27.36
N GLU C 1367 68.52 32.56 -27.85
CA GLU C 1367 67.22 32.01 -28.24
C GLU C 1367 67.39 31.03 -29.40
N HIS C 1368 68.24 31.38 -30.37
CA HIS C 1368 68.49 30.47 -31.49
C HIS C 1368 68.97 29.12 -30.98
N LEU C 1369 69.90 29.14 -30.02
CA LEU C 1369 70.37 27.89 -29.43
C LEU C 1369 69.25 27.18 -28.67
N CYS C 1370 68.45 27.93 -27.92
CA CYS C 1370 67.34 27.36 -27.16
C CYS C 1370 66.33 26.67 -28.06
N THR C 1371 66.29 27.04 -29.34
CA THR C 1371 65.34 26.40 -30.25
C THR C 1371 65.53 24.89 -30.33
N ALA C 1372 66.70 24.38 -29.97
CA ALA C 1372 67.00 22.96 -30.02
C ALA C 1372 67.01 22.35 -28.62
N ASN C 1373 66.74 21.05 -28.55
CA ASN C 1373 66.72 20.35 -27.28
C ASN C 1373 68.12 20.28 -26.67
N SER C 1374 68.17 20.22 -25.34
CA SER C 1374 69.36 20.23 -24.51
C SER C 1374 69.96 21.62 -24.41
N TYR C 1375 69.45 22.61 -25.14
CA TYR C 1375 69.89 23.99 -25.02
C TYR C 1375 68.91 24.86 -24.23
N HIS C 1376 67.62 24.53 -24.30
CA HIS C 1376 66.59 25.41 -23.74
C HIS C 1376 66.73 25.58 -22.23
N PRO C 1377 66.61 24.54 -21.41
CA PRO C 1377 66.41 24.76 -19.97
C PRO C 1377 67.54 25.52 -19.28
N HIS C 1378 68.75 25.48 -19.83
CA HIS C 1378 69.90 26.10 -19.17
C HIS C 1378 70.14 27.53 -19.66
N VAL C 1379 70.41 27.69 -20.96
CA VAL C 1379 70.72 29.01 -21.47
C VAL C 1379 69.47 29.88 -21.59
N ARG C 1380 68.28 29.30 -21.74
CA ARG C 1380 67.07 30.10 -21.64
C ARG C 1380 66.91 30.67 -20.24
N LEU C 1381 67.20 29.87 -19.22
CA LEU C 1381 67.18 30.37 -17.85
C LEU C 1381 68.22 31.47 -17.67
N VAL C 1382 69.41 31.29 -18.28
CA VAL C 1382 70.42 32.34 -18.27
C VAL C 1382 69.85 33.63 -18.83
N GLN C 1383 69.21 33.54 -20.00
CA GLN C 1383 68.65 34.73 -20.63
C GLN C 1383 67.58 35.36 -19.75
N ARG C 1384 66.71 34.54 -19.15
CA ARG C 1384 65.65 35.07 -18.30
C ARG C 1384 66.23 35.81 -17.10
N VAL C 1385 67.24 35.24 -16.44
CA VAL C 1385 67.81 35.89 -15.26
C VAL C 1385 68.58 37.13 -15.66
N GLY C 1386 69.22 37.13 -16.82
CA GLY C 1386 69.99 38.28 -17.25
C GLY C 1386 69.16 39.51 -17.55
N GLN C 1387 67.86 39.35 -17.79
CA GLN C 1387 66.98 40.45 -18.14
C GLN C 1387 66.20 41.00 -16.95
N HIS C 1388 66.38 40.44 -15.75
CA HIS C 1388 65.61 40.87 -14.59
C HIS C 1388 66.44 40.96 -13.32
N LEU C 1389 67.77 40.85 -13.41
CA LEU C 1389 68.61 40.84 -12.22
C LEU C 1389 68.91 42.24 -11.69
N LEU C 1390 68.44 43.29 -12.35
CA LEU C 1390 68.79 44.65 -11.93
C LEU C 1390 68.44 44.90 -10.47
N PRO C 1391 67.21 44.66 -10.00
CA PRO C 1391 66.94 44.84 -8.55
C PRO C 1391 67.79 43.94 -7.68
N THR C 1392 68.08 42.72 -8.14
CA THR C 1392 68.92 41.82 -7.36
C THR C 1392 70.38 42.21 -7.43
N VAL C 1393 70.79 42.91 -8.49
CA VAL C 1393 72.17 43.39 -8.58
C VAL C 1393 72.48 44.35 -7.45
N ARG C 1394 71.48 45.11 -7.00
CA ARG C 1394 71.62 46.00 -5.85
C ARG C 1394 71.17 45.35 -4.55
N SER C 1395 70.89 44.04 -4.57
CA SER C 1395 70.46 43.32 -3.37
C SER C 1395 69.16 43.92 -2.81
N ASN C 1396 68.11 43.83 -3.61
CA ASN C 1396 66.82 44.42 -3.26
C ASN C 1396 65.65 43.49 -3.55
N GLY C 1397 65.89 42.25 -3.96
CA GLY C 1397 64.80 41.34 -4.26
C GLY C 1397 65.26 39.90 -4.29
N ASN C 1398 64.27 39.01 -4.33
CA ASN C 1398 64.55 37.58 -4.38
C ASN C 1398 65.24 37.23 -5.69
N PRO C 1399 66.32 36.43 -5.66
CA PRO C 1399 67.03 36.14 -6.91
C PRO C 1399 66.19 35.41 -7.95
N PHE C 1400 65.28 34.53 -7.53
CA PHE C 1400 64.54 33.69 -8.47
C PHE C 1400 63.05 33.93 -8.48
N ASP C 1401 62.46 34.52 -7.44
CA ASP C 1401 61.04 34.85 -7.49
C ASP C 1401 60.72 35.81 -8.64
N LEU C 1402 61.71 36.59 -9.08
CA LEU C 1402 61.52 37.49 -10.22
C LEU C 1402 61.22 36.72 -11.50
N LEU C 1403 61.52 35.44 -11.56
CA LEU C 1403 61.34 34.63 -12.77
C LEU C 1403 59.97 33.94 -12.77
N ASP C 1404 58.90 34.73 -12.64
CA ASP C 1404 57.54 34.21 -12.56
C ASP C 1404 57.38 33.18 -11.45
N HIS C 1405 58.30 33.20 -10.48
CA HIS C 1405 58.36 32.26 -9.37
C HIS C 1405 58.90 30.91 -9.81
N ASP C 1406 58.94 30.67 -11.13
CA ASP C 1406 59.70 29.71 -11.93
C ASP C 1406 59.42 29.94 -13.41
N GLY C 1407 60.46 30.01 -14.25
CA GLY C 1407 60.26 29.89 -15.67
C GLY C 1407 60.82 28.60 -16.22
N LEU C 1408 62.05 28.28 -15.79
CA LEU C 1408 62.69 27.02 -16.19
C LEU C 1408 63.51 26.41 -15.06
N LEU C 1409 63.45 26.96 -13.84
CA LEU C 1409 64.38 26.53 -12.79
C LEU C 1409 64.27 25.03 -12.54
N THR C 1410 63.05 24.52 -12.37
CA THR C 1410 62.88 23.08 -12.18
C THR C 1410 63.31 22.32 -13.43
N GLU C 1411 63.01 22.85 -14.61
CA GLU C 1411 63.46 22.22 -15.85
C GLU C 1411 64.99 22.20 -15.92
N PHE C 1412 65.63 23.30 -15.52
CA PHE C 1412 67.10 23.32 -15.49
C PHE C 1412 67.64 22.28 -14.53
N TYR C 1413 67.01 22.14 -13.37
CA TYR C 1413 67.45 21.12 -12.41
C TYR C 1413 67.29 19.72 -12.97
N THR C 1414 66.19 19.46 -13.68
CA THR C 1414 65.86 18.12 -14.13
C THR C 1414 66.23 17.87 -15.60
N ASN C 1415 65.69 18.68 -16.51
CA ASN C 1415 65.83 18.35 -17.93
C ASN C 1415 67.27 18.46 -18.40
N THR C 1416 67.99 19.49 -17.98
CA THR C 1416 69.34 19.71 -18.48
C THR C 1416 70.22 18.51 -18.14
N LEU C 1417 71.01 18.06 -19.13
CA LEU C 1417 71.90 16.93 -18.94
C LEU C 1417 73.20 17.30 -18.26
N SER C 1418 73.26 18.46 -17.62
CA SER C 1418 74.33 18.80 -16.69
C SER C 1418 73.88 18.69 -15.24
N PHE C 1419 72.65 19.09 -14.96
CA PHE C 1419 72.04 18.89 -13.66
C PHE C 1419 71.29 17.57 -13.56
N GLY C 1420 71.00 16.94 -14.69
CA GLY C 1420 70.23 15.71 -14.72
C GLY C 1420 71.04 14.46 -14.37
N PRO C 1421 72.14 14.22 -15.10
CA PRO C 1421 72.89 12.98 -14.82
C PRO C 1421 73.40 12.90 -13.40
N ALA C 1422 73.62 14.03 -12.74
CA ALA C 1422 73.91 14.00 -11.31
C ALA C 1422 72.76 13.37 -10.54
N LEU C 1423 71.53 13.74 -10.88
CA LEU C 1423 70.37 13.13 -10.22
C LEU C 1423 70.24 11.66 -10.59
N HIS C 1424 70.56 11.29 -11.83
CA HIS C 1424 70.50 9.89 -12.23
C HIS C 1424 71.51 9.06 -11.44
N TYR C 1425 72.74 9.55 -11.30
CA TYR C 1425 73.73 8.87 -10.50
C TYR C 1425 73.34 8.84 -9.03
N ALA C 1426 72.68 9.89 -8.55
CA ALA C 1426 72.16 9.87 -7.19
C ALA C 1426 71.12 8.76 -7.03
N ARG C 1427 70.24 8.59 -8.00
CA ARG C 1427 69.28 7.50 -7.95
C ARG C 1427 69.99 6.15 -7.91
N GLU C 1428 71.00 5.98 -8.77
CA GLU C 1428 71.72 4.71 -8.80
C GLU C 1428 72.40 4.44 -7.46
N LEU C 1429 73.06 5.45 -6.90
CA LEU C 1429 73.77 5.29 -5.63
C LEU C 1429 72.80 4.99 -4.50
N VAL C 1430 71.67 5.71 -4.44
CA VAL C 1430 70.69 5.47 -3.40
C VAL C 1430 70.08 4.10 -3.56
N ALA C 1431 69.87 3.64 -4.81
CA ALA C 1431 69.36 2.30 -5.03
C ALA C 1431 70.33 1.26 -4.50
N GLN C 1432 71.62 1.43 -4.79
CA GLN C 1432 72.61 0.48 -4.29
C GLN C 1432 72.64 0.47 -2.76
N ILE C 1433 72.61 1.65 -2.15
CA ILE C 1433 72.70 1.75 -0.69
C ILE C 1433 71.46 1.14 -0.04
N ALA C 1434 70.27 1.54 -0.52
CA ALA C 1434 69.03 0.99 0.00
C ALA C 1434 68.85 -0.48 -0.33
N HIS C 1435 69.62 -1.01 -1.28
CA HIS C 1435 69.62 -2.43 -1.54
C HIS C 1435 70.48 -3.17 -0.51
N ARG C 1436 71.74 -2.78 -0.38
CA ARG C 1436 72.60 -3.43 0.61
C ARG C 1436 72.09 -3.15 2.03
N TYR C 1437 71.73 -1.91 2.32
CA TYR C 1437 71.11 -1.54 3.59
C TYR C 1437 69.63 -1.31 3.35
N GLN C 1438 68.79 -1.96 4.15
CA GLN C 1438 67.35 -1.85 4.01
C GLN C 1438 66.74 -1.48 5.36
N SER C 1439 65.45 -1.14 5.31
CA SER C 1439 64.74 -0.61 6.48
C SER C 1439 65.40 0.68 6.97
N MET C 1440 66.02 1.41 6.06
CA MET C 1440 66.76 2.61 6.43
C MET C 1440 65.80 3.74 6.79
N ASP C 1441 66.14 4.47 7.84
CA ASP C 1441 65.43 5.70 8.19
C ASP C 1441 66.11 6.84 7.45
N ILE C 1442 65.61 7.14 6.26
CA ILE C 1442 66.24 8.09 5.35
C ILE C 1442 65.75 9.50 5.67
N LEU C 1443 66.59 10.48 5.36
CA LEU C 1443 66.28 11.88 5.67
C LEU C 1443 66.98 12.75 4.62
N GLU C 1444 66.20 13.38 3.74
CA GLU C 1444 66.73 14.26 2.73
C GLU C 1444 66.56 15.71 3.17
N ILE C 1445 67.66 16.46 3.16
CA ILE C 1445 67.70 17.85 3.60
C ILE C 1445 67.92 18.73 2.38
N GLY C 1446 67.14 19.81 2.28
CA GLY C 1446 67.21 20.66 1.13
C GLY C 1446 66.44 20.16 -0.07
N ALA C 1447 65.44 19.30 0.15
CA ALA C 1447 64.70 18.74 -0.98
C ALA C 1447 63.98 19.83 -1.77
N GLY C 1448 63.36 20.78 -1.07
CA GLY C 1448 62.66 21.84 -1.77
C GLY C 1448 61.53 21.26 -2.60
N THR C 1449 61.59 21.47 -3.91
CA THR C 1449 60.59 20.90 -4.81
C THR C 1449 60.62 19.38 -4.81
N GLY C 1450 61.73 18.77 -4.38
CA GLY C 1450 61.82 17.33 -4.30
C GLY C 1450 62.26 16.65 -5.57
N GLY C 1451 62.93 17.36 -6.48
CA GLY C 1451 63.41 16.71 -7.69
C GLY C 1451 64.36 15.57 -7.39
N ALA C 1452 65.32 15.82 -6.49
CA ALA C 1452 66.20 14.73 -6.06
C ALA C 1452 65.40 13.65 -5.34
N THR C 1453 64.42 14.05 -4.52
CA THR C 1453 63.55 13.07 -3.90
C THR C 1453 62.80 12.26 -4.95
N LYS C 1454 62.27 12.94 -5.97
CA LYS C 1454 61.58 12.25 -7.05
C LYS C 1454 62.48 11.21 -7.69
N TYR C 1455 63.69 11.62 -8.06
CA TYR C 1455 64.59 10.71 -8.76
C TYR C 1455 64.96 9.51 -7.87
N VAL C 1456 65.36 9.77 -6.63
CA VAL C 1456 65.81 8.69 -5.77
C VAL C 1456 64.66 7.72 -5.47
N LEU C 1457 63.47 8.24 -5.17
CA LEU C 1457 62.33 7.38 -4.92
C LEU C 1457 61.77 6.76 -6.19
N ALA C 1458 62.24 7.18 -7.36
CA ALA C 1458 61.83 6.54 -8.61
C ALA C 1458 62.37 5.13 -8.75
N THR C 1459 63.27 4.71 -7.87
CA THR C 1459 63.76 3.34 -7.92
C THR C 1459 62.58 2.37 -7.80
N PRO C 1460 62.59 1.25 -8.52
CA PRO C 1460 61.40 0.37 -8.51
C PRO C 1460 60.95 -0.03 -7.12
N GLN C 1461 61.88 -0.35 -6.22
CA GLN C 1461 61.72 -0.72 -4.81
C GLN C 1461 63.03 -0.41 -4.08
N LEU C 1462 62.92 0.20 -2.90
CA LEU C 1462 64.06 0.46 -2.06
C LEU C 1462 63.66 0.26 -0.60
N GLY C 1463 64.61 -0.22 0.21
CA GLY C 1463 64.31 -0.64 1.56
C GLY C 1463 64.27 0.47 2.59
N PHE C 1464 63.62 1.58 2.26
CA PHE C 1464 63.44 2.68 3.21
C PHE C 1464 62.32 2.34 4.20
N ASN C 1465 62.70 2.17 5.47
CA ASN C 1465 61.69 2.04 6.52
C ASN C 1465 60.97 3.36 6.73
N SER C 1466 61.69 4.48 6.58
CA SER C 1466 61.09 5.80 6.67
C SER C 1466 61.92 6.77 5.85
N TYR C 1467 61.28 7.86 5.43
CA TYR C 1467 61.94 8.86 4.59
C TYR C 1467 61.52 10.23 5.09
N THR C 1468 62.41 10.91 5.80
CA THR C 1468 62.11 12.20 6.39
C THR C 1468 62.35 13.29 5.34
N TYR C 1469 61.28 13.82 4.77
CA TYR C 1469 61.38 14.91 3.81
C TYR C 1469 61.64 16.20 4.58
N THR C 1470 62.81 16.80 4.36
CA THR C 1470 63.28 17.90 5.18
C THR C 1470 63.85 19.01 4.31
N ASP C 1471 63.62 20.24 4.74
CA ASP C 1471 64.17 21.42 4.08
C ASP C 1471 64.24 22.55 5.09
N ILE C 1472 65.03 23.57 4.78
CA ILE C 1472 65.17 24.71 5.67
C ILE C 1472 63.81 25.40 5.86
N SER C 1473 62.93 25.31 4.87
CA SER C 1473 61.62 25.93 4.92
C SER C 1473 60.54 24.88 4.69
N THR C 1474 59.40 25.09 5.33
CA THR C 1474 58.25 24.18 5.22
C THR C 1474 57.31 24.56 4.07
N GLY C 1475 57.63 25.61 3.31
CA GLY C 1475 56.75 26.02 2.24
C GLY C 1475 56.58 24.99 1.15
N PHE C 1476 57.56 24.10 0.98
CA PHE C 1476 57.50 23.07 -0.05
C PHE C 1476 56.87 21.77 0.44
N PHE C 1477 56.42 21.72 1.69
CA PHE C 1477 55.92 20.46 2.24
C PHE C 1477 54.58 20.06 1.63
N GLU C 1478 53.73 21.04 1.29
CA GLU C 1478 52.47 20.71 0.62
C GLU C 1478 52.75 20.08 -0.74
N GLN C 1479 53.69 20.66 -1.50
CA GLN C 1479 54.04 20.09 -2.79
C GLN C 1479 54.65 18.71 -2.64
N ALA C 1480 55.47 18.51 -1.61
CA ALA C 1480 56.03 17.18 -1.37
C ALA C 1480 54.95 16.17 -1.05
N ARG C 1481 53.99 16.56 -0.20
CA ARG C 1481 52.90 15.65 0.16
C ARG C 1481 52.07 15.29 -1.07
N GLU C 1482 51.76 16.26 -1.92
CA GLU C 1482 50.97 15.97 -3.12
C GLU C 1482 51.77 15.11 -4.10
N GLN C 1483 53.07 15.38 -4.26
CA GLN C 1483 53.89 14.65 -5.19
C GLN C 1483 54.24 13.26 -4.69
N PHE C 1484 54.52 13.13 -3.39
CA PHE C 1484 54.97 11.88 -2.80
C PHE C 1484 53.88 11.23 -1.95
N ALA C 1485 52.62 11.42 -2.34
CA ALA C 1485 51.53 10.73 -1.65
C ALA C 1485 51.70 9.22 -1.63
N PRO C 1486 52.13 8.57 -2.71
CA PRO C 1486 52.29 7.10 -2.65
C PRO C 1486 53.22 6.65 -1.54
N PHE C 1487 54.24 7.45 -1.22
CA PHE C 1487 55.20 7.14 -0.17
C PHE C 1487 54.89 7.89 1.12
N GLU C 1488 53.66 8.42 1.26
CA GLU C 1488 53.33 9.22 2.43
C GLU C 1488 53.44 8.40 3.71
N ASP C 1489 53.01 7.14 3.67
CA ASP C 1489 53.16 6.28 4.84
C ASP C 1489 54.63 6.12 5.21
N ARG C 1490 55.50 5.93 4.22
CA ARG C 1490 56.93 5.86 4.48
C ARG C 1490 57.52 7.22 4.79
N MET C 1491 56.90 8.29 4.29
CA MET C 1491 57.48 9.63 4.34
C MET C 1491 56.91 10.42 5.50
N VAL C 1492 57.78 11.11 6.23
CA VAL C 1492 57.40 12.03 7.30
C VAL C 1492 58.08 13.36 7.02
N PHE C 1493 57.36 14.45 7.23
CA PHE C 1493 57.83 15.79 6.87
C PHE C 1493 58.24 16.53 8.15
N GLU C 1494 59.51 16.98 8.18
CA GLU C 1494 60.05 17.69 9.32
C GLU C 1494 61.10 18.69 8.85
N PRO C 1495 60.91 19.99 9.10
CA PRO C 1495 61.94 20.96 8.71
C PRO C 1495 63.20 20.83 9.55
N LEU C 1496 64.32 21.22 8.98
CA LEU C 1496 65.59 21.19 9.70
C LEU C 1496 66.53 22.23 9.10
N ASP C 1497 67.21 22.96 9.96
CA ASP C 1497 68.27 23.89 9.56
C ASP C 1497 69.60 23.25 9.94
N ILE C 1498 70.28 22.67 8.94
CA ILE C 1498 71.57 22.03 9.21
C ILE C 1498 72.56 22.99 9.83
N ARG C 1499 72.37 24.30 9.65
CA ARG C 1499 73.16 25.28 10.37
C ARG C 1499 72.87 25.28 11.86
N ARG C 1500 71.80 24.61 12.29
CA ARG C 1500 71.39 24.55 13.68
C ARG C 1500 71.45 23.11 14.17
N SER C 1501 71.59 22.95 15.48
CA SER C 1501 71.70 21.62 16.06
C SER C 1501 70.41 20.84 15.81
N PRO C 1502 70.49 19.62 15.27
CA PRO C 1502 69.24 18.85 15.05
C PRO C 1502 68.47 18.56 16.32
N ALA C 1503 69.16 18.35 17.45
CA ALA C 1503 68.47 18.04 18.69
C ALA C 1503 67.54 19.17 19.10
N GLU C 1504 67.99 20.42 18.94
CA GLU C 1504 67.15 21.56 19.27
C GLU C 1504 65.91 21.64 18.40
N GLN C 1505 65.91 20.95 17.25
CA GLN C 1505 64.80 21.00 16.30
C GLN C 1505 63.90 19.77 16.39
N GLY C 1506 64.04 18.97 17.46
CA GLY C 1506 63.15 17.86 17.71
C GLY C 1506 63.59 16.53 17.13
N PHE C 1507 64.64 16.49 16.34
CA PHE C 1507 65.09 15.25 15.74
C PHE C 1507 65.85 14.41 16.76
N GLU C 1508 65.73 13.08 16.62
CA GLU C 1508 66.42 12.14 17.50
C GLU C 1508 67.83 11.90 16.98
N PRO C 1509 68.87 12.11 17.79
CA PRO C 1509 70.23 11.92 17.29
C PRO C 1509 70.50 10.46 16.93
N HIS C 1510 71.30 10.28 15.88
CA HIS C 1510 71.74 8.94 15.46
C HIS C 1510 70.54 8.01 15.25
N ALA C 1511 69.49 8.55 14.62
CA ALA C 1511 68.28 7.79 14.35
C ALA C 1511 68.05 7.57 12.85
N TYR C 1512 68.95 8.03 11.99
CA TYR C 1512 68.81 7.91 10.55
C TYR C 1512 69.98 7.12 9.98
N ASP C 1513 69.66 6.10 9.17
CA ASP C 1513 70.70 5.32 8.54
C ASP C 1513 71.28 6.01 7.31
N LEU C 1514 70.53 6.92 6.70
CA LEU C 1514 70.97 7.60 5.49
C LEU C 1514 70.45 9.04 5.51
N ILE C 1515 71.30 9.97 5.08
CA ILE C 1515 70.92 11.37 4.93
C ILE C 1515 71.34 11.83 3.53
N ILE C 1516 70.49 12.66 2.93
CA ILE C 1516 70.69 13.16 1.58
C ILE C 1516 70.76 14.68 1.61
N ALA C 1517 71.80 15.23 0.98
CA ALA C 1517 71.98 16.68 0.86
C ALA C 1517 71.66 17.05 -0.59
N SER C 1518 70.48 17.62 -0.81
CA SER C 1518 70.02 17.98 -2.15
C SER C 1518 70.50 19.40 -2.46
N ASN C 1519 71.80 19.50 -2.78
CA ASN C 1519 72.42 20.76 -3.15
C ASN C 1519 72.12 21.84 -2.12
N VAL C 1520 72.35 21.50 -0.85
CA VAL C 1520 72.08 22.41 0.25
C VAL C 1520 73.33 22.75 1.05
N LEU C 1521 74.37 21.91 1.03
CA LEU C 1521 75.59 22.21 1.78
C LEU C 1521 76.26 23.48 1.28
N HIS C 1522 76.07 23.84 0.01
CA HIS C 1522 76.62 25.09 -0.50
C HIS C 1522 75.91 26.30 0.09
N ALA C 1523 74.71 26.12 0.61
CA ALA C 1523 73.90 27.21 1.16
C ALA C 1523 74.19 27.46 2.64
N THR C 1524 75.36 27.06 3.13
CA THR C 1524 75.70 27.26 4.53
C THR C 1524 77.20 27.53 4.68
N PRO C 1525 77.59 28.67 5.26
CA PRO C 1525 79.02 28.87 5.56
C PRO C 1525 79.52 28.01 6.69
N ASP C 1526 78.64 27.28 7.37
CA ASP C 1526 79.00 26.38 8.45
C ASP C 1526 79.14 24.94 7.96
N LEU C 1527 79.63 24.76 6.74
CA LEU C 1527 79.73 23.44 6.11
C LEU C 1527 80.19 22.37 7.10
N GLU C 1528 81.29 22.64 7.82
CA GLU C 1528 81.79 21.65 8.77
C GLU C 1528 80.76 21.37 9.86
N LYS C 1529 80.16 22.42 10.41
CA LYS C 1529 79.19 22.22 11.49
C LYS C 1529 77.91 21.56 10.97
N THR C 1530 77.48 21.91 9.75
CA THR C 1530 76.31 21.26 9.18
C THR C 1530 76.56 19.76 8.96
N MET C 1531 77.75 19.41 8.47
CA MET C 1531 78.08 17.99 8.30
C MET C 1531 78.21 17.30 9.64
N ALA C 1532 78.71 18.00 10.67
CA ALA C 1532 78.73 17.42 12.01
C ALA C 1532 77.31 17.16 12.50
N HIS C 1533 76.38 18.07 12.23
CA HIS C 1533 74.98 17.84 12.58
C HIS C 1533 74.43 16.62 11.85
N ALA C 1534 74.75 16.49 10.56
CA ALA C 1534 74.31 15.33 9.80
C ALA C 1534 74.86 14.05 10.40
N ARG C 1535 76.14 14.07 10.80
CA ARG C 1535 76.72 12.92 11.50
C ARG C 1535 75.95 12.62 12.79
N SER C 1536 75.60 13.67 13.54
CA SER C 1536 74.86 13.47 14.78
C SER C 1536 73.54 12.77 14.51
N LEU C 1537 72.83 13.19 13.44
CA LEU C 1537 71.61 12.50 13.07
C LEU C 1537 71.86 11.09 12.55
N LEU C 1538 72.97 10.90 11.84
CA LEU C 1538 73.26 9.60 11.25
C LEU C 1538 73.63 8.57 12.31
N LYS C 1539 73.18 7.34 12.11
CA LYS C 1539 73.64 6.23 12.92
C LYS C 1539 75.09 5.90 12.56
N PRO C 1540 75.79 5.19 13.44
CA PRO C 1540 77.14 4.72 13.08
C PRO C 1540 77.11 3.92 11.79
N GLY C 1541 78.01 4.26 10.88
CA GLY C 1541 78.05 3.62 9.57
C GLY C 1541 77.03 4.14 8.58
N GLY C 1542 76.22 5.13 8.95
CA GLY C 1542 75.24 5.66 8.04
C GLY C 1542 75.86 6.36 6.85
N GLN C 1543 75.13 6.36 5.74
CA GLN C 1543 75.60 6.90 4.47
C GLN C 1543 75.03 8.29 4.27
N MET C 1544 75.90 9.26 3.99
CA MET C 1544 75.49 10.63 3.70
C MET C 1544 75.67 10.86 2.20
N VAL C 1545 74.56 10.97 1.48
CA VAL C 1545 74.57 11.17 0.03
C VAL C 1545 74.58 12.67 -0.20
N ILE C 1546 75.65 13.18 -0.80
CA ILE C 1546 75.89 14.60 -0.94
C ILE C 1546 75.78 14.98 -2.41
N LEU C 1547 74.65 15.56 -2.80
CA LEU C 1547 74.52 16.22 -4.10
C LEU C 1547 74.98 17.65 -3.94
N GLU C 1548 76.17 17.98 -4.41
CA GLU C 1548 76.76 19.28 -4.13
C GLU C 1548 77.74 19.65 -5.22
N ILE C 1549 78.07 20.95 -5.27
CA ILE C 1549 78.97 21.48 -6.28
C ILE C 1549 80.40 20.97 -6.06
N THR C 1550 81.19 20.99 -7.12
CA THR C 1550 82.59 20.64 -7.06
C THR C 1550 83.26 21.02 -8.37
N HIS C 1551 84.58 21.14 -8.34
CA HIS C 1551 85.41 21.33 -9.53
C HIS C 1551 84.81 22.40 -10.46
N LYS C 1552 84.83 23.64 -9.95
CA LYS C 1552 84.17 24.72 -10.65
C LYS C 1552 84.77 24.94 -12.03
N GLU C 1553 83.92 25.32 -12.97
CA GLU C 1553 84.34 25.80 -14.29
C GLU C 1553 83.58 27.09 -14.56
N HIS C 1554 84.31 28.20 -14.67
CA HIS C 1554 83.68 29.51 -14.69
C HIS C 1554 82.81 29.71 -15.92
N THR C 1555 83.21 29.16 -17.06
CA THR C 1555 82.55 29.42 -18.33
C THR C 1555 81.26 28.62 -18.53
N ARG C 1556 80.69 28.05 -17.46
CA ARG C 1556 79.59 27.11 -17.64
C ARG C 1556 78.38 27.42 -16.76
N LEU C 1557 78.61 27.90 -15.52
CA LEU C 1557 77.49 28.12 -14.61
C LEU C 1557 77.60 29.38 -13.77
N GLY C 1558 78.62 30.22 -13.98
CA GLY C 1558 78.97 31.24 -13.01
C GLY C 1558 77.92 32.29 -12.73
N PHE C 1559 77.58 33.09 -13.73
CA PHE C 1559 76.69 34.23 -13.52
C PHE C 1559 75.27 33.80 -13.17
N ILE C 1560 74.87 32.58 -13.52
CA ILE C 1560 73.52 32.14 -13.16
C ILE C 1560 73.50 31.55 -11.75
N PHE C 1561 74.57 30.87 -11.35
CA PHE C 1561 74.60 30.35 -9.99
C PHE C 1561 74.86 31.46 -8.97
N GLY C 1562 75.55 32.52 -9.37
CA GLY C 1562 75.93 33.57 -8.44
C GLY C 1562 74.77 34.37 -7.88
N LEU C 1563 73.57 34.22 -8.45
CA LEU C 1563 72.47 35.10 -8.08
C LEU C 1563 71.82 34.73 -6.75
N PHE C 1564 71.86 33.47 -6.36
CA PHE C 1564 71.02 33.01 -5.25
C PHE C 1564 71.32 33.78 -3.97
N ALA C 1565 70.43 33.64 -2.98
CA ALA C 1565 70.40 34.51 -1.82
C ALA C 1565 71.30 34.06 -0.69
N ASP C 1566 71.45 32.76 -0.47
CA ASP C 1566 72.22 32.10 0.59
C ASP C 1566 73.28 31.14 0.05
N TRP C 1567 73.33 30.90 -1.26
CA TRP C 1567 74.36 30.03 -1.81
C TRP C 1567 75.74 30.67 -1.70
N TRP C 1568 75.81 32.00 -1.78
CA TRP C 1568 77.11 32.66 -1.69
C TRP C 1568 77.65 32.64 -0.27
N ALA C 1569 76.77 32.54 0.73
CA ALA C 1569 77.21 32.41 2.10
C ALA C 1569 78.14 31.20 2.21
N GLY C 1570 79.41 31.45 2.53
CA GLY C 1570 80.42 30.42 2.47
C GLY C 1570 81.70 30.94 1.86
N VAL C 1571 81.64 32.13 1.28
CA VAL C 1571 82.83 32.79 0.75
C VAL C 1571 83.86 33.10 1.83
N ASP C 1572 83.47 32.96 3.10
CA ASP C 1572 84.42 33.17 4.19
C ASP C 1572 85.61 32.25 4.07
N ASP C 1573 85.45 31.10 3.41
CA ASP C 1573 86.56 30.17 3.20
C ASP C 1573 87.61 30.72 2.26
N GLY C 1574 87.34 31.83 1.58
CA GLY C 1574 88.28 32.46 0.68
C GLY C 1574 88.02 32.22 -0.79
N ARG C 1575 87.19 31.24 -1.14
CA ARG C 1575 86.81 30.95 -2.51
C ARG C 1575 85.39 31.42 -2.77
N CYS C 1576 85.02 31.44 -4.04
CA CYS C 1576 83.68 31.87 -4.42
C CYS C 1576 82.63 31.03 -3.72
N THR C 1577 81.57 31.70 -3.23
CA THR C 1577 80.47 31.04 -2.53
C THR C 1577 81.00 30.06 -1.49
N GLU C 1578 80.18 29.08 -1.12
CA GLU C 1578 80.70 27.92 -0.43
C GLU C 1578 81.53 27.13 -1.44
N PRO C 1579 82.82 26.91 -1.22
CA PRO C 1579 83.70 26.54 -2.33
C PRO C 1579 83.20 25.33 -3.09
N PHE C 1580 83.49 25.31 -4.39
CA PHE C 1580 83.24 24.13 -5.22
C PHE C 1580 84.26 23.07 -4.82
N VAL C 1581 84.06 22.51 -3.62
CA VAL C 1581 85.07 21.64 -3.03
C VAL C 1581 85.36 20.47 -3.96
N SER C 1582 86.64 20.19 -4.18
CA SER C 1582 87.04 19.03 -4.95
C SER C 1582 86.77 17.77 -4.15
N PHE C 1583 86.71 16.63 -4.86
CA PHE C 1583 86.45 15.36 -4.17
C PHE C 1583 87.53 15.06 -3.14
N ASP C 1584 88.77 15.51 -3.38
CA ASP C 1584 89.82 15.31 -2.39
C ASP C 1584 89.61 16.23 -1.19
N ARG C 1585 89.33 17.52 -1.44
CA ARG C 1585 89.03 18.43 -0.35
C ARG C 1585 87.70 18.08 0.30
N TRP C 1586 86.75 17.56 -0.49
CA TRP C 1586 85.53 17.01 0.09
C TRP C 1586 85.87 15.89 1.07
N ASP C 1587 86.78 15.00 0.67
CA ASP C 1587 87.19 13.92 1.55
C ASP C 1587 87.82 14.45 2.83
N ALA C 1588 88.67 15.47 2.69
CA ALA C 1588 89.34 16.03 3.87
C ALA C 1588 88.32 16.63 4.84
N ILE C 1589 87.46 17.52 4.35
CA ILE C 1589 86.46 18.14 5.21
C ILE C 1589 85.54 17.09 5.81
N LEU C 1590 85.13 16.13 4.98
CA LEU C 1590 84.20 15.10 5.41
C LEU C 1590 84.80 14.23 6.52
N LYS C 1591 86.09 13.88 6.39
CA LYS C 1591 86.76 13.15 7.45
C LYS C 1591 86.88 14.00 8.71
N ARG C 1592 87.14 15.30 8.56
CA ARG C 1592 87.28 16.16 9.73
C ARG C 1592 86.00 16.25 10.53
N VAL C 1593 84.86 15.88 9.96
CA VAL C 1593 83.56 16.04 10.61
C VAL C 1593 82.97 14.70 11.02
N GLY C 1594 83.78 13.63 11.04
CA GLY C 1594 83.32 12.36 11.57
C GLY C 1594 82.70 11.43 10.55
N PHE C 1595 83.42 11.12 9.48
CA PHE C 1595 82.96 10.19 8.47
C PHE C 1595 84.15 9.39 7.96
N SER C 1596 83.86 8.41 7.09
CA SER C 1596 84.86 7.47 6.60
C SER C 1596 85.39 7.84 5.22
N GLY C 1597 85.40 9.12 4.89
CA GLY C 1597 85.95 9.57 3.62
C GLY C 1597 84.97 9.41 2.47
N VAL C 1598 85.40 9.92 1.31
CA VAL C 1598 84.59 9.86 0.09
C VAL C 1598 84.99 8.58 -0.63
N ASP C 1599 84.33 7.48 -0.29
CA ASP C 1599 84.56 6.20 -0.95
C ASP C 1599 83.77 6.01 -2.23
N SER C 1600 82.79 6.88 -2.52
CA SER C 1600 82.01 6.79 -3.74
C SER C 1600 81.79 8.21 -4.28
N ARG C 1601 81.87 8.35 -5.60
CA ARG C 1601 81.73 9.64 -6.23
C ARG C 1601 81.16 9.45 -7.63
N THR C 1602 80.57 10.52 -8.16
CA THR C 1602 80.02 10.51 -9.51
C THR C 1602 81.09 10.93 -10.51
N THR C 1603 80.98 10.41 -11.72
CA THR C 1603 81.96 10.73 -12.75
C THR C 1603 81.86 12.19 -13.15
N ASP C 1604 83.01 12.87 -13.18
CA ASP C 1604 83.12 14.24 -13.66
C ASP C 1604 84.38 14.38 -14.49
N ARG C 1605 84.67 13.38 -15.32
CA ARG C 1605 85.94 13.35 -16.03
C ARG C 1605 86.09 14.52 -16.99
N ASP C 1606 85.01 14.88 -17.69
CA ASP C 1606 85.07 15.90 -18.73
C ASP C 1606 84.36 17.18 -18.35
N ALA C 1607 83.04 17.14 -18.18
CA ALA C 1607 82.26 18.35 -17.94
C ALA C 1607 80.81 18.02 -17.62
N ASN C 1608 80.06 19.06 -17.22
CA ASN C 1608 78.61 18.97 -17.08
C ASN C 1608 78.18 18.22 -15.82
N LEU C 1609 79.14 17.67 -15.07
CA LEU C 1609 78.82 16.96 -13.84
C LEU C 1609 79.54 17.53 -12.63
N PHE C 1610 80.46 18.46 -12.82
CA PHE C 1610 81.09 19.15 -11.71
C PHE C 1610 80.07 19.94 -10.89
N PRO C 1611 79.07 20.61 -11.51
CA PRO C 1611 78.16 21.43 -10.71
C PRO C 1611 77.34 20.64 -9.71
N THR C 1612 77.12 19.35 -9.95
CA THR C 1612 76.24 18.57 -9.10
C THR C 1612 76.77 17.16 -8.84
N SER C 1613 78.09 16.95 -8.95
CA SER C 1613 78.65 15.63 -8.69
C SER C 1613 78.28 15.16 -7.29
N VAL C 1614 77.93 13.89 -7.17
CA VAL C 1614 77.39 13.34 -5.94
C VAL C 1614 78.42 12.43 -5.30
N PHE C 1615 78.34 12.29 -3.97
CA PHE C 1615 79.24 11.45 -3.22
C PHE C 1615 78.48 10.78 -2.09
N SER C 1616 78.99 9.63 -1.64
CA SER C 1616 78.44 8.91 -0.51
C SER C 1616 79.54 8.68 0.52
N THR C 1617 79.21 8.91 1.79
CA THR C 1617 80.19 8.85 2.87
C THR C 1617 79.57 8.12 4.06
N HIS C 1618 80.37 7.26 4.69
CA HIS C 1618 79.92 6.48 5.83
C HIS C 1618 80.21 7.23 7.13
N ALA C 1619 79.31 7.06 8.10
CA ALA C 1619 79.50 7.62 9.43
C ALA C 1619 80.51 6.77 10.19
N ILE C 1620 81.66 7.35 10.50
CA ILE C 1620 82.78 6.60 11.07
C ILE C 1620 82.63 6.65 12.59
N ASP C 1621 82.21 5.52 13.17
CA ASP C 1621 82.06 5.12 14.56
C ASP C 1621 81.82 3.62 14.62
N ALA C 1622 82.59 2.92 15.45
CA ALA C 1622 82.61 1.47 15.43
C ALA C 1622 82.89 0.98 14.01
N THR C 1623 83.80 1.68 13.34
CA THR C 1623 83.99 1.51 11.91
C THR C 1623 84.40 0.08 11.55
N VAL C 1624 84.37 -0.20 10.24
CA VAL C 1624 84.75 -1.51 9.75
C VAL C 1624 86.20 -1.79 10.13
N GLU C 1625 86.44 -2.97 10.70
CA GLU C 1625 87.79 -3.31 11.15
C GLU C 1625 88.69 -3.69 9.98
N TYR C 1626 88.12 -4.19 8.90
CA TYR C 1626 88.90 -4.61 7.73
C TYR C 1626 89.96 -5.64 8.13
N TYR C 1641 89.77 -11.01 17.36
CA TYR C 1641 90.69 -11.56 18.36
C TYR C 1641 90.48 -13.06 18.59
N PRO C 1642 89.23 -13.51 18.66
CA PRO C 1642 88.98 -14.95 18.81
C PRO C 1642 89.65 -15.74 17.71
N PRO C 1643 89.96 -17.01 17.94
CA PRO C 1643 90.75 -17.77 16.96
C PRO C 1643 90.06 -17.86 15.61
N LEU C 1644 90.86 -17.84 14.56
CA LEU C 1644 90.41 -18.05 13.20
C LEU C 1644 90.77 -19.48 12.80
N VAL C 1645 89.76 -20.25 12.38
CA VAL C 1645 89.94 -21.65 12.00
C VAL C 1645 89.63 -21.77 10.52
N VAL C 1646 90.58 -22.33 9.77
CA VAL C 1646 90.42 -22.55 8.34
C VAL C 1646 90.32 -24.05 8.09
N VAL C 1647 89.25 -24.46 7.40
CA VAL C 1647 89.03 -25.85 7.03
C VAL C 1647 89.00 -25.91 5.51
N GLY C 1648 89.81 -26.81 4.94
CA GLY C 1648 89.99 -26.90 3.51
C GLY C 1648 91.37 -26.41 3.09
N GLY C 1649 91.55 -26.35 1.78
CA GLY C 1649 92.84 -25.94 1.22
C GLY C 1649 93.46 -27.03 0.38
N GLN C 1650 92.69 -28.07 0.06
CA GLN C 1650 93.23 -29.19 -0.71
C GLN C 1650 93.44 -28.81 -2.17
N THR C 1651 92.46 -28.14 -2.77
CA THR C 1651 92.56 -27.77 -4.17
C THR C 1651 93.67 -26.73 -4.36
N PRO C 1652 94.37 -26.76 -5.50
CA PRO C 1652 95.45 -25.77 -5.69
C PRO C 1652 94.97 -24.33 -5.54
N GLN C 1653 93.79 -24.01 -6.04
CA GLN C 1653 93.22 -22.69 -5.77
C GLN C 1653 92.89 -22.55 -4.28
N SER C 1654 92.42 -23.62 -3.65
CA SER C 1654 92.20 -23.59 -2.22
C SER C 1654 93.51 -23.41 -1.45
N GLN C 1655 94.58 -24.06 -1.93
CA GLN C 1655 95.90 -23.84 -1.32
C GLN C 1655 96.32 -22.38 -1.45
N ARG C 1656 96.14 -21.81 -2.64
CA ARG C 1656 96.50 -20.40 -2.85
C ARG C 1656 95.69 -19.50 -1.93
N LEU C 1657 94.39 -19.78 -1.77
CA LEU C 1657 93.57 -18.94 -0.91
C LEU C 1657 93.93 -19.11 0.56
N LEU C 1658 94.31 -20.31 0.97
CA LEU C 1658 94.80 -20.50 2.34
C LEU C 1658 96.07 -19.69 2.57
N ASN C 1659 96.99 -19.73 1.61
CA ASN C 1659 98.21 -18.94 1.74
C ASN C 1659 97.90 -17.45 1.79
N ASP C 1660 96.94 -17.01 0.97
CA ASP C 1660 96.54 -15.60 0.98
C ASP C 1660 95.92 -15.22 2.32
N ILE C 1661 95.12 -16.11 2.90
CA ILE C 1661 94.55 -15.86 4.22
C ILE C 1661 95.66 -15.72 5.25
N LYS C 1662 96.64 -16.62 5.21
CA LYS C 1662 97.75 -16.55 6.16
C LYS C 1662 98.51 -15.24 6.01
N ALA C 1663 98.77 -14.82 4.76
CA ALA C 1663 99.55 -13.62 4.53
C ALA C 1663 98.78 -12.35 4.87
N ILE C 1664 97.45 -12.37 4.70
CA ILE C 1664 96.64 -11.17 4.85
C ILE C 1664 95.93 -11.11 6.20
N MET C 1665 95.77 -12.23 6.89
CA MET C 1665 95.08 -12.22 8.17
C MET C 1665 95.83 -11.32 9.15
N PRO C 1666 95.12 -10.54 9.97
CA PRO C 1666 95.79 -9.75 11.00
C PRO C 1666 96.35 -10.64 12.08
N PRO C 1667 96.96 -10.08 13.12
CA PRO C 1667 97.47 -10.92 14.21
C PRO C 1667 96.33 -11.58 14.97
N ARG C 1668 96.15 -12.89 14.77
CA ARG C 1668 95.06 -13.63 15.37
C ARG C 1668 95.53 -15.07 15.58
N PRO C 1669 94.99 -15.76 16.58
CA PRO C 1669 95.22 -17.22 16.66
C PRO C 1669 94.68 -17.91 15.42
N LEU C 1670 95.41 -18.91 14.94
CA LEU C 1670 95.09 -19.56 13.68
C LEU C 1670 95.12 -21.08 13.83
N GLN C 1671 94.10 -21.73 13.27
CA GLN C 1671 94.08 -23.18 13.12
C GLN C 1671 93.75 -23.51 11.67
N THR C 1672 94.44 -24.51 11.13
CA THR C 1672 94.27 -24.90 9.73
C THR C 1672 94.14 -26.41 9.63
N TYR C 1673 93.24 -26.86 8.77
CA TYR C 1673 93.00 -28.27 8.53
C TYR C 1673 92.87 -28.52 7.03
N LYS C 1674 93.44 -29.62 6.56
CA LYS C 1674 93.40 -29.93 5.13
C LYS C 1674 91.97 -30.11 4.65
N ARG C 1675 91.18 -30.90 5.38
CA ARG C 1675 89.80 -31.20 5.01
C ARG C 1675 88.95 -31.22 6.27
N LEU C 1676 87.65 -31.46 6.09
CA LEU C 1676 86.75 -31.54 7.24
C LEU C 1676 86.96 -32.83 8.03
N VAL C 1677 87.47 -33.89 7.40
CA VAL C 1677 87.83 -35.09 8.14
C VAL C 1677 88.96 -34.79 9.12
N ASP C 1678 89.92 -33.96 8.70
CA ASP C 1678 90.98 -33.54 9.62
C ASP C 1678 90.39 -32.79 10.81
N LEU C 1679 89.39 -31.94 10.56
CA LEU C 1679 88.71 -31.28 11.67
C LEU C 1679 88.03 -32.28 12.58
N LEU C 1680 87.39 -33.29 11.99
CA LEU C 1680 86.80 -34.36 12.80
C LEU C 1680 87.84 -35.02 13.68
N ASP C 1681 89.04 -35.23 13.16
CA ASP C 1681 90.14 -35.78 13.95
C ASP C 1681 90.70 -34.79 14.96
N ALA C 1682 90.31 -33.51 14.87
CA ALA C 1682 90.82 -32.51 15.79
C ALA C 1682 90.37 -32.80 17.22
N GLU C 1683 91.23 -32.45 18.18
CA GLU C 1683 90.96 -32.66 19.59
C GLU C 1683 90.70 -31.38 20.36
N GLU C 1684 91.17 -30.23 19.88
CA GLU C 1684 90.99 -28.95 20.56
C GLU C 1684 90.50 -27.93 19.54
N LEU C 1685 89.23 -27.54 19.67
CA LEU C 1685 88.63 -26.54 18.79
C LEU C 1685 88.00 -25.46 19.66
N PRO C 1686 88.37 -24.19 19.52
CA PRO C 1686 87.77 -23.15 20.35
C PRO C 1686 86.27 -23.04 20.10
N MET C 1687 85.53 -22.77 21.19
CA MET C 1687 84.09 -22.60 21.08
C MET C 1687 83.70 -21.25 20.50
N LYS C 1688 84.59 -20.25 20.57
CA LYS C 1688 84.39 -18.96 19.94
C LYS C 1688 85.03 -18.88 18.55
N SER C 1689 85.14 -20.02 17.87
CA SER C 1689 85.86 -20.07 16.60
C SER C 1689 85.17 -19.25 15.54
N THR C 1690 85.98 -18.61 14.68
CA THR C 1690 85.50 -17.96 13.48
C THR C 1690 85.97 -18.77 12.29
N PHE C 1691 85.12 -19.68 11.82
CA PHE C 1691 85.51 -20.65 10.81
C PHE C 1691 85.52 -20.02 9.43
N VAL C 1692 86.50 -20.42 8.61
CA VAL C 1692 86.58 -20.07 7.21
C VAL C 1692 86.70 -21.38 6.44
N MET C 1693 85.60 -21.81 5.83
CA MET C 1693 85.49 -23.16 5.26
C MET C 1693 85.70 -23.08 3.75
N LEU C 1694 86.79 -23.68 3.28
CA LEU C 1694 87.06 -23.85 1.85
C LEU C 1694 86.76 -25.27 1.39
N THR C 1695 86.10 -26.08 2.21
CA THR C 1695 85.85 -27.47 1.85
C THR C 1695 85.04 -27.58 0.57
N GLU C 1696 84.17 -26.59 0.28
CA GLU C 1696 83.36 -26.66 -0.92
C GLU C 1696 84.21 -26.46 -2.17
N LEU C 1697 85.23 -25.59 -2.09
CA LEU C 1697 86.21 -25.52 -3.16
C LEU C 1697 86.89 -26.87 -3.35
N ASP C 1698 87.04 -27.63 -2.27
CA ASP C 1698 87.45 -29.03 -2.33
C ASP C 1698 86.19 -29.89 -2.43
N GLU C 1699 86.34 -31.19 -2.19
CA GLU C 1699 85.17 -32.08 -2.20
C GLU C 1699 84.08 -31.53 -1.30
N GLU C 1700 82.86 -31.46 -1.82
CA GLU C 1700 81.75 -30.84 -1.12
C GLU C 1700 81.19 -31.78 -0.05
N LEU C 1701 80.53 -31.18 0.94
CA LEU C 1701 79.94 -31.97 2.01
C LEU C 1701 78.83 -32.86 1.49
N PHE C 1702 77.88 -32.29 0.75
CA PHE C 1702 76.70 -33.02 0.30
C PHE C 1702 77.00 -33.97 -0.84
N ALA C 1703 78.27 -34.11 -1.24
CA ALA C 1703 78.69 -35.17 -2.15
C ALA C 1703 79.41 -36.30 -1.43
N GLY C 1704 79.82 -36.09 -0.18
CA GLY C 1704 80.56 -37.11 0.57
C GLY C 1704 80.09 -37.24 2.00
N LEU C 1705 78.80 -37.04 2.25
CA LEU C 1705 78.28 -37.10 3.61
C LEU C 1705 78.44 -38.49 4.23
N THR C 1706 78.65 -39.53 3.41
CA THR C 1706 78.73 -40.88 3.94
C THR C 1706 79.90 -41.04 4.90
N GLU C 1707 81.04 -40.42 4.60
CA GLU C 1707 82.25 -40.62 5.38
C GLU C 1707 82.25 -39.77 6.65
N GLU C 1708 81.19 -39.88 7.45
CA GLU C 1708 81.07 -39.16 8.72
C GLU C 1708 81.21 -37.65 8.55
N THR C 1709 81.09 -37.14 7.32
CA THR C 1709 81.18 -35.71 7.11
C THR C 1709 80.01 -34.98 7.77
N PHE C 1710 78.85 -35.62 7.86
CA PHE C 1710 77.72 -35.04 8.57
C PHE C 1710 78.05 -34.88 10.06
N GLU C 1711 78.67 -35.89 10.66
CA GLU C 1711 79.08 -35.79 12.06
C GLU C 1711 80.16 -34.72 12.24
N ALA C 1712 81.06 -34.60 11.26
CA ALA C 1712 82.06 -33.54 11.32
C ALA C 1712 81.41 -32.17 11.25
N THR C 1713 80.36 -32.03 10.44
CA THR C 1713 79.62 -30.77 10.39
C THR C 1713 78.93 -30.50 11.72
N LYS C 1714 78.39 -31.54 12.36
CA LYS C 1714 77.82 -31.37 13.69
C LYS C 1714 78.86 -30.84 14.67
N LEU C 1715 80.06 -31.44 14.64
CA LEU C 1715 81.13 -31.00 15.51
C LEU C 1715 81.50 -29.54 15.21
N LEU C 1716 81.57 -29.19 13.93
CA LEU C 1716 81.83 -27.81 13.53
C LEU C 1716 80.81 -26.87 14.15
N LEU C 1717 79.52 -27.17 13.96
CA LEU C 1717 78.48 -26.33 14.54
C LEU C 1717 78.63 -26.23 16.06
N THR C 1718 79.02 -27.34 16.69
CA THR C 1718 79.23 -27.32 18.13
C THR C 1718 80.34 -26.34 18.51
N TYR C 1719 81.43 -26.32 17.75
CA TYR C 1719 82.55 -25.44 18.02
C TYR C 1719 82.52 -24.15 17.21
N ALA C 1720 81.46 -23.90 16.46
CA ALA C 1720 81.37 -22.74 15.58
C ALA C 1720 80.43 -21.71 16.20
N SER C 1721 81.00 -20.57 16.60
CA SER C 1721 80.21 -19.39 16.94
C SER C 1721 80.18 -18.39 15.80
N ASN C 1722 81.24 -18.33 14.99
CA ASN C 1722 81.28 -17.53 13.78
C ASN C 1722 81.80 -18.43 12.65
N THR C 1723 81.28 -18.21 11.45
CA THR C 1723 81.61 -19.07 10.33
C THR C 1723 81.58 -18.28 9.02
N VAL C 1724 82.51 -18.62 8.14
CA VAL C 1724 82.54 -18.10 6.77
C VAL C 1724 82.73 -19.27 5.82
N TRP C 1725 81.95 -19.30 4.75
CA TRP C 1725 81.98 -20.38 3.79
C TRP C 1725 82.26 -19.84 2.40
N LEU C 1726 83.00 -20.61 1.61
CA LEU C 1726 83.38 -20.23 0.26
C LEU C 1726 82.94 -21.30 -0.73
N THR C 1727 82.39 -20.88 -1.86
CA THR C 1727 81.98 -21.78 -2.92
C THR C 1727 82.36 -21.17 -4.25
N GLU C 1728 82.57 -22.04 -5.24
CA GLU C 1728 83.01 -21.65 -6.58
C GLU C 1728 81.84 -21.81 -7.54
N ASN C 1729 81.14 -20.71 -7.80
CA ASN C 1729 80.02 -20.69 -8.75
C ASN C 1729 79.03 -21.82 -8.44
N ALA C 1730 78.68 -21.92 -7.17
CA ALA C 1730 77.80 -23.01 -6.72
C ALA C 1730 76.49 -23.00 -7.49
N TRP C 1731 75.85 -21.83 -7.57
CA TRP C 1731 74.53 -21.74 -8.20
C TRP C 1731 74.58 -21.96 -9.69
N VAL C 1732 75.76 -21.98 -10.31
CA VAL C 1732 75.87 -22.15 -11.75
C VAL C 1732 76.75 -23.34 -12.15
N GLN C 1733 77.60 -23.85 -11.27
CA GLN C 1733 78.50 -24.95 -11.61
C GLN C 1733 78.45 -26.11 -10.63
N HIS C 1734 78.29 -25.83 -9.34
CA HIS C 1734 78.38 -26.85 -8.29
C HIS C 1734 77.14 -26.81 -7.42
N PRO C 1735 76.08 -27.53 -7.80
CA PRO C 1735 74.88 -27.56 -6.95
C PRO C 1735 75.10 -28.13 -5.56
N HIS C 1736 76.14 -28.94 -5.36
CA HIS C 1736 76.41 -29.46 -4.02
C HIS C 1736 76.88 -28.35 -3.09
N GLN C 1737 77.70 -27.43 -3.61
CA GLN C 1737 78.09 -26.26 -2.83
C GLN C 1737 76.87 -25.41 -2.49
N ALA C 1738 75.91 -25.32 -3.41
CA ALA C 1738 74.66 -24.64 -3.10
C ALA C 1738 73.86 -25.37 -2.04
N SER C 1739 73.93 -26.70 -2.03
CA SER C 1739 73.29 -27.46 -0.95
C SER C 1739 73.91 -27.10 0.39
N THR C 1740 75.24 -26.99 0.42
CA THR C 1740 75.91 -26.54 1.65
C THR C 1740 75.47 -25.13 2.02
N ILE C 1741 75.31 -24.26 1.03
CA ILE C 1741 74.84 -22.90 1.29
C ILE C 1741 73.46 -22.93 1.93
N GLY C 1742 72.56 -23.77 1.41
CA GLY C 1742 71.24 -23.87 1.99
C GLY C 1742 71.27 -24.47 3.39
N MET C 1743 72.15 -25.43 3.62
CA MET C 1743 72.33 -25.97 4.96
C MET C 1743 72.73 -24.87 5.93
N LEU C 1744 73.67 -24.02 5.53
CA LEU C 1744 74.05 -22.89 6.36
C LEU C 1744 72.90 -21.90 6.52
N ARG C 1745 72.10 -21.75 5.47
CA ARG C 1745 70.95 -20.86 5.52
C ARG C 1745 69.99 -21.29 6.61
N SER C 1746 69.75 -22.60 6.71
CA SER C 1746 68.89 -23.12 7.77
C SER C 1746 69.60 -23.08 9.13
N ILE C 1747 70.90 -23.31 9.14
CA ILE C 1747 71.65 -23.28 10.40
C ILE C 1747 71.56 -21.91 11.04
N ARG C 1748 71.65 -20.85 10.23
CA ARG C 1748 71.53 -19.50 10.76
C ARG C 1748 70.20 -19.28 11.47
N ARG C 1749 69.19 -20.08 11.14
CA ARG C 1749 67.93 -20.04 11.87
C ARG C 1749 67.99 -20.96 13.10
N GLU C 1750 68.56 -22.16 12.93
CA GLU C 1750 68.65 -23.09 14.05
C GLU C 1750 69.54 -22.55 15.15
N HIS C 1751 70.63 -21.88 14.78
CA HIS C 1751 71.61 -21.34 15.72
C HIS C 1751 71.78 -19.85 15.43
N PRO C 1752 70.84 -19.02 15.88
CA PRO C 1752 70.96 -17.58 15.62
C PRO C 1752 72.22 -16.97 16.19
N ASP C 1753 72.72 -17.50 17.32
CA ASP C 1753 73.97 -17.01 17.88
C ASP C 1753 75.16 -17.26 16.97
N LEU C 1754 75.02 -18.18 16.02
CA LEU C 1754 76.09 -18.52 15.09
C LEU C 1754 76.02 -17.59 13.88
N GLY C 1755 76.93 -16.64 13.81
CA GLY C 1755 77.03 -15.76 12.66
C GLY C 1755 77.67 -16.44 11.47
N VAL C 1756 76.97 -16.49 10.34
CA VAL C 1756 77.40 -17.23 9.17
C VAL C 1756 77.42 -16.30 7.97
N HIS C 1757 78.48 -16.41 7.17
CA HIS C 1757 78.55 -15.78 5.86
C HIS C 1757 78.96 -16.83 4.84
N VAL C 1758 78.46 -16.68 3.62
CA VAL C 1758 78.81 -17.56 2.52
C VAL C 1758 79.14 -16.70 1.30
N LEU C 1759 80.21 -17.07 0.61
CA LEU C 1759 80.71 -16.30 -0.52
C LEU C 1759 80.84 -17.24 -1.72
N ASP C 1760 80.01 -17.04 -2.73
CA ASP C 1760 80.05 -17.81 -3.96
C ASP C 1760 80.81 -17.02 -5.02
N VAL C 1761 81.84 -17.63 -5.58
CA VAL C 1761 82.73 -16.97 -6.53
C VAL C 1761 82.57 -17.64 -7.89
N ASP C 1762 82.27 -16.84 -8.91
CA ASP C 1762 82.22 -17.38 -10.27
C ASP C 1762 83.59 -17.90 -10.70
N ALA C 1763 84.65 -17.16 -10.36
CA ALA C 1763 86.02 -17.56 -10.68
C ALA C 1763 86.89 -17.29 -9.46
N VAL C 1764 87.39 -18.36 -8.83
CA VAL C 1764 88.18 -18.20 -7.62
C VAL C 1764 89.49 -17.47 -7.91
N GLU C 1765 90.07 -17.71 -9.09
CA GLU C 1765 91.34 -17.08 -9.43
C GLU C 1765 91.26 -15.56 -9.40
N THR C 1766 90.07 -14.99 -9.55
CA THR C 1766 89.88 -13.55 -9.50
C THR C 1766 89.49 -13.05 -8.11
N VAL C 1773 90.33 -12.42 -4.10
CA VAL C 1773 91.37 -12.30 -3.07
C VAL C 1773 91.08 -11.08 -2.21
N GLU C 1774 91.49 -11.14 -0.94
CA GLU C 1774 91.45 -10.03 0.02
C GLU C 1774 90.04 -9.73 0.53
N GLN C 1775 89.01 -10.39 0.01
CA GLN C 1775 87.65 -10.13 0.45
C GLN C 1775 87.14 -11.16 1.45
N VAL C 1776 87.67 -12.38 1.43
CA VAL C 1776 87.29 -13.37 2.44
C VAL C 1776 87.80 -12.95 3.80
N LEU C 1777 88.99 -12.36 3.87
CA LEU C 1777 89.51 -11.87 5.14
C LEU C 1777 88.61 -10.81 5.73
N ARG C 1778 88.14 -9.88 4.90
CA ARG C 1778 87.27 -8.81 5.39
C ARG C 1778 85.94 -9.38 5.86
N LEU C 1779 85.40 -10.37 5.15
CA LEU C 1779 84.14 -10.99 5.59
C LEU C 1779 84.34 -11.72 6.91
N GLU C 1780 85.48 -12.40 7.07
CA GLU C 1780 85.77 -13.06 8.33
C GLU C 1780 85.85 -12.04 9.47
N GLU C 1781 86.50 -10.90 9.22
CA GLU C 1781 86.56 -9.86 10.23
C GLU C 1781 85.16 -9.32 10.54
N HIS C 1782 84.34 -9.16 9.50
CA HIS C 1782 82.96 -8.71 9.71
C HIS C 1782 82.20 -9.66 10.60
N THR C 1783 82.42 -10.97 10.42
CA THR C 1783 81.66 -11.95 11.21
C THR C 1783 81.73 -11.64 12.70
N ASP C 1784 82.90 -11.23 13.17
CA ASP C 1784 83.04 -10.81 14.58
C ASP C 1784 82.40 -9.46 14.83
N GLU C 1785 82.12 -8.68 13.79
CA GLU C 1785 81.50 -7.36 13.94
C GLU C 1785 79.99 -7.54 14.07
N LEU C 1786 79.56 -7.89 15.28
CA LEU C 1786 78.15 -8.10 15.57
C LEU C 1786 77.54 -6.81 16.13
N ALA C 1787 77.34 -5.86 15.22
CA ALA C 1787 76.78 -4.56 15.58
C ALA C 1787 75.27 -4.60 15.41
N SER C 1788 74.55 -4.39 16.51
CA SER C 1788 73.09 -4.43 16.49
C SER C 1788 72.48 -3.06 16.22
N SER C 1789 72.99 -2.01 16.86
CA SER C 1789 72.47 -0.66 16.68
C SER C 1789 73.12 0.07 15.50
N THR C 1790 74.09 -0.53 14.84
CA THR C 1790 74.78 0.09 13.72
C THR C 1790 74.10 -0.30 12.41
N THR C 1791 74.14 0.60 11.44
CA THR C 1791 73.47 0.39 10.17
C THR C 1791 74.03 -0.80 9.40
N TRP C 1792 75.24 -1.25 9.73
CA TRP C 1792 75.92 -2.26 8.94
C TRP C 1792 75.13 -3.57 8.91
N THR C 1793 74.61 -3.93 7.74
CA THR C 1793 73.89 -5.19 7.60
C THR C 1793 74.85 -6.36 7.70
N GLN C 1794 74.41 -7.43 8.36
CA GLN C 1794 75.27 -8.54 8.72
C GLN C 1794 75.68 -9.40 7.52
N GLU C 1795 75.25 -9.05 6.30
CA GLU C 1795 75.67 -9.76 5.10
C GLU C 1795 75.57 -11.26 5.28
N PRO C 1796 74.36 -11.81 5.40
CA PRO C 1796 74.25 -13.28 5.61
C PRO C 1796 74.86 -14.09 4.48
N GLU C 1797 74.79 -13.61 3.25
CA GLU C 1797 75.36 -14.32 2.11
C GLU C 1797 75.84 -13.32 1.08
N VAL C 1798 76.83 -13.72 0.30
CA VAL C 1798 77.47 -12.85 -0.68
C VAL C 1798 77.88 -13.69 -1.88
N SER C 1799 78.05 -13.03 -3.03
CA SER C 1799 78.53 -13.67 -4.24
C SER C 1799 79.52 -12.75 -4.93
N TRP C 1800 80.70 -13.27 -5.23
CA TRP C 1800 81.73 -12.51 -5.95
C TRP C 1800 81.60 -12.87 -7.44
N CYS C 1801 81.07 -11.93 -8.22
CA CYS C 1801 80.83 -12.15 -9.63
C CYS C 1801 81.47 -11.03 -10.45
N LYS C 1802 82.10 -11.41 -11.57
CA LYS C 1802 82.69 -10.45 -12.49
C LYS C 1802 83.69 -9.55 -11.78
N GLY C 1803 84.43 -10.13 -10.84
CA GLY C 1803 85.44 -9.37 -10.12
C GLY C 1803 84.89 -8.37 -9.13
N ARG C 1804 83.61 -8.48 -8.79
CA ARG C 1804 82.96 -7.55 -7.87
C ARG C 1804 82.09 -8.32 -6.89
N PRO C 1805 81.90 -7.80 -5.68
CA PRO C 1805 80.98 -8.44 -4.74
C PRO C 1805 79.53 -8.04 -4.99
N TRP C 1806 78.64 -8.97 -4.69
CA TRP C 1806 77.21 -8.74 -4.86
C TRP C 1806 76.45 -9.37 -3.70
N ILE C 1807 75.35 -8.73 -3.32
CA ILE C 1807 74.49 -9.23 -2.25
C ILE C 1807 73.06 -9.28 -2.79
N PRO C 1808 72.28 -10.31 -2.46
CA PRO C 1808 70.91 -10.39 -2.99
C PRO C 1808 69.88 -9.77 -2.05
N ARG C 1809 68.76 -9.32 -2.60
CA ARG C 1809 67.65 -8.82 -1.81
C ARG C 1809 66.35 -9.33 -2.40
N LEU C 1810 65.47 -9.84 -1.54
CA LEU C 1810 64.19 -10.41 -1.96
C LEU C 1810 63.16 -9.30 -2.05
N LYS C 1811 63.13 -8.62 -3.19
CA LYS C 1811 62.20 -7.53 -3.44
C LYS C 1811 60.98 -8.06 -4.18
N ARG C 1812 59.80 -7.62 -3.75
CA ARG C 1812 58.56 -8.04 -4.38
C ARG C 1812 58.63 -7.81 -5.89
N ASP C 1813 58.55 -8.88 -6.66
CA ASP C 1813 58.58 -8.77 -8.12
C ASP C 1813 57.21 -8.28 -8.56
N LEU C 1814 57.06 -6.96 -8.65
CA LEU C 1814 55.77 -6.35 -8.92
C LEU C 1814 55.20 -6.79 -10.26
N ALA C 1815 56.03 -7.23 -11.20
CA ALA C 1815 55.49 -7.73 -12.46
C ALA C 1815 54.64 -8.97 -12.24
N ARG C 1816 55.18 -9.96 -11.54
CA ARG C 1816 54.45 -11.21 -11.33
C ARG C 1816 53.30 -11.03 -10.35
N ASN C 1817 53.50 -10.20 -9.32
CA ASN C 1817 52.39 -9.91 -8.41
C ASN C 1817 51.25 -9.20 -9.15
N ASN C 1818 51.59 -8.26 -10.02
CA ASN C 1818 50.57 -7.60 -10.82
C ASN C 1818 49.86 -8.58 -11.74
N ARG C 1819 50.61 -9.49 -12.36
CA ARG C 1819 49.97 -10.49 -13.21
C ARG C 1819 49.02 -11.37 -12.40
N MET C 1820 49.43 -11.78 -11.20
CA MET C 1820 48.58 -12.61 -10.38
C MET C 1820 47.32 -11.86 -9.95
N ASN C 1821 47.48 -10.61 -9.53
CA ASN C 1821 46.35 -9.84 -9.02
C ASN C 1821 45.42 -9.36 -10.13
N SER C 1822 45.91 -9.27 -11.37
CA SER C 1822 45.03 -8.91 -12.47
C SER C 1822 43.86 -9.88 -12.58
N SER C 1823 44.09 -11.14 -12.19
CA SER C 1823 43.00 -12.10 -12.11
C SER C 1823 41.93 -11.67 -11.11
N ARG C 1824 42.27 -10.79 -10.17
CA ARG C 1824 41.36 -10.40 -9.11
C ARG C 1824 40.88 -8.96 -9.19
N ARG C 1825 41.64 -8.06 -9.80
CA ARG C 1825 41.24 -6.67 -9.93
C ARG C 1825 41.89 -6.08 -11.17
N PRO C 1826 41.41 -4.93 -11.65
CA PRO C 1826 41.96 -4.35 -12.89
C PRO C 1826 43.37 -3.80 -12.69
N ILE C 1827 44.36 -4.67 -12.66
CA ILE C 1827 45.74 -4.23 -12.55
C ILE C 1827 46.17 -3.56 -13.85
N TYR C 1828 46.70 -2.35 -13.74
CA TYR C 1828 47.15 -1.58 -14.90
C TYR C 1828 48.67 -1.44 -14.87
N GLU C 1829 49.30 -1.78 -15.98
CA GLU C 1829 50.74 -1.65 -16.15
C GLU C 1829 51.02 -0.92 -17.46
N MET C 1830 52.00 -0.01 -17.42
CA MET C 1830 52.38 0.76 -18.60
C MET C 1830 53.17 -0.15 -19.53
N ILE C 1831 52.52 -0.59 -20.62
CA ILE C 1831 53.11 -1.51 -21.56
C ILE C 1831 53.11 -0.88 -22.94
N ASP C 1832 54.20 -1.13 -23.69
CA ASP C 1832 54.33 -0.65 -25.06
C ASP C 1832 53.62 -1.63 -25.97
N SER C 1833 52.39 -1.28 -26.36
CA SER C 1833 51.62 -2.18 -27.22
C SER C 1833 52.28 -2.37 -28.57
N SER C 1834 53.03 -1.37 -29.04
CA SER C 1834 53.65 -1.48 -30.36
C SER C 1834 54.66 -2.61 -30.41
N ARG C 1835 55.33 -2.89 -29.29
CA ARG C 1835 56.32 -3.95 -29.22
C ARG C 1835 55.94 -5.07 -28.26
N ALA C 1836 54.76 -5.00 -27.65
CA ALA C 1836 54.25 -6.06 -26.80
C ALA C 1836 52.79 -6.33 -27.16
N PRO C 1837 52.35 -7.59 -27.17
CA PRO C 1837 50.95 -7.87 -27.48
C PRO C 1837 50.01 -7.26 -26.46
N VAL C 1838 49.09 -6.44 -26.95
CA VAL C 1838 48.07 -5.80 -26.12
C VAL C 1838 46.75 -5.92 -26.86
N ALA C 1839 45.85 -6.75 -26.34
CA ALA C 1839 44.55 -7.01 -26.96
C ALA C 1839 43.49 -6.13 -26.32
N LEU C 1840 42.61 -5.58 -27.15
CA LEU C 1840 41.50 -4.74 -26.68
C LEU C 1840 40.38 -5.67 -26.24
N GLN C 1841 40.62 -6.35 -25.13
CA GLN C 1841 39.69 -7.35 -24.63
C GLN C 1841 38.38 -6.69 -24.17
N THR C 1842 37.30 -7.45 -24.31
CA THR C 1842 35.99 -7.05 -23.83
C THR C 1842 35.80 -7.50 -22.39
N ALA C 1843 35.12 -6.68 -21.60
CA ALA C 1843 34.91 -7.01 -20.20
C ALA C 1843 34.04 -8.24 -20.07
N ARG C 1844 34.18 -8.93 -18.93
CA ARG C 1844 33.38 -10.13 -18.69
C ARG C 1844 31.89 -9.81 -18.76
N ASP C 1845 31.48 -8.70 -18.16
CA ASP C 1845 30.09 -8.26 -18.25
C ASP C 1845 29.73 -7.78 -19.65
N SER C 1846 30.72 -7.63 -20.53
CA SER C 1846 30.48 -7.12 -21.89
C SER C 1846 29.90 -5.71 -21.84
N SER C 1847 30.43 -4.89 -20.93
CA SER C 1847 30.00 -3.50 -20.77
C SER C 1847 30.89 -2.52 -21.50
N SER C 1848 32.19 -2.78 -21.57
CA SER C 1848 33.12 -1.88 -22.23
C SER C 1848 34.36 -2.67 -22.62
N TYR C 1849 35.15 -2.07 -23.51
CA TYR C 1849 36.39 -2.67 -23.98
C TYR C 1849 37.58 -2.00 -23.28
N PHE C 1850 38.56 -2.81 -22.90
CA PHE C 1850 39.78 -2.31 -22.27
C PHE C 1850 40.99 -2.97 -22.89
N LEU C 1851 42.13 -2.29 -22.81
CA LEU C 1851 43.39 -2.82 -23.32
C LEU C 1851 43.94 -3.82 -22.31
N GLU C 1852 44.17 -5.04 -22.77
CA GLU C 1852 44.67 -6.12 -21.92
C GLU C 1852 45.96 -6.68 -22.50
N SER C 1853 46.90 -7.00 -21.61
CA SER C 1853 48.16 -7.60 -22.05
C SER C 1853 47.88 -8.96 -22.68
N ALA C 1854 48.28 -9.11 -23.95
CA ALA C 1854 48.05 -10.33 -24.71
C ALA C 1854 49.28 -11.22 -24.78
N GLU C 1855 50.29 -10.96 -23.96
CA GLU C 1855 51.50 -11.77 -23.97
C GLU C 1855 51.16 -13.24 -23.78
N THR C 1856 51.43 -14.04 -24.81
CA THR C 1856 51.19 -15.47 -24.72
C THR C 1856 52.26 -16.19 -23.91
N TRP C 1857 53.39 -15.53 -23.66
CA TRP C 1857 54.45 -16.07 -22.81
C TRP C 1857 55.05 -17.34 -23.40
N PHE C 1858 55.41 -17.25 -24.68
CA PHE C 1858 56.28 -18.24 -25.34
C PHE C 1858 55.69 -19.64 -25.28
N VAL C 1859 54.55 -19.82 -25.95
CA VAL C 1859 54.01 -21.15 -26.19
C VAL C 1859 54.78 -21.75 -27.34
N PRO C 1860 55.45 -22.90 -27.17
CA PRO C 1860 56.39 -23.37 -28.20
C PRO C 1860 55.73 -24.04 -29.40
N GLU C 1861 54.44 -24.35 -29.34
CA GLU C 1861 53.79 -25.09 -30.41
C GLU C 1861 53.52 -24.16 -31.58
N SER C 1862 54.26 -24.35 -32.68
CA SER C 1862 54.02 -23.59 -33.90
C SER C 1862 54.15 -24.46 -35.15
N VAL C 1863 54.23 -25.77 -35.00
CA VAL C 1863 54.34 -26.69 -36.14
C VAL C 1863 52.95 -27.15 -36.60
N GLN C 1864 52.09 -27.56 -35.65
CA GLN C 1864 50.71 -27.87 -36.02
C GLN C 1864 50.01 -26.63 -36.56
N GLN C 1865 50.20 -25.48 -35.91
CA GLN C 1865 49.84 -24.19 -36.47
C GLN C 1865 51.07 -23.67 -37.20
N MET C 1866 51.30 -24.25 -38.38
CA MET C 1866 52.58 -24.09 -39.06
C MET C 1866 52.87 -22.62 -39.34
N GLU C 1867 54.10 -22.21 -39.06
CA GLU C 1867 54.62 -20.90 -39.42
C GLU C 1867 53.68 -19.78 -38.97
N THR C 1868 53.29 -19.82 -37.70
CA THR C 1868 52.45 -18.77 -37.14
C THR C 1868 53.13 -17.42 -37.29
N LYS C 1869 52.56 -16.57 -38.13
CA LYS C 1869 53.19 -15.29 -38.45
C LYS C 1869 52.89 -14.25 -37.39
N THR C 1870 53.87 -13.39 -37.13
CA THR C 1870 53.74 -12.29 -36.19
C THR C 1870 53.37 -11.03 -36.95
N ILE C 1871 52.25 -10.43 -36.60
CA ILE C 1871 51.72 -9.25 -37.28
C ILE C 1871 51.72 -8.09 -36.29
N TYR C 1872 52.41 -7.01 -36.65
CA TYR C 1872 52.38 -5.78 -35.87
C TYR C 1872 51.24 -4.92 -36.40
N VAL C 1873 50.12 -4.92 -35.69
CA VAL C 1873 48.88 -4.37 -36.20
C VAL C 1873 48.93 -2.85 -36.15
N HIS C 1874 48.62 -2.22 -37.29
CA HIS C 1874 48.41 -0.78 -37.37
C HIS C 1874 46.96 -0.39 -37.30
N PHE C 1875 46.08 -1.18 -37.92
CA PHE C 1875 44.64 -0.95 -37.87
C PHE C 1875 43.93 -2.30 -37.81
N SER C 1876 42.79 -2.32 -37.11
CA SER C 1876 42.05 -3.56 -36.91
C SER C 1876 40.59 -3.24 -36.65
N CYS C 1877 39.76 -4.28 -36.78
CA CYS C 1877 38.33 -4.17 -36.53
C CYS C 1877 38.03 -4.54 -35.09
N PRO C 1878 37.35 -3.69 -34.32
CA PRO C 1878 37.11 -4.02 -32.90
C PRO C 1878 36.34 -5.31 -32.70
N HIS C 1879 35.36 -5.59 -33.56
CA HIS C 1879 34.48 -6.72 -33.39
C HIS C 1879 34.99 -7.92 -34.19
N ALA C 1880 34.88 -9.11 -33.59
CA ALA C 1880 35.24 -10.33 -34.29
C ALA C 1880 34.20 -10.67 -35.33
N LEU C 1881 34.66 -11.04 -36.53
CA LEU C 1881 33.78 -11.36 -37.64
C LEU C 1881 33.71 -12.86 -37.87
N ARG C 1882 32.49 -13.36 -38.05
CA ARG C 1882 32.29 -14.77 -38.33
C ARG C 1882 32.81 -15.11 -39.72
N VAL C 1883 33.31 -16.33 -39.88
CA VAL C 1883 33.73 -16.87 -41.16
C VAL C 1883 32.90 -18.12 -41.39
N GLN C 1884 33.14 -18.83 -42.50
CA GLN C 1884 32.37 -19.90 -43.10
C GLN C 1884 32.44 -21.16 -42.23
N ALA C 1885 31.79 -21.10 -41.07
CA ALA C 1885 31.72 -22.16 -40.08
C ALA C 1885 33.04 -22.37 -39.34
N LEU C 1886 34.10 -21.63 -39.70
CA LEU C 1886 35.38 -21.79 -39.01
C LEU C 1886 35.34 -21.15 -37.62
N GLY C 1887 34.76 -19.97 -37.51
CA GLY C 1887 34.66 -19.29 -36.24
C GLY C 1887 34.77 -17.79 -36.43
N PHE C 1888 34.68 -17.08 -35.30
CA PHE C 1888 34.79 -15.64 -35.29
C PHE C 1888 36.26 -15.22 -35.24
N PHE C 1889 36.65 -14.34 -36.15
CA PHE C 1889 38.01 -13.84 -36.21
C PHE C 1889 37.98 -12.35 -36.47
N TYR C 1890 38.75 -11.60 -35.70
CA TYR C 1890 38.88 -10.17 -35.92
C TYR C 1890 39.65 -9.90 -37.21
N LEU C 1891 39.39 -8.74 -37.80
CA LEU C 1891 40.09 -8.29 -38.99
C LEU C 1891 41.19 -7.31 -38.58
N VAL C 1892 42.43 -7.61 -38.95
CA VAL C 1892 43.59 -6.85 -38.51
C VAL C 1892 44.44 -6.49 -39.72
N GLN C 1893 44.88 -5.24 -39.80
CA GLN C 1893 45.80 -4.77 -40.81
C GLN C 1893 47.08 -4.28 -40.14
N GLY C 1894 48.22 -4.72 -40.65
CA GLY C 1894 49.47 -4.34 -40.04
C GLY C 1894 50.65 -4.78 -40.87
N HIS C 1895 51.81 -4.82 -40.22
CA HIS C 1895 53.08 -5.13 -40.88
C HIS C 1895 53.64 -6.43 -40.32
N VAL C 1896 54.36 -7.15 -41.19
CA VAL C 1896 55.09 -8.36 -40.82
C VAL C 1896 56.55 -8.15 -41.21
N GLN C 1897 57.46 -8.37 -40.26
CA GLN C 1897 58.89 -8.14 -40.47
C GLN C 1897 59.48 -9.35 -41.18
N GLU C 1898 59.27 -9.39 -42.50
CA GLU C 1898 59.82 -10.45 -43.34
C GLU C 1898 61.22 -10.04 -43.77
N GLY C 1899 62.23 -10.56 -43.07
CA GLY C 1899 63.60 -10.19 -43.36
C GLY C 1899 63.87 -8.71 -43.18
N ASN C 1900 63.19 -8.08 -42.23
CA ASN C 1900 63.09 -6.69 -41.78
C ASN C 1900 62.17 -5.81 -42.62
N ARG C 1901 61.59 -6.33 -43.70
CA ARG C 1901 60.65 -5.56 -44.50
C ARG C 1901 59.35 -5.37 -43.73
N GLU C 1902 58.84 -4.14 -43.71
CA GLU C 1902 57.55 -3.84 -43.10
C GLU C 1902 56.42 -4.12 -44.09
N VAL C 1903 56.27 -5.40 -44.43
CA VAL C 1903 55.32 -5.83 -45.45
C VAL C 1903 53.90 -5.64 -44.92
N PRO C 1904 53.09 -4.79 -45.54
CA PRO C 1904 51.69 -4.69 -45.12
C PRO C 1904 50.94 -5.99 -45.39
N VAL C 1905 50.03 -6.34 -44.48
CA VAL C 1905 49.23 -7.55 -44.61
C VAL C 1905 47.90 -7.32 -43.91
N VAL C 1906 46.89 -8.09 -44.33
CA VAL C 1906 45.58 -8.11 -43.70
C VAL C 1906 45.22 -9.55 -43.41
N ALA C 1907 44.83 -9.82 -42.16
CA ALA C 1907 44.62 -11.19 -41.73
C ALA C 1907 43.42 -11.25 -40.80
N LEU C 1908 42.95 -12.48 -40.56
CA LEU C 1908 41.88 -12.75 -39.60
C LEU C 1908 42.52 -13.23 -38.30
N ALA C 1909 42.38 -12.46 -37.24
CA ALA C 1909 43.06 -12.69 -35.97
C ALA C 1909 42.08 -13.10 -34.89
N GLU C 1910 42.46 -14.13 -34.12
CA GLU C 1910 41.69 -14.55 -32.96
C GLU C 1910 41.96 -13.71 -31.73
N ARG C 1911 43.03 -12.92 -31.73
CA ARG C 1911 43.45 -12.13 -30.58
C ARG C 1911 43.75 -10.69 -30.98
N ASN C 1912 42.73 -10.00 -31.51
CA ASN C 1912 42.89 -8.62 -31.96
C ASN C 1912 43.71 -7.83 -30.95
N ALA C 1913 44.81 -7.23 -31.42
CA ALA C 1913 45.78 -6.61 -30.54
C ALA C 1913 46.75 -5.82 -31.39
N SER C 1914 47.66 -5.12 -30.71
CA SER C 1914 48.74 -4.44 -31.41
C SER C 1914 49.64 -5.44 -32.13
N ILE C 1915 49.90 -6.58 -31.49
CA ILE C 1915 50.72 -7.64 -32.06
C ILE C 1915 49.93 -8.94 -32.00
N VAL C 1916 49.96 -9.71 -33.10
CA VAL C 1916 49.19 -10.93 -33.23
C VAL C 1916 50.10 -12.04 -33.72
N HIS C 1917 49.73 -13.28 -33.38
CA HIS C 1917 50.39 -14.48 -33.86
C HIS C 1917 49.32 -15.35 -34.52
N VAL C 1918 49.26 -15.33 -35.85
CA VAL C 1918 48.17 -15.94 -36.59
C VAL C 1918 48.73 -16.90 -37.64
N ARG C 1919 47.90 -17.88 -38.01
CA ARG C 1919 48.30 -18.85 -39.01
C ARG C 1919 48.43 -18.16 -40.37
N PRO C 1920 49.37 -18.59 -41.22
CA PRO C 1920 49.48 -17.96 -42.54
C PRO C 1920 48.22 -18.07 -43.38
N ASP C 1921 47.45 -19.15 -43.23
CA ASP C 1921 46.27 -19.32 -44.06
C ASP C 1921 45.28 -18.18 -43.87
N TYR C 1922 45.25 -17.58 -42.69
CA TYR C 1922 44.33 -16.49 -42.39
C TYR C 1922 44.92 -15.12 -42.70
N ILE C 1923 45.90 -15.04 -43.60
CA ILE C 1923 46.62 -13.81 -43.87
C ILE C 1923 46.55 -13.50 -45.36
N TYR C 1924 46.30 -12.23 -45.69
CA TYR C 1924 46.41 -11.72 -47.05
C TYR C 1924 47.68 -10.86 -47.11
N THR C 1925 48.68 -11.33 -47.85
CA THR C 1925 50.03 -10.79 -47.78
C THR C 1925 50.30 -9.70 -48.80
N GLU C 1926 49.33 -9.32 -49.63
CA GLU C 1926 49.58 -8.30 -50.64
C GLU C 1926 49.81 -6.94 -49.99
N ALA C 1927 50.70 -6.15 -50.58
CA ALA C 1927 50.99 -4.79 -50.13
C ALA C 1927 50.27 -3.74 -50.98
N ASP C 1928 49.09 -4.08 -51.49
CA ASP C 1928 48.37 -3.16 -52.35
C ASP C 1928 47.96 -1.90 -51.59
N ASN C 1929 48.36 -0.74 -52.10
CA ASN C 1929 47.97 0.52 -51.48
C ASN C 1929 46.48 0.82 -51.58
N ASN C 1930 45.78 0.19 -52.53
CA ASN C 1930 44.33 0.33 -52.58
C ASN C 1930 43.69 -0.10 -51.28
N LEU C 1931 44.25 -1.13 -50.64
CA LEU C 1931 43.91 -1.49 -49.26
C LEU C 1931 44.65 -0.54 -48.31
N SER C 1932 44.32 0.74 -48.43
CA SER C 1932 45.07 1.81 -47.78
C SER C 1932 44.95 1.73 -46.26
N GLU C 1933 45.68 2.60 -45.57
CA GLU C 1933 45.69 2.59 -44.11
C GLU C 1933 44.28 2.87 -43.57
N GLY C 1934 43.83 2.03 -42.64
CA GLY C 1934 42.53 2.21 -42.03
C GLY C 1934 41.39 1.82 -42.95
N GLY C 1935 41.29 2.52 -44.08
CA GLY C 1935 40.20 2.24 -45.01
C GLY C 1935 40.25 0.83 -45.56
N GLY C 1936 41.45 0.34 -45.88
CA GLY C 1936 41.56 -1.01 -46.40
C GLY C 1936 41.05 -2.04 -45.42
N SER C 1937 41.42 -1.91 -44.15
CA SER C 1937 40.89 -2.82 -43.14
C SER C 1937 39.38 -2.69 -43.02
N LEU C 1938 38.86 -1.46 -43.10
CA LEU C 1938 37.41 -1.26 -43.09
C LEU C 1938 36.74 -2.08 -44.18
N MET C 1939 37.22 -1.93 -45.43
CA MET C 1939 36.60 -2.62 -46.54
C MET C 1939 36.75 -4.13 -46.41
N VAL C 1940 37.92 -4.60 -45.97
CA VAL C 1940 38.12 -6.03 -45.84
C VAL C 1940 37.21 -6.61 -44.77
N THR C 1941 36.99 -5.87 -43.68
CA THR C 1941 36.06 -6.29 -42.65
C THR C 1941 34.64 -6.40 -43.21
N VAL C 1942 34.21 -5.35 -43.90
CA VAL C 1942 32.85 -5.35 -44.47
C VAL C 1942 32.69 -6.52 -45.42
N LEU C 1943 33.70 -6.78 -46.25
CA LEU C 1943 33.61 -7.86 -47.22
C LEU C 1943 33.66 -9.22 -46.57
N ALA C 1944 34.42 -9.36 -45.47
CA ALA C 1944 34.40 -10.62 -44.73
C ALA C 1944 33.01 -10.89 -44.20
N ALA C 1945 32.35 -9.87 -43.64
CA ALA C 1945 30.98 -10.04 -43.15
C ALA C 1945 30.05 -10.43 -44.29
N ALA C 1946 30.14 -9.74 -45.42
CA ALA C 1946 29.26 -10.03 -46.54
C ALA C 1946 29.49 -11.43 -47.08
N VAL C 1947 30.76 -11.84 -47.22
CA VAL C 1947 31.07 -13.16 -47.73
C VAL C 1947 30.58 -14.23 -46.79
N LEU C 1948 30.73 -14.01 -45.48
CA LEU C 1948 30.19 -14.97 -44.51
C LEU C 1948 28.68 -15.10 -44.67
N ALA C 1949 27.98 -13.97 -44.77
CA ALA C 1949 26.53 -14.01 -44.87
C ALA C 1949 26.10 -14.76 -46.13
N GLU C 1950 26.76 -14.49 -47.26
CA GLU C 1950 26.39 -15.17 -48.49
C GLU C 1950 26.74 -16.66 -48.43
N THR C 1951 27.89 -17.00 -47.85
CA THR C 1951 28.35 -18.39 -47.88
C THR C 1951 27.54 -19.31 -46.98
N VAL C 1952 27.27 -18.89 -45.74
CA VAL C 1952 26.54 -19.78 -44.84
C VAL C 1952 25.15 -20.06 -45.37
N ILE C 1953 24.46 -19.03 -45.87
CA ILE C 1953 23.13 -19.24 -46.42
C ILE C 1953 23.22 -20.02 -47.73
N SER C 1954 24.19 -19.71 -48.57
CA SER C 1954 24.35 -20.38 -49.85
C SER C 1954 25.69 -21.11 -49.92
N VAL C 1961 20.68 -23.11 -48.50
CA VAL C 1961 20.49 -22.64 -49.87
C VAL C 1961 19.29 -21.72 -49.94
N THR C 1962 19.40 -20.65 -50.72
CA THR C 1962 18.32 -19.70 -50.90
C THR C 1962 18.41 -19.08 -52.28
N ASP C 1963 17.26 -18.58 -52.75
CA ASP C 1963 17.20 -17.82 -53.99
C ASP C 1963 17.04 -16.32 -53.76
N SER C 1964 16.65 -15.90 -52.56
CA SER C 1964 16.57 -14.50 -52.22
C SER C 1964 16.56 -14.37 -50.70
N ILE C 1965 17.20 -13.34 -50.18
CA ILE C 1965 17.32 -13.10 -48.75
C ILE C 1965 17.04 -11.62 -48.47
N LEU C 1966 17.13 -11.25 -47.20
CA LEU C 1966 16.95 -9.88 -46.76
C LEU C 1966 17.98 -9.55 -45.69
N VAL C 1967 18.53 -8.35 -45.77
CA VAL C 1967 19.51 -7.85 -44.81
C VAL C 1967 18.94 -6.59 -44.16
N LEU C 1968 18.96 -6.55 -42.84
CA LEU C 1968 18.34 -5.47 -42.08
C LEU C 1968 19.41 -4.58 -41.48
N ASN C 1969 19.30 -3.28 -41.75
CA ASN C 1969 20.21 -2.27 -41.21
C ASN C 1969 21.66 -2.70 -41.32
N PRO C 1970 22.15 -3.02 -42.52
CA PRO C 1970 23.56 -3.34 -42.69
C PRO C 1970 24.41 -2.09 -42.59
N PRO C 1971 25.72 -2.24 -42.36
CA PRO C 1971 26.59 -1.05 -42.34
C PRO C 1971 26.51 -0.30 -43.66
N SER C 1972 26.66 1.02 -43.57
CA SER C 1972 26.52 1.88 -44.75
C SER C 1972 27.39 1.37 -45.90
N ILE C 1973 28.64 1.02 -45.60
CA ILE C 1973 29.50 0.45 -46.63
C ILE C 1973 29.00 -0.91 -47.07
N CYS C 1974 28.36 -1.64 -46.16
CA CYS C 1974 28.06 -3.05 -46.42
C CYS C 1974 27.13 -3.23 -47.61
N GLY C 1975 26.04 -2.46 -47.65
CA GLY C 1975 25.02 -2.63 -48.68
C GLY C 1975 25.54 -2.92 -50.06
N GLN C 1976 26.40 -2.05 -50.59
CA GLN C 1976 26.92 -2.23 -51.94
C GLN C 1976 27.74 -3.51 -52.04
N MET C 1977 28.54 -3.81 -51.01
CA MET C 1977 29.34 -5.02 -51.01
C MET C 1977 28.46 -6.27 -51.03
N LEU C 1978 27.39 -6.25 -50.25
CA LEU C 1978 26.44 -7.35 -50.22
C LEU C 1978 25.79 -7.53 -51.58
N LEU C 1979 25.44 -6.42 -52.24
CA LEU C 1979 24.86 -6.50 -53.58
C LEU C 1979 25.87 -7.12 -54.55
N HIS C 1980 27.13 -6.71 -54.46
CA HIS C 1980 28.17 -7.27 -55.32
C HIS C 1980 28.32 -8.76 -55.08
N ALA C 1981 28.32 -9.18 -53.82
CA ALA C 1981 28.46 -10.60 -53.50
C ALA C 1981 27.27 -11.39 -54.02
N GLY C 1982 26.07 -10.84 -53.88
CA GLY C 1982 24.89 -11.50 -54.43
C GLY C 1982 24.98 -11.66 -55.93
N GLU C 1983 25.45 -10.62 -56.62
CA GLU C 1983 25.65 -10.72 -58.06
C GLU C 1983 26.69 -11.78 -58.41
N GLU C 1984 27.77 -11.86 -57.63
CA GLU C 1984 28.84 -12.81 -57.88
C GLU C 1984 28.47 -14.24 -57.50
N ILE C 1985 27.42 -14.43 -56.70
CA ILE C 1985 27.00 -15.77 -56.30
C ILE C 1985 25.61 -16.05 -56.85
N GLY C 1986 25.08 -15.12 -57.65
CA GLY C 1986 23.77 -15.32 -58.24
C GLY C 1986 22.65 -15.42 -57.23
N LEU C 1987 22.67 -14.56 -56.21
CA LEU C 1987 21.66 -14.55 -55.17
C LEU C 1987 21.05 -13.16 -55.08
N GLN C 1988 19.72 -13.09 -55.04
CA GLN C 1988 19.00 -11.83 -54.96
C GLN C 1988 18.97 -11.37 -53.51
N VAL C 1989 19.81 -10.40 -53.18
CA VAL C 1989 19.94 -9.88 -51.82
C VAL C 1989 19.21 -8.56 -51.72
N HIS C 1990 18.31 -8.45 -50.74
CA HIS C 1990 17.54 -7.24 -50.50
C HIS C 1990 18.10 -6.53 -49.27
N LEU C 1991 18.26 -5.21 -49.39
CA LEU C 1991 18.80 -4.39 -48.31
C LEU C 1991 17.69 -3.62 -47.64
N ALA C 1992 17.62 -3.72 -46.31
CA ALA C 1992 16.67 -2.97 -45.51
C ALA C 1992 17.42 -2.13 -44.49
N THR C 1993 17.03 -0.86 -44.36
CA THR C 1993 17.67 0.06 -43.44
C THR C 1993 16.61 0.77 -42.62
N THR C 1994 16.97 1.11 -41.39
CA THR C 1994 16.08 1.80 -40.46
C THR C 1994 16.34 3.30 -40.41
N SER C 1995 17.16 3.82 -41.31
CA SER C 1995 17.46 5.25 -41.35
C SER C 1995 16.17 6.07 -41.49
N SER C 2008 19.41 -0.63 -54.46
CA SER C 2008 18.73 0.35 -53.64
C SER C 2008 18.37 -0.25 -52.28
N TRP C 2009 18.12 0.63 -51.31
CA TRP C 2009 17.77 0.21 -49.95
C TRP C 2009 16.27 0.37 -49.72
N LEU C 2010 15.72 -0.53 -48.90
CA LEU C 2010 14.34 -0.43 -48.46
C LEU C 2010 14.32 0.30 -47.13
N THR C 2011 13.94 1.59 -47.16
CA THR C 2011 14.02 2.45 -45.98
C THR C 2011 12.90 2.09 -45.01
N LEU C 2012 13.08 0.96 -44.32
CA LEU C 2012 12.18 0.57 -43.27
C LEU C 2012 12.37 1.47 -42.05
N HIS C 2013 11.59 1.22 -41.02
CA HIS C 2013 11.70 1.97 -39.77
C HIS C 2013 11.40 1.04 -38.61
N ALA C 2014 12.12 1.24 -37.51
CA ALA C 2014 11.84 0.47 -36.31
C ALA C 2014 10.43 0.74 -35.83
N ARG C 2015 9.81 -0.29 -35.25
CA ARG C 2015 8.43 -0.24 -34.77
C ARG C 2015 7.43 -0.22 -35.93
N ASP C 2016 7.85 -0.56 -37.14
CA ASP C 2016 6.93 -0.65 -38.25
C ASP C 2016 5.92 -1.77 -38.04
N THR C 2017 4.69 -1.55 -38.50
CA THR C 2017 3.65 -2.54 -38.34
C THR C 2017 3.93 -3.76 -39.21
N ASP C 2018 3.59 -4.94 -38.68
CA ASP C 2018 3.78 -6.17 -39.44
C ASP C 2018 3.01 -6.14 -40.75
N TRP C 2019 1.85 -5.47 -40.78
CA TRP C 2019 1.11 -5.35 -42.02
C TRP C 2019 1.89 -4.55 -43.05
N HIS C 2020 2.56 -3.48 -42.62
CA HIS C 2020 3.41 -2.73 -43.53
C HIS C 2020 4.54 -3.59 -44.05
N LEU C 2021 5.14 -4.41 -43.19
CA LEU C 2021 6.19 -5.31 -43.64
C LEU C 2021 5.67 -6.29 -44.68
N ARG C 2022 4.47 -6.83 -44.47
CA ARG C 2022 3.85 -7.67 -45.49
C ARG C 2022 3.69 -6.90 -46.79
N ARG C 2023 3.25 -5.65 -46.70
CA ARG C 2023 3.01 -4.86 -47.91
C ARG C 2023 4.30 -4.64 -48.69
N VAL C 2024 5.39 -4.33 -48.00
CA VAL C 2024 6.62 -3.89 -48.66
C VAL C 2024 7.62 -5.04 -48.81
N LEU C 2025 7.82 -5.85 -47.77
CA LEU C 2025 8.86 -6.86 -47.81
C LEU C 2025 8.57 -7.88 -48.91
N PRO C 2026 9.55 -8.26 -49.71
CA PRO C 2026 9.32 -9.33 -50.70
C PRO C 2026 9.00 -10.64 -50.01
N ARG C 2027 8.11 -11.41 -50.63
CA ARG C 2027 7.71 -12.70 -50.08
C ARG C 2027 8.59 -13.85 -50.54
N GLY C 2028 9.54 -13.60 -51.43
CA GLY C 2028 10.49 -14.62 -51.85
C GLY C 2028 11.68 -14.80 -50.97
N VAL C 2029 11.76 -14.06 -49.87
CA VAL C 2029 12.91 -14.15 -48.98
C VAL C 2029 12.87 -15.45 -48.20
N GLN C 2030 14.01 -16.16 -48.18
CA GLN C 2030 14.14 -17.40 -47.43
C GLN C 2030 15.04 -17.27 -46.21
N ALA C 2031 15.77 -16.17 -46.08
CA ALA C 2031 16.68 -15.97 -44.95
C ALA C 2031 16.71 -14.49 -44.59
N LEU C 2032 16.83 -14.21 -43.29
CA LEU C 2032 16.93 -12.85 -42.79
C LEU C 2032 18.24 -12.70 -42.02
N VAL C 2033 18.95 -11.60 -42.29
CA VAL C 2033 20.23 -11.30 -41.66
C VAL C 2033 20.09 -9.94 -41.00
N ASP C 2034 20.11 -9.91 -39.67
CA ASP C 2034 19.99 -8.66 -38.92
C ASP C 2034 21.38 -8.23 -38.47
N LEU C 2035 21.93 -7.22 -39.16
CA LEU C 2035 23.22 -6.66 -38.82
C LEU C 2035 23.09 -5.35 -38.05
N SER C 2036 21.90 -5.02 -37.56
CA SER C 2036 21.67 -3.74 -36.91
C SER C 2036 22.57 -3.60 -35.68
N ALA C 2037 23.44 -2.58 -35.71
CA ALA C 2037 24.24 -2.27 -34.53
C ALA C 2037 23.34 -1.89 -33.36
N ASP C 2038 22.32 -1.08 -33.62
CA ASP C 2038 21.33 -0.74 -32.60
C ASP C 2038 20.41 -1.93 -32.40
N GLN C 2039 20.24 -2.36 -31.15
CA GLN C 2039 19.44 -3.54 -30.85
C GLN C 2039 17.95 -3.25 -30.75
N SER C 2040 17.54 -1.98 -30.88
CA SER C 2040 16.13 -1.65 -30.86
C SER C 2040 15.37 -2.27 -32.02
N CYS C 2041 16.08 -2.63 -33.09
CA CYS C 2041 15.43 -3.25 -34.25
C CYS C 2041 15.11 -4.72 -34.04
N GLU C 2042 15.32 -5.24 -32.82
CA GLU C 2042 14.98 -6.64 -32.55
C GLU C 2042 13.48 -6.86 -32.71
N GLY C 2043 12.67 -5.90 -32.25
CA GLY C 2043 11.24 -6.01 -32.46
C GLY C 2043 10.87 -6.02 -33.93
N LEU C 2044 11.52 -5.17 -34.72
CA LEU C 2044 11.29 -5.16 -36.16
C LEU C 2044 11.64 -6.52 -36.76
N THR C 2045 12.75 -7.10 -36.33
CA THR C 2045 13.15 -8.41 -36.82
C THR C 2045 12.11 -9.48 -36.44
N GLN C 2046 11.62 -9.41 -35.21
CA GLN C 2046 10.59 -10.37 -34.78
C GLN C 2046 9.34 -10.24 -35.64
N ARG C 2047 8.92 -9.01 -35.93
CA ARG C 2047 7.77 -8.81 -36.80
C ARG C 2047 8.06 -9.31 -38.20
N MET C 2048 9.30 -9.17 -38.67
CA MET C 2048 9.68 -9.72 -39.97
C MET C 2048 9.49 -11.23 -39.98
N MET C 2049 9.89 -11.90 -38.89
CA MET C 2049 9.75 -13.35 -38.82
C MET C 2049 8.30 -13.78 -38.96
N LYS C 2050 7.35 -12.93 -38.56
CA LYS C 2050 5.93 -13.26 -38.68
C LYS C 2050 5.37 -13.04 -40.08
N VAL C 2051 6.07 -12.30 -40.93
CA VAL C 2051 5.58 -12.00 -42.27
C VAL C 2051 6.40 -12.67 -43.35
N LEU C 2052 7.68 -12.94 -43.09
CA LEU C 2052 8.52 -13.60 -44.07
C LEU C 2052 8.07 -15.05 -44.25
N MET C 2053 8.74 -15.76 -45.15
CA MET C 2053 8.40 -17.15 -45.42
C MET C 2053 8.55 -17.97 -44.14
N PRO C 2054 7.55 -18.76 -43.75
CA PRO C 2054 7.71 -19.60 -42.56
C PRO C 2054 8.92 -20.52 -42.71
N GLY C 2055 9.65 -20.67 -41.61
CA GLY C 2055 10.92 -21.39 -41.63
C GLY C 2055 12.09 -20.58 -42.14
N CYS C 2056 11.89 -19.29 -42.42
CA CYS C 2056 12.97 -18.46 -42.92
C CYS C 2056 14.13 -18.44 -41.94
N ALA C 2057 15.33 -18.66 -42.45
CA ALA C 2057 16.52 -18.65 -41.61
C ALA C 2057 16.77 -17.25 -41.05
N HIS C 2058 17.12 -17.19 -39.77
CA HIS C 2058 17.32 -15.93 -39.07
C HIS C 2058 18.73 -15.87 -38.53
N TYR C 2059 19.47 -14.82 -38.91
CA TYR C 2059 20.79 -14.54 -38.39
C TYR C 2059 20.81 -13.13 -37.80
N ARG C 2060 21.34 -13.02 -36.59
CA ARG C 2060 21.44 -11.75 -35.88
C ARG C 2060 22.86 -11.22 -35.96
N ALA C 2061 23.03 -9.97 -35.51
CA ALA C 2061 24.36 -9.36 -35.50
C ALA C 2061 25.31 -10.17 -34.63
N ALA C 2062 24.80 -10.74 -33.54
CA ALA C 2062 25.63 -11.59 -32.68
C ALA C 2062 26.09 -12.84 -33.41
N ASP C 2063 25.38 -13.24 -34.46
CA ASP C 2063 25.77 -14.42 -35.24
C ASP C 2063 26.85 -14.11 -36.26
N LEU C 2064 27.19 -12.84 -36.46
CA LEU C 2064 28.26 -12.47 -37.39
C LEU C 2064 29.34 -11.66 -36.67
N PHE C 2065 28.92 -10.82 -35.73
CA PHE C 2065 29.84 -9.98 -34.97
C PHE C 2065 29.75 -10.32 -33.49
N THR C 2066 30.91 -10.45 -32.84
CA THR C 2066 30.96 -10.75 -31.42
C THR C 2066 32.22 -10.14 -30.84
N ASP C 2067 32.18 -9.89 -29.53
CA ASP C 2067 33.31 -9.33 -28.80
C ASP C 2067 34.16 -10.40 -28.13
N THR C 2068 33.78 -11.67 -28.23
CA THR C 2068 34.50 -12.77 -27.58
C THR C 2068 34.75 -13.87 -28.61
N VAL C 2069 35.97 -14.40 -28.63
CA VAL C 2069 36.34 -15.49 -29.52
C VAL C 2069 36.66 -16.76 -28.75
N SER C 2070 37.32 -16.63 -27.59
CA SER C 2070 37.67 -17.78 -26.77
C SER C 2070 38.54 -18.76 -27.55
N LEU C 2083 41.13 -22.91 -43.73
CA LEU C 2083 40.59 -21.88 -44.63
C LEU C 2083 41.04 -22.15 -46.07
N PRO C 2084 40.16 -21.89 -47.05
CA PRO C 2084 40.59 -22.00 -48.44
C PRO C 2084 41.28 -20.72 -48.89
N ALA C 2085 42.40 -20.87 -49.60
CA ALA C 2085 43.18 -19.71 -50.01
C ALA C 2085 42.36 -18.74 -50.86
N ALA C 2086 41.36 -19.25 -51.57
CA ALA C 2086 40.52 -18.40 -52.41
C ALA C 2086 39.59 -17.51 -51.60
N TYR C 2087 39.45 -17.74 -50.29
CA TYR C 2087 38.54 -16.95 -49.50
C TYR C 2087 38.95 -15.48 -49.49
N TRP C 2088 40.21 -15.19 -49.14
CA TRP C 2088 40.65 -13.81 -49.10
C TRP C 2088 40.78 -13.22 -50.51
N GLU C 2089 41.06 -14.05 -51.50
CA GLU C 2089 41.07 -13.56 -52.88
C GLU C 2089 39.68 -13.04 -53.27
N HIS C 2090 38.65 -13.82 -52.97
CA HIS C 2090 37.28 -13.38 -53.24
C HIS C 2090 36.93 -12.15 -52.42
N VAL C 2091 37.36 -12.11 -51.16
CA VAL C 2091 37.08 -10.96 -50.30
C VAL C 2091 37.66 -9.69 -50.91
N VAL C 2092 38.93 -9.73 -51.30
CA VAL C 2092 39.56 -8.53 -51.86
C VAL C 2092 38.99 -8.20 -53.23
N SER C 2093 38.64 -9.20 -54.03
CA SER C 2093 38.03 -8.92 -55.32
C SER C 2093 36.71 -8.17 -55.14
N LEU C 2094 35.90 -8.60 -54.17
CA LEU C 2094 34.66 -7.88 -53.89
C LEU C 2094 34.94 -6.49 -53.35
N ALA C 2095 35.95 -6.36 -52.47
CA ALA C 2095 36.24 -5.06 -51.87
C ALA C 2095 36.70 -4.06 -52.92
N ARG C 2096 37.43 -4.53 -53.93
CA ARG C 2096 37.91 -3.65 -54.98
C ARG C 2096 36.78 -3.10 -55.83
N GLN C 2097 35.59 -3.72 -55.79
CA GLN C 2097 34.45 -3.17 -56.50
C GLN C 2097 33.88 -1.96 -55.78
N GLY C 2098 33.79 -2.02 -54.45
CA GLY C 2098 33.16 -0.98 -53.66
C GLY C 2098 34.08 -0.07 -52.88
N LEU C 2099 35.39 -0.11 -53.12
CA LEU C 2099 36.29 0.83 -52.45
C LEU C 2099 35.80 2.27 -52.52
N PRO C 2100 35.36 2.80 -53.67
CA PRO C 2100 34.99 4.23 -53.73
C PRO C 2100 33.77 4.60 -52.91
N SER C 2101 33.11 3.65 -52.25
CA SER C 2101 31.89 3.97 -51.51
C SER C 2101 32.14 4.98 -50.40
N VAL C 2102 33.34 4.99 -49.82
CA VAL C 2102 33.68 5.87 -48.71
C VAL C 2102 35.15 6.25 -48.81
N SER C 2103 35.57 7.18 -47.96
CA SER C 2103 36.96 7.58 -47.88
C SER C 2103 37.75 6.58 -47.03
N GLU C 2104 39.07 6.76 -47.02
CA GLU C 2104 39.93 5.85 -46.28
C GLU C 2104 39.67 5.94 -44.78
N GLY C 2105 39.68 7.16 -44.24
CA GLY C 2105 39.46 7.36 -42.82
C GLY C 2105 38.01 7.64 -42.49
N TRP C 2106 37.10 6.76 -42.93
CA TRP C 2106 35.69 6.97 -42.68
C TRP C 2106 35.39 6.96 -41.18
N GLU C 2107 35.97 6.00 -40.46
CA GLU C 2107 35.81 5.92 -39.01
C GLU C 2107 37.08 5.32 -38.44
N VAL C 2108 38.00 6.17 -38.01
CA VAL C 2108 39.28 5.75 -37.43
C VAL C 2108 39.42 6.41 -36.07
N MET C 2109 39.62 5.58 -35.04
CA MET C 2109 39.82 6.06 -33.69
C MET C 2109 40.93 5.24 -33.03
N PRO C 2110 41.75 5.85 -32.19
CA PRO C 2110 42.80 5.08 -31.51
C PRO C 2110 42.21 4.06 -30.55
N CYS C 2111 43.00 3.02 -30.26
CA CYS C 2111 42.54 1.98 -29.36
C CYS C 2111 42.19 2.54 -27.98
N THR C 2112 42.97 3.52 -27.51
CA THR C 2112 42.68 4.13 -26.22
C THR C 2112 41.32 4.81 -26.23
N GLN C 2113 41.03 5.58 -27.28
CA GLN C 2113 39.74 6.25 -27.37
C GLN C 2113 38.60 5.24 -27.45
N PHE C 2114 38.79 4.17 -28.21
CA PHE C 2114 37.76 3.15 -28.31
C PHE C 2114 37.49 2.52 -26.94
N ALA C 2115 38.56 2.15 -26.23
CA ALA C 2115 38.38 1.54 -24.92
C ALA C 2115 37.69 2.49 -23.96
N ALA C 2116 38.06 3.77 -24.00
CA ALA C 2116 37.48 4.74 -23.08
C ALA C 2116 36.02 5.03 -23.40
N HIS C 2117 35.65 5.04 -24.68
CA HIS C 2117 34.34 5.52 -25.10
C HIS C 2117 33.48 4.48 -25.82
N ALA C 2118 34.07 3.47 -26.43
CA ALA C 2118 33.27 2.49 -27.16
C ALA C 2118 32.44 1.65 -26.19
N ASP C 2119 31.39 1.03 -26.72
CA ASP C 2119 30.47 0.23 -25.93
C ASP C 2119 30.17 -1.08 -26.66
N LYS C 2120 30.14 -2.17 -25.91
CA LYS C 2120 29.83 -3.46 -26.51
C LYS C 2120 28.37 -3.54 -26.95
N THR C 2121 27.45 -3.08 -26.12
CA THR C 2121 26.02 -3.19 -26.45
C THR C 2121 25.70 -2.43 -27.73
N ARG C 2122 26.49 -1.41 -28.05
CA ARG C 2122 26.32 -0.68 -29.31
C ARG C 2122 27.53 -0.95 -30.20
N PRO C 2123 27.60 -2.12 -30.84
CA PRO C 2123 28.75 -2.41 -31.70
C PRO C 2123 28.71 -1.57 -32.98
N ASP C 2124 29.56 -0.54 -33.03
CA ASP C 2124 29.59 0.37 -34.18
C ASP C 2124 30.33 -0.31 -35.31
N LEU C 2125 29.60 -1.14 -36.05
CA LEU C 2125 30.18 -1.82 -37.19
C LEU C 2125 30.79 -0.81 -38.16
N SER C 2126 31.71 -1.28 -38.98
CA SER C 2126 32.50 -0.42 -39.87
C SER C 2126 33.37 0.57 -39.10
N THR C 2127 33.64 0.28 -37.83
CA THR C 2127 34.59 1.04 -37.03
C THR C 2127 35.93 0.34 -37.06
N VAL C 2128 37.01 1.12 -37.05
CA VAL C 2128 38.36 0.60 -37.15
C VAL C 2128 39.21 1.25 -36.06
N ILE C 2129 40.08 0.46 -35.45
CA ILE C 2129 40.96 0.93 -34.38
C ILE C 2129 42.32 1.25 -34.96
N SER C 2130 42.84 2.43 -34.63
CA SER C 2130 44.18 2.85 -35.06
C SER C 2130 45.16 2.48 -33.95
N TRP C 2131 45.74 1.29 -34.05
CA TRP C 2131 46.68 0.83 -33.03
C TRP C 2131 47.93 1.70 -33.07
N PRO C 2132 48.34 2.30 -31.95
CA PRO C 2132 49.55 3.14 -31.96
C PRO C 2132 50.78 2.32 -32.31
N ARG C 2133 51.71 2.95 -33.03
CA ARG C 2133 52.96 2.32 -33.44
C ARG C 2133 54.17 2.87 -32.73
N GLU C 2134 54.23 4.19 -32.51
CA GLU C 2134 55.34 4.77 -31.78
C GLU C 2134 55.24 4.42 -30.30
N SER C 2135 56.41 4.20 -29.68
CA SER C 2135 56.41 3.86 -28.26
C SER C 2135 55.72 4.94 -27.43
N ASP C 2136 55.93 6.20 -27.79
CA ASP C 2136 55.25 7.28 -27.08
C ASP C 2136 53.73 7.16 -27.19
N GLU C 2137 53.24 6.85 -28.40
CA GLU C 2137 51.81 6.67 -28.60
C GLU C 2137 51.35 5.31 -28.06
N ALA C 2138 52.21 4.29 -28.11
CA ALA C 2138 51.80 2.95 -27.75
C ALA C 2138 52.07 2.61 -26.28
N THR C 2139 52.98 3.32 -25.63
CA THR C 2139 53.24 3.08 -24.21
C THR C 2139 52.05 3.60 -23.42
N LEU C 2140 51.16 2.68 -23.03
CA LEU C 2140 49.88 3.01 -22.44
C LEU C 2140 49.63 2.13 -21.22
N PRO C 2141 48.76 2.57 -20.31
CA PRO C 2141 48.39 1.71 -19.18
C PRO C 2141 47.50 0.57 -19.62
N THR C 2142 48.06 -0.64 -19.66
CA THR C 2142 47.35 -1.82 -20.12
C THR C 2142 46.88 -2.65 -18.92
N ARG C 2143 45.63 -3.07 -18.96
CA ARG C 2143 45.09 -3.92 -17.91
C ARG C 2143 45.79 -5.28 -17.96
N VAL C 2144 46.67 -5.53 -17.00
CA VAL C 2144 47.51 -6.71 -17.01
C VAL C 2144 46.64 -7.96 -17.13
N ARG C 2145 47.19 -9.01 -17.72
CA ARG C 2145 46.50 -10.29 -17.87
C ARG C 2145 47.14 -11.32 -16.95
N SER C 2146 46.31 -12.21 -16.40
CA SER C 2146 46.82 -13.26 -15.54
C SER C 2146 47.77 -14.17 -16.32
N ILE C 2147 48.80 -14.66 -15.63
CA ILE C 2147 49.79 -15.50 -16.29
C ILE C 2147 49.14 -16.74 -16.87
N ASP C 2148 48.09 -17.23 -16.22
CA ASP C 2148 47.40 -18.45 -16.64
C ASP C 2148 46.07 -18.17 -17.33
N ALA C 2149 45.87 -16.94 -17.83
CA ALA C 2149 44.65 -16.63 -18.56
C ALA C 2149 44.63 -17.19 -19.96
N GLU C 2150 45.76 -17.70 -20.47
CA GLU C 2150 45.85 -18.26 -21.80
C GLU C 2150 46.63 -19.56 -21.75
N THR C 2151 46.38 -20.43 -22.72
CA THR C 2151 47.05 -21.71 -22.78
C THR C 2151 48.56 -21.51 -22.80
N LEU C 2152 49.26 -22.29 -21.96
CA LEU C 2152 50.70 -22.18 -21.84
C LEU C 2152 51.45 -23.43 -22.26
N PHE C 2153 50.75 -24.51 -22.58
CA PHE C 2153 51.36 -25.81 -22.83
C PHE C 2153 50.98 -26.34 -24.20
N ALA C 2154 51.85 -27.18 -24.75
CA ALA C 2154 51.61 -27.81 -26.05
C ALA C 2154 50.88 -29.14 -25.87
N ALA C 2155 50.13 -29.53 -26.89
CA ALA C 2155 49.34 -30.75 -26.87
C ALA C 2155 50.12 -31.96 -27.39
N ASP C 2156 51.35 -31.78 -27.86
CA ASP C 2156 52.15 -32.86 -28.42
C ASP C 2156 53.34 -33.21 -27.53
N LYS C 2157 53.22 -32.99 -26.22
CA LYS C 2157 54.30 -33.26 -25.29
C LYS C 2157 53.73 -33.76 -23.98
N THR C 2158 54.56 -34.51 -23.24
CA THR C 2158 54.22 -35.00 -21.92
C THR C 2158 54.88 -34.14 -20.86
N TYR C 2159 54.12 -33.83 -19.81
CA TYR C 2159 54.61 -33.05 -18.69
C TYR C 2159 54.68 -33.95 -17.46
N LEU C 2160 55.89 -34.10 -16.91
CA LEU C 2160 56.18 -35.09 -15.88
C LEU C 2160 56.19 -34.42 -14.53
N LEU C 2161 55.19 -34.71 -13.71
CA LEU C 2161 55.11 -34.15 -12.35
C LEU C 2161 55.75 -35.17 -11.41
N VAL C 2162 57.06 -35.00 -11.21
CA VAL C 2162 57.83 -35.94 -10.41
C VAL C 2162 57.61 -35.62 -8.93
N GLY C 2163 57.16 -36.63 -8.18
CA GLY C 2163 56.84 -36.43 -6.78
C GLY C 2163 55.51 -35.77 -6.54
N LEU C 2164 54.76 -35.44 -7.59
CA LEU C 2164 53.49 -34.72 -7.48
C LEU C 2164 52.36 -35.69 -7.76
N THR C 2165 51.97 -36.43 -6.72
CA THR C 2165 50.82 -37.32 -6.77
C THR C 2165 49.82 -37.08 -5.66
N GLY C 2166 50.16 -36.29 -4.64
CA GLY C 2166 49.21 -35.87 -3.65
C GLY C 2166 48.26 -34.83 -4.21
N ASP C 2167 47.42 -34.30 -3.33
CA ASP C 2167 46.42 -33.33 -3.77
C ASP C 2167 47.05 -32.13 -4.47
N LEU C 2168 48.24 -31.70 -4.03
CA LEU C 2168 48.93 -30.62 -4.72
C LEU C 2168 49.26 -31.01 -6.15
N GLY C 2169 49.84 -32.20 -6.33
CA GLY C 2169 50.17 -32.65 -7.67
C GLY C 2169 48.95 -32.82 -8.55
N ARG C 2170 47.87 -33.36 -7.99
CA ARG C 2170 46.64 -33.53 -8.75
C ARG C 2170 46.08 -32.18 -9.18
N SER C 2171 46.06 -31.21 -8.26
CA SER C 2171 45.57 -29.89 -8.61
C SER C 2171 46.43 -29.26 -9.71
N LEU C 2172 47.75 -29.39 -9.60
CA LEU C 2172 48.63 -28.82 -10.62
C LEU C 2172 48.40 -29.48 -11.97
N GLY C 2173 48.19 -30.81 -11.97
CA GLY C 2173 47.95 -31.50 -13.22
C GLY C 2173 46.64 -31.11 -13.87
N ARG C 2174 45.58 -31.00 -13.06
CA ARG C 2174 44.30 -30.58 -13.62
C ARG C 2174 44.38 -29.15 -14.16
N TRP C 2175 45.10 -28.28 -13.45
CA TRP C 2175 45.31 -26.93 -13.96
C TRP C 2175 46.07 -26.97 -15.28
N MET C 2176 47.11 -27.82 -15.36
CA MET C 2176 47.88 -27.95 -16.60
C MET C 2176 46.97 -28.33 -17.76
N VAL C 2177 46.18 -29.39 -17.58
CA VAL C 2177 45.29 -29.82 -18.67
C VAL C 2177 44.30 -28.72 -19.00
N GLN C 2178 43.83 -27.99 -17.99
CA GLN C 2178 42.99 -26.82 -18.27
C GLN C 2178 43.74 -25.79 -19.10
N HIS C 2179 45.07 -25.80 -19.05
CA HIS C 2179 45.90 -24.84 -19.77
C HIS C 2179 46.75 -25.54 -20.83
N GLY C 2180 46.16 -26.48 -21.56
CA GLY C 2180 46.76 -27.02 -22.77
C GLY C 2180 47.64 -28.23 -22.60
N ALA C 2181 47.68 -28.84 -21.43
CA ALA C 2181 48.50 -30.03 -21.21
C ALA C 2181 47.64 -31.26 -21.51
N CYS C 2182 47.74 -31.76 -22.74
CA CYS C 2182 46.96 -32.92 -23.15
C CYS C 2182 47.55 -34.23 -22.66
N HIS C 2183 48.79 -34.22 -22.16
CA HIS C 2183 49.44 -35.43 -21.69
C HIS C 2183 50.20 -35.10 -20.40
N ILE C 2184 49.80 -35.72 -19.30
CA ILE C 2184 50.42 -35.49 -18.00
C ILE C 2184 50.78 -36.83 -17.39
N VAL C 2185 51.93 -36.88 -16.71
CA VAL C 2185 52.41 -38.11 -16.07
C VAL C 2185 52.69 -37.76 -14.61
N LEU C 2186 51.94 -38.35 -13.70
CA LEU C 2186 52.20 -38.18 -12.27
C LEU C 2186 53.07 -39.33 -11.79
N THR C 2187 54.13 -39.00 -11.05
CA THR C 2187 55.11 -39.99 -10.62
C THR C 2187 55.32 -39.89 -9.12
N SER C 2188 55.42 -41.05 -8.46
CA SER C 2188 55.70 -41.11 -7.03
C SER C 2188 56.05 -42.54 -6.67
N ARG C 2189 56.67 -42.69 -5.49
CA ARG C 2189 56.98 -44.02 -4.99
C ARG C 2189 55.71 -44.82 -4.69
N ASN C 2190 54.61 -44.13 -4.42
CA ASN C 2190 53.33 -44.78 -4.12
C ASN C 2190 52.20 -43.85 -4.54
N PRO C 2191 51.90 -43.78 -5.84
CA PRO C 2191 50.80 -42.92 -6.28
C PRO C 2191 49.43 -43.50 -5.92
N GLN C 2192 48.77 -42.89 -4.93
CA GLN C 2192 47.44 -43.32 -4.51
C GLN C 2192 46.37 -42.43 -5.15
N VAL C 2193 46.31 -42.53 -6.48
CA VAL C 2193 45.45 -41.68 -7.30
C VAL C 2193 44.20 -42.46 -7.69
N ASN C 2194 43.04 -41.84 -7.54
CA ASN C 2194 41.78 -42.46 -7.91
C ASN C 2194 41.64 -42.45 -9.43
N PRO C 2195 41.36 -43.59 -10.07
CA PRO C 2195 41.11 -43.56 -11.52
C PRO C 2195 39.94 -42.67 -11.90
N LYS C 2196 39.00 -42.46 -10.97
CA LYS C 2196 37.90 -41.53 -11.23
C LYS C 2196 38.42 -40.12 -11.45
N TRP C 2197 39.44 -39.71 -10.70
CA TRP C 2197 40.06 -38.42 -10.93
C TRP C 2197 40.73 -38.36 -12.29
N LEU C 2198 41.34 -39.47 -12.71
CA LEU C 2198 41.93 -39.53 -14.04
C LEU C 2198 40.86 -39.34 -15.11
N ALA C 2199 39.70 -39.98 -14.93
CA ALA C 2199 38.59 -39.77 -15.86
C ALA C 2199 38.14 -38.33 -15.86
N HIS C 2200 38.05 -37.72 -14.67
CA HIS C 2200 37.64 -36.32 -14.57
C HIS C 2200 38.58 -35.43 -15.38
N VAL C 2201 39.89 -35.59 -15.19
CA VAL C 2201 40.84 -34.75 -15.92
C VAL C 2201 40.77 -35.05 -17.41
N GLU C 2202 40.54 -36.31 -17.78
CA GLU C 2202 40.38 -36.64 -19.18
C GLU C 2202 39.17 -35.93 -19.79
N GLU C 2203 38.11 -35.73 -18.99
CA GLU C 2203 36.98 -34.94 -19.47
C GLU C 2203 37.42 -33.51 -19.80
N LEU C 2204 38.45 -33.01 -19.12
CA LEU C 2204 38.96 -31.67 -19.42
C LEU C 2204 39.73 -31.63 -20.72
N GLY C 2205 40.08 -32.79 -21.28
CA GLY C 2205 40.78 -32.85 -22.56
C GLY C 2205 42.22 -33.29 -22.50
N GLY C 2206 42.68 -33.80 -21.36
CA GLY C 2206 44.06 -34.25 -21.24
C GLY C 2206 44.20 -35.66 -20.70
N ARG C 2207 45.10 -36.43 -21.31
CA ARG C 2207 45.34 -37.81 -20.91
C ARG C 2207 46.35 -37.81 -19.76
N VAL C 2208 45.90 -38.22 -18.58
CA VAL C 2208 46.71 -38.21 -17.36
C VAL C 2208 46.93 -39.65 -16.91
N THR C 2209 48.16 -39.95 -16.49
CA THR C 2209 48.52 -41.28 -16.05
C THR C 2209 49.42 -41.19 -14.83
N VAL C 2210 49.46 -42.26 -14.06
CA VAL C 2210 50.33 -42.38 -12.89
C VAL C 2210 51.44 -43.37 -13.24
N LEU C 2211 52.69 -42.96 -13.07
CA LEU C 2211 53.82 -43.76 -13.48
C LEU C 2211 54.35 -44.68 -12.39
N SER C 2212 54.03 -44.39 -11.12
CA SER C 2212 54.55 -45.16 -10.00
C SER C 2212 56.07 -45.24 -10.04
N MET C 2213 56.71 -44.15 -10.43
CA MET C 2213 58.15 -44.11 -10.66
C MET C 2213 58.84 -43.57 -9.41
N ASP C 2214 59.77 -44.35 -8.86
CA ASP C 2214 60.57 -43.92 -7.72
C ASP C 2214 61.76 -43.14 -8.26
N VAL C 2215 61.69 -41.81 -8.17
CA VAL C 2215 62.73 -40.96 -8.74
C VAL C 2215 64.05 -41.14 -8.02
N THR C 2216 64.05 -41.76 -6.85
CA THR C 2216 65.28 -41.89 -6.07
C THR C 2216 66.31 -42.76 -6.77
N SER C 2217 65.91 -43.59 -7.73
CA SER C 2217 66.80 -44.54 -8.38
C SER C 2217 66.88 -44.24 -9.87
N GLN C 2218 68.10 -44.30 -10.42
CA GLN C 2218 68.28 -44.13 -11.86
C GLN C 2218 67.55 -45.21 -12.63
N ASN C 2219 67.65 -46.46 -12.17
CA ASN C 2219 66.99 -47.56 -12.88
C ASN C 2219 65.48 -47.38 -12.90
N SER C 2220 64.90 -46.96 -11.77
CA SER C 2220 63.46 -46.73 -11.72
C SER C 2220 63.04 -45.63 -12.68
N VAL C 2221 63.82 -44.55 -12.73
CA VAL C 2221 63.49 -43.44 -13.62
C VAL C 2221 63.55 -43.89 -15.08
N GLU C 2222 64.60 -44.64 -15.42
CA GLU C 2222 64.72 -45.14 -16.79
C GLU C 2222 63.57 -46.08 -17.13
N ALA C 2223 63.19 -46.94 -16.19
CA ALA C 2223 62.06 -47.84 -16.43
C ALA C 2223 60.77 -47.06 -16.65
N GLY C 2224 60.55 -46.01 -15.86
CA GLY C 2224 59.36 -45.20 -16.06
C GLY C 2224 59.36 -44.48 -17.39
N LEU C 2225 60.51 -43.92 -17.79
CA LEU C 2225 60.58 -43.22 -19.06
C LEU C 2225 60.44 -44.16 -20.24
N ALA C 2226 60.87 -45.42 -20.09
CA ALA C 2226 60.61 -46.42 -21.12
C ALA C 2226 59.15 -46.82 -21.14
N LYS C 2227 58.53 -46.91 -19.96
CA LYS C 2227 57.10 -47.19 -19.88
C LYS C 2227 56.30 -46.09 -20.57
N LEU C 2228 56.78 -44.85 -20.51
CA LEU C 2228 56.13 -43.78 -21.26
C LEU C 2228 55.98 -44.16 -22.73
N LYS C 2229 57.06 -44.63 -23.34
CA LYS C 2229 56.98 -45.10 -24.72
C LYS C 2229 56.09 -46.33 -24.82
N ASP C 2230 56.16 -47.22 -23.83
CA ASP C 2230 55.23 -48.35 -23.81
C ASP C 2230 53.79 -47.88 -23.78
N LEU C 2231 53.53 -46.72 -23.18
CA LEU C 2231 52.21 -46.10 -23.20
C LEU C 2231 51.98 -45.26 -24.45
N HIS C 2232 52.98 -45.14 -25.32
CA HIS C 2232 52.89 -44.40 -26.58
C HIS C 2232 52.73 -42.90 -26.36
N LEU C 2233 53.02 -42.41 -25.16
CA LEU C 2233 52.88 -40.99 -24.88
C LEU C 2233 53.96 -40.19 -25.61
N PRO C 2234 53.70 -38.93 -25.93
CA PRO C 2234 54.71 -38.10 -26.60
C PRO C 2234 55.93 -37.90 -25.71
N PRO C 2235 57.01 -37.35 -26.26
CA PRO C 2235 58.21 -37.11 -25.46
C PRO C 2235 57.95 -36.09 -24.36
N VAL C 2236 58.72 -36.22 -23.28
CA VAL C 2236 58.59 -35.33 -22.13
C VAL C 2236 59.06 -33.94 -22.55
N GLY C 2237 58.13 -32.97 -22.55
CA GLY C 2237 58.47 -31.61 -22.89
C GLY C 2237 58.62 -30.71 -21.68
N GLY C 2238 58.30 -31.24 -20.50
CA GLY C 2238 58.41 -30.47 -19.28
C GLY C 2238 58.36 -31.36 -18.06
N ILE C 2239 58.99 -30.92 -16.96
CA ILE C 2239 59.07 -31.69 -15.73
C ILE C 2239 58.77 -30.77 -14.56
N ALA C 2240 57.90 -31.23 -13.66
CA ALA C 2240 57.62 -30.55 -12.40
C ALA C 2240 58.16 -31.46 -11.29
N PHE C 2241 59.30 -31.08 -10.72
CA PHE C 2241 60.03 -31.91 -9.77
C PHE C 2241 59.71 -31.43 -8.36
N GLY C 2242 58.89 -32.21 -7.64
CA GLY C 2242 58.54 -31.87 -6.28
C GLY C 2242 58.47 -33.02 -5.30
N PRO C 2243 59.30 -34.05 -5.46
CA PRO C 2243 59.35 -35.10 -4.43
C PRO C 2243 59.78 -34.52 -3.10
N LEU C 2244 59.19 -35.02 -2.01
CA LEU C 2244 59.38 -34.42 -0.71
C LEU C 2244 59.43 -35.48 0.38
N VAL C 2245 60.39 -35.35 1.28
CA VAL C 2245 60.42 -36.06 2.55
C VAL C 2245 60.98 -35.11 3.59
N LEU C 2246 60.34 -35.04 4.75
CA LEU C 2246 60.66 -34.06 5.78
C LEU C 2246 60.99 -34.76 7.08
N GLN C 2247 62.07 -34.30 7.73
CA GLN C 2247 62.47 -34.75 9.07
C GLN C 2247 62.80 -33.50 9.87
N ASP C 2248 61.78 -32.94 10.53
CA ASP C 2248 61.91 -31.67 11.23
C ASP C 2248 62.72 -31.87 12.51
N VAL C 2249 64.02 -31.74 12.38
CA VAL C 2249 64.94 -31.83 13.52
C VAL C 2249 66.17 -30.98 13.21
N MET C 2250 66.70 -30.33 14.24
CA MET C 2250 67.87 -29.49 14.04
C MET C 2250 69.08 -30.34 13.65
N LEU C 2251 70.02 -29.72 12.95
CA LEU C 2251 71.14 -30.46 12.37
C LEU C 2251 71.94 -31.17 13.45
N ASN C 2252 72.19 -30.49 14.58
CA ASN C 2252 72.98 -31.11 15.64
C ASN C 2252 72.31 -32.38 16.14
N ASN C 2253 70.98 -32.36 16.29
CA ASN C 2253 70.22 -33.54 16.69
C ASN C 2253 69.85 -34.42 15.49
N MET C 2254 70.10 -33.96 14.27
CA MET C 2254 69.78 -34.74 13.08
C MET C 2254 70.77 -35.90 12.95
N GLU C 2255 70.38 -36.88 12.12
CA GLU C 2255 71.21 -38.05 11.85
C GLU C 2255 71.39 -38.20 10.34
N LEU C 2256 72.51 -38.82 9.96
CA LEU C 2256 72.81 -38.98 8.54
C LEU C 2256 71.70 -39.70 7.78
N PRO C 2257 71.06 -40.75 8.31
CA PRO C 2257 69.95 -41.36 7.55
C PRO C 2257 68.84 -40.38 7.21
N MET C 2258 68.55 -39.44 8.11
CA MET C 2258 67.56 -38.41 7.79
C MET C 2258 68.02 -37.54 6.63
N MET C 2259 69.30 -37.16 6.65
CA MET C 2259 69.85 -36.39 5.53
C MET C 2259 69.72 -37.16 4.22
N GLU C 2260 70.04 -38.44 4.24
CA GLU C 2260 69.91 -39.26 3.03
C GLU C 2260 68.46 -39.30 2.57
N MET C 2261 67.54 -39.52 3.50
CA MET C 2261 66.13 -39.65 3.14
C MET C 2261 65.62 -38.35 2.52
N VAL C 2262 66.05 -37.20 3.07
CA VAL C 2262 65.56 -35.92 2.56
C VAL C 2262 66.21 -35.58 1.24
N LEU C 2263 67.51 -35.86 1.09
CA LEU C 2263 68.27 -35.38 -0.06
C LEU C 2263 68.10 -36.31 -1.27
N ASN C 2264 68.27 -37.61 -1.06
CA ASN C 2264 68.25 -38.56 -2.18
C ASN C 2264 67.03 -38.39 -3.07
N PRO C 2265 65.80 -38.30 -2.55
CA PRO C 2265 64.67 -38.05 -3.44
C PRO C 2265 64.92 -36.86 -4.33
N LYS C 2266 65.13 -35.68 -3.73
CA LYS C 2266 65.38 -34.36 -4.29
C LYS C 2266 66.64 -34.36 -5.15
N VAL C 2267 67.79 -34.56 -4.51
CA VAL C 2267 69.07 -34.40 -5.21
C VAL C 2267 69.25 -35.47 -6.27
N GLU C 2268 69.01 -36.73 -5.90
CA GLU C 2268 69.21 -37.82 -6.85
C GLU C 2268 68.21 -37.73 -7.99
N GLY C 2269 66.97 -37.32 -7.70
CA GLY C 2269 65.99 -37.20 -8.76
C GLY C 2269 66.33 -36.11 -9.75
N VAL C 2270 66.75 -34.95 -9.26
CA VAL C 2270 67.13 -33.87 -10.17
C VAL C 2270 68.35 -34.29 -10.98
N ARG C 2271 69.32 -34.95 -10.34
CA ARG C 2271 70.50 -35.40 -11.07
C ARG C 2271 70.12 -36.39 -12.16
N ILE C 2272 69.28 -37.37 -11.83
CA ILE C 2272 68.88 -38.39 -12.81
C ILE C 2272 68.14 -37.75 -13.97
N LEU C 2273 67.16 -36.89 -13.67
CA LEU C 2273 66.36 -36.29 -14.72
C LEU C 2273 67.18 -35.35 -15.59
N HIS C 2274 68.09 -34.59 -14.97
CA HIS C 2274 68.97 -33.72 -15.76
C HIS C 2274 69.84 -34.54 -16.69
N GLU C 2275 70.50 -35.57 -16.16
CA GLU C 2275 71.33 -36.43 -17.00
C GLU C 2275 70.51 -37.06 -18.12
N LYS C 2276 69.24 -37.37 -17.85
CA LYS C 2276 68.37 -37.88 -18.90
C LYS C 2276 68.10 -36.82 -19.96
N PHE C 2277 67.96 -35.55 -19.55
CA PHE C 2277 67.64 -34.46 -20.45
C PHE C 2277 68.69 -33.36 -20.36
N SER C 2278 69.96 -33.77 -20.32
CA SER C 2278 71.09 -32.84 -20.28
C SER C 2278 71.62 -32.51 -21.67
N ASP C 2279 70.80 -32.66 -22.71
CA ASP C 2279 71.21 -32.41 -24.08
C ASP C 2279 70.37 -31.27 -24.66
N PRO C 2280 70.87 -30.04 -24.65
CA PRO C 2280 70.10 -28.94 -25.27
C PRO C 2280 69.91 -29.11 -26.76
N THR C 2281 70.74 -29.92 -27.41
CA THR C 2281 70.62 -30.18 -28.84
C THR C 2281 69.69 -31.34 -29.14
N SER C 2282 69.08 -31.94 -28.12
CA SER C 2282 68.18 -33.06 -28.34
C SER C 2282 66.95 -32.60 -29.13
N SER C 2283 66.29 -33.57 -29.75
CA SER C 2283 65.11 -33.27 -30.57
C SER C 2283 63.94 -32.76 -29.74
N ASN C 2284 63.92 -33.04 -28.44
CA ASN C 2284 62.81 -32.67 -27.57
C ASN C 2284 63.33 -31.95 -26.34
N PRO C 2285 63.84 -30.73 -26.51
CA PRO C 2285 64.23 -29.94 -25.33
C PRO C 2285 63.03 -29.65 -24.46
N LEU C 2286 63.25 -29.65 -23.15
CA LEU C 2286 62.16 -29.42 -22.21
C LEU C 2286 61.72 -27.97 -22.27
N ASP C 2287 60.40 -27.76 -22.40
CA ASP C 2287 59.87 -26.42 -22.29
C ASP C 2287 60.15 -25.80 -20.94
N PHE C 2288 60.22 -26.62 -19.90
CA PHE C 2288 60.51 -26.14 -18.56
C PHE C 2288 61.03 -27.30 -17.72
N PHE C 2289 61.73 -26.94 -16.64
CA PHE C 2289 62.13 -27.89 -15.59
C PHE C 2289 61.90 -27.15 -14.28
N VAL C 2290 60.70 -27.28 -13.73
CA VAL C 2290 60.32 -26.59 -12.51
C VAL C 2290 60.62 -27.53 -11.34
N MET C 2291 61.44 -27.04 -10.41
CA MET C 2291 61.81 -27.80 -9.22
C MET C 2291 61.18 -27.11 -8.01
N PHE C 2292 60.35 -27.83 -7.28
CA PHE C 2292 59.54 -27.26 -6.21
C PHE C 2292 60.41 -27.08 -4.97
N SER C 2293 60.84 -25.84 -4.75
CA SER C 2293 61.61 -25.48 -3.57
C SER C 2293 60.72 -24.83 -2.53
N SER C 2294 61.15 -24.92 -1.28
CA SER C 2294 60.46 -24.25 -0.19
C SER C 2294 61.15 -22.94 0.14
N ILE C 2295 60.40 -22.01 0.73
CA ILE C 2295 60.96 -20.72 1.09
C ILE C 2295 62.05 -20.88 2.14
N VAL C 2296 62.11 -22.03 2.80
CA VAL C 2296 63.23 -22.31 3.69
C VAL C 2296 64.53 -22.32 2.91
N ALA C 2297 64.48 -22.65 1.62
CA ALA C 2297 65.65 -22.59 0.77
C ALA C 2297 66.18 -21.17 0.63
N VAL C 2298 65.35 -20.17 0.93
CA VAL C 2298 65.75 -18.78 0.82
C VAL C 2298 65.94 -18.11 2.18
N MET C 2299 65.28 -18.63 3.23
CA MET C 2299 65.42 -18.07 4.57
C MET C 2299 65.73 -19.10 5.64
N GLY C 2300 65.67 -20.40 5.33
CA GLY C 2300 65.89 -21.42 6.33
C GLY C 2300 64.68 -21.62 7.22
N ASN C 2301 64.80 -22.58 8.12
CA ASN C 2301 63.75 -22.85 9.08
C ASN C 2301 64.31 -23.74 10.17
N PRO C 2302 63.93 -23.54 11.44
CA PRO C 2302 64.47 -24.41 12.50
C PRO C 2302 64.12 -25.87 12.28
N GLY C 2303 65.15 -26.69 12.06
CA GLY C 2303 64.97 -28.13 11.95
C GLY C 2303 64.80 -28.68 10.55
N GLN C 2304 65.04 -27.87 9.52
CA GLN C 2304 64.88 -28.30 8.14
C GLN C 2304 66.14 -27.98 7.33
N ALA C 2305 67.31 -28.23 7.92
CA ALA C 2305 68.56 -27.98 7.21
C ALA C 2305 68.69 -28.88 6.00
N ASN C 2306 68.34 -30.16 6.15
CA ASN C 2306 68.41 -31.08 5.02
C ASN C 2306 67.48 -30.64 3.90
N TYR C 2307 66.25 -30.25 4.25
CA TYR C 2307 65.29 -29.81 3.24
C TYR C 2307 65.78 -28.56 2.53
N SER C 2308 66.31 -27.60 3.29
CA SER C 2308 66.82 -26.37 2.68
C SER C 2308 67.99 -26.67 1.76
N ALA C 2309 68.89 -27.56 2.18
CA ALA C 2309 70.03 -27.92 1.33
C ALA C 2309 69.56 -28.58 0.05
N ALA C 2310 68.59 -29.48 0.14
CA ALA C 2310 68.06 -30.13 -1.06
C ALA C 2310 67.42 -29.11 -1.99
N ASN C 2311 66.65 -28.19 -1.43
CA ASN C 2311 65.99 -27.17 -2.25
C ASN C 2311 67.02 -26.27 -2.92
N CYS C 2312 68.09 -25.92 -2.21
CA CYS C 2312 69.14 -25.11 -2.82
C CYS C 2312 69.87 -25.90 -3.90
N TYR C 2313 70.01 -27.21 -3.72
CA TYR C 2313 70.55 -28.03 -4.79
C TYR C 2313 69.66 -27.95 -6.02
N LEU C 2314 68.34 -28.02 -5.81
CA LEU C 2314 67.41 -27.89 -6.92
C LEU C 2314 67.56 -26.55 -7.62
N GLN C 2315 67.67 -25.46 -6.83
CA GLN C 2315 67.82 -24.14 -7.41
C GLN C 2315 69.10 -24.03 -8.23
N ALA C 2316 70.21 -24.51 -7.67
CA ALA C 2316 71.48 -24.42 -8.38
C ALA C 2316 71.48 -25.28 -9.63
N LEU C 2317 70.88 -26.47 -9.56
CA LEU C 2317 70.81 -27.32 -10.74
C LEU C 2317 69.97 -26.67 -11.83
N ALA C 2318 68.85 -26.06 -11.46
CA ALA C 2318 68.04 -25.35 -12.46
C ALA C 2318 68.82 -24.20 -13.07
N GLN C 2319 69.54 -23.44 -12.23
CA GLN C 2319 70.29 -22.30 -12.73
C GLN C 2319 71.40 -22.73 -13.68
N GLN C 2320 72.14 -23.79 -13.33
CA GLN C 2320 73.21 -24.25 -14.20
C GLN C 2320 72.67 -24.93 -15.45
N ARG C 2321 71.48 -25.55 -15.35
CA ARG C 2321 70.82 -26.09 -16.53
C ARG C 2321 70.44 -24.98 -17.49
N VAL C 2322 69.93 -23.86 -16.97
CA VAL C 2322 69.68 -22.70 -17.81
C VAL C 2322 70.97 -22.18 -18.41
N ALA C 2323 72.03 -22.09 -17.59
CA ALA C 2323 73.33 -21.68 -18.11
C ALA C 2323 73.84 -22.66 -19.15
N SER C 2324 73.39 -23.91 -19.09
CA SER C 2324 73.78 -24.92 -20.06
C SER C 2324 72.93 -24.88 -21.33
N GLY C 2325 71.96 -23.98 -21.42
CA GLY C 2325 71.09 -23.92 -22.57
C GLY C 2325 69.84 -24.74 -22.47
N LEU C 2326 69.46 -25.17 -21.26
CA LEU C 2326 68.31 -26.03 -21.04
C LEU C 2326 67.33 -25.34 -20.10
N ALA C 2327 66.04 -25.40 -20.46
CA ALA C 2327 65.02 -24.73 -19.67
C ALA C 2327 64.95 -25.31 -18.26
N ALA C 2328 64.75 -24.44 -17.28
CA ALA C 2328 64.61 -24.85 -15.89
C ALA C 2328 64.26 -23.62 -15.06
N SER C 2329 63.70 -23.87 -13.88
CA SER C 2329 63.33 -22.82 -12.95
C SER C 2329 63.04 -23.46 -11.60
N THR C 2330 63.05 -22.63 -10.56
CA THR C 2330 62.74 -23.05 -9.21
C THR C 2330 61.71 -22.12 -8.60
N ILE C 2331 60.83 -22.69 -7.79
CA ILE C 2331 59.81 -21.94 -7.07
C ILE C 2331 60.04 -22.15 -5.58
N ASP C 2332 60.25 -21.05 -4.85
CA ASP C 2332 60.41 -21.11 -3.40
C ASP C 2332 59.04 -20.93 -2.78
N ILE C 2333 58.36 -22.05 -2.58
CA ILE C 2333 56.97 -22.03 -2.13
C ILE C 2333 56.91 -21.83 -0.63
N GLY C 2334 55.86 -21.14 -0.18
CA GLY C 2334 55.58 -21.03 1.23
C GLY C 2334 54.76 -22.20 1.72
N ALA C 2335 53.98 -21.97 2.76
CA ALA C 2335 53.11 -23.01 3.30
C ALA C 2335 51.87 -23.12 2.42
N VAL C 2336 51.73 -24.25 1.73
CA VAL C 2336 50.61 -24.46 0.81
C VAL C 2336 49.44 -24.99 1.63
N TYR C 2337 48.63 -24.08 2.18
CA TYR C 2337 47.47 -24.50 2.96
C TYR C 2337 46.38 -25.09 2.09
N GLY C 2338 46.31 -24.68 0.82
CA GLY C 2338 45.24 -25.17 -0.04
C GLY C 2338 45.30 -26.66 -0.29
N VAL C 2339 46.49 -27.18 -0.56
CA VAL C 2339 46.67 -28.57 -0.95
C VAL C 2339 48.07 -29.02 -0.58
N GLY C 2340 48.27 -30.34 -0.52
CA GLY C 2340 49.61 -30.86 -0.37
C GLY C 2340 49.97 -31.19 1.07
N PHE C 2341 51.24 -30.95 1.40
CA PHE C 2341 51.80 -31.39 2.67
C PHE C 2341 51.00 -30.82 3.85
N VAL C 2342 50.80 -29.50 3.86
CA VAL C 2342 50.10 -28.88 4.99
C VAL C 2342 48.65 -29.34 5.02
N THR C 2343 47.99 -29.35 3.87
CA THR C 2343 46.56 -29.72 3.83
C THR C 2343 46.36 -31.19 4.18
N ARG C 2344 47.16 -32.07 3.60
CA ARG C 2344 47.00 -33.51 3.81
C ARG C 2344 47.51 -33.94 5.17
N ALA C 2345 48.53 -33.26 5.72
CA ALA C 2345 48.99 -33.55 7.06
C ALA C 2345 48.16 -32.88 8.14
N GLU C 2346 47.24 -31.99 7.76
CA GLU C 2346 46.38 -31.28 8.71
C GLU C 2346 47.24 -30.49 9.70
N LEU C 2347 48.08 -29.60 9.16
CA LEU C 2347 48.93 -28.73 9.95
C LEU C 2347 48.61 -27.26 9.75
N GLU C 2348 47.35 -26.94 9.41
CA GLU C 2348 46.99 -25.54 9.16
C GLU C 2348 47.20 -24.69 10.40
N GLU C 2349 46.80 -25.19 11.57
CA GLU C 2349 46.99 -24.42 12.80
C GLU C 2349 48.47 -24.21 13.08
N ASP C 2350 49.28 -25.27 12.94
CA ASP C 2350 50.70 -25.16 13.26
C ASP C 2350 51.41 -24.17 12.36
N PHE C 2351 51.09 -24.14 11.06
CA PHE C 2351 51.74 -23.22 10.16
C PHE C 2351 51.18 -21.81 10.26
N ASN C 2352 49.87 -21.67 10.51
CA ASN C 2352 49.32 -20.35 10.77
C ASN C 2352 49.87 -19.75 12.06
N ALA C 2353 50.32 -20.59 13.00
CA ALA C 2353 51.03 -20.07 14.15
C ALA C 2353 52.30 -19.35 13.76
N ILE C 2354 52.84 -19.65 12.57
CA ILE C 2354 54.00 -18.95 12.05
C ILE C 2354 53.61 -18.20 10.79
N ARG C 2355 52.35 -17.72 10.75
CA ARG C 2355 51.87 -16.97 9.60
C ARG C 2355 52.81 -15.82 9.25
N PHE C 2356 53.27 -15.10 10.28
CA PHE C 2356 54.19 -13.99 10.04
C PHE C 2356 55.52 -14.46 9.46
N MET C 2357 55.86 -15.73 9.64
CA MET C 2357 57.12 -16.25 9.12
C MET C 2357 56.99 -16.67 7.65
N PHE C 2358 56.07 -17.59 7.37
CA PHE C 2358 55.84 -18.09 6.02
C PHE C 2358 54.43 -17.73 5.58
N ASP C 2359 54.33 -17.06 4.44
CA ASP C 2359 53.03 -16.68 3.90
C ASP C 2359 52.35 -17.88 3.25
N SER C 2360 51.04 -17.77 3.07
CA SER C 2360 50.27 -18.83 2.44
C SER C 2360 50.42 -18.78 0.93
N VAL C 2361 50.52 -19.95 0.32
CA VAL C 2361 50.49 -20.11 -1.12
C VAL C 2361 49.30 -21.00 -1.47
N GLU C 2362 48.26 -20.38 -2.02
CA GLU C 2362 47.01 -21.09 -2.30
C GLU C 2362 47.21 -22.11 -3.40
N GLU C 2363 46.26 -23.05 -3.49
CA GLU C 2363 46.31 -24.05 -4.55
C GLU C 2363 46.39 -23.38 -5.92
N HIS C 2364 45.45 -22.48 -6.21
CA HIS C 2364 45.47 -21.79 -7.50
C HIS C 2364 46.58 -20.75 -7.54
N GLU C 2365 46.95 -20.17 -6.40
CA GLU C 2365 48.14 -19.32 -6.38
C GLU C 2365 49.39 -20.16 -6.62
N LEU C 2366 49.42 -21.40 -6.13
CA LEU C 2366 50.53 -22.29 -6.46
C LEU C 2366 50.56 -22.59 -7.95
N HIS C 2367 49.40 -22.79 -8.56
CA HIS C 2367 49.35 -22.99 -10.00
C HIS C 2367 49.88 -21.75 -10.73
N THR C 2368 49.50 -20.57 -10.25
CA THR C 2368 49.99 -19.32 -10.84
C THR C 2368 51.51 -19.23 -10.72
N LEU C 2369 52.04 -19.60 -9.55
CA LEU C 2369 53.49 -19.57 -9.33
C LEU C 2369 54.20 -20.54 -10.26
N PHE C 2370 53.65 -21.74 -10.43
CA PHE C 2370 54.25 -22.70 -11.35
C PHE C 2370 54.22 -22.19 -12.78
N ALA C 2371 53.09 -21.59 -13.18
CA ALA C 2371 52.99 -21.02 -14.52
C ALA C 2371 54.03 -19.93 -14.72
N GLU C 2372 54.19 -19.07 -13.71
CA GLU C 2372 55.15 -17.98 -13.80
C GLU C 2372 56.57 -18.53 -13.88
N ALA C 2373 56.86 -19.60 -13.15
CA ALA C 2373 58.19 -20.21 -13.22
C ALA C 2373 58.44 -20.79 -14.60
N VAL C 2374 57.43 -21.45 -15.18
CA VAL C 2374 57.57 -21.98 -16.52
C VAL C 2374 57.83 -20.86 -17.52
N VAL C 2375 57.08 -19.76 -17.39
CA VAL C 2375 57.25 -18.63 -18.29
C VAL C 2375 58.63 -18.02 -18.11
N ALA C 2376 59.10 -17.93 -16.87
CA ALA C 2376 60.43 -17.39 -16.62
C ALA C 2376 61.51 -18.27 -17.25
N GLY C 2377 61.36 -19.59 -17.12
CA GLY C 2377 62.33 -20.48 -17.75
C GLY C 2377 62.33 -20.36 -19.26
N ARG C 2378 61.14 -20.29 -19.87
CA ARG C 2378 61.06 -20.14 -21.32
C ARG C 2378 61.65 -18.80 -21.76
N ARG C 2379 61.38 -17.74 -21.00
CA ARG C 2379 61.95 -16.43 -21.33
C ARG C 2379 63.47 -16.46 -21.22
N ALA C 2380 63.99 -17.12 -20.18
CA ALA C 2380 65.44 -17.22 -20.02
C ALA C 2380 66.05 -17.99 -21.18
N VAL C 2381 65.42 -19.09 -21.59
CA VAL C 2381 65.94 -19.86 -22.72
C VAL C 2381 65.93 -19.02 -23.99
N HIS C 2382 64.83 -18.31 -24.25
CA HIS C 2382 64.74 -17.51 -25.46
C HIS C 2382 65.76 -16.38 -25.45
N GLN C 2383 65.96 -15.73 -24.29
CA GLN C 2383 66.99 -14.70 -24.18
C GLN C 2383 68.37 -15.31 -24.37
N GLN C 2384 68.58 -16.55 -23.92
CA GLN C 2384 69.83 -17.24 -24.20
C GLN C 2384 70.03 -17.43 -25.69
N GLU C 2385 68.96 -17.78 -26.41
CA GLU C 2385 69.00 -17.73 -27.86
C GLU C 2385 69.27 -16.32 -28.36
N GLN C 2386 69.00 -15.31 -27.55
CA GLN C 2386 69.39 -13.93 -27.80
C GLN C 2386 70.70 -13.57 -27.13
N GLN C 2387 71.63 -14.54 -27.04
CA GLN C 2387 72.95 -14.36 -26.45
C GLN C 2387 72.90 -13.70 -25.08
N ARG C 2388 72.10 -14.27 -24.19
CA ARG C 2388 72.21 -14.00 -22.76
C ARG C 2388 73.07 -15.11 -22.14
N LYS C 2389 74.20 -14.72 -21.56
CA LYS C 2389 75.17 -15.71 -21.13
C LYS C 2389 74.62 -16.59 -20.00
N PHE C 2390 73.96 -15.99 -19.01
CA PHE C 2390 73.53 -16.71 -17.82
C PHE C 2390 74.72 -17.42 -17.17
N ALA C 2391 75.87 -16.77 -17.20
CA ALA C 2391 77.12 -17.35 -16.72
C ALA C 2391 77.36 -17.14 -15.23
N THR C 2392 76.47 -16.42 -14.54
CA THR C 2392 76.65 -16.16 -13.13
C THR C 2392 75.28 -16.10 -12.45
N VAL C 2393 75.30 -15.92 -11.13
CA VAL C 2393 74.07 -15.89 -10.35
C VAL C 2393 73.26 -14.65 -10.69
N LEU C 2394 73.94 -13.52 -10.94
CA LEU C 2394 73.23 -12.27 -11.17
C LEU C 2394 72.29 -12.36 -12.35
N ASP C 2395 72.68 -13.10 -13.39
CA ASP C 2395 71.87 -13.21 -14.60
C ASP C 2395 70.62 -14.05 -14.40
N MET C 2396 70.50 -14.76 -13.29
CA MET C 2396 69.38 -15.69 -13.08
C MET C 2396 68.59 -15.32 -11.83
N ALA C 2397 68.31 -14.02 -11.65
CA ALA C 2397 67.49 -13.59 -10.53
C ALA C 2397 66.03 -14.02 -10.67
N ASP C 2398 65.56 -14.26 -11.89
CA ASP C 2398 64.16 -14.60 -12.13
C ASP C 2398 63.88 -16.09 -11.99
N LEU C 2399 64.88 -16.95 -12.23
CA LEU C 2399 64.64 -18.38 -12.17
C LEU C 2399 64.21 -18.82 -10.77
N GLU C 2400 64.72 -18.15 -9.73
CA GLU C 2400 64.33 -18.46 -8.36
C GLU C 2400 63.16 -17.54 -7.98
N LEU C 2401 61.96 -18.02 -8.28
CA LEU C 2401 60.74 -17.25 -8.00
C LEU C 2401 60.45 -17.33 -6.50
N THR C 2402 61.12 -16.46 -5.75
CA THR C 2402 60.94 -16.41 -4.31
C THR C 2402 59.49 -16.13 -3.98
N THR C 2403 58.92 -16.93 -3.08
CA THR C 2403 57.50 -16.82 -2.74
C THR C 2403 57.30 -17.32 -1.32
N GLY C 2404 56.19 -16.90 -0.71
CA GLY C 2404 55.83 -17.34 0.61
C GLY C 2404 56.34 -16.49 1.76
N ILE C 2405 56.98 -15.36 1.48
CA ILE C 2405 57.41 -14.42 2.50
C ILE C 2405 56.27 -13.42 2.73
N PRO C 2406 55.66 -13.37 3.91
CA PRO C 2406 54.55 -12.46 4.12
C PRO C 2406 55.05 -11.04 4.37
N PRO C 2407 54.17 -10.04 4.29
CA PRO C 2407 54.58 -8.69 4.70
C PRO C 2407 55.08 -8.70 6.13
N LEU C 2408 56.37 -8.43 6.33
CA LEU C 2408 57.00 -8.60 7.63
C LEU C 2408 56.65 -7.40 8.51
N ASP C 2409 55.83 -7.63 9.53
CA ASP C 2409 55.42 -6.58 10.44
C ASP C 2409 56.45 -6.43 11.55
N PRO C 2410 57.05 -5.25 11.73
CA PRO C 2410 58.00 -5.09 12.84
C PRO C 2410 57.40 -5.40 14.20
N ALA C 2411 56.10 -5.19 14.38
CA ALA C 2411 55.47 -5.54 15.64
C ALA C 2411 55.66 -7.01 15.98
N LEU C 2412 55.74 -7.86 14.96
CA LEU C 2412 56.01 -9.28 15.14
C LEU C 2412 57.48 -9.63 14.96
N LYS C 2413 58.35 -8.63 14.89
CA LYS C 2413 59.78 -8.88 14.71
C LYS C 2413 60.31 -9.83 15.78
N ASP C 2414 59.79 -9.73 17.00
CA ASP C 2414 60.25 -10.61 18.07
C ASP C 2414 59.93 -12.06 17.76
N ARG C 2415 58.71 -12.33 17.29
CA ARG C 2415 58.32 -13.71 17.00
C ARG C 2415 59.04 -14.22 15.75
N ILE C 2416 59.20 -13.36 14.75
CA ILE C 2416 59.88 -13.74 13.51
C ILE C 2416 61.34 -14.04 13.83
N THR C 2417 61.77 -15.26 13.53
CA THR C 2417 63.13 -15.69 13.83
C THR C 2417 64.13 -15.34 12.74
N PHE C 2418 63.68 -14.70 11.66
CA PHE C 2418 64.55 -14.30 10.56
C PHE C 2418 64.40 -12.83 10.18
N PHE C 2419 63.72 -12.04 11.02
CA PHE C 2419 63.50 -10.64 10.68
C PHE C 2419 64.80 -9.87 10.61
N ASP C 2420 65.78 -10.21 11.45
CA ASP C 2420 67.06 -9.52 11.44
C ASP C 2420 67.83 -9.73 10.14
N ASP C 2421 67.43 -10.70 9.33
CA ASP C 2421 68.11 -10.95 8.07
C ASP C 2421 67.92 -9.77 7.13
N PRO C 2422 69.00 -9.17 6.61
CA PRO C 2422 68.82 -8.08 5.62
C PRO C 2422 68.39 -8.57 4.26
N ARG C 2423 68.51 -9.87 3.98
CA ARG C 2423 68.10 -10.39 2.68
C ARG C 2423 66.62 -10.14 2.41
N ILE C 2424 65.82 -10.01 3.46
CA ILE C 2424 64.39 -9.75 3.34
C ILE C 2424 64.05 -8.29 3.64
N GLY C 2425 65.04 -7.39 3.58
CA GLY C 2425 64.83 -6.05 4.06
C GLY C 2425 63.72 -5.31 3.33
N ASN C 2426 63.65 -5.47 2.01
CA ASN C 2426 62.65 -4.75 1.23
C ASN C 2426 61.23 -5.25 1.50
N LEU C 2427 61.08 -6.36 2.21
CA LEU C 2427 59.77 -6.92 2.54
C LEU C 2427 59.31 -6.54 3.94
N LYS C 2428 59.97 -5.58 4.59
CA LYS C 2428 59.66 -5.19 5.96
C LYS C 2428 58.71 -4.00 5.96
N ILE C 2429 57.60 -4.14 6.68
CA ILE C 2429 56.61 -3.06 6.74
C ILE C 2429 57.19 -1.88 7.51
N PRO C 2430 57.00 -0.65 7.06
CA PRO C 2430 57.46 0.49 7.85
C PRO C 2430 56.67 0.64 9.14
N GLU C 2431 57.32 1.20 10.15
CA GLU C 2431 56.71 1.40 11.47
C GLU C 2431 56.61 2.86 11.87
N TYR C 2432 57.58 3.69 11.49
CA TYR C 2432 57.55 5.11 11.83
C TYR C 2432 57.41 5.96 10.58
N ALA D 2 -18.75 43.75 45.54
CA ALA D 2 -17.57 43.10 44.88
C ALA D 2 -18.01 42.27 43.68
N GLN D 3 -17.05 41.78 42.93
CA GLN D 3 -17.32 40.96 41.75
C GLN D 3 -17.48 39.48 42.06
N SER D 4 -17.24 39.08 43.32
CA SER D 4 -17.35 37.68 43.73
C SER D 4 -18.69 37.38 44.39
N MET D 5 -19.65 38.31 44.33
CA MET D 5 -20.95 38.13 44.97
C MET D 5 -21.97 37.46 44.08
N TYR D 6 -21.57 37.00 42.89
CA TYR D 6 -22.51 36.42 41.95
C TYR D 6 -23.03 35.09 42.47
N PRO D 7 -24.18 34.64 41.96
CA PRO D 7 -24.79 33.41 42.51
C PRO D 7 -23.86 32.21 42.50
N ASN D 8 -23.07 32.06 41.44
CA ASN D 8 -22.03 31.04 41.37
C ASN D 8 -20.68 31.73 41.37
N GLU D 9 -19.73 31.19 42.14
CA GLU D 9 -18.45 31.85 42.33
C GLU D 9 -17.79 32.06 40.97
N PRO D 10 -17.41 33.31 40.62
CA PRO D 10 -16.86 33.55 39.29
C PRO D 10 -15.46 32.96 39.15
N ILE D 11 -15.20 32.33 38.02
CA ILE D 11 -13.89 31.80 37.73
C ILE D 11 -13.05 32.85 37.01
N VAL D 12 -11.75 32.84 37.28
CA VAL D 12 -10.85 33.89 36.82
C VAL D 12 -9.67 33.25 36.09
N VAL D 13 -9.31 33.83 34.95
CA VAL D 13 -8.17 33.36 34.17
C VAL D 13 -6.91 34.00 34.75
N VAL D 14 -6.14 33.22 35.50
CA VAL D 14 -4.92 33.75 36.11
C VAL D 14 -3.73 33.72 35.16
N GLY D 15 -3.72 32.83 34.18
CA GLY D 15 -2.64 32.78 33.22
C GLY D 15 -3.08 32.05 31.97
N SER D 16 -2.28 32.21 30.92
CA SER D 16 -2.60 31.61 29.64
C SER D 16 -1.33 31.27 28.89
N GLY D 17 -1.39 30.19 28.12
CA GLY D 17 -0.29 29.81 27.26
C GLY D 17 -0.82 29.45 25.89
N CYS D 18 -0.25 30.08 24.87
CA CYS D 18 -0.82 30.03 23.52
C CYS D 18 0.25 29.68 22.50
N ARG D 19 -0.09 28.77 21.59
CA ARG D 19 0.70 28.49 20.39
C ARG D 19 -0.26 28.66 19.22
N PHE D 20 -0.40 29.90 18.76
CA PHE D 20 -1.36 30.25 17.72
C PHE D 20 -0.64 30.63 16.43
N PRO D 21 -1.31 30.49 15.30
CA PRO D 21 -0.62 30.70 14.01
C PRO D 21 -0.26 32.17 13.82
N GLY D 22 0.77 32.39 13.00
CA GLY D 22 1.28 33.72 12.78
C GLY D 22 2.30 34.14 13.81
N ASP D 23 3.13 33.17 14.24
CA ASP D 23 4.15 33.39 15.25
C ASP D 23 3.56 33.76 16.60
N ALA D 24 2.28 33.48 16.81
CA ALA D 24 1.61 33.77 18.07
C ALA D 24 1.87 32.65 19.08
N ASN D 25 3.13 32.51 19.46
CA ASN D 25 3.56 31.49 20.41
C ASN D 25 3.59 31.99 21.85
N THR D 26 2.74 32.97 22.17
CA THR D 26 2.66 33.51 23.52
C THR D 26 1.45 34.44 23.61
N PRO D 27 0.82 34.58 24.78
CA PRO D 27 -0.41 35.39 24.85
C PRO D 27 -0.24 36.81 24.36
N SER D 28 0.90 37.44 24.63
CA SER D 28 1.12 38.81 24.17
C SER D 28 1.11 38.89 22.65
N LYS D 29 1.82 37.97 21.99
CA LYS D 29 1.82 37.95 20.53
C LYS D 29 0.43 37.64 20.00
N LEU D 30 -0.30 36.75 20.68
CA LEU D 30 -1.67 36.45 20.25
C LEU D 30 -2.54 37.70 20.30
N TRP D 31 -2.44 38.48 21.38
CA TRP D 31 -3.23 39.71 21.47
C TRP D 31 -2.80 40.71 20.40
N GLU D 32 -1.49 40.85 20.18
CA GLU D 32 -1.02 41.76 19.15
C GLU D 32 -1.57 41.37 17.79
N LEU D 33 -1.58 40.07 17.48
CA LEU D 33 -2.16 39.60 16.23
C LEU D 33 -3.65 39.91 16.17
N LEU D 34 -4.38 39.61 17.25
CA LEU D 34 -5.82 39.77 17.24
C LEU D 34 -6.23 41.22 17.03
N GLN D 35 -5.58 42.15 17.73
CA GLN D 35 -5.91 43.56 17.57
C GLN D 35 -5.26 44.17 16.33
N HIS D 36 -4.25 43.51 15.75
CA HIS D 36 -3.61 43.94 14.51
C HIS D 36 -3.49 42.73 13.59
N PRO D 37 -4.61 42.21 13.08
CA PRO D 37 -4.56 40.96 12.33
C PRO D 37 -3.83 41.10 11.01
N ARG D 38 -3.28 39.97 10.55
CA ARG D 38 -2.60 39.85 9.27
C ARG D 38 -3.05 38.56 8.60
N ASP D 39 -2.65 38.42 7.33
CA ASP D 39 -3.03 37.23 6.55
C ASP D 39 -2.18 36.06 7.04
N VAL D 40 -2.57 35.53 8.20
CA VAL D 40 -1.82 34.45 8.82
C VAL D 40 -1.91 33.17 8.00
N GLN D 41 -3.07 32.93 7.40
CA GLN D 41 -3.30 31.67 6.69
C GLN D 41 -2.30 31.50 5.57
N SER D 42 -1.88 30.25 5.35
CA SER D 42 -0.91 29.93 4.32
C SER D 42 -1.17 28.52 3.81
N ARG D 43 -0.59 28.23 2.64
CA ARG D 43 -0.66 26.88 2.11
C ARG D 43 -0.06 25.89 3.11
N ILE D 44 -0.66 24.72 3.21
CA ILE D 44 -0.24 23.74 4.22
C ILE D 44 1.23 23.43 3.97
N PRO D 45 2.12 23.62 4.94
CA PRO D 45 3.54 23.35 4.69
C PRO D 45 3.76 21.88 4.34
N LYS D 46 4.71 21.65 3.42
CA LYS D 46 5.05 20.28 3.06
C LYS D 46 5.59 19.50 4.25
N GLU D 47 6.20 20.21 5.22
CA GLU D 47 6.71 19.53 6.40
C GLU D 47 5.57 18.84 7.16
N ARG D 48 4.36 19.39 7.09
CA ARG D 48 3.21 18.76 7.73
C ARG D 48 2.65 17.67 6.81
N PHE D 49 2.17 18.07 5.64
CA PHE D 49 1.80 17.15 4.58
C PHE D 49 1.56 17.97 3.32
N ASP D 50 2.05 17.45 2.19
CA ASP D 50 1.92 18.19 0.94
C ASP D 50 0.47 18.15 0.49
N VAL D 51 -0.29 19.18 0.84
CA VAL D 51 -1.72 19.19 0.54
C VAL D 51 -1.94 19.15 -0.96
N ASP D 52 -0.98 19.65 -1.74
CA ASP D 52 -1.09 19.53 -3.20
C ASP D 52 -1.22 18.07 -3.61
N THR D 53 -0.67 17.15 -2.83
CA THR D 53 -0.89 15.72 -3.06
C THR D 53 -2.31 15.31 -2.78
N PHE D 54 -3.10 16.13 -2.09
CA PHE D 54 -4.49 15.83 -1.80
C PHE D 54 -5.47 16.90 -2.26
N TYR D 55 -4.98 18.06 -2.72
CA TYR D 55 -5.90 19.13 -3.11
C TYR D 55 -6.68 18.75 -4.36
N HIS D 56 -7.94 19.22 -4.41
CA HIS D 56 -8.78 19.07 -5.59
C HIS D 56 -9.93 20.04 -5.45
N PRO D 57 -10.33 20.75 -6.52
CA PRO D 57 -11.40 21.74 -6.36
C PRO D 57 -12.69 21.16 -5.80
N ASP D 58 -13.04 19.94 -6.18
CA ASP D 58 -14.25 19.29 -5.69
C ASP D 58 -13.97 18.71 -4.31
N GLY D 59 -14.62 19.27 -3.29
CA GLY D 59 -14.42 18.79 -1.94
C GLY D 59 -14.88 17.35 -1.76
N LYS D 60 -15.96 16.98 -2.43
CA LYS D 60 -16.50 15.63 -2.34
C LYS D 60 -15.68 14.61 -3.14
N HIS D 61 -14.60 15.05 -3.80
CA HIS D 61 -13.76 14.12 -4.54
C HIS D 61 -13.15 13.09 -3.61
N HIS D 62 -13.04 11.85 -4.10
CA HIS D 62 -12.57 10.76 -3.27
C HIS D 62 -11.13 11.00 -2.85
N GLY D 63 -10.88 10.93 -1.54
CA GLY D 63 -9.53 11.05 -1.02
C GLY D 63 -8.86 12.36 -1.35
N ARG D 64 -9.62 13.46 -1.38
CA ARG D 64 -9.07 14.78 -1.65
C ARG D 64 -9.73 15.79 -0.73
N THR D 65 -9.09 16.96 -0.62
CA THR D 65 -9.60 18.05 0.18
C THR D 65 -9.61 19.32 -0.66
N ASN D 66 -10.67 20.10 -0.53
CA ASN D 66 -10.81 21.35 -1.27
C ASN D 66 -10.22 22.54 -0.55
N ALA D 67 -9.60 22.33 0.62
CA ALA D 67 -9.06 23.41 1.45
C ALA D 67 -7.55 23.20 1.57
N PRO D 68 -6.77 23.72 0.62
CA PRO D 68 -5.31 23.62 0.71
C PRO D 68 -4.66 24.70 1.57
N TYR D 69 -5.45 25.46 2.31
CA TYR D 69 -4.95 26.53 3.16
C TYR D 69 -5.38 26.28 4.60
N ALA D 70 -4.58 26.75 5.54
CA ALA D 70 -4.92 26.64 6.96
C ALA D 70 -4.06 27.64 7.73
N TYR D 71 -4.59 28.06 8.87
CA TYR D 71 -3.88 28.96 9.77
C TYR D 71 -2.93 28.12 10.62
N VAL D 72 -1.83 27.73 10.00
CA VAL D 72 -0.89 26.76 10.57
C VAL D 72 0.16 27.48 11.41
N LEU D 73 0.64 26.77 12.43
CA LEU D 73 1.70 27.29 13.27
C LEU D 73 3.03 27.27 12.51
N GLN D 74 3.78 28.37 12.62
CA GLN D 74 5.11 28.41 12.01
C GLN D 74 6.14 27.60 12.80
N ASP D 75 5.80 27.20 14.02
CA ASP D 75 6.71 26.40 14.83
C ASP D 75 6.86 25.00 14.25
N ASP D 76 8.05 24.42 14.45
CA ASP D 76 8.30 23.03 14.09
C ASP D 76 7.79 22.16 15.22
N LEU D 77 6.60 21.60 15.04
CA LEU D 77 5.96 20.86 16.13
C LEU D 77 6.76 19.62 16.52
N GLY D 78 7.56 19.08 15.59
CA GLY D 78 8.41 17.97 15.95
C GLY D 78 9.41 18.31 17.03
N ALA D 79 9.90 19.56 17.04
CA ALA D 79 10.78 20.01 18.10
C ALA D 79 10.06 19.97 19.44
N PHE D 80 10.78 19.60 20.48
CA PHE D 80 10.19 19.44 21.80
C PHE D 80 11.30 19.31 22.83
N ASP D 81 11.14 19.98 23.96
CA ASP D 81 12.09 19.92 25.06
C ASP D 81 11.75 18.74 25.96
N ALA D 82 12.03 17.54 25.44
CA ALA D 82 11.71 16.32 26.17
C ALA D 82 12.46 16.27 27.50
N ALA D 83 13.72 16.71 27.51
CA ALA D 83 14.48 16.76 28.75
C ALA D 83 13.76 17.58 29.81
N PHE D 84 13.00 18.59 29.39
CA PHE D 84 12.27 19.41 30.36
C PHE D 84 11.23 18.58 31.11
N PHE D 85 10.52 17.71 30.40
CA PHE D 85 9.44 16.92 30.97
C PHE D 85 9.87 15.51 31.33
N ASN D 86 11.18 15.22 31.31
CA ASN D 86 11.70 13.90 31.66
C ASN D 86 11.06 12.82 30.79
N ILE D 87 10.84 13.13 29.52
CA ILE D 87 10.25 12.20 28.55
C ILE D 87 11.36 11.64 27.69
N GLN D 88 11.39 10.33 27.53
CA GLN D 88 12.41 9.69 26.71
C GLN D 88 12.15 10.00 25.23
N ALA D 89 13.20 9.82 24.43
CA ALA D 89 13.09 10.12 23.01
C ALA D 89 12.03 9.27 22.34
N GLY D 90 11.99 7.98 22.67
CA GLY D 90 10.98 7.10 22.08
C GLY D 90 9.57 7.56 22.42
N GLU D 91 9.34 7.88 23.69
CA GLU D 91 8.01 8.37 24.09
C GLU D 91 7.70 9.71 23.44
N ALA D 92 8.69 10.59 23.35
CA ALA D 92 8.46 11.89 22.73
C ALA D 92 8.06 11.74 21.27
N GLU D 93 8.73 10.84 20.54
CA GLU D 93 8.30 10.54 19.19
C GLU D 93 6.90 9.94 19.19
N SER D 94 6.62 9.07 20.17
CA SER D 94 5.28 8.52 20.31
C SER D 94 4.25 9.61 20.62
N MET D 95 4.67 10.66 21.31
CA MET D 95 3.73 11.68 21.75
C MET D 95 3.06 12.36 20.57
N ASP D 96 1.76 12.60 20.69
CA ASP D 96 1.06 13.43 19.73
C ASP D 96 1.54 14.86 19.88
N PRO D 97 1.96 15.52 18.80
CA PRO D 97 2.35 16.94 18.92
C PRO D 97 1.32 17.77 19.66
N GLN D 98 0.04 17.38 19.61
CA GLN D 98 -0.96 18.08 20.40
C GLN D 98 -0.63 17.99 21.88
N HIS D 99 -0.25 16.80 22.35
CA HIS D 99 0.08 16.64 23.77
C HIS D 99 1.34 17.41 24.13
N ARG D 100 2.35 17.39 23.25
CA ARG D 100 3.59 18.10 23.55
C ARG D 100 3.36 19.60 23.62
N LEU D 101 2.64 20.15 22.64
CA LEU D 101 2.34 21.58 22.68
C LEU D 101 1.41 21.90 23.84
N LEU D 102 0.54 20.98 24.24
CA LEU D 102 -0.28 21.21 25.42
C LEU D 102 0.58 21.31 26.67
N LEU D 103 1.56 20.42 26.80
CA LEU D 103 2.47 20.51 27.94
C LEU D 103 3.20 21.85 27.94
N GLU D 104 3.72 22.25 26.78
CA GLU D 104 4.46 23.51 26.68
C GLU D 104 3.56 24.69 27.04
N THR D 105 2.34 24.71 26.51
CA THR D 105 1.43 25.82 26.77
C THR D 105 0.94 25.83 28.20
N VAL D 106 0.72 24.67 28.79
CA VAL D 106 0.31 24.62 30.19
C VAL D 106 1.42 25.18 31.08
N TYR D 107 2.68 24.80 30.80
CA TYR D 107 3.77 25.37 31.57
C TYR D 107 3.89 26.87 31.34
N GLU D 108 3.68 27.32 30.10
CA GLU D 108 3.74 28.75 29.80
C GLU D 108 2.67 29.51 30.57
N ALA D 109 1.45 28.94 30.64
CA ALA D 109 0.38 29.59 31.39
C ALA D 109 0.68 29.59 32.89
N VAL D 110 1.16 28.47 33.41
CA VAL D 110 1.53 28.40 34.82
C VAL D 110 2.56 29.47 35.15
N THR D 111 3.56 29.63 34.28
CA THR D 111 4.52 30.72 34.47
C THR D 111 3.82 32.07 34.40
N ASN D 112 2.99 32.27 33.38
CA ASN D 112 2.27 33.54 33.24
C ASN D 112 1.30 33.75 34.39
N ALA D 113 0.72 32.67 34.92
CA ALA D 113 -0.13 32.77 36.10
C ALA D 113 0.66 33.08 37.36
N GLY D 114 2.00 33.04 37.29
CA GLY D 114 2.80 33.29 38.46
C GLY D 114 2.81 32.15 39.46
N MET D 115 2.72 30.91 38.98
CA MET D 115 2.66 29.74 39.84
C MET D 115 3.85 28.84 39.56
N ARG D 116 4.44 28.29 40.62
CA ARG D 116 5.60 27.42 40.50
C ARG D 116 5.16 25.97 40.36
N ILE D 117 5.94 25.20 39.60
CA ILE D 117 5.67 23.77 39.48
C ILE D 117 5.71 23.10 40.86
N GLN D 118 6.69 23.49 41.68
CA GLN D 118 6.79 22.91 43.02
C GLN D 118 5.56 23.26 43.86
N ASP D 119 5.09 24.50 43.75
CA ASP D 119 3.91 24.90 44.52
C ASP D 119 2.70 24.06 44.12
N LEU D 120 2.52 23.83 42.82
CA LEU D 120 1.43 23.01 42.33
C LEU D 120 1.77 21.52 42.28
N GLN D 121 3.02 21.15 42.54
CA GLN D 121 3.41 19.75 42.50
C GLN D 121 2.72 18.98 43.60
N GLY D 122 1.92 17.98 43.22
CA GLY D 122 1.22 17.14 44.16
C GLY D 122 -0.11 17.67 44.62
N THR D 123 -0.54 18.84 44.16
CA THR D 123 -1.80 19.42 44.59
C THR D 123 -2.96 18.79 43.81
N SER D 124 -4.17 19.29 44.07
CA SER D 124 -5.38 18.79 43.42
C SER D 124 -5.77 19.60 42.19
N THR D 125 -4.79 20.19 41.50
CA THR D 125 -5.09 20.99 40.32
C THR D 125 -5.74 20.11 39.24
N ALA D 126 -6.77 20.64 38.63
CA ALA D 126 -7.54 19.90 37.62
C ALA D 126 -7.04 20.22 36.22
N VAL D 127 -7.38 19.34 35.28
CA VAL D 127 -7.05 19.52 33.88
C VAL D 127 -8.26 19.13 33.06
N TYR D 128 -8.58 19.95 32.05
CA TYR D 128 -9.69 19.68 31.13
C TYR D 128 -9.21 20.11 29.75
N VAL D 129 -8.84 19.13 28.92
CA VAL D 129 -8.25 19.37 27.62
C VAL D 129 -9.31 19.11 26.55
N GLY D 130 -9.48 20.09 25.65
CA GLY D 130 -10.41 19.93 24.55
C GLY D 130 -9.72 19.74 23.22
N VAL D 131 -9.74 18.51 22.70
CA VAL D 131 -9.16 18.19 21.40
C VAL D 131 -10.22 17.53 20.54
N MET D 132 -10.36 18.02 19.31
CA MET D 132 -11.25 17.41 18.34
C MET D 132 -10.55 16.47 17.39
N THR D 133 -9.27 16.73 17.08
CA THR D 133 -8.53 15.98 16.08
C THR D 133 -7.38 15.23 16.74
N HIS D 134 -7.20 13.98 16.30
CA HIS D 134 -6.08 13.16 16.76
C HIS D 134 -5.26 12.73 15.55
N ASP D 135 -4.94 13.71 14.69
CA ASP D 135 -4.30 13.39 13.41
C ASP D 135 -3.05 12.55 13.59
N TYR D 136 -2.29 12.79 14.66
CA TYR D 136 -1.04 12.05 14.84
C TYR D 136 -1.32 10.56 15.04
N GLU D 137 -2.34 10.22 15.82
CA GLU D 137 -2.78 8.85 16.13
C GLU D 137 -3.16 8.11 14.87
N THR D 138 -3.70 8.80 13.87
CA THR D 138 -4.01 8.18 12.59
C THR D 138 -2.84 8.27 11.61
N VAL D 139 -1.85 9.11 11.88
CA VAL D 139 -0.70 9.29 11.00
C VAL D 139 0.42 8.37 11.46
N SER D 140 0.83 8.52 12.72
CA SER D 140 1.87 7.65 13.26
C SER D 140 1.45 6.19 13.26
N THR D 141 0.15 5.92 13.32
CA THR D 141 -0.36 4.56 13.36
C THR D 141 -0.94 4.10 12.03
N ARG D 142 -0.85 4.91 10.97
CA ARG D 142 -1.35 4.46 9.67
C ARG D 142 -0.60 3.22 9.21
N ASP D 143 0.71 3.21 9.38
CA ASP D 143 1.53 2.03 9.15
C ASP D 143 1.74 1.36 10.50
N LEU D 144 1.07 0.23 10.72
CA LEU D 144 1.17 -0.46 12.00
C LEU D 144 2.62 -0.83 12.31
N GLU D 145 3.41 -1.10 11.28
CA GLU D 145 4.84 -1.27 11.48
C GLU D 145 5.49 0.09 11.74
N SER D 146 6.65 0.05 12.38
CA SER D 146 7.39 1.24 12.81
C SER D 146 6.70 1.98 13.94
N ILE D 147 5.58 1.48 14.44
CA ILE D 147 4.92 2.13 15.57
C ILE D 147 5.85 2.09 16.78
N PRO D 148 6.11 3.21 17.44
CA PRO D 148 7.01 3.18 18.60
C PRO D 148 6.38 2.45 19.78
N THR D 149 7.24 2.05 20.71
CA THR D 149 6.78 1.24 21.84
C THR D 149 5.74 1.99 22.66
N TYR D 150 5.97 3.28 22.93
CA TYR D 150 5.07 4.08 23.76
C TYR D 150 4.00 4.80 22.93
N SER D 151 3.65 4.26 21.77
CA SER D 151 2.69 4.94 20.89
C SER D 151 1.32 5.05 21.55
N ALA D 152 0.89 3.99 22.25
CA ALA D 152 -0.45 4.00 22.83
C ALA D 152 -0.64 5.20 23.75
N THR D 153 0.29 5.39 24.70
CA THR D 153 0.17 6.50 25.62
C THR D 153 0.59 7.83 24.99
N GLY D 154 1.35 7.80 23.91
CA GLY D 154 1.78 9.03 23.27
C GLY D 154 0.73 9.64 22.37
N VAL D 155 -0.17 8.82 21.84
CA VAL D 155 -1.19 9.29 20.92
C VAL D 155 -2.60 9.15 21.47
N ALA D 156 -2.81 8.36 22.53
CA ALA D 156 -4.13 8.23 23.11
C ALA D 156 -4.63 9.61 23.56
N VAL D 157 -5.88 9.90 23.21
CA VAL D 157 -6.40 11.25 23.40
C VAL D 157 -6.40 11.62 24.88
N SER D 158 -6.86 10.70 25.73
CA SER D 158 -6.94 10.97 27.16
C SER D 158 -5.58 11.39 27.72
N VAL D 159 -4.51 10.86 27.13
CA VAL D 159 -3.18 11.18 27.64
C VAL D 159 -2.90 12.67 27.46
N ALA D 160 -3.62 13.33 26.56
CA ALA D 160 -3.42 14.77 26.36
C ALA D 160 -3.51 15.52 27.69
N SER D 161 -4.43 15.11 28.57
CA SER D 161 -4.55 15.73 29.88
C SER D 161 -3.86 14.90 30.96
N ASN D 162 -3.92 13.57 30.83
CA ASN D 162 -3.33 12.72 31.85
C ASN D 162 -1.82 12.97 31.97
N ARG D 163 -1.16 13.20 30.85
CA ARG D 163 0.28 13.42 30.86
C ARG D 163 0.63 14.79 31.41
N ILE D 164 -0.22 15.79 31.14
CA ILE D 164 -0.03 17.10 31.76
C ILE D 164 -0.03 16.95 33.28
N SER D 165 -1.06 16.28 33.78
CA SER D 165 -1.15 16.09 35.23
C SER D 165 0.02 15.27 35.75
N TYR D 166 0.41 14.23 34.99
CA TYR D 166 1.53 13.38 35.40
C TYR D 166 2.82 14.17 35.51
N PHE D 167 3.11 15.01 34.52
CA PHE D 167 4.32 15.84 34.57
C PHE D 167 4.26 16.83 35.72
N PHE D 168 3.12 17.47 35.93
CA PHE D 168 2.99 18.45 37.00
C PHE D 168 2.62 17.84 38.34
N ASP D 169 2.52 16.51 38.41
CA ASP D 169 2.23 15.81 39.66
C ASP D 169 0.86 16.17 40.22
N TRP D 170 -0.02 16.69 39.37
CA TRP D 170 -1.33 17.12 39.81
C TRP D 170 -2.22 15.90 40.11
N HIS D 171 -3.22 16.13 40.97
CA HIS D 171 -4.15 15.09 41.36
C HIS D 171 -5.60 15.43 41.06
N GLY D 172 -5.86 16.56 40.41
CA GLY D 172 -7.21 16.90 40.04
C GLY D 172 -7.67 16.14 38.82
N PRO D 173 -8.96 16.27 38.49
CA PRO D 173 -9.49 15.57 37.32
C PRO D 173 -8.74 15.95 36.06
N SER D 174 -8.52 14.96 35.20
CA SER D 174 -7.80 15.13 33.94
C SER D 174 -8.68 14.59 32.81
N MET D 175 -9.52 15.46 32.27
CA MET D 175 -10.40 15.11 31.16
C MET D 175 -9.82 15.63 29.85
N THR D 176 -9.85 14.79 28.83
CA THR D 176 -9.55 15.20 27.46
C THR D 176 -10.89 15.27 26.72
N ILE D 177 -11.53 16.44 26.81
CA ILE D 177 -12.87 16.59 26.26
C ILE D 177 -12.81 16.56 24.73
N ASP D 178 -13.90 16.14 24.12
CA ASP D 178 -14.03 16.17 22.66
C ASP D 178 -15.50 16.43 22.35
N THR D 179 -15.85 17.71 22.17
CA THR D 179 -17.16 18.11 21.67
C THR D 179 -17.02 18.81 20.33
N ALA D 180 -16.04 18.38 19.52
CA ALA D 180 -15.74 18.99 18.24
C ALA D 180 -15.22 20.40 18.45
N CYS D 181 -15.76 21.38 17.71
CA CYS D 181 -15.21 22.73 17.77
C CYS D 181 -15.34 23.33 19.16
N SER D 182 -16.36 22.92 19.92
CA SER D 182 -16.59 23.48 21.25
C SER D 182 -15.78 22.79 22.33
N SER D 183 -15.06 21.72 21.99
CA SER D 183 -14.37 20.90 22.98
C SER D 183 -13.68 21.72 24.07
N SER D 184 -12.89 22.72 23.66
CA SER D 184 -12.10 23.48 24.63
C SER D 184 -12.98 24.31 25.55
N LEU D 185 -14.02 24.93 24.99
CA LEU D 185 -14.91 25.74 25.83
C LEU D 185 -15.74 24.87 26.77
N VAL D 186 -16.11 23.67 26.30
CA VAL D 186 -16.78 22.71 27.18
C VAL D 186 -15.85 22.30 28.31
N ALA D 187 -14.56 22.13 27.99
CA ALA D 187 -13.57 21.84 29.02
C ALA D 187 -13.46 23.00 30.00
N VAL D 188 -13.57 24.23 29.49
CA VAL D 188 -13.56 25.40 30.37
C VAL D 188 -14.76 25.34 31.31
N HIS D 189 -15.92 24.95 30.78
CA HIS D 189 -17.11 24.83 31.62
C HIS D 189 -16.90 23.78 32.72
N LEU D 190 -16.34 22.64 32.34
CA LEU D 190 -16.11 21.57 33.31
C LEU D 190 -15.11 22.03 34.38
N ALA D 191 -14.08 22.76 33.97
CA ALA D 191 -13.14 23.32 34.92
C ALA D 191 -13.82 24.30 35.86
N VAL D 192 -14.74 25.10 35.32
CA VAL D 192 -15.48 26.05 36.15
C VAL D 192 -16.29 25.30 37.20
N GLN D 193 -16.96 24.22 36.77
CA GLN D 193 -17.75 23.43 37.72
C GLN D 193 -16.85 22.83 38.80
N GLN D 194 -15.71 22.27 38.39
CA GLN D 194 -14.80 21.66 39.34
C GLN D 194 -14.29 22.68 40.35
N LEU D 195 -13.89 23.86 39.87
CA LEU D 195 -13.40 24.90 40.76
C LEU D 195 -14.48 25.38 41.71
N ARG D 196 -15.71 25.55 41.21
CA ARG D 196 -16.82 25.93 42.08
C ARG D 196 -17.14 24.88 43.12
N THR D 197 -16.91 23.60 42.81
CA THR D 197 -17.03 22.55 43.83
C THR D 197 -15.99 22.69 44.91
N GLY D 198 -14.87 23.36 44.64
CA GLY D 198 -13.82 23.54 45.62
C GLY D 198 -12.87 22.37 45.75
N GLN D 199 -13.08 21.30 44.99
CA GLN D 199 -12.21 20.12 45.08
C GLN D 199 -10.89 20.33 44.36
N SER D 200 -10.75 21.39 43.58
CA SER D 200 -9.52 21.68 42.85
C SER D 200 -9.18 23.15 43.02
N SER D 201 -8.03 23.42 43.65
CA SER D 201 -7.58 24.80 43.82
C SER D 201 -7.28 25.47 42.48
N MET D 202 -7.06 24.69 41.42
CA MET D 202 -6.70 25.22 40.12
C MET D 202 -7.15 24.24 39.05
N ALA D 203 -7.45 24.78 37.87
CA ALA D 203 -7.91 23.95 36.76
C ALA D 203 -7.30 24.48 35.47
N ILE D 204 -6.75 23.58 34.66
CA ILE D 204 -6.16 23.93 33.37
C ILE D 204 -7.20 23.61 32.30
N ALA D 205 -7.89 24.63 31.82
CA ALA D 205 -8.80 24.47 30.69
C ALA D 205 -8.01 24.71 29.42
N ALA D 206 -7.66 23.65 28.72
CA ALA D 206 -6.77 23.72 27.57
C ALA D 206 -7.44 23.08 26.36
N GLY D 207 -6.91 23.44 25.19
CA GLY D 207 -7.39 22.86 23.94
C GLY D 207 -6.23 22.67 22.99
N ALA D 208 -6.41 21.78 22.02
CA ALA D 208 -5.35 21.48 21.07
C ALA D 208 -5.94 20.98 19.77
N ASN D 209 -5.52 21.58 18.66
CA ASN D 209 -5.86 21.10 17.32
C ASN D 209 -4.67 21.36 16.43
N LEU D 210 -4.16 20.30 15.79
CA LEU D 210 -3.00 20.40 14.93
C LEU D 210 -3.26 19.71 13.61
N ILE D 211 -2.70 20.25 12.55
CA ILE D 211 -2.86 19.71 11.20
C ILE D 211 -1.60 18.90 10.91
N LEU D 212 -1.65 17.62 11.28
CA LEU D 212 -0.54 16.70 11.04
C LEU D 212 -0.81 15.69 9.94
N GLY D 213 -2.06 15.52 9.54
CA GLY D 213 -2.40 14.61 8.47
C GLY D 213 -3.66 15.07 7.74
N PRO D 214 -3.85 14.56 6.52
CA PRO D 214 -5.03 14.97 5.73
C PRO D 214 -6.31 14.23 6.08
N MET D 215 -6.27 13.32 7.06
CA MET D 215 -7.47 12.55 7.38
C MET D 215 -8.61 13.48 7.75
N THR D 216 -8.37 14.40 8.70
CA THR D 216 -9.40 15.35 9.08
C THR D 216 -9.79 16.25 7.91
N PHE D 217 -8.80 16.69 7.13
CA PHE D 217 -9.09 17.56 5.99
C PHE D 217 -10.01 16.87 5.00
N VAL D 218 -9.67 15.63 4.63
CA VAL D 218 -10.51 14.90 3.68
C VAL D 218 -11.89 14.66 4.26
N LEU D 219 -11.95 14.26 5.53
CA LEU D 219 -13.24 13.99 6.16
C LEU D 219 -14.14 15.21 6.11
N GLU D 220 -13.60 16.38 6.47
CA GLU D 220 -14.43 17.58 6.54
C GLU D 220 -14.77 18.10 5.15
N SER D 221 -13.81 18.04 4.22
CA SER D 221 -14.08 18.47 2.86
C SER D 221 -15.10 17.57 2.17
N LYS D 222 -15.22 16.32 2.62
CA LYS D 222 -16.24 15.44 2.06
C LYS D 222 -17.63 16.04 2.24
N LEU D 223 -17.84 16.78 3.33
CA LEU D 223 -19.08 17.47 3.60
C LEU D 223 -19.05 18.93 3.15
N SER D 224 -17.97 19.37 2.53
CA SER D 224 -17.77 20.77 2.15
C SER D 224 -17.72 21.69 3.36
N MET D 225 -17.48 21.13 4.54
CA MET D 225 -17.38 21.96 5.74
C MET D 225 -16.23 22.94 5.64
N LEU D 226 -15.08 22.49 5.12
CA LEU D 226 -13.92 23.36 4.98
C LEU D 226 -14.18 24.42 3.92
N SER D 227 -13.48 25.55 4.05
CA SER D 227 -13.64 26.66 3.13
C SER D 227 -12.69 26.49 1.95
N PRO D 228 -13.18 26.30 0.72
CA PRO D 228 -12.26 26.23 -0.42
C PRO D 228 -11.44 27.49 -0.59
N SER D 229 -11.99 28.65 -0.25
CA SER D 229 -11.21 29.89 -0.30
C SER D 229 -10.08 29.89 0.72
N GLY D 230 -10.12 28.97 1.69
CA GLY D 230 -9.05 28.85 2.66
C GLY D 230 -9.14 29.78 3.84
N ARG D 231 -10.26 30.48 4.02
CA ARG D 231 -10.42 31.41 5.13
C ARG D 231 -11.85 31.34 5.65
N SER D 232 -12.00 31.57 6.96
CA SER D 232 -13.31 31.57 7.60
C SER D 232 -13.88 32.99 7.51
N ARG D 233 -14.64 33.25 6.45
CA ARG D 233 -15.23 34.56 6.22
C ARG D 233 -16.50 34.66 7.05
N MET D 234 -16.34 35.12 8.29
CA MET D 234 -17.45 35.19 9.21
C MET D 234 -18.59 36.04 8.65
N TRP D 235 -19.80 35.48 8.66
CA TRP D 235 -21.02 36.21 8.31
C TRP D 235 -20.84 37.01 7.02
N ASP D 236 -20.06 36.47 6.09
CA ASP D 236 -19.75 37.13 4.83
C ASP D 236 -20.44 36.44 3.67
N ALA D 237 -20.72 37.20 2.62
CA ALA D 237 -21.32 36.63 1.42
C ALA D 237 -20.44 35.57 0.78
N GLY D 238 -19.14 35.59 1.07
CA GLY D 238 -18.22 34.57 0.64
C GLY D 238 -18.17 33.35 1.53
N ALA D 239 -19.12 33.22 2.45
CA ALA D 239 -19.15 32.10 3.37
C ALA D 239 -19.32 30.78 2.63
N ASP D 240 -18.26 29.98 2.59
CA ASP D 240 -18.27 28.68 1.91
C ASP D 240 -17.72 27.58 2.80
N GLY D 241 -17.67 27.80 4.11
CA GLY D 241 -17.14 26.87 5.07
C GLY D 241 -16.20 27.58 6.02
N TYR D 242 -15.37 26.79 6.70
CA TYR D 242 -14.37 27.34 7.61
C TYR D 242 -12.98 26.85 7.21
N ALA D 243 -11.97 27.61 7.62
CA ALA D 243 -10.58 27.27 7.36
C ALA D 243 -9.99 26.65 8.61
N ARG D 244 -9.53 25.41 8.50
CA ARG D 244 -8.93 24.74 9.65
C ARG D 244 -7.71 25.52 10.13
N GLY D 245 -7.56 25.60 11.45
CA GLY D 245 -6.45 26.29 12.05
C GLY D 245 -5.75 25.41 13.07
N GLU D 246 -4.47 25.69 13.27
CA GLU D 246 -3.66 25.02 14.28
C GLU D 246 -3.52 25.92 15.49
N ALA D 247 -3.73 25.37 16.67
CA ALA D 247 -3.60 26.14 17.90
C ALA D 247 -3.58 25.20 19.08
N VAL D 248 -2.79 25.55 20.09
CA VAL D 248 -2.74 24.85 21.36
C VAL D 248 -2.82 25.92 22.44
N CYS D 249 -3.96 25.96 23.15
CA CYS D 249 -4.21 26.98 24.15
C CYS D 249 -4.34 26.34 25.53
N SER D 250 -3.61 26.89 26.50
CA SER D 250 -3.71 26.49 27.88
C SER D 250 -4.12 27.69 28.71
N VAL D 251 -5.21 27.54 29.46
CA VAL D 251 -5.75 28.62 30.29
C VAL D 251 -5.85 28.11 31.72
N VAL D 252 -5.18 28.80 32.64
CA VAL D 252 -5.22 28.43 34.04
C VAL D 252 -6.44 29.08 34.67
N LEU D 253 -7.29 28.28 35.31
CA LEU D 253 -8.53 28.75 35.88
C LEU D 253 -8.54 28.47 37.38
N LYS D 254 -8.98 29.46 38.15
CA LYS D 254 -9.10 29.35 39.59
C LYS D 254 -10.31 30.15 40.05
N THR D 255 -10.78 29.86 41.25
CA THR D 255 -11.86 30.66 41.82
C THR D 255 -11.35 32.06 42.14
N LEU D 256 -12.19 33.05 41.89
CA LEU D 256 -11.76 34.44 42.07
C LEU D 256 -11.18 34.66 43.46
N SER D 257 -11.85 34.15 44.49
CA SER D 257 -11.32 34.27 45.85
C SER D 257 -10.00 33.53 45.98
N GLN D 258 -9.90 32.34 45.38
CA GLN D 258 -8.65 31.58 45.45
C GLN D 258 -7.51 32.33 44.77
N ALA D 259 -7.78 32.90 43.60
CA ALA D 259 -6.74 33.66 42.90
C ALA D 259 -6.32 34.87 43.71
N LEU D 260 -7.28 35.59 44.30
CA LEU D 260 -6.95 36.79 45.06
C LEU D 260 -6.15 36.45 46.30
N ARG D 261 -6.52 35.39 47.03
CA ARG D 261 -5.74 34.99 48.20
C ARG D 261 -4.37 34.47 47.79
N ASP D 262 -4.26 33.90 46.59
CA ASP D 262 -2.97 33.46 46.07
C ASP D 262 -2.23 34.57 45.33
N GLY D 263 -2.87 35.70 45.08
CA GLY D 263 -2.19 36.83 44.46
C GLY D 263 -1.68 36.56 43.07
N ASP D 264 -2.49 35.91 42.23
CA ASP D 264 -2.13 35.65 40.85
C ASP D 264 -2.56 36.80 39.95
N THR D 265 -1.79 37.02 38.88
CA THR D 265 -2.08 38.09 37.94
C THR D 265 -3.31 37.72 37.12
N ILE D 266 -4.42 38.40 37.39
CA ILE D 266 -5.69 38.07 36.75
C ILE D 266 -5.73 38.61 35.33
N GLU D 267 -6.24 37.80 34.40
CA GLU D 267 -6.48 38.22 33.03
C GLU D 267 -7.93 38.64 32.82
N CYS D 268 -8.87 37.77 33.15
CA CYS D 268 -10.28 38.05 33.00
C CYS D 268 -11.06 37.13 33.93
N VAL D 269 -12.34 37.43 34.09
CA VAL D 269 -13.22 36.68 34.99
C VAL D 269 -14.25 35.95 34.14
N ILE D 270 -14.24 34.62 34.21
CA ILE D 270 -15.24 33.79 33.56
C ILE D 270 -16.43 33.69 34.50
N ARG D 271 -17.37 34.64 34.38
CA ARG D 271 -18.48 34.70 35.32
C ARG D 271 -19.35 33.45 35.25
N GLU D 272 -19.64 32.98 34.04
CA GLU D 272 -20.48 31.81 33.86
C GLU D 272 -20.16 31.19 32.51
N THR D 273 -20.29 29.86 32.44
CA THR D 273 -20.02 29.11 31.21
C THR D 273 -21.11 28.05 31.07
N GLY D 274 -22.17 28.40 30.35
CA GLY D 274 -23.23 27.44 30.07
C GLY D 274 -22.91 26.58 28.86
N VAL D 275 -23.44 25.36 28.88
CA VAL D 275 -23.23 24.40 27.80
C VAL D 275 -24.58 23.79 27.44
N ASN D 276 -24.89 23.79 26.15
CA ASN D 276 -26.11 23.18 25.64
C ASN D 276 -25.81 22.54 24.30
N GLN D 277 -26.78 21.77 23.81
CA GLN D 277 -26.61 21.00 22.58
C GLN D 277 -27.83 21.21 21.69
N ASP D 278 -27.59 21.18 20.38
CA ASP D 278 -28.68 21.35 19.43
C ASP D 278 -29.51 20.07 19.33
N GLY D 279 -30.82 20.23 19.21
CA GLY D 279 -31.72 19.11 19.10
C GLY D 279 -31.65 18.44 17.74
N ARG D 280 -32.75 17.84 17.31
CA ARG D 280 -32.81 17.16 16.02
C ARG D 280 -32.95 18.22 14.91
N THR D 281 -31.87 18.97 14.73
CA THR D 281 -31.82 19.99 13.70
C THR D 281 -31.94 19.36 12.32
N THR D 282 -32.06 20.21 11.30
CA THR D 282 -32.11 19.73 9.93
C THR D 282 -30.72 19.28 9.49
N GLY D 283 -30.22 18.21 10.10
CA GLY D 283 -28.86 17.75 9.85
C GLY D 283 -28.01 17.79 11.10
N ILE D 284 -27.13 16.79 11.26
CA ILE D 284 -26.28 16.75 12.44
C ILE D 284 -25.36 17.97 12.49
N THR D 285 -24.80 18.35 11.34
CA THR D 285 -23.92 19.50 11.28
C THR D 285 -24.66 20.82 11.44
N MET D 286 -25.95 20.85 11.13
CA MET D 286 -26.71 22.10 11.16
C MET D 286 -26.90 22.55 12.61
N PRO D 287 -26.44 23.74 12.98
CA PRO D 287 -26.75 24.25 14.33
C PRO D 287 -28.18 24.74 14.43
N ASN D 288 -28.65 24.84 15.67
CA ASN D 288 -30.01 25.30 15.96
C ASN D 288 -29.93 26.68 16.61
N HIS D 289 -30.54 27.67 15.94
CA HIS D 289 -30.55 29.02 16.50
C HIS D 289 -31.31 29.08 17.81
N SER D 290 -32.44 28.38 17.90
CA SER D 290 -33.21 28.39 19.14
C SER D 290 -32.42 27.78 20.28
N ALA D 291 -31.71 26.68 20.03
CA ALA D 291 -30.93 26.05 21.08
C ALA D 291 -29.83 26.99 21.58
N GLN D 292 -29.15 27.67 20.66
CA GLN D 292 -28.08 28.59 21.07
C GLN D 292 -28.65 29.80 21.81
N GLU D 293 -29.82 30.29 21.38
CA GLU D 293 -30.46 31.37 22.10
C GLU D 293 -30.80 30.96 23.52
N ALA D 294 -31.35 29.74 23.68
CA ALA D 294 -31.65 29.24 25.02
C ALA D 294 -30.37 29.10 25.84
N LEU D 295 -29.29 28.64 25.20
CA LEU D 295 -28.01 28.54 25.90
C LEU D 295 -27.56 29.89 26.42
N ILE D 296 -27.62 30.92 25.57
CA ILE D 296 -27.17 32.25 25.97
C ILE D 296 -28.04 32.78 27.10
N LYS D 297 -29.35 32.62 26.97
CA LYS D 297 -30.26 33.11 28.02
C LYS D 297 -30.00 32.41 29.34
N ALA D 298 -29.84 31.08 29.32
CA ALA D 298 -29.58 30.33 30.54
C ALA D 298 -28.24 30.71 31.14
N THR D 299 -27.22 30.93 30.30
CA THR D 299 -25.91 31.31 30.82
C THR D 299 -25.98 32.67 31.50
N TYR D 300 -26.67 33.63 30.89
CA TYR D 300 -26.81 34.94 31.51
C TYR D 300 -27.61 34.87 32.79
N ALA D 301 -28.69 34.07 32.81
CA ALA D 301 -29.50 33.95 34.01
C ALA D 301 -28.69 33.31 35.15
N GLN D 302 -27.91 32.27 34.84
CA GLN D 302 -27.11 31.60 35.87
C GLN D 302 -26.07 32.54 36.45
N ALA D 303 -25.65 33.56 35.68
CA ALA D 303 -24.70 34.54 36.15
C ALA D 303 -25.35 35.68 36.92
N GLY D 304 -26.66 35.63 37.12
CA GLY D 304 -27.35 36.76 37.74
C GLY D 304 -27.49 37.95 36.83
N LEU D 305 -27.43 37.75 35.52
CA LEU D 305 -27.44 38.82 34.53
C LEU D 305 -28.72 38.77 33.74
N ASP D 306 -29.36 39.92 33.56
CA ASP D 306 -30.56 40.03 32.73
C ASP D 306 -30.15 40.29 31.30
N ILE D 307 -30.63 39.43 30.38
CA ILE D 307 -30.23 39.55 28.99
C ILE D 307 -30.75 40.85 28.40
N THR D 308 -32.01 41.19 28.71
CA THR D 308 -32.61 42.39 28.12
C THR D 308 -31.86 43.65 28.54
N LYS D 309 -31.50 43.76 29.82
CA LYS D 309 -30.84 44.96 30.30
C LYS D 309 -29.46 45.12 29.69
N ALA D 310 -29.17 46.32 29.21
CA ALA D 310 -27.87 46.58 28.60
C ALA D 310 -26.75 46.51 29.63
N GLU D 311 -27.01 46.93 30.87
CA GLU D 311 -25.98 46.90 31.90
C GLU D 311 -25.50 45.47 32.14
N ASP D 312 -26.44 44.52 32.25
CA ASP D 312 -26.07 43.12 32.42
C ASP D 312 -25.62 42.48 31.12
N ARG D 313 -26.10 42.98 29.99
CA ARG D 313 -25.77 42.39 28.70
C ARG D 313 -24.35 42.74 28.30
N CYS D 314 -23.69 41.79 27.63
CA CYS D 314 -22.31 41.96 27.22
C CYS D 314 -22.20 42.95 26.07
N GLN D 315 -21.07 43.65 26.02
CA GLN D 315 -20.78 44.57 24.94
C GLN D 315 -20.12 43.89 23.75
N PHE D 316 -19.44 42.77 23.98
CA PHE D 316 -18.78 42.03 22.92
C PHE D 316 -19.22 40.57 22.98
N PHE D 317 -19.20 39.90 21.83
CA PHE D 317 -19.69 38.53 21.71
C PHE D 317 -18.79 37.80 20.72
N GLU D 318 -17.80 37.07 21.25
CA GLU D 318 -16.95 36.24 20.40
C GLU D 318 -17.78 35.08 19.87
N ALA D 319 -18.16 35.16 18.60
CA ALA D 319 -19.07 34.21 18.00
C ALA D 319 -18.33 33.03 17.39
N HIS D 320 -19.05 31.93 17.23
CA HIS D 320 -18.49 30.77 16.53
C HIS D 320 -17.95 31.19 15.17
N GLY D 321 -18.76 31.91 14.40
CA GLY D 321 -18.30 32.61 13.22
C GLY D 321 -17.32 31.84 12.37
N THR D 322 -17.74 30.68 11.85
CA THR D 322 -16.87 29.82 11.07
C THR D 322 -16.95 30.09 9.58
N GLY D 323 -17.79 31.01 9.14
CA GLY D 323 -17.98 31.21 7.71
C GLY D 323 -18.81 30.13 7.06
N THR D 324 -19.49 29.28 7.83
CA THR D 324 -20.34 28.26 7.25
C THR D 324 -21.55 28.92 6.59
N PRO D 325 -21.97 28.44 5.42
CA PRO D 325 -23.11 29.06 4.74
C PRO D 325 -24.39 29.02 5.55
N ALA D 326 -24.58 27.99 6.37
CA ALA D 326 -25.81 27.81 7.14
C ALA D 326 -25.63 28.05 8.63
N GLY D 327 -24.46 27.73 9.18
CA GLY D 327 -24.26 27.92 10.61
C GLY D 327 -24.25 29.38 11.02
N ASP D 328 -23.61 30.23 10.21
CA ASP D 328 -23.52 31.65 10.55
C ASP D 328 -24.87 32.32 10.65
N PRO D 329 -25.80 32.15 9.71
CA PRO D 329 -27.15 32.71 9.91
C PRO D 329 -27.82 32.22 11.17
N GLN D 330 -27.68 30.94 11.50
CA GLN D 330 -28.29 30.43 12.72
C GLN D 330 -27.70 31.10 13.95
N GLU D 331 -26.38 31.25 13.98
CA GLU D 331 -25.74 31.90 15.12
C GLU D 331 -26.17 33.36 15.23
N ALA D 332 -26.23 34.06 14.11
CA ALA D 332 -26.65 35.46 14.14
C ALA D 332 -28.09 35.58 14.64
N GLU D 333 -28.97 34.71 14.16
CA GLU D 333 -30.35 34.72 14.63
C GLU D 333 -30.42 34.44 16.13
N ALA D 334 -29.64 33.47 16.61
CA ALA D 334 -29.65 33.16 18.03
C ALA D 334 -29.19 34.36 18.85
N ILE D 335 -28.11 35.01 18.42
CA ILE D 335 -27.59 36.16 19.15
C ILE D 335 -28.63 37.28 19.16
N ALA D 336 -29.22 37.57 18.00
CA ALA D 336 -30.18 38.66 17.92
C ALA D 336 -31.40 38.38 18.79
N THR D 337 -31.91 37.15 18.75
CA THR D 337 -33.08 36.82 19.56
C THR D 337 -32.76 36.84 21.05
N ALA D 338 -31.58 36.37 21.45
CA ALA D 338 -31.23 36.38 22.86
C ALA D 338 -31.05 37.80 23.37
N PHE D 339 -30.38 38.65 22.59
CA PHE D 339 -30.10 40.02 23.00
C PHE D 339 -31.13 41.03 22.48
N PHE D 340 -31.90 40.67 21.47
CA PHE D 340 -32.86 41.59 20.87
C PHE D 340 -34.11 40.79 20.49
N GLY D 341 -34.99 41.42 19.71
CA GLY D 341 -36.24 40.82 19.33
C GLY D 341 -37.37 41.04 20.31
N HIS D 342 -37.09 41.60 21.48
CA HIS D 342 -38.10 41.91 22.48
C HIS D 342 -38.53 43.37 22.45
N GLU D 343 -38.04 44.15 21.49
CA GLU D 343 -38.40 45.56 21.39
C GLU D 343 -39.79 45.72 20.78
N ARG D 353 -29.48 53.86 20.02
CA ARG D 353 -29.40 52.40 20.16
C ARG D 353 -28.10 51.91 19.50
N ALA D 354 -27.04 51.84 20.29
CA ALA D 354 -25.77 51.37 19.77
C ALA D 354 -25.84 49.87 19.48
N PRO D 355 -25.07 49.40 18.50
CA PRO D 355 -25.07 47.97 18.18
C PRO D 355 -24.18 47.19 19.15
N LEU D 356 -24.29 45.86 19.06
CA LEU D 356 -23.47 44.95 19.83
C LEU D 356 -22.38 44.38 18.95
N PHE D 357 -21.14 44.42 19.44
CA PHE D 357 -20.00 43.97 18.66
C PHE D 357 -19.86 42.46 18.73
N VAL D 358 -19.71 41.83 17.57
CA VAL D 358 -19.53 40.38 17.46
C VAL D 358 -18.29 40.14 16.62
N GLY D 359 -17.27 39.51 17.21
CA GLY D 359 -16.05 39.21 16.50
C GLY D 359 -15.56 37.80 16.74
N SER D 360 -15.45 37.02 15.67
CA SER D 360 -15.05 35.62 15.77
C SER D 360 -13.53 35.51 15.62
N ALA D 361 -12.88 34.93 16.63
CA ALA D 361 -11.44 34.71 16.56
C ALA D 361 -11.05 33.79 15.41
N LYS D 362 -12.00 33.00 14.90
CA LYS D 362 -11.70 32.05 13.85
C LYS D 362 -11.39 32.72 12.52
N THR D 363 -11.68 34.02 12.39
CA THR D 363 -11.34 34.73 11.16
C THR D 363 -9.86 35.07 11.11
N VAL D 364 -9.25 35.36 12.26
CA VAL D 364 -7.86 35.80 12.31
C VAL D 364 -6.91 34.62 12.44
N VAL D 365 -7.11 33.78 13.46
CA VAL D 365 -6.26 32.61 13.66
C VAL D 365 -6.82 31.35 13.02
N GLY D 366 -7.95 31.45 12.33
CA GLY D 366 -8.56 30.29 11.71
C GLY D 366 -9.40 29.50 12.68
N HIS D 367 -10.22 28.62 12.12
CA HIS D 367 -11.04 27.72 12.93
C HIS D 367 -10.14 26.62 13.48
N THR D 368 -9.74 26.77 14.75
CA THR D 368 -8.83 25.81 15.37
C THR D 368 -9.56 24.63 16.00
N GLU D 369 -10.80 24.38 15.57
CA GLU D 369 -11.52 23.17 15.94
C GLU D 369 -11.63 23.01 17.46
N GLY D 370 -10.97 21.98 18.02
CA GLY D 370 -11.16 21.68 19.42
C GLY D 370 -10.83 22.86 20.32
N THR D 371 -9.77 23.58 19.98
CA THR D 371 -9.38 24.76 20.75
C THR D 371 -9.99 26.04 20.19
N ALA D 372 -10.97 25.94 19.28
CA ALA D 372 -11.61 27.14 18.75
C ALA D 372 -12.30 27.91 19.86
N GLY D 373 -12.96 27.19 20.76
CA GLY D 373 -13.60 27.80 21.90
C GLY D 373 -12.61 28.56 22.75
N LEU D 374 -11.47 27.95 23.05
CA LEU D 374 -10.48 28.62 23.88
C LEU D 374 -9.81 29.77 23.14
N ALA D 375 -9.71 29.67 21.81
CA ALA D 375 -9.19 30.78 21.03
C ALA D 375 -10.12 31.98 21.14
N GLY D 376 -11.42 31.76 20.98
CA GLY D 376 -12.39 32.82 21.18
C GLY D 376 -12.36 33.35 22.60
N LEU D 377 -12.16 32.45 23.57
CA LEU D 377 -12.08 32.86 24.96
C LEU D 377 -10.87 33.77 25.21
N MET D 378 -9.74 33.43 24.60
CA MET D 378 -8.55 34.27 24.72
C MET D 378 -8.78 35.62 24.05
N LYS D 379 -9.43 35.62 22.90
CA LYS D 379 -9.75 36.87 22.22
C LYS D 379 -10.60 37.76 23.13
N ALA D 380 -11.67 37.19 23.69
CA ALA D 380 -12.55 37.96 24.57
C ALA D 380 -11.82 38.41 25.82
N SER D 381 -10.97 37.54 26.37
CA SER D 381 -10.23 37.87 27.58
C SER D 381 -9.31 39.06 27.35
N PHE D 382 -8.54 39.02 26.26
CA PHE D 382 -7.64 40.13 25.98
C PHE D 382 -8.42 41.39 25.64
N ALA D 383 -9.55 41.25 24.94
CA ALA D 383 -10.36 42.42 24.61
C ALA D 383 -10.89 43.09 25.87
N VAL D 384 -11.39 42.30 26.81
CA VAL D 384 -11.95 42.85 28.04
C VAL D 384 -10.84 43.38 28.95
N ARG D 385 -9.67 42.74 28.95
CA ARG D 385 -8.58 43.17 29.81
C ARG D 385 -7.96 44.48 29.32
N HIS D 386 -7.73 44.58 28.01
CA HIS D 386 -7.20 45.80 27.40
C HIS D 386 -8.29 46.77 26.98
N GLY D 387 -9.56 46.37 27.08
CA GLY D 387 -10.65 47.24 26.69
C GLY D 387 -10.64 47.60 25.22
N VAL D 388 -10.19 46.70 24.36
CA VAL D 388 -10.16 46.91 22.91
C VAL D 388 -10.87 45.73 22.25
N ILE D 389 -11.80 46.04 21.35
CA ILE D 389 -12.53 45.02 20.61
C ILE D 389 -11.71 44.67 19.37
N PRO D 390 -11.04 43.51 19.34
CA PRO D 390 -10.24 43.19 18.17
C PRO D 390 -11.12 43.01 16.95
N PRO D 391 -10.60 43.31 15.76
CA PRO D 391 -11.40 43.20 14.54
C PRO D 391 -11.43 41.77 14.01
N ASN D 392 -12.08 41.61 12.85
CA ASN D 392 -12.14 40.35 12.14
C ASN D 392 -11.62 40.59 10.73
N LEU D 393 -10.52 39.92 10.40
CA LEU D 393 -9.80 40.22 9.17
C LEU D 393 -10.66 39.99 7.93
N LEU D 394 -11.37 38.86 7.89
CA LEU D 394 -12.14 38.47 6.71
C LEU D 394 -13.61 38.81 6.92
N PHE D 395 -13.96 40.06 6.59
CA PHE D 395 -15.35 40.48 6.55
C PHE D 395 -15.44 41.66 5.59
N ASP D 396 -15.93 41.40 4.38
CA ASP D 396 -16.07 42.42 3.36
C ASP D 396 -17.51 42.87 3.15
N LYS D 397 -18.46 41.94 3.14
CA LYS D 397 -19.86 42.27 2.95
C LYS D 397 -20.71 41.31 3.75
N ILE D 398 -21.72 41.84 4.44
CA ILE D 398 -22.58 41.01 5.28
C ILE D 398 -23.30 39.98 4.41
N SER D 399 -23.34 38.75 4.89
CA SER D 399 -24.01 37.70 4.15
C SER D 399 -25.51 38.00 4.05
N PRO D 400 -26.13 37.79 2.87
CA PRO D 400 -27.58 38.03 2.79
C PRO D 400 -28.37 37.21 3.79
N ARG D 401 -27.95 35.98 4.06
CA ARG D 401 -28.66 35.14 5.03
C ARG D 401 -28.45 35.63 6.46
N VAL D 402 -27.47 36.50 6.69
CA VAL D 402 -27.21 37.03 8.02
C VAL D 402 -27.74 38.45 8.20
N ALA D 403 -28.00 39.17 7.11
CA ALA D 403 -28.47 40.55 7.23
C ALA D 403 -29.73 40.68 8.07
N PRO D 404 -30.74 39.81 7.94
CA PRO D 404 -31.96 40.01 8.76
C PRO D 404 -31.68 40.06 10.24
N PHE D 405 -30.73 39.26 10.73
CA PHE D 405 -30.38 39.23 12.14
C PHE D 405 -29.19 40.12 12.46
N TYR D 406 -28.67 40.86 11.49
CA TYR D 406 -27.53 41.75 11.68
C TYR D 406 -27.95 43.18 12.00
N LYS D 407 -29.24 43.44 12.16
CA LYS D 407 -29.71 44.80 12.42
C LYS D 407 -29.11 45.34 13.71
N ASN D 408 -29.11 44.54 14.78
CA ASN D 408 -28.64 44.97 16.09
C ASN D 408 -27.22 44.50 16.38
N LEU D 409 -26.46 44.12 15.35
CA LEU D 409 -25.11 43.60 15.52
C LEU D 409 -24.16 44.28 14.56
N ARG D 410 -22.90 44.39 14.98
CA ARG D 410 -21.85 44.98 14.16
C ARG D 410 -20.61 44.11 14.25
N ILE D 411 -19.98 43.84 13.12
CA ILE D 411 -18.75 43.07 13.05
C ILE D 411 -17.59 44.06 12.92
N PRO D 412 -16.72 44.20 13.92
CA PRO D 412 -15.66 45.20 13.84
C PRO D 412 -14.56 44.76 12.88
N THR D 413 -14.25 45.63 11.92
CA THR D 413 -13.12 45.45 11.02
C THR D 413 -11.91 46.29 11.44
N GLU D 414 -12.00 47.00 12.57
CA GLU D 414 -10.90 47.76 13.12
C GLU D 414 -10.80 47.49 14.60
N ALA D 415 -9.68 47.89 15.21
CA ALA D 415 -9.49 47.73 16.63
C ALA D 415 -10.34 48.74 17.39
N THR D 416 -11.66 48.57 17.30
CA THR D 416 -12.58 49.54 17.88
C THR D 416 -12.46 49.54 19.40
N GLN D 417 -12.47 50.74 19.98
CA GLN D 417 -12.43 50.87 21.43
C GLN D 417 -13.75 50.39 22.02
N TRP D 418 -13.68 49.99 23.30
CA TRP D 418 -14.86 49.42 23.94
C TRP D 418 -15.96 50.46 24.02
N PRO D 419 -17.24 50.07 23.82
CA PRO D 419 -18.33 51.04 23.92
C PRO D 419 -18.45 51.64 25.32
N ALA D 420 -19.37 52.59 25.47
CA ALA D 420 -19.58 53.22 26.76
C ALA D 420 -20.10 52.21 27.78
N LEU D 421 -19.73 52.41 29.03
CA LEU D 421 -20.12 51.53 30.12
C LEU D 421 -20.67 52.35 31.28
N PRO D 422 -21.66 51.80 32.01
CA PRO D 422 -22.06 52.45 33.26
C PRO D 422 -20.93 52.38 34.28
N PRO D 423 -20.81 53.39 35.14
CA PRO D 423 -19.75 53.35 36.16
C PRO D 423 -19.93 52.15 37.08
N GLY D 424 -18.81 51.53 37.43
CA GLY D 424 -18.82 50.37 38.30
C GLY D 424 -19.16 49.05 37.63
N GLN D 425 -19.45 49.07 36.32
CA GLN D 425 -19.77 47.85 35.59
C GLN D 425 -18.54 47.41 34.80
N PRO D 426 -17.98 46.24 35.06
CA PRO D 426 -16.82 45.80 34.28
C PRO D 426 -17.19 45.52 32.83
N ARG D 427 -16.21 45.69 31.95
CA ARG D 427 -16.39 45.28 30.56
C ARG D 427 -16.79 43.82 30.51
N ARG D 428 -17.81 43.51 29.73
CA ARG D 428 -18.36 42.16 29.64
C ARG D 428 -18.34 41.70 28.19
N ALA D 429 -17.83 40.48 27.98
CA ALA D 429 -17.76 39.88 26.66
C ALA D 429 -18.27 38.45 26.74
N SER D 430 -18.68 37.93 25.60
CA SER D 430 -19.24 36.58 25.51
C SER D 430 -18.43 35.75 24.53
N VAL D 431 -18.29 34.46 24.85
CA VAL D 431 -17.56 33.52 24.01
C VAL D 431 -18.52 32.40 23.62
N ASN D 432 -18.58 32.10 22.33
CA ASN D 432 -19.48 31.10 21.80
C ASN D 432 -18.72 30.18 20.87
N SER D 433 -18.96 28.87 20.99
CA SER D 433 -18.28 27.87 20.19
C SER D 433 -19.25 26.74 19.89
N PHE D 434 -19.49 26.47 18.60
CA PHE D 434 -20.39 25.41 18.18
C PHE D 434 -19.58 24.34 17.46
N GLY D 435 -19.64 23.12 17.97
CA GLY D 435 -19.01 21.97 17.32
C GLY D 435 -20.03 21.21 16.50
N PHE D 436 -19.58 20.69 15.36
CA PHE D 436 -20.48 19.91 14.52
C PHE D 436 -21.06 18.76 15.34
N GLY D 437 -22.35 18.55 15.19
CA GLY D 437 -23.13 17.79 16.13
C GLY D 437 -23.98 18.66 17.03
N GLY D 438 -23.63 19.94 17.17
CA GLY D 438 -24.48 20.92 17.82
C GLY D 438 -24.13 21.25 19.25
N THR D 439 -23.09 20.63 19.83
CA THR D 439 -22.69 20.94 21.19
C THR D 439 -22.20 22.38 21.26
N ASN D 440 -23.00 23.26 21.84
CA ASN D 440 -22.70 24.68 21.92
C ASN D 440 -22.28 25.03 23.34
N ALA D 441 -21.15 25.71 23.46
CA ALA D 441 -20.66 26.21 24.75
C ALA D 441 -20.63 27.72 24.71
N HIS D 442 -21.22 28.36 25.72
CA HIS D 442 -21.27 29.80 25.82
C HIS D 442 -20.67 30.23 27.15
N ALA D 443 -19.76 31.21 27.10
CA ALA D 443 -19.09 31.71 28.29
C ALA D 443 -19.26 33.22 28.36
N ILE D 444 -19.51 33.71 29.57
CA ILE D 444 -19.62 35.14 29.84
C ILE D 444 -18.36 35.56 30.59
N ILE D 445 -17.64 36.53 30.04
CA ILE D 445 -16.36 36.96 30.58
C ILE D 445 -16.46 38.44 30.96
N GLU D 446 -15.80 38.79 32.06
CA GLU D 446 -15.77 40.16 32.54
C GLU D 446 -14.36 40.49 33.02
N GLU D 447 -13.90 41.70 32.70
CA GLU D 447 -12.61 42.15 33.22
C GLU D 447 -12.68 42.29 34.73
N TYR D 448 -11.58 41.95 35.40
CA TYR D 448 -11.52 42.10 36.84
C TYR D 448 -11.34 43.57 37.19
N MET D 449 -12.19 44.07 38.09
CA MET D 449 -12.19 45.50 38.40
C MET D 449 -10.88 45.91 39.05
N GLU D 450 -10.32 45.07 39.91
CA GLU D 450 -9.10 45.40 40.64
C GLU D 450 -9.31 46.68 41.45
N PRO D 451 -10.19 46.65 42.47
CA PRO D 451 -10.47 47.84 43.29
C PRO D 451 -9.27 48.26 44.14
N LEU D 471 17.91 48.23 47.82
CA LEU D 471 18.02 46.78 47.95
C LEU D 471 17.15 46.10 46.92
N SER D 472 17.75 45.25 46.09
CA SER D 472 17.06 44.53 45.04
C SER D 472 17.27 43.02 45.21
N LEU D 473 16.20 42.26 45.04
CA LEU D 473 16.31 40.81 45.10
C LEU D 473 17.12 40.29 43.93
N PRO D 474 17.81 39.16 44.10
CA PRO D 474 18.56 38.60 42.97
C PRO D 474 17.61 38.21 41.85
N LEU D 475 18.07 38.42 40.61
CA LEU D 475 17.31 38.04 39.43
C LEU D 475 17.60 36.58 39.15
N VAL D 476 16.69 35.71 39.58
CA VAL D 476 16.89 34.27 39.51
C VAL D 476 16.32 33.73 38.22
N LEU D 477 17.07 32.84 37.58
CA LEU D 477 16.63 32.16 36.36
C LEU D 477 16.98 30.69 36.47
N SER D 478 16.09 29.84 35.97
CA SER D 478 16.26 28.40 36.09
C SER D 478 15.77 27.73 34.82
N ALA D 479 16.26 26.51 34.61
CA ALA D 479 15.87 25.71 33.45
C ALA D 479 16.15 24.24 33.77
N LYS D 480 15.58 23.36 32.95
CA LYS D 480 15.86 21.94 33.06
C LYS D 480 17.14 21.53 32.35
N SER D 481 17.79 22.45 31.65
CA SER D 481 19.04 22.18 30.96
C SER D 481 19.90 23.44 30.98
N GLN D 482 21.22 23.25 31.08
CA GLN D 482 22.12 24.40 31.12
C GLN D 482 22.01 25.24 29.86
N ARG D 483 21.83 24.60 28.71
CA ARG D 483 21.61 25.35 27.47
C ARG D 483 20.32 26.17 27.58
N SER D 484 19.26 25.56 28.10
CA SER D 484 18.02 26.30 28.30
C SER D 484 18.21 27.44 29.29
N LEU D 485 19.06 27.25 30.29
CA LEU D 485 19.31 28.32 31.25
C LEU D 485 20.08 29.48 30.61
N LYS D 486 21.05 29.17 29.76
CA LYS D 486 21.77 30.22 29.04
C LYS D 486 20.82 30.98 28.12
N ILE D 487 19.93 30.25 27.44
CA ILE D 487 18.93 30.92 26.60
C ILE D 487 17.99 31.75 27.46
N MET D 488 17.67 31.27 28.66
CA MET D 488 16.87 32.05 29.59
C MET D 488 17.55 33.38 29.92
N MET D 489 18.84 33.32 30.23
CA MET D 489 19.56 34.55 30.55
C MET D 489 19.60 35.50 29.35
N GLU D 490 19.84 34.97 28.15
CA GLU D 490 19.88 35.82 26.97
C GLU D 490 18.53 36.47 26.72
N GLU D 491 17.45 35.69 26.81
CA GLU D 491 16.13 36.23 26.57
C GLU D 491 15.74 37.25 27.63
N MET D 492 16.12 37.00 28.89
CA MET D 492 15.83 37.97 29.94
C MET D 492 16.60 39.26 29.71
N LEU D 493 17.86 39.17 29.24
CA LEU D 493 18.60 40.37 28.92
C LEU D 493 17.94 41.14 27.78
N GLN D 494 17.50 40.44 26.74
CA GLN D 494 16.82 41.11 25.64
C GLN D 494 15.52 41.76 26.12
N PHE D 495 14.76 41.07 26.97
CA PHE D 495 13.52 41.62 27.49
C PHE D 495 13.79 42.86 28.34
N LEU D 496 14.83 42.82 29.17
CA LEU D 496 15.20 44.01 29.94
C LEU D 496 15.57 45.17 29.04
N GLN D 497 16.34 44.89 27.98
CA GLN D 497 16.64 45.94 27.01
C GLN D 497 15.37 46.47 26.37
N SER D 498 14.36 45.61 26.18
CA SER D 498 13.09 46.04 25.61
C SER D 498 12.15 46.66 26.63
N HIS D 499 12.30 46.31 27.91
CA HIS D 499 11.42 46.79 28.98
C HIS D 499 12.26 47.31 30.13
N PRO D 500 13.03 48.38 29.92
CA PRO D 500 13.71 49.02 31.05
C PRO D 500 12.77 49.68 32.03
N GLU D 501 11.52 49.94 31.64
CA GLU D 501 10.58 50.64 32.51
C GLU D 501 10.10 49.75 33.65
N ILE D 502 10.09 48.43 33.46
CA ILE D 502 9.53 47.53 34.45
C ILE D 502 10.35 47.61 35.74
N HIS D 503 9.64 47.73 36.87
CA HIS D 503 10.29 47.85 38.15
C HIS D 503 11.12 46.60 38.45
N LEU D 504 12.35 46.82 38.91
CA LEU D 504 13.26 45.70 39.15
C LEU D 504 12.77 44.80 40.28
N HIS D 505 12.24 45.40 41.35
CA HIS D 505 11.78 44.60 42.48
C HIS D 505 10.67 43.65 42.05
N ASP D 506 9.70 44.14 41.27
CA ASP D 506 8.62 43.30 40.81
C ASP D 506 9.14 42.16 39.94
N LEU D 507 10.07 42.48 39.03
CA LEU D 507 10.63 41.44 38.16
C LEU D 507 11.33 40.36 38.97
N THR D 508 12.17 40.76 39.92
CA THR D 508 12.90 39.80 40.72
C THR D 508 11.97 38.96 41.58
N TRP D 509 10.96 39.60 42.19
CA TRP D 509 10.02 38.85 43.01
C TRP D 509 9.22 37.85 42.17
N SER D 510 8.80 38.25 40.97
CA SER D 510 8.09 37.33 40.11
C SER D 510 8.97 36.16 39.71
N LEU D 511 10.24 36.44 39.39
CA LEU D 511 11.17 35.35 39.06
C LEU D 511 11.48 34.46 40.26
N LEU D 512 11.31 34.97 41.48
CA LEU D 512 11.62 34.21 42.68
C LEU D 512 10.42 33.38 43.15
N ARG D 513 9.31 34.04 43.48
CA ARG D 513 8.16 33.34 44.05
C ARG D 513 7.14 32.96 42.99
N LYS D 514 6.92 33.82 42.00
CA LYS D 514 5.93 33.58 40.95
C LYS D 514 6.51 32.89 39.73
N ARG D 515 7.61 32.15 39.90
CA ARG D 515 8.22 31.42 38.80
C ARG D 515 8.80 30.11 39.32
N SER D 516 8.75 29.09 38.47
CA SER D 516 9.20 27.76 38.87
C SER D 516 10.70 27.71 39.02
N VAL D 517 11.16 26.83 39.92
CA VAL D 517 12.57 26.56 40.13
C VAL D 517 12.90 25.22 39.51
N LEU D 518 14.00 25.15 38.79
CA LEU D 518 14.36 24.00 37.98
C LEU D 518 15.79 23.58 38.28
N PRO D 519 16.16 22.33 37.95
CA PRO D 519 17.46 21.81 38.41
C PRO D 519 18.65 22.68 38.03
N PHE D 520 18.66 23.23 36.81
CA PHE D 520 19.73 24.13 36.40
C PHE D 520 19.36 25.56 36.78
N ARG D 521 20.20 26.18 37.60
CA ARG D 521 19.88 27.47 38.21
C ARG D 521 21.03 28.43 38.03
N ARG D 522 20.68 29.72 37.93
CA ARG D 522 21.66 30.80 37.93
C ARG D 522 20.95 32.07 38.35
N ALA D 523 21.48 32.75 39.36
CA ALA D 523 20.89 33.96 39.91
C ALA D 523 21.84 35.13 39.66
N ILE D 524 21.28 36.24 39.18
CA ILE D 524 22.04 37.41 38.79
C ILE D 524 21.98 38.45 39.91
N VAL D 525 22.99 39.31 39.96
CA VAL D 525 23.14 40.31 41.00
C VAL D 525 23.25 41.69 40.35
N GLY D 526 22.48 42.65 40.86
CA GLY D 526 22.56 44.01 40.36
C GLY D 526 21.62 44.96 41.07
N HIS D 527 22.14 46.14 41.43
CA HIS D 527 21.31 47.14 42.10
C HIS D 527 20.19 47.62 41.19
N SER D 528 20.51 47.92 39.93
CA SER D 528 19.55 48.50 39.01
C SER D 528 19.54 47.78 37.67
N HIS D 529 18.77 48.30 36.72
CA HIS D 529 18.61 47.60 35.44
C HIS D 529 19.92 47.52 34.68
N GLU D 530 20.71 48.60 34.69
CA GLU D 530 22.00 48.57 34.01
C GLU D 530 22.94 47.54 34.66
N THR D 531 22.99 47.55 35.99
CA THR D 531 23.81 46.58 36.70
C THR D 531 23.33 45.16 36.45
N ILE D 532 22.01 44.95 36.43
CA ILE D 532 21.47 43.62 36.21
C ILE D 532 21.80 43.16 34.79
N ARG D 533 21.74 44.06 33.81
CA ARG D 533 22.08 43.68 32.44
C ARG D 533 23.55 43.31 32.32
N ARG D 534 24.44 44.11 32.93
CA ARG D 534 25.86 43.77 32.86
C ARG D 534 26.15 42.46 33.59
N ALA D 535 25.48 42.20 34.70
CA ALA D 535 25.66 40.94 35.40
C ALA D 535 25.13 39.78 34.58
N LEU D 536 24.03 39.99 33.85
CA LEU D 536 23.53 38.97 32.94
C LEU D 536 24.55 38.66 31.85
N GLU D 537 25.16 39.71 31.29
CA GLU D 537 26.20 39.49 30.29
C GLU D 537 27.37 38.71 30.88
N ASP D 538 27.79 39.07 32.10
CA ASP D 538 28.88 38.36 32.74
C ASP D 538 28.54 36.89 32.97
N ALA D 539 27.30 36.62 33.42
CA ALA D 539 26.88 35.24 33.64
C ALA D 539 26.85 34.46 32.33
N ILE D 540 26.35 35.09 31.26
CA ILE D 540 26.33 34.43 29.96
C ILE D 540 27.75 34.09 29.52
N GLU D 541 28.69 35.03 29.72
CA GLU D 541 30.08 34.74 29.37
C GLU D 541 30.63 33.61 30.22
N ASP D 542 30.30 33.57 31.50
CA ASP D 542 30.86 32.56 32.39
C ASP D 542 30.33 31.18 32.05
N GLY D 543 29.01 31.01 32.05
CA GLY D 543 28.41 29.71 31.86
C GLY D 543 28.36 28.85 33.11
N ILE D 544 28.74 29.39 34.26
CA ILE D 544 28.72 28.64 35.52
C ILE D 544 27.30 28.65 36.06
N VAL D 545 26.69 27.48 36.18
CA VAL D 545 25.31 27.34 36.63
C VAL D 545 25.21 26.18 37.59
N SER D 546 24.43 26.36 38.65
CA SER D 546 24.18 25.28 39.59
C SER D 546 23.29 24.21 38.96
N SER D 547 23.39 23.00 39.49
CA SER D 547 22.63 21.86 38.99
C SER D 547 21.98 21.13 40.14
N ASP D 548 20.67 20.92 40.05
CA ASP D 548 19.90 20.19 41.05
C ASP D 548 20.28 20.60 42.47
N GLY D 555 12.86 22.41 50.64
CA GLY D 555 12.66 22.50 52.08
C GLY D 555 13.96 22.43 52.85
N GLN D 556 14.91 23.30 52.48
CA GLN D 556 16.23 23.35 53.13
C GLN D 556 16.57 24.81 53.44
N PRO D 557 15.83 25.43 54.36
CA PRO D 557 16.10 26.83 54.71
C PRO D 557 17.13 27.03 55.82
N SER D 558 17.51 25.96 56.53
CA SER D 558 18.41 26.11 57.67
C SER D 558 19.75 26.66 57.22
N VAL D 559 20.29 27.59 58.01
CA VAL D 559 21.60 28.19 57.77
C VAL D 559 22.38 28.22 59.06
N LEU D 560 23.71 28.29 58.94
CA LEU D 560 24.61 28.42 60.08
C LEU D 560 25.09 29.87 60.13
N GLY D 561 24.55 30.64 61.07
CA GLY D 561 24.93 32.03 61.21
C GLY D 561 26.36 32.18 61.70
N ILE D 562 27.25 32.64 60.82
CA ILE D 562 28.65 32.87 61.15
C ILE D 562 28.87 34.38 61.14
N PHE D 563 29.45 34.90 62.22
CA PHE D 563 29.53 36.34 62.46
C PHE D 563 30.98 36.78 62.45
N THR D 564 31.29 37.73 61.56
CA THR D 564 32.64 38.27 61.49
C THR D 564 32.96 39.09 62.73
N GLY D 565 34.19 38.94 63.22
CA GLY D 565 34.62 39.67 64.41
C GLY D 565 35.28 40.99 64.07
N GLN D 566 35.84 41.60 65.11
CA GLN D 566 36.49 42.90 64.96
C GLN D 566 37.74 42.77 64.10
N GLY D 567 38.04 43.83 63.36
CA GLY D 567 39.20 43.89 62.49
C GLY D 567 38.92 43.53 61.06
N ALA D 568 37.78 42.90 60.77
CA ALA D 568 37.41 42.54 59.41
C ALA D 568 36.59 43.62 58.71
N GLN D 569 36.23 44.69 59.41
CA GLN D 569 35.39 45.72 58.82
C GLN D 569 36.09 46.38 57.64
N TRP D 570 35.31 46.75 56.64
CA TRP D 570 35.78 47.44 55.45
C TRP D 570 35.24 48.87 55.44
N PRO D 571 35.89 49.78 54.70
CA PRO D 571 35.38 51.16 54.65
C PRO D 571 33.98 51.22 54.07
N GLY D 572 33.15 52.09 54.65
CA GLY D 572 31.83 52.37 54.12
C GLY D 572 30.91 51.17 54.02
N MET D 573 30.84 50.36 55.07
CA MET D 573 29.90 49.24 55.08
C MET D 573 28.48 49.76 55.30
N LEU D 574 27.52 49.09 54.66
CA LEU D 574 26.10 49.39 54.71
C LEU D 574 25.74 50.72 54.05
N LYS D 575 26.71 51.42 53.44
CA LYS D 575 26.39 52.70 52.83
C LYS D 575 25.31 52.56 51.77
N ASN D 576 25.49 51.59 50.86
CA ASN D 576 24.49 51.37 49.82
C ASN D 576 23.16 50.91 50.41
N LEU D 577 23.22 49.97 51.36
CA LEU D 577 21.99 49.47 51.98
C LEU D 577 21.24 50.59 52.71
N ILE D 578 21.97 51.41 53.47
CA ILE D 578 21.33 52.48 54.21
C ILE D 578 20.75 53.52 53.25
N GLU D 579 21.50 53.89 52.21
CA GLU D 579 21.05 54.93 51.30
C GLU D 579 19.94 54.46 50.38
N ALA D 580 19.80 53.15 50.16
CA ALA D 580 18.82 52.63 49.21
C ALA D 580 17.58 52.04 49.86
N SER D 581 17.73 51.41 51.03
CA SER D 581 16.63 50.68 51.65
C SER D 581 16.06 51.49 52.80
N PRO D 582 14.80 51.96 52.72
CA PRO D 582 14.22 52.64 53.88
C PRO D 582 14.10 51.75 55.11
N TYR D 583 13.95 50.43 54.92
CA TYR D 583 13.95 49.52 56.05
C TYR D 583 15.28 49.53 56.78
N VAL D 584 16.38 49.54 56.02
CA VAL D 584 17.70 49.69 56.63
C VAL D 584 17.81 51.05 57.31
N ARG D 585 17.16 52.07 56.76
CA ARG D 585 17.16 53.38 57.42
C ARG D 585 16.45 53.32 58.76
N ASN D 586 15.33 52.59 58.83
CA ASN D 586 14.65 52.43 60.11
C ASN D 586 15.50 51.63 61.09
N ILE D 587 16.22 50.63 60.60
CA ILE D 587 17.17 49.93 61.47
C ILE D 587 18.24 50.89 61.97
N VAL D 588 18.67 51.82 61.12
CA VAL D 588 19.64 52.82 61.54
C VAL D 588 19.04 53.73 62.61
N ARG D 589 17.75 54.04 62.48
CA ARG D 589 17.08 54.81 63.53
C ARG D 589 17.08 54.05 64.84
N GLU D 590 16.83 52.74 64.79
CA GLU D 590 16.89 51.92 66.00
C GLU D 590 18.30 51.94 66.59
N LEU D 591 19.32 51.86 65.74
CA LEU D 591 20.70 51.93 66.23
C LEU D 591 20.98 53.27 66.88
N ASP D 592 20.46 54.36 66.30
CA ASP D 592 20.62 55.68 66.91
C ASP D 592 19.93 55.73 68.27
N ASP D 593 18.74 55.14 68.38
CA ASP D 593 18.06 55.08 69.67
C ASP D 593 18.90 54.32 70.68
N SER D 594 19.50 53.20 70.26
CA SER D 594 20.37 52.45 71.16
C SER D 594 21.57 53.28 71.58
N LEU D 595 22.15 54.04 70.65
CA LEU D 595 23.25 54.94 70.98
C LEU D 595 22.82 55.95 72.04
N GLN D 596 21.64 56.53 71.86
CA GLN D 596 21.11 57.45 72.87
C GLN D 596 20.87 56.75 74.20
N SER D 597 20.61 55.44 74.18
CA SER D 597 20.40 54.69 75.41
C SER D 597 21.65 54.60 76.27
N LEU D 598 22.81 54.96 75.74
CA LEU D 598 24.03 54.89 76.53
C LEU D 598 23.97 55.87 77.70
N PRO D 599 24.61 55.54 78.82
CA PRO D 599 24.73 56.52 79.91
C PRO D 599 25.53 57.73 79.45
N GLU D 600 25.22 58.87 80.06
CA GLU D 600 25.90 60.11 79.70
C GLU D 600 27.40 60.03 79.92
N LYS D 601 27.85 59.10 80.77
CA LYS D 601 29.29 58.92 80.97
C LYS D 601 29.98 58.57 79.66
N TYR D 602 29.38 57.68 78.87
CA TYR D 602 29.93 57.30 77.58
C TYR D 602 29.12 57.81 76.40
N ARG D 603 27.87 58.18 76.60
CA ARG D 603 27.04 58.64 75.50
C ARG D 603 27.52 60.01 75.01
N PRO D 604 27.60 60.24 73.68
CA PRO D 604 27.40 59.30 72.57
C PRO D 604 28.71 58.81 71.97
N SER D 605 28.83 57.50 71.76
CA SER D 605 29.89 56.99 70.90
C SER D 605 29.60 57.50 69.49
N TRP D 606 30.47 58.39 68.99
CA TRP D 606 30.14 59.18 67.80
C TRP D 606 29.50 58.32 66.72
N THR D 607 28.46 58.89 66.10
CA THR D 607 27.60 58.14 65.20
C THR D 607 28.27 57.85 63.87
N LEU D 608 28.94 56.69 63.77
CA LEU D 608 29.46 56.24 62.49
C LEU D 608 28.34 56.02 61.48
N LEU D 609 27.11 55.82 61.94
CA LEU D 609 25.99 55.62 61.04
C LEU D 609 25.80 56.83 60.13
N ASP D 610 26.17 58.03 60.60
CA ASP D 610 26.05 59.25 59.82
C ASP D 610 27.41 59.88 59.51
N GLN D 611 28.50 59.31 60.01
CA GLN D 611 29.83 59.84 59.78
C GLN D 611 30.68 58.99 58.84
N PHE D 612 30.55 57.68 58.89
CA PHE D 612 31.32 56.78 58.04
C PHE D 612 30.47 55.96 57.08
N MET D 613 29.22 55.66 57.43
CA MET D 613 28.33 54.91 56.55
C MET D 613 27.68 55.84 55.53
N LEU D 614 28.54 56.50 54.74
CA LEU D 614 28.11 57.44 53.72
C LEU D 614 28.73 57.06 52.39
N GLU D 615 27.92 57.05 51.34
CA GLU D 615 28.41 56.71 50.01
C GLU D 615 29.42 57.76 49.54
N GLY D 616 30.47 57.30 48.89
CA GLY D 616 31.50 58.18 48.35
C GLY D 616 32.66 58.43 49.26
N GLU D 617 32.38 58.72 50.54
CA GLU D 617 33.46 58.99 51.49
C GLU D 617 34.14 57.70 51.93
N ALA D 618 33.39 56.82 52.59
CA ALA D 618 33.88 55.51 53.02
C ALA D 618 35.24 55.64 53.71
N SER D 619 35.29 56.52 54.70
CA SER D 619 36.53 56.74 55.45
C SER D 619 36.93 55.48 56.21
N ASN D 620 38.23 55.33 56.40
CA ASN D 620 38.76 54.15 57.08
C ASN D 620 38.18 54.03 58.48
N VAL D 621 37.84 52.80 58.86
CA VAL D 621 37.29 52.50 60.18
C VAL D 621 38.04 51.28 60.71
N GLN D 622 39.05 51.52 61.54
CA GLN D 622 39.78 50.45 62.21
C GLN D 622 39.80 50.70 63.71
N TYR D 623 39.62 51.95 64.11
CA TYR D 623 39.59 52.29 65.54
C TYR D 623 38.48 51.51 66.22
N ALA D 624 38.75 51.05 67.44
CA ALA D 624 37.76 50.28 68.18
C ALA D 624 36.45 51.06 68.32
N THR D 625 36.54 52.34 68.67
CA THR D 625 35.35 53.14 68.92
C THR D 625 34.37 53.09 67.75
N PHE D 626 34.88 53.02 66.53
CA PHE D 626 34.05 52.92 65.33
C PHE D 626 34.03 51.54 64.72
N SER D 627 35.16 50.82 64.74
CA SER D 627 35.19 49.49 64.13
C SER D 627 34.25 48.53 64.84
N GLN D 628 34.21 48.57 66.18
CA GLN D 628 33.35 47.65 66.90
C GLN D 628 31.88 47.93 66.63
N PRO D 629 31.34 49.10 66.97
CA PRO D 629 29.92 49.36 66.69
C PRO D 629 29.58 49.30 65.21
N LEU D 630 30.50 49.69 64.32
CA LEU D 630 30.21 49.60 62.89
C LEU D 630 29.96 48.16 62.47
N CYS D 631 30.86 47.26 62.87
CA CYS D 631 30.69 45.86 62.53
C CYS D 631 29.45 45.28 63.19
N CYS D 632 29.19 45.65 64.44
CA CYS D 632 28.00 45.14 65.12
C CYS D 632 26.73 45.58 64.41
N ALA D 633 26.67 46.85 64.01
CA ALA D 633 25.49 47.35 63.28
C ALA D 633 25.36 46.67 61.94
N VAL D 634 26.48 46.47 61.24
CA VAL D 634 26.45 45.78 59.95
C VAL D 634 25.83 44.39 60.12
N GLN D 635 26.32 43.64 61.10
CA GLN D 635 25.83 42.28 61.29
C GLN D 635 24.39 42.27 61.78
N ILE D 636 24.00 43.24 62.60
CA ILE D 636 22.62 43.34 63.06
C ILE D 636 21.69 43.58 61.88
N VAL D 637 22.06 44.52 61.00
CA VAL D 637 21.24 44.81 59.83
C VAL D 637 21.15 43.57 58.95
N LEU D 638 22.28 42.90 58.72
CA LEU D 638 22.28 41.73 57.85
C LEU D 638 21.39 40.62 58.42
N VAL D 639 21.50 40.34 59.72
CA VAL D 639 20.71 39.27 60.31
C VAL D 639 19.23 39.64 60.33
N ARG D 640 18.92 40.92 60.57
CA ARG D 640 17.53 41.34 60.52
C ARG D 640 16.96 41.16 59.11
N LEU D 641 17.73 41.52 58.09
CA LEU D 641 17.27 41.32 56.72
C LEU D 641 17.07 39.84 56.41
N LEU D 642 18.01 38.99 56.85
CA LEU D 642 17.89 37.57 56.59
C LEU D 642 16.66 36.99 57.29
N GLU D 643 16.40 37.40 58.53
CA GLU D 643 15.20 36.96 59.21
C GLU D 643 13.94 37.45 58.49
N ALA D 644 13.96 38.70 58.02
CA ALA D 644 12.85 39.19 57.22
C ALA D 644 12.63 38.34 55.98
N ALA D 645 13.70 37.73 55.46
CA ALA D 645 13.58 36.77 54.38
C ALA D 645 13.14 35.39 54.85
N ARG D 646 12.84 35.24 56.14
CA ARG D 646 12.40 33.97 56.71
C ARG D 646 13.47 32.90 56.51
N ILE D 647 14.67 33.19 57.02
CA ILE D 647 15.78 32.25 57.00
C ILE D 647 15.98 31.74 58.43
N ARG D 648 15.93 30.43 58.61
CA ARG D 648 16.10 29.83 59.92
C ARG D 648 17.58 29.62 60.22
N PHE D 649 18.00 30.03 61.42
CA PHE D 649 19.41 30.17 61.75
C PHE D 649 19.84 29.17 62.82
N THR D 650 21.11 28.79 62.75
CA THR D 650 21.80 28.11 63.84
C THR D 650 23.09 28.89 64.08
N ALA D 651 23.13 29.64 65.18
CA ALA D 651 24.07 30.73 65.35
C ALA D 651 25.34 30.28 66.07
N VAL D 652 26.48 30.72 65.54
CA VAL D 652 27.79 30.50 66.15
C VAL D 652 28.46 31.86 66.28
N VAL D 653 28.95 32.18 67.47
CA VAL D 653 29.46 33.51 67.76
C VAL D 653 30.90 33.63 67.30
N GLY D 654 31.26 34.80 66.78
CA GLY D 654 32.64 35.09 66.42
C GLY D 654 33.40 35.70 67.58
N HIS D 655 34.04 36.84 67.36
CA HIS D 655 34.75 37.54 68.42
C HIS D 655 34.42 39.02 68.38
N SER D 656 34.14 39.59 69.55
CA SER D 656 33.89 41.02 69.73
C SER D 656 32.59 41.36 69.01
N SER D 657 32.60 42.21 67.98
CA SER D 657 31.35 42.60 67.33
C SER D 657 30.63 41.39 66.76
N GLY D 658 31.37 40.44 66.21
CA GLY D 658 30.75 39.21 65.75
C GLY D 658 30.04 38.47 66.87
N GLU D 659 30.68 38.39 68.04
CA GLU D 659 30.06 37.72 69.18
C GLU D 659 28.77 38.44 69.59
N ILE D 660 28.80 39.77 69.63
CA ILE D 660 27.63 40.53 70.07
C ILE D 660 26.49 40.36 69.07
N ALA D 661 26.81 40.47 67.78
CA ALA D 661 25.79 40.32 66.76
C ALA D 661 25.19 38.91 66.78
N CYS D 662 26.03 37.90 66.99
CA CYS D 662 25.52 36.53 67.10
C CYS D 662 24.62 36.38 68.31
N ALA D 663 25.01 36.95 69.44
CA ALA D 663 24.15 36.94 70.62
C ALA D 663 22.80 37.56 70.32
N PHE D 664 22.79 38.63 69.52
CA PHE D 664 21.51 39.18 69.05
C PHE D 664 20.77 38.15 68.20
N ALA D 665 21.48 37.47 67.30
CA ALA D 665 20.83 36.54 66.39
C ALA D 665 20.14 35.38 67.11
N ALA D 666 20.50 35.12 68.36
CA ALA D 666 19.88 34.03 69.10
C ALA D 666 18.37 34.25 69.28
N GLY D 667 17.90 35.49 69.14
CA GLY D 667 16.50 35.80 69.33
C GLY D 667 16.12 36.15 70.74
N LEU D 668 17.04 35.98 71.71
CA LEU D 668 16.78 36.33 73.09
C LEU D 668 17.35 37.70 73.47
N ILE D 669 18.30 38.21 72.69
CA ILE D 669 18.91 39.51 72.93
C ILE D 669 18.32 40.50 71.93
N SER D 670 17.85 41.63 72.42
CA SER D 670 17.30 42.66 71.55
C SER D 670 18.41 43.27 70.70
N ALA D 671 18.05 43.68 69.47
CA ALA D 671 19.01 44.33 68.60
C ALA D 671 19.57 45.59 69.25
N SER D 672 18.70 46.38 69.87
CA SER D 672 19.14 47.60 70.52
C SER D 672 20.17 47.30 71.61
N LEU D 673 19.93 46.24 72.39
CA LEU D 673 20.88 45.86 73.42
C LEU D 673 22.23 45.50 72.81
N ALA D 674 22.22 44.76 71.70
CA ALA D 674 23.47 44.34 71.07
C ALA D 674 24.27 45.54 70.57
N ILE D 675 23.59 46.46 69.84
CA ILE D 675 24.32 47.63 69.34
C ILE D 675 24.77 48.50 70.49
N ARG D 676 23.97 48.59 71.57
CA ARG D 676 24.37 49.36 72.73
C ARG D 676 25.63 48.77 73.37
N ILE D 677 25.69 47.45 73.49
CA ILE D 677 26.87 46.80 74.03
C ILE D 677 28.09 47.05 73.14
N ALA D 678 27.88 46.96 71.83
CA ALA D 678 28.99 47.22 70.91
C ALA D 678 29.51 48.65 71.05
N TYR D 679 28.59 49.62 71.16
CA TYR D 679 29.00 50.99 71.40
C TYR D 679 29.77 51.12 72.70
N LEU D 680 29.29 50.46 73.76
CA LEU D 680 29.94 50.56 75.06
C LEU D 680 31.36 50.00 75.01
N ARG D 681 31.54 48.85 74.34
CA ARG D 681 32.85 48.24 74.28
C ARG D 681 33.81 49.01 73.39
N GLY D 682 33.30 49.85 72.49
CA GLY D 682 34.18 50.63 71.63
C GLY D 682 35.04 51.62 72.37
N VAL D 683 34.61 52.03 73.56
CA VAL D 683 35.37 52.98 74.38
C VAL D 683 35.84 52.32 75.66
N ALA D 723 42.68 34.02 68.18
CA ALA D 723 41.47 33.21 68.19
C ALA D 723 41.66 31.93 67.40
N SER D 724 41.04 30.84 67.85
CA SER D 724 41.13 29.55 67.17
C SER D 724 40.04 29.50 66.10
N ASN D 725 40.34 30.13 64.97
CA ASN D 725 39.38 30.17 63.86
C ASN D 725 39.08 28.77 63.35
N SER D 726 40.11 27.93 63.21
CA SER D 726 39.93 26.58 62.71
C SER D 726 41.00 25.70 63.36
N PRO D 727 40.87 24.39 63.24
CA PRO D 727 41.89 23.50 63.84
C PRO D 727 43.29 23.75 63.30
N ASP D 728 43.40 24.19 62.04
CA ASP D 728 44.70 24.42 61.41
C ASP D 728 44.93 25.89 61.08
N SER D 729 44.16 26.80 61.70
CA SER D 729 44.35 28.23 61.47
C SER D 729 43.93 28.98 62.72
N VAL D 730 44.88 29.66 63.35
CA VAL D 730 44.62 30.45 64.55
C VAL D 730 45.32 31.80 64.38
N THR D 731 44.81 32.80 65.11
CA THR D 731 45.38 34.16 65.09
C THR D 731 45.26 34.72 66.51
N PHE D 732 46.33 34.56 67.29
CA PHE D 732 46.39 35.11 68.63
C PHE D 732 46.95 36.52 68.58
N SER D 733 46.12 37.50 68.90
CA SER D 733 46.51 38.90 68.83
C SER D 733 47.29 39.29 70.08
N GLY D 734 47.99 40.42 69.97
CA GLY D 734 48.78 40.93 71.07
C GLY D 734 49.51 42.21 70.73
N ASP D 735 50.76 42.33 71.16
CA ASP D 735 51.56 43.52 70.87
C ASP D 735 52.15 43.43 69.46
N ALA D 761 46.02 44.65 72.14
CA ALA D 761 45.04 43.93 71.33
C ALA D 761 44.02 43.24 72.24
N TYR D 762 43.27 42.30 71.67
CA TYR D 762 42.23 41.59 72.40
C TYR D 762 42.75 40.23 72.85
N HIS D 763 42.07 39.67 73.86
CA HIS D 763 42.44 38.37 74.42
C HIS D 763 43.88 38.37 74.93
N SER D 764 44.28 39.50 75.50
CA SER D 764 45.63 39.65 76.03
C SER D 764 45.58 40.60 77.23
N HIS D 765 46.74 40.79 77.87
CA HIS D 765 46.80 41.67 79.03
C HIS D 765 46.50 43.11 78.69
N HIS D 766 46.56 43.48 77.40
CA HIS D 766 46.30 44.87 77.02
C HIS D 766 44.87 45.27 77.36
N MET D 767 43.90 44.46 76.95
CA MET D 767 42.49 44.73 77.21
C MET D 767 41.99 44.04 78.48
N LEU D 768 42.83 43.30 79.19
CA LEU D 768 42.39 42.63 80.40
C LEU D 768 41.86 43.62 81.44
N PRO D 769 42.56 44.71 81.76
CA PRO D 769 42.01 45.67 82.73
C PRO D 769 40.97 46.60 82.12
N CYS D 770 41.12 46.89 80.83
CA CYS D 770 40.21 47.82 80.16
C CYS D 770 38.77 47.30 80.11
N ALA D 771 38.58 45.99 80.24
CA ALA D 771 37.23 45.43 80.16
C ALA D 771 36.45 45.58 81.46
N ASP D 772 37.12 45.89 82.57
CA ASP D 772 36.42 46.07 83.84
C ASP D 772 35.44 47.23 83.80
N PRO D 773 35.83 48.44 83.39
CA PRO D 773 34.84 49.53 83.30
C PRO D 773 33.71 49.24 82.33
N TYR D 774 34.00 48.55 81.23
CA TYR D 774 33.04 48.11 80.23
C TYR D 774 31.99 47.17 80.84
N MET D 775 32.45 46.18 81.61
CA MET D 775 31.52 45.30 82.29
C MET D 775 30.71 46.05 83.33
N GLN D 776 31.34 46.94 84.09
CA GLN D 776 30.63 47.68 85.12
C GLN D 776 29.52 48.53 84.50
N ALA D 777 29.82 49.23 83.41
CA ALA D 777 28.79 50.02 82.73
C ALA D 777 27.73 49.14 82.09
N LEU D 778 28.12 47.98 81.57
CA LEU D 778 27.17 47.11 80.91
C LEU D 778 26.07 46.66 81.86
N GLU D 779 26.39 46.48 83.14
CA GLU D 779 25.48 46.11 84.22
C GLU D 779 24.33 47.10 84.33
N GLU D 780 24.60 48.38 84.11
CA GLU D 780 23.71 49.54 84.05
C GLU D 780 23.40 49.95 82.61
N CYS D 781 24.10 49.40 81.62
CA CYS D 781 23.93 49.72 80.22
C CYS D 781 23.57 48.47 79.42
N GLY D 782 22.66 47.66 79.95
CA GLY D 782 22.23 46.45 79.27
C GLY D 782 23.27 45.35 79.32
N SER D 794 15.43 31.93 71.23
CA SER D 794 14.55 31.01 70.51
C SER D 794 15.33 30.25 69.44
N VAL D 795 16.36 30.88 68.91
CA VAL D 795 17.18 30.29 67.86
C VAL D 795 18.32 29.50 68.50
N PRO D 796 18.68 28.32 67.99
CA PRO D 796 19.86 27.62 68.51
C PRO D 796 21.09 28.52 68.45
N TRP D 797 21.88 28.50 69.51
CA TRP D 797 22.97 29.45 69.68
C TRP D 797 24.10 28.77 70.41
N TYR D 798 25.31 28.82 69.83
CA TYR D 798 26.47 28.13 70.37
C TYR D 798 27.55 29.16 70.68
N SER D 799 27.91 29.26 71.95
CA SER D 799 28.96 30.18 72.39
C SER D 799 30.33 29.63 72.03
N SER D 800 31.25 30.56 71.74
CA SER D 800 32.65 30.23 71.52
C SER D 800 33.55 30.73 72.64
N VAL D 801 33.08 31.69 73.44
CA VAL D 801 33.83 32.13 74.62
C VAL D 801 33.99 30.95 75.58
N ASP D 802 32.96 30.12 75.69
CA ASP D 802 33.00 28.91 76.50
C ASP D 802 32.72 27.71 75.60
N ALA D 803 33.24 26.55 76.02
CA ALA D 803 33.19 25.33 75.20
C ALA D 803 32.06 24.45 75.73
N GLU D 804 30.87 24.64 75.18
CA GLU D 804 29.74 23.74 75.40
C GLU D 804 29.15 23.87 76.80
N ASN D 805 29.77 24.69 77.66
CA ASN D 805 29.29 24.84 79.02
C ASN D 805 28.35 26.04 79.17
N ARG D 806 28.66 27.16 78.52
CA ARG D 806 27.82 28.35 78.55
C ARG D 806 27.15 28.61 77.21
N GLN D 807 27.03 27.58 76.37
CA GLN D 807 26.27 27.69 75.12
C GLN D 807 24.77 27.55 75.43
N MET D 808 24.30 28.43 76.31
CA MET D 808 22.98 28.33 76.90
C MET D 808 22.23 29.64 76.65
N ALA D 809 20.94 29.63 76.99
CA ALA D 809 20.04 30.73 76.67
C ALA D 809 19.78 31.65 77.86
N ALA D 810 20.47 31.46 78.99
CA ALA D 810 20.25 32.28 80.16
C ALA D 810 21.52 32.91 80.69
N ARG D 811 22.65 32.21 80.66
CA ARG D 811 23.90 32.75 81.17
C ARG D 811 24.63 33.63 80.16
N ASP D 812 24.17 33.66 78.91
CA ASP D 812 24.78 34.54 77.92
C ASP D 812 24.46 36.01 78.18
N VAL D 813 23.42 36.29 78.97
CA VAL D 813 23.06 37.68 79.27
C VAL D 813 23.89 38.28 80.38
N THR D 814 24.64 37.47 81.12
CA THR D 814 25.42 37.98 82.23
C THR D 814 26.55 38.87 81.74
N ALA D 815 26.77 39.98 82.47
CA ALA D 815 27.85 40.89 82.10
C ALA D 815 29.20 40.20 82.09
N LYS D 816 29.36 39.14 82.89
CA LYS D 816 30.61 38.40 82.91
C LYS D 816 30.89 37.77 81.55
N TYR D 817 29.86 37.22 80.90
CA TYR D 817 30.05 36.66 79.57
C TYR D 817 30.45 37.73 78.57
N TRP D 818 29.81 38.90 78.65
CA TRP D 818 30.16 39.99 77.74
C TRP D 818 31.60 40.44 77.96
N LYS D 819 32.05 40.49 79.21
CA LYS D 819 33.44 40.83 79.49
C LYS D 819 34.38 39.76 78.92
N ASP D 820 34.07 38.49 79.18
CA ASP D 820 34.91 37.41 78.70
C ASP D 820 34.98 37.37 77.17
N ASN D 821 33.96 37.92 76.50
CA ASN D 821 34.00 37.98 75.05
C ASN D 821 35.29 38.60 74.55
N LEU D 822 35.76 39.66 75.21
CA LEU D 822 36.97 40.36 74.82
C LEU D 822 38.21 39.92 75.58
N VAL D 823 38.06 39.03 76.57
CA VAL D 823 39.19 38.61 77.38
C VAL D 823 39.54 37.14 77.17
N SER D 824 38.57 36.27 76.87
CA SER D 824 38.88 34.87 76.71
C SER D 824 39.31 34.58 75.27
N PRO D 825 40.21 33.60 75.07
CA PRO D 825 40.55 33.21 73.69
C PRO D 825 39.36 32.56 72.99
N VAL D 826 38.84 33.23 71.96
CA VAL D 826 37.62 32.75 71.32
C VAL D 826 37.84 31.37 70.75
N LEU D 827 37.00 30.42 71.16
CA LEU D 827 37.04 29.05 70.65
C LEU D 827 36.07 28.90 69.48
N PHE D 828 36.30 29.72 68.45
CA PHE D 828 35.40 29.73 67.31
C PHE D 828 35.36 28.38 66.61
N SER D 829 36.51 27.73 66.49
CA SER D 829 36.54 26.41 65.88
C SER D 829 35.71 25.42 66.69
N HIS D 830 35.83 25.46 68.02
CA HIS D 830 35.06 24.55 68.86
C HIS D 830 33.57 24.82 68.75
N ALA D 831 33.18 26.10 68.73
CA ALA D 831 31.77 26.45 68.58
C ALA D 831 31.21 25.97 67.24
N VAL D 832 31.99 26.16 66.17
CA VAL D 832 31.56 25.69 64.86
C VAL D 832 31.41 24.17 64.87
N GLN D 833 32.38 23.48 65.48
CA GLN D 833 32.30 22.02 65.59
C GLN D 833 31.03 21.60 66.30
N ARG D 834 30.73 22.23 67.44
CA ARG D 834 29.53 21.90 68.19
C ARG D 834 28.28 22.13 67.34
N ALA D 835 28.19 23.29 66.70
CA ALA D 835 27.00 23.62 65.94
C ALA D 835 26.79 22.64 64.79
N VAL D 836 27.86 22.33 64.05
CA VAL D 836 27.71 21.48 62.87
C VAL D 836 27.43 20.04 63.29
N VAL D 837 28.16 19.53 64.29
CA VAL D 837 27.97 18.14 64.68
C VAL D 837 26.60 17.92 65.29
N THR D 838 26.13 18.87 66.12
CA THR D 838 24.80 18.75 66.68
C THR D 838 23.74 18.76 65.58
N HIS D 839 23.83 19.71 64.66
CA HIS D 839 22.90 19.81 63.54
C HIS D 839 23.59 19.25 62.29
N LYS D 840 23.63 17.91 62.21
CA LYS D 840 24.23 17.26 61.06
C LYS D 840 23.45 17.55 59.78
N ALA D 841 22.17 17.90 59.88
CA ALA D 841 21.35 18.22 58.73
C ALA D 841 21.51 19.67 58.29
N LEU D 842 22.57 20.35 58.70
CA LEU D 842 22.79 21.72 58.30
C LEU D 842 22.94 21.81 56.79
N ASP D 843 22.39 22.89 56.22
CA ASP D 843 22.36 23.07 54.77
C ASP D 843 23.43 24.03 54.26
N ILE D 844 23.65 25.15 54.95
CA ILE D 844 24.58 26.17 54.47
C ILE D 844 25.01 27.01 55.65
N GLY D 845 26.15 27.69 55.52
CA GLY D 845 26.62 28.62 56.51
C GLY D 845 26.88 29.98 55.90
N ILE D 846 26.43 31.04 56.57
CA ILE D 846 26.56 32.41 56.09
C ILE D 846 27.48 33.17 57.03
N GLU D 847 28.49 33.83 56.46
CA GLU D 847 29.40 34.68 57.23
C GLU D 847 28.76 36.06 57.34
N VAL D 848 27.85 36.19 58.31
CA VAL D 848 27.15 37.46 58.51
C VAL D 848 28.16 38.52 58.93
N GLY D 849 28.24 39.60 58.15
CA GLY D 849 29.11 40.72 58.46
C GLY D 849 30.03 41.05 57.29
N CYS D 850 31.26 41.45 57.63
CA CYS D 850 32.21 41.97 56.65
C CYS D 850 33.06 40.82 56.09
N HIS D 851 32.39 40.00 55.28
CA HIS D 851 33.07 38.92 54.58
C HIS D 851 34.08 39.49 53.59
N PRO D 852 35.25 38.85 53.40
CA PRO D 852 35.76 37.62 54.02
C PRO D 852 36.50 37.86 55.32
N ALA D 853 36.08 37.17 56.38
CA ALA D 853 36.76 37.24 57.67
C ALA D 853 37.01 35.84 58.23
N LEU D 854 36.16 34.89 57.85
CA LEU D 854 36.23 33.53 58.38
C LEU D 854 35.96 32.47 57.33
N LYS D 855 35.93 32.83 56.04
CA LYS D 855 35.51 31.89 55.01
C LYS D 855 36.36 30.64 55.03
N SER D 856 37.66 30.78 54.74
CA SER D 856 38.53 29.61 54.68
C SER D 856 38.61 28.87 56.01
N PRO D 857 38.93 29.52 57.13
CA PRO D 857 39.00 28.75 58.39
C PRO D 857 37.68 28.11 58.77
N CYS D 858 36.56 28.80 58.56
CA CYS D 858 35.26 28.25 58.97
C CYS D 858 34.88 27.05 58.10
N VAL D 859 35.07 27.16 56.79
CA VAL D 859 34.73 26.03 55.92
C VAL D 859 35.68 24.86 56.18
N ALA D 860 36.95 25.15 56.47
CA ALA D 860 37.88 24.08 56.82
C ALA D 860 37.45 23.39 58.11
N THR D 861 36.99 24.17 59.10
CA THR D 861 36.48 23.57 60.33
C THR D 861 35.26 22.70 60.07
N ILE D 862 34.36 23.17 59.20
CA ILE D 862 33.18 22.39 58.86
C ILE D 862 33.58 21.07 58.23
N LYS D 863 34.53 21.12 57.29
CA LYS D 863 34.98 19.89 56.64
C LYS D 863 35.65 18.95 57.62
N ASP D 864 36.48 19.50 58.52
CA ASP D 864 37.17 18.65 59.48
C ASP D 864 36.17 17.98 60.42
N VAL D 865 35.18 18.72 60.90
CA VAL D 865 34.19 18.15 61.81
C VAL D 865 33.36 17.11 61.09
N LEU D 866 32.87 17.45 59.89
CA LEU D 866 32.15 16.52 59.02
C LEU D 866 33.16 16.01 58.00
N SER D 867 33.90 14.98 58.38
CA SER D 867 35.05 14.52 57.60
C SER D 867 34.70 14.38 56.13
N GLY D 868 35.38 15.16 55.30
CA GLY D 868 35.21 15.09 53.86
C GLY D 868 33.91 15.66 53.35
N VAL D 869 33.16 16.38 54.19
CA VAL D 869 31.87 16.96 53.81
C VAL D 869 32.02 18.47 53.76
N ASP D 870 31.80 19.05 52.58
CA ASP D 870 31.89 20.48 52.37
C ASP D 870 30.48 21.04 52.23
N LEU D 871 30.12 21.95 53.13
CA LEU D 871 28.82 22.60 53.11
C LEU D 871 28.93 23.97 52.42
N ALA D 872 27.78 24.46 51.95
CA ALA D 872 27.74 25.73 51.25
C ALA D 872 28.18 26.86 52.18
N TYR D 873 28.89 27.82 51.62
CA TYR D 873 29.35 29.00 52.34
C TYR D 873 28.99 30.25 51.57
N THR D 874 28.64 31.31 52.30
CA THR D 874 28.15 32.53 51.68
C THR D 874 28.51 33.73 52.55
N GLY D 875 28.80 34.85 51.88
CA GLY D 875 29.04 36.11 52.55
C GLY D 875 28.14 37.20 52.03
N CYS D 876 27.36 37.83 52.92
CA CYS D 876 26.38 38.82 52.52
C CYS D 876 26.95 40.23 52.38
N LEU D 877 28.20 40.45 52.78
CA LEU D 877 28.86 41.74 52.60
C LEU D 877 30.31 41.46 52.22
N GLU D 878 30.65 41.73 50.95
CA GLU D 878 31.95 41.39 50.42
C GLU D 878 32.95 42.53 50.63
N ARG D 879 34.23 42.20 50.49
CA ARG D 879 35.32 43.15 50.69
C ARG D 879 35.19 44.35 49.75
N GLY D 880 34.88 45.52 50.32
CA GLY D 880 34.87 46.74 49.54
C GLY D 880 33.92 46.72 48.36
N LYS D 881 32.91 45.87 48.37
CA LYS D 881 31.95 45.78 47.28
C LYS D 881 30.65 46.45 47.68
N ASN D 882 29.77 46.64 46.70
CA ASN D 882 28.47 47.23 46.96
C ASN D 882 27.68 46.34 47.92
N ASP D 883 27.10 46.96 48.94
CA ASP D 883 26.34 46.20 49.92
C ASP D 883 25.12 45.55 49.27
N LEU D 884 24.43 46.28 48.40
CA LEU D 884 23.31 45.69 47.67
C LEU D 884 23.75 44.48 46.87
N ASP D 885 24.87 44.61 46.15
CA ASP D 885 25.35 43.49 45.34
C ASP D 885 25.74 42.32 46.21
N SER D 886 26.40 42.56 47.34
CA SER D 886 26.82 41.47 48.21
C SER D 886 25.61 40.73 48.78
N PHE D 887 24.61 41.47 49.27
CA PHE D 887 23.43 40.82 49.81
C PHE D 887 22.66 40.06 48.73
N SER D 888 22.55 40.66 47.54
CA SER D 888 21.88 39.97 46.43
C SER D 888 22.64 38.71 46.05
N ARG D 889 23.97 38.74 46.11
CA ARG D 889 24.75 37.56 45.78
C ARG D 889 24.58 36.48 46.84
N ALA D 890 24.48 36.86 48.11
CA ALA D 890 24.20 35.88 49.15
C ALA D 890 22.84 35.22 48.93
N LEU D 891 21.83 36.04 48.61
CA LEU D 891 20.52 35.48 48.31
C LEU D 891 20.58 34.59 47.07
N ALA D 892 21.38 34.99 46.08
CA ALA D 892 21.53 34.18 44.87
C ALA D 892 22.14 32.82 45.19
N TYR D 893 23.18 32.80 46.05
CA TYR D 893 23.77 31.54 46.46
C TYR D 893 22.74 30.68 47.18
N LEU D 894 22.02 31.28 48.12
CA LEU D 894 20.99 30.55 48.85
C LEU D 894 19.97 29.92 47.90
N TRP D 895 19.49 30.71 46.94
CA TRP D 895 18.47 30.21 46.03
C TRP D 895 19.04 29.12 45.12
N GLU D 896 20.17 29.39 44.48
CA GLU D 896 20.77 28.40 43.59
C GLU D 896 21.05 27.10 44.31
N ARG D 897 21.30 27.15 45.62
CA ARG D 897 21.58 25.92 46.36
C ARG D 897 20.34 25.22 46.87
N PHE D 898 19.30 25.94 47.30
CA PHE D 898 18.17 25.32 47.97
C PHE D 898 16.84 25.92 47.49
N GLY D 899 16.70 26.10 46.18
CA GLY D 899 15.40 26.43 45.61
C GLY D 899 14.73 27.63 46.28
N ALA D 900 13.42 27.71 46.04
CA ALA D 900 12.62 28.74 46.68
C ALA D 900 12.51 28.53 48.19
N SER D 901 12.70 27.30 48.65
CA SER D 901 12.66 27.03 50.09
C SER D 901 13.80 27.71 50.84
N SER D 902 14.83 28.18 50.14
CA SER D 902 15.93 28.86 50.81
C SER D 902 15.45 30.07 51.59
N PHE D 903 14.58 30.88 50.99
CA PHE D 903 14.04 32.06 51.66
C PHE D 903 12.72 32.43 51.00
N ASP D 904 11.96 33.28 51.70
CA ASP D 904 10.66 33.75 51.24
C ASP D 904 10.84 35.18 50.73
N ALA D 905 10.85 35.32 49.40
CA ALA D 905 10.99 36.65 48.81
C ALA D 905 9.76 37.51 49.08
N ASP D 906 8.57 36.91 49.11
CA ASP D 906 7.36 37.68 49.36
C ASP D 906 7.44 38.38 50.71
N GLU D 907 7.81 37.65 51.76
CA GLU D 907 7.94 38.26 53.08
C GLU D 907 9.05 39.29 53.10
N PHE D 908 10.15 39.03 52.39
CA PHE D 908 11.25 39.98 52.35
C PHE D 908 10.80 41.31 51.76
N MET D 909 10.06 41.26 50.66
CA MET D 909 9.53 42.50 50.08
C MET D 909 8.44 43.10 50.96
N ARG D 910 7.73 42.27 51.73
CA ARG D 910 6.76 42.80 52.68
C ARG D 910 7.47 43.64 53.74
N ALA D 911 8.63 43.18 54.21
CA ALA D 911 9.37 43.92 55.22
C ALA D 911 10.22 45.03 54.60
N VAL D 912 10.79 44.79 53.42
CA VAL D 912 11.66 45.75 52.75
C VAL D 912 10.88 46.42 51.63
N ALA D 913 10.86 47.74 51.65
CA ALA D 913 10.09 48.54 50.68
C ALA D 913 8.61 48.13 50.69
N PRO D 914 7.92 48.28 51.83
CA PRO D 914 6.49 47.93 51.85
C PRO D 914 5.68 48.68 50.82
N ASP D 915 6.03 49.94 50.56
CA ASP D 915 5.34 50.71 49.54
C ASP D 915 5.52 50.05 48.18
N ARG D 916 4.47 50.08 47.36
CA ARG D 916 4.49 49.44 46.05
C ARG D 916 4.82 47.96 46.21
N PRO D 917 3.89 47.17 46.75
CA PRO D 917 4.13 45.72 46.81
C PRO D 917 4.34 45.16 45.41
N CYS D 918 5.26 44.21 45.31
CA CYS D 918 5.66 43.71 44.00
C CYS D 918 4.48 43.13 43.24
N MET D 919 4.34 43.56 41.99
CA MET D 919 3.33 43.03 41.08
C MET D 919 3.90 41.82 40.35
N SER D 920 3.08 40.78 40.23
CA SER D 920 3.51 39.57 39.54
C SER D 920 3.55 39.86 38.04
N VAL D 921 4.74 40.15 37.53
CA VAL D 921 4.91 40.52 36.13
C VAL D 921 5.28 39.32 35.28
N SER D 922 5.03 38.10 35.77
CA SER D 922 5.38 36.91 35.01
C SER D 922 4.70 36.90 33.64
N LYS D 923 3.57 37.60 33.51
CA LYS D 923 2.94 37.75 32.20
C LYS D 923 3.92 38.35 31.19
N LEU D 924 4.59 39.42 31.57
CA LEU D 924 5.49 40.13 30.66
C LEU D 924 6.82 39.42 30.48
N LEU D 925 7.23 38.59 31.43
CA LEU D 925 8.50 37.91 31.32
C LEU D 925 8.46 36.92 30.15
N PRO D 926 9.60 36.71 29.48
CA PRO D 926 9.62 35.77 28.35
C PRO D 926 9.27 34.36 28.81
N ALA D 927 8.58 33.63 27.94
CA ALA D 927 8.25 32.25 28.24
C ALA D 927 9.53 31.41 28.27
N TYR D 928 9.42 30.25 28.91
CA TYR D 928 10.58 29.38 29.01
C TYR D 928 11.06 28.99 27.61
N PRO D 929 12.34 29.20 27.29
CA PRO D 929 12.84 28.86 25.95
C PRO D 929 13.04 27.36 25.83
N TRP D 930 12.15 26.71 25.09
CA TRP D 930 12.21 25.27 24.94
C TRP D 930 13.40 24.88 24.05
N ASP D 931 14.07 23.80 24.43
CA ASP D 931 15.33 23.43 23.79
C ASP D 931 15.16 23.32 22.28
N ARG D 932 14.18 22.53 21.83
CA ARG D 932 13.89 22.35 20.41
C ARG D 932 15.10 21.89 19.61
N SER D 933 16.14 21.39 20.29
CA SER D 933 17.34 20.94 19.57
C SER D 933 17.03 19.73 18.70
N ARG D 934 16.23 18.80 19.21
CA ARG D 934 15.90 17.57 18.51
C ARG D 934 14.43 17.57 18.11
N ARG D 935 14.15 16.98 16.94
CA ARG D 935 12.80 16.90 16.41
C ARG D 935 12.25 15.50 16.66
N TYR D 936 11.18 15.41 17.44
CA TYR D 936 10.56 14.13 17.79
C TYR D 936 9.30 13.95 16.94
N TRP D 937 9.36 13.01 16.00
CA TRP D 937 8.24 12.74 15.11
C TRP D 937 8.39 11.31 14.58
N VAL D 938 7.29 10.78 14.06
CA VAL D 938 7.25 9.43 13.49
C VAL D 938 6.81 9.57 12.05
N GLU D 939 7.75 9.88 11.17
CA GLU D 939 7.49 9.94 9.73
C GLU D 939 7.91 8.62 9.09
N SER D 940 7.14 7.57 9.39
CA SER D 940 7.34 6.30 8.72
C SER D 940 7.37 6.51 7.22
N ARG D 941 8.40 5.98 6.57
CA ARG D 941 8.65 6.34 5.17
C ARG D 941 7.42 6.11 4.31
N ALA D 942 6.65 5.06 4.60
CA ALA D 942 5.36 4.90 3.94
C ALA D 942 4.41 6.01 4.34
N THR D 943 4.36 6.34 5.63
CA THR D 943 3.51 7.43 6.09
C THR D 943 3.97 8.75 5.51
N ARG D 944 5.30 8.95 5.41
CA ARG D 944 5.81 10.19 4.83
C ARG D 944 5.45 10.29 3.35
N HIS D 945 5.61 9.20 2.59
CA HIS D 945 5.22 9.20 1.20
C HIS D 945 3.72 9.35 1.04
N HIS D 946 2.95 9.01 2.06
CA HIS D 946 1.51 9.27 2.03
C HIS D 946 1.22 10.76 2.23
N LEU D 947 1.72 11.33 3.32
CA LEU D 947 1.54 12.75 3.57
C LEU D 947 2.20 13.59 2.48
N ARG D 948 3.46 13.30 2.19
CA ARG D 948 4.18 13.93 1.10
C ARG D 948 3.94 13.11 -0.17
N GLY D 949 4.73 13.36 -1.21
CA GLY D 949 4.70 12.55 -2.40
C GLY D 949 4.41 13.34 -3.66
N PRO D 950 4.25 12.63 -4.77
CA PRO D 950 3.97 13.30 -6.04
C PRO D 950 2.55 13.83 -6.08
N LYS D 951 2.30 14.71 -7.04
CA LYS D 951 0.96 15.23 -7.25
C LYS D 951 0.02 14.07 -7.55
N PRO D 952 -1.26 14.19 -7.18
CA PRO D 952 -2.18 13.07 -7.41
C PRO D 952 -2.54 12.93 -8.87
N HIS D 953 -1.67 12.27 -9.63
CA HIS D 953 -1.81 12.23 -11.08
C HIS D 953 -3.18 11.70 -11.48
N LEU D 954 -3.82 12.38 -12.42
CA LEU D 954 -5.13 11.97 -12.89
C LEU D 954 -5.04 10.62 -13.60
N LEU D 955 -6.09 9.83 -13.47
CA LEU D 955 -6.17 8.49 -14.07
C LEU D 955 -5.31 7.50 -13.30
N LEU D 956 -4.55 7.99 -12.32
CA LEU D 956 -3.63 7.15 -11.55
C LEU D 956 -3.78 7.33 -10.04
N GLY D 957 -4.21 8.50 -9.59
CA GLY D 957 -4.29 8.73 -8.16
C GLY D 957 -2.91 8.93 -7.55
N LYS D 958 -2.84 8.72 -6.24
CA LYS D 958 -1.61 8.90 -5.50
C LYS D 958 -0.77 7.63 -5.57
N LEU D 959 0.52 7.79 -5.86
CA LEU D 959 1.42 6.65 -5.86
C LEU D 959 1.44 5.98 -4.50
N SER D 960 1.50 4.65 -4.49
CA SER D 960 1.41 3.91 -3.24
C SER D 960 2.59 4.26 -2.34
N GLU D 961 2.35 4.18 -1.03
CA GLU D 961 3.37 4.52 -0.05
C GLU D 961 4.60 3.63 -0.19
N TYR D 962 4.40 2.39 -0.64
CA TYR D 962 5.46 1.39 -0.71
C TYR D 962 6.00 1.23 -2.11
N SER D 963 6.07 2.32 -2.87
CA SER D 963 6.51 2.31 -4.25
C SER D 963 7.99 2.69 -4.32
N THR D 964 8.77 1.90 -5.04
CA THR D 964 10.19 2.11 -5.25
C THR D 964 10.44 2.81 -6.57
N PRO D 965 11.67 3.28 -6.79
CA PRO D 965 12.02 3.75 -8.14
C PRO D 965 11.97 2.64 -9.18
N LEU D 966 11.98 1.38 -8.75
CA LEU D 966 11.87 0.25 -9.65
C LEU D 966 10.46 -0.33 -9.71
N SER D 967 9.70 -0.26 -8.63
CA SER D 967 8.34 -0.77 -8.58
C SER D 967 7.40 0.36 -8.17
N PHE D 968 6.28 0.48 -8.88
CA PHE D 968 5.29 1.52 -8.63
C PHE D 968 3.91 0.91 -8.61
N GLN D 969 3.02 1.51 -7.81
CA GLN D 969 1.64 1.07 -7.71
C GLN D 969 0.78 2.30 -7.43
N TRP D 970 0.23 2.87 -8.50
CA TRP D 970 -0.64 4.04 -8.38
C TRP D 970 -2.03 3.59 -7.96
N LEU D 971 -2.54 4.18 -6.89
CA LEU D 971 -3.81 3.79 -6.30
C LEU D 971 -4.85 4.88 -6.58
N ASN D 972 -5.98 4.46 -7.16
CA ASN D 972 -7.04 5.40 -7.51
C ASN D 972 -8.38 4.70 -7.37
N PHE D 973 -9.41 5.49 -7.10
CA PHE D 973 -10.80 5.03 -6.99
C PHE D 973 -11.63 5.90 -7.93
N VAL D 974 -11.68 5.49 -9.20
CA VAL D 974 -12.28 6.32 -10.23
C VAL D 974 -13.80 6.23 -10.15
N ARG D 975 -14.46 7.39 -10.16
CA ARG D 975 -15.89 7.47 -10.35
C ARG D 975 -16.17 8.45 -11.50
N PRO D 976 -17.16 8.17 -12.35
CA PRO D 976 -17.33 8.99 -13.56
C PRO D 976 -17.48 10.48 -13.29
N ARG D 977 -18.19 10.88 -12.24
CA ARG D 977 -18.43 12.31 -12.06
C ARG D 977 -17.15 13.05 -11.69
N ASP D 978 -16.22 12.40 -10.97
CA ASP D 978 -14.95 13.05 -10.68
C ASP D 978 -14.14 13.26 -11.96
N ILE D 979 -14.17 12.30 -12.87
CA ILE D 979 -13.52 12.43 -14.17
C ILE D 979 -14.56 12.97 -15.14
N GLU D 980 -14.52 14.28 -15.38
CA GLU D 980 -15.59 14.94 -16.12
C GLU D 980 -15.86 14.26 -17.46
N TRP D 981 -14.82 13.74 -18.11
CA TRP D 981 -14.95 13.19 -19.46
C TRP D 981 -15.32 11.71 -19.49
N LEU D 982 -15.35 11.04 -18.33
CA LEU D 982 -15.49 9.58 -18.34
C LEU D 982 -16.91 9.14 -18.67
N ASP D 983 -17.90 10.03 -18.56
CA ASP D 983 -19.27 9.65 -18.89
C ASP D 983 -19.43 9.35 -20.37
N GLY D 984 -18.52 9.81 -21.22
CA GLY D 984 -18.69 9.64 -22.65
C GLY D 984 -18.61 8.19 -23.09
N HIS D 985 -17.65 7.43 -22.55
CA HIS D 985 -17.42 6.05 -22.97
C HIS D 985 -18.40 5.15 -22.23
N ALA D 986 -19.58 4.98 -22.82
CA ALA D 986 -20.62 4.13 -22.28
C ALA D 986 -20.88 2.97 -23.23
N LEU D 987 -20.90 1.76 -22.68
CA LEU D 987 -21.15 0.55 -23.45
C LEU D 987 -22.38 -0.14 -22.87
N GLN D 988 -23.34 -0.45 -23.74
CA GLN D 988 -24.59 -1.08 -23.33
C GLN D 988 -25.30 -0.24 -22.26
N GLY D 989 -25.15 1.07 -22.33
CA GLY D 989 -25.69 1.99 -21.34
C GLY D 989 -24.77 2.20 -20.15
N GLN D 990 -24.10 1.13 -19.71
CA GLN D 990 -23.16 1.25 -18.61
C GLN D 990 -21.98 2.12 -19.00
N THR D 991 -21.54 2.97 -18.08
CA THR D 991 -20.33 3.76 -18.27
C THR D 991 -19.14 2.84 -18.04
N VAL D 992 -18.37 2.60 -19.09
CA VAL D 992 -17.24 1.67 -19.06
C VAL D 992 -15.95 2.46 -19.18
N PHE D 993 -14.99 2.15 -18.31
CA PHE D 993 -13.69 2.78 -18.42
C PHE D 993 -13.09 2.44 -19.77
N PRO D 994 -12.68 3.43 -20.56
CA PRO D 994 -12.21 3.13 -21.92
C PRO D 994 -11.01 2.20 -21.89
N ALA D 995 -10.98 1.27 -22.86
CA ALA D 995 -9.79 0.45 -23.03
C ALA D 995 -8.58 1.31 -23.31
N ALA D 996 -8.77 2.43 -24.02
CA ALA D 996 -7.71 3.41 -24.19
C ALA D 996 -7.35 4.09 -22.87
N GLY D 997 -8.26 4.06 -21.89
CA GLY D 997 -7.93 4.60 -20.58
C GLY D 997 -6.78 3.86 -19.93
N TYR D 998 -6.78 2.54 -20.05
CA TYR D 998 -5.67 1.76 -19.50
C TYR D 998 -4.36 2.12 -20.19
N ILE D 999 -4.41 2.32 -21.51
CA ILE D 999 -3.21 2.70 -22.25
C ILE D 999 -2.70 4.05 -21.80
N VAL D 1000 -3.62 5.01 -21.63
CA VAL D 1000 -3.21 6.35 -21.18
C VAL D 1000 -2.61 6.26 -19.78
N MET D 1001 -3.22 5.47 -18.90
CA MET D 1001 -2.69 5.30 -17.55
C MET D 1001 -1.30 4.67 -17.59
N ALA D 1002 -1.10 3.68 -18.45
CA ALA D 1002 0.21 3.05 -18.56
C ALA D 1002 1.26 4.03 -19.06
N MET D 1003 0.90 4.85 -20.05
CA MET D 1003 1.85 5.83 -20.57
C MET D 1003 2.18 6.90 -19.53
N GLU D 1004 1.19 7.34 -18.77
CA GLU D 1004 1.45 8.29 -17.71
C GLU D 1004 2.31 7.67 -16.62
N ALA D 1005 2.08 6.39 -16.33
CA ALA D 1005 2.95 5.68 -15.38
C ALA D 1005 4.38 5.63 -15.90
N ALA D 1006 4.54 5.40 -17.20
CA ALA D 1006 5.88 5.42 -17.79
C ALA D 1006 6.52 6.79 -17.64
N LEU D 1007 5.74 7.85 -17.85
CA LEU D 1007 6.28 9.20 -17.68
C LEU D 1007 6.72 9.43 -16.24
N MET D 1008 5.89 9.03 -15.28
CA MET D 1008 6.25 9.24 -13.88
C MET D 1008 7.46 8.41 -13.49
N ILE D 1009 7.57 7.19 -14.02
CA ILE D 1009 8.74 6.36 -13.73
C ILE D 1009 10.00 7.02 -14.29
N ALA D 1010 9.93 7.50 -15.52
CA ALA D 1010 11.09 8.16 -16.12
C ALA D 1010 11.47 9.40 -15.32
N GLY D 1011 10.48 10.18 -14.88
CA GLY D 1011 10.76 11.33 -14.05
C GLY D 1011 11.39 10.94 -12.73
N THR D 1012 10.99 9.80 -12.17
CA THR D 1012 11.59 9.32 -10.93
C THR D 1012 13.08 9.05 -11.12
N HIS D 1013 13.45 8.48 -12.26
CA HIS D 1013 14.84 8.27 -12.61
C HIS D 1013 15.46 9.47 -13.31
N ALA D 1014 14.72 10.57 -13.44
CA ALA D 1014 15.14 11.79 -14.11
C ALA D 1014 15.22 11.64 -15.62
N LYS D 1015 14.89 10.46 -16.16
CA LYS D 1015 14.95 10.24 -17.59
C LYS D 1015 13.76 10.88 -18.29
N GLN D 1016 13.97 11.23 -19.55
CA GLN D 1016 12.91 11.75 -20.41
C GLN D 1016 12.67 10.77 -21.54
N VAL D 1017 11.42 10.43 -21.79
CA VAL D 1017 11.06 9.40 -22.76
C VAL D 1017 11.02 10.02 -24.15
N LYS D 1018 12.01 9.69 -24.98
CA LYS D 1018 11.96 10.08 -26.38
C LYS D 1018 10.93 9.25 -27.16
N LEU D 1019 10.70 8.01 -26.73
CA LEU D 1019 9.76 7.13 -27.40
C LEU D 1019 9.11 6.25 -26.34
N LEU D 1020 7.82 5.96 -26.52
CA LEU D 1020 7.05 5.19 -25.54
C LEU D 1020 6.33 4.07 -26.30
N GLU D 1021 6.77 2.84 -26.08
CA GLU D 1021 6.18 1.66 -26.68
C GLU D 1021 5.43 0.85 -25.62
N ILE D 1022 4.34 0.22 -26.05
CA ILE D 1022 3.63 -0.76 -25.25
C ILE D 1022 3.66 -2.07 -26.02
N LEU D 1023 3.79 -3.18 -25.28
CA LEU D 1023 3.97 -4.49 -25.89
C LEU D 1023 3.06 -5.51 -25.22
N ASP D 1024 2.40 -6.33 -26.05
CA ASP D 1024 1.61 -7.47 -25.57
C ASP D 1024 0.61 -7.06 -24.51
N MET D 1025 0.03 -5.87 -24.69
CA MET D 1025 -0.98 -5.39 -23.75
C MET D 1025 -2.25 -6.22 -23.87
N SER D 1026 -2.96 -6.34 -22.75
CA SER D 1026 -4.18 -7.14 -22.70
C SER D 1026 -5.18 -6.47 -21.77
N ILE D 1027 -6.44 -6.47 -22.18
CA ILE D 1027 -7.54 -6.01 -21.33
C ILE D 1027 -8.31 -7.23 -20.86
N ASP D 1028 -7.94 -7.77 -19.70
CA ASP D 1028 -8.56 -9.00 -19.22
C ASP D 1028 -10.01 -8.78 -18.82
N LYS D 1029 -10.30 -7.67 -18.14
CA LYS D 1029 -11.64 -7.41 -17.61
C LYS D 1029 -11.95 -5.92 -17.75
N ALA D 1030 -13.08 -5.62 -18.40
CA ALA D 1030 -13.51 -4.24 -18.53
C ALA D 1030 -14.08 -3.73 -17.20
N VAL D 1031 -13.83 -2.46 -16.93
CA VAL D 1031 -14.35 -1.81 -15.73
C VAL D 1031 -15.73 -1.25 -16.04
N ILE D 1032 -16.70 -1.62 -15.21
CA ILE D 1032 -18.09 -1.22 -15.39
C ILE D 1032 -18.46 -0.30 -14.24
N PHE D 1033 -18.92 0.91 -14.56
CA PHE D 1033 -19.38 1.87 -13.57
C PHE D 1033 -20.90 1.83 -13.51
N ASP D 1034 -21.44 1.39 -12.37
CA ASP D 1034 -22.89 1.31 -12.22
C ASP D 1034 -23.52 2.69 -12.28
N ASP D 1035 -22.89 3.69 -11.67
CA ASP D 1035 -23.44 5.04 -11.62
C ASP D 1035 -22.28 6.03 -11.60
N GLU D 1036 -22.59 7.29 -11.94
CA GLU D 1036 -21.57 8.31 -11.99
C GLU D 1036 -20.89 8.52 -10.64
N ASP D 1037 -21.56 8.18 -9.54
CA ASP D 1037 -20.96 8.31 -8.22
C ASP D 1037 -20.30 7.02 -7.74
N SER D 1038 -20.44 5.92 -8.48
CA SER D 1038 -19.83 4.66 -8.07
C SER D 1038 -18.32 4.75 -8.13
N LEU D 1039 -17.66 4.23 -7.10
CA LEU D 1039 -16.20 4.25 -7.00
C LEU D 1039 -15.67 2.87 -7.40
N VAL D 1040 -14.78 2.86 -8.39
CA VAL D 1040 -14.10 1.66 -8.84
C VAL D 1040 -12.61 1.85 -8.61
N GLU D 1041 -12.02 0.96 -7.80
CA GLU D 1041 -10.61 1.06 -7.48
C GLU D 1041 -9.77 0.63 -8.68
N LEU D 1042 -8.78 1.45 -9.04
CA LEU D 1042 -7.81 1.11 -10.07
C LEU D 1042 -6.41 1.20 -9.47
N ASN D 1043 -5.67 0.11 -9.59
CA ASN D 1043 -4.31 0.02 -9.03
C ASN D 1043 -3.36 -0.32 -10.16
N LEU D 1044 -2.67 0.69 -10.68
CA LEU D 1044 -1.72 0.49 -11.78
C LEU D 1044 -0.37 0.11 -11.19
N THR D 1045 -0.14 -1.19 -11.05
CA THR D 1045 1.18 -1.69 -10.69
C THR D 1045 2.11 -1.59 -11.90
N ALA D 1046 3.38 -1.27 -11.63
CA ALA D 1046 4.36 -1.12 -12.71
C ALA D 1046 5.73 -1.46 -12.15
N ASP D 1047 6.29 -2.57 -12.61
CA ASP D 1047 7.65 -2.99 -12.25
C ASP D 1047 8.54 -2.86 -13.47
N VAL D 1048 9.55 -2.01 -13.38
CA VAL D 1048 10.50 -1.85 -14.48
C VAL D 1048 11.44 -3.05 -14.48
N SER D 1049 11.14 -4.03 -15.34
CA SER D 1049 11.92 -5.26 -15.36
C SER D 1049 13.34 -5.02 -15.83
N ARG D 1050 13.57 -4.00 -16.66
CA ARG D 1050 14.88 -3.73 -17.24
C ARG D 1050 15.08 -2.22 -17.30
N ASN D 1051 15.80 -1.69 -16.31
CA ASN D 1051 16.19 -0.28 -16.28
C ASN D 1051 17.55 -0.19 -16.95
N ALA D 1052 17.55 0.08 -18.25
CA ALA D 1052 18.77 0.06 -19.05
C ALA D 1052 19.08 1.44 -19.60
N GLY D 1053 18.93 2.48 -18.78
CA GLY D 1053 19.24 3.82 -19.22
C GLY D 1053 20.61 3.94 -19.83
N GLU D 1054 21.54 3.06 -19.42
CA GLU D 1054 22.83 2.98 -20.10
C GLU D 1054 22.64 2.61 -21.57
N ALA D 1055 21.72 1.70 -21.86
CA ALA D 1055 21.39 1.32 -23.22
C ALA D 1055 20.26 2.17 -23.81
N GLY D 1056 19.79 3.17 -23.08
CA GLY D 1056 18.70 4.01 -23.55
C GLY D 1056 17.39 3.27 -23.73
N SER D 1057 17.04 2.40 -22.79
CA SER D 1057 15.79 1.65 -22.87
C SER D 1057 15.29 1.38 -21.46
N MET D 1058 13.99 1.10 -21.37
CA MET D 1058 13.37 0.80 -20.08
C MET D 1058 12.13 -0.06 -20.34
N THR D 1059 12.17 -1.31 -19.89
CA THR D 1059 11.06 -2.24 -20.04
C THR D 1059 10.30 -2.31 -18.72
N ILE D 1060 9.00 -2.05 -18.77
CA ILE D 1060 8.16 -1.94 -17.58
C ILE D 1060 6.96 -2.85 -17.75
N SER D 1061 6.77 -3.76 -16.79
CA SER D 1061 5.59 -4.62 -16.77
C SER D 1061 4.51 -3.94 -15.94
N PHE D 1062 3.40 -3.59 -16.58
CA PHE D 1062 2.34 -2.82 -15.93
C PHE D 1062 1.05 -3.63 -15.89
N LYS D 1063 0.29 -3.43 -14.82
CA LYS D 1063 -0.98 -4.13 -14.63
C LYS D 1063 -1.97 -3.18 -13.96
N ILE D 1064 -3.07 -2.89 -14.64
CA ILE D 1064 -4.12 -2.05 -14.10
C ILE D 1064 -5.14 -2.97 -13.44
N ASP D 1065 -5.03 -3.14 -12.13
CA ASP D 1065 -5.98 -3.94 -11.38
C ASP D 1065 -7.23 -3.11 -11.08
N SER D 1066 -8.38 -3.79 -11.05
CA SER D 1066 -9.66 -3.12 -10.86
C SER D 1066 -10.51 -3.89 -9.86
N CYS D 1067 -11.37 -3.15 -9.16
CA CYS D 1067 -12.37 -3.73 -8.27
C CYS D 1067 -13.62 -2.87 -8.34
N LEU D 1068 -14.73 -3.46 -8.78
CA LEU D 1068 -15.94 -2.70 -9.04
C LEU D 1068 -16.73 -2.35 -7.79
N SER D 1069 -16.43 -3.00 -6.66
CA SER D 1069 -17.18 -2.76 -5.43
C SER D 1069 -16.27 -3.00 -4.24
N LYS D 1070 -16.56 -2.31 -3.14
CA LYS D 1070 -15.75 -2.47 -1.94
C LYS D 1070 -15.82 -3.88 -1.38
N GLU D 1071 -16.92 -4.60 -1.66
CA GLU D 1071 -17.05 -5.98 -1.18
C GLU D 1071 -16.32 -6.97 -2.08
N GLY D 1072 -15.94 -6.57 -3.29
CA GLY D 1072 -15.28 -7.48 -4.21
C GLY D 1072 -13.79 -7.53 -4.02
N ASN D 1073 -13.18 -8.54 -4.62
CA ASN D 1073 -11.73 -8.68 -4.59
C ASN D 1073 -11.10 -7.88 -5.73
N LEU D 1074 -9.83 -7.54 -5.56
CA LEU D 1074 -9.10 -6.82 -6.59
C LEU D 1074 -8.77 -7.77 -7.74
N SER D 1075 -9.17 -7.41 -8.94
CA SER D 1075 -9.01 -8.25 -10.12
C SER D 1075 -8.30 -7.48 -11.23
N LEU D 1076 -7.68 -8.24 -12.13
CA LEU D 1076 -6.94 -7.64 -13.23
C LEU D 1076 -7.91 -7.09 -14.28
N SER D 1077 -7.67 -5.85 -14.69
CA SER D 1077 -8.41 -5.24 -15.79
C SER D 1077 -7.57 -5.06 -17.05
N ALA D 1078 -6.28 -4.77 -16.90
CA ALA D 1078 -5.38 -4.67 -18.03
C ALA D 1078 -3.97 -4.99 -17.58
N LYS D 1079 -3.14 -5.41 -18.55
CA LYS D 1079 -1.74 -5.71 -18.28
C LYS D 1079 -0.97 -5.62 -19.59
N GLY D 1080 0.35 -5.60 -19.48
CA GLY D 1080 1.20 -5.54 -20.65
C GLY D 1080 2.61 -5.16 -20.28
N GLN D 1081 3.32 -4.60 -21.26
CA GLN D 1081 4.69 -4.15 -21.11
C GLN D 1081 4.82 -2.75 -21.70
N LEU D 1082 5.80 -2.01 -21.20
CA LEU D 1082 6.13 -0.68 -21.72
C LEU D 1082 7.62 -0.64 -22.00
N ALA D 1083 7.98 -0.40 -23.27
CA ALA D 1083 9.37 -0.29 -23.70
C ALA D 1083 9.63 1.17 -24.04
N LEU D 1084 10.35 1.85 -23.17
CA LEU D 1084 10.60 3.28 -23.29
C LEU D 1084 12.00 3.52 -23.84
N THR D 1085 12.09 4.36 -24.87
CA THR D 1085 13.37 4.88 -25.35
C THR D 1085 13.56 6.25 -24.72
N ILE D 1086 14.59 6.37 -23.87
CA ILE D 1086 14.70 7.50 -22.95
C ILE D 1086 16.02 8.22 -23.17
N GLU D 1087 16.04 9.48 -22.77
CA GLU D 1087 17.26 10.30 -22.73
C GLU D 1087 17.50 10.76 -21.30
N ASP D 1088 18.76 11.14 -21.03
CA ASP D 1088 19.17 11.50 -19.68
C ASP D 1088 18.48 12.76 -19.17
N VAL D 1089 17.90 13.57 -20.04
CA VAL D 1089 17.22 14.79 -19.60
C VAL D 1089 15.80 14.44 -19.16
N HIS D 1100 10.41 11.74 -35.93
CA HIS D 1100 11.01 10.73 -36.78
C HIS D 1100 11.21 9.42 -36.03
N HIS D 1101 10.90 9.43 -34.73
CA HIS D 1101 11.03 8.20 -33.95
C HIS D 1101 10.06 7.13 -34.44
N LEU D 1102 8.94 7.52 -35.01
CA LEU D 1102 7.96 6.61 -35.58
C LEU D 1102 8.01 6.65 -37.10
N PRO D 1103 7.60 5.58 -37.77
CA PRO D 1103 7.57 5.59 -39.24
C PRO D 1103 6.63 6.67 -39.76
N PRO D 1104 6.97 7.31 -40.87
CA PRO D 1104 6.04 8.28 -41.45
C PRO D 1104 4.72 7.63 -41.78
N PRO D 1105 3.60 8.34 -41.62
CA PRO D 1105 2.31 7.72 -41.88
C PRO D 1105 2.19 7.26 -43.32
N GLU D 1106 1.50 6.13 -43.51
CA GLU D 1106 1.32 5.59 -44.85
C GLU D 1106 0.59 6.60 -45.72
N GLU D 1107 0.95 6.64 -47.00
CA GLU D 1107 0.25 7.49 -47.95
C GLU D 1107 -1.24 7.18 -47.91
N GLU D 1108 -2.06 8.24 -47.83
CA GLU D 1108 -3.49 8.06 -47.68
C GLU D 1108 -4.03 7.23 -48.83
N HIS D 1109 -4.91 6.28 -48.50
CA HIS D 1109 -5.43 5.37 -49.49
C HIS D 1109 -6.11 6.16 -50.60
N PRO D 1110 -5.85 5.85 -51.87
CA PRO D 1110 -6.37 6.71 -52.96
C PRO D 1110 -7.88 6.89 -52.91
N HIS D 1111 -8.62 5.78 -52.92
CA HIS D 1111 -10.07 5.83 -52.87
C HIS D 1111 -10.55 5.61 -51.43
N MET D 1112 -11.44 6.49 -50.98
CA MET D 1112 -11.95 6.44 -49.61
C MET D 1112 -13.36 7.01 -49.61
N ASN D 1113 -14.32 6.21 -49.19
CA ASN D 1113 -15.71 6.66 -49.11
C ASN D 1113 -15.89 7.50 -47.85
N ARG D 1114 -16.46 8.69 -48.01
CA ARG D 1114 -16.70 9.55 -46.86
C ARG D 1114 -17.66 8.86 -45.90
N VAL D 1115 -17.41 9.03 -44.60
CA VAL D 1115 -18.19 8.40 -43.54
C VAL D 1115 -19.00 9.49 -42.84
N ASN D 1116 -20.30 9.29 -42.75
CA ASN D 1116 -21.17 10.19 -42.00
C ASN D 1116 -20.96 9.91 -40.52
N ILE D 1117 -20.28 10.82 -39.84
CA ILE D 1117 -19.86 10.57 -38.45
C ILE D 1117 -21.09 10.35 -37.56
N ASN D 1118 -22.12 11.18 -37.74
CA ASN D 1118 -23.32 11.04 -36.93
C ASN D 1118 -23.97 9.68 -37.17
N ALA D 1119 -24.10 9.28 -38.44
CA ALA D 1119 -24.66 7.97 -38.74
C ALA D 1119 -23.77 6.85 -38.22
N PHE D 1120 -22.45 7.05 -38.28
CA PHE D 1120 -21.53 6.04 -37.76
C PHE D 1120 -21.76 5.82 -36.27
N TYR D 1121 -21.84 6.91 -35.50
CA TYR D 1121 -22.05 6.77 -34.07
C TYR D 1121 -23.46 6.26 -33.76
N HIS D 1122 -24.44 6.59 -34.60
CA HIS D 1122 -25.77 6.03 -34.43
C HIS D 1122 -25.74 4.51 -34.60
N GLU D 1123 -25.04 4.03 -35.63
CA GLU D 1123 -24.91 2.60 -35.83
C GLU D 1123 -24.20 1.95 -34.64
N LEU D 1124 -23.12 2.58 -34.17
CA LEU D 1124 -22.40 2.03 -33.03
C LEU D 1124 -23.29 1.95 -31.80
N GLY D 1125 -24.08 2.99 -31.55
CA GLY D 1125 -25.04 2.95 -30.46
C GLY D 1125 -26.04 1.83 -30.62
N LEU D 1126 -26.47 1.58 -31.86
CA LEU D 1126 -27.35 0.44 -32.12
C LEU D 1126 -26.66 -0.86 -31.74
N MET D 1127 -25.37 -0.97 -32.06
CA MET D 1127 -24.63 -2.19 -31.72
C MET D 1127 -24.38 -2.28 -30.23
N GLY D 1128 -24.22 -1.15 -29.54
CA GLY D 1128 -24.02 -1.15 -28.11
C GLY D 1128 -23.08 -0.08 -27.61
N TYR D 1129 -22.27 0.49 -28.49
CA TYR D 1129 -21.31 1.53 -28.11
C TYR D 1129 -22.07 2.84 -27.93
N ASN D 1130 -22.31 3.23 -26.68
CA ASN D 1130 -22.98 4.50 -26.40
C ASN D 1130 -21.97 5.62 -26.18
N TYR D 1131 -21.08 5.80 -27.15
CA TYR D 1131 -20.13 6.91 -27.08
C TYR D 1131 -20.86 8.24 -27.05
N SER D 1132 -20.36 9.17 -26.25
CA SER D 1132 -21.02 10.44 -26.04
C SER D 1132 -19.99 11.55 -25.85
N LYS D 1133 -20.44 12.79 -26.05
CA LYS D 1133 -19.67 14.00 -25.86
C LYS D 1133 -18.21 13.84 -26.28
N ASP D 1134 -17.27 13.92 -25.32
CA ASP D 1134 -15.86 14.02 -25.67
C ASP D 1134 -15.32 12.77 -26.36
N PHE D 1135 -16.02 11.65 -26.28
CA PHE D 1135 -15.47 10.42 -26.81
C PHE D 1135 -15.75 10.22 -28.30
N ARG D 1136 -16.78 10.86 -28.85
CA ARG D 1136 -17.14 10.92 -30.26
C ARG D 1136 -16.05 11.64 -31.05
N ARG D 1137 -15.93 12.95 -30.84
CA ARG D 1137 -14.75 13.74 -31.20
C ARG D 1137 -14.06 13.22 -32.45
N LEU D 1138 -14.81 12.97 -33.51
CA LEU D 1138 -14.27 12.48 -34.79
C LEU D 1138 -14.68 13.48 -35.86
N HIS D 1139 -13.79 14.40 -36.18
CA HIS D 1139 -14.11 15.48 -37.12
C HIS D 1139 -14.56 14.91 -38.46
N ASN D 1140 -13.80 13.96 -39.01
CA ASN D 1140 -14.18 13.33 -40.26
C ASN D 1140 -13.42 12.02 -40.40
N MET D 1141 -13.99 11.11 -41.18
CA MET D 1141 -13.37 9.83 -41.47
C MET D 1141 -13.90 9.32 -42.80
N GLN D 1142 -13.05 8.60 -43.53
CA GLN D 1142 -13.44 7.98 -44.79
C GLN D 1142 -12.80 6.61 -44.88
N ARG D 1143 -13.59 5.61 -45.26
CA ARG D 1143 -13.17 4.22 -45.25
C ARG D 1143 -13.24 3.63 -46.65
N ALA D 1144 -12.33 2.70 -46.92
CA ALA D 1144 -12.35 1.92 -48.16
C ALA D 1144 -11.27 0.86 -48.11
N ASP D 1145 -11.50 -0.24 -48.84
CA ASP D 1145 -10.50 -1.29 -49.00
C ASP D 1145 -10.01 -1.79 -47.64
N LEU D 1146 -10.93 -1.94 -46.70
CA LEU D 1146 -10.66 -2.40 -45.34
C LEU D 1146 -9.85 -1.39 -44.54
N ARG D 1147 -9.65 -0.19 -45.07
CA ARG D 1147 -8.87 0.86 -44.43
C ARG D 1147 -9.76 2.05 -44.11
N ALA D 1148 -9.26 2.92 -43.23
CA ALA D 1148 -9.94 4.15 -42.88
C ALA D 1148 -8.92 5.23 -42.59
N SER D 1149 -9.32 6.48 -42.83
CA SER D 1149 -8.47 7.63 -42.59
C SER D 1149 -9.35 8.86 -42.45
N GLY D 1150 -8.80 9.90 -41.84
CA GLY D 1150 -9.54 11.13 -41.64
C GLY D 1150 -8.89 12.06 -40.63
N THR D 1151 -9.72 12.72 -39.83
CA THR D 1151 -9.24 13.67 -38.83
C THR D 1151 -9.99 13.43 -37.52
N LEU D 1152 -9.24 13.33 -36.43
CA LEU D 1152 -9.81 13.17 -35.09
C LEU D 1152 -9.24 14.24 -34.18
N ASP D 1153 -10.02 14.59 -33.16
CA ASP D 1153 -9.66 15.68 -32.25
C ASP D 1153 -8.73 15.13 -31.18
N PHE D 1154 -7.46 15.52 -31.24
CA PHE D 1154 -6.47 15.19 -30.21
C PHE D 1154 -6.68 16.10 -29.00
N ILE D 1155 -7.87 15.98 -28.42
CA ILE D 1155 -8.26 16.88 -27.33
C ILE D 1155 -7.26 16.75 -26.18
N PRO D 1156 -6.74 17.85 -25.64
CA PRO D 1156 -5.79 17.74 -24.53
C PRO D 1156 -6.47 17.49 -23.21
N LEU D 1157 -5.77 16.76 -22.35
CA LEU D 1157 -6.22 16.50 -20.98
C LEU D 1157 -5.08 16.86 -20.03
N MET D 1158 -5.39 17.68 -19.03
CA MET D 1158 -4.39 18.10 -18.05
C MET D 1158 -4.96 17.92 -16.65
N ASP D 1159 -4.09 17.52 -15.73
CA ASP D 1159 -4.47 17.36 -14.32
C ASP D 1159 -4.17 18.66 -13.59
N GLU D 1160 -5.22 19.32 -13.08
CA GLU D 1160 -5.03 20.57 -12.37
C GLU D 1160 -4.17 20.37 -11.13
N GLY D 1161 -4.40 19.28 -10.40
CA GLY D 1161 -3.57 19.01 -9.24
C GLY D 1161 -2.11 18.85 -9.61
N ASN D 1162 -1.83 18.11 -10.68
CA ASN D 1162 -0.45 17.95 -11.16
C ASN D 1162 0.02 19.17 -11.95
N GLY D 1163 -0.90 19.97 -12.47
CA GLY D 1163 -0.50 21.18 -13.19
C GLY D 1163 0.33 20.92 -14.42
N CYS D 1164 -0.01 19.86 -15.17
CA CYS D 1164 0.72 19.54 -16.40
C CYS D 1164 -0.21 18.75 -17.30
N PRO D 1165 -0.02 18.81 -18.62
CA PRO D 1165 -0.88 18.05 -19.53
C PRO D 1165 -0.50 16.58 -19.58
N LEU D 1166 -1.47 15.77 -20.01
CA LEU D 1166 -1.26 14.36 -20.21
C LEU D 1166 -0.92 14.07 -21.67
N LEU D 1167 -0.24 12.94 -21.89
CA LEU D 1167 0.13 12.56 -23.25
C LEU D 1167 -1.10 12.39 -24.13
N LEU D 1168 -2.12 11.69 -23.61
CA LEU D 1168 -3.32 11.40 -24.38
C LEU D 1168 -4.55 11.62 -23.52
N HIS D 1169 -5.54 12.27 -24.10
CA HIS D 1169 -6.88 12.22 -23.55
C HIS D 1169 -7.51 10.90 -24.00
N PRO D 1170 -7.85 9.99 -23.09
CA PRO D 1170 -8.36 8.68 -23.52
C PRO D 1170 -9.47 8.77 -24.56
N ALA D 1171 -10.13 9.93 -24.63
CA ALA D 1171 -11.12 10.14 -25.68
C ALA D 1171 -10.50 10.05 -27.06
N SER D 1172 -9.35 10.71 -27.26
CA SER D 1172 -8.71 10.70 -28.58
C SER D 1172 -8.25 9.31 -28.95
N LEU D 1173 -7.64 8.58 -28.02
CA LEU D 1173 -7.15 7.23 -28.33
C LEU D 1173 -8.32 6.28 -28.55
N ASP D 1174 -9.40 6.43 -27.80
CA ASP D 1174 -10.58 5.61 -28.05
C ASP D 1174 -11.22 5.94 -29.40
N VAL D 1175 -11.14 7.21 -29.83
CA VAL D 1175 -11.60 7.56 -31.17
C VAL D 1175 -10.73 6.89 -32.22
N ALA D 1176 -9.41 6.90 -31.99
CA ALA D 1176 -8.52 6.19 -32.89
C ALA D 1176 -8.90 4.72 -32.98
N PHE D 1177 -9.26 4.12 -31.85
CA PHE D 1177 -9.73 2.74 -31.86
C PHE D 1177 -11.02 2.61 -32.65
N GLN D 1178 -11.95 3.55 -32.47
CA GLN D 1178 -13.19 3.54 -33.24
C GLN D 1178 -12.91 3.61 -34.73
N THR D 1179 -11.77 4.18 -35.12
CA THR D 1179 -11.41 4.21 -36.53
C THR D 1179 -11.31 2.79 -37.10
N VAL D 1180 -10.81 1.85 -36.29
CA VAL D 1180 -10.71 0.46 -36.73
C VAL D 1180 -12.10 -0.09 -37.00
N ILE D 1181 -13.05 0.17 -36.10
CA ILE D 1181 -14.41 -0.30 -36.29
C ILE D 1181 -15.02 0.32 -37.54
N GLY D 1182 -14.79 1.62 -37.73
CA GLY D 1182 -15.30 2.29 -38.91
C GLY D 1182 -14.77 1.66 -40.19
N ALA D 1183 -13.47 1.35 -40.22
CA ALA D 1183 -12.92 0.63 -41.38
C ALA D 1183 -13.59 -0.73 -41.53
N TYR D 1184 -13.79 -1.43 -40.41
CA TYR D 1184 -14.43 -2.74 -40.46
C TYR D 1184 -15.88 -2.64 -40.92
N SER D 1185 -16.62 -1.67 -40.38
CA SER D 1185 -18.04 -1.53 -40.66
C SER D 1185 -18.33 -0.12 -41.13
N SER D 1186 -18.96 -0.01 -42.30
CA SER D 1186 -19.42 1.28 -42.79
C SER D 1186 -20.69 1.70 -42.05
N PRO D 1187 -21.01 2.99 -42.01
CA PRO D 1187 -22.23 3.41 -41.31
C PRO D 1187 -23.49 2.89 -41.97
N GLY D 1188 -24.30 2.17 -41.21
CA GLY D 1188 -25.55 1.64 -41.71
C GLY D 1188 -25.48 0.28 -42.37
N ASP D 1189 -24.29 -0.33 -42.43
CA ASP D 1189 -24.16 -1.65 -43.04
C ASP D 1189 -24.37 -2.79 -42.06
N ARG D 1190 -24.27 -2.51 -40.76
CA ARG D 1190 -24.51 -3.52 -39.72
C ARG D 1190 -23.48 -4.65 -39.77
N ARG D 1191 -22.27 -4.37 -40.25
CA ARG D 1191 -21.21 -5.37 -40.20
C ARG D 1191 -20.81 -5.64 -38.76
N LEU D 1192 -20.90 -4.64 -37.89
CA LEU D 1192 -20.54 -4.77 -36.49
C LEU D 1192 -21.70 -5.35 -35.69
N ARG D 1193 -22.12 -6.56 -36.05
CA ARG D 1193 -23.34 -7.14 -35.47
C ARG D 1193 -23.20 -7.43 -33.98
N CYS D 1194 -21.99 -7.41 -33.44
CA CYS D 1194 -21.77 -7.62 -32.01
C CYS D 1194 -20.81 -6.56 -31.49
N LEU D 1195 -20.94 -6.27 -30.20
CA LEU D 1195 -20.17 -5.21 -29.55
C LEU D 1195 -18.76 -5.73 -29.28
N TYR D 1196 -17.78 -5.18 -30.01
CA TYR D 1196 -16.37 -5.53 -29.82
C TYR D 1196 -15.73 -4.53 -28.87
N VAL D 1197 -14.99 -5.03 -27.90
CA VAL D 1197 -14.20 -4.18 -27.01
C VAL D 1197 -12.75 -4.66 -27.08
N PRO D 1198 -11.76 -3.78 -26.96
CA PRO D 1198 -10.37 -4.24 -26.99
C PRO D 1198 -10.08 -5.25 -25.89
N THR D 1199 -9.33 -6.28 -26.25
CA THR D 1199 -8.92 -7.31 -25.30
C THR D 1199 -7.44 -7.63 -25.37
N HIS D 1200 -6.72 -7.14 -26.38
CA HIS D 1200 -5.29 -7.35 -26.50
C HIS D 1200 -4.74 -6.41 -27.56
N VAL D 1201 -3.57 -5.86 -27.31
CA VAL D 1201 -2.87 -5.01 -28.27
C VAL D 1201 -1.45 -5.52 -28.39
N ASP D 1202 -1.06 -5.87 -29.62
CA ASP D 1202 0.32 -6.32 -29.84
C ASP D 1202 1.31 -5.21 -29.51
N ARG D 1203 1.00 -3.97 -29.92
CA ARG D 1203 1.91 -2.87 -29.65
C ARG D 1203 1.25 -1.51 -29.85
N ILE D 1204 1.34 -0.64 -28.85
CA ILE D 1204 1.02 0.77 -28.97
C ILE D 1204 2.30 1.56 -28.79
N THR D 1205 2.63 2.40 -29.77
CA THR D 1205 3.84 3.21 -29.74
C THR D 1205 3.44 4.68 -29.84
N LEU D 1206 3.88 5.48 -28.88
CA LEU D 1206 3.55 6.90 -28.82
C LEU D 1206 4.81 7.72 -28.62
N VAL D 1207 4.90 8.81 -29.36
CA VAL D 1207 6.01 9.77 -29.21
C VAL D 1207 5.53 10.87 -28.27
N PRO D 1208 5.89 10.82 -26.98
CA PRO D 1208 5.30 11.78 -26.03
C PRO D 1208 5.60 13.23 -26.38
N SER D 1209 6.77 13.52 -26.95
CA SER D 1209 7.10 14.89 -27.29
C SER D 1209 6.09 15.49 -28.25
N LEU D 1210 5.77 14.75 -29.32
CA LEU D 1210 4.84 15.27 -30.32
C LEU D 1210 3.43 15.41 -29.74
N CYS D 1211 3.00 14.42 -28.94
CA CYS D 1211 1.67 14.50 -28.35
C CYS D 1211 1.55 15.70 -27.41
N LEU D 1212 2.57 15.92 -26.58
CA LEU D 1212 2.55 17.08 -25.69
C LEU D 1212 2.58 18.38 -26.48
N ALA D 1213 3.37 18.43 -27.55
CA ALA D 1213 3.42 19.63 -28.38
C ALA D 1213 2.06 19.93 -29.00
N THR D 1214 1.39 18.90 -29.53
CA THR D 1214 0.07 19.11 -30.10
C THR D 1214 -0.93 19.55 -29.03
N ALA D 1215 -0.87 18.93 -27.84
CA ALA D 1215 -1.80 19.27 -26.78
C ALA D 1215 -1.64 20.72 -26.35
N GLU D 1216 -0.39 21.16 -26.17
CA GLU D 1216 -0.14 22.52 -25.70
C GLU D 1216 -0.32 23.57 -26.80
N SER D 1217 -0.08 23.20 -28.06
CA SER D 1217 -0.18 24.16 -29.16
C SER D 1217 -1.60 24.50 -29.54
N GLY D 1218 -2.57 23.68 -29.12
CA GLY D 1218 -3.97 23.93 -29.44
C GLY D 1218 -4.43 23.33 -30.75
N CYS D 1219 -3.54 22.74 -31.53
CA CYS D 1219 -3.92 22.08 -32.78
C CYS D 1219 -4.41 20.66 -32.50
N GLU D 1220 -5.42 20.54 -31.64
CA GLU D 1220 -5.92 19.22 -31.25
C GLU D 1220 -6.41 18.43 -32.46
N LYS D 1221 -7.01 19.10 -33.44
CA LYS D 1221 -7.50 18.43 -34.64
C LYS D 1221 -6.31 17.84 -35.39
N VAL D 1222 -6.20 16.51 -35.37
CA VAL D 1222 -5.09 15.81 -36.01
C VAL D 1222 -5.66 14.74 -36.93
N ALA D 1223 -4.82 14.27 -37.86
CA ALA D 1223 -5.19 13.25 -38.83
C ALA D 1223 -4.87 11.86 -38.30
N PHE D 1224 -5.43 10.86 -38.96
CA PHE D 1224 -5.23 9.47 -38.55
C PHE D 1224 -5.33 8.56 -39.77
N ASN D 1225 -4.63 7.43 -39.70
CA ASN D 1225 -4.78 6.33 -40.63
C ASN D 1225 -4.83 5.03 -39.84
N THR D 1226 -5.63 4.08 -40.33
CA THR D 1226 -5.79 2.81 -39.64
C THR D 1226 -5.99 1.70 -40.65
N ILE D 1227 -5.46 0.53 -40.34
CA ILE D 1227 -5.62 -0.66 -41.16
C ILE D 1227 -6.36 -1.70 -40.32
N ASN D 1228 -7.53 -2.12 -40.80
CA ASN D 1228 -8.27 -3.21 -40.15
C ASN D 1228 -7.71 -4.54 -40.65
N THR D 1229 -6.55 -4.90 -40.09
CA THR D 1229 -5.78 -6.03 -40.61
C THR D 1229 -6.61 -7.30 -40.68
N TYR D 1230 -7.31 -7.63 -39.60
CA TYR D 1230 -8.14 -8.83 -39.54
C TYR D 1230 -9.59 -8.42 -39.35
N ASP D 1231 -10.46 -8.97 -40.19
CA ASP D 1231 -11.87 -8.57 -40.17
C ASP D 1231 -12.82 -9.75 -40.35
N LYS D 1232 -12.36 -10.99 -40.17
CA LYS D 1232 -13.23 -12.14 -40.37
C LYS D 1232 -14.43 -12.08 -39.44
N GLY D 1233 -14.25 -11.52 -38.24
CA GLY D 1233 -15.37 -11.31 -37.34
C GLY D 1233 -15.14 -11.84 -35.94
N ASP D 1234 -14.37 -12.92 -35.80
CA ASP D 1234 -14.13 -13.48 -34.47
C ASP D 1234 -13.51 -12.43 -33.54
N TYR D 1235 -12.52 -11.71 -34.02
CA TYR D 1235 -12.02 -10.54 -33.31
C TYR D 1235 -11.29 -9.64 -34.30
N LEU D 1236 -11.62 -8.35 -34.28
CA LEU D 1236 -10.99 -7.41 -35.20
C LEU D 1236 -9.57 -7.11 -34.74
N SER D 1237 -8.66 -6.97 -35.70
CA SER D 1237 -7.28 -6.59 -35.46
C SER D 1237 -6.99 -5.34 -36.26
N GLY D 1238 -6.59 -4.28 -35.58
CA GLY D 1238 -6.38 -2.99 -36.21
C GLY D 1238 -4.99 -2.45 -35.97
N ASP D 1239 -4.44 -1.81 -37.00
CA ASP D 1239 -3.17 -1.09 -36.91
C ASP D 1239 -3.45 0.38 -37.19
N ILE D 1240 -3.25 1.22 -36.18
CA ILE D 1240 -3.62 2.63 -36.26
C ILE D 1240 -2.36 3.48 -36.29
N VAL D 1241 -2.46 4.62 -36.98
CA VAL D 1241 -1.37 5.58 -37.06
C VAL D 1241 -1.95 6.99 -36.99
N VAL D 1242 -1.71 7.70 -35.89
CA VAL D 1242 -2.19 9.06 -35.70
C VAL D 1242 -1.00 10.00 -35.89
N PHE D 1243 -1.17 10.99 -36.76
CA PHE D 1243 -0.11 11.91 -37.12
C PHE D 1243 -0.64 13.34 -37.14
N ASP D 1244 0.28 14.29 -36.94
CA ASP D 1244 -0.05 15.70 -36.90
C ASP D 1244 -0.25 16.23 -38.32
N ALA D 1245 -0.57 17.52 -38.43
CA ALA D 1245 -0.77 18.12 -39.75
C ALA D 1245 0.47 17.96 -40.61
N GLU D 1246 1.65 18.01 -40.00
CA GLU D 1246 2.91 17.82 -40.72
C GLU D 1246 3.27 16.35 -40.91
N GLN D 1247 2.31 15.45 -40.73
CA GLN D 1247 2.50 14.00 -40.89
C GLN D 1247 3.56 13.45 -39.94
N THR D 1248 3.78 14.12 -38.81
CA THR D 1248 4.62 13.57 -37.75
C THR D 1248 3.78 12.66 -36.87
N THR D 1249 4.08 11.36 -36.89
CA THR D 1249 3.24 10.38 -36.23
C THR D 1249 3.26 10.61 -34.73
N LEU D 1250 2.13 11.09 -34.18
CA LEU D 1250 2.03 11.27 -32.74
C LEU D 1250 2.13 9.93 -32.02
N PHE D 1251 1.44 8.92 -32.53
CA PHE D 1251 1.49 7.57 -31.96
C PHE D 1251 0.92 6.61 -32.99
N GLN D 1252 1.07 5.31 -32.71
CA GLN D 1252 0.53 4.29 -33.59
C GLN D 1252 0.10 3.10 -32.73
N VAL D 1253 -0.71 2.23 -33.33
CA VAL D 1253 -1.18 1.02 -32.69
C VAL D 1253 -1.01 -0.13 -33.68
N GLU D 1254 -0.67 -1.30 -33.15
CA GLU D 1254 -0.47 -2.50 -33.96
C GLU D 1254 -1.30 -3.63 -33.37
N ASN D 1255 -2.17 -4.21 -34.21
CA ASN D 1255 -2.96 -5.38 -33.84
C ASN D 1255 -3.68 -5.17 -32.51
N ILE D 1256 -4.46 -4.09 -32.45
CA ILE D 1256 -5.35 -3.85 -31.32
C ILE D 1256 -6.54 -4.79 -31.49
N THR D 1257 -6.49 -5.91 -30.77
CA THR D 1257 -7.47 -6.98 -30.95
C THR D 1257 -8.77 -6.60 -30.26
N PHE D 1258 -9.72 -6.06 -31.04
CA PHE D 1258 -11.07 -5.87 -30.54
C PHE D 1258 -11.78 -7.22 -30.52
N LYS D 1259 -12.34 -7.58 -29.37
CA LYS D 1259 -13.03 -8.85 -29.23
C LYS D 1259 -14.42 -8.62 -28.65
N PRO D 1260 -15.40 -9.45 -28.99
CA PRO D 1260 -16.76 -9.22 -28.51
C PRO D 1260 -16.84 -9.18 -26.99
N PHE D 1261 -17.70 -8.32 -26.48
CA PHE D 1261 -17.94 -8.26 -25.03
C PHE D 1261 -18.36 -9.62 -24.51
N SER D 1262 -19.21 -10.32 -25.27
CA SER D 1262 -19.59 -11.69 -25.01
C SER D 1262 -19.43 -12.49 -26.30
N PRO D 1263 -19.24 -13.81 -26.21
CA PRO D 1263 -18.96 -14.59 -27.42
C PRO D 1263 -20.07 -14.42 -28.44
N PRO D 1264 -19.72 -14.35 -29.73
CA PRO D 1264 -20.76 -14.10 -30.76
C PRO D 1264 -21.64 -15.32 -31.02
N ASP D 1265 -22.72 -15.43 -30.25
CA ASP D 1265 -23.63 -16.54 -30.38
C ASP D 1265 -24.38 -16.47 -31.70
N ALA D 1266 -25.19 -17.48 -32.00
CA ALA D 1266 -25.92 -17.51 -33.26
C ALA D 1266 -26.89 -16.34 -33.41
N SER D 1267 -27.31 -15.74 -32.30
CA SER D 1267 -28.22 -14.60 -32.38
C SER D 1267 -27.62 -13.44 -33.16
N THR D 1268 -26.29 -13.37 -33.25
CA THR D 1268 -25.62 -12.32 -34.00
C THR D 1268 -25.34 -12.72 -35.45
N ASP D 1269 -25.82 -13.88 -35.88
CA ASP D 1269 -25.56 -14.34 -37.25
C ASP D 1269 -26.23 -13.46 -38.30
N HIS D 1270 -25.61 -13.40 -39.48
CA HIS D 1270 -26.17 -12.69 -40.62
C HIS D 1270 -26.81 -13.66 -41.61
N ALA D 1271 -28.13 -13.54 -41.79
CA ALA D 1271 -28.90 -14.47 -42.61
C ALA D 1271 -29.18 -13.92 -44.00
N MET D 1272 -28.23 -13.18 -44.59
CA MET D 1272 -28.48 -12.56 -45.89
C MET D 1272 -28.72 -13.61 -46.97
N PHE D 1273 -27.95 -14.69 -46.95
CA PHE D 1273 -28.05 -15.68 -48.02
C PHE D 1273 -29.42 -16.32 -48.05
N ALA D 1274 -29.89 -16.64 -49.26
CA ALA D 1274 -31.15 -17.33 -49.45
C ALA D 1274 -31.11 -18.03 -50.80
N ARG D 1275 -31.97 -19.04 -50.96
CA ARG D 1275 -32.02 -19.82 -52.19
C ARG D 1275 -33.47 -20.06 -52.59
N TRP D 1276 -33.67 -20.28 -53.89
CA TRP D 1276 -34.98 -20.56 -54.46
C TRP D 1276 -35.30 -22.05 -54.29
N SER D 1277 -35.70 -22.40 -53.07
CA SER D 1277 -36.10 -23.77 -52.78
C SER D 1277 -37.42 -24.06 -53.47
N TRP D 1278 -37.37 -24.86 -54.53
CA TRP D 1278 -38.56 -25.16 -55.32
C TRP D 1278 -39.31 -26.35 -54.73
N GLY D 1279 -40.63 -26.29 -54.82
CA GLY D 1279 -41.48 -27.39 -54.40
C GLY D 1279 -42.79 -27.41 -55.17
N PRO D 1280 -43.52 -28.51 -55.08
CA PRO D 1280 -44.77 -28.63 -55.84
C PRO D 1280 -45.76 -27.53 -55.45
N LEU D 1281 -46.50 -27.04 -56.46
CA LEU D 1281 -47.52 -26.04 -56.21
C LEU D 1281 -48.64 -26.58 -55.33
N THR D 1282 -48.84 -27.90 -55.35
CA THR D 1282 -49.74 -28.58 -54.43
C THR D 1282 -49.08 -29.88 -54.00
N PRO D 1283 -49.39 -30.38 -52.81
CA PRO D 1283 -48.79 -31.63 -52.36
C PRO D 1283 -49.13 -32.77 -53.32
N ASP D 1284 -48.13 -33.63 -53.55
CA ASP D 1284 -48.33 -34.73 -54.48
C ASP D 1284 -49.46 -35.62 -54.01
N SER D 1285 -50.31 -36.04 -54.96
CA SER D 1285 -51.45 -36.87 -54.62
C SER D 1285 -51.01 -38.19 -53.99
N LEU D 1286 -49.91 -38.77 -54.47
CA LEU D 1286 -49.39 -40.02 -53.96
C LEU D 1286 -47.96 -39.81 -53.49
N LEU D 1287 -47.69 -40.12 -52.22
CA LEU D 1287 -46.34 -40.03 -51.67
C LEU D 1287 -45.69 -41.40 -51.80
N ASP D 1288 -45.12 -41.65 -52.99
CA ASP D 1288 -44.49 -42.93 -53.31
C ASP D 1288 -43.01 -42.68 -53.61
N ASN D 1289 -42.20 -42.71 -52.55
CA ASN D 1289 -40.76 -42.52 -52.66
C ASN D 1289 -40.06 -43.86 -52.50
N PRO D 1290 -39.30 -44.35 -53.48
CA PRO D 1290 -38.63 -45.65 -53.30
C PRO D 1290 -37.71 -45.68 -52.09
N GLU D 1291 -37.13 -44.54 -51.71
CA GLU D 1291 -36.29 -44.50 -50.53
C GLU D 1291 -37.04 -44.89 -49.26
N TYR D 1292 -38.37 -44.75 -49.26
CA TYR D 1292 -39.19 -45.04 -48.10
C TYR D 1292 -40.08 -46.27 -48.32
N TRP D 1293 -39.73 -47.13 -49.26
CA TRP D 1293 -40.41 -48.40 -49.43
C TRP D 1293 -39.89 -49.41 -48.40
N ALA D 1294 -40.74 -50.36 -48.05
CA ALA D 1294 -40.34 -51.41 -47.12
C ALA D 1294 -39.15 -52.19 -47.70
N THR D 1295 -38.04 -52.19 -46.98
CA THR D 1295 -36.85 -52.86 -47.46
C THR D 1295 -37.06 -54.36 -47.52
N ALA D 1296 -36.05 -55.06 -48.04
CA ALA D 1296 -36.13 -56.50 -48.14
C ALA D 1296 -36.23 -57.14 -46.76
N GLN D 1297 -35.48 -56.62 -45.79
CA GLN D 1297 -35.51 -57.19 -44.45
C GLN D 1297 -36.90 -57.07 -43.84
N ASP D 1298 -37.51 -55.90 -43.91
CA ASP D 1298 -38.85 -55.71 -43.34
C ASP D 1298 -39.89 -56.43 -44.19
N LYS D 1299 -39.77 -56.36 -45.51
CA LYS D 1299 -40.69 -57.02 -46.41
C LYS D 1299 -40.59 -58.55 -46.33
N GLU D 1300 -39.56 -59.06 -45.66
CA GLU D 1300 -39.49 -60.48 -45.34
C GLU D 1300 -39.92 -60.76 -43.90
N ALA D 1301 -39.65 -59.84 -42.98
CA ALA D 1301 -40.06 -60.02 -41.60
C ALA D 1301 -41.57 -60.07 -41.48
N ILE D 1302 -42.27 -59.11 -42.10
CA ILE D 1302 -43.73 -59.07 -42.01
C ILE D 1302 -44.35 -60.33 -42.62
N PRO D 1303 -44.00 -60.73 -43.84
CA PRO D 1303 -44.48 -62.03 -44.33
C PRO D 1303 -43.99 -63.21 -43.51
N ILE D 1304 -42.87 -63.07 -42.80
CA ILE D 1304 -42.41 -64.16 -41.93
C ILE D 1304 -43.36 -64.34 -40.76
N ILE D 1305 -43.74 -63.24 -40.10
CA ILE D 1305 -44.71 -63.35 -39.02
C ILE D 1305 -46.07 -63.76 -39.56
N GLU D 1306 -46.38 -63.38 -40.81
CA GLU D 1306 -47.58 -63.90 -41.45
C GLU D 1306 -47.51 -65.41 -41.61
N ARG D 1307 -46.35 -65.93 -42.01
CA ARG D 1307 -46.19 -67.37 -42.17
C ARG D 1307 -46.60 -68.13 -40.92
N ILE D 1308 -46.35 -67.55 -39.75
CA ILE D 1308 -46.72 -68.19 -38.50
C ILE D 1308 -48.23 -68.36 -38.41
N VAL D 1309 -49.00 -67.47 -39.03
CA VAL D 1309 -50.44 -67.32 -38.89
C VAL D 1309 -51.21 -67.43 -40.19
N TYR D 1310 -50.58 -67.24 -41.35
CA TYR D 1310 -51.33 -67.13 -42.60
C TYR D 1310 -52.10 -68.39 -42.94
N PHE D 1311 -51.71 -69.55 -42.38
CA PHE D 1311 -52.34 -70.80 -42.77
C PHE D 1311 -53.85 -70.77 -42.54
N TYR D 1312 -54.26 -70.39 -41.33
CA TYR D 1312 -55.67 -70.40 -40.93
C TYR D 1312 -56.19 -69.01 -40.61
N ILE D 1313 -55.75 -68.01 -41.38
CA ILE D 1313 -56.16 -66.63 -41.10
C ILE D 1313 -57.67 -66.48 -41.23
N ARG D 1314 -58.27 -67.21 -42.19
CA ARG D 1314 -59.71 -67.12 -42.38
C ARG D 1314 -60.46 -67.48 -41.11
N SER D 1315 -60.04 -68.57 -40.46
CA SER D 1315 -60.63 -68.93 -39.17
C SER D 1315 -60.21 -67.96 -38.06
N PHE D 1316 -58.99 -67.43 -38.14
CA PHE D 1316 -58.48 -66.58 -37.07
C PHE D 1316 -59.23 -65.25 -36.98
N LEU D 1317 -59.62 -64.67 -38.11
CA LEU D 1317 -60.09 -63.28 -38.13
C LEU D 1317 -60.97 -62.91 -36.94
N SER D 1318 -62.09 -63.65 -36.77
CA SER D 1318 -63.04 -63.30 -35.72
C SER D 1318 -62.41 -63.43 -34.33
N GLN D 1319 -61.66 -64.49 -34.10
CA GLN D 1319 -61.04 -64.71 -32.79
C GLN D 1319 -60.00 -63.63 -32.51
N LEU D 1320 -59.29 -63.20 -33.55
CA LEU D 1320 -58.32 -62.11 -33.40
C LEU D 1320 -59.03 -60.82 -32.98
N THR D 1321 -60.18 -60.53 -33.61
CA THR D 1321 -60.95 -59.37 -33.18
C THR D 1321 -61.40 -59.51 -31.73
N LEU D 1322 -61.89 -60.70 -31.36
CA LEU D 1322 -62.28 -60.96 -29.98
C LEU D 1322 -61.14 -60.63 -29.03
N GLU D 1323 -59.95 -61.16 -29.31
CA GLU D 1323 -58.78 -60.84 -28.50
C GLU D 1323 -58.48 -59.36 -28.48
N GLU D 1324 -58.66 -58.68 -29.62
CA GLU D 1324 -58.52 -57.22 -29.66
C GLU D 1324 -59.53 -56.52 -28.76
N ARG D 1325 -60.61 -57.19 -28.36
CA ARG D 1325 -61.59 -56.60 -27.47
C ARG D 1325 -61.20 -56.72 -26.00
N GLN D 1326 -59.91 -56.91 -25.70
CA GLN D 1326 -59.48 -57.05 -24.31
C GLN D 1326 -59.86 -55.84 -23.47
N GLN D 1327 -59.94 -54.66 -24.09
CA GLN D 1327 -60.22 -53.44 -23.34
C GLN D 1327 -61.68 -53.32 -22.94
N ALA D 1328 -62.60 -53.84 -23.75
CA ALA D 1328 -64.02 -53.57 -23.57
C ALA D 1328 -64.84 -54.82 -23.29
N ALA D 1329 -64.70 -55.88 -24.08
CA ALA D 1329 -65.62 -57.01 -24.02
C ALA D 1329 -64.97 -58.38 -23.94
N PHE D 1330 -63.71 -58.54 -24.37
CA PHE D 1330 -63.11 -59.87 -24.42
C PHE D 1330 -63.06 -60.52 -23.05
N HIS D 1331 -62.98 -59.71 -21.98
CA HIS D 1331 -62.94 -60.28 -20.64
C HIS D 1331 -64.26 -60.94 -20.24
N LEU D 1332 -65.33 -60.74 -21.02
CA LEU D 1332 -66.61 -61.38 -20.76
C LEU D 1332 -67.05 -62.34 -21.84
N GLN D 1333 -66.43 -62.29 -23.03
CA GLN D 1333 -66.88 -63.14 -24.13
C GLN D 1333 -66.77 -64.62 -23.79
N LYS D 1334 -65.75 -64.99 -23.02
CA LYS D 1334 -65.61 -66.35 -22.50
C LYS D 1334 -65.36 -66.34 -21.00
N GLN D 1335 -65.91 -65.34 -20.30
CA GLN D 1335 -65.66 -65.15 -18.88
C GLN D 1335 -64.15 -65.05 -18.62
N ILE D 1336 -63.50 -64.17 -19.38
CA ILE D 1336 -62.05 -64.06 -19.36
C ILE D 1336 -61.63 -62.94 -18.40
N GLU D 1337 -62.54 -62.54 -17.51
CA GLU D 1337 -62.17 -61.63 -16.44
C GLU D 1337 -61.65 -62.38 -15.21
N TRP D 1338 -61.62 -63.71 -15.24
CA TRP D 1338 -61.21 -64.53 -14.12
C TRP D 1338 -59.90 -65.24 -14.43
N LEU D 1339 -59.18 -65.63 -13.37
CA LEU D 1339 -57.81 -66.10 -13.52
C LEU D 1339 -57.67 -67.24 -14.53
N GLU D 1340 -58.48 -68.30 -14.38
CA GLU D 1340 -58.32 -69.47 -15.24
C GLU D 1340 -58.48 -69.08 -16.71
N GLN D 1341 -59.56 -68.39 -17.03
CA GLN D 1341 -59.80 -67.99 -18.42
C GLN D 1341 -58.80 -66.96 -18.89
N VAL D 1342 -58.31 -66.10 -17.99
CA VAL D 1342 -57.27 -65.15 -18.40
C VAL D 1342 -56.02 -65.88 -18.85
N LEU D 1343 -55.55 -66.83 -18.02
CA LEU D 1343 -54.34 -67.58 -18.36
C LEU D 1343 -54.54 -68.39 -19.64
N ALA D 1344 -55.70 -69.04 -19.77
CA ALA D 1344 -55.96 -69.80 -20.99
C ALA D 1344 -56.02 -68.89 -22.21
N SER D 1345 -56.70 -67.75 -22.10
CA SER D 1345 -56.99 -66.92 -23.25
C SER D 1345 -55.77 -66.13 -23.73
N ALA D 1346 -54.86 -65.75 -22.83
CA ALA D 1346 -53.65 -65.10 -23.30
C ALA D 1346 -52.90 -65.98 -24.30
N LYS D 1347 -52.65 -67.23 -23.91
CA LYS D 1347 -51.92 -68.14 -24.79
C LYS D 1347 -52.79 -68.59 -25.97
N GLU D 1348 -54.10 -68.66 -25.79
CA GLU D 1348 -54.97 -68.96 -26.93
C GLU D 1348 -54.90 -67.86 -27.98
N GLY D 1349 -54.89 -66.60 -27.53
CA GLY D 1349 -54.76 -65.50 -28.47
C GLY D 1349 -53.41 -65.48 -29.16
N ARG D 1350 -52.34 -65.77 -28.41
CA ARG D 1350 -51.03 -65.87 -29.03
C ARG D 1350 -50.97 -67.05 -30.02
N HIS D 1351 -51.69 -68.13 -29.74
CA HIS D 1351 -51.72 -69.26 -30.66
C HIS D 1351 -52.58 -68.96 -31.88
N LEU D 1352 -53.55 -68.07 -31.75
CA LEU D 1352 -54.28 -67.61 -32.94
C LEU D 1352 -53.30 -67.20 -34.03
N TRP D 1353 -52.12 -66.74 -33.65
CA TRP D 1353 -51.01 -66.57 -34.57
C TRP D 1353 -50.15 -67.81 -34.67
N TYR D 1354 -49.84 -68.44 -33.53
CA TYR D 1354 -48.89 -69.55 -33.49
C TYR D 1354 -49.55 -70.91 -33.69
N ASP D 1355 -50.86 -70.97 -33.90
CA ASP D 1355 -51.54 -72.26 -34.02
C ASP D 1355 -51.01 -73.12 -35.17
N PRO D 1356 -50.77 -72.60 -36.37
CA PRO D 1356 -50.44 -73.48 -37.51
C PRO D 1356 -49.10 -74.19 -37.39
N GLY D 1357 -48.97 -75.06 -36.39
CA GLY D 1357 -47.81 -75.92 -36.29
C GLY D 1357 -46.59 -75.31 -35.63
N TRP D 1358 -46.64 -74.04 -35.24
CA TRP D 1358 -45.52 -73.37 -34.60
C TRP D 1358 -45.70 -73.30 -33.09
N GLU D 1359 -46.80 -72.71 -32.62
CA GLU D 1359 -47.17 -72.74 -31.21
C GLU D 1359 -46.06 -72.19 -30.32
N ASN D 1360 -45.77 -72.86 -29.21
CA ASN D 1360 -44.86 -72.31 -28.21
C ASN D 1360 -43.47 -72.08 -28.77
N ASP D 1361 -43.03 -72.91 -29.73
CA ASP D 1361 -41.72 -72.71 -30.33
C ASP D 1361 -41.62 -71.34 -30.99
N THR D 1362 -42.75 -70.75 -31.36
CA THR D 1362 -42.73 -69.42 -31.93
C THR D 1362 -42.12 -68.42 -30.96
N GLU D 1363 -42.15 -68.71 -29.66
CA GLU D 1363 -41.55 -67.80 -28.70
C GLU D 1363 -40.05 -67.65 -28.95
N ALA D 1364 -39.37 -68.76 -29.21
CA ALA D 1364 -37.94 -68.70 -29.52
C ALA D 1364 -37.72 -68.24 -30.96
N GLN D 1365 -38.61 -68.64 -31.87
CA GLN D 1365 -38.48 -68.22 -33.27
C GLN D 1365 -38.55 -66.71 -33.39
N ILE D 1366 -39.38 -66.07 -32.56
CA ILE D 1366 -39.51 -64.62 -32.60
C ILE D 1366 -38.19 -63.96 -32.22
N GLU D 1367 -37.54 -64.45 -31.18
CA GLU D 1367 -36.23 -63.91 -30.80
C GLU D 1367 -35.22 -64.14 -31.91
N HIS D 1368 -35.24 -65.34 -32.50
CA HIS D 1368 -34.34 -65.63 -33.61
C HIS D 1368 -34.50 -64.60 -34.72
N LEU D 1369 -35.75 -64.29 -35.07
CA LEU D 1369 -36.01 -63.26 -36.08
C LEU D 1369 -35.53 -61.89 -35.60
N CYS D 1370 -35.79 -61.57 -34.33
CA CYS D 1370 -35.38 -60.28 -33.78
C CYS D 1370 -33.87 -60.09 -33.83
N THR D 1371 -33.11 -61.19 -33.91
CA THR D 1371 -31.66 -61.07 -33.97
C THR D 1371 -31.18 -60.24 -35.16
N ALA D 1372 -32.01 -60.10 -36.19
CA ALA D 1372 -31.65 -59.35 -37.38
C ALA D 1372 -32.38 -58.01 -37.41
N ASN D 1373 -31.79 -57.05 -38.11
CA ASN D 1373 -32.37 -55.72 -38.22
C ASN D 1373 -33.66 -55.76 -39.03
N SER D 1374 -34.56 -54.83 -38.74
CA SER D 1374 -35.91 -54.69 -39.29
C SER D 1374 -36.87 -55.72 -38.71
N TYR D 1375 -36.40 -56.66 -37.89
CA TYR D 1375 -37.26 -57.60 -37.20
C TYR D 1375 -37.46 -57.26 -35.74
N HIS D 1376 -36.47 -56.63 -35.11
CA HIS D 1376 -36.49 -56.43 -33.66
C HIS D 1376 -37.64 -55.55 -33.21
N PRO D 1377 -37.74 -54.28 -33.62
CA PRO D 1377 -38.66 -53.36 -32.93
C PRO D 1377 -40.12 -53.78 -32.97
N HIS D 1378 -40.53 -54.56 -33.96
CA HIS D 1378 -41.94 -54.92 -34.12
C HIS D 1378 -42.27 -56.24 -33.43
N VAL D 1379 -41.64 -57.33 -33.87
CA VAL D 1379 -41.98 -58.63 -33.31
C VAL D 1379 -41.40 -58.82 -31.91
N ARG D 1380 -40.32 -58.12 -31.56
CA ARG D 1380 -39.87 -58.11 -30.17
C ARG D 1380 -40.92 -57.46 -29.27
N LEU D 1381 -41.50 -56.36 -29.73
CA LEU D 1381 -42.59 -55.72 -28.99
C LEU D 1381 -43.78 -56.68 -28.88
N VAL D 1382 -44.08 -57.40 -29.96
CA VAL D 1382 -45.12 -58.42 -29.92
C VAL D 1382 -44.84 -59.42 -28.82
N GLN D 1383 -43.60 -59.93 -28.77
CA GLN D 1383 -43.23 -60.92 -27.75
C GLN D 1383 -43.36 -60.32 -26.34
N ARG D 1384 -42.90 -59.08 -26.17
CA ARG D 1384 -42.98 -58.44 -24.86
C ARG D 1384 -44.43 -58.30 -24.40
N VAL D 1385 -45.31 -57.85 -25.29
CA VAL D 1385 -46.70 -57.64 -24.89
C VAL D 1385 -47.39 -58.99 -24.66
N GLY D 1386 -47.02 -60.02 -25.41
CA GLY D 1386 -47.66 -61.31 -25.25
C GLY D 1386 -47.35 -61.99 -23.93
N GLN D 1387 -46.29 -61.59 -23.25
CA GLN D 1387 -45.88 -62.20 -22.00
C GLN D 1387 -46.37 -61.45 -20.76
N HIS D 1388 -47.08 -60.34 -20.94
CA HIS D 1388 -47.51 -59.53 -19.80
C HIS D 1388 -48.94 -59.03 -19.93
N LEU D 1389 -49.71 -59.49 -20.92
CA LEU D 1389 -51.05 -58.97 -21.16
C LEU D 1389 -52.10 -59.61 -20.26
N LEU D 1390 -51.72 -60.55 -19.40
CA LEU D 1390 -52.72 -61.23 -18.57
C LEU D 1390 -53.56 -60.27 -17.75
N PRO D 1391 -53.00 -59.35 -16.98
CA PRO D 1391 -53.85 -58.38 -16.27
C PRO D 1391 -54.66 -57.50 -17.20
N THR D 1392 -54.11 -57.16 -18.36
CA THR D 1392 -54.86 -56.36 -19.34
C THR D 1392 -55.90 -57.19 -20.06
N VAL D 1393 -55.70 -58.50 -20.15
CA VAL D 1393 -56.70 -59.37 -20.76
C VAL D 1393 -58.01 -59.30 -19.99
N ARG D 1394 -57.94 -59.12 -18.67
CA ARG D 1394 -59.12 -58.94 -17.84
C ARG D 1394 -59.47 -57.48 -17.63
N SER D 1395 -58.80 -56.56 -18.33
CA SER D 1395 -59.06 -55.12 -18.21
C SER D 1395 -58.82 -54.66 -16.78
N ASN D 1396 -57.55 -54.77 -16.35
CA ASN D 1396 -57.17 -54.43 -14.99
C ASN D 1396 -55.88 -53.61 -14.92
N GLY D 1397 -55.32 -53.20 -16.06
CA GLY D 1397 -54.08 -52.45 -16.04
C GLY D 1397 -53.85 -51.72 -17.35
N ASN D 1398 -52.86 -50.84 -17.30
CA ASN D 1398 -52.50 -50.07 -18.49
C ASN D 1398 -51.94 -51.00 -19.56
N PRO D 1399 -52.38 -50.87 -20.82
CA PRO D 1399 -51.89 -51.79 -21.86
C PRO D 1399 -50.39 -51.74 -22.08
N PHE D 1400 -49.77 -50.57 -21.96
CA PHE D 1400 -48.36 -50.41 -22.31
C PHE D 1400 -47.46 -50.04 -21.15
N ASP D 1401 -48.00 -49.49 -20.06
CA ASP D 1401 -47.16 -49.22 -18.90
C ASP D 1401 -46.53 -50.49 -18.35
N LEU D 1402 -47.14 -51.65 -18.59
CA LEU D 1402 -46.57 -52.92 -18.17
C LEU D 1402 -45.24 -53.22 -18.84
N LEU D 1403 -44.94 -52.55 -19.96
CA LEU D 1403 -43.73 -52.81 -20.72
C LEU D 1403 -42.59 -51.88 -20.29
N ASP D 1404 -42.27 -51.90 -18.99
CA ASP D 1404 -41.25 -51.03 -18.42
C ASP D 1404 -41.52 -49.56 -18.72
N HIS D 1405 -42.77 -49.24 -19.02
CA HIS D 1405 -43.23 -47.90 -19.41
C HIS D 1405 -42.79 -47.56 -20.84
N ASP D 1406 -41.85 -48.33 -21.39
CA ASP D 1406 -41.47 -48.54 -22.78
C ASP D 1406 -40.37 -49.59 -22.84
N GLY D 1407 -40.51 -50.59 -23.72
CA GLY D 1407 -39.37 -51.42 -24.08
C GLY D 1407 -38.91 -51.19 -25.50
N LEU D 1408 -39.88 -51.13 -26.42
CA LEU D 1408 -39.59 -50.84 -27.81
C LEU D 1408 -40.65 -49.99 -28.48
N LEU D 1409 -41.63 -49.46 -27.73
CA LEU D 1409 -42.77 -48.81 -28.34
C LEU D 1409 -42.35 -47.66 -29.23
N THR D 1410 -41.48 -46.77 -28.72
CA THR D 1410 -40.99 -45.68 -29.55
C THR D 1410 -40.16 -46.21 -30.71
N GLU D 1411 -39.36 -47.25 -30.46
CA GLU D 1411 -38.60 -47.87 -31.55
C GLU D 1411 -39.54 -48.45 -32.61
N PHE D 1412 -40.61 -49.11 -32.18
CA PHE D 1412 -41.58 -49.63 -33.12
C PHE D 1412 -42.21 -48.50 -33.94
N TYR D 1413 -42.53 -47.39 -33.29
CA TYR D 1413 -43.10 -46.26 -34.01
C TYR D 1413 -42.11 -45.69 -35.03
N THR D 1414 -40.83 -45.63 -34.68
CA THR D 1414 -39.83 -44.96 -35.50
C THR D 1414 -39.01 -45.94 -36.32
N ASN D 1415 -38.33 -46.89 -35.67
CA ASN D 1415 -37.35 -47.72 -36.38
C ASN D 1415 -38.01 -48.62 -37.41
N THR D 1416 -39.13 -49.25 -37.06
CA THR D 1416 -39.75 -50.22 -37.95
C THR D 1416 -40.11 -49.54 -39.28
N LEU D 1417 -39.81 -50.22 -40.38
CA LEU D 1417 -40.10 -49.70 -41.70
C LEU D 1417 -41.54 -49.93 -42.14
N SER D 1418 -42.43 -50.26 -41.20
CA SER D 1418 -43.86 -50.21 -41.42
C SER D 1418 -44.50 -48.99 -40.79
N PHE D 1419 -44.03 -48.60 -39.60
CA PHE D 1419 -44.44 -47.36 -38.96
C PHE D 1419 -43.55 -46.19 -39.35
N GLY D 1420 -42.37 -46.46 -39.90
CA GLY D 1420 -41.41 -45.44 -40.25
C GLY D 1420 -41.73 -44.70 -41.54
N PRO D 1421 -41.86 -45.43 -42.65
CA PRO D 1421 -42.09 -44.75 -43.93
C PRO D 1421 -43.35 -43.90 -43.94
N ALA D 1422 -44.34 -44.24 -43.11
CA ALA D 1422 -45.48 -43.33 -42.93
C ALA D 1422 -45.01 -42.00 -42.38
N LEU D 1423 -44.13 -42.02 -41.39
CA LEU D 1423 -43.60 -40.77 -40.85
C LEU D 1423 -42.74 -40.04 -41.88
N HIS D 1424 -41.98 -40.79 -42.70
CA HIS D 1424 -41.18 -40.15 -43.73
C HIS D 1424 -42.06 -39.44 -44.75
N TYR D 1425 -43.13 -40.10 -45.20
CA TYR D 1425 -44.06 -39.48 -46.11
C TYR D 1425 -44.79 -38.31 -45.47
N ALA D 1426 -45.06 -38.40 -44.16
CA ALA D 1426 -45.62 -37.27 -43.44
C ALA D 1426 -44.67 -36.09 -43.48
N ARG D 1427 -43.37 -36.34 -43.27
CA ARG D 1427 -42.40 -35.26 -43.36
C ARG D 1427 -42.41 -34.64 -44.76
N GLU D 1428 -42.42 -35.48 -45.79
CA GLU D 1428 -42.41 -34.96 -47.15
C GLU D 1428 -43.65 -34.12 -47.43
N LEU D 1429 -44.82 -34.61 -47.01
CA LEU D 1429 -46.07 -33.90 -47.24
C LEU D 1429 -46.09 -32.58 -46.47
N VAL D 1430 -45.65 -32.59 -45.22
CA VAL D 1430 -45.63 -31.37 -44.43
C VAL D 1430 -44.63 -30.38 -45.01
N ALA D 1431 -43.50 -30.88 -45.53
CA ALA D 1431 -42.54 -30.00 -46.18
C ALA D 1431 -43.15 -29.33 -47.39
N GLN D 1432 -43.86 -30.10 -48.22
CA GLN D 1432 -44.50 -29.52 -49.41
C GLN D 1432 -45.53 -28.48 -49.00
N ILE D 1433 -46.35 -28.79 -47.99
CA ILE D 1433 -47.42 -27.88 -47.58
C ILE D 1433 -46.83 -26.62 -46.98
N ALA D 1434 -45.89 -26.75 -46.06
CA ALA D 1434 -45.22 -25.60 -45.45
C ALA D 1434 -44.36 -24.84 -46.44
N HIS D 1435 -44.04 -25.44 -47.58
CA HIS D 1435 -43.35 -24.72 -48.65
C HIS D 1435 -44.33 -23.86 -49.44
N ARG D 1436 -45.39 -24.47 -49.97
CA ARG D 1436 -46.38 -23.68 -50.71
C ARG D 1436 -47.09 -22.71 -49.78
N TYR D 1437 -47.49 -23.15 -48.60
CA TYR D 1437 -48.08 -22.30 -47.58
C TYR D 1437 -47.04 -22.07 -46.49
N GLN D 1438 -46.79 -20.80 -46.17
CA GLN D 1438 -45.81 -20.44 -45.16
C GLN D 1438 -46.44 -19.54 -44.12
N SER D 1439 -45.69 -19.31 -43.03
CA SER D 1439 -46.21 -18.60 -41.87
C SER D 1439 -47.43 -19.30 -41.28
N MET D 1440 -47.48 -20.62 -41.45
CA MET D 1440 -48.65 -21.39 -41.01
C MET D 1440 -48.66 -21.51 -39.50
N ASP D 1441 -49.86 -21.38 -38.92
CA ASP D 1441 -50.07 -21.65 -37.50
C ASP D 1441 -50.43 -23.12 -37.38
N ILE D 1442 -49.41 -23.94 -37.17
CA ILE D 1442 -49.56 -25.39 -37.20
C ILE D 1442 -49.95 -25.89 -35.81
N LEU D 1443 -50.64 -27.02 -35.78
CA LEU D 1443 -51.15 -27.59 -34.53
C LEU D 1443 -51.21 -29.10 -34.68
N GLU D 1444 -50.34 -29.81 -33.98
CA GLU D 1444 -50.32 -31.28 -34.01
C GLU D 1444 -51.03 -31.81 -32.78
N ILE D 1445 -51.99 -32.69 -33.00
CA ILE D 1445 -52.81 -33.28 -31.95
C ILE D 1445 -52.46 -34.75 -31.83
N GLY D 1446 -52.27 -35.21 -30.60
CA GLY D 1446 -51.85 -36.58 -30.37
C GLY D 1446 -50.37 -36.80 -30.54
N ALA D 1447 -49.56 -35.75 -30.41
CA ALA D 1447 -48.11 -35.91 -30.61
C ALA D 1447 -47.52 -36.87 -29.59
N GLY D 1448 -47.93 -36.78 -28.34
CA GLY D 1448 -47.37 -37.67 -27.33
C GLY D 1448 -45.88 -37.46 -27.21
N THR D 1449 -45.12 -38.52 -27.47
CA THR D 1449 -43.66 -38.42 -27.45
C THR D 1449 -43.13 -37.47 -28.52
N GLY D 1450 -43.92 -37.19 -29.55
CA GLY D 1450 -43.51 -36.26 -30.59
C GLY D 1450 -42.71 -36.86 -31.71
N GLY D 1451 -42.79 -38.17 -31.92
CA GLY D 1451 -42.05 -38.77 -33.02
C GLY D 1451 -42.47 -38.19 -34.36
N ALA D 1452 -43.78 -38.07 -34.58
CA ALA D 1452 -44.26 -37.41 -35.78
C ALA D 1452 -43.82 -35.94 -35.80
N THR D 1453 -43.88 -35.28 -34.65
CA THR D 1453 -43.38 -33.92 -34.56
C THR D 1453 -41.90 -33.87 -34.91
N LYS D 1454 -41.12 -34.80 -34.36
CA LYS D 1454 -39.70 -34.85 -34.69
C LYS D 1454 -39.49 -34.96 -36.19
N TYR D 1455 -40.16 -35.92 -36.83
CA TYR D 1455 -39.95 -36.14 -38.25
C TYR D 1455 -40.36 -34.92 -39.07
N VAL D 1456 -41.55 -34.37 -38.81
CA VAL D 1456 -42.03 -33.25 -39.62
C VAL D 1456 -41.13 -32.02 -39.43
N LEU D 1457 -40.75 -31.72 -38.19
CA LEU D 1457 -39.87 -30.59 -37.94
C LEU D 1457 -38.43 -30.87 -38.36
N ALA D 1458 -38.09 -32.11 -38.72
CA ALA D 1458 -36.77 -32.42 -39.23
C ALA D 1458 -36.52 -31.83 -40.60
N THR D 1459 -37.54 -31.28 -41.24
CA THR D 1459 -37.34 -30.62 -42.53
C THR D 1459 -36.31 -29.50 -42.37
N PRO D 1460 -35.43 -29.29 -43.36
CA PRO D 1460 -34.35 -28.31 -43.16
C PRO D 1460 -34.85 -26.93 -42.74
N GLN D 1461 -35.94 -26.45 -43.33
CA GLN D 1461 -36.65 -25.19 -43.09
C GLN D 1461 -38.09 -25.36 -43.55
N LEU D 1462 -39.02 -24.89 -42.73
CA LEU D 1462 -40.44 -24.88 -43.07
C LEU D 1462 -41.07 -23.62 -42.53
N GLY D 1463 -42.06 -23.10 -43.26
CA GLY D 1463 -42.63 -21.80 -42.98
C GLY D 1463 -43.69 -21.78 -41.90
N PHE D 1464 -43.44 -22.47 -40.79
CA PHE D 1464 -44.35 -22.45 -39.65
C PHE D 1464 -44.17 -21.14 -38.87
N ASN D 1465 -45.20 -20.30 -38.88
CA ASN D 1465 -45.21 -19.14 -38.00
C ASN D 1465 -45.36 -19.57 -36.54
N SER D 1466 -46.11 -20.62 -36.29
CA SER D 1466 -46.27 -21.17 -34.96
C SER D 1466 -46.60 -22.66 -35.08
N TYR D 1467 -46.30 -23.41 -34.02
CA TYR D 1467 -46.52 -24.85 -34.00
C TYR D 1467 -47.07 -25.22 -32.64
N THR D 1468 -48.37 -25.48 -32.57
CA THR D 1468 -49.04 -25.78 -31.31
C THR D 1468 -48.88 -27.28 -31.03
N TYR D 1469 -47.99 -27.61 -30.10
CA TYR D 1469 -47.80 -29.00 -29.68
C TYR D 1469 -48.96 -29.38 -28.75
N THR D 1470 -49.78 -30.33 -29.19
CA THR D 1470 -51.03 -30.63 -28.51
C THR D 1470 -51.22 -32.13 -28.38
N ASP D 1471 -51.79 -32.53 -27.25
CA ASP D 1471 -52.13 -33.93 -27.00
C ASP D 1471 -53.26 -33.96 -25.98
N ILE D 1472 -53.93 -35.12 -25.89
CA ILE D 1472 -55.02 -35.27 -24.94
C ILE D 1472 -54.52 -35.08 -23.51
N SER D 1473 -53.25 -35.39 -23.27
CA SER D 1473 -52.65 -35.27 -21.95
C SER D 1473 -51.41 -34.38 -22.01
N THR D 1474 -51.18 -33.66 -20.93
CA THR D 1474 -50.04 -32.76 -20.82
C THR D 1474 -48.79 -33.43 -20.25
N GLY D 1475 -48.86 -34.73 -19.95
CA GLY D 1475 -47.72 -35.41 -19.37
C GLY D 1475 -46.50 -35.45 -20.28
N PHE D 1476 -46.71 -35.35 -21.59
CA PHE D 1476 -45.61 -35.39 -22.55
C PHE D 1476 -45.07 -34.02 -22.88
N PHE D 1477 -45.60 -32.96 -22.27
CA PHE D 1477 -45.19 -31.61 -22.65
C PHE D 1477 -43.77 -31.29 -22.19
N GLU D 1478 -43.34 -31.82 -21.05
CA GLU D 1478 -41.96 -31.64 -20.63
C GLU D 1478 -40.99 -32.27 -21.62
N GLN D 1479 -41.31 -33.49 -22.07
CA GLN D 1479 -40.47 -34.16 -23.05
C GLN D 1479 -40.46 -33.39 -24.37
N ALA D 1480 -41.61 -32.86 -24.77
CA ALA D 1480 -41.67 -32.06 -26.00
C ALA D 1480 -40.82 -30.80 -25.87
N ARG D 1481 -40.89 -30.13 -24.73
CA ARG D 1481 -40.11 -28.92 -24.52
C ARG D 1481 -38.62 -29.22 -24.57
N GLU D 1482 -38.20 -30.32 -23.93
CA GLU D 1482 -36.78 -30.67 -23.94
C GLU D 1482 -36.33 -31.09 -25.33
N GLN D 1483 -37.17 -31.84 -26.05
CA GLN D 1483 -36.80 -32.32 -27.37
C GLN D 1483 -36.87 -31.22 -28.43
N PHE D 1484 -37.88 -30.35 -28.34
CA PHE D 1484 -38.13 -29.31 -29.33
C PHE D 1484 -37.75 -27.93 -28.81
N ALA D 1485 -36.73 -27.86 -27.95
CA ALA D 1485 -36.24 -26.56 -27.49
C ALA D 1485 -35.83 -25.66 -28.65
N PRO D 1486 -35.15 -26.13 -29.69
CA PRO D 1486 -34.77 -25.23 -30.79
C PRO D 1486 -35.96 -24.51 -31.41
N PHE D 1487 -37.11 -25.17 -31.46
CA PHE D 1487 -38.33 -24.60 -32.01
C PHE D 1487 -39.28 -24.08 -30.92
N GLU D 1488 -38.75 -23.88 -29.70
CA GLU D 1488 -39.61 -23.45 -28.60
C GLU D 1488 -40.24 -22.10 -28.88
N ASP D 1489 -39.49 -21.17 -29.47
CA ASP D 1489 -40.06 -19.89 -29.84
C ASP D 1489 -41.21 -20.05 -30.82
N ARG D 1490 -41.03 -20.93 -31.81
CA ARG D 1490 -42.11 -21.22 -32.75
C ARG D 1490 -43.19 -22.08 -32.11
N MET D 1491 -42.85 -22.88 -31.11
CA MET D 1491 -43.73 -23.90 -30.57
C MET D 1491 -44.43 -23.39 -29.30
N VAL D 1492 -45.73 -23.64 -29.22
CA VAL D 1492 -46.52 -23.35 -28.03
C VAL D 1492 -47.26 -24.63 -27.65
N PHE D 1493 -47.32 -24.91 -26.34
CA PHE D 1493 -47.86 -26.16 -25.85
C PHE D 1493 -49.25 -25.91 -25.25
N GLU D 1494 -50.25 -26.62 -25.78
CA GLU D 1494 -51.63 -26.49 -25.33
C GLU D 1494 -52.36 -27.82 -25.47
N PRO D 1495 -52.87 -28.40 -24.40
CA PRO D 1495 -53.62 -29.65 -24.52
C PRO D 1495 -54.95 -29.43 -25.21
N LEU D 1496 -55.44 -30.49 -25.87
CA LEU D 1496 -56.74 -30.44 -26.53
C LEU D 1496 -57.31 -31.84 -26.60
N ASP D 1497 -58.61 -31.96 -26.33
CA ASP D 1497 -59.35 -33.20 -26.50
C ASP D 1497 -60.24 -33.02 -27.72
N ILE D 1498 -59.82 -33.58 -28.86
CA ILE D 1498 -60.59 -33.46 -30.09
C ILE D 1498 -62.01 -33.99 -29.90
N ARG D 1499 -62.22 -34.87 -28.93
CA ARG D 1499 -63.57 -35.29 -28.59
C ARG D 1499 -64.39 -34.16 -27.97
N ARG D 1500 -63.75 -33.06 -27.60
CA ARG D 1500 -64.39 -31.91 -26.97
C ARG D 1500 -64.23 -30.69 -27.87
N SER D 1501 -65.14 -29.74 -27.71
CA SER D 1501 -65.12 -28.54 -28.54
C SER D 1501 -63.84 -27.75 -28.28
N PRO D 1502 -63.08 -27.38 -29.32
CA PRO D 1502 -61.86 -26.61 -29.09
C PRO D 1502 -62.10 -25.27 -28.41
N ALA D 1503 -63.24 -24.62 -28.70
CA ALA D 1503 -63.51 -23.32 -28.10
C ALA D 1503 -63.58 -23.41 -26.58
N GLU D 1504 -64.22 -24.47 -26.07
CA GLU D 1504 -64.30 -24.67 -24.63
C GLU D 1504 -62.93 -24.86 -23.99
N GLN D 1505 -61.92 -25.21 -24.79
CA GLN D 1505 -60.59 -25.50 -24.29
C GLN D 1505 -59.62 -24.33 -24.50
N GLY D 1506 -60.14 -23.15 -24.84
CA GLY D 1506 -59.34 -21.95 -24.94
C GLY D 1506 -58.75 -21.66 -26.31
N PHE D 1507 -58.89 -22.57 -27.26
CA PHE D 1507 -58.34 -22.35 -28.59
C PHE D 1507 -59.22 -21.40 -29.40
N GLU D 1508 -58.56 -20.62 -30.27
CA GLU D 1508 -59.27 -19.67 -31.13
C GLU D 1508 -59.75 -20.38 -32.39
N PRO D 1509 -61.04 -20.33 -32.71
CA PRO D 1509 -61.52 -21.04 -33.89
C PRO D 1509 -60.94 -20.48 -35.17
N HIS D 1510 -60.68 -21.37 -36.14
CA HIS D 1510 -60.20 -20.98 -37.46
C HIS D 1510 -58.96 -20.10 -37.36
N ALA D 1511 -58.04 -20.49 -36.46
CA ALA D 1511 -56.80 -19.77 -36.25
C ALA D 1511 -55.57 -20.57 -36.67
N TYR D 1512 -55.74 -21.77 -37.19
CA TYR D 1512 -54.63 -22.64 -37.59
C TYR D 1512 -54.73 -22.95 -39.07
N ASP D 1513 -53.61 -22.75 -39.78
CA ASP D 1513 -53.58 -23.07 -41.20
C ASP D 1513 -53.38 -24.56 -41.45
N LEU D 1514 -52.82 -25.29 -40.49
CA LEU D 1514 -52.54 -26.71 -40.66
C LEU D 1514 -52.73 -27.42 -39.32
N ILE D 1515 -53.34 -28.60 -39.37
CA ILE D 1515 -53.49 -29.45 -38.19
C ILE D 1515 -52.98 -30.84 -38.54
N ILE D 1516 -52.32 -31.47 -37.57
CA ILE D 1516 -51.72 -32.79 -37.74
C ILE D 1516 -52.35 -33.75 -36.74
N ALA D 1517 -52.79 -34.91 -37.22
CA ALA D 1517 -53.34 -35.97 -36.39
C ALA D 1517 -52.30 -37.09 -36.31
N SER D 1518 -51.59 -37.16 -35.20
CA SER D 1518 -50.52 -38.15 -35.01
C SER D 1518 -51.13 -39.44 -34.46
N ASN D 1519 -51.80 -40.18 -35.34
CA ASN D 1519 -52.40 -41.47 -34.99
C ASN D 1519 -53.29 -41.33 -33.75
N VAL D 1520 -54.16 -40.32 -33.79
CA VAL D 1520 -55.05 -40.04 -32.68
C VAL D 1520 -56.53 -40.15 -33.06
N LEU D 1521 -56.88 -40.02 -34.34
CA LEU D 1521 -58.29 -40.13 -34.72
C LEU D 1521 -58.85 -41.51 -34.45
N HIS D 1522 -58.00 -42.55 -34.43
CA HIS D 1522 -58.47 -43.89 -34.08
C HIS D 1522 -58.83 -43.99 -32.60
N ALA D 1523 -58.33 -43.07 -31.77
CA ALA D 1523 -58.58 -43.10 -30.34
C ALA D 1523 -59.84 -42.34 -29.94
N THR D 1524 -60.78 -42.18 -30.86
CA THR D 1524 -62.01 -41.47 -30.57
C THR D 1524 -63.18 -42.08 -31.34
N PRO D 1525 -64.23 -42.53 -30.65
CA PRO D 1525 -65.43 -42.98 -31.38
C PRO D 1525 -66.22 -41.83 -32.00
N ASP D 1526 -65.83 -40.59 -31.72
CA ASP D 1526 -66.47 -39.40 -32.28
C ASP D 1526 -65.72 -38.89 -33.50
N LEU D 1527 -65.15 -39.80 -34.30
CA LEU D 1527 -64.32 -39.42 -35.44
C LEU D 1527 -64.90 -38.23 -36.21
N GLU D 1528 -66.18 -38.31 -36.56
CA GLU D 1528 -66.80 -37.22 -37.31
C GLU D 1528 -66.76 -35.92 -36.51
N LYS D 1529 -67.12 -35.98 -35.22
CA LYS D 1529 -67.14 -34.77 -34.41
C LYS D 1529 -65.72 -34.25 -34.15
N THR D 1530 -64.75 -35.16 -33.98
CA THR D 1530 -63.38 -34.71 -33.80
C THR D 1530 -62.86 -34.00 -35.06
N MET D 1531 -63.17 -34.55 -36.24
CA MET D 1531 -62.77 -33.90 -37.47
C MET D 1531 -63.50 -32.58 -37.67
N ALA D 1532 -64.76 -32.50 -37.23
CA ALA D 1532 -65.47 -31.22 -37.26
C ALA D 1532 -64.78 -30.19 -36.36
N HIS D 1533 -64.33 -30.62 -35.19
CA HIS D 1533 -63.57 -29.73 -34.31
C HIS D 1533 -62.28 -29.28 -34.99
N ALA D 1534 -61.58 -30.19 -35.64
CA ALA D 1534 -60.36 -29.82 -36.37
C ALA D 1534 -60.67 -28.80 -37.45
N ARG D 1535 -61.77 -28.99 -38.18
CA ARG D 1535 -62.21 -28.00 -39.16
C ARG D 1535 -62.46 -26.65 -38.50
N SER D 1536 -63.12 -26.66 -37.33
CA SER D 1536 -63.39 -25.43 -36.62
C SER D 1536 -62.10 -24.70 -36.29
N LEU D 1537 -61.09 -25.43 -35.83
CA LEU D 1537 -59.79 -24.82 -35.58
C LEU D 1537 -59.11 -24.38 -36.87
N LEU D 1538 -59.27 -25.14 -37.95
CA LEU D 1538 -58.60 -24.82 -39.20
C LEU D 1538 -59.19 -23.59 -39.86
N LYS D 1539 -58.32 -22.79 -40.46
CA LYS D 1539 -58.77 -21.70 -41.31
C LYS D 1539 -59.35 -22.25 -42.60
N PRO D 1540 -60.13 -21.46 -43.33
CA PRO D 1540 -60.61 -21.90 -44.63
C PRO D 1540 -59.43 -22.27 -45.54
N GLY D 1541 -59.52 -23.44 -46.17
CA GLY D 1541 -58.45 -23.94 -46.99
C GLY D 1541 -57.31 -24.58 -46.23
N GLY D 1542 -57.39 -24.67 -44.91
CA GLY D 1542 -56.32 -25.26 -44.14
C GLY D 1542 -56.18 -26.74 -44.41
N GLN D 1543 -54.96 -27.25 -44.23
CA GLN D 1543 -54.61 -28.63 -44.53
C GLN D 1543 -54.59 -29.44 -43.24
N MET D 1544 -55.33 -30.54 -43.23
CA MET D 1544 -55.35 -31.47 -42.11
C MET D 1544 -54.55 -32.71 -42.49
N VAL D 1545 -53.39 -32.88 -41.86
CA VAL D 1545 -52.50 -33.99 -42.14
C VAL D 1545 -52.88 -35.11 -41.18
N ILE D 1546 -53.35 -36.23 -41.72
CA ILE D 1546 -53.93 -37.31 -40.94
C ILE D 1546 -53.01 -38.52 -41.02
N LEU D 1547 -52.23 -38.74 -39.97
CA LEU D 1547 -51.50 -40.00 -39.79
C LEU D 1547 -52.43 -40.96 -39.05
N GLU D 1548 -53.00 -41.93 -39.78
CA GLU D 1548 -54.02 -42.77 -39.19
C GLU D 1548 -54.07 -44.10 -39.90
N ILE D 1549 -54.72 -45.07 -39.25
CA ILE D 1549 -54.82 -46.42 -39.76
C ILE D 1549 -55.71 -46.46 -41.00
N THR D 1550 -55.52 -47.50 -41.82
CA THR D 1550 -56.35 -47.75 -42.98
C THR D 1550 -56.04 -49.13 -43.52
N HIS D 1551 -56.96 -49.66 -44.33
CA HIS D 1551 -56.77 -50.90 -45.08
C HIS D 1551 -56.14 -51.98 -44.21
N LYS D 1552 -56.93 -52.42 -43.22
CA LYS D 1552 -56.43 -53.36 -42.22
C LYS D 1552 -55.97 -54.66 -42.87
N GLU D 1553 -54.92 -55.24 -42.30
CA GLU D 1553 -54.48 -56.59 -42.61
C GLU D 1553 -54.26 -57.32 -41.30
N HIS D 1554 -55.07 -58.36 -41.06
CA HIS D 1554 -55.12 -58.97 -39.73
C HIS D 1554 -53.79 -59.63 -39.36
N THR D 1555 -53.09 -60.21 -40.33
CA THR D 1555 -51.90 -61.01 -40.06
C THR D 1555 -50.66 -60.17 -39.81
N ARG D 1556 -50.79 -58.87 -39.52
CA ARG D 1556 -49.62 -58.01 -39.47
C ARG D 1556 -49.54 -57.16 -38.20
N LEU D 1557 -50.68 -56.69 -37.68
CA LEU D 1557 -50.65 -55.80 -36.53
C LEU D 1557 -51.74 -56.07 -35.50
N GLY D 1558 -52.57 -57.09 -35.66
CA GLY D 1558 -53.81 -57.21 -34.91
C GLY D 1558 -53.69 -57.29 -33.41
N PHE D 1559 -53.06 -58.37 -32.92
CA PHE D 1559 -53.05 -58.62 -31.49
C PHE D 1559 -52.22 -57.59 -30.72
N ILE D 1560 -51.27 -56.91 -31.40
CA ILE D 1560 -50.48 -55.91 -30.70
C ILE D 1560 -51.20 -54.56 -30.69
N PHE D 1561 -51.92 -54.24 -31.77
CA PHE D 1561 -52.68 -52.99 -31.76
C PHE D 1561 -53.92 -53.08 -30.88
N GLY D 1562 -54.49 -54.28 -30.73
CA GLY D 1562 -55.73 -54.44 -30.00
C GLY D 1562 -55.64 -54.13 -28.52
N LEU D 1563 -54.43 -54.00 -27.98
CA LEU D 1563 -54.26 -53.91 -26.53
C LEU D 1563 -54.62 -52.53 -25.98
N PHE D 1564 -54.44 -51.46 -26.76
CA PHE D 1564 -54.47 -50.12 -26.21
C PHE D 1564 -55.81 -49.84 -25.52
N ALA D 1565 -55.84 -48.75 -24.75
CA ALA D 1565 -56.90 -48.49 -23.79
C ALA D 1565 -58.09 -47.75 -24.40
N ASP D 1566 -57.87 -46.83 -25.34
CA ASP D 1566 -58.84 -45.97 -26.01
C ASP D 1566 -58.83 -46.12 -27.52
N TRP D 1567 -57.89 -46.88 -28.08
CA TRP D 1567 -57.88 -47.08 -29.53
C TRP D 1567 -59.08 -47.91 -29.99
N TRP D 1568 -59.55 -48.83 -29.14
CA TRP D 1568 -60.69 -49.65 -29.52
C TRP D 1568 -61.98 -48.86 -29.51
N ALA D 1569 -62.05 -47.79 -28.71
CA ALA D 1569 -63.22 -46.92 -28.71
C ALA D 1569 -63.45 -46.42 -30.13
N GLY D 1570 -64.58 -46.82 -30.72
CA GLY D 1570 -64.84 -46.57 -32.12
C GLY D 1570 -65.44 -47.79 -32.80
N VAL D 1571 -65.44 -48.92 -32.09
CA VAL D 1571 -66.09 -50.13 -32.58
C VAL D 1571 -67.58 -49.94 -32.75
N ASP D 1572 -68.15 -48.85 -32.23
CA ASP D 1572 -69.57 -48.57 -32.42
C ASP D 1572 -69.94 -48.51 -33.90
N ASP D 1573 -68.97 -48.18 -34.76
CA ASP D 1573 -69.22 -48.13 -36.19
C ASP D 1573 -69.48 -49.51 -36.78
N GLY D 1574 -69.23 -50.58 -36.03
CA GLY D 1574 -69.47 -51.93 -36.49
C GLY D 1574 -68.22 -52.70 -36.87
N ARG D 1575 -67.11 -52.01 -37.09
CA ARG D 1575 -65.85 -52.65 -37.43
C ARG D 1575 -64.91 -52.60 -36.22
N CYS D 1576 -63.81 -53.35 -36.32
CA CYS D 1576 -62.85 -53.40 -35.23
C CYS D 1576 -62.33 -52.01 -34.91
N THR D 1577 -62.21 -51.72 -33.62
CA THR D 1577 -61.73 -50.42 -33.12
C THR D 1577 -62.42 -49.28 -33.85
N GLU D 1578 -61.78 -48.12 -33.89
CA GLU D 1578 -62.19 -47.10 -34.85
C GLU D 1578 -61.75 -47.59 -36.22
N PRO D 1579 -62.66 -47.76 -37.18
CA PRO D 1579 -62.35 -48.62 -38.33
C PRO D 1579 -61.08 -48.19 -39.05
N PHE D 1580 -60.39 -49.18 -39.62
CA PHE D 1580 -59.26 -48.91 -40.49
C PHE D 1580 -59.79 -48.33 -41.79
N VAL D 1581 -60.28 -47.08 -41.72
CA VAL D 1581 -61.02 -46.50 -42.82
C VAL D 1581 -60.16 -46.50 -44.07
N SER D 1582 -60.75 -46.95 -45.18
CA SER D 1582 -60.07 -46.88 -46.47
C SER D 1582 -59.98 -45.43 -46.94
N PHE D 1583 -59.07 -45.18 -47.88
CA PHE D 1583 -58.90 -43.82 -48.36
C PHE D 1583 -60.18 -43.31 -49.02
N ASP D 1584 -60.97 -44.21 -49.61
CA ASP D 1584 -62.26 -43.78 -50.17
C ASP D 1584 -63.26 -43.47 -49.06
N ARG D 1585 -63.37 -44.35 -48.06
CA ARG D 1585 -64.24 -44.06 -46.92
C ARG D 1585 -63.68 -42.91 -46.09
N TRP D 1586 -62.35 -42.79 -46.04
CA TRP D 1586 -61.75 -41.60 -45.44
C TRP D 1586 -62.22 -40.36 -46.16
N ASP D 1587 -62.23 -40.38 -47.49
CA ASP D 1587 -62.70 -39.24 -48.27
C ASP D 1587 -64.15 -38.94 -47.96
N ALA D 1588 -64.98 -39.98 -47.87
CA ALA D 1588 -66.40 -39.76 -47.60
C ALA D 1588 -66.61 -39.11 -46.23
N ILE D 1589 -66.04 -39.69 -45.19
CA ILE D 1589 -66.19 -39.14 -43.85
C ILE D 1589 -65.62 -37.73 -43.79
N LEU D 1590 -64.45 -37.54 -44.41
CA LEU D 1590 -63.77 -36.26 -44.38
C LEU D 1590 -64.59 -35.17 -45.07
N LYS D 1591 -65.21 -35.50 -46.20
CA LYS D 1591 -66.10 -34.55 -46.86
C LYS D 1591 -67.33 -34.27 -46.00
N ARG D 1592 -67.87 -35.29 -45.32
CA ARG D 1592 -69.04 -35.07 -44.50
C ARG D 1592 -68.79 -34.12 -43.34
N VAL D 1593 -67.51 -33.87 -43.00
CA VAL D 1593 -67.18 -33.06 -41.84
C VAL D 1593 -66.59 -31.70 -42.26
N GLY D 1594 -66.74 -31.32 -43.52
CA GLY D 1594 -66.35 -29.99 -43.94
C GLY D 1594 -64.93 -29.87 -44.46
N PHE D 1595 -64.57 -30.69 -45.44
CA PHE D 1595 -63.26 -30.61 -46.07
C PHE D 1595 -63.40 -30.90 -47.56
N SER D 1596 -62.27 -30.76 -48.28
CA SER D 1596 -62.26 -30.86 -49.73
C SER D 1596 -61.81 -32.24 -50.22
N GLY D 1597 -62.05 -33.29 -49.44
CA GLY D 1597 -61.72 -34.63 -49.85
C GLY D 1597 -60.26 -34.97 -49.63
N VAL D 1598 -59.94 -36.25 -49.89
CA VAL D 1598 -58.58 -36.76 -49.73
C VAL D 1598 -57.90 -36.59 -51.09
N ASP D 1599 -57.29 -35.42 -51.30
CA ASP D 1599 -56.55 -35.15 -52.51
C ASP D 1599 -55.09 -35.62 -52.48
N SER D 1600 -54.58 -36.02 -51.31
CA SER D 1600 -53.23 -36.52 -51.18
C SER D 1600 -53.23 -37.70 -50.22
N ARG D 1601 -52.46 -38.73 -50.55
CA ARG D 1601 -52.39 -39.93 -49.74
C ARG D 1601 -51.01 -40.56 -49.88
N THR D 1602 -50.66 -41.38 -48.90
CA THR D 1602 -49.41 -42.10 -48.92
C THR D 1602 -49.58 -43.45 -49.62
N THR D 1603 -48.51 -43.92 -50.25
CA THR D 1603 -48.56 -45.17 -50.98
C THR D 1603 -48.75 -46.34 -50.01
N ASP D 1604 -49.73 -47.19 -50.33
CA ASP D 1604 -49.97 -48.43 -49.59
C ASP D 1604 -50.30 -49.55 -50.56
N ARG D 1605 -49.55 -49.59 -51.67
CA ARG D 1605 -49.90 -50.51 -52.76
C ARG D 1605 -49.77 -51.96 -52.32
N ASP D 1606 -48.73 -52.29 -51.54
CA ASP D 1606 -48.43 -53.67 -51.16
C ASP D 1606 -48.68 -53.96 -49.70
N ALA D 1607 -47.93 -53.33 -48.80
CA ALA D 1607 -48.02 -53.65 -47.38
C ALA D 1607 -47.18 -52.70 -46.54
N ASN D 1608 -47.32 -52.80 -45.22
CA ASN D 1608 -46.45 -52.13 -44.27
C ASN D 1608 -46.74 -50.64 -44.14
N LEU D 1609 -47.67 -50.12 -44.95
CA LEU D 1609 -48.03 -48.72 -44.89
C LEU D 1609 -49.51 -48.50 -44.64
N PHE D 1610 -50.32 -49.56 -44.66
CA PHE D 1610 -51.72 -49.46 -44.30
C PHE D 1610 -51.88 -49.02 -42.84
N PRO D 1611 -51.06 -49.52 -41.90
CA PRO D 1611 -51.31 -49.15 -40.48
C PRO D 1611 -51.16 -47.67 -40.20
N THR D 1612 -50.38 -46.95 -41.01
CA THR D 1612 -50.11 -45.54 -40.72
C THR D 1612 -50.13 -44.67 -41.98
N SER D 1613 -50.83 -45.08 -43.03
CA SER D 1613 -50.89 -44.28 -44.24
C SER D 1613 -51.43 -42.89 -43.92
N VAL D 1614 -50.82 -41.88 -44.53
CA VAL D 1614 -51.10 -40.48 -44.20
C VAL D 1614 -51.88 -39.85 -45.35
N PHE D 1615 -52.66 -38.82 -45.01
CA PHE D 1615 -53.46 -38.09 -45.99
C PHE D 1615 -53.47 -36.62 -45.62
N SER D 1616 -53.69 -35.78 -46.62
CA SER D 1616 -53.84 -34.34 -46.44
C SER D 1616 -55.16 -33.89 -47.04
N THR D 1617 -55.88 -33.05 -46.30
CA THR D 1617 -57.22 -32.61 -46.70
C THR D 1617 -57.36 -31.12 -46.46
N HIS D 1618 -57.98 -30.44 -47.41
CA HIS D 1618 -58.18 -29.00 -47.33
C HIS D 1618 -59.50 -28.68 -46.63
N ALA D 1619 -59.50 -27.58 -45.89
CA ALA D 1619 -60.73 -27.09 -45.25
C ALA D 1619 -61.58 -26.40 -46.31
N ILE D 1620 -62.76 -26.96 -46.57
CA ILE D 1620 -63.60 -26.51 -47.68
C ILE D 1620 -64.54 -25.43 -47.13
N ASP D 1621 -64.24 -24.17 -47.46
CA ASP D 1621 -64.93 -22.91 -47.25
C ASP D 1621 -64.28 -21.83 -48.10
N ALA D 1622 -65.09 -21.10 -48.86
CA ALA D 1622 -64.56 -20.21 -49.88
C ALA D 1622 -63.62 -20.97 -50.80
N THR D 1623 -64.00 -22.22 -51.11
CA THR D 1623 -63.12 -23.16 -51.77
C THR D 1623 -62.63 -22.65 -53.13
N VAL D 1624 -61.63 -23.36 -53.66
CA VAL D 1624 -61.08 -23.00 -54.96
C VAL D 1624 -62.17 -23.09 -56.02
N GLU D 1625 -62.29 -22.04 -56.82
CA GLU D 1625 -63.34 -22.00 -57.83
C GLU D 1625 -63.02 -22.90 -59.03
N TYR D 1626 -61.73 -23.12 -59.29
CA TYR D 1626 -61.31 -23.93 -60.44
C TYR D 1626 -61.90 -23.39 -61.74
N TYR D 1641 -66.04 -13.60 -62.73
CA TYR D 1641 -67.11 -12.89 -63.44
C TYR D 1641 -66.59 -11.72 -64.26
N PRO D 1642 -65.66 -10.94 -63.72
CA PRO D 1642 -65.09 -9.84 -64.50
C PRO D 1642 -64.51 -10.34 -65.81
N PRO D 1643 -64.40 -9.49 -66.82
CA PRO D 1643 -63.99 -9.96 -68.15
C PRO D 1643 -62.60 -10.59 -68.12
N LEU D 1644 -62.43 -11.61 -68.94
CA LEU D 1644 -61.14 -12.26 -69.16
C LEU D 1644 -60.59 -11.75 -70.50
N VAL D 1645 -59.38 -11.20 -70.47
CA VAL D 1645 -58.74 -10.63 -71.66
C VAL D 1645 -57.51 -11.47 -71.95
N VAL D 1646 -57.42 -11.97 -73.19
CA VAL D 1646 -56.28 -12.75 -73.64
C VAL D 1646 -55.50 -11.95 -74.66
N VAL D 1647 -54.20 -11.77 -74.43
CA VAL D 1647 -53.31 -11.08 -75.34
C VAL D 1647 -52.24 -12.07 -75.79
N GLY D 1648 -52.08 -12.19 -77.10
CA GLY D 1648 -51.20 -13.18 -77.69
C GLY D 1648 -51.99 -14.27 -78.40
N GLY D 1649 -51.26 -15.28 -78.84
CA GLY D 1649 -51.85 -16.38 -79.58
C GLY D 1649 -51.30 -16.50 -80.99
N GLN D 1650 -50.22 -15.79 -81.27
CA GLN D 1650 -49.66 -15.81 -82.62
C GLN D 1650 -48.95 -17.12 -82.90
N THR D 1651 -48.15 -17.60 -81.96
CA THR D 1651 -47.40 -18.83 -82.16
C THR D 1651 -48.37 -20.02 -82.24
N PRO D 1652 -48.06 -21.03 -83.05
CA PRO D 1652 -48.98 -22.18 -83.14
C PRO D 1652 -49.29 -22.81 -81.80
N GLN D 1653 -48.30 -22.94 -80.92
CA GLN D 1653 -48.58 -23.36 -79.55
C GLN D 1653 -49.42 -22.32 -78.82
N SER D 1654 -49.15 -21.04 -79.07
CA SER D 1654 -49.98 -19.99 -78.50
C SER D 1654 -51.40 -20.05 -79.04
N GLN D 1655 -51.56 -20.36 -80.33
CA GLN D 1655 -52.89 -20.56 -80.89
C GLN D 1655 -53.60 -21.72 -80.21
N ARG D 1656 -52.90 -22.83 -80.02
CA ARG D 1656 -53.49 -23.98 -79.35
C ARG D 1656 -53.91 -23.64 -77.93
N LEU D 1657 -53.08 -22.89 -77.21
CA LEU D 1657 -53.41 -22.53 -75.84
C LEU D 1657 -54.57 -21.54 -75.78
N LEU D 1658 -54.67 -20.63 -76.75
CA LEU D 1658 -55.82 -19.75 -76.83
C LEU D 1658 -57.10 -20.56 -77.06
N ASN D 1659 -57.04 -21.54 -77.97
CA ASN D 1659 -58.21 -22.38 -78.20
C ASN D 1659 -58.56 -23.18 -76.95
N ASP D 1660 -57.56 -23.67 -76.24
CA ASP D 1660 -57.81 -24.41 -75.00
C ASP D 1660 -58.44 -23.49 -73.95
N ILE D 1661 -57.99 -22.25 -73.87
CA ILE D 1661 -58.59 -21.29 -72.94
C ILE D 1661 -60.06 -21.07 -73.30
N LYS D 1662 -60.34 -20.89 -74.59
CA LYS D 1662 -61.73 -20.69 -75.01
C LYS D 1662 -62.59 -21.90 -74.67
N ALA D 1663 -62.07 -23.10 -74.90
CA ALA D 1663 -62.85 -24.30 -74.66
C ALA D 1663 -63.03 -24.59 -73.17
N ILE D 1664 -62.05 -24.22 -72.35
CA ILE D 1664 -62.06 -24.57 -70.94
C ILE D 1664 -62.52 -23.43 -70.04
N MET D 1665 -62.49 -22.19 -70.52
CA MET D 1665 -62.90 -21.07 -69.70
C MET D 1665 -64.36 -21.23 -69.29
N PRO D 1666 -64.73 -20.91 -68.05
CA PRO D 1666 -66.14 -20.94 -67.67
C PRO D 1666 -66.91 -19.84 -68.36
N PRO D 1667 -68.20 -19.70 -68.08
CA PRO D 1667 -68.96 -18.60 -68.69
C PRO D 1667 -68.50 -17.25 -68.17
N ARG D 1668 -67.78 -16.51 -69.01
CA ARG D 1668 -67.19 -15.22 -68.63
C ARG D 1668 -67.13 -14.35 -69.87
N PRO D 1669 -67.20 -13.02 -69.72
CA PRO D 1669 -66.89 -12.15 -70.85
C PRO D 1669 -65.45 -12.36 -71.30
N LEU D 1670 -65.25 -12.32 -72.62
CA LEU D 1670 -63.97 -12.65 -73.20
C LEU D 1670 -63.54 -11.61 -74.22
N GLN D 1671 -62.28 -11.21 -74.15
CA GLN D 1671 -61.64 -10.40 -75.18
C GLN D 1671 -60.33 -11.07 -75.59
N THR D 1672 -60.06 -11.06 -76.89
CA THR D 1672 -58.87 -11.70 -77.43
C THR D 1672 -58.18 -10.78 -78.42
N TYR D 1673 -56.85 -10.76 -78.36
CA TYR D 1673 -56.03 -9.95 -79.25
C TYR D 1673 -54.85 -10.78 -79.74
N LYS D 1674 -54.51 -10.61 -81.02
CA LYS D 1674 -53.42 -11.38 -81.60
C LYS D 1674 -52.10 -11.08 -80.91
N ARG D 1675 -51.79 -9.80 -80.71
CA ARG D 1675 -50.54 -9.37 -80.10
C ARG D 1675 -50.82 -8.18 -79.19
N LEU D 1676 -49.78 -7.68 -78.54
CA LEU D 1676 -49.94 -6.52 -77.68
C LEU D 1676 -50.13 -5.24 -78.47
N VAL D 1677 -49.67 -5.19 -79.73
CA VAL D 1677 -49.97 -4.04 -80.58
C VAL D 1677 -51.47 -3.97 -80.86
N ASP D 1678 -52.11 -5.13 -81.06
CA ASP D 1678 -53.56 -5.15 -81.22
C ASP D 1678 -54.24 -4.59 -79.98
N LEU D 1679 -53.74 -4.93 -78.79
CA LEU D 1679 -54.28 -4.36 -77.56
C LEU D 1679 -54.08 -2.84 -77.54
N LEU D 1680 -52.91 -2.37 -77.98
CA LEU D 1680 -52.68 -0.94 -78.08
C LEU D 1680 -53.71 -0.29 -78.99
N ASP D 1681 -54.07 -0.95 -80.09
CA ASP D 1681 -55.12 -0.46 -80.98
C ASP D 1681 -56.51 -0.59 -80.39
N ALA D 1682 -56.66 -1.31 -79.28
CA ALA D 1682 -57.97 -1.50 -78.67
C ALA D 1682 -58.53 -0.18 -78.17
N GLU D 1683 -59.86 -0.05 -78.23
CA GLU D 1683 -60.55 1.15 -77.80
C GLU D 1683 -61.36 0.97 -76.52
N GLU D 1684 -61.75 -0.25 -76.19
CA GLU D 1684 -62.55 -0.54 -75.00
C GLU D 1684 -61.91 -1.70 -74.25
N LEU D 1685 -61.31 -1.40 -73.10
CA LEU D 1685 -60.69 -2.41 -72.25
C LEU D 1685 -61.26 -2.27 -70.84
N PRO D 1686 -61.85 -3.31 -70.26
CA PRO D 1686 -62.39 -3.18 -68.90
C PRO D 1686 -61.29 -2.86 -67.89
N MET D 1687 -61.63 -2.02 -66.92
CA MET D 1687 -60.68 -1.69 -65.87
C MET D 1687 -60.53 -2.80 -64.84
N LYS D 1688 -61.52 -3.69 -64.73
CA LYS D 1688 -61.42 -4.87 -63.87
C LYS D 1688 -60.94 -6.10 -64.64
N SER D 1689 -60.15 -5.90 -65.69
CA SER D 1689 -59.75 -6.99 -66.57
C SER D 1689 -58.88 -8.00 -65.83
N THR D 1690 -59.05 -9.28 -66.17
CA THR D 1690 -58.18 -10.35 -65.73
C THR D 1690 -57.39 -10.82 -66.95
N PHE D 1691 -56.20 -10.25 -67.14
CA PHE D 1691 -55.42 -10.48 -68.35
C PHE D 1691 -54.73 -11.84 -68.31
N VAL D 1692 -54.68 -12.49 -69.47
CA VAL D 1692 -53.91 -13.71 -69.68
C VAL D 1692 -53.00 -13.45 -70.87
N MET D 1693 -51.72 -13.20 -70.61
CA MET D 1693 -50.79 -12.71 -71.61
C MET D 1693 -49.95 -13.87 -72.12
N LEU D 1694 -50.12 -14.20 -73.40
CA LEU D 1694 -49.27 -15.18 -74.09
C LEU D 1694 -48.26 -14.50 -75.00
N THR D 1695 -48.10 -13.18 -74.88
CA THR D 1695 -47.19 -12.46 -75.78
C THR D 1695 -45.76 -12.97 -75.67
N GLU D 1696 -45.37 -13.48 -74.50
CA GLU D 1696 -44.01 -13.99 -74.33
C GLU D 1696 -43.80 -15.26 -75.12
N LEU D 1697 -44.82 -16.13 -75.18
CA LEU D 1697 -44.76 -17.27 -76.09
C LEU D 1697 -44.60 -16.79 -77.52
N ASP D 1698 -45.15 -15.62 -77.84
CA ASP D 1698 -44.88 -14.93 -79.09
C ASP D 1698 -43.68 -14.00 -78.88
N GLU D 1699 -43.46 -13.07 -79.80
CA GLU D 1699 -42.39 -12.09 -79.63
C GLU D 1699 -42.48 -11.43 -78.27
N GLU D 1700 -41.36 -11.39 -77.56
CA GLU D 1700 -41.34 -10.89 -76.19
C GLU D 1700 -41.35 -9.37 -76.17
N LEU D 1701 -41.80 -8.83 -75.03
CA LEU D 1701 -41.85 -7.38 -74.87
C LEU D 1701 -40.45 -6.78 -74.89
N PHE D 1702 -39.56 -7.30 -74.07
CA PHE D 1702 -38.23 -6.73 -73.91
C PHE D 1702 -37.31 -7.01 -75.09
N ALA D 1703 -37.81 -7.66 -76.14
CA ALA D 1703 -37.10 -7.76 -77.40
C ALA D 1703 -37.64 -6.83 -78.48
N GLY D 1704 -38.83 -6.24 -78.26
CA GLY D 1704 -39.44 -5.36 -79.23
C GLY D 1704 -40.05 -4.12 -78.61
N LEU D 1705 -39.45 -3.61 -77.54
CA LEU D 1705 -40.01 -2.44 -76.85
C LEU D 1705 -40.03 -1.20 -77.74
N THR D 1706 -39.25 -1.19 -78.82
CA THR D 1706 -39.17 0.00 -79.66
C THR D 1706 -40.51 0.35 -80.29
N GLU D 1707 -41.27 -0.67 -80.70
CA GLU D 1707 -42.51 -0.43 -81.43
C GLU D 1707 -43.66 -0.10 -80.49
N GLU D 1708 -43.47 0.90 -79.64
CA GLU D 1708 -44.50 1.35 -78.70
C GLU D 1708 -45.02 0.23 -77.80
N THR D 1709 -44.30 -0.89 -77.72
CA THR D 1709 -44.73 -1.96 -76.85
C THR D 1709 -44.68 -1.55 -75.38
N PHE D 1710 -43.75 -0.66 -75.02
CA PHE D 1710 -43.71 -0.13 -73.67
C PHE D 1710 -44.98 0.67 -73.36
N GLU D 1711 -45.43 1.50 -74.31
CA GLU D 1711 -46.66 2.24 -74.12
C GLU D 1711 -47.86 1.30 -74.04
N ALA D 1712 -47.84 0.23 -74.85
CA ALA D 1712 -48.91 -0.76 -74.77
C ALA D 1712 -48.93 -1.44 -73.41
N THR D 1713 -47.75 -1.71 -72.83
CA THR D 1713 -47.69 -2.26 -71.49
C THR D 1713 -48.23 -1.27 -70.47
N LYS D 1714 -47.94 0.01 -70.65
CA LYS D 1714 -48.51 1.03 -69.77
C LYS D 1714 -50.03 0.99 -69.84
N LEU D 1715 -50.58 0.92 -71.06
CA LEU D 1715 -52.03 0.85 -71.22
C LEU D 1715 -52.58 -0.41 -70.56
N LEU D 1716 -51.89 -1.53 -70.72
CA LEU D 1716 -52.30 -2.77 -70.05
C LEU D 1716 -52.38 -2.57 -68.55
N LEU D 1717 -51.31 -2.05 -67.94
CA LEU D 1717 -51.33 -1.81 -66.50
C LEU D 1717 -52.46 -0.87 -66.13
N THR D 1718 -52.76 0.12 -66.96
CA THR D 1718 -53.87 1.02 -66.69
C THR D 1718 -55.19 0.26 -66.64
N TYR D 1719 -55.40 -0.67 -67.57
CA TYR D 1719 -56.63 -1.44 -67.65
C TYR D 1719 -56.52 -2.80 -66.97
N ALA D 1720 -55.40 -3.09 -66.30
CA ALA D 1720 -55.18 -4.39 -65.68
C ALA D 1720 -55.36 -4.28 -64.18
N SER D 1721 -56.40 -4.93 -63.65
CA SER D 1721 -56.54 -5.16 -62.22
C SER D 1721 -56.12 -6.56 -61.82
N ASN D 1722 -56.29 -7.53 -62.71
CA ASN D 1722 -55.79 -8.88 -62.55
C ASN D 1722 -55.05 -9.28 -63.82
N THR D 1723 -53.97 -10.05 -63.66
CA THR D 1723 -53.13 -10.40 -64.78
C THR D 1723 -52.52 -11.78 -64.59
N VAL D 1724 -52.41 -12.53 -65.69
CA VAL D 1724 -51.70 -13.80 -65.73
C VAL D 1724 -50.77 -13.77 -66.93
N TRP D 1725 -49.54 -14.21 -66.73
CA TRP D 1725 -48.52 -14.20 -67.76
C TRP D 1725 -47.96 -15.60 -67.96
N LEU D 1726 -47.64 -15.92 -69.21
CA LEU D 1726 -47.11 -17.23 -69.58
C LEU D 1726 -45.80 -17.07 -70.31
N THR D 1727 -44.83 -17.92 -69.96
CA THR D 1727 -43.52 -17.92 -70.60
C THR D 1727 -43.09 -19.36 -70.82
N GLU D 1728 -42.26 -19.56 -71.84
CA GLU D 1728 -41.79 -20.90 -72.23
C GLU D 1728 -40.32 -21.03 -71.83
N ASN D 1729 -40.09 -21.64 -70.68
CA ASN D 1729 -38.74 -21.91 -70.19
C ASN D 1729 -37.89 -20.64 -70.22
N ALA D 1730 -38.48 -19.55 -69.69
CA ALA D 1730 -37.81 -18.26 -69.73
C ALA D 1730 -36.46 -18.31 -69.05
N TRP D 1731 -36.39 -18.88 -67.84
CA TRP D 1731 -35.16 -18.89 -67.07
C TRP D 1731 -34.09 -19.79 -67.69
N VAL D 1732 -34.46 -20.62 -68.66
CA VAL D 1732 -33.50 -21.55 -69.26
C VAL D 1732 -33.37 -21.40 -70.77
N GLN D 1733 -34.34 -20.78 -71.44
CA GLN D 1733 -34.28 -20.65 -72.90
C GLN D 1733 -34.50 -19.22 -73.38
N HIS D 1734 -35.36 -18.45 -72.72
CA HIS D 1734 -35.76 -17.13 -73.20
C HIS D 1734 -35.56 -16.10 -72.09
N PRO D 1735 -34.35 -15.52 -71.99
CA PRO D 1735 -34.13 -14.48 -70.96
C PRO D 1735 -35.01 -13.26 -71.12
N HIS D 1736 -35.53 -12.97 -72.31
CA HIS D 1736 -36.41 -11.83 -72.48
C HIS D 1736 -37.74 -12.06 -71.76
N GLN D 1737 -38.25 -13.30 -71.83
CA GLN D 1737 -39.45 -13.64 -71.07
C GLN D 1737 -39.19 -13.49 -69.57
N ALA D 1738 -37.97 -13.84 -69.12
CA ALA D 1738 -37.62 -13.62 -67.73
C ALA D 1738 -37.55 -12.13 -67.40
N SER D 1739 -37.13 -11.30 -68.36
CA SER D 1739 -37.17 -9.86 -68.15
C SER D 1739 -38.59 -9.39 -67.95
N THR D 1740 -39.52 -9.91 -68.75
CA THR D 1740 -40.93 -9.60 -68.55
C THR D 1740 -41.40 -10.07 -67.18
N ILE D 1741 -40.94 -11.24 -66.74
CA ILE D 1741 -41.31 -11.75 -65.42
C ILE D 1741 -40.82 -10.80 -64.34
N GLY D 1742 -39.59 -10.30 -64.47
CA GLY D 1742 -39.08 -9.35 -63.49
C GLY D 1742 -39.83 -8.04 -63.52
N MET D 1743 -40.21 -7.58 -64.72
CA MET D 1743 -41.03 -6.39 -64.82
C MET D 1743 -42.33 -6.55 -64.07
N LEU D 1744 -42.98 -7.71 -64.22
CA LEU D 1744 -44.20 -7.99 -63.47
C LEU D 1744 -43.90 -8.09 -61.98
N ARG D 1745 -42.74 -8.62 -61.63
CA ARG D 1745 -42.34 -8.73 -60.23
C ARG D 1745 -42.30 -7.35 -59.58
N SER D 1746 -41.74 -6.38 -60.29
CA SER D 1746 -41.71 -5.01 -59.78
C SER D 1746 -43.08 -4.35 -59.85
N ILE D 1747 -43.87 -4.68 -60.87
CA ILE D 1747 -45.21 -4.11 -61.00
C ILE D 1747 -46.08 -4.50 -59.82
N ARG D 1748 -45.96 -5.75 -59.37
CA ARG D 1748 -46.73 -6.19 -58.21
C ARG D 1748 -46.42 -5.36 -56.98
N ARG D 1749 -45.25 -4.71 -56.95
CA ARG D 1749 -44.93 -3.79 -55.88
C ARG D 1749 -45.46 -2.40 -56.19
N GLU D 1750 -45.30 -1.95 -57.44
CA GLU D 1750 -45.77 -0.63 -57.84
C GLU D 1750 -47.28 -0.55 -57.75
N HIS D 1751 -47.98 -1.62 -58.13
CA HIS D 1751 -49.44 -1.66 -58.15
C HIS D 1751 -49.89 -2.85 -57.32
N PRO D 1752 -49.88 -2.72 -55.99
CA PRO D 1752 -50.29 -3.86 -55.15
C PRO D 1752 -51.72 -4.30 -55.41
N ASP D 1753 -52.61 -3.38 -55.80
CA ASP D 1753 -53.97 -3.75 -56.13
C ASP D 1753 -54.04 -4.65 -57.36
N LEU D 1754 -52.99 -4.68 -58.17
CA LEU D 1754 -52.95 -5.49 -59.38
C LEU D 1754 -52.42 -6.87 -59.04
N GLY D 1755 -53.31 -7.85 -59.01
CA GLY D 1755 -52.91 -9.24 -58.79
C GLY D 1755 -52.29 -9.85 -60.02
N VAL D 1756 -51.06 -10.34 -59.90
CA VAL D 1756 -50.28 -10.84 -61.03
C VAL D 1756 -49.82 -12.25 -60.74
N HIS D 1757 -49.94 -13.12 -61.74
CA HIS D 1757 -49.33 -14.44 -61.72
C HIS D 1757 -48.54 -14.62 -63.00
N VAL D 1758 -47.44 -15.38 -62.91
CA VAL D 1758 -46.61 -15.71 -64.05
C VAL D 1758 -46.33 -17.20 -64.03
N LEU D 1759 -46.42 -17.83 -65.19
CA LEU D 1759 -46.26 -19.28 -65.32
C LEU D 1759 -45.22 -19.56 -66.39
N ASP D 1760 -44.06 -20.08 -65.97
CA ASP D 1760 -42.99 -20.44 -66.88
C ASP D 1760 -43.05 -21.94 -67.13
N VAL D 1761 -43.13 -22.32 -68.41
CA VAL D 1761 -43.31 -23.71 -68.81
C VAL D 1761 -42.06 -24.16 -69.55
N ASP D 1762 -41.46 -25.26 -69.09
CA ASP D 1762 -40.32 -25.83 -69.81
C ASP D 1762 -40.74 -26.31 -71.19
N ALA D 1763 -41.92 -26.91 -71.31
CA ALA D 1763 -42.45 -27.38 -72.59
C ALA D 1763 -43.93 -27.02 -72.63
N VAL D 1764 -44.30 -26.10 -73.53
CA VAL D 1764 -45.68 -25.64 -73.61
C VAL D 1764 -46.59 -26.78 -74.06
N GLU D 1765 -46.09 -27.66 -74.94
CA GLU D 1765 -46.93 -28.74 -75.46
C GLU D 1765 -47.43 -29.66 -74.35
N THR D 1766 -46.76 -29.68 -73.20
CA THR D 1766 -47.19 -30.49 -72.07
C THR D 1766 -48.05 -29.72 -71.07
N VAL D 1773 -51.51 -27.65 -70.08
CA VAL D 1773 -52.91 -27.41 -70.40
C VAL D 1773 -53.75 -27.47 -69.13
N GLU D 1774 -54.85 -26.72 -69.09
CA GLU D 1774 -55.86 -26.74 -68.04
C GLU D 1774 -55.39 -26.06 -66.75
N GLN D 1775 -54.14 -25.63 -66.65
CA GLN D 1775 -53.64 -25.00 -65.43
C GLN D 1775 -53.61 -23.49 -65.51
N VAL D 1776 -53.50 -22.92 -66.72
CA VAL D 1776 -53.57 -21.47 -66.86
C VAL D 1776 -54.98 -20.97 -66.54
N LEU D 1777 -56.00 -21.74 -66.91
CA LEU D 1777 -57.37 -21.35 -66.57
C LEU D 1777 -57.56 -21.30 -65.06
N ARG D 1778 -57.03 -22.29 -64.34
CA ARG D 1778 -57.17 -22.30 -62.90
C ARG D 1778 -56.43 -21.14 -62.26
N LEU D 1779 -55.24 -20.81 -62.77
CA LEU D 1779 -54.49 -19.67 -62.25
C LEU D 1779 -55.25 -18.37 -62.51
N GLU D 1780 -55.86 -18.25 -63.69
CA GLU D 1780 -56.66 -17.06 -63.99
C GLU D 1780 -57.83 -16.96 -63.03
N GLU D 1781 -58.50 -18.08 -62.75
CA GLU D 1781 -59.59 -18.07 -61.77
C GLU D 1781 -59.07 -17.69 -60.39
N HIS D 1782 -57.90 -18.20 -60.02
CA HIS D 1782 -57.30 -17.86 -58.73
C HIS D 1782 -57.07 -16.35 -58.62
N THR D 1783 -56.62 -15.73 -59.72
CA THR D 1783 -56.31 -14.31 -59.67
C THR D 1783 -57.47 -13.50 -59.09
N ASP D 1784 -58.70 -13.86 -59.45
CA ASP D 1784 -59.86 -13.22 -58.86
C ASP D 1784 -60.11 -13.65 -57.43
N GLU D 1785 -59.52 -14.76 -56.99
CA GLU D 1785 -59.69 -15.27 -55.63
C GLU D 1785 -58.73 -14.52 -54.71
N LEU D 1786 -59.14 -13.32 -54.32
CA LEU D 1786 -58.34 -12.46 -53.44
C LEU D 1786 -58.78 -12.68 -52.00
N ALA D 1787 -58.39 -13.82 -51.46
CA ALA D 1787 -58.72 -14.21 -50.10
C ALA D 1787 -57.61 -13.74 -49.16
N SER D 1788 -57.95 -12.86 -48.22
CA SER D 1788 -56.99 -12.32 -47.28
C SER D 1788 -56.88 -13.16 -46.00
N SER D 1789 -58.03 -13.56 -45.45
CA SER D 1789 -58.05 -14.35 -44.22
C SER D 1789 -57.96 -15.85 -44.47
N THR D 1790 -57.92 -16.28 -45.73
CA THR D 1790 -57.83 -17.69 -46.08
C THR D 1790 -56.37 -18.09 -46.25
N THR D 1791 -56.08 -19.35 -45.93
CA THR D 1791 -54.71 -19.84 -45.99
C THR D 1791 -54.14 -19.82 -47.40
N TRP D 1792 -54.98 -19.75 -48.42
CA TRP D 1792 -54.53 -19.90 -49.79
C TRP D 1792 -53.54 -18.81 -50.17
N THR D 1793 -52.28 -19.20 -50.41
CA THR D 1793 -51.26 -18.25 -50.82
C THR D 1793 -51.53 -17.79 -52.25
N GLN D 1794 -51.31 -16.50 -52.50
CA GLN D 1794 -51.72 -15.86 -53.75
C GLN D 1794 -50.87 -16.30 -54.95
N GLU D 1795 -49.90 -17.20 -54.76
CA GLU D 1795 -49.11 -17.72 -55.86
C GLU D 1795 -48.63 -16.61 -56.78
N PRO D 1796 -47.72 -15.74 -56.32
CA PRO D 1796 -47.26 -14.64 -57.19
C PRO D 1796 -46.63 -15.12 -58.48
N GLU D 1797 -45.91 -16.25 -58.45
CA GLU D 1797 -45.27 -16.78 -59.64
C GLU D 1797 -45.25 -18.29 -59.56
N VAL D 1798 -45.22 -18.94 -60.73
CA VAL D 1798 -45.30 -20.40 -60.82
C VAL D 1798 -44.45 -20.83 -62.01
N SER D 1799 -44.04 -22.10 -61.99
CA SER D 1799 -43.29 -22.70 -63.09
C SER D 1799 -43.81 -24.12 -63.31
N TRP D 1800 -44.19 -24.43 -64.54
CA TRP D 1800 -44.64 -25.77 -64.91
C TRP D 1800 -43.45 -26.51 -65.48
N CYS D 1801 -42.91 -27.45 -64.71
CA CYS D 1801 -41.72 -28.20 -65.10
C CYS D 1801 -41.99 -29.70 -64.98
N LYS D 1802 -41.51 -30.45 -65.96
CA LYS D 1802 -41.62 -31.91 -65.96
C LYS D 1802 -43.08 -32.34 -65.81
N GLY D 1803 -43.98 -31.61 -66.45
CA GLY D 1803 -45.38 -31.95 -66.40
C GLY D 1803 -46.04 -31.70 -65.06
N ARG D 1804 -45.42 -30.94 -64.18
CA ARG D 1804 -45.94 -30.66 -62.86
C ARG D 1804 -45.76 -29.19 -62.53
N PRO D 1805 -46.62 -28.61 -61.70
CA PRO D 1805 -46.43 -27.23 -61.28
C PRO D 1805 -45.48 -27.13 -60.09
N TRP D 1806 -44.76 -26.01 -60.05
CA TRP D 1806 -43.79 -25.77 -58.99
C TRP D 1806 -43.85 -24.30 -58.59
N ILE D 1807 -43.62 -24.04 -57.30
CA ILE D 1807 -43.61 -22.68 -56.78
C ILE D 1807 -42.31 -22.50 -56.00
N PRO D 1808 -41.64 -21.34 -56.10
CA PRO D 1808 -40.38 -21.16 -55.38
C PRO D 1808 -40.56 -20.53 -54.00
N ARG D 1809 -39.61 -20.79 -53.10
CA ARG D 1809 -39.60 -20.17 -51.79
C ARG D 1809 -38.18 -19.78 -51.44
N LEU D 1810 -38.00 -18.54 -50.95
CA LEU D 1810 -36.68 -18.02 -50.62
C LEU D 1810 -36.35 -18.40 -49.18
N LYS D 1811 -35.81 -19.61 -49.03
CA LYS D 1811 -35.43 -20.13 -47.72
C LYS D 1811 -33.96 -19.86 -47.47
N ARG D 1812 -33.64 -19.41 -46.26
CA ARG D 1812 -32.26 -19.14 -45.89
C ARG D 1812 -31.38 -20.34 -46.20
N ASP D 1813 -30.41 -20.17 -47.11
CA ASP D 1813 -29.49 -21.25 -47.45
C ASP D 1813 -28.48 -21.37 -46.32
N LEU D 1814 -28.81 -22.22 -45.35
CA LEU D 1814 -27.99 -22.31 -44.14
C LEU D 1814 -26.57 -22.75 -44.43
N ALA D 1815 -26.32 -23.42 -45.55
CA ALA D 1815 -24.96 -23.78 -45.89
C ALA D 1815 -24.10 -22.53 -46.11
N ARG D 1816 -24.58 -21.62 -46.96
CA ARG D 1816 -23.80 -20.44 -47.27
C ARG D 1816 -23.77 -19.46 -46.10
N ASN D 1817 -24.88 -19.34 -45.37
CA ASN D 1817 -24.87 -18.50 -44.18
C ASN D 1817 -23.89 -19.04 -43.14
N ASN D 1818 -23.86 -20.36 -42.97
CA ASN D 1818 -22.90 -20.96 -42.05
C ASN D 1818 -21.47 -20.71 -42.50
N ARG D 1819 -21.21 -20.83 -43.80
CA ARG D 1819 -19.87 -20.55 -44.31
C ARG D 1819 -19.48 -19.10 -44.04
N MET D 1820 -20.41 -18.17 -44.28
CA MET D 1820 -20.10 -16.76 -44.04
C MET D 1820 -19.85 -16.50 -42.56
N ASN D 1821 -20.69 -17.05 -41.68
CA ASN D 1821 -20.56 -16.78 -40.25
C ASN D 1821 -19.39 -17.51 -39.62
N SER D 1822 -18.91 -18.59 -40.24
CA SER D 1822 -17.72 -19.26 -39.70
C SER D 1822 -16.54 -18.31 -39.62
N SER D 1823 -16.50 -17.32 -40.52
CA SER D 1823 -15.50 -16.26 -40.44
C SER D 1823 -15.63 -15.47 -39.15
N ARG D 1824 -16.80 -15.50 -38.50
CA ARG D 1824 -17.07 -14.69 -37.33
C ARG D 1824 -17.21 -15.48 -36.04
N ARG D 1825 -17.62 -16.74 -36.11
CA ARG D 1825 -17.78 -17.55 -34.91
C ARG D 1825 -17.57 -19.02 -35.29
N PRO D 1826 -17.35 -19.89 -34.30
CA PRO D 1826 -17.09 -21.31 -34.63
C PRO D 1826 -18.33 -22.04 -35.13
N ILE D 1827 -18.68 -21.82 -36.40
CA ILE D 1827 -19.82 -22.52 -36.98
C ILE D 1827 -19.46 -23.99 -37.17
N TYR D 1828 -20.31 -24.87 -36.66
CA TYR D 1828 -20.11 -26.31 -36.75
C TYR D 1828 -21.16 -26.92 -37.67
N GLU D 1829 -20.70 -27.71 -38.64
CA GLU D 1829 -21.57 -28.43 -39.56
C GLU D 1829 -21.14 -29.89 -39.61
N MET D 1830 -22.12 -30.79 -39.62
CA MET D 1830 -21.86 -32.22 -39.67
C MET D 1830 -21.42 -32.58 -41.09
N ILE D 1831 -20.12 -32.82 -41.27
CA ILE D 1831 -19.53 -33.08 -42.57
C ILE D 1831 -18.84 -34.44 -42.52
N ASP D 1832 -18.95 -35.18 -43.62
CA ASP D 1832 -18.29 -36.48 -43.76
C ASP D 1832 -16.87 -36.23 -44.22
N SER D 1833 -15.93 -36.27 -43.27
CA SER D 1833 -14.52 -36.01 -43.61
C SER D 1833 -13.98 -37.07 -44.56
N SER D 1834 -14.51 -38.29 -44.51
CA SER D 1834 -14.00 -39.35 -45.37
C SER D 1834 -14.21 -39.03 -46.84
N ARG D 1835 -15.29 -38.32 -47.16
CA ARG D 1835 -15.60 -37.97 -48.54
C ARG D 1835 -15.60 -36.47 -48.79
N ALA D 1836 -15.28 -35.67 -47.77
CA ALA D 1836 -15.13 -34.23 -47.92
C ALA D 1836 -13.85 -33.77 -47.23
N PRO D 1837 -13.11 -32.83 -47.81
CA PRO D 1837 -11.88 -32.36 -47.16
C PRO D 1837 -12.17 -31.70 -45.82
N VAL D 1838 -11.55 -32.23 -44.77
CA VAL D 1838 -11.67 -31.70 -43.42
C VAL D 1838 -10.27 -31.65 -42.83
N ALA D 1839 -9.74 -30.44 -42.65
CA ALA D 1839 -8.39 -30.24 -42.13
C ALA D 1839 -8.44 -29.97 -40.64
N LEU D 1840 -7.50 -30.57 -39.91
CA LEU D 1840 -7.40 -30.38 -38.46
C LEU D 1840 -6.63 -29.08 -38.22
N GLN D 1841 -7.30 -27.98 -38.54
CA GLN D 1841 -6.67 -26.66 -38.46
C GLN D 1841 -6.36 -26.30 -37.02
N THR D 1842 -5.29 -25.52 -36.85
CA THR D 1842 -4.91 -24.97 -35.55
C THR D 1842 -5.59 -23.63 -35.34
N ALA D 1843 -5.97 -23.36 -34.10
CA ALA D 1843 -6.66 -22.11 -33.78
C ALA D 1843 -5.73 -20.93 -34.02
N ARG D 1844 -6.34 -19.76 -34.27
CA ARG D 1844 -5.55 -18.55 -34.49
C ARG D 1844 -4.66 -18.27 -33.30
N ASP D 1845 -5.18 -18.40 -32.08
CA ASP D 1845 -4.38 -18.24 -30.87
C ASP D 1845 -3.38 -19.38 -30.70
N SER D 1846 -3.48 -20.44 -31.51
CA SER D 1846 -2.61 -21.60 -31.38
C SER D 1846 -2.77 -22.25 -30.00
N SER D 1847 -4.01 -22.34 -29.54
CA SER D 1847 -4.33 -22.93 -28.25
C SER D 1847 -4.78 -24.38 -28.36
N SER D 1848 -5.48 -24.74 -29.44
CA SER D 1848 -5.97 -26.10 -29.63
C SER D 1848 -6.24 -26.31 -31.11
N TYR D 1849 -6.37 -27.58 -31.49
CA TYR D 1849 -6.64 -27.98 -32.85
C TYR D 1849 -8.11 -28.35 -32.99
N PHE D 1850 -8.72 -27.94 -34.11
CA PHE D 1850 -10.11 -28.25 -34.39
C PHE D 1850 -10.25 -28.71 -35.83
N LEU D 1851 -11.28 -29.49 -36.09
CA LEU D 1851 -11.57 -29.96 -37.45
C LEU D 1851 -12.25 -28.83 -38.23
N GLU D 1852 -11.66 -28.46 -39.35
CA GLU D 1852 -12.16 -27.38 -40.19
C GLU D 1852 -12.41 -27.89 -41.61
N SER D 1853 -13.50 -27.43 -42.21
CA SER D 1853 -13.81 -27.79 -43.59
C SER D 1853 -12.72 -27.27 -44.51
N ALA D 1854 -12.07 -28.20 -45.23
CA ALA D 1854 -10.97 -27.86 -46.13
C ALA D 1854 -11.40 -27.79 -47.59
N GLU D 1855 -12.71 -27.76 -47.85
CA GLU D 1855 -13.20 -27.69 -49.22
C GLU D 1855 -12.58 -26.52 -49.95
N THR D 1856 -11.78 -26.81 -50.97
CA THR D 1856 -11.16 -25.77 -51.78
C THR D 1856 -12.14 -25.15 -52.76
N TRP D 1857 -13.28 -25.79 -52.99
CA TRP D 1857 -14.35 -25.24 -53.83
C TRP D 1857 -13.89 -25.07 -55.28
N PHE D 1858 -13.29 -26.13 -55.81
CA PHE D 1858 -13.07 -26.29 -57.25
C PHE D 1858 -12.21 -25.15 -57.82
N VAL D 1859 -10.97 -25.08 -57.36
CA VAL D 1859 -9.98 -24.20 -57.98
C VAL D 1859 -9.49 -24.91 -59.24
N PRO D 1860 -9.63 -24.30 -60.43
CA PRO D 1860 -9.38 -25.05 -61.67
C PRO D 1860 -7.91 -25.21 -62.02
N GLU D 1861 -7.00 -24.51 -61.36
CA GLU D 1861 -5.59 -24.54 -61.73
C GLU D 1861 -4.96 -25.84 -61.23
N SER D 1862 -4.63 -26.74 -62.17
CA SER D 1862 -3.94 -27.98 -61.83
C SER D 1862 -2.86 -28.33 -62.86
N VAL D 1863 -2.56 -27.43 -63.78
CA VAL D 1863 -1.53 -27.66 -64.79
C VAL D 1863 -0.16 -27.19 -64.32
N GLN D 1864 -0.09 -25.98 -63.76
CA GLN D 1864 1.16 -25.54 -63.16
C GLN D 1864 1.54 -26.45 -61.99
N GLN D 1865 0.57 -26.77 -61.14
CA GLN D 1865 0.72 -27.84 -60.16
C GLN D 1865 0.23 -29.12 -60.83
N MET D 1866 1.07 -29.65 -61.72
CA MET D 1866 0.64 -30.68 -62.65
C MET D 1866 0.11 -31.90 -61.92
N GLU D 1867 -1.03 -32.41 -62.38
CA GLU D 1867 -1.59 -33.68 -61.92
C GLU D 1867 -1.67 -33.73 -60.39
N THR D 1868 -2.27 -32.69 -59.81
CA THR D 1868 -2.47 -32.66 -58.37
C THR D 1868 -3.29 -33.87 -57.94
N LYS D 1869 -2.67 -34.78 -57.20
CA LYS D 1869 -3.32 -36.03 -56.84
C LYS D 1869 -4.21 -35.85 -55.62
N THR D 1870 -5.33 -36.57 -55.62
CA THR D 1870 -6.27 -36.56 -54.51
C THR D 1870 -5.97 -37.75 -53.61
N ILE D 1871 -5.70 -37.48 -52.33
CA ILE D 1871 -5.32 -38.50 -51.37
C ILE D 1871 -6.40 -38.56 -50.30
N TYR D 1872 -6.99 -39.73 -50.10
CA TYR D 1872 -7.94 -39.96 -49.01
C TYR D 1872 -7.15 -40.46 -47.81
N VAL D 1873 -6.89 -39.56 -46.87
CA VAL D 1873 -5.94 -39.81 -45.80
C VAL D 1873 -6.55 -40.75 -44.77
N HIS D 1874 -5.82 -41.82 -44.45
CA HIS D 1874 -6.15 -42.72 -43.35
C HIS D 1874 -5.38 -42.38 -42.08
N PHE D 1875 -4.12 -42.00 -42.21
CA PHE D 1875 -3.30 -41.59 -41.08
C PHE D 1875 -2.39 -40.44 -41.50
N SER D 1876 -2.11 -39.53 -40.57
CA SER D 1876 -1.33 -38.36 -40.87
C SER D 1876 -0.66 -37.84 -39.61
N CYS D 1877 0.34 -36.97 -39.80
CA CYS D 1877 1.06 -36.35 -38.70
C CYS D 1877 0.42 -35.03 -38.35
N PRO D 1878 0.03 -34.78 -37.09
CA PRO D 1878 -0.64 -33.52 -36.77
C PRO D 1878 0.19 -32.28 -37.08
N HIS D 1879 1.50 -32.36 -36.85
CA HIS D 1879 2.37 -31.19 -37.01
C HIS D 1879 3.00 -31.18 -38.39
N ALA D 1880 3.10 -29.98 -38.97
CA ALA D 1880 3.76 -29.81 -40.25
C ALA D 1880 5.27 -29.95 -40.08
N LEU D 1881 5.90 -30.69 -40.98
CA LEU D 1881 7.34 -30.95 -40.91
C LEU D 1881 8.07 -30.12 -41.96
N ARG D 1882 9.16 -29.49 -41.54
CA ARG D 1882 9.99 -28.73 -42.47
C ARG D 1882 10.71 -29.66 -43.43
N VAL D 1883 10.91 -29.17 -44.65
CA VAL D 1883 11.70 -29.87 -45.66
C VAL D 1883 12.85 -28.94 -46.04
N GLN D 1884 13.69 -29.34 -46.98
CA GLN D 1884 14.97 -28.80 -47.38
C GLN D 1884 14.80 -27.44 -48.04
N ALA D 1885 14.41 -26.44 -47.25
CA ALA D 1885 14.17 -25.06 -47.65
C ALA D 1885 12.90 -24.90 -48.48
N LEU D 1886 12.19 -26.00 -48.79
CA LEU D 1886 10.95 -25.88 -49.54
C LEU D 1886 9.82 -25.32 -48.69
N GLY D 1887 9.70 -25.78 -47.46
CA GLY D 1887 8.67 -25.30 -46.57
C GLY D 1887 8.19 -26.40 -45.67
N PHE D 1888 7.23 -26.05 -44.81
CA PHE D 1888 6.63 -26.99 -43.87
C PHE D 1888 5.50 -27.75 -44.57
N PHE D 1889 5.54 -29.08 -44.47
CA PHE D 1889 4.52 -29.92 -45.06
C PHE D 1889 4.18 -31.04 -44.09
N TYR D 1890 2.88 -31.26 -43.86
CA TYR D 1890 2.44 -32.35 -43.03
C TYR D 1890 2.71 -33.68 -43.72
N LEU D 1891 2.86 -34.74 -42.90
CA LEU D 1891 3.04 -36.09 -43.41
C LEU D 1891 1.70 -36.82 -43.34
N VAL D 1892 1.25 -37.33 -44.48
CA VAL D 1892 -0.07 -37.92 -44.61
C VAL D 1892 0.06 -39.29 -45.28
N GLN D 1893 -0.62 -40.28 -44.73
CA GLN D 1893 -0.71 -41.62 -45.31
C GLN D 1893 -2.16 -41.93 -45.63
N GLY D 1894 -2.40 -42.41 -46.84
CA GLY D 1894 -3.77 -42.68 -47.26
C GLY D 1894 -3.82 -43.41 -48.57
N HIS D 1895 -4.99 -43.35 -49.20
CA HIS D 1895 -5.26 -44.06 -50.45
C HIS D 1895 -5.53 -43.07 -51.57
N VAL D 1896 -5.17 -43.46 -52.78
CA VAL D 1896 -5.45 -42.72 -54.00
C VAL D 1896 -6.22 -43.64 -54.93
N GLN D 1897 -7.36 -43.17 -55.44
CA GLN D 1897 -8.23 -43.98 -56.29
C GLN D 1897 -7.70 -43.93 -57.73
N GLU D 1898 -6.68 -44.73 -57.98
CA GLU D 1898 -6.09 -44.84 -59.31
C GLU D 1898 -6.86 -45.90 -60.09
N GLY D 1899 -7.79 -45.45 -60.93
CA GLY D 1899 -8.62 -46.38 -61.66
C GLY D 1899 -9.45 -47.29 -60.78
N ASN D 1900 -9.87 -46.79 -59.62
CA ASN D 1900 -10.61 -47.32 -58.46
C ASN D 1900 -9.75 -48.12 -57.48
N ARG D 1901 -8.47 -48.32 -57.76
CA ARG D 1901 -7.60 -49.01 -56.82
C ARG D 1901 -7.33 -48.13 -55.61
N GLU D 1902 -7.47 -48.72 -54.41
CA GLU D 1902 -7.15 -48.02 -53.17
C GLU D 1902 -5.64 -48.11 -52.89
N VAL D 1903 -4.87 -47.49 -53.76
CA VAL D 1903 -3.42 -47.57 -53.71
C VAL D 1903 -2.90 -46.82 -52.48
N PRO D 1904 -2.26 -47.49 -51.52
CA PRO D 1904 -1.67 -46.75 -50.40
C PRO D 1904 -0.54 -45.85 -50.87
N VAL D 1905 -0.44 -44.67 -50.26
CA VAL D 1905 0.61 -43.71 -50.58
C VAL D 1905 0.93 -42.90 -49.33
N VAL D 1906 2.13 -42.34 -49.31
CA VAL D 1906 2.57 -41.43 -48.26
C VAL D 1906 3.12 -40.18 -48.94
N ALA D 1907 2.64 -39.01 -48.52
CA ALA D 1907 2.97 -37.76 -49.20
C ALA D 1907 3.16 -36.66 -48.17
N LEU D 1908 3.73 -35.55 -48.64
CA LEU D 1908 3.88 -34.34 -47.83
C LEU D 1908 2.77 -33.38 -48.24
N ALA D 1909 1.88 -33.08 -47.31
CA ALA D 1909 0.67 -32.32 -47.58
C ALA D 1909 0.72 -30.95 -46.90
N GLU D 1910 0.33 -29.92 -47.64
CA GLU D 1910 0.21 -28.58 -47.10
C GLU D 1910 -1.10 -28.35 -46.35
N ARG D 1911 -2.08 -29.24 -46.52
CA ARG D 1911 -3.41 -29.09 -45.95
C ARG D 1911 -3.84 -30.39 -45.26
N ASN D 1912 -3.09 -30.81 -44.25
CA ASN D 1912 -3.37 -32.06 -43.54
C ASN D 1912 -4.86 -32.16 -43.26
N ALA D 1913 -5.47 -33.25 -43.70
CA ALA D 1913 -6.92 -33.39 -43.68
C ALA D 1913 -7.27 -34.83 -44.03
N SER D 1914 -8.57 -35.14 -43.96
CA SER D 1914 -9.04 -36.43 -44.42
C SER D 1914 -8.78 -36.62 -45.90
N ILE D 1915 -8.97 -35.55 -46.68
CA ILE D 1915 -8.74 -35.56 -48.12
C ILE D 1915 -7.80 -34.42 -48.47
N VAL D 1916 -6.82 -34.71 -49.33
CA VAL D 1916 -5.78 -33.75 -49.69
C VAL D 1916 -5.65 -33.71 -51.21
N HIS D 1917 -5.20 -32.56 -51.71
CA HIS D 1917 -4.87 -32.37 -53.12
C HIS D 1917 -3.43 -31.89 -53.18
N VAL D 1918 -2.50 -32.79 -53.50
CA VAL D 1918 -1.07 -32.53 -53.40
C VAL D 1918 -0.40 -32.84 -54.73
N ARG D 1919 0.74 -32.18 -54.95
CA ARG D 1919 1.51 -32.40 -56.17
C ARG D 1919 2.09 -33.82 -56.17
N PRO D 1920 2.20 -34.47 -57.33
CA PRO D 1920 2.79 -35.82 -57.34
C PRO D 1920 4.20 -35.87 -56.79
N ASP D 1921 4.99 -34.82 -57.00
CA ASP D 1921 6.38 -34.84 -56.55
C ASP D 1921 6.49 -35.08 -55.05
N TYR D 1922 5.49 -34.63 -54.28
CA TYR D 1922 5.50 -34.77 -52.83
C TYR D 1922 4.85 -36.08 -52.37
N ILE D 1923 4.78 -37.09 -53.23
CA ILE D 1923 4.05 -38.32 -52.94
C ILE D 1923 4.99 -39.51 -53.10
N TYR D 1924 4.90 -40.45 -52.15
CA TYR D 1924 5.57 -41.75 -52.25
C TYR D 1924 4.48 -42.77 -52.52
N THR D 1925 4.50 -43.36 -53.72
CA THR D 1925 3.38 -44.14 -54.23
C THR D 1925 3.49 -45.63 -53.95
N GLU D 1926 4.53 -46.08 -53.27
CA GLU D 1926 4.69 -47.51 -53.03
C GLU D 1926 3.62 -48.00 -52.06
N ALA D 1927 3.16 -49.23 -52.28
CA ALA D 1927 2.18 -49.88 -51.41
C ALA D 1927 2.83 -50.86 -50.45
N ASP D 1928 4.06 -50.58 -50.02
CA ASP D 1928 4.79 -51.49 -49.15
C ASP D 1928 4.08 -51.61 -47.80
N ASN D 1929 3.75 -52.83 -47.41
CA ASN D 1929 3.13 -53.07 -46.11
C ASN D 1929 4.07 -52.78 -44.93
N ASN D 1930 5.39 -52.78 -45.16
CA ASN D 1930 6.31 -52.39 -44.11
C ASN D 1930 6.00 -50.98 -43.61
N LEU D 1931 5.59 -50.10 -44.52
CA LEU D 1931 5.01 -48.81 -44.15
C LEU D 1931 3.55 -49.02 -43.72
N SER D 1932 3.39 -49.79 -42.66
CA SER D 1932 2.08 -50.29 -42.24
C SER D 1932 1.16 -49.15 -41.80
N GLU D 1933 -0.08 -49.49 -41.48
CA GLU D 1933 -1.05 -48.48 -41.09
C GLU D 1933 -0.61 -47.78 -39.81
N GLY D 1934 -0.64 -46.46 -39.83
CA GLY D 1934 -0.27 -45.67 -38.67
C GLY D 1934 1.22 -45.65 -38.43
N GLY D 1935 1.81 -46.83 -38.18
CA GLY D 1935 3.23 -46.89 -37.91
C GLY D 1935 4.08 -46.40 -39.07
N GLY D 1936 3.69 -46.76 -40.30
CA GLY D 1936 4.44 -46.30 -41.45
C GLY D 1936 4.50 -44.79 -41.55
N SER D 1937 3.35 -44.13 -41.34
CA SER D 1937 3.33 -42.67 -41.33
C SER D 1937 4.20 -42.13 -40.20
N LEU D 1938 4.15 -42.78 -39.03
CA LEU D 1938 5.01 -42.37 -37.92
C LEU D 1938 6.47 -42.36 -38.33
N MET D 1939 6.94 -43.47 -38.90
CA MET D 1939 8.34 -43.58 -39.28
C MET D 1939 8.69 -42.59 -40.38
N VAL D 1940 7.81 -42.42 -41.36
CA VAL D 1940 8.11 -41.50 -42.46
C VAL D 1940 8.19 -40.07 -41.94
N THR D 1941 7.32 -39.72 -40.98
CA THR D 1941 7.40 -38.40 -40.36
C THR D 1941 8.73 -38.20 -39.64
N VAL D 1942 9.11 -39.19 -38.81
CA VAL D 1942 10.36 -39.09 -38.07
C VAL D 1942 11.53 -38.95 -39.04
N LEU D 1943 11.51 -39.72 -40.12
CA LEU D 1943 12.62 -39.67 -41.07
C LEU D 1943 12.62 -38.38 -41.87
N ALA D 1944 11.45 -37.82 -42.16
CA ALA D 1944 11.42 -36.51 -42.80
C ALA D 1944 12.07 -35.46 -41.90
N ALA D 1945 11.75 -35.49 -40.62
CA ALA D 1945 12.36 -34.55 -39.68
C ALA D 1945 13.89 -34.74 -39.65
N ALA D 1946 14.33 -36.00 -39.55
CA ALA D 1946 15.76 -36.27 -39.47
C ALA D 1946 16.47 -35.83 -40.75
N VAL D 1947 15.89 -36.13 -41.91
CA VAL D 1947 16.51 -35.76 -43.18
C VAL D 1947 16.58 -34.26 -43.31
N LEU D 1948 15.52 -33.55 -42.90
CA LEU D 1948 15.57 -32.09 -42.92
C LEU D 1948 16.70 -31.57 -42.06
N ALA D 1949 16.81 -32.09 -40.83
CA ALA D 1949 17.84 -31.62 -39.92
C ALA D 1949 19.23 -31.85 -40.50
N GLU D 1950 19.46 -33.04 -41.07
CA GLU D 1950 20.78 -33.32 -41.64
C GLU D 1950 21.05 -32.46 -42.87
N THR D 1951 20.03 -32.26 -43.72
CA THR D 1951 20.24 -31.58 -44.99
C THR D 1951 20.50 -30.09 -44.83
N VAL D 1952 19.70 -29.41 -44.02
CA VAL D 1952 19.87 -27.96 -43.89
C VAL D 1952 21.24 -27.65 -43.30
N ILE D 1953 21.65 -28.39 -42.28
CA ILE D 1953 22.97 -28.17 -41.68
C ILE D 1953 24.07 -28.59 -42.63
N SER D 1954 23.88 -29.72 -43.31
CA SER D 1954 24.88 -30.24 -44.24
C SER D 1954 24.32 -30.31 -45.66
N VAL D 1961 27.33 -26.26 -43.28
CA VAL D 1961 28.21 -27.43 -43.22
C VAL D 1961 28.70 -27.63 -41.80
N THR D 1962 28.77 -28.88 -41.35
CA THR D 1962 29.26 -29.20 -40.03
C THR D 1962 29.90 -30.58 -40.05
N ASP D 1963 30.79 -30.81 -39.06
CA ASP D 1963 31.39 -32.11 -38.85
C ASP D 1963 30.80 -32.84 -37.65
N SER D 1964 30.10 -32.14 -36.76
CA SER D 1964 29.41 -32.76 -35.64
C SER D 1964 28.37 -31.79 -35.12
N ILE D 1965 27.22 -32.32 -34.70
CA ILE D 1965 26.10 -31.53 -34.21
C ILE D 1965 25.57 -32.18 -32.94
N LEU D 1966 24.52 -31.56 -32.38
CA LEU D 1966 23.86 -32.06 -31.18
C LEU D 1966 22.35 -31.90 -31.35
N VAL D 1967 21.60 -32.93 -30.92
CA VAL D 1967 20.15 -32.93 -30.96
C VAL D 1967 19.64 -33.07 -29.54
N LEU D 1968 18.73 -32.19 -29.15
CA LEU D 1968 18.23 -32.12 -27.78
C LEU D 1968 16.81 -32.67 -27.71
N ASN D 1969 16.60 -33.62 -26.81
CA ASN D 1969 15.29 -34.23 -26.57
C ASN D 1969 14.56 -34.56 -27.89
N PRO D 1970 15.17 -35.35 -28.76
CA PRO D 1970 14.48 -35.78 -29.97
C PRO D 1970 13.41 -36.79 -29.65
N PRO D 1971 12.47 -37.03 -30.57
CA PRO D 1971 11.46 -38.07 -30.33
C PRO D 1971 12.13 -39.42 -30.12
N SER D 1972 11.50 -40.25 -29.29
CA SER D 1972 12.07 -41.55 -28.94
C SER D 1972 12.46 -42.33 -30.19
N ILE D 1973 11.58 -42.36 -31.19
CA ILE D 1973 11.91 -43.02 -32.44
C ILE D 1973 13.02 -42.28 -33.17
N CYS D 1974 13.09 -40.96 -32.99
CA CYS D 1974 13.96 -40.15 -33.83
C CYS D 1974 15.42 -40.52 -33.65
N GLY D 1975 15.88 -40.64 -32.40
CA GLY D 1975 17.29 -40.86 -32.13
C GLY D 1975 17.99 -41.82 -33.08
N GLN D 1976 17.47 -43.05 -33.19
CA GLN D 1976 18.11 -44.04 -34.05
C GLN D 1976 18.10 -43.60 -35.51
N MET D 1977 17.00 -43.00 -35.95
CA MET D 1977 16.92 -42.53 -37.33
C MET D 1977 17.94 -41.44 -37.61
N LEU D 1978 18.11 -40.52 -36.65
CA LEU D 1978 19.10 -39.46 -36.77
C LEU D 1978 20.51 -40.05 -36.84
N LEU D 1979 20.78 -41.07 -36.02
CA LEU D 1979 22.07 -41.73 -36.07
C LEU D 1979 22.30 -42.37 -37.45
N HIS D 1980 21.26 -43.03 -37.97
CA HIS D 1980 21.37 -43.64 -39.30
C HIS D 1980 21.65 -42.59 -40.37
N ALA D 1981 20.94 -41.46 -40.30
CA ALA D 1981 21.15 -40.40 -41.28
C ALA D 1981 22.56 -39.82 -41.17
N GLY D 1982 23.05 -39.64 -39.95
CA GLY D 1982 24.42 -39.17 -39.77
C GLY D 1982 25.42 -40.14 -40.36
N GLU D 1983 25.20 -41.43 -40.15
CA GLU D 1983 26.08 -42.44 -40.76
C GLU D 1983 26.02 -42.39 -42.28
N GLU D 1984 24.82 -42.19 -42.83
CA GLU D 1984 24.64 -42.14 -44.28
C GLU D 1984 25.13 -40.85 -44.91
N ILE D 1985 25.35 -39.80 -44.11
CA ILE D 1985 25.83 -38.53 -44.64
C ILE D 1985 27.20 -38.23 -44.06
N GLY D 1986 27.75 -39.17 -43.29
CA GLY D 1986 29.07 -38.99 -42.72
C GLY D 1986 29.15 -37.82 -41.75
N LEU D 1987 28.15 -37.67 -40.89
CA LEU D 1987 28.10 -36.58 -39.91
C LEU D 1987 27.94 -37.18 -38.52
N GLN D 1988 28.75 -36.72 -37.58
CA GLN D 1988 28.72 -37.21 -36.21
C GLN D 1988 27.60 -36.49 -35.46
N VAL D 1989 26.49 -37.18 -35.26
CA VAL D 1989 25.30 -36.62 -34.61
C VAL D 1989 25.24 -37.12 -33.19
N HIS D 1990 25.13 -36.19 -32.25
CA HIS D 1990 25.03 -36.50 -30.82
C HIS D 1990 23.59 -36.32 -30.36
N LEU D 1991 23.09 -37.27 -29.59
CA LEU D 1991 21.72 -37.26 -29.09
C LEU D 1991 21.71 -36.89 -27.62
N ALA D 1992 20.91 -35.88 -27.27
CA ALA D 1992 20.72 -35.46 -25.89
C ALA D 1992 19.24 -35.56 -25.54
N THR D 1993 18.96 -36.13 -24.37
CA THR D 1993 17.59 -36.31 -23.90
C THR D 1993 17.48 -35.81 -22.47
N THR D 1994 16.29 -35.31 -22.13
CA THR D 1994 16.01 -34.78 -20.80
C THR D 1994 15.27 -35.78 -19.93
N SER D 1995 15.15 -37.04 -20.38
CA SER D 1995 14.47 -38.06 -19.60
C SER D 1995 15.10 -38.22 -18.22
N SER D 2008 24.10 -44.08 -28.64
CA SER D 2008 23.64 -43.88 -27.27
C SER D 2008 23.18 -42.44 -27.05
N TRP D 2009 22.37 -42.23 -26.01
CA TRP D 2009 21.85 -40.91 -25.69
C TRP D 2009 22.60 -40.31 -24.51
N LEU D 2010 22.74 -38.99 -24.54
CA LEU D 2010 23.30 -38.24 -23.41
C LEU D 2010 22.16 -37.78 -22.53
N THR D 2011 21.97 -38.47 -21.40
CA THR D 2011 20.82 -38.24 -20.53
C THR D 2011 21.02 -36.94 -19.75
N LEU D 2012 20.85 -35.83 -20.46
CA LEU D 2012 20.87 -34.52 -19.83
C LEU D 2012 19.60 -34.33 -18.99
N HIS D 2013 19.50 -33.17 -18.36
CA HIS D 2013 18.34 -32.83 -17.56
C HIS D 2013 18.07 -31.35 -17.68
N ALA D 2014 16.80 -30.97 -17.72
CA ALA D 2014 16.45 -29.56 -17.72
C ALA D 2014 16.95 -28.90 -16.46
N ARG D 2015 17.33 -27.62 -16.58
CA ARG D 2015 17.90 -26.83 -15.49
C ARG D 2015 19.31 -27.27 -15.14
N ASP D 2016 19.97 -28.03 -15.99
CA ASP D 2016 21.35 -28.43 -15.75
C ASP D 2016 22.27 -27.20 -15.79
N THR D 2017 23.29 -27.21 -14.94
CA THR D 2017 24.22 -26.10 -14.88
C THR D 2017 25.05 -26.03 -16.15
N ASP D 2018 25.34 -24.80 -16.59
CA ASP D 2018 26.17 -24.61 -17.78
C ASP D 2018 27.53 -25.27 -17.61
N TRP D 2019 28.06 -25.28 -16.38
CA TRP D 2019 29.34 -25.94 -16.14
C TRP D 2019 29.24 -27.44 -16.41
N HIS D 2020 28.12 -28.05 -15.99
CA HIS D 2020 27.91 -29.46 -16.30
C HIS D 2020 27.84 -29.69 -17.80
N LEU D 2021 27.17 -28.79 -18.53
CA LEU D 2021 27.11 -28.91 -19.98
C LEU D 2021 28.50 -28.83 -20.59
N ARG D 2022 29.32 -27.90 -20.11
CA ARG D 2022 30.71 -27.85 -20.55
C ARG D 2022 31.42 -29.16 -20.28
N ARG D 2023 31.20 -29.74 -19.10
CA ARG D 2023 31.88 -30.97 -18.74
C ARG D 2023 31.49 -32.12 -19.67
N VAL D 2024 30.20 -32.23 -19.99
CA VAL D 2024 29.68 -33.40 -20.70
C VAL D 2024 29.54 -33.15 -22.19
N LEU D 2025 29.02 -32.00 -22.59
CA LEU D 2025 28.72 -31.77 -23.99
C LEU D 2025 30.02 -31.76 -24.81
N PRO D 2026 30.05 -32.43 -25.96
CA PRO D 2026 31.24 -32.36 -26.81
C PRO D 2026 31.47 -30.94 -27.30
N ARG D 2027 32.74 -30.56 -27.42
CA ARG D 2027 33.10 -29.22 -27.88
C ARG D 2027 33.23 -29.13 -29.39
N GLY D 2028 33.12 -30.25 -30.11
CA GLY D 2028 33.17 -30.24 -31.55
C GLY D 2028 31.85 -29.94 -32.24
N VAL D 2029 30.79 -29.69 -31.47
CA VAL D 2029 29.48 -29.44 -32.05
C VAL D 2029 29.46 -28.06 -32.70
N GLN D 2030 28.96 -28.01 -33.94
CA GLN D 2030 28.82 -26.76 -34.67
C GLN D 2030 27.38 -26.33 -34.85
N ALA D 2031 26.41 -27.20 -34.54
CA ALA D 2031 25.00 -26.88 -34.69
C ALA D 2031 24.21 -27.58 -33.60
N LEU D 2032 23.16 -26.91 -33.13
CA LEU D 2032 22.26 -27.45 -32.12
C LEU D 2032 20.84 -27.50 -32.67
N VAL D 2033 20.17 -28.62 -32.46
CA VAL D 2033 18.81 -28.84 -32.94
C VAL D 2033 17.97 -29.20 -31.71
N ASP D 2034 17.05 -28.31 -31.34
CA ASP D 2034 16.18 -28.53 -30.18
C ASP D 2034 14.83 -29.01 -30.70
N LEU D 2035 14.57 -30.31 -30.57
CA LEU D 2035 13.30 -30.91 -30.94
C LEU D 2035 12.39 -31.16 -29.74
N SER D 2036 12.73 -30.59 -28.59
CA SER D 2036 11.98 -30.86 -27.37
C SER D 2036 10.52 -30.44 -27.52
N ALA D 2037 9.62 -31.41 -27.41
CA ALA D 2037 8.19 -31.09 -27.40
C ALA D 2037 7.85 -30.20 -26.21
N ASP D 2038 8.39 -30.52 -25.04
CA ASP D 2038 8.23 -29.68 -23.87
C ASP D 2038 9.14 -28.46 -24.01
N GLN D 2039 8.55 -27.27 -23.84
CA GLN D 2039 9.29 -26.03 -24.04
C GLN D 2039 10.08 -25.61 -22.81
N SER D 2040 9.98 -26.35 -21.70
CA SER D 2040 10.77 -26.02 -20.52
C SER D 2040 12.27 -26.17 -20.78
N CYS D 2041 12.66 -26.92 -21.79
CA CYS D 2041 14.07 -27.10 -22.11
C CYS D 2041 14.66 -25.91 -22.85
N GLU D 2042 13.90 -24.83 -23.00
CA GLU D 2042 14.44 -23.64 -23.66
C GLU D 2042 15.60 -23.05 -22.86
N GLY D 2043 15.48 -23.06 -21.53
CA GLY D 2043 16.59 -22.61 -20.70
C GLY D 2043 17.82 -23.48 -20.87
N LEU D 2044 17.62 -24.79 -20.95
CA LEU D 2044 18.73 -25.70 -21.18
C LEU D 2044 19.40 -25.40 -22.52
N THR D 2045 18.59 -25.13 -23.55
CA THR D 2045 19.13 -24.78 -24.85
C THR D 2045 19.93 -23.49 -24.79
N GLN D 2046 19.41 -22.49 -24.07
CA GLN D 2046 20.12 -21.23 -23.92
C GLN D 2046 21.47 -21.44 -23.23
N ARG D 2047 21.49 -22.26 -22.18
CA ARG D 2047 22.75 -22.57 -21.52
C ARG D 2047 23.69 -23.34 -22.45
N MET D 2048 23.14 -24.20 -23.31
CA MET D 2048 23.96 -24.87 -24.32
C MET D 2048 24.63 -23.85 -25.24
N MET D 2049 23.88 -22.83 -25.66
CA MET D 2049 24.45 -21.82 -26.54
C MET D 2049 25.65 -21.11 -25.90
N LYS D 2050 25.69 -21.04 -24.57
CA LYS D 2050 26.80 -20.40 -23.88
C LYS D 2050 28.03 -21.30 -23.75
N VAL D 2051 27.88 -22.61 -23.95
CA VAL D 2051 28.99 -23.53 -23.78
C VAL D 2051 29.43 -24.15 -25.10
N LEU D 2052 28.51 -24.26 -26.07
CA LEU D 2052 28.85 -24.82 -27.36
C LEU D 2052 29.79 -23.86 -28.11
N MET D 2053 30.21 -24.28 -29.30
CA MET D 2053 31.11 -23.47 -30.10
C MET D 2053 30.45 -22.13 -30.40
N PRO D 2054 31.12 -21.00 -30.17
CA PRO D 2054 30.52 -19.71 -30.54
C PRO D 2054 30.16 -19.67 -32.01
N GLY D 2055 29.01 -19.08 -32.31
CA GLY D 2055 28.46 -19.10 -33.63
C GLY D 2055 27.76 -20.38 -34.01
N CYS D 2056 27.61 -21.31 -33.07
CA CYS D 2056 26.94 -22.57 -33.35
C CYS D 2056 25.52 -22.33 -33.84
N ALA D 2057 25.16 -22.98 -34.95
CA ALA D 2057 23.81 -22.83 -35.50
C ALA D 2057 22.79 -23.43 -34.54
N HIS D 2058 21.68 -22.71 -34.38
CA HIS D 2058 20.63 -23.10 -33.45
C HIS D 2058 19.32 -23.28 -34.21
N TYR D 2059 18.73 -24.46 -34.08
CA TYR D 2059 17.41 -24.76 -34.63
C TYR D 2059 16.50 -25.25 -33.51
N ARG D 2060 15.30 -24.68 -33.44
CA ARG D 2060 14.31 -25.03 -32.45
C ARG D 2060 13.24 -25.94 -33.05
N ALA D 2061 12.39 -26.47 -32.17
CA ALA D 2061 11.30 -27.33 -32.64
C ALA D 2061 10.39 -26.56 -33.59
N ALA D 2062 10.19 -25.27 -33.33
CA ALA D 2062 9.39 -24.45 -34.23
C ALA D 2062 10.03 -24.32 -35.60
N ASP D 2063 11.34 -24.53 -35.71
CA ASP D 2063 12.02 -24.47 -36.99
C ASP D 2063 11.90 -25.76 -37.78
N LEU D 2064 11.36 -26.82 -37.20
CA LEU D 2064 11.15 -28.08 -37.92
C LEU D 2064 9.68 -28.48 -37.88
N PHE D 2065 9.01 -28.21 -36.77
CA PHE D 2065 7.61 -28.56 -36.58
C PHE D 2065 6.80 -27.29 -36.34
N THR D 2066 5.66 -27.18 -37.02
CA THR D 2066 4.78 -26.04 -36.86
C THR D 2066 3.35 -26.48 -37.13
N ASP D 2067 2.41 -25.72 -36.56
CA ASP D 2067 0.98 -25.98 -36.73
C ASP D 2067 0.37 -25.14 -37.85
N THR D 2068 1.14 -24.28 -38.50
CA THR D 2068 0.64 -23.40 -39.56
C THR D 2068 1.55 -23.50 -40.76
N VAL D 2069 0.96 -23.62 -41.94
CA VAL D 2069 1.70 -23.69 -43.19
C VAL D 2069 1.43 -22.48 -44.07
N SER D 2070 0.19 -21.99 -44.09
CA SER D 2070 -0.18 -20.83 -44.89
C SER D 2070 0.13 -21.07 -46.36
N LEU D 2083 10.79 -30.50 -55.49
CA LEU D 2083 11.37 -31.56 -54.68
C LEU D 2083 12.13 -32.56 -55.56
N PRO D 2084 13.27 -33.07 -55.07
CA PRO D 2084 13.97 -34.11 -55.82
C PRO D 2084 13.35 -35.48 -55.52
N ALA D 2085 13.17 -36.27 -56.58
CA ALA D 2085 12.51 -37.57 -56.42
C ALA D 2085 13.27 -38.46 -55.45
N ALA D 2086 14.58 -38.27 -55.33
CA ALA D 2086 15.38 -39.09 -54.41
C ALA D 2086 15.12 -38.76 -52.95
N TYR D 2087 14.43 -37.65 -52.65
CA TYR D 2087 14.20 -37.28 -51.26
C TYR D 2087 13.39 -38.36 -50.53
N TRP D 2088 12.24 -38.74 -51.08
CA TRP D 2088 11.43 -39.75 -50.41
C TRP D 2088 12.08 -41.12 -50.48
N GLU D 2089 12.86 -41.40 -51.53
CA GLU D 2089 13.60 -42.66 -51.57
C GLU D 2089 14.58 -42.75 -50.41
N HIS D 2090 15.33 -41.67 -50.16
CA HIS D 2090 16.24 -41.64 -49.02
C HIS D 2090 15.47 -41.74 -47.71
N VAL D 2091 14.34 -41.04 -47.61
CA VAL D 2091 13.54 -41.08 -46.39
C VAL D 2091 13.13 -42.51 -46.08
N VAL D 2092 12.56 -43.22 -47.07
CA VAL D 2092 12.10 -44.57 -46.83
C VAL D 2092 13.26 -45.52 -46.59
N SER D 2093 14.40 -45.32 -47.28
CA SER D 2093 15.56 -46.16 -47.04
C SER D 2093 16.02 -46.03 -45.59
N LEU D 2094 16.06 -44.80 -45.07
CA LEU D 2094 16.42 -44.62 -43.66
C LEU D 2094 15.36 -45.23 -42.74
N ALA D 2095 14.08 -45.06 -43.08
CA ALA D 2095 13.02 -45.57 -42.21
C ALA D 2095 13.07 -47.10 -42.12
N ARG D 2096 13.44 -47.76 -43.21
CA ARG D 2096 13.52 -49.21 -43.24
C ARG D 2096 14.63 -49.74 -42.33
N GLN D 2097 15.59 -48.88 -41.96
CA GLN D 2097 16.61 -49.30 -41.01
C GLN D 2097 16.06 -49.37 -39.60
N GLY D 2098 15.25 -48.38 -39.20
CA GLY D 2098 14.76 -48.27 -37.85
C GLY D 2098 13.32 -48.64 -37.62
N LEU D 2099 12.64 -49.26 -38.59
CA LEU D 2099 11.27 -49.72 -38.35
C LEU D 2099 11.11 -50.50 -37.06
N PRO D 2100 11.98 -51.45 -36.70
CA PRO D 2100 11.75 -52.27 -35.51
C PRO D 2100 11.86 -51.49 -34.20
N SER D 2101 12.18 -50.20 -34.23
CA SER D 2101 12.37 -49.46 -32.99
C SER D 2101 11.10 -49.42 -32.14
N VAL D 2102 9.93 -49.46 -32.78
CA VAL D 2102 8.65 -49.38 -32.09
C VAL D 2102 7.63 -50.22 -32.84
N SER D 2103 6.45 -50.37 -32.24
CA SER D 2103 5.34 -51.06 -32.88
C SER D 2103 4.63 -50.15 -33.85
N GLU D 2104 3.69 -50.73 -34.61
CA GLU D 2104 2.96 -49.95 -35.61
C GLU D 2104 2.09 -48.88 -34.95
N GLY D 2105 1.29 -49.28 -33.96
CA GLY D 2105 0.42 -48.35 -33.28
C GLY D 2105 1.02 -47.77 -32.02
N TRP D 2106 2.22 -47.21 -32.15
CA TRP D 2106 2.90 -46.66 -30.98
C TRP D 2106 2.10 -45.51 -30.38
N GLU D 2107 1.58 -44.62 -31.22
CA GLU D 2107 0.74 -43.51 -30.76
C GLU D 2107 -0.25 -43.20 -31.87
N VAL D 2108 -1.45 -43.78 -31.78
CA VAL D 2108 -2.51 -43.57 -32.76
C VAL D 2108 -3.75 -43.11 -32.02
N MET D 2109 -4.28 -41.95 -32.44
CA MET D 2109 -5.48 -41.39 -31.86
C MET D 2109 -6.34 -40.82 -32.98
N PRO D 2110 -7.68 -40.93 -32.87
CA PRO D 2110 -8.53 -40.36 -33.91
C PRO D 2110 -8.42 -38.83 -33.95
N CYS D 2111 -8.76 -38.27 -35.11
CA CYS D 2111 -8.69 -36.83 -35.27
C CYS D 2111 -9.59 -36.11 -34.26
N THR D 2112 -10.76 -36.69 -33.99
CA THR D 2112 -11.66 -36.08 -33.01
C THR D 2112 -11.01 -36.02 -31.63
N GLN D 2113 -10.39 -37.12 -31.21
CA GLN D 2113 -9.73 -37.14 -29.90
C GLN D 2113 -8.58 -36.15 -29.86
N PHE D 2114 -7.80 -36.07 -30.93
CA PHE D 2114 -6.70 -35.12 -30.98
C PHE D 2114 -7.23 -33.68 -30.85
N ALA D 2115 -8.26 -33.34 -31.62
CA ALA D 2115 -8.80 -31.99 -31.56
C ALA D 2115 -9.34 -31.68 -30.16
N ALA D 2116 -10.01 -32.66 -29.54
CA ALA D 2116 -10.60 -32.42 -28.23
C ALA D 2116 -9.55 -32.31 -27.13
N HIS D 2117 -8.44 -33.05 -27.25
CA HIS D 2117 -7.49 -33.17 -26.15
C HIS D 2117 -6.08 -32.70 -26.49
N ALA D 2118 -5.67 -32.69 -27.76
CA ALA D 2118 -4.32 -32.29 -28.10
C ALA D 2118 -4.14 -30.80 -27.86
N ASP D 2119 -2.88 -30.39 -27.73
CA ASP D 2119 -2.52 -29.01 -27.44
C ASP D 2119 -1.37 -28.58 -28.33
N LYS D 2120 -1.46 -27.36 -28.87
CA LYS D 2120 -0.39 -26.84 -29.72
C LYS D 2120 0.88 -26.58 -28.92
N THR D 2121 0.76 -25.95 -27.75
CA THR D 2121 1.94 -25.61 -26.97
C THR D 2121 2.74 -26.84 -26.59
N ARG D 2122 2.08 -28.00 -26.50
CA ARG D 2122 2.76 -29.26 -26.24
C ARG D 2122 2.68 -30.13 -27.49
N PRO D 2123 3.49 -29.87 -28.52
CA PRO D 2123 3.41 -30.70 -29.72
C PRO D 2123 3.99 -32.08 -29.47
N ASP D 2124 3.11 -33.08 -29.35
CA ASP D 2124 3.53 -34.45 -29.07
C ASP D 2124 4.06 -35.06 -30.36
N LEU D 2125 5.33 -34.79 -30.64
CA LEU D 2125 5.96 -35.35 -31.82
C LEU D 2125 5.84 -36.87 -31.79
N SER D 2126 5.96 -37.48 -32.96
CA SER D 2126 5.74 -38.91 -33.15
C SER D 2126 4.31 -39.31 -32.84
N THR D 2127 3.38 -38.36 -32.86
CA THR D 2127 1.96 -38.63 -32.75
C THR D 2127 1.36 -38.70 -34.14
N VAL D 2128 0.37 -39.58 -34.31
CA VAL D 2128 -0.26 -39.80 -35.62
C VAL D 2128 -1.77 -39.77 -35.43
N ILE D 2129 -2.47 -39.16 -36.38
CA ILE D 2129 -3.92 -39.04 -36.34
C ILE D 2129 -4.54 -40.14 -37.20
N SER D 2130 -5.52 -40.84 -36.64
CA SER D 2130 -6.25 -41.88 -37.37
C SER D 2130 -7.49 -41.23 -37.96
N TRP D 2131 -7.38 -40.77 -39.20
CA TRP D 2131 -8.51 -40.13 -39.86
C TRP D 2131 -9.61 -41.15 -40.11
N PRO D 2132 -10.84 -40.90 -39.66
CA PRO D 2132 -11.91 -41.88 -39.89
C PRO D 2132 -12.18 -42.05 -41.38
N ARG D 2133 -12.53 -43.27 -41.77
CA ARG D 2133 -12.84 -43.61 -43.15
C ARG D 2133 -14.32 -43.91 -43.38
N GLU D 2134 -14.96 -44.61 -42.45
CA GLU D 2134 -16.39 -44.87 -42.59
C GLU D 2134 -17.18 -43.61 -42.35
N SER D 2135 -18.27 -43.45 -43.11
CA SER D 2135 -19.11 -42.27 -42.95
C SER D 2135 -19.60 -42.13 -41.52
N ASP D 2136 -19.95 -43.25 -40.88
CA ASP D 2136 -20.37 -43.19 -39.48
C ASP D 2136 -19.26 -42.65 -38.60
N GLU D 2137 -18.03 -43.11 -38.82
CA GLU D 2137 -16.90 -42.61 -38.04
C GLU D 2137 -16.47 -41.23 -38.51
N ALA D 2138 -16.63 -40.92 -39.79
CA ALA D 2138 -16.14 -39.67 -40.36
C ALA D 2138 -17.17 -38.56 -40.36
N THR D 2139 -18.46 -38.88 -40.29
CA THR D 2139 -19.49 -37.85 -40.23
C THR D 2139 -19.43 -37.20 -38.85
N LEU D 2140 -18.80 -36.04 -38.79
CA LEU D 2140 -18.46 -35.38 -37.54
C LEU D 2140 -18.80 -33.90 -37.63
N PRO D 2141 -19.01 -33.23 -36.49
CA PRO D 2141 -19.23 -31.78 -36.52
C PRO D 2141 -17.93 -31.03 -36.83
N THR D 2142 -17.84 -30.51 -38.06
CA THR D 2142 -16.65 -29.82 -38.51
C THR D 2142 -16.85 -28.31 -38.44
N ARG D 2143 -15.86 -27.61 -37.91
CA ARG D 2143 -15.90 -26.16 -37.84
C ARG D 2143 -15.84 -25.60 -39.25
N VAL D 2144 -16.97 -25.09 -39.74
CA VAL D 2144 -17.08 -24.66 -41.13
C VAL D 2144 -15.99 -23.64 -41.43
N ARG D 2145 -15.57 -23.58 -42.70
CA ARG D 2145 -14.57 -22.63 -43.16
C ARG D 2145 -15.23 -21.58 -44.03
N SER D 2146 -14.74 -20.35 -43.94
CA SER D 2146 -15.27 -19.27 -44.76
C SER D 2146 -15.04 -19.57 -46.23
N ILE D 2147 -16.00 -19.17 -47.07
CA ILE D 2147 -15.91 -19.45 -48.50
C ILE D 2147 -14.64 -18.83 -49.08
N ASP D 2148 -14.22 -17.69 -48.54
CA ASP D 2148 -13.06 -16.97 -49.02
C ASP D 2148 -11.83 -17.14 -48.13
N ALA D 2149 -11.79 -18.18 -47.30
CA ALA D 2149 -10.63 -18.44 -46.46
C ALA D 2149 -9.46 -19.04 -47.24
N GLU D 2150 -9.69 -19.47 -48.48
CA GLU D 2150 -8.64 -20.07 -49.30
C GLU D 2150 -8.72 -19.48 -50.70
N THR D 2151 -7.59 -19.52 -51.41
CA THR D 2151 -7.54 -19.00 -52.76
C THR D 2151 -8.57 -19.68 -53.64
N LEU D 2152 -9.31 -18.87 -54.40
CA LEU D 2152 -10.38 -19.37 -55.26
C LEU D 2152 -10.13 -19.14 -56.75
N PHE D 2153 -9.07 -18.43 -57.10
CA PHE D 2153 -8.85 -18.01 -58.48
C PHE D 2153 -7.47 -18.47 -58.97
N ALA D 2154 -7.37 -18.64 -60.28
CA ALA D 2154 -6.13 -19.04 -60.93
C ALA D 2154 -5.30 -17.82 -61.30
N ALA D 2155 -3.98 -18.01 -61.35
CA ALA D 2155 -3.05 -16.94 -61.66
C ALA D 2155 -2.76 -16.81 -63.16
N ASP D 2156 -3.32 -17.69 -63.99
CA ASP D 2156 -3.07 -17.68 -65.42
C ASP D 2156 -4.33 -17.29 -66.22
N LYS D 2157 -5.19 -16.47 -65.62
CA LYS D 2157 -6.43 -16.07 -66.25
C LYS D 2157 -6.76 -14.63 -65.86
N THR D 2158 -7.52 -13.96 -66.72
CA THR D 2158 -8.01 -12.62 -66.46
C THR D 2158 -9.46 -12.67 -66.01
N TYR D 2159 -9.78 -11.87 -64.99
CA TYR D 2159 -11.14 -11.77 -64.48
C TYR D 2159 -11.67 -10.39 -64.81
N LEU D 2160 -12.78 -10.35 -65.55
CA LEU D 2160 -13.29 -9.13 -66.14
C LEU D 2160 -14.47 -8.62 -65.30
N LEU D 2161 -14.25 -7.51 -64.60
CA LEU D 2161 -15.30 -6.90 -63.80
C LEU D 2161 -15.99 -5.86 -64.66
N VAL D 2162 -17.04 -6.29 -65.37
CA VAL D 2162 -17.74 -5.42 -66.30
C VAL D 2162 -18.69 -4.53 -65.52
N GLY D 2163 -18.56 -3.21 -65.70
CA GLY D 2163 -19.35 -2.26 -64.96
C GLY D 2163 -18.89 -2.03 -63.54
N LEU D 2164 -17.81 -2.69 -63.11
CA LEU D 2164 -17.32 -2.61 -61.74
C LEU D 2164 -16.04 -1.78 -61.72
N THR D 2165 -16.23 -0.46 -61.68
CA THR D 2165 -15.13 0.48 -61.54
C THR D 2165 -15.31 1.46 -60.40
N GLY D 2166 -16.49 1.53 -59.80
CA GLY D 2166 -16.69 2.29 -58.59
C GLY D 2166 -16.07 1.58 -57.40
N ASP D 2167 -16.31 2.16 -56.22
CA ASP D 2167 -15.72 1.62 -55.01
C ASP D 2167 -16.08 0.15 -54.80
N LEU D 2168 -17.30 -0.25 -55.17
CA LEU D 2168 -17.68 -1.66 -55.08
C LEU D 2168 -16.79 -2.51 -55.98
N GLY D 2169 -16.61 -2.09 -57.23
CA GLY D 2169 -15.78 -2.85 -58.14
C GLY D 2169 -14.33 -2.91 -57.68
N ARG D 2170 -13.81 -1.78 -57.18
CA ARG D 2170 -12.44 -1.76 -56.69
C ARG D 2170 -12.27 -2.70 -55.50
N SER D 2171 -13.22 -2.68 -54.56
CA SER D 2171 -13.15 -3.58 -53.43
C SER D 2171 -13.20 -5.03 -53.88
N LEU D 2172 -14.09 -5.36 -54.82
CA LEU D 2172 -14.17 -6.73 -55.30
C LEU D 2172 -12.88 -7.15 -55.98
N GLY D 2173 -12.27 -6.26 -56.76
CA GLY D 2173 -11.03 -6.59 -57.43
C GLY D 2173 -9.88 -6.81 -56.46
N ARG D 2174 -9.78 -5.93 -55.44
CA ARG D 2174 -8.71 -6.12 -54.46
C ARG D 2174 -8.92 -7.41 -53.68
N TRP D 2175 -10.17 -7.74 -53.36
CA TRP D 2175 -10.45 -9.02 -52.73
C TRP D 2175 -10.04 -10.18 -53.63
N MET D 2176 -10.36 -10.08 -54.92
CA MET D 2176 -9.99 -11.11 -55.87
C MET D 2176 -8.48 -11.35 -55.85
N VAL D 2177 -7.70 -10.27 -55.99
CA VAL D 2177 -6.25 -10.43 -56.01
C VAL D 2177 -5.78 -10.99 -54.68
N GLN D 2178 -6.41 -10.59 -53.58
CA GLN D 2178 -6.10 -11.22 -52.30
C GLN D 2178 -6.39 -12.71 -52.32
N HIS D 2179 -7.29 -13.14 -53.21
CA HIS D 2179 -7.68 -14.54 -53.30
C HIS D 2179 -7.28 -15.14 -54.66
N GLY D 2180 -6.07 -14.83 -55.10
CA GLY D 2180 -5.46 -15.54 -56.20
C GLY D 2180 -5.71 -14.98 -57.59
N ALA D 2181 -6.30 -13.80 -57.71
CA ALA D 2181 -6.55 -13.19 -59.01
C ALA D 2181 -5.35 -12.32 -59.37
N CYS D 2182 -4.41 -12.89 -60.11
CA CYS D 2182 -3.22 -12.15 -60.52
C CYS D 2182 -3.46 -11.20 -61.67
N HIS D 2183 -4.60 -11.31 -62.36
CA HIS D 2183 -4.91 -10.45 -63.49
C HIS D 2183 -6.37 -10.07 -63.42
N ILE D 2184 -6.64 -8.78 -63.27
CA ILE D 2184 -8.00 -8.25 -63.15
C ILE D 2184 -8.16 -7.11 -64.15
N VAL D 2185 -9.33 -7.02 -64.76
CA VAL D 2185 -9.64 -5.99 -65.75
C VAL D 2185 -10.93 -5.31 -65.29
N LEU D 2186 -10.84 -4.03 -64.93
CA LEU D 2186 -12.03 -3.25 -64.60
C LEU D 2186 -12.51 -2.51 -65.84
N THR D 2187 -13.81 -2.60 -66.11
CA THR D 2187 -14.38 -2.03 -67.32
C THR D 2187 -15.55 -1.14 -66.97
N SER D 2188 -15.64 0.01 -67.66
CA SER D 2188 -16.76 0.92 -67.50
C SER D 2188 -16.72 1.95 -68.61
N ARG D 2189 -17.85 2.64 -68.79
CA ARG D 2189 -17.92 3.71 -69.78
C ARG D 2189 -17.01 4.86 -69.39
N ASN D 2190 -16.73 5.03 -68.10
CA ASN D 2190 -15.86 6.09 -67.61
C ASN D 2190 -15.18 5.63 -66.33
N PRO D 2191 -14.14 4.81 -66.45
CA PRO D 2191 -13.43 4.36 -65.24
C PRO D 2191 -12.59 5.47 -64.62
N GLN D 2192 -13.03 5.99 -63.49
CA GLN D 2192 -12.30 7.03 -62.77
C GLN D 2192 -11.49 6.42 -61.64
N VAL D 2193 -10.52 5.59 -62.02
CA VAL D 2193 -9.72 4.81 -61.09
C VAL D 2193 -8.37 5.48 -60.91
N ASN D 2194 -7.95 5.61 -59.66
CA ASN D 2194 -6.65 6.20 -59.35
C ASN D 2194 -5.53 5.20 -59.67
N PRO D 2195 -4.52 5.58 -60.45
CA PRO D 2195 -3.40 4.66 -60.67
C PRO D 2195 -2.71 4.26 -59.37
N LYS D 2196 -2.79 5.10 -58.33
CA LYS D 2196 -2.23 4.74 -57.05
C LYS D 2196 -2.93 3.50 -56.48
N TRP D 2197 -4.25 3.41 -56.67
CA TRP D 2197 -4.96 2.20 -56.25
C TRP D 2197 -4.50 0.99 -57.06
N LEU D 2198 -4.22 1.18 -58.35
CA LEU D 2198 -3.68 0.09 -59.16
C LEU D 2198 -2.34 -0.37 -58.60
N ALA D 2199 -1.48 0.57 -58.22
CA ALA D 2199 -0.21 0.20 -57.60
C ALA D 2199 -0.44 -0.54 -56.29
N HIS D 2200 -1.39 -0.08 -55.48
CA HIS D 2200 -1.69 -0.75 -54.22
C HIS D 2200 -2.09 -2.20 -54.46
N VAL D 2201 -3.00 -2.45 -55.39
CA VAL D 2201 -3.43 -3.81 -55.65
C VAL D 2201 -2.29 -4.63 -56.24
N GLU D 2202 -1.43 -4.00 -57.05
CA GLU D 2202 -0.26 -4.70 -57.56
C GLU D 2202 0.66 -5.13 -56.44
N GLU D 2203 0.75 -4.33 -55.37
CA GLU D 2203 1.51 -4.75 -54.20
C GLU D 2203 0.95 -6.03 -53.60
N LEU D 2204 -0.36 -6.25 -53.76
CA LEU D 2204 -0.97 -7.48 -53.26
C LEU D 2204 -0.61 -8.68 -54.12
N GLY D 2205 -0.05 -8.47 -55.30
CA GLY D 2205 0.38 -9.55 -56.16
C GLY D 2205 -0.44 -9.75 -57.43
N GLY D 2206 -1.33 -8.82 -57.76
CA GLY D 2206 -2.14 -8.95 -58.96
C GLY D 2206 -2.08 -7.75 -59.87
N ARG D 2207 -1.98 -8.01 -61.17
CA ARG D 2207 -1.91 -6.95 -62.17
C ARG D 2207 -3.34 -6.52 -62.52
N VAL D 2208 -3.69 -5.28 -62.18
CA VAL D 2208 -5.04 -4.75 -62.37
C VAL D 2208 -4.96 -3.61 -63.38
N THR D 2209 -5.94 -3.58 -64.29
CA THR D 2209 -5.99 -2.56 -65.33
C THR D 2209 -7.43 -2.12 -65.52
N VAL D 2210 -7.59 -0.92 -66.07
CA VAL D 2210 -8.89 -0.35 -66.41
C VAL D 2210 -9.01 -0.37 -67.93
N LEU D 2211 -10.09 -0.97 -68.43
CA LEU D 2211 -10.27 -1.15 -69.86
C LEU D 2211 -11.02 -0.01 -70.53
N SER D 2212 -11.76 0.79 -69.77
CA SER D 2212 -12.58 1.86 -70.33
C SER D 2212 -13.50 1.33 -71.42
N MET D 2213 -14.05 0.14 -71.20
CA MET D 2213 -14.85 -0.56 -72.21
C MET D 2213 -16.33 -0.29 -71.95
N ASP D 2214 -17.01 0.24 -72.96
CA ASP D 2214 -18.46 0.46 -72.88
C ASP D 2214 -19.15 -0.84 -73.28
N VAL D 2215 -19.64 -1.57 -72.29
CA VAL D 2215 -20.23 -2.88 -72.57
C VAL D 2215 -21.51 -2.76 -73.37
N THR D 2216 -22.09 -1.55 -73.46
CA THR D 2216 -23.35 -1.38 -74.17
C THR D 2216 -23.24 -1.69 -75.65
N SER D 2217 -22.05 -1.69 -76.22
CA SER D 2217 -21.84 -1.85 -77.65
C SER D 2217 -21.00 -3.09 -77.91
N GLN D 2218 -21.40 -3.87 -78.93
CA GLN D 2218 -20.61 -5.02 -79.33
C GLN D 2218 -19.24 -4.61 -79.81
N ASN D 2219 -19.16 -3.55 -80.60
CA ASN D 2219 -17.87 -3.10 -81.11
C ASN D 2219 -16.94 -2.68 -79.99
N SER D 2220 -17.46 -1.96 -78.99
CA SER D 2220 -16.64 -1.55 -77.86
C SER D 2220 -16.13 -2.75 -77.09
N VAL D 2221 -16.99 -3.75 -76.88
CA VAL D 2221 -16.57 -4.95 -76.15
C VAL D 2221 -15.48 -5.68 -76.91
N GLU D 2222 -15.65 -5.82 -78.23
CA GLU D 2222 -14.64 -6.50 -79.03
C GLU D 2222 -13.32 -5.72 -79.00
N ALA D 2223 -13.40 -4.38 -79.08
CA ALA D 2223 -12.19 -3.57 -79.01
C ALA D 2223 -11.48 -3.77 -77.67
N GLY D 2224 -12.23 -3.80 -76.58
CA GLY D 2224 -11.63 -4.01 -75.28
C GLY D 2224 -10.98 -5.39 -75.16
N LEU D 2225 -11.67 -6.42 -75.66
CA LEU D 2225 -11.11 -7.77 -75.57
C LEU D 2225 -9.89 -7.93 -76.46
N ALA D 2226 -9.83 -7.19 -77.57
CA ALA D 2226 -8.61 -7.18 -78.37
C ALA D 2226 -7.49 -6.41 -77.67
N LYS D 2227 -7.85 -5.31 -76.99
CA LYS D 2227 -6.88 -4.57 -76.21
C LYS D 2227 -6.28 -5.44 -75.11
N LEU D 2228 -7.08 -6.36 -74.56
CA LEU D 2228 -6.55 -7.32 -73.60
C LEU D 2228 -5.32 -8.03 -74.17
N LYS D 2229 -5.45 -8.56 -75.39
CA LYS D 2229 -4.30 -9.17 -76.04
C LYS D 2229 -3.21 -8.14 -76.33
N ASP D 2230 -3.61 -6.92 -76.70
CA ASP D 2230 -2.62 -5.86 -76.85
C ASP D 2230 -1.87 -5.62 -75.56
N LEU D 2231 -2.52 -5.84 -74.42
CA LEU D 2231 -1.87 -5.77 -73.12
C LEU D 2231 -1.19 -7.08 -72.73
N HIS D 2232 -1.30 -8.12 -73.57
CA HIS D 2232 -0.66 -9.41 -73.35
C HIS D 2232 -1.23 -10.15 -72.15
N LEU D 2233 -2.40 -9.73 -71.66
CA LEU D 2233 -3.00 -10.39 -70.52
C LEU D 2233 -3.51 -11.78 -70.89
N PRO D 2234 -3.57 -12.71 -69.93
CA PRO D 2234 -4.08 -14.05 -70.24
C PRO D 2234 -5.53 -14.02 -70.67
N PRO D 2235 -6.07 -15.13 -71.16
CA PRO D 2235 -7.48 -15.16 -71.57
C PRO D 2235 -8.41 -14.95 -70.40
N VAL D 2236 -9.59 -14.41 -70.69
CA VAL D 2236 -10.59 -14.13 -69.66
C VAL D 2236 -11.11 -15.46 -69.14
N GLY D 2237 -10.86 -15.74 -67.86
CA GLY D 2237 -11.33 -16.96 -67.24
C GLY D 2237 -12.56 -16.74 -66.38
N GLY D 2238 -12.96 -15.49 -66.19
CA GLY D 2238 -14.13 -15.17 -65.40
C GLY D 2238 -14.60 -13.75 -65.64
N ILE D 2239 -15.90 -13.51 -65.46
CA ILE D 2239 -16.49 -12.20 -65.69
C ILE D 2239 -17.42 -11.86 -64.53
N ALA D 2240 -17.28 -10.65 -64.01
CA ALA D 2240 -18.20 -10.11 -63.01
C ALA D 2240 -18.96 -8.98 -63.68
N PHE D 2241 -20.23 -9.23 -64.02
CA PHE D 2241 -21.03 -8.31 -64.82
C PHE D 2241 -21.95 -7.53 -63.88
N GLY D 2242 -21.63 -6.26 -63.67
CA GLY D 2242 -22.43 -5.41 -62.81
C GLY D 2242 -22.63 -3.98 -63.28
N PRO D 2243 -22.69 -3.74 -64.60
CA PRO D 2243 -23.03 -2.39 -65.07
C PRO D 2243 -24.42 -2.00 -64.59
N LEU D 2244 -24.57 -0.73 -64.23
CA LEU D 2244 -25.79 -0.28 -63.57
C LEU D 2244 -26.17 1.12 -64.02
N VAL D 2245 -27.45 1.30 -64.33
CA VAL D 2245 -28.06 2.62 -64.49
C VAL D 2245 -29.46 2.54 -63.92
N LEU D 2246 -29.84 3.52 -63.11
CA LEU D 2246 -31.10 3.49 -62.36
C LEU D 2246 -31.95 4.71 -62.70
N GLN D 2247 -33.24 4.48 -62.94
CA GLN D 2247 -34.24 5.54 -63.13
C GLN D 2247 -35.44 5.17 -62.27
N ASP D 2248 -35.41 5.64 -61.01
CA ASP D 2248 -36.42 5.27 -60.02
C ASP D 2248 -37.73 6.00 -60.34
N VAL D 2249 -38.55 5.35 -61.17
CA VAL D 2249 -39.86 5.86 -61.53
C VAL D 2249 -40.76 4.67 -61.85
N MET D 2250 -42.03 4.77 -61.46
CA MET D 2250 -42.97 3.68 -61.73
C MET D 2250 -43.18 3.52 -63.23
N LEU D 2251 -43.55 2.30 -63.63
CA LEU D 2251 -43.62 1.97 -65.05
C LEU D 2251 -44.61 2.86 -65.77
N ASN D 2252 -45.77 3.11 -65.16
CA ASN D 2252 -46.77 3.96 -65.81
C ASN D 2252 -46.22 5.35 -66.10
N ASN D 2253 -45.47 5.92 -65.15
CA ASN D 2253 -44.81 7.21 -65.35
C ASN D 2253 -43.46 7.07 -66.04
N MET D 2254 -42.96 5.85 -66.23
CA MET D 2254 -41.69 5.64 -66.89
C MET D 2254 -41.82 5.92 -68.38
N GLU D 2255 -40.66 6.11 -69.03
CA GLU D 2255 -40.60 6.37 -70.47
C GLU D 2255 -39.65 5.36 -71.12
N LEU D 2256 -39.89 5.09 -72.39
CA LEU D 2256 -39.08 4.11 -73.10
C LEU D 2256 -37.59 4.44 -73.06
N PRO D 2257 -37.15 5.69 -73.22
CA PRO D 2257 -35.71 5.96 -73.11
C PRO D 2257 -35.12 5.50 -71.79
N MET D 2258 -35.86 5.63 -70.69
CA MET D 2258 -35.37 5.13 -69.41
C MET D 2258 -35.21 3.62 -69.44
N MET D 2259 -36.18 2.92 -70.04
CA MET D 2259 -36.07 1.47 -70.19
C MET D 2259 -34.84 1.10 -70.99
N GLU D 2260 -34.59 1.81 -72.09
CA GLU D 2260 -33.41 1.54 -72.90
C GLU D 2260 -32.14 1.77 -72.10
N MET D 2261 -32.08 2.88 -71.37
CA MET D 2261 -30.88 3.22 -70.60
C MET D 2261 -30.61 2.17 -69.54
N VAL D 2262 -31.65 1.66 -68.89
CA VAL D 2262 -31.46 0.69 -67.82
C VAL D 2262 -31.12 -0.68 -68.40
N LEU D 2263 -31.77 -1.06 -69.50
CA LEU D 2263 -31.66 -2.44 -70.00
C LEU D 2263 -30.41 -2.62 -70.86
N ASN D 2264 -30.19 -1.72 -71.82
CA ASN D 2264 -29.08 -1.88 -72.76
C ASN D 2264 -27.75 -2.16 -72.08
N PRO D 2265 -27.34 -1.42 -71.05
CA PRO D 2265 -26.09 -1.77 -70.37
C PRO D 2265 -26.09 -3.24 -69.98
N LYS D 2266 -27.04 -3.64 -69.14
CA LYS D 2266 -27.32 -4.94 -68.55
C LYS D 2266 -27.55 -5.99 -69.63
N VAL D 2267 -28.66 -5.84 -70.36
CA VAL D 2267 -29.08 -6.88 -71.30
C VAL D 2267 -28.09 -6.99 -72.45
N GLU D 2268 -27.74 -5.86 -73.07
CA GLU D 2268 -26.85 -5.92 -74.22
C GLU D 2268 -25.46 -6.37 -73.80
N GLY D 2269 -25.00 -6.00 -72.61
CA GLY D 2269 -23.69 -6.44 -72.16
C GLY D 2269 -23.64 -7.93 -71.92
N VAL D 2270 -24.66 -8.48 -71.25
CA VAL D 2270 -24.69 -9.91 -71.03
C VAL D 2270 -24.78 -10.66 -72.36
N ARG D 2271 -25.60 -10.15 -73.29
CA ARG D 2271 -25.72 -10.79 -74.59
C ARG D 2271 -24.38 -10.79 -75.32
N ILE D 2272 -23.70 -9.64 -75.34
CA ILE D 2272 -22.43 -9.52 -76.04
C ILE D 2272 -21.40 -10.46 -75.44
N LEU D 2273 -21.28 -10.44 -74.11
CA LEU D 2273 -20.26 -11.24 -73.45
C LEU D 2273 -20.55 -12.73 -73.60
N HIS D 2274 -21.83 -13.12 -73.51
CA HIS D 2274 -22.19 -14.52 -73.72
C HIS D 2274 -21.83 -14.96 -75.13
N GLU D 2275 -22.24 -14.17 -76.14
CA GLU D 2275 -21.91 -14.52 -77.52
C GLU D 2275 -20.40 -14.59 -77.72
N LYS D 2276 -19.65 -13.74 -77.00
CA LYS D 2276 -18.19 -13.83 -77.06
C LYS D 2276 -17.69 -15.13 -76.44
N PHE D 2277 -18.33 -15.60 -75.37
CA PHE D 2277 -17.90 -16.79 -74.65
C PHE D 2277 -19.05 -17.80 -74.58
N SER D 2278 -19.75 -17.98 -75.69
CA SER D 2278 -20.84 -18.94 -75.80
C SER D 2278 -20.37 -20.30 -76.31
N ASP D 2279 -19.09 -20.61 -76.17
CA ASP D 2279 -18.52 -21.87 -76.65
C ASP D 2279 -18.00 -22.69 -75.48
N PRO D 2280 -18.78 -23.63 -74.94
CA PRO D 2280 -18.26 -24.47 -73.85
C PRO D 2280 -17.07 -25.33 -74.26
N THR D 2281 -16.89 -25.57 -75.55
CA THR D 2281 -15.76 -26.34 -76.05
C THR D 2281 -14.53 -25.48 -76.31
N SER D 2282 -14.60 -24.18 -76.04
CA SER D 2282 -13.46 -23.30 -76.26
C SER D 2282 -12.31 -23.68 -75.35
N SER D 2283 -11.10 -23.26 -75.74
CA SER D 2283 -9.91 -23.59 -74.98
C SER D 2283 -9.88 -22.92 -73.62
N ASN D 2284 -10.65 -21.84 -73.42
CA ASN D 2284 -10.63 -21.07 -72.18
C ASN D 2284 -12.06 -20.87 -71.70
N PRO D 2285 -12.71 -21.93 -71.24
CA PRO D 2285 -14.03 -21.77 -70.64
C PRO D 2285 -13.95 -20.92 -69.38
N LEU D 2286 -14.97 -20.10 -69.17
CA LEU D 2286 -14.98 -19.21 -68.01
C LEU D 2286 -15.16 -20.00 -66.73
N ASP D 2287 -14.30 -19.73 -65.75
CA ASP D 2287 -14.50 -20.33 -64.43
C ASP D 2287 -15.82 -19.89 -63.82
N PHE D 2288 -16.27 -18.68 -64.14
CA PHE D 2288 -17.53 -18.16 -63.63
C PHE D 2288 -18.02 -17.05 -64.54
N PHE D 2289 -19.32 -16.78 -64.45
CA PHE D 2289 -19.93 -15.62 -65.09
C PHE D 2289 -20.94 -15.09 -64.06
N VAL D 2290 -20.48 -14.20 -63.19
CA VAL D 2290 -21.29 -13.65 -62.12
C VAL D 2290 -21.95 -12.37 -62.63
N MET D 2291 -23.28 -12.33 -62.59
CA MET D 2291 -24.04 -11.17 -63.03
C MET D 2291 -24.69 -10.56 -61.78
N PHE D 2292 -24.37 -9.29 -61.53
CA PHE D 2292 -24.78 -8.62 -60.29
C PHE D 2292 -26.24 -8.21 -60.39
N SER D 2293 -27.11 -8.99 -59.77
CA SER D 2293 -28.52 -8.70 -59.71
C SER D 2293 -28.87 -8.06 -58.38
N SER D 2294 -29.96 -7.30 -58.37
CA SER D 2294 -30.49 -6.72 -57.14
C SER D 2294 -31.64 -7.57 -56.61
N ILE D 2295 -31.87 -7.49 -55.31
CA ILE D 2295 -32.94 -8.25 -54.69
C ILE D 2295 -34.29 -7.82 -55.23
N VAL D 2296 -34.36 -6.66 -55.88
CA VAL D 2296 -35.58 -6.28 -56.58
C VAL D 2296 -35.91 -7.29 -57.67
N ALA D 2297 -34.88 -7.94 -58.22
CA ALA D 2297 -35.11 -8.99 -59.21
C ALA D 2297 -35.85 -10.17 -58.62
N VAL D 2298 -35.88 -10.30 -57.29
CA VAL D 2298 -36.56 -11.39 -56.64
C VAL D 2298 -37.83 -10.94 -55.92
N MET D 2299 -37.93 -9.67 -55.55
CA MET D 2299 -39.12 -9.14 -54.88
C MET D 2299 -39.66 -7.86 -55.50
N GLY D 2300 -38.96 -7.24 -56.43
CA GLY D 2300 -39.40 -6.00 -57.01
C GLY D 2300 -39.14 -4.82 -56.08
N ASN D 2301 -39.48 -3.63 -56.57
CA ASN D 2301 -39.33 -2.42 -55.78
C ASN D 2301 -40.12 -1.32 -56.47
N PRO D 2302 -40.80 -0.44 -55.72
CA PRO D 2302 -41.54 0.65 -56.38
C PRO D 2302 -40.65 1.54 -57.23
N GLY D 2303 -40.87 1.53 -58.53
CA GLY D 2303 -40.17 2.44 -59.43
C GLY D 2303 -38.92 1.88 -60.08
N GLN D 2304 -38.68 0.58 -59.98
CA GLN D 2304 -37.49 -0.06 -60.55
C GLN D 2304 -37.87 -1.26 -61.40
N ALA D 2305 -38.95 -1.12 -62.19
CA ALA D 2305 -39.38 -2.21 -63.06
C ALA D 2305 -38.32 -2.52 -64.11
N ASN D 2306 -37.74 -1.49 -64.71
CA ASN D 2306 -36.70 -1.70 -65.70
C ASN D 2306 -35.50 -2.42 -65.10
N TYR D 2307 -35.08 -1.99 -63.91
CA TYR D 2307 -33.93 -2.61 -63.25
C TYR D 2307 -34.22 -4.06 -62.91
N SER D 2308 -35.42 -4.34 -62.40
CA SER D 2308 -35.78 -5.71 -62.05
C SER D 2308 -35.81 -6.59 -63.31
N ALA D 2309 -36.36 -6.05 -64.41
CA ALA D 2309 -36.41 -6.82 -65.64
C ALA D 2309 -35.00 -7.11 -66.15
N ALA D 2310 -34.11 -6.13 -66.09
CA ALA D 2310 -32.74 -6.36 -66.53
C ALA D 2310 -32.05 -7.41 -65.66
N ASN D 2311 -32.26 -7.33 -64.34
CA ASN D 2311 -31.65 -8.29 -63.43
C ASN D 2311 -32.19 -9.70 -63.69
N CYS D 2312 -33.49 -9.82 -63.96
CA CYS D 2312 -34.06 -11.12 -64.28
C CYS D 2312 -33.52 -11.63 -65.61
N TYR D 2313 -33.27 -10.74 -66.56
CA TYR D 2313 -32.61 -11.15 -67.79
C TYR D 2313 -31.23 -11.71 -67.48
N LEU D 2314 -30.49 -11.06 -66.59
CA LEU D 2314 -29.17 -11.56 -66.20
C LEU D 2314 -29.30 -12.95 -65.56
N GLN D 2315 -30.27 -13.12 -64.67
CA GLN D 2315 -30.47 -14.41 -64.01
C GLN D 2315 -30.79 -15.50 -65.02
N ALA D 2316 -31.71 -15.22 -65.95
CA ALA D 2316 -32.09 -16.22 -66.93
C ALA D 2316 -30.94 -16.54 -67.88
N LEU D 2317 -30.18 -15.52 -68.27
CA LEU D 2317 -29.04 -15.78 -69.14
C LEU D 2317 -27.99 -16.62 -68.44
N ALA D 2318 -27.73 -16.35 -67.16
CA ALA D 2318 -26.79 -17.19 -66.41
C ALA D 2318 -27.30 -18.63 -66.31
N GLN D 2319 -28.60 -18.78 -66.04
CA GLN D 2319 -29.17 -20.12 -65.89
C GLN D 2319 -29.09 -20.90 -67.20
N GLN D 2320 -29.43 -20.26 -68.33
CA GLN D 2320 -29.38 -20.95 -69.60
C GLN D 2320 -27.94 -21.18 -70.05
N ARG D 2321 -27.01 -20.30 -69.66
CA ARG D 2321 -25.60 -20.53 -69.93
C ARG D 2321 -25.10 -21.75 -69.17
N VAL D 2322 -25.53 -21.92 -67.92
CA VAL D 2322 -25.21 -23.14 -67.18
C VAL D 2322 -25.85 -24.34 -67.86
N ALA D 2323 -27.11 -24.22 -68.27
CA ALA D 2323 -27.75 -25.31 -69.00
C ALA D 2323 -27.04 -25.59 -70.32
N SER D 2324 -26.33 -24.59 -70.85
CA SER D 2324 -25.57 -24.77 -72.09
C SER D 2324 -24.19 -25.35 -71.86
N GLY D 2325 -23.82 -25.63 -70.61
CA GLY D 2325 -22.50 -26.15 -70.30
C GLY D 2325 -21.47 -25.10 -69.99
N LEU D 2326 -21.88 -23.87 -69.71
CA LEU D 2326 -20.97 -22.76 -69.47
C LEU D 2326 -21.20 -22.19 -68.07
N ALA D 2327 -20.11 -21.94 -67.36
CA ALA D 2327 -20.21 -21.45 -65.99
C ALA D 2327 -20.90 -20.09 -65.95
N ALA D 2328 -21.75 -19.90 -64.93
CA ALA D 2328 -22.45 -18.63 -64.74
C ALA D 2328 -23.22 -18.71 -63.43
N SER D 2329 -23.54 -17.53 -62.89
CA SER D 2329 -24.30 -17.43 -61.66
C SER D 2329 -24.79 -16.00 -61.52
N THR D 2330 -25.80 -15.81 -60.67
CA THR D 2330 -26.35 -14.50 -60.38
C THR D 2330 -26.43 -14.29 -58.88
N ILE D 2331 -26.20 -13.05 -58.45
CA ILE D 2331 -26.28 -12.67 -57.05
C ILE D 2331 -27.36 -11.59 -56.93
N ASP D 2332 -28.38 -11.86 -56.11
CA ASP D 2332 -29.43 -10.89 -55.86
C ASP D 2332 -29.03 -10.08 -54.63
N ILE D 2333 -28.31 -9.00 -54.89
CA ILE D 2333 -27.71 -8.20 -53.83
C ILE D 2333 -28.75 -7.27 -53.23
N GLY D 2334 -28.61 -7.01 -51.93
CA GLY D 2334 -29.42 -6.02 -51.26
C GLY D 2334 -28.80 -4.65 -51.40
N ALA D 2335 -29.08 -3.79 -50.42
CA ALA D 2335 -28.49 -2.46 -50.40
C ALA D 2335 -27.06 -2.54 -49.89
N VAL D 2336 -26.10 -2.25 -50.77
CA VAL D 2336 -24.69 -2.35 -50.42
C VAL D 2336 -24.29 -1.02 -49.78
N TYR D 2337 -24.45 -0.93 -48.46
CA TYR D 2337 -24.08 0.29 -47.75
C TYR D 2337 -22.57 0.46 -47.68
N GLY D 2338 -21.81 -0.64 -47.70
CA GLY D 2338 -20.38 -0.55 -47.56
C GLY D 2338 -19.71 0.20 -48.69
N VAL D 2339 -20.12 -0.09 -49.93
CA VAL D 2339 -19.46 0.47 -51.11
C VAL D 2339 -20.47 0.49 -52.24
N GLY D 2340 -20.17 1.29 -53.27
CA GLY D 2340 -20.94 1.24 -54.49
C GLY D 2340 -22.03 2.30 -54.55
N PHE D 2341 -23.16 1.92 -55.15
CA PHE D 2341 -24.22 2.87 -55.46
C PHE D 2341 -24.70 3.60 -54.21
N VAL D 2342 -25.05 2.86 -53.17
CA VAL D 2342 -25.57 3.49 -51.96
C VAL D 2342 -24.49 4.34 -51.29
N THR D 2343 -23.27 3.79 -51.18
CA THR D 2343 -22.20 4.51 -50.48
C THR D 2343 -21.77 5.74 -51.27
N ARG D 2344 -21.58 5.61 -52.58
CA ARG D 2344 -21.12 6.72 -53.40
C ARG D 2344 -22.20 7.75 -53.66
N ALA D 2345 -23.47 7.33 -53.70
CA ALA D 2345 -24.57 8.27 -53.85
C ALA D 2345 -24.99 8.89 -52.52
N GLU D 2346 -24.45 8.40 -51.41
CA GLU D 2346 -24.79 8.90 -50.07
C GLU D 2346 -26.30 8.78 -49.83
N LEU D 2347 -26.79 7.55 -49.92
CA LEU D 2347 -28.19 7.23 -49.68
C LEU D 2347 -28.37 6.28 -48.51
N GLU D 2348 -27.44 6.30 -47.54
CA GLU D 2348 -27.54 5.38 -46.41
C GLU D 2348 -28.82 5.62 -45.61
N GLU D 2349 -29.16 6.88 -45.36
CA GLU D 2349 -30.38 7.17 -44.62
C GLU D 2349 -31.61 6.70 -45.39
N ASP D 2350 -31.66 6.98 -46.69
CA ASP D 2350 -32.84 6.61 -47.48
C ASP D 2350 -33.05 5.11 -47.52
N PHE D 2351 -31.98 4.32 -47.66
CA PHE D 2351 -32.13 2.89 -47.71
C PHE D 2351 -32.34 2.28 -46.33
N ASN D 2352 -31.72 2.82 -45.30
CA ASN D 2352 -32.00 2.37 -43.94
C ASN D 2352 -33.43 2.68 -43.54
N ALA D 2353 -34.05 3.69 -44.16
CA ALA D 2353 -35.48 3.90 -43.94
C ALA D 2353 -36.30 2.71 -44.40
N ILE D 2354 -35.74 1.90 -45.30
CA ILE D 2354 -36.40 0.67 -45.75
C ILE D 2354 -35.57 -0.52 -45.31
N ARG D 2355 -34.90 -0.39 -44.17
CA ARG D 2355 -34.07 -1.48 -43.64
C ARG D 2355 -34.86 -2.78 -43.58
N PHE D 2356 -36.11 -2.70 -43.11
CA PHE D 2356 -36.94 -3.90 -43.02
C PHE D 2356 -37.25 -4.48 -44.40
N MET D 2357 -37.15 -3.68 -45.46
CA MET D 2357 -37.43 -4.17 -46.81
C MET D 2357 -36.21 -4.86 -47.40
N PHE D 2358 -35.09 -4.14 -47.51
CA PHE D 2358 -33.86 -4.67 -48.08
C PHE D 2358 -32.78 -4.69 -47.01
N ASP D 2359 -32.18 -5.87 -46.80
CA ASP D 2359 -31.11 -6.00 -45.82
C ASP D 2359 -29.80 -5.45 -46.38
N SER D 2360 -28.88 -5.16 -45.47
CA SER D 2360 -27.58 -4.65 -45.87
C SER D 2360 -26.68 -5.79 -46.35
N VAL D 2361 -25.91 -5.50 -47.40
CA VAL D 2361 -24.87 -6.38 -47.88
C VAL D 2361 -23.55 -5.63 -47.81
N GLU D 2362 -22.72 -6.00 -46.84
CA GLU D 2362 -21.47 -5.30 -46.56
C GLU D 2362 -20.49 -5.49 -47.71
N GLU D 2363 -19.48 -4.62 -47.75
CA GLU D 2363 -18.44 -4.73 -48.76
C GLU D 2363 -17.81 -6.12 -48.75
N HIS D 2364 -17.34 -6.56 -47.57
CA HIS D 2364 -16.74 -7.88 -47.47
C HIS D 2364 -17.79 -8.97 -47.52
N GLU D 2365 -19.01 -8.68 -47.04
CA GLU D 2365 -20.10 -9.62 -47.25
C GLU D 2365 -20.45 -9.72 -48.73
N LEU D 2366 -20.36 -8.61 -49.46
CA LEU D 2366 -20.54 -8.68 -50.91
C LEU D 2366 -19.46 -9.53 -51.55
N HIS D 2367 -18.21 -9.40 -51.09
CA HIS D 2367 -17.15 -10.25 -51.60
C HIS D 2367 -17.44 -11.72 -51.30
N THR D 2368 -17.93 -12.00 -50.10
CA THR D 2368 -18.31 -13.37 -49.74
C THR D 2368 -19.41 -13.88 -50.66
N LEU D 2369 -20.40 -13.04 -50.93
CA LEU D 2369 -21.51 -13.43 -51.81
C LEU D 2369 -20.99 -13.72 -53.22
N PHE D 2370 -20.09 -12.88 -53.73
CA PHE D 2370 -19.53 -13.12 -55.05
C PHE D 2370 -18.73 -14.41 -55.08
N ALA D 2371 -17.95 -14.67 -54.03
CA ALA D 2371 -17.19 -15.90 -53.95
C ALA D 2371 -18.11 -17.11 -53.94
N GLU D 2372 -19.20 -17.02 -53.17
CA GLU D 2372 -20.16 -18.11 -53.10
C GLU D 2372 -20.84 -18.34 -54.44
N ALA D 2373 -21.13 -17.25 -55.17
CA ALA D 2373 -21.72 -17.40 -56.49
C ALA D 2373 -20.75 -18.07 -57.45
N VAL D 2374 -19.47 -17.69 -57.39
CA VAL D 2374 -18.47 -18.32 -58.23
C VAL D 2374 -18.38 -19.81 -57.91
N VAL D 2375 -18.37 -20.14 -56.61
CA VAL D 2375 -18.28 -21.53 -56.20
C VAL D 2375 -19.51 -22.30 -56.66
N ALA D 2376 -20.69 -21.68 -56.57
CA ALA D 2376 -21.91 -22.32 -57.01
C ALA D 2376 -21.88 -22.59 -58.51
N GLY D 2377 -21.39 -21.62 -59.29
CA GLY D 2377 -21.27 -21.84 -60.72
C GLY D 2377 -20.31 -22.96 -61.06
N ARG D 2378 -19.15 -22.98 -60.39
CA ARG D 2378 -18.19 -24.05 -60.64
C ARG D 2378 -18.76 -25.40 -60.23
N ARG D 2379 -19.46 -25.46 -59.10
CA ARG D 2379 -20.08 -26.72 -58.69
C ARG D 2379 -21.14 -27.16 -59.68
N ALA D 2380 -21.94 -26.23 -60.20
CA ALA D 2380 -22.94 -26.57 -61.19
C ALA D 2380 -22.29 -27.11 -62.45
N VAL D 2381 -21.21 -26.47 -62.90
CA VAL D 2381 -20.52 -26.94 -64.10
C VAL D 2381 -19.95 -28.34 -63.87
N HIS D 2382 -19.32 -28.57 -62.72
CA HIS D 2382 -18.75 -29.88 -62.45
C HIS D 2382 -19.81 -30.95 -62.35
N GLN D 2383 -20.95 -30.63 -61.72
CA GLN D 2383 -22.06 -31.58 -61.67
C GLN D 2383 -22.63 -31.82 -63.06
N GLN D 2384 -22.60 -30.82 -63.93
CA GLN D 2384 -23.00 -31.02 -65.32
C GLN D 2384 -22.05 -32.00 -65.99
N GLU D 2385 -20.75 -31.88 -65.72
CA GLU D 2385 -19.81 -32.93 -66.12
C GLU D 2385 -20.17 -34.26 -65.48
N GLN D 2386 -20.90 -34.23 -64.36
CA GLN D 2386 -21.47 -35.43 -63.75
C GLN D 2386 -22.91 -35.66 -64.20
N GLN D 2387 -23.22 -35.32 -65.45
CA GLN D 2387 -24.54 -35.52 -66.06
C GLN D 2387 -25.66 -34.97 -65.18
N ARG D 2388 -25.53 -33.70 -64.79
CA ARG D 2388 -26.66 -32.93 -64.28
C ARG D 2388 -27.23 -32.12 -65.44
N LYS D 2389 -28.50 -32.38 -65.77
CA LYS D 2389 -29.07 -31.80 -66.98
C LYS D 2389 -29.15 -30.28 -66.90
N PHE D 2390 -29.60 -29.74 -65.76
CA PHE D 2390 -29.86 -28.30 -65.64
C PHE D 2390 -30.81 -27.85 -66.74
N ALA D 2391 -31.78 -28.69 -67.07
CA ALA D 2391 -32.70 -28.45 -68.17
C ALA D 2391 -33.92 -27.65 -67.76
N THR D 2392 -34.06 -27.30 -66.49
CA THR D 2392 -35.23 -26.57 -66.03
C THR D 2392 -34.81 -25.64 -64.88
N VAL D 2393 -35.78 -24.86 -64.41
CA VAL D 2393 -35.51 -23.90 -63.34
C VAL D 2393 -35.20 -24.62 -62.05
N LEU D 2394 -35.88 -25.74 -61.80
CA LEU D 2394 -35.72 -26.43 -60.52
C LEU D 2394 -34.28 -26.85 -60.29
N ASP D 2395 -33.56 -27.23 -61.35
CA ASP D 2395 -32.20 -27.71 -61.21
C ASP D 2395 -31.21 -26.59 -60.91
N MET D 2396 -31.62 -25.33 -61.01
CA MET D 2396 -30.71 -24.21 -60.83
C MET D 2396 -31.17 -23.29 -59.70
N ALA D 2397 -31.56 -23.88 -58.56
CA ALA D 2397 -31.94 -23.09 -57.41
C ALA D 2397 -30.75 -22.38 -56.78
N ASP D 2398 -29.53 -22.91 -56.96
CA ASP D 2398 -28.35 -22.34 -56.33
C ASP D 2398 -27.73 -21.20 -57.12
N LEU D 2399 -27.91 -21.20 -58.44
CA LEU D 2399 -27.27 -20.16 -59.26
C LEU D 2399 -27.77 -18.78 -58.88
N GLU D 2400 -29.03 -18.66 -58.47
CA GLU D 2400 -29.60 -17.39 -58.03
C GLU D 2400 -29.42 -17.28 -56.53
N LEU D 2401 -28.27 -16.76 -56.12
CA LEU D 2401 -27.94 -16.60 -54.71
C LEU D 2401 -28.73 -15.42 -54.15
N THR D 2402 -29.98 -15.70 -53.79
CA THR D 2402 -30.86 -14.67 -53.23
C THR D 2402 -30.23 -14.10 -51.97
N THR D 2403 -30.17 -12.77 -51.88
CA THR D 2403 -29.52 -12.09 -50.77
C THR D 2403 -30.16 -10.73 -50.57
N GLY D 2404 -30.00 -10.18 -49.38
CA GLY D 2404 -30.50 -8.85 -49.06
C GLY D 2404 -31.90 -8.79 -48.51
N ILE D 2405 -32.53 -9.93 -48.23
CA ILE D 2405 -33.84 -9.96 -47.59
C ILE D 2405 -33.61 -10.04 -46.07
N PRO D 2406 -34.02 -9.04 -45.30
CA PRO D 2406 -33.76 -9.07 -43.86
C PRO D 2406 -34.76 -9.97 -43.15
N PRO D 2407 -34.50 -10.33 -41.90
CA PRO D 2407 -35.52 -11.05 -41.13
C PRO D 2407 -36.81 -10.24 -41.07
N LEU D 2408 -37.86 -10.74 -41.70
CA LEU D 2408 -39.09 -9.97 -41.86
C LEU D 2408 -39.88 -9.99 -40.56
N ASP D 2409 -39.96 -8.85 -39.89
CA ASP D 2409 -40.67 -8.74 -38.64
C ASP D 2409 -42.14 -8.44 -38.91
N PRO D 2410 -43.08 -9.28 -38.45
CA PRO D 2410 -44.50 -8.97 -38.66
C PRO D 2410 -44.91 -7.62 -38.09
N ALA D 2411 -44.26 -7.16 -37.03
CA ALA D 2411 -44.57 -5.84 -36.48
C ALA D 2411 -44.39 -4.75 -37.54
N LEU D 2412 -43.45 -4.94 -38.46
CA LEU D 2412 -43.24 -4.02 -39.57
C LEU D 2412 -43.95 -4.46 -40.84
N LYS D 2413 -44.82 -5.46 -40.75
CA LYS D 2413 -45.54 -5.93 -41.94
C LYS D 2413 -46.25 -4.79 -42.65
N ASP D 2414 -46.79 -3.83 -41.89
CA ASP D 2414 -47.49 -2.71 -42.51
C ASP D 2414 -46.55 -1.89 -43.37
N ARG D 2415 -45.34 -1.59 -42.88
CA ARG D 2415 -44.40 -0.79 -43.65
C ARG D 2415 -43.84 -1.58 -44.82
N ILE D 2416 -43.58 -2.88 -44.62
CA ILE D 2416 -43.06 -3.73 -45.69
C ILE D 2416 -44.11 -3.85 -46.78
N THR D 2417 -43.76 -3.44 -47.99
CA THR D 2417 -44.69 -3.45 -49.12
C THR D 2417 -44.73 -4.79 -49.85
N PHE D 2418 -43.94 -5.77 -49.41
CA PHE D 2418 -43.93 -7.08 -50.03
C PHE D 2418 -44.09 -8.21 -49.02
N PHE D 2419 -44.50 -7.90 -47.78
CA PHE D 2419 -44.62 -8.94 -46.76
C PHE D 2419 -45.70 -9.95 -47.13
N ASP D 2420 -46.78 -9.51 -47.78
CA ASP D 2420 -47.85 -10.41 -48.16
C ASP D 2420 -47.41 -11.44 -49.19
N ASP D 2421 -46.26 -11.25 -49.81
CA ASP D 2421 -45.77 -12.20 -50.80
C ASP D 2421 -45.43 -13.53 -50.13
N PRO D 2422 -46.00 -14.65 -50.57
CA PRO D 2422 -45.61 -15.94 -49.98
C PRO D 2422 -44.24 -16.42 -50.41
N ARG D 2423 -43.66 -15.84 -51.46
CA ARG D 2423 -42.34 -16.25 -51.92
C ARG D 2423 -41.29 -16.06 -50.84
N ILE D 2424 -41.52 -15.13 -49.90
CA ILE D 2424 -40.61 -14.86 -48.80
C ILE D 2424 -41.10 -15.45 -47.49
N GLY D 2425 -42.03 -16.41 -47.56
CA GLY D 2425 -42.70 -16.86 -46.35
C GLY D 2425 -41.76 -17.42 -45.30
N ASN D 2426 -40.77 -18.20 -45.74
CA ASN D 2426 -39.85 -18.82 -44.80
C ASN D 2426 -38.93 -17.82 -44.12
N LEU D 2427 -38.92 -16.57 -44.58
CA LEU D 2427 -38.08 -15.53 -43.99
C LEU D 2427 -38.85 -14.65 -43.03
N LYS D 2428 -40.06 -15.04 -42.63
CA LYS D 2428 -40.92 -14.23 -41.76
C LYS D 2428 -40.73 -14.63 -40.32
N ILE D 2429 -40.45 -13.65 -39.47
CA ILE D 2429 -40.23 -13.93 -38.04
C ILE D 2429 -41.55 -14.35 -37.41
N PRO D 2430 -41.56 -15.37 -36.55
CA PRO D 2430 -42.80 -15.72 -35.85
C PRO D 2430 -43.20 -14.64 -34.86
N GLU D 2431 -44.51 -14.53 -34.63
CA GLU D 2431 -45.06 -13.53 -33.71
C GLU D 2431 -45.78 -14.14 -32.52
N TYR D 2432 -46.46 -15.27 -32.71
CA TYR D 2432 -47.18 -15.92 -31.62
C TYR D 2432 -46.56 -17.28 -31.30
#